data_8HR8
#
_entry.id   8HR8
#
_cell.length_a   1.00
_cell.length_b   1.00
_cell.length_c   1.00
_cell.angle_alpha   90.00
_cell.angle_beta   90.00
_cell.angle_gamma   90.00
#
_symmetry.space_group_name_H-M   'P 1'
#
loop_
_entity.id
_entity.type
_entity.pdbx_description
1 polymer 'Archaeal ATPase'
2 non-polymer "ADENOSINE-5'-TRIPHOSPHATE"
#
_entity_poly.entity_id   1
_entity_poly.type   'polypeptide(L)'
_entity_poly.pdbx_seq_one_letter_code
;MTDSVQTETTEGKIIINLFAPNLPGSTKEDDLIQKSLRDQLVESIRNSIAYPDTDKFAGLTRFIDESGRNVFFVDGTRGA
GKTTFINSVVKSLNSDQDDVKVNIKCLPTIDPTKLPRHEPILVTVTARLNKMVSDKLKGYWASNDYRKQKEQWQNHLAQL
QRGLHLLTDKEYKPEYFSDALKLDAQLDYSIGGQDLSEIFEELVKRACEILDCKAILITFDDIDTQFDAGWDVLESIRKF
FNSRKLVVVATGDLRLYSQLIRGKQYENYSKTLLEQEKESVRLAERGYMVEHLEQQYLLKLFPVQKRIQLKTMLQLVGEK
GKAGKEEIKVKTEPGMQDIDAIDVRQAIGDAVREGLNLREGSDADMYVNELLKQPVRLLMQVLQDFYTKKYHATSVKLDG
KQSRNERPNELSVPNLLRNALYGSMLSSIYRAGLNYEQHRFGMDSLCKDIFTYVKQDRDFNTGFYLRPQSESEALRNCSI
YLASQVSENCQGSLSKFLQMLLVGCGSVSIFNQFVTELARAENDREKFEQLISEYVAYMSVGRIESASHWANRCCAVVAN
SPNDEKIGVFLGMVQLNRKSRQHMPGGYKKFNIDTENGLAKAAMASSLSTVASNNLMDFCSVFNLIGAIADISACRCERS
AITNAFNKVIAQTTCIVPPWSEAAVRAEMKGSSKSADNDAAVLDVDLDPKDDGVIDESQQDDATEFSDAITKVEQWLKNV
NEIEIGIRPSALLIGKVWSRFYFNLNNVADQHKTRLYRNAEHGRMASQSNAAKIMRFNVLAFLHAVLVEESLYHSVSDRE
YIGEGLRLNPVTSVDEFEKKIKIIGEKLKADNKTWKNTHPLFFLLISCPILHPFIFPVGGINCSVKALNKETSFNKLIDE
IVGDKLLSDEEWDYLTKNNDQKTNTRQQIFQNTITSLNSSTIVGASYDKDTPARKTKSPLLGDSEEK
;
_entity_poly.pdbx_strand_id   A,C,D,E,F,G,H
#
loop_
_chem_comp.id
_chem_comp.type
_chem_comp.name
_chem_comp.formula
ATP non-polymer ADENOSINE-5'-TRIPHOSPHATE 'C10 H16 N5 O13 P3'
#
# COMPACT_ATOMS: atom_id res chain seq x y z
N LYS A 13 -0.32 15.43 -61.43
CA LYS A 13 -0.43 14.14 -60.77
C LYS A 13 -1.58 14.16 -59.77
N ILE A 14 -1.30 14.59 -58.55
CA ILE A 14 -2.30 14.75 -57.50
C ILE A 14 -2.41 16.23 -57.18
N ILE A 15 -3.61 16.79 -57.36
CA ILE A 15 -3.86 18.21 -57.16
C ILE A 15 -4.97 18.32 -56.12
N ILE A 16 -4.58 18.47 -54.86
CA ILE A 16 -5.56 18.64 -53.78
C ILE A 16 -6.15 20.03 -53.85
N ASN A 17 -7.48 20.12 -53.88
CA ASN A 17 -8.19 21.39 -53.90
C ASN A 17 -8.61 21.72 -52.47
N LEU A 18 -7.93 22.70 -51.87
CA LEU A 18 -8.24 23.08 -50.50
C LEU A 18 -9.62 23.68 -50.36
N PHE A 19 -10.22 24.17 -51.44
CA PHE A 19 -11.56 24.72 -51.40
C PHE A 19 -12.62 23.69 -51.80
N ALA A 20 -12.22 22.46 -52.08
CA ALA A 20 -13.14 21.35 -52.22
C ALA A 20 -13.54 20.85 -50.83
N PRO A 21 -14.66 20.13 -50.73
CA PRO A 21 -15.08 19.62 -49.42
C PRO A 21 -14.04 18.73 -48.75
N ASN A 22 -13.27 17.97 -49.53
CA ASN A 22 -12.24 17.06 -49.00
C ASN A 22 -12.85 16.06 -48.01
N LEU A 23 -13.76 15.26 -48.54
CA LEU A 23 -14.47 14.25 -47.76
C LEU A 23 -14.41 12.92 -48.49
N PRO A 24 -14.52 11.80 -47.76
CA PRO A 24 -14.42 10.48 -48.40
C PRO A 24 -15.44 10.28 -49.51
N GLY A 25 -16.63 10.85 -49.38
CA GLY A 25 -17.64 10.73 -50.43
C GLY A 25 -17.49 11.71 -51.58
N SER A 26 -16.53 12.62 -51.50
CA SER A 26 -16.32 13.64 -52.52
C SER A 26 -14.93 13.59 -53.13
N THR A 27 -14.13 12.58 -52.79
CA THR A 27 -12.77 12.46 -53.31
C THR A 27 -12.83 11.67 -54.61
N LYS A 28 -12.85 12.39 -55.73
CA LYS A 28 -12.86 11.76 -57.04
C LYS A 28 -11.45 11.32 -57.44
N GLU A 29 -11.37 10.54 -58.51
CA GLU A 29 -10.08 10.15 -59.06
C GLU A 29 -9.34 11.39 -59.57
N ASP A 30 -8.01 11.31 -59.53
CA ASP A 30 -7.00 12.36 -59.71
C ASP A 30 -6.82 13.20 -58.46
N ASP A 31 -7.56 12.93 -57.39
CA ASP A 31 -7.38 13.60 -56.11
C ASP A 31 -6.89 12.66 -55.02
N LEU A 32 -6.81 11.37 -55.29
CA LEU A 32 -6.37 10.41 -54.28
C LEU A 32 -4.90 10.62 -53.93
N ILE A 33 -4.62 10.71 -52.63
CA ILE A 33 -3.24 10.85 -52.18
C ILE A 33 -2.50 9.53 -52.25
N GLN A 34 -3.16 8.44 -51.87
CA GLN A 34 -2.56 7.11 -51.87
C GLN A 34 -2.80 6.38 -53.20
N LYS A 35 -2.43 7.01 -54.31
CA LYS A 35 -2.63 6.38 -55.61
C LYS A 35 -1.74 5.15 -55.77
N SER A 36 -0.51 5.22 -55.28
CA SER A 36 0.41 4.10 -55.45
C SER A 36 -0.09 2.87 -54.69
N LEU A 37 -0.56 3.05 -53.46
CA LEU A 37 -1.05 1.92 -52.68
C LEU A 37 -2.32 1.33 -53.28
N ARG A 38 -3.23 2.19 -53.76
CA ARG A 38 -4.46 1.70 -54.35
C ARG A 38 -4.20 0.89 -55.60
N ASP A 39 -3.25 1.33 -56.43
CA ASP A 39 -2.97 0.64 -57.69
C ASP A 39 -2.40 -0.74 -57.44
N GLN A 40 -1.56 -0.90 -56.42
CA GLN A 40 -0.93 -2.18 -56.16
C GLN A 40 -1.80 -3.11 -55.32
N LEU A 41 -2.63 -2.58 -54.43
CA LEU A 41 -3.52 -3.43 -53.65
C LEU A 41 -4.56 -4.11 -54.52
N VAL A 42 -5.12 -3.37 -55.48
CA VAL A 42 -6.11 -3.95 -56.39
C VAL A 42 -5.47 -5.05 -57.22
N GLU A 43 -4.25 -4.81 -57.72
CA GLU A 43 -3.56 -5.86 -58.48
C GLU A 43 -3.15 -7.01 -57.57
N SER A 44 -2.77 -6.70 -56.32
CA SER A 44 -2.47 -7.77 -55.36
C SER A 44 -3.71 -8.58 -55.04
N ILE A 45 -4.87 -7.93 -54.95
CA ILE A 45 -6.12 -8.64 -54.70
C ILE A 45 -6.43 -9.57 -55.86
N ARG A 46 -6.28 -9.09 -57.10
CA ARG A 46 -6.58 -9.90 -58.27
C ARG A 46 -5.65 -11.09 -58.39
N ASN A 47 -4.38 -10.90 -58.02
CA ASN A 47 -3.41 -12.00 -58.10
C ASN A 47 -3.76 -13.12 -57.14
N SER A 48 -4.20 -12.77 -55.92
CA SER A 48 -4.56 -13.80 -54.95
C SER A 48 -5.76 -14.62 -55.42
N ILE A 49 -6.76 -13.95 -56.01
CA ILE A 49 -7.95 -14.65 -56.48
C ILE A 49 -7.62 -15.55 -57.67
N ALA A 50 -6.77 -15.06 -58.58
CA ALA A 50 -6.46 -15.81 -59.79
C ALA A 50 -5.79 -17.14 -59.48
N TYR A 51 -5.09 -17.23 -58.35
CA TYR A 51 -4.42 -18.47 -57.97
C TYR A 51 -5.41 -19.50 -57.44
N GLY A 68 -9.19 -21.91 -47.27
CA GLY A 68 -8.08 -20.97 -47.40
C GLY A 68 -8.51 -19.52 -47.27
N ARG A 69 -8.29 -18.94 -46.09
CA ARG A 69 -8.66 -17.57 -45.84
C ARG A 69 -7.80 -16.61 -46.67
N ASN A 70 -8.44 -15.59 -47.23
CA ASN A 70 -7.76 -14.58 -48.04
C ASN A 70 -8.17 -13.21 -47.50
N VAL A 71 -7.37 -12.69 -46.57
CA VAL A 71 -7.67 -11.44 -45.88
C VAL A 71 -6.53 -10.46 -46.09
N PHE A 72 -6.86 -9.26 -46.57
CA PHE A 72 -5.90 -8.18 -46.73
C PHE A 72 -6.12 -7.13 -45.65
N PHE A 73 -5.03 -6.50 -45.21
CA PHE A 73 -5.10 -5.49 -44.17
C PHE A 73 -4.46 -4.19 -44.64
N VAL A 74 -5.14 -3.08 -44.34
CA VAL A 74 -4.61 -1.75 -44.61
C VAL A 74 -4.37 -1.03 -43.30
N ASP A 75 -3.15 -1.12 -42.77
CA ASP A 75 -2.81 -0.50 -41.49
C ASP A 75 -2.63 0.99 -41.64
N GLY A 76 -3.13 1.74 -40.67
CA GLY A 76 -2.98 3.19 -40.66
C GLY A 76 -3.44 3.80 -39.35
N THR A 77 -2.88 4.95 -39.00
CA THR A 77 -3.28 5.64 -37.78
C THR A 77 -4.63 6.31 -37.98
N ARG A 78 -5.08 7.03 -36.95
CA ARG A 78 -6.33 7.76 -37.03
C ARG A 78 -6.22 8.89 -38.05
N GLY A 79 -7.29 9.11 -38.79
CA GLY A 79 -7.32 10.19 -39.76
C GLY A 79 -6.26 10.11 -40.83
N ALA A 80 -5.75 8.90 -41.11
CA ALA A 80 -4.72 8.73 -42.13
C ALA A 80 -5.30 8.61 -43.53
N GLY A 81 -6.62 8.51 -43.67
CA GLY A 81 -7.23 8.34 -44.97
C GLY A 81 -7.61 6.90 -45.23
N LYS A 82 -8.07 6.20 -44.20
CA LYS A 82 -8.40 4.79 -44.34
C LYS A 82 -9.70 4.59 -45.12
N THR A 83 -10.73 5.39 -44.82
CA THR A 83 -12.00 5.27 -45.53
C THR A 83 -11.87 5.77 -46.97
N THR A 84 -11.15 6.87 -47.17
CA THR A 84 -10.94 7.37 -48.53
C THR A 84 -10.16 6.37 -49.37
N PHE A 85 -9.14 5.74 -48.78
CA PHE A 85 -8.34 4.76 -49.51
C PHE A 85 -9.17 3.53 -49.87
N ILE A 86 -9.95 3.02 -48.92
CA ILE A 86 -10.69 1.78 -49.16
C ILE A 86 -11.90 2.00 -50.06
N ASN A 87 -12.41 3.23 -50.12
CA ASN A 87 -13.47 3.53 -51.09
C ASN A 87 -12.91 3.55 -52.51
N SER A 88 -11.69 4.03 -52.68
CA SER A 88 -11.06 4.02 -54.00
C SER A 88 -10.72 2.61 -54.46
N VAL A 89 -10.36 1.73 -53.52
CA VAL A 89 -10.08 0.34 -53.87
C VAL A 89 -11.35 -0.34 -54.38
N VAL A 90 -12.47 -0.12 -53.71
CA VAL A 90 -13.74 -0.66 -54.18
C VAL A 90 -14.12 -0.04 -55.52
N LYS A 91 -13.94 1.27 -55.65
CA LYS A 91 -14.28 1.94 -56.91
C LYS A 91 -13.40 1.43 -58.06
N SER A 92 -12.11 1.22 -57.80
CA SER A 92 -11.23 0.70 -58.84
C SER A 92 -11.64 -0.71 -59.26
N LEU A 93 -12.02 -1.55 -58.30
CA LEU A 93 -12.46 -2.90 -58.62
C LEU A 93 -13.87 -2.95 -59.18
N ASN A 94 -14.67 -1.91 -58.95
CA ASN A 94 -16.03 -1.85 -59.47
C ASN A 94 -16.12 -1.21 -60.85
N SER A 95 -14.99 -0.85 -61.43
CA SER A 95 -14.94 -0.30 -62.79
C SER A 95 -14.36 -1.35 -63.73
N ASP A 96 -15.08 -1.61 -64.81
CA ASP A 96 -14.70 -2.63 -65.79
C ASP A 96 -14.45 -3.97 -65.11
N GLN A 97 -15.47 -4.43 -64.39
CA GLN A 97 -15.37 -5.68 -63.65
C GLN A 97 -15.15 -6.87 -64.58
N ASP A 98 -15.93 -6.93 -65.67
CA ASP A 98 -15.87 -8.04 -66.61
C ASP A 98 -14.84 -7.84 -67.70
N ASP A 99 -14.16 -6.69 -67.74
CA ASP A 99 -13.16 -6.45 -68.78
C ASP A 99 -11.91 -7.29 -68.55
N VAL A 100 -11.55 -7.56 -67.31
CA VAL A 100 -10.37 -8.35 -66.98
C VAL A 100 -10.81 -9.77 -66.66
N LYS A 101 -9.86 -10.70 -66.74
CA LYS A 101 -10.17 -12.11 -66.50
C LYS A 101 -10.65 -12.35 -65.07
N VAL A 102 -10.00 -11.71 -64.10
CA VAL A 102 -10.34 -11.90 -62.69
C VAL A 102 -11.50 -10.98 -62.37
N ASN A 103 -12.71 -11.54 -62.30
CA ASN A 103 -13.90 -10.78 -61.99
C ASN A 103 -14.18 -10.85 -60.50
N ILE A 104 -14.35 -9.68 -59.88
CA ILE A 104 -14.61 -9.57 -58.44
C ILE A 104 -15.74 -8.59 -58.24
N LYS A 105 -16.80 -9.03 -57.57
CA LYS A 105 -17.93 -8.18 -57.21
C LYS A 105 -17.75 -7.71 -55.79
N CYS A 106 -17.87 -6.40 -55.57
CA CYS A 106 -17.55 -5.78 -54.29
C CYS A 106 -18.83 -5.45 -53.54
N LEU A 107 -18.94 -5.96 -52.32
CA LEU A 107 -20.01 -5.54 -51.43
C LEU A 107 -19.79 -4.08 -51.02
N PRO A 108 -20.88 -3.35 -50.76
CA PRO A 108 -20.73 -2.00 -50.19
C PRO A 108 -19.96 -2.07 -48.88
N THR A 109 -19.12 -1.07 -48.65
CA THR A 109 -18.25 -1.06 -47.47
C THR A 109 -19.07 -1.17 -46.20
N ILE A 110 -18.66 -2.07 -45.32
CA ILE A 110 -19.35 -2.31 -44.06
C ILE A 110 -18.68 -1.50 -42.97
N ASP A 111 -19.39 -0.51 -42.43
CA ASP A 111 -18.87 0.32 -41.37
C ASP A 111 -19.31 -0.27 -40.04
N PRO A 112 -18.44 -0.97 -39.31
CA PRO A 112 -18.88 -1.65 -38.07
C PRO A 112 -19.41 -0.69 -37.02
N THR A 113 -18.88 0.53 -36.95
CA THR A 113 -19.32 1.47 -35.93
C THR A 113 -20.72 2.00 -36.19
N LYS A 114 -21.18 2.01 -37.43
CA LYS A 114 -22.50 2.53 -37.77
C LYS A 114 -23.58 1.47 -37.84
N LEU A 115 -23.20 0.19 -37.74
CA LEU A 115 -24.19 -0.88 -37.67
C LEU A 115 -24.86 -0.88 -36.31
N PRO A 116 -26.01 -1.55 -36.18
CA PRO A 116 -26.62 -1.70 -34.87
C PRO A 116 -25.67 -2.40 -33.90
N ARG A 117 -25.77 -2.01 -32.63
CA ARG A 117 -24.80 -2.44 -31.62
C ARG A 117 -24.79 -3.95 -31.43
N HIS A 118 -25.87 -4.65 -31.80
CA HIS A 118 -25.97 -6.09 -31.58
C HIS A 118 -26.24 -6.87 -32.85
N GLU A 119 -26.36 -6.22 -34.00
CA GLU A 119 -26.59 -6.95 -35.24
C GLU A 119 -25.34 -7.70 -35.65
N PRO A 120 -25.42 -9.00 -35.88
CA PRO A 120 -24.22 -9.76 -36.26
C PRO A 120 -23.67 -9.32 -37.61
N ILE A 121 -22.36 -9.45 -37.76
CA ILE A 121 -21.71 -9.12 -39.03
C ILE A 121 -22.19 -10.06 -40.13
N LEU A 122 -22.34 -11.34 -39.81
CA LEU A 122 -22.82 -12.30 -40.80
C LEU A 122 -24.20 -11.92 -41.32
N VAL A 123 -25.01 -11.25 -40.50
CA VAL A 123 -26.29 -10.74 -40.97
C VAL A 123 -26.06 -9.58 -41.93
N THR A 124 -25.13 -8.68 -41.61
CA THR A 124 -24.88 -7.53 -42.47
C THR A 124 -24.34 -7.95 -43.82
N VAL A 125 -23.42 -8.92 -43.85
CA VAL A 125 -22.86 -9.38 -45.11
C VAL A 125 -23.95 -10.03 -45.96
N THR A 126 -24.77 -10.89 -45.36
CA THR A 126 -25.81 -11.58 -46.10
C THR A 126 -26.89 -10.61 -46.58
N ALA A 127 -27.27 -9.65 -45.74
CA ALA A 127 -28.29 -8.69 -46.14
C ALA A 127 -27.84 -7.87 -47.34
N ARG A 128 -26.57 -7.46 -47.36
CA ARG A 128 -26.03 -6.72 -48.50
C ARG A 128 -25.76 -7.63 -49.68
N LEU A 129 -25.37 -8.89 -49.44
CA LEU A 129 -25.18 -9.83 -50.53
C LEU A 129 -26.51 -10.22 -51.16
N ASN A 130 -27.57 -10.30 -50.36
CA ASN A 130 -28.89 -10.59 -50.91
C ASN A 130 -29.36 -9.50 -51.85
N LYS A 131 -29.03 -8.24 -51.53
CA LYS A 131 -29.43 -7.13 -52.38
C LYS A 131 -28.78 -7.23 -53.76
N MET A 132 -27.49 -7.56 -53.81
CA MET A 132 -26.81 -7.67 -55.10
C MET A 132 -27.34 -8.86 -55.90
N VAL A 133 -27.55 -10.00 -55.25
CA VAL A 133 -28.02 -11.18 -55.96
C VAL A 133 -29.43 -10.96 -56.49
N SER A 134 -30.31 -10.41 -55.65
CA SER A 134 -31.68 -10.15 -56.07
C SER A 134 -31.73 -9.10 -57.18
N ASP A 135 -30.86 -8.09 -57.11
CA ASP A 135 -30.82 -7.07 -58.15
C ASP A 135 -30.42 -7.68 -59.49
N LYS A 136 -29.45 -8.59 -59.48
CA LYS A 136 -29.06 -9.27 -60.71
C LYS A 136 -30.20 -10.12 -61.25
N LEU A 137 -30.93 -10.79 -60.36
CA LEU A 137 -32.06 -11.62 -60.79
C LEU A 137 -33.16 -10.79 -61.42
N LYS A 138 -33.29 -9.52 -61.03
CA LYS A 138 -34.35 -8.65 -61.53
C LYS A 138 -33.99 -7.97 -62.84
N GLY A 139 -32.99 -8.48 -63.57
CA GLY A 139 -32.61 -7.91 -64.84
C GLY A 139 -32.23 -8.96 -65.87
N TYR A 140 -32.54 -10.22 -65.58
CA TYR A 140 -32.18 -11.30 -66.49
C TYR A 140 -33.07 -11.29 -67.72
N TRP A 141 -32.48 -11.62 -68.87
CA TRP A 141 -33.26 -11.76 -70.10
C TRP A 141 -34.06 -13.05 -70.12
N ALA A 142 -33.37 -14.18 -70.05
CA ALA A 142 -34.04 -15.49 -70.06
C ALA A 142 -34.49 -15.86 -68.66
N SER A 143 -35.75 -16.28 -68.53
CA SER A 143 -36.38 -16.52 -67.22
C SER A 143 -36.15 -17.92 -66.63
N ASN A 144 -35.84 -18.90 -67.48
CA ASN A 144 -35.56 -20.28 -67.02
C ASN A 144 -34.49 -20.25 -65.92
N ASP A 145 -33.33 -19.68 -66.25
CA ASP A 145 -32.19 -19.56 -65.30
C ASP A 145 -32.61 -18.73 -64.08
N TYR A 146 -33.37 -17.65 -64.33
CA TYR A 146 -33.82 -16.75 -63.23
C TYR A 146 -34.67 -17.54 -62.23
N ARG A 147 -35.54 -18.42 -62.71
CA ARG A 147 -36.42 -19.20 -61.82
C ARG A 147 -35.61 -20.26 -61.05
N LYS A 148 -34.62 -20.87 -61.71
CA LYS A 148 -33.83 -21.94 -61.03
C LYS A 148 -32.94 -21.29 -59.96
N GLN A 149 -32.28 -20.18 -60.30
CA GLN A 149 -31.36 -19.52 -59.34
C GLN A 149 -32.13 -19.03 -58.11
N LYS A 150 -33.31 -18.44 -58.34
CA LYS A 150 -34.13 -17.89 -57.24
C LYS A 150 -34.58 -19.02 -56.30
N GLU A 151 -34.97 -20.17 -56.85
CA GLU A 151 -35.45 -21.27 -55.98
C GLU A 151 -34.33 -21.74 -55.05
N GLN A 152 -33.11 -21.82 -55.57
CA GLN A 152 -31.94 -22.32 -54.85
C GLN A 152 -31.38 -21.26 -53.92
N TRP A 153 -31.40 -20.00 -54.35
CA TRP A 153 -30.96 -18.90 -53.48
C TRP A 153 -31.86 -18.78 -52.26
N GLN A 154 -33.17 -18.94 -52.44
CA GLN A 154 -34.09 -18.85 -51.31
C GLN A 154 -33.89 -20.00 -50.33
N ASN A 155 -33.61 -21.20 -50.84
CA ASN A 155 -33.28 -22.31 -49.95
C ASN A 155 -32.00 -22.03 -49.19
N HIS A 156 -31.01 -21.41 -49.86
CA HIS A 156 -29.77 -21.04 -49.18
C HIS A 156 -30.04 -20.02 -48.08
N LEU A 157 -30.87 -19.02 -48.36
CA LEU A 157 -31.18 -18.01 -47.35
C LEU A 157 -31.97 -18.61 -46.19
N ALA A 158 -32.89 -19.53 -46.49
CA ALA A 158 -33.67 -20.16 -45.42
C ALA A 158 -32.78 -20.97 -44.49
N GLN A 159 -31.78 -21.67 -45.04
CA GLN A 159 -30.86 -22.43 -44.21
C GLN A 159 -30.08 -21.52 -43.28
N LEU A 160 -29.60 -20.39 -43.80
CA LEU A 160 -28.87 -19.44 -42.95
C LEU A 160 -29.81 -18.75 -41.97
N GLN A 161 -31.02 -18.40 -42.41
CA GLN A 161 -31.99 -17.79 -41.53
C GLN A 161 -32.37 -18.74 -40.39
N ARG A 162 -32.49 -20.03 -40.69
CA ARG A 162 -32.87 -21.01 -39.68
C ARG A 162 -31.82 -21.10 -38.58
N GLY A 163 -30.54 -21.05 -38.95
CA GLY A 163 -29.48 -21.27 -38.00
C GLY A 163 -28.79 -20.03 -37.45
N LEU A 164 -29.43 -18.87 -37.60
CA LEU A 164 -28.82 -17.65 -37.07
C LEU A 164 -28.90 -17.55 -35.56
N HIS A 165 -29.80 -18.31 -34.91
CA HIS A 165 -29.89 -18.27 -33.46
C HIS A 165 -28.60 -18.74 -32.80
N LEU A 166 -27.81 -19.55 -33.50
CA LEU A 166 -26.54 -20.02 -32.94
C LEU A 166 -25.59 -18.87 -32.66
N LEU A 167 -25.72 -17.75 -33.39
CA LEU A 167 -24.87 -16.59 -33.13
C LEU A 167 -25.31 -15.87 -31.86
N THR A 168 -26.61 -15.72 -31.65
CA THR A 168 -27.16 -14.97 -30.53
C THR A 168 -27.96 -15.93 -29.65
N ASP A 169 -27.28 -16.60 -28.73
CA ASP A 169 -27.93 -17.50 -27.80
C ASP A 169 -27.30 -17.34 -26.42
N LYS A 170 -28.15 -17.26 -25.39
CA LYS A 170 -27.64 -17.30 -24.02
C LYS A 170 -27.29 -18.72 -23.58
N GLU A 171 -27.96 -19.71 -24.15
CA GLU A 171 -27.76 -21.10 -23.76
C GLU A 171 -28.24 -21.99 -24.91
N TYR A 172 -28.01 -23.29 -24.75
CA TYR A 172 -28.33 -24.27 -25.79
C TYR A 172 -29.65 -24.94 -25.47
N LYS A 173 -30.62 -24.81 -26.37
CA LYS A 173 -31.90 -25.49 -26.20
C LYS A 173 -31.80 -26.92 -26.72
N PRO A 174 -32.17 -27.91 -25.92
CA PRO A 174 -32.04 -29.31 -26.38
C PRO A 174 -32.84 -29.63 -27.63
N GLU A 175 -33.88 -28.84 -27.93
CA GLU A 175 -34.64 -29.07 -29.15
C GLU A 175 -33.89 -28.63 -30.40
N TYR A 176 -32.75 -27.93 -30.25
CA TYR A 176 -31.93 -27.60 -31.41
C TYR A 176 -31.22 -28.83 -31.95
N PHE A 177 -31.00 -29.84 -31.12
CA PHE A 177 -30.27 -31.03 -31.56
C PHE A 177 -31.02 -31.75 -32.67
N SER A 178 -32.35 -31.77 -32.61
CA SER A 178 -33.12 -32.33 -33.71
C SER A 178 -32.91 -31.53 -34.99
N ASP A 179 -32.88 -30.20 -34.88
CA ASP A 179 -32.63 -29.36 -36.05
C ASP A 179 -31.21 -29.53 -36.57
N ALA A 180 -30.27 -29.85 -35.69
CA ALA A 180 -28.91 -30.12 -36.15
C ALA A 180 -28.81 -31.43 -36.92
N LEU A 181 -29.77 -32.35 -36.74
CA LEU A 181 -29.77 -33.62 -37.45
C LEU A 181 -30.68 -33.64 -38.66
N LYS A 182 -31.37 -32.53 -38.94
CA LYS A 182 -32.18 -32.42 -40.17
C LYS A 182 -31.25 -32.27 -41.35
N LEU A 183 -30.96 -33.38 -42.02
CA LEU A 183 -30.10 -33.39 -43.20
C LEU A 183 -30.95 -33.17 -44.45
N ASP A 184 -30.74 -32.05 -45.12
CA ASP A 184 -31.52 -31.68 -46.29
C ASP A 184 -30.89 -32.25 -47.55
N ALA A 185 -31.65 -33.07 -48.27
CA ALA A 185 -31.13 -33.72 -49.47
C ALA A 185 -30.91 -32.73 -50.60
N GLN A 186 -31.70 -31.66 -50.64
CA GLN A 186 -31.58 -30.70 -51.73
C GLN A 186 -30.28 -29.90 -51.65
N LEU A 187 -29.71 -29.77 -50.46
CA LEU A 187 -28.45 -29.06 -50.29
C LEU A 187 -27.27 -30.02 -50.39
N ASP A 188 -26.07 -29.45 -50.45
CA ASP A 188 -24.82 -30.20 -50.54
C ASP A 188 -23.92 -29.70 -49.41
N TYR A 189 -23.98 -30.37 -48.26
CA TYR A 189 -23.19 -30.01 -47.10
C TYR A 189 -22.26 -31.16 -46.74
N SER A 190 -20.98 -30.85 -46.55
CA SER A 190 -20.01 -31.88 -46.21
C SER A 190 -20.04 -32.18 -44.70
N ILE A 191 -19.78 -31.17 -43.89
CA ILE A 191 -19.80 -31.36 -42.44
C ILE A 191 -21.24 -31.52 -41.97
N GLY A 192 -21.49 -32.55 -41.17
CA GLY A 192 -22.86 -32.89 -40.83
C GLY A 192 -23.56 -31.85 -39.97
N GLY A 193 -22.84 -31.28 -39.01
CA GLY A 193 -23.48 -30.38 -38.07
C GLY A 193 -24.03 -29.13 -38.75
N GLN A 194 -25.00 -28.51 -38.10
CA GLN A 194 -25.60 -27.27 -38.59
C GLN A 194 -24.69 -26.13 -38.20
N ASP A 195 -23.75 -25.79 -39.08
CA ASP A 195 -22.76 -24.74 -38.82
C ASP A 195 -22.89 -23.66 -39.87
N LEU A 196 -22.87 -22.40 -39.42
CA LEU A 196 -23.00 -21.28 -40.34
C LEU A 196 -21.74 -21.07 -41.16
N SER A 197 -20.59 -21.58 -40.70
CA SER A 197 -19.36 -21.48 -41.49
C SER A 197 -19.43 -22.30 -42.76
N GLU A 198 -20.39 -23.23 -42.86
CA GLU A 198 -20.58 -24.06 -44.04
C GLU A 198 -21.79 -23.65 -44.86
N ILE A 199 -22.87 -23.21 -44.20
CA ILE A 199 -24.02 -22.67 -44.92
C ILE A 199 -23.63 -21.42 -45.68
N PHE A 200 -22.85 -20.54 -45.04
CA PHE A 200 -22.38 -19.32 -45.70
C PHE A 200 -21.47 -19.65 -46.88
N GLU A 201 -20.63 -20.67 -46.75
CA GLU A 201 -19.71 -21.03 -47.82
C GLU A 201 -20.46 -21.43 -49.09
N GLU A 202 -21.52 -22.22 -48.94
CA GLU A 202 -22.35 -22.55 -50.09
C GLU A 202 -23.17 -21.36 -50.55
N LEU A 203 -23.62 -20.53 -49.60
CA LEU A 203 -24.38 -19.34 -49.95
C LEU A 203 -23.54 -18.38 -50.78
N VAL A 204 -22.28 -18.19 -50.39
CA VAL A 204 -21.37 -17.35 -51.18
C VAL A 204 -21.11 -17.98 -52.54
N LYS A 205 -20.91 -19.30 -52.58
CA LYS A 205 -20.66 -19.98 -53.85
C LYS A 205 -21.85 -19.83 -54.80
N ARG A 206 -23.08 -19.94 -54.26
CA ARG A 206 -24.25 -19.73 -55.09
C ARG A 206 -24.35 -18.28 -55.55
N ALA A 207 -23.97 -17.33 -54.69
CA ALA A 207 -24.02 -15.93 -55.07
C ALA A 207 -23.06 -15.63 -56.22
N CYS A 208 -21.87 -16.23 -56.19
CA CYS A 208 -20.89 -15.98 -57.25
C CYS A 208 -21.40 -16.46 -58.61
N GLU A 209 -22.04 -17.63 -58.64
CA GLU A 209 -22.58 -18.14 -59.90
C GLU A 209 -23.69 -17.24 -60.42
N ILE A 210 -24.57 -16.77 -59.54
CA ILE A 210 -25.61 -15.85 -59.96
C ILE A 210 -25.01 -14.53 -60.42
N LEU A 211 -24.03 -14.01 -59.68
CA LEU A 211 -23.38 -12.77 -60.06
C LEU A 211 -22.37 -12.94 -61.19
N ASP A 212 -22.04 -14.18 -61.55
CA ASP A 212 -21.06 -14.47 -62.60
C ASP A 212 -19.71 -13.82 -62.29
N CYS A 213 -19.19 -14.11 -61.10
CA CYS A 213 -17.92 -13.56 -60.65
C CYS A 213 -17.10 -14.67 -60.00
N LYS A 214 -15.78 -14.51 -60.04
CA LYS A 214 -14.89 -15.51 -59.46
C LYS A 214 -14.75 -15.35 -57.95
N ALA A 215 -14.97 -14.15 -57.43
CA ALA A 215 -14.84 -13.90 -56.00
C ALA A 215 -15.67 -12.69 -55.62
N ILE A 216 -15.93 -12.56 -54.32
CA ILE A 216 -16.67 -11.43 -53.76
C ILE A 216 -15.78 -10.74 -52.74
N LEU A 217 -15.61 -9.44 -52.88
CA LEU A 217 -14.76 -8.66 -51.98
C LEU A 217 -15.62 -8.11 -50.85
N ILE A 218 -15.39 -8.60 -49.63
CA ILE A 218 -16.06 -8.10 -48.44
C ILE A 218 -15.17 -7.00 -47.86
N THR A 219 -15.61 -5.75 -48.02
CA THR A 219 -14.82 -4.60 -47.60
C THR A 219 -15.29 -4.15 -46.22
N PHE A 220 -14.38 -4.15 -45.26
CA PHE A 220 -14.66 -3.73 -43.89
C PHE A 220 -13.98 -2.40 -43.64
N ASP A 221 -14.77 -1.38 -43.28
CA ASP A 221 -14.20 -0.12 -42.88
C ASP A 221 -13.56 -0.25 -41.50
N ASP A 222 -12.81 0.78 -41.13
CA ASP A 222 -12.12 0.75 -39.86
C ASP A 222 -13.11 0.96 -38.71
N ILE A 223 -12.62 0.67 -37.51
CA ILE A 223 -13.39 0.82 -36.28
C ILE A 223 -12.73 1.91 -35.45
N ASP A 224 -12.14 2.90 -36.14
CA ASP A 224 -11.35 3.92 -35.47
C ASP A 224 -12.21 4.72 -34.49
N THR A 225 -13.46 5.01 -34.85
CA THR A 225 -14.36 5.71 -33.94
C THR A 225 -14.66 4.85 -32.72
N GLN A 226 -15.02 3.59 -32.93
CA GLN A 226 -15.40 2.69 -31.85
C GLN A 226 -14.80 1.32 -32.14
N PHE A 227 -13.74 0.97 -31.41
CA PHE A 227 -13.13 -0.35 -31.58
C PHE A 227 -13.74 -1.41 -30.68
N ASP A 228 -14.80 -1.05 -29.94
CA ASP A 228 -15.55 -2.07 -29.20
C ASP A 228 -16.21 -3.06 -30.17
N ALA A 229 -16.79 -2.57 -31.25
CA ALA A 229 -17.57 -3.38 -32.16
C ALA A 229 -16.73 -4.12 -33.19
N GLY A 230 -15.40 -3.93 -33.18
CA GLY A 230 -14.55 -4.65 -34.11
C GLY A 230 -14.27 -6.08 -33.76
N TRP A 231 -14.62 -6.51 -32.54
CA TRP A 231 -14.47 -7.92 -32.18
C TRP A 231 -15.41 -8.79 -33.01
N ASP A 232 -16.64 -8.32 -33.23
CA ASP A 232 -17.56 -9.05 -34.09
C ASP A 232 -17.02 -9.16 -35.50
N VAL A 233 -16.33 -8.12 -35.98
CA VAL A 233 -15.70 -8.18 -37.29
C VAL A 233 -14.59 -9.21 -37.31
N LEU A 234 -13.72 -9.17 -36.29
CA LEU A 234 -12.59 -10.10 -36.24
C LEU A 234 -13.06 -11.54 -36.07
N GLU A 235 -14.06 -11.76 -35.22
CA GLU A 235 -14.54 -13.12 -34.99
C GLU A 235 -15.25 -13.67 -36.21
N SER A 236 -16.00 -12.83 -36.93
CA SER A 236 -16.72 -13.31 -38.10
C SER A 236 -15.80 -13.58 -39.28
N ILE A 237 -14.69 -12.85 -39.39
CA ILE A 237 -13.78 -13.04 -40.52
C ILE A 237 -13.15 -14.43 -40.47
N ARG A 238 -12.64 -14.81 -39.29
CA ARG A 238 -11.97 -16.10 -39.16
C ARG A 238 -12.95 -17.26 -39.10
N LYS A 239 -14.18 -17.02 -38.63
CA LYS A 239 -15.14 -18.10 -38.49
C LYS A 239 -15.86 -18.38 -39.82
N PHE A 240 -16.30 -17.34 -40.52
CA PHE A 240 -17.25 -17.50 -41.61
C PHE A 240 -16.70 -17.14 -42.99
N PHE A 241 -15.65 -16.34 -43.08
CA PHE A 241 -15.12 -15.90 -44.36
C PHE A 241 -13.91 -16.71 -44.79
N ASN A 242 -13.90 -18.00 -44.48
CA ASN A 242 -12.79 -18.88 -44.79
C ASN A 242 -12.93 -19.54 -46.16
N SER A 243 -13.70 -18.95 -47.05
CA SER A 243 -13.93 -19.53 -48.37
C SER A 243 -12.90 -19.02 -49.37
N ARG A 244 -12.80 -19.73 -50.50
CA ARG A 244 -11.95 -19.30 -51.60
C ARG A 244 -12.63 -18.28 -52.50
N LYS A 245 -13.96 -18.11 -52.37
CA LYS A 245 -14.69 -17.12 -53.14
C LYS A 245 -14.76 -15.77 -52.45
N LEU A 246 -14.17 -15.64 -51.26
CA LEU A 246 -14.25 -14.41 -50.48
C LEU A 246 -12.85 -13.86 -50.26
N VAL A 247 -12.67 -12.58 -50.59
CA VAL A 247 -11.48 -11.83 -50.25
C VAL A 247 -11.90 -10.66 -49.37
N VAL A 248 -11.22 -10.50 -48.24
CA VAL A 248 -11.63 -9.55 -47.20
C VAL A 248 -10.53 -8.51 -47.06
N VAL A 249 -10.92 -7.23 -47.12
CA VAL A 249 -10.02 -6.11 -46.88
C VAL A 249 -10.56 -5.34 -45.68
N ALA A 250 -9.70 -5.12 -44.69
CA ALA A 250 -10.09 -4.43 -43.47
C ALA A 250 -9.05 -3.37 -43.12
N THR A 251 -9.53 -2.19 -42.76
CA THR A 251 -8.69 -1.08 -42.33
C THR A 251 -8.77 -0.93 -40.82
N GLY A 252 -7.78 -0.26 -40.26
CA GLY A 252 -7.71 -0.06 -38.83
C GLY A 252 -6.29 0.19 -38.40
N ASP A 253 -6.11 0.27 -37.10
CA ASP A 253 -4.80 0.48 -36.48
C ASP A 253 -4.44 -0.75 -35.69
N LEU A 254 -3.27 -1.33 -35.98
CA LEU A 254 -2.87 -2.58 -35.35
C LEU A 254 -2.67 -2.42 -33.86
N ARG A 255 -2.16 -1.28 -33.41
CA ARG A 255 -2.07 -1.03 -31.98
C ARG A 255 -3.45 -0.92 -31.35
N LEU A 256 -4.45 -0.56 -32.16
CA LEU A 256 -5.80 -0.47 -31.63
C LEU A 256 -6.50 -1.83 -31.61
N TYR A 257 -6.15 -2.72 -32.54
CA TYR A 257 -6.67 -4.08 -32.49
C TYR A 257 -6.00 -4.89 -31.38
N SER A 258 -4.71 -4.65 -31.15
CA SER A 258 -4.00 -5.38 -30.11
C SER A 258 -4.64 -5.14 -28.75
N GLN A 259 -4.98 -3.89 -28.45
CA GLN A 259 -5.69 -3.62 -27.20
C GLN A 259 -7.08 -4.24 -27.21
N LEU A 260 -7.72 -4.32 -28.37
CA LEU A 260 -9.03 -4.95 -28.46
C LEU A 260 -8.93 -6.46 -28.29
N ILE A 261 -7.99 -7.08 -28.98
CA ILE A 261 -7.86 -8.54 -28.92
C ILE A 261 -7.35 -8.98 -27.57
N ARG A 262 -6.31 -8.30 -27.05
CA ARG A 262 -5.76 -8.66 -25.75
C ARG A 262 -6.81 -8.54 -24.66
N GLY A 263 -7.80 -7.66 -24.85
CA GLY A 263 -8.88 -7.56 -23.89
C GLY A 263 -9.84 -8.73 -23.91
N LYS A 264 -9.86 -9.49 -25.02
CA LYS A 264 -10.68 -10.69 -25.09
C LYS A 264 -9.91 -11.94 -24.69
N GLN A 265 -8.60 -11.98 -24.93
CA GLN A 265 -7.79 -13.09 -24.45
C GLN A 265 -7.67 -13.10 -22.93
N TYR A 266 -8.01 -11.99 -22.26
CA TYR A 266 -8.11 -11.99 -20.81
C TYR A 266 -9.46 -12.51 -20.32
N GLU A 267 -10.45 -12.60 -21.22
CA GLU A 267 -11.74 -13.16 -20.85
C GLU A 267 -11.73 -14.68 -20.81
N ASN A 268 -10.73 -15.30 -21.42
CA ASN A 268 -10.59 -16.76 -21.37
C ASN A 268 -10.03 -17.22 -20.02
N TYR A 269 -9.24 -16.39 -19.37
CA TYR A 269 -8.68 -16.74 -18.07
C TYR A 269 -9.77 -16.79 -17.01
N SER A 270 -9.64 -17.74 -16.10
CA SER A 270 -10.55 -17.81 -14.96
C SER A 270 -10.17 -16.74 -13.94
N LYS A 271 -11.17 -16.00 -13.47
CA LYS A 271 -10.89 -14.90 -12.55
C LYS A 271 -10.23 -15.38 -11.26
N THR A 272 -10.53 -16.61 -10.84
CA THR A 272 -9.87 -17.16 -9.66
C THR A 272 -8.38 -17.32 -9.87
N LEU A 273 -7.99 -17.79 -11.06
CA LEU A 273 -6.57 -17.93 -11.37
C LEU A 273 -5.87 -16.57 -11.46
N LEU A 274 -6.56 -15.56 -11.98
CA LEU A 274 -5.96 -14.24 -12.10
C LEU A 274 -5.62 -13.66 -10.74
N GLU A 275 -6.47 -13.90 -9.74
CA GLU A 275 -6.22 -13.38 -8.40
C GLU A 275 -5.22 -14.25 -7.64
N GLN A 276 -5.49 -15.55 -7.57
CA GLN A 276 -4.66 -16.45 -6.77
C GLN A 276 -3.23 -16.56 -7.29
N GLU A 277 -3.03 -16.45 -8.60
CA GLU A 277 -1.70 -16.56 -9.18
C GLU A 277 -1.10 -15.20 -9.53
N LYS A 278 -1.70 -14.11 -9.06
CA LYS A 278 -1.03 -12.81 -9.17
C LYS A 278 0.24 -12.79 -8.33
N GLU A 279 0.29 -13.60 -7.28
CA GLU A 279 1.50 -13.80 -6.49
C GLU A 279 2.37 -14.84 -7.19
N SER A 280 3.38 -15.34 -6.47
CA SER A 280 4.31 -16.36 -6.96
C SER A 280 5.12 -15.91 -8.17
N VAL A 281 5.11 -14.60 -8.47
CA VAL A 281 5.79 -14.02 -9.62
C VAL A 281 5.37 -14.77 -10.88
N ARG A 282 4.07 -14.97 -11.04
CA ARG A 282 3.51 -15.54 -12.25
C ARG A 282 2.58 -14.60 -13.00
N LEU A 283 2.25 -13.44 -12.42
CA LEU A 283 1.54 -12.42 -13.16
C LEU A 283 2.35 -11.89 -14.33
N ALA A 284 3.68 -11.88 -14.22
CA ALA A 284 4.52 -11.45 -15.33
C ALA A 284 4.49 -12.46 -16.47
N GLU A 285 4.64 -13.75 -16.16
CA GLU A 285 4.63 -14.77 -17.20
C GLU A 285 3.28 -14.87 -17.89
N ARG A 286 2.21 -14.41 -17.23
CA ARG A 286 0.92 -14.34 -17.91
C ARG A 286 0.96 -13.35 -19.06
N GLY A 287 1.61 -12.20 -18.87
CA GLY A 287 1.79 -11.27 -19.95
C GLY A 287 2.53 -11.88 -21.13
N TYR A 288 3.62 -12.59 -20.85
CA TYR A 288 4.31 -13.30 -21.91
C TYR A 288 3.45 -14.40 -22.50
N MET A 289 2.40 -14.80 -21.79
CA MET A 289 1.46 -15.77 -22.36
C MET A 289 0.38 -15.06 -23.18
N VAL A 290 -0.19 -13.98 -22.64
CA VAL A 290 -1.27 -13.28 -23.33
C VAL A 290 -0.76 -12.63 -24.60
N GLU A 291 0.35 -11.90 -24.51
CA GLU A 291 0.94 -11.29 -25.71
C GLU A 291 1.42 -12.34 -26.70
N HIS A 292 1.57 -13.59 -26.26
CA HIS A 292 1.75 -14.67 -27.23
C HIS A 292 0.40 -15.10 -27.82
N LEU A 293 -0.67 -15.00 -27.05
CA LEU A 293 -2.00 -15.33 -27.56
C LEU A 293 -2.46 -14.28 -28.57
N GLU A 294 -2.32 -13.01 -28.22
CA GLU A 294 -2.75 -11.94 -29.11
C GLU A 294 -1.83 -11.77 -30.31
N GLN A 295 -0.58 -12.24 -30.21
CA GLN A 295 0.33 -12.15 -31.35
C GLN A 295 -0.11 -13.07 -32.48
N GLN A 296 -0.37 -14.33 -32.16
CA GLN A 296 -0.75 -15.29 -33.19
C GLN A 296 -2.14 -14.99 -33.74
N TYR A 297 -3.00 -14.36 -32.94
CA TYR A 297 -4.33 -13.99 -33.42
C TYR A 297 -4.24 -12.98 -34.55
N LEU A 298 -3.30 -12.04 -34.44
CA LEU A 298 -3.04 -11.10 -35.54
C LEU A 298 -2.50 -11.82 -36.77
N LEU A 299 -1.50 -12.67 -36.59
CA LEU A 299 -0.90 -13.34 -37.73
C LEU A 299 -1.85 -14.37 -38.35
N LYS A 300 -2.67 -15.03 -37.53
CA LYS A 300 -3.67 -15.92 -38.07
C LYS A 300 -4.68 -15.17 -38.92
N LEU A 301 -5.14 -14.01 -38.43
CA LEU A 301 -6.15 -13.25 -39.16
C LEU A 301 -5.55 -12.47 -40.33
N PHE A 302 -4.63 -11.57 -40.03
CA PHE A 302 -3.99 -10.75 -41.06
C PHE A 302 -2.55 -11.21 -41.25
N PRO A 303 -2.23 -11.91 -42.34
CA PRO A 303 -0.83 -12.28 -42.59
C PRO A 303 0.02 -11.04 -42.80
N VAL A 304 1.30 -11.16 -42.43
CA VAL A 304 2.21 -10.02 -42.54
C VAL A 304 2.41 -9.61 -43.99
N GLN A 305 2.41 -10.57 -44.91
CA GLN A 305 2.57 -10.25 -46.32
C GLN A 305 1.38 -9.47 -46.86
N LYS A 306 0.18 -9.77 -46.36
CA LYS A 306 -1.03 -9.08 -46.82
C LYS A 306 -1.14 -7.67 -46.25
N ARG A 307 -0.49 -7.39 -45.13
CA ARG A 307 -0.61 -6.09 -44.49
C ARG A 307 -0.07 -4.98 -45.39
N ILE A 308 -0.80 -3.87 -45.45
CA ILE A 308 -0.39 -2.68 -46.17
C ILE A 308 -0.48 -1.50 -45.20
N GLN A 309 0.56 -0.67 -45.19
CA GLN A 309 0.61 0.50 -44.33
C GLN A 309 0.36 1.76 -45.16
N LEU A 310 -0.59 2.57 -44.72
CA LEU A 310 -0.87 3.83 -45.41
C LEU A 310 0.24 4.82 -45.12
N LYS A 311 0.90 5.29 -46.18
CA LYS A 311 2.08 6.15 -46.00
C LYS A 311 1.68 7.51 -45.48
N THR A 312 2.45 8.01 -44.51
CA THR A 312 2.26 9.37 -44.03
C THR A 312 2.60 10.35 -45.15
N MET A 313 1.95 11.53 -45.11
CA MET A 313 2.14 12.51 -46.17
C MET A 313 3.60 12.93 -46.27
N LEU A 314 4.35 12.90 -45.18
CA LEU A 314 5.78 13.18 -45.25
C LEU A 314 6.51 12.14 -46.09
N GLN A 315 6.17 10.86 -45.90
CA GLN A 315 6.80 9.80 -46.67
C GLN A 315 6.52 9.94 -48.15
N LEU A 316 5.28 10.28 -48.50
CA LEU A 316 4.91 10.40 -49.91
C LEU A 316 5.68 11.52 -50.60
N VAL A 317 5.95 12.61 -49.88
CA VAL A 317 6.68 13.73 -50.45
C VAL A 317 8.17 13.73 -50.09
N GLY A 318 8.56 12.96 -49.08
CA GLY A 318 9.97 12.84 -48.75
C GLY A 318 10.53 14.10 -48.09
N GLU A 319 11.85 14.09 -47.95
CA GLU A 319 12.56 15.22 -47.36
C GLU A 319 12.67 16.35 -48.37
N LYS A 320 13.35 17.42 -47.96
CA LYS A 320 13.51 18.57 -48.85
C LYS A 320 14.48 18.26 -49.99
N GLY A 321 15.55 17.51 -49.71
CA GLY A 321 16.52 17.17 -50.73
C GLY A 321 16.37 15.75 -51.22
N LYS A 322 15.87 14.86 -50.37
CA LYS A 322 15.68 13.47 -50.77
C LYS A 322 14.58 13.36 -51.82
N ALA A 323 14.76 12.41 -52.73
CA ALA A 323 13.80 12.20 -53.82
C ALA A 323 12.47 11.73 -53.26
N GLY A 324 11.44 12.57 -53.37
CA GLY A 324 10.13 12.18 -52.88
C GLY A 324 9.54 11.01 -53.65
N LYS A 325 8.76 10.20 -52.94
CA LYS A 325 8.16 9.02 -53.55
C LYS A 325 7.18 9.39 -54.66
N GLU A 326 6.38 10.44 -54.44
CA GLU A 326 5.39 10.84 -55.43
C GLU A 326 5.11 12.33 -55.27
N GLU A 327 4.76 12.97 -56.38
CA GLU A 327 4.52 14.41 -56.39
C GLU A 327 3.09 14.73 -55.98
N ILE A 328 2.93 15.59 -54.97
CA ILE A 328 1.63 16.03 -54.50
C ILE A 328 1.59 17.55 -54.59
N LYS A 329 0.51 18.07 -55.16
CA LYS A 329 0.34 19.51 -55.33
C LYS A 329 -0.97 19.96 -54.68
N VAL A 330 -1.02 21.24 -54.34
CA VAL A 330 -2.12 21.82 -53.58
C VAL A 330 -2.59 23.09 -54.28
N LYS A 331 -3.92 23.24 -54.38
CA LYS A 331 -4.54 24.45 -54.92
C LYS A 331 -4.99 25.31 -53.75
N THR A 332 -4.34 26.46 -53.58
CA THR A 332 -4.56 27.32 -52.42
C THR A 332 -5.50 28.48 -52.69
N GLU A 333 -5.99 28.62 -53.92
CA GLU A 333 -6.88 29.72 -54.28
C GLU A 333 -8.03 29.16 -55.11
N PRO A 334 -9.27 29.59 -54.85
CA PRO A 334 -10.39 29.09 -55.64
C PRO A 334 -10.28 29.53 -57.09
N GLY A 335 -10.66 28.63 -58.00
CA GLY A 335 -10.55 28.88 -59.42
C GLY A 335 -9.15 28.73 -59.98
N MET A 336 -8.18 28.34 -59.16
CA MET A 336 -6.83 28.15 -59.64
C MET A 336 -6.76 27.00 -60.64
N GLN A 337 -5.78 27.07 -61.53
CA GLN A 337 -5.56 26.03 -62.51
C GLN A 337 -4.62 24.97 -61.95
N ASP A 338 -4.83 23.73 -62.38
CA ASP A 338 -4.01 22.62 -61.91
C ASP A 338 -2.54 22.80 -62.25
N ILE A 339 -2.23 23.55 -63.31
CA ILE A 339 -0.84 23.85 -63.64
C ILE A 339 -0.28 24.98 -62.80
N ASP A 340 -1.13 25.73 -62.11
CA ASP A 340 -0.71 26.79 -61.21
C ASP A 340 -0.56 26.32 -59.77
N ALA A 341 -0.78 25.04 -59.50
CA ALA A 341 -0.69 24.52 -58.15
C ALA A 341 0.76 24.52 -57.66
N ILE A 342 0.92 24.36 -56.35
CA ILE A 342 2.23 24.37 -55.71
C ILE A 342 2.38 23.09 -54.88
N ASP A 343 3.63 22.71 -54.65
CA ASP A 343 3.91 21.52 -53.88
C ASP A 343 3.36 21.67 -52.46
N VAL A 344 2.89 20.55 -51.90
CA VAL A 344 2.30 20.57 -50.57
C VAL A 344 3.34 21.02 -49.53
N ARG A 345 4.61 20.72 -49.76
CA ARG A 345 5.65 21.24 -48.88
C ARG A 345 5.75 22.75 -48.99
N GLN A 346 5.51 23.30 -50.18
CA GLN A 346 5.55 24.74 -50.35
C GLN A 346 4.32 25.41 -49.72
N ALA A 347 3.15 24.78 -49.85
CA ALA A 347 1.94 25.33 -49.24
C ALA A 347 2.07 25.34 -47.72
N ILE A 348 2.58 24.27 -47.14
CA ILE A 348 2.84 24.24 -45.70
C ILE A 348 4.02 25.14 -45.36
N GLY A 349 5.06 25.14 -46.21
CA GLY A 349 6.22 25.97 -45.95
C GLY A 349 5.89 27.45 -45.97
N ASP A 350 5.06 27.87 -46.93
CA ASP A 350 4.68 29.28 -47.00
C ASP A 350 3.76 29.69 -45.86
N ALA A 351 3.20 28.72 -45.15
CA ALA A 351 2.37 29.02 -43.98
C ALA A 351 3.20 29.05 -42.70
N VAL A 352 4.14 28.12 -42.56
CA VAL A 352 5.02 28.12 -41.39
C VAL A 352 5.98 29.30 -41.44
N ARG A 353 6.59 29.54 -42.60
CA ARG A 353 7.57 30.61 -42.71
C ARG A 353 6.93 31.97 -42.49
N GLU A 354 5.74 32.19 -43.03
CA GLU A 354 5.07 33.47 -42.84
C GLU A 354 4.30 33.52 -41.53
N GLY A 355 3.66 32.42 -41.14
CA GLY A 355 2.89 32.42 -39.91
C GLY A 355 3.76 32.46 -38.67
N LEU A 356 4.83 31.65 -38.65
CA LEU A 356 5.75 31.65 -37.52
C LEU A 356 6.86 32.69 -37.67
N ASN A 357 6.92 33.39 -38.80
CA ASN A 357 7.90 34.43 -39.06
C ASN A 357 9.33 33.87 -38.99
N LEU A 358 9.57 32.86 -39.81
CA LEU A 358 10.86 32.16 -39.83
C LEU A 358 11.52 32.32 -41.18
N ARG A 359 12.82 32.05 -41.21
CA ARG A 359 13.60 32.01 -42.45
C ARG A 359 13.64 30.61 -43.00
N GLU A 360 13.99 30.50 -44.28
CA GLU A 360 14.26 29.20 -44.87
C GLU A 360 15.47 28.58 -44.20
N GLY A 361 15.36 27.31 -43.82
CA GLY A 361 16.45 26.63 -43.16
C GLY A 361 15.96 25.41 -42.42
N SER A 362 16.85 24.88 -41.57
CA SER A 362 16.55 23.68 -40.80
C SER A 362 15.55 23.93 -39.68
N ASP A 363 15.20 25.18 -39.39
CA ASP A 363 14.25 25.48 -38.35
C ASP A 363 12.82 25.57 -38.88
N ALA A 364 12.63 26.21 -40.03
CA ALA A 364 11.31 26.20 -40.66
C ALA A 364 10.94 24.81 -41.16
N ASP A 365 11.94 24.03 -41.57
CA ASP A 365 11.67 22.67 -42.04
C ASP A 365 11.19 21.78 -40.91
N MET A 366 11.69 22.01 -39.69
CA MET A 366 11.30 21.19 -38.55
C MET A 366 9.80 21.30 -38.28
N TYR A 367 9.23 22.49 -38.46
CA TYR A 367 7.79 22.65 -38.31
C TYR A 367 7.04 22.07 -39.50
N VAL A 368 7.59 22.23 -40.71
CA VAL A 368 6.93 21.70 -41.90
C VAL A 368 6.93 20.18 -41.88
N ASN A 369 8.06 19.57 -41.51
CA ASN A 369 8.11 18.12 -41.40
C ASN A 369 7.15 17.59 -40.35
N GLU A 370 7.07 18.28 -39.21
CA GLU A 370 6.15 17.85 -38.15
C GLU A 370 4.70 17.93 -38.60
N LEU A 371 4.35 19.00 -39.32
CA LEU A 371 2.99 19.11 -39.85
C LEU A 371 2.71 18.02 -40.87
N LEU A 372 3.70 17.67 -41.70
CA LEU A 372 3.52 16.57 -42.65
C LEU A 372 3.32 15.25 -41.92
N LYS A 373 4.01 15.05 -40.79
CA LYS A 373 3.89 13.83 -40.01
C LYS A 373 2.57 13.72 -39.28
N GLN A 374 1.76 14.78 -39.26
CA GLN A 374 0.45 14.73 -38.63
C GLN A 374 -0.49 13.86 -39.43
N PRO A 375 -1.57 13.38 -38.81
CA PRO A 375 -2.60 12.66 -39.57
C PRO A 375 -3.17 13.53 -40.68
N VAL A 376 -3.52 12.89 -41.80
CA VAL A 376 -3.93 13.62 -42.99
C VAL A 376 -5.18 14.44 -42.73
N ARG A 377 -6.02 14.02 -41.78
CA ARG A 377 -7.20 14.81 -41.46
C ARG A 377 -6.82 16.10 -40.74
N LEU A 378 -5.92 16.00 -39.76
CA LEU A 378 -5.46 17.19 -39.06
C LEU A 378 -4.67 18.11 -39.98
N LEU A 379 -3.82 17.53 -40.84
CA LEU A 379 -3.03 18.34 -41.76
C LEU A 379 -3.91 19.03 -42.79
N MET A 380 -4.88 18.32 -43.35
CA MET A 380 -5.76 18.90 -44.36
C MET A 380 -6.73 19.92 -43.77
N GLN A 381 -6.86 20.00 -42.45
CA GLN A 381 -7.71 21.00 -41.83
C GLN A 381 -6.93 22.23 -41.38
N VAL A 382 -5.62 22.11 -41.16
CA VAL A 382 -4.79 23.29 -40.99
C VAL A 382 -4.66 24.04 -42.30
N LEU A 383 -4.41 23.32 -43.39
CA LEU A 383 -4.31 23.94 -44.70
C LEU A 383 -5.63 24.54 -45.15
N GLN A 384 -6.72 23.81 -44.95
CA GLN A 384 -8.02 24.30 -45.39
C GLN A 384 -8.43 25.55 -44.64
N ASP A 385 -8.22 25.56 -43.31
CA ASP A 385 -8.62 26.72 -42.53
C ASP A 385 -7.71 27.91 -42.78
N PHE A 386 -6.39 27.68 -42.84
CA PHE A 386 -5.45 28.78 -43.05
C PHE A 386 -5.68 29.44 -44.41
N TYR A 387 -5.70 28.63 -45.47
CA TYR A 387 -5.74 29.21 -46.81
C TYR A 387 -7.12 29.73 -47.20
N THR A 388 -8.18 29.25 -46.57
CA THR A 388 -9.50 29.83 -46.81
C THR A 388 -9.64 31.18 -46.12
N LYS A 389 -9.16 31.29 -44.88
CA LYS A 389 -9.23 32.57 -44.18
C LYS A 389 -8.22 33.58 -44.72
N LYS A 390 -7.06 33.11 -45.18
CA LYS A 390 -6.11 34.01 -45.82
C LYS A 390 -6.68 34.59 -47.11
N TYR A 391 -7.34 33.75 -47.92
CA TYR A 391 -8.01 34.26 -49.10
C TYR A 391 -9.17 35.17 -48.73
N HIS A 392 -9.94 34.79 -47.71
CA HIS A 392 -11.08 35.62 -47.30
C HIS A 392 -10.61 36.95 -46.74
N ALA A 393 -9.44 36.99 -46.11
CA ALA A 393 -8.90 38.26 -45.64
C ALA A 393 -8.60 39.19 -46.81
N THR A 394 -8.06 38.64 -47.90
CA THR A 394 -7.83 39.43 -49.10
C THR A 394 -9.14 39.84 -49.76
N SER A 395 -10.21 39.08 -49.55
CA SER A 395 -11.53 39.36 -50.12
C SER A 395 -11.48 39.41 -51.64
N LEU A 411 -3.69 42.34 -42.35
CA LEU A 411 -3.67 40.94 -42.75
C LEU A 411 -3.37 40.04 -41.55
N SER A 412 -2.16 40.16 -41.01
CA SER A 412 -1.73 39.41 -39.84
C SER A 412 -1.81 37.90 -40.10
N VAL A 413 -0.96 37.44 -41.01
CA VAL A 413 -0.85 36.02 -41.35
C VAL A 413 -0.62 35.17 -40.10
N PRO A 414 0.24 35.56 -39.15
CA PRO A 414 0.34 34.76 -37.92
C PRO A 414 -0.98 34.61 -37.18
N ASN A 415 -1.86 35.61 -37.24
CA ASN A 415 -3.18 35.46 -36.65
C ASN A 415 -3.99 34.40 -37.38
N LEU A 416 -3.85 34.33 -38.71
CA LEU A 416 -4.55 33.30 -39.47
C LEU A 416 -4.03 31.91 -39.12
N LEU A 417 -2.72 31.76 -38.98
CA LEU A 417 -2.15 30.45 -38.67
C LEU A 417 -2.47 30.04 -37.24
N ARG A 418 -2.48 31.00 -36.31
CA ARG A 418 -2.82 30.69 -34.93
C ARG A 418 -4.25 30.17 -34.83
N ASN A 419 -5.19 30.81 -35.53
CA ASN A 419 -6.57 30.32 -35.54
C ASN A 419 -6.67 28.96 -36.22
N ALA A 420 -5.77 28.68 -37.17
CA ALA A 420 -5.75 27.35 -37.79
C ALA A 420 -5.18 26.31 -36.84
N LEU A 421 -4.09 26.65 -36.14
CA LEU A 421 -3.48 25.71 -35.23
C LEU A 421 -4.29 25.55 -33.95
N TYR A 422 -5.00 26.61 -33.52
CA TYR A 422 -5.82 26.50 -32.32
C TYR A 422 -6.94 25.49 -32.50
N GLY A 423 -7.62 25.54 -33.65
CA GLY A 423 -8.71 24.59 -33.88
C GLY A 423 -8.22 23.16 -34.02
N SER A 424 -7.12 22.95 -34.74
CA SER A 424 -6.64 21.60 -35.00
C SER A 424 -6.00 20.99 -33.76
N MET A 425 -5.03 21.69 -33.17
CA MET A 425 -4.34 21.20 -31.99
C MET A 425 -5.07 21.47 -30.69
N LEU A 426 -6.39 21.71 -30.77
CA LEU A 426 -7.14 22.08 -29.57
C LEU A 426 -7.13 20.96 -28.54
N SER A 427 -7.25 19.71 -28.98
CA SER A 427 -7.25 18.59 -28.04
C SER A 427 -5.92 18.48 -27.31
N SER A 428 -4.82 18.84 -27.97
CA SER A 428 -3.53 18.86 -27.30
C SER A 428 -3.39 20.06 -26.38
N ILE A 429 -4.03 21.18 -26.73
CA ILE A 429 -4.03 22.35 -25.85
C ILE A 429 -4.76 22.04 -24.54
N TYR A 430 -5.91 21.37 -24.65
CA TYR A 430 -6.65 20.98 -23.45
C TYR A 430 -5.85 19.97 -22.63
N ARG A 431 -5.20 19.01 -23.29
CA ARG A 431 -4.43 18.00 -22.58
C ARG A 431 -3.27 18.62 -21.81
N ALA A 432 -2.57 19.57 -22.42
CA ALA A 432 -1.39 20.16 -21.82
C ALA A 432 -1.70 21.28 -20.84
N GLY A 433 -2.96 21.67 -20.71
CA GLY A 433 -3.34 22.68 -19.74
C GLY A 433 -3.07 24.11 -20.15
N LEU A 434 -2.76 24.36 -21.42
CA LEU A 434 -2.50 25.72 -21.88
C LEU A 434 -3.76 26.57 -21.81
N ASN A 435 -3.56 27.88 -21.82
CA ASN A 435 -4.68 28.80 -21.83
C ASN A 435 -5.45 28.68 -23.13
N TYR A 436 -6.75 28.44 -23.02
CA TYR A 436 -7.60 28.14 -24.16
C TYR A 436 -8.58 29.26 -24.50
N GLU A 437 -8.74 30.24 -23.62
CA GLU A 437 -9.74 31.28 -23.84
C GLU A 437 -9.25 32.23 -24.94
N GLN A 438 -10.01 32.30 -26.04
CA GLN A 438 -9.57 33.10 -27.17
C GLN A 438 -9.69 34.59 -26.90
N HIS A 439 -10.65 35.01 -26.07
CA HIS A 439 -10.74 36.42 -25.69
C HIS A 439 -9.69 36.80 -24.65
N ARG A 440 -9.05 35.83 -24.02
CA ARG A 440 -7.96 36.09 -23.09
C ARG A 440 -6.59 36.05 -23.75
N PHE A 441 -6.54 35.84 -25.06
CA PHE A 441 -5.27 35.80 -25.76
C PHE A 441 -4.55 37.13 -25.66
N GLY A 442 -3.25 37.08 -25.38
CA GLY A 442 -2.47 38.30 -25.23
C GLY A 442 -1.08 37.97 -24.75
N MET A 443 -0.34 39.05 -24.44
CA MET A 443 1.04 38.88 -23.96
C MET A 443 1.07 38.16 -22.62
N ASP A 444 0.23 38.59 -21.67
CA ASP A 444 0.27 38.01 -20.34
C ASP A 444 -0.11 36.53 -20.35
N SER A 445 -1.15 36.18 -21.11
CA SER A 445 -1.55 34.77 -21.20
C SER A 445 -0.46 33.94 -21.86
N LEU A 446 0.17 34.46 -22.91
CA LEU A 446 1.18 33.71 -23.63
C LEU A 446 2.41 33.43 -22.76
N CYS A 447 2.85 34.41 -21.97
CA CYS A 447 4.01 34.19 -21.12
C CYS A 447 3.73 33.14 -20.05
N LYS A 448 2.47 32.98 -19.66
CA LYS A 448 2.11 31.90 -18.75
C LYS A 448 2.12 30.55 -19.47
N ASP A 449 1.78 30.54 -20.76
CA ASP A 449 1.77 29.29 -21.52
C ASP A 449 3.18 28.72 -21.67
N ILE A 450 4.17 29.58 -21.92
CA ILE A 450 5.54 29.11 -22.12
C ILE A 450 6.06 28.44 -20.87
N PHE A 451 5.80 29.04 -19.70
CA PHE A 451 6.21 28.43 -18.44
C PHE A 451 5.51 27.10 -18.23
N THR A 452 4.22 27.03 -18.58
CA THR A 452 3.49 25.78 -18.45
C THR A 452 4.00 24.73 -19.42
N TYR A 453 4.39 25.15 -20.63
CA TYR A 453 4.88 24.21 -21.62
C TYR A 453 6.22 23.61 -21.21
N VAL A 454 7.17 24.46 -20.80
CA VAL A 454 8.49 23.97 -20.44
C VAL A 454 8.44 23.12 -19.17
N LYS A 455 7.52 23.45 -18.25
CA LYS A 455 7.38 22.65 -17.04
C LYS A 455 6.96 21.23 -17.36
N GLN A 456 5.99 21.07 -18.28
CA GLN A 456 5.57 19.73 -18.69
C GLN A 456 6.63 19.06 -19.54
N ASP A 457 7.26 19.80 -20.45
CA ASP A 457 8.29 19.23 -21.31
C ASP A 457 9.54 18.85 -20.53
N ARG A 458 9.69 19.34 -19.30
CA ARG A 458 10.86 19.11 -18.44
C ARG A 458 12.15 19.62 -19.07
N ASP A 459 12.06 20.42 -20.13
CA ASP A 459 13.22 20.97 -20.82
C ASP A 459 13.28 22.47 -20.54
N PHE A 460 13.92 22.83 -19.43
CA PHE A 460 14.06 24.23 -19.07
C PHE A 460 15.20 24.92 -19.80
N ASN A 461 16.05 24.17 -20.50
CA ASN A 461 17.19 24.77 -21.20
C ASN A 461 16.76 25.36 -22.53
N THR A 462 16.22 24.53 -23.43
CA THR A 462 15.82 24.96 -24.76
C THR A 462 14.31 24.94 -24.94
N GLY A 463 13.55 24.92 -23.84
CA GLY A 463 12.11 24.83 -23.95
C GLY A 463 11.49 26.04 -24.63
N PHE A 464 11.99 27.24 -24.32
CA PHE A 464 11.42 28.46 -24.87
C PHE A 464 11.69 28.61 -26.36
N TYR A 465 12.49 27.73 -26.95
CA TYR A 465 12.63 27.72 -28.41
C TYR A 465 11.33 27.32 -29.09
N LEU A 466 10.48 26.55 -28.39
CA LEU A 466 9.21 26.06 -28.92
C LEU A 466 9.43 25.25 -30.20
N ARG A 467 10.16 24.15 -30.04
CA ARG A 467 10.51 23.29 -31.16
C ARG A 467 9.70 22.01 -31.13
N PRO A 468 9.33 21.47 -32.30
CA PRO A 468 8.66 20.16 -32.32
C PRO A 468 9.61 19.03 -32.00
N GLN A 469 10.20 19.06 -30.81
CA GLN A 469 11.24 18.12 -30.40
C GLN A 469 10.94 17.61 -29.00
N SER A 470 9.71 17.14 -28.79
CA SER A 470 9.29 16.57 -27.53
C SER A 470 8.87 15.12 -27.73
N GLU A 471 9.07 14.31 -26.70
CA GLU A 471 8.70 12.90 -26.78
C GLU A 471 7.19 12.72 -26.91
N SER A 472 6.42 13.54 -26.19
CA SER A 472 4.96 13.43 -26.22
C SER A 472 4.40 14.05 -27.48
N GLU A 473 3.45 13.34 -28.10
CA GLU A 473 2.80 13.87 -29.30
C GLU A 473 1.95 15.09 -28.98
N ALA A 474 1.36 15.15 -27.79
CA ALA A 474 0.58 16.32 -27.40
C ALA A 474 1.45 17.56 -27.28
N LEU A 475 2.65 17.42 -26.72
CA LEU A 475 3.53 18.57 -26.56
C LEU A 475 4.14 18.99 -27.90
N ARG A 476 4.34 18.05 -28.81
CA ARG A 476 4.82 18.41 -30.15
C ARG A 476 3.76 19.16 -30.94
N ASN A 477 2.50 19.09 -30.53
CA ASN A 477 1.42 19.81 -31.18
C ASN A 477 1.25 21.22 -30.63
N CYS A 478 1.41 21.39 -29.31
CA CYS A 478 1.35 22.71 -28.71
C CYS A 478 2.58 23.54 -29.03
N SER A 479 3.72 22.90 -29.33
CA SER A 479 4.94 23.64 -29.59
C SER A 479 4.81 24.51 -30.84
N ILE A 480 4.23 23.96 -31.91
CA ILE A 480 4.03 24.75 -33.12
C ILE A 480 2.93 25.77 -32.92
N TYR A 481 1.88 25.41 -32.17
CA TYR A 481 0.82 26.37 -31.87
C TYR A 481 1.35 27.53 -31.04
N LEU A 482 2.19 27.24 -30.05
CA LEU A 482 2.78 28.30 -29.24
C LEU A 482 3.71 29.17 -30.08
N ALA A 483 4.44 28.57 -31.02
CA ALA A 483 5.29 29.35 -31.91
C ALA A 483 4.48 30.33 -32.74
N SER A 484 3.22 29.99 -33.04
CA SER A 484 2.34 30.93 -33.73
C SER A 484 1.84 32.01 -32.80
N GLN A 485 1.68 31.70 -31.51
CA GLN A 485 1.30 32.74 -30.54
C GLN A 485 2.41 33.77 -30.37
N VAL A 486 3.65 33.31 -30.25
CA VAL A 486 4.78 34.22 -30.06
C VAL A 486 5.01 35.06 -31.32
N SER A 487 4.79 34.48 -32.49
CA SER A 487 5.00 35.20 -33.74
C SER A 487 3.81 36.06 -34.12
N GLU A 488 2.73 36.05 -33.33
CA GLU A 488 1.55 36.87 -33.60
C GLU A 488 1.46 38.07 -32.67
N ASN A 489 1.61 37.86 -31.36
CA ASN A 489 1.55 38.98 -30.42
C ASN A 489 2.75 39.90 -30.57
N CYS A 490 3.95 39.33 -30.70
CA CYS A 490 5.16 40.12 -30.81
C CYS A 490 5.37 40.70 -32.20
N GLN A 491 4.56 40.31 -33.18
CA GLN A 491 4.69 40.86 -34.52
C GLN A 491 4.35 42.34 -34.54
N GLY A 492 5.17 43.11 -35.25
CA GLY A 492 4.91 44.54 -35.40
C GLY A 492 4.95 45.33 -34.10
N SER A 493 5.85 44.94 -33.19
CA SER A 493 5.97 45.65 -31.92
C SER A 493 7.35 45.40 -31.34
N LEU A 494 7.93 46.43 -30.74
CA LEU A 494 9.21 46.31 -30.05
C LEU A 494 9.02 46.07 -28.56
N SER A 495 8.00 46.68 -27.96
CA SER A 495 7.71 46.45 -26.54
C SER A 495 7.32 45.00 -26.29
N LYS A 496 6.44 44.46 -27.15
CA LYS A 496 5.98 43.10 -26.96
C LYS A 496 7.11 42.09 -27.18
N PHE A 497 8.06 42.40 -28.06
CA PHE A 497 9.22 41.53 -28.22
C PHE A 497 10.04 41.46 -26.94
N LEU A 498 10.25 42.61 -26.29
CA LEU A 498 11.06 42.63 -25.07
C LEU A 498 10.35 41.94 -23.91
N GLN A 499 9.03 42.14 -23.79
CA GLN A 499 8.28 41.47 -22.74
C GLN A 499 8.31 39.95 -22.93
N MET A 500 8.16 39.49 -24.17
CA MET A 500 8.28 38.06 -24.45
C MET A 500 9.68 37.56 -24.12
N LEU A 501 10.70 38.34 -24.48
CA LEU A 501 12.08 37.96 -24.17
C LEU A 501 12.33 37.96 -22.67
N LEU A 502 11.82 38.96 -21.96
CA LEU A 502 12.12 39.12 -20.54
C LEU A 502 11.20 38.30 -19.66
N VAL A 503 9.89 38.37 -19.88
CA VAL A 503 8.95 37.65 -19.02
C VAL A 503 8.73 36.23 -19.50
N GLY A 504 8.58 36.03 -20.80
CA GLY A 504 8.33 34.71 -21.33
C GLY A 504 9.54 33.79 -21.27
N CYS A 505 10.58 34.12 -22.03
CA CYS A 505 11.79 33.31 -22.02
C CYS A 505 12.59 33.50 -20.74
N GLY A 506 12.58 34.72 -20.20
CA GLY A 506 13.41 35.02 -19.04
C GLY A 506 13.00 34.24 -17.80
N SER A 507 11.69 34.16 -17.53
CA SER A 507 11.23 33.47 -16.34
C SER A 507 11.59 31.99 -16.36
N VAL A 508 11.75 31.41 -17.55
CA VAL A 508 12.09 30.00 -17.67
C VAL A 508 13.52 29.76 -17.17
N SER A 509 14.46 30.60 -17.60
CA SER A 509 15.85 30.42 -17.21
C SER A 509 16.08 30.75 -15.74
N ILE A 510 15.39 31.77 -15.23
CA ILE A 510 15.57 32.16 -13.84
C ILE A 510 15.18 31.02 -12.90
N PHE A 511 14.05 30.37 -13.19
CA PHE A 511 13.67 29.19 -12.41
C PHE A 511 14.67 28.06 -12.61
N ASN A 512 15.15 27.88 -13.84
CA ASN A 512 15.99 26.73 -14.17
C ASN A 512 17.33 26.74 -13.44
N GLN A 513 17.81 27.92 -13.01
CA GLN A 513 19.14 28.02 -12.44
C GLN A 513 19.19 28.62 -11.05
N PHE A 514 18.13 29.29 -10.59
CA PHE A 514 18.16 29.96 -9.30
C PHE A 514 17.07 29.54 -8.34
N VAL A 515 16.10 28.74 -8.77
CA VAL A 515 14.99 28.36 -7.89
C VAL A 515 14.83 26.85 -7.89
N THR A 516 15.25 26.20 -8.97
CA THR A 516 14.97 24.77 -9.14
C THR A 516 15.73 23.90 -8.14
N GLU A 517 16.77 24.42 -7.49
CA GLU A 517 17.56 23.60 -6.60
C GLU A 517 16.82 23.25 -5.31
N LEU A 518 15.75 23.95 -4.98
CA LEU A 518 15.01 23.72 -3.76
C LEU A 518 13.89 22.70 -3.92
N ALA A 519 13.95 21.87 -4.95
CA ALA A 519 12.95 20.83 -5.16
C ALA A 519 13.54 19.65 -5.92
N GLU A 526 3.22 17.38 -4.76
CA GLU A 526 4.67 17.31 -4.72
C GLU A 526 5.26 18.66 -4.33
N LYS A 527 6.51 18.64 -3.85
CA LYS A 527 7.20 19.88 -3.52
C LYS A 527 7.45 20.74 -4.76
N PHE A 528 7.48 20.13 -5.95
CA PHE A 528 7.68 20.91 -7.17
C PHE A 528 6.44 21.74 -7.50
N GLU A 529 5.26 21.15 -7.33
CA GLU A 529 4.03 21.86 -7.65
C GLU A 529 3.85 23.09 -6.77
N GLN A 530 4.26 23.00 -5.50
CA GLN A 530 4.16 24.17 -4.62
C GLN A 530 5.30 25.16 -4.84
N LEU A 531 6.45 24.70 -5.33
CA LEU A 531 7.50 25.63 -5.71
C LEU A 531 7.19 26.31 -7.03
N ILE A 532 6.62 25.57 -7.99
CA ILE A 532 6.19 26.18 -9.25
C ILE A 532 5.11 27.22 -8.99
N SER A 533 4.13 26.87 -8.13
CA SER A 533 3.08 27.83 -7.80
C SER A 533 3.64 29.03 -7.06
N GLU A 534 4.62 28.81 -6.18
CA GLU A 534 5.25 29.92 -5.48
C GLU A 534 5.98 30.84 -6.44
N TYR A 535 6.71 30.26 -7.39
CA TYR A 535 7.46 31.08 -8.35
C TYR A 535 6.52 31.89 -9.25
N VAL A 536 5.45 31.26 -9.73
CA VAL A 536 4.53 31.95 -10.62
C VAL A 536 3.79 33.05 -9.87
N ALA A 537 3.29 32.74 -8.68
CA ALA A 537 2.54 33.73 -7.91
C ALA A 537 3.42 34.91 -7.51
N TYR A 538 4.66 34.65 -7.12
CA TYR A 538 5.56 35.72 -6.72
C TYR A 538 5.89 36.63 -7.89
N MET A 539 6.23 36.05 -9.04
CA MET A 539 6.62 36.84 -10.21
C MET A 539 5.42 37.31 -11.01
N SER A 540 4.21 36.94 -10.62
CA SER A 540 2.98 37.36 -11.31
C SER A 540 3.00 36.95 -12.78
N VAL A 541 3.51 35.76 -13.06
CA VAL A 541 3.51 35.24 -14.43
C VAL A 541 2.07 35.08 -14.90
N GLY A 542 1.75 35.73 -16.02
CA GLY A 542 0.38 35.84 -16.45
C GLY A 542 -0.39 37.00 -15.88
N ARG A 543 0.26 37.82 -15.04
CA ARG A 543 -0.37 38.99 -14.45
C ARG A 543 0.54 40.21 -14.45
N ILE A 544 1.54 40.24 -15.35
CA ILE A 544 2.56 41.28 -15.33
C ILE A 544 1.91 42.63 -15.58
N GLU A 545 2.11 43.56 -14.63
CA GLU A 545 1.69 44.93 -14.84
C GLU A 545 2.65 45.68 -15.75
N SER A 546 3.95 45.38 -15.65
CA SER A 546 4.95 45.99 -16.51
C SER A 546 6.23 45.18 -16.39
N ALA A 547 7.03 45.22 -17.46
CA ALA A 547 8.28 44.46 -17.46
C ALA A 547 9.25 44.97 -16.40
N SER A 548 9.21 46.28 -16.09
CA SER A 548 10.05 46.81 -15.04
C SER A 548 9.69 46.21 -13.69
N HIS A 549 8.38 46.04 -13.42
CA HIS A 549 7.97 45.41 -12.17
C HIS A 549 8.42 43.97 -12.11
N TRP A 550 8.40 43.26 -13.24
CA TRP A 550 8.94 41.90 -13.27
C TRP A 550 10.43 41.89 -12.97
N ALA A 551 11.16 42.93 -13.42
CA ALA A 551 12.60 42.98 -13.18
C ALA A 551 12.92 43.12 -11.70
N ASN A 552 12.08 43.84 -10.94
CA ASN A 552 12.30 43.97 -9.51
C ASN A 552 12.21 42.62 -8.81
N ARG A 553 11.21 41.81 -9.18
CA ARG A 553 11.13 40.47 -8.61
C ARG A 553 12.27 39.59 -9.11
N CYS A 554 12.75 39.84 -10.34
CA CYS A 554 13.89 39.08 -10.84
C CYS A 554 15.14 39.36 -10.03
N CYS A 555 15.33 40.61 -9.59
CA CYS A 555 16.51 40.94 -8.79
C CYS A 555 16.51 40.17 -7.47
N ALA A 556 15.35 40.08 -6.81
CA ALA A 556 15.28 39.40 -5.52
C ALA A 556 15.60 37.93 -5.65
N VAL A 557 15.02 37.25 -6.66
CA VAL A 557 15.21 35.82 -6.80
C VAL A 557 16.65 35.51 -7.23
N VAL A 558 17.24 36.35 -8.08
CA VAL A 558 18.63 36.14 -8.48
C VAL A 558 19.57 36.37 -7.31
N ALA A 559 19.30 37.40 -6.50
CA ALA A 559 20.17 37.71 -5.38
C ALA A 559 20.06 36.66 -4.28
N ASN A 560 18.83 36.27 -3.92
CA ASN A 560 18.61 35.42 -2.76
C ASN A 560 19.10 33.99 -2.95
N SER A 561 19.46 33.60 -4.18
CA SER A 561 20.08 32.30 -4.36
C SER A 561 21.44 32.28 -3.68
N PRO A 562 21.79 31.17 -3.01
CA PRO A 562 23.08 31.12 -2.29
C PRO A 562 24.25 31.30 -3.24
N ASN A 563 25.00 32.38 -3.06
CA ASN A 563 26.11 32.73 -3.94
C ASN A 563 27.43 32.53 -3.20
N ASP A 564 28.37 31.86 -3.86
CA ASP A 564 29.69 31.66 -3.30
C ASP A 564 30.49 32.97 -3.35
N GLU A 565 31.48 33.07 -2.46
CA GLU A 565 32.46 34.15 -2.42
C GLU A 565 31.82 35.43 -1.90
N LYS A 566 30.49 35.43 -1.73
CA LYS A 566 29.76 36.48 -1.02
C LYS A 566 30.02 37.87 -1.60
N ILE A 567 30.01 37.99 -2.92
CA ILE A 567 30.04 39.28 -3.59
C ILE A 567 28.70 39.51 -4.27
N GLY A 568 28.20 40.74 -4.18
CA GLY A 568 26.93 41.09 -4.78
C GLY A 568 26.99 41.32 -6.27
N VAL A 569 27.84 40.56 -6.96
CA VAL A 569 27.91 40.57 -8.42
C VAL A 569 27.16 39.33 -8.88
N PHE A 570 25.88 39.50 -9.16
CA PHE A 570 25.02 38.39 -9.57
C PHE A 570 24.88 38.40 -11.09
N LEU A 571 23.99 37.55 -11.61
CA LEU A 571 23.81 37.42 -13.04
C LEU A 571 23.15 38.69 -13.59
N GLY A 572 23.88 39.42 -14.42
CA GLY A 572 23.35 40.62 -15.04
C GLY A 572 23.03 41.74 -14.09
N MET A 573 23.56 41.73 -12.88
CA MET A 573 23.21 42.74 -11.90
C MET A 573 24.32 42.84 -10.86
N VAL A 574 24.46 44.03 -10.28
CA VAL A 574 25.43 44.29 -9.23
C VAL A 574 24.72 44.97 -8.07
N GLN A 575 25.07 44.58 -6.85
CA GLN A 575 24.45 45.09 -5.65
C GLN A 575 25.34 46.17 -5.05
N LEU A 576 24.83 47.39 -4.98
CA LEU A 576 25.58 48.53 -4.45
C LEU A 576 25.22 48.78 -3.00
N ASN A 577 26.19 49.24 -2.22
CA ASN A 577 25.95 49.55 -0.83
C ASN A 577 24.98 50.73 -0.68
N ARG A 578 24.16 50.66 0.36
CA ARG A 578 23.25 51.74 0.71
C ARG A 578 23.68 52.54 1.92
N LYS A 579 24.50 51.96 2.79
CA LYS A 579 25.00 52.63 3.97
C LYS A 579 26.50 52.92 3.80
N SER A 580 26.91 54.12 4.22
CA SER A 580 28.32 54.50 4.11
C SER A 580 29.20 53.57 4.93
N ARG A 581 30.29 53.12 4.33
CA ARG A 581 31.24 52.23 4.98
C ARG A 581 32.57 52.94 5.10
N GLN A 582 33.13 52.94 6.32
CA GLN A 582 34.41 53.58 6.56
C GLN A 582 35.56 52.69 6.07
N HIS A 583 36.74 53.30 5.98
CA HIS A 583 37.98 52.61 5.59
C HIS A 583 37.84 51.98 4.21
N MET A 584 37.42 52.78 3.23
CA MET A 584 37.33 52.33 1.86
C MET A 584 38.52 52.83 1.06
N PRO A 585 39.36 51.96 0.53
CA PRO A 585 40.52 52.43 -0.25
C PRO A 585 40.10 53.13 -1.52
N GLY A 586 40.93 54.06 -1.98
CA GLY A 586 40.64 54.77 -3.20
C GLY A 586 39.51 55.77 -3.04
N GLY A 587 38.97 56.17 -4.19
CA GLY A 587 37.87 57.11 -4.23
C GLY A 587 36.51 56.45 -4.17
N TYR A 588 36.48 55.20 -3.75
CA TYR A 588 35.23 54.47 -3.65
C TYR A 588 34.30 55.11 -2.62
N LYS A 589 33.01 55.10 -2.92
CA LYS A 589 32.00 55.67 -2.04
C LYS A 589 30.67 54.99 -2.33
N LYS A 590 29.73 55.15 -1.40
CA LYS A 590 28.39 54.62 -1.62
C LYS A 590 27.76 55.30 -2.82
N PHE A 591 26.96 54.53 -3.57
CA PHE A 591 26.36 55.05 -4.78
C PHE A 591 25.27 56.07 -4.44
N ASN A 592 25.38 57.26 -5.04
CA ASN A 592 24.39 58.31 -4.87
C ASN A 592 23.82 58.66 -6.24
N ILE A 593 22.49 58.76 -6.32
CA ILE A 593 21.84 59.04 -7.60
C ILE A 593 21.84 60.52 -7.93
N ASP A 594 22.00 61.40 -6.94
CA ASP A 594 21.89 62.83 -7.17
C ASP A 594 23.05 63.37 -8.01
N THR A 595 24.22 62.73 -7.93
CA THR A 595 25.39 63.23 -8.63
C THR A 595 25.29 63.09 -10.15
N GLU A 596 24.39 62.26 -10.66
CA GLU A 596 24.23 62.14 -12.10
C GLU A 596 23.46 63.35 -12.64
N ASN A 597 23.38 63.44 -13.97
CA ASN A 597 22.76 64.60 -14.60
C ASN A 597 22.08 64.17 -15.89
N GLY A 598 20.93 64.79 -16.17
CA GLY A 598 20.27 64.62 -17.45
C GLY A 598 19.88 63.19 -17.74
N LEU A 599 20.18 62.75 -18.97
CA LEU A 599 19.79 61.41 -19.41
C LEU A 599 20.46 60.32 -18.58
N ALA A 600 21.69 60.57 -18.12
CA ALA A 600 22.37 59.58 -17.29
C ALA A 600 21.60 59.32 -16.00
N LYS A 601 21.05 60.37 -15.39
CA LYS A 601 20.27 60.18 -14.17
C LYS A 601 19.02 59.35 -14.43
N ALA A 602 18.34 59.61 -15.55
CA ALA A 602 17.12 58.88 -15.87
C ALA A 602 17.41 57.40 -16.11
N ALA A 603 18.42 57.12 -16.93
CA ALA A 603 18.78 55.73 -17.21
C ALA A 603 19.31 55.02 -15.98
N MET A 604 20.13 55.72 -15.18
CA MET A 604 20.65 55.12 -13.96
C MET A 604 19.54 54.80 -12.98
N ALA A 605 18.55 55.69 -12.85
CA ALA A 605 17.41 55.41 -11.99
C ALA A 605 16.56 54.26 -12.54
N SER A 606 16.43 54.18 -13.86
CA SER A 606 15.65 53.10 -14.46
C SER A 606 16.29 51.74 -14.27
N SER A 607 17.60 51.69 -14.01
CA SER A 607 18.30 50.44 -13.77
C SER A 607 18.40 50.09 -12.29
N LEU A 608 17.79 50.89 -11.41
CA LEU A 608 17.91 50.69 -9.98
C LEU A 608 16.71 49.92 -9.45
N SER A 609 16.98 48.89 -8.66
CA SER A 609 15.95 48.07 -8.05
C SER A 609 16.23 47.93 -6.56
N THR A 610 15.15 47.69 -5.80
CA THR A 610 15.26 47.56 -4.35
C THR A 610 14.44 46.36 -3.89
N VAL A 611 14.93 45.66 -2.87
CA VAL A 611 14.27 44.50 -2.29
C VAL A 611 14.22 44.67 -0.78
N ALA A 612 13.09 44.31 -0.18
CA ALA A 612 12.88 44.48 1.26
C ALA A 612 13.23 43.18 1.99
N SER A 613 14.53 42.92 2.08
CA SER A 613 15.06 41.81 2.86
C SER A 613 15.14 42.23 4.33
N ASN A 614 15.90 41.48 5.12
CA ASN A 614 16.20 41.86 6.50
C ASN A 614 16.59 43.33 6.58
N ASN A 615 17.37 43.78 5.60
CA ASN A 615 17.62 45.20 5.37
C ASN A 615 17.50 45.47 3.88
N LEU A 616 17.18 46.72 3.55
CA LEU A 616 16.98 47.10 2.16
C LEU A 616 18.27 46.91 1.37
N MET A 617 18.14 46.36 0.16
CA MET A 617 19.25 46.16 -0.74
C MET A 617 18.95 46.83 -2.07
N ASP A 618 19.95 47.48 -2.65
CA ASP A 618 19.82 48.20 -3.90
C ASP A 618 20.63 47.49 -4.98
N PHE A 619 20.03 47.31 -6.15
CA PHE A 619 20.66 46.61 -7.26
C PHE A 619 20.63 47.47 -8.50
N CYS A 620 21.70 47.40 -9.28
CA CYS A 620 21.74 47.94 -10.63
C CYS A 620 21.74 46.76 -11.60
N SER A 621 20.76 46.71 -12.49
CA SER A 621 20.51 45.53 -13.30
C SER A 621 20.31 45.92 -14.75
N VAL A 622 20.66 44.99 -15.64
CA VAL A 622 20.31 45.15 -17.05
C VAL A 622 18.85 44.73 -17.27
N PHE A 623 18.35 43.81 -16.44
CA PHE A 623 16.95 43.41 -16.51
C PHE A 623 16.03 44.59 -16.22
N ASN A 624 16.40 45.42 -15.25
CA ASN A 624 15.65 46.65 -15.01
C ASN A 624 15.71 47.57 -16.22
N LEU A 625 16.88 47.65 -16.86
CA LEU A 625 17.02 48.48 -18.05
C LEU A 625 16.12 47.99 -19.18
N ILE A 626 16.13 46.68 -19.43
CA ILE A 626 15.29 46.12 -20.49
C ILE A 626 13.82 46.32 -20.16
N GLY A 627 13.45 46.18 -18.88
CA GLY A 627 12.08 46.45 -18.48
C GLY A 627 11.67 47.88 -18.76
N ALA A 628 12.60 48.83 -18.57
CA ALA A 628 12.30 50.22 -18.90
C ALA A 628 12.07 50.40 -20.39
N ILE A 629 12.86 49.74 -21.23
CA ILE A 629 12.73 49.90 -22.67
C ILE A 629 11.36 49.38 -23.13
N ALA A 630 10.94 48.24 -22.59
CA ALA A 630 9.64 47.69 -22.98
C ALA A 630 8.51 48.60 -22.54
N ASP A 631 8.61 49.19 -21.36
CA ASP A 631 7.54 50.06 -20.86
C ASP A 631 7.50 51.37 -21.62
N ILE A 632 8.66 51.98 -21.89
CA ILE A 632 8.69 53.27 -22.57
C ILE A 632 8.19 53.14 -24.00
N SER A 633 8.64 52.08 -24.70
CA SER A 633 8.27 51.91 -26.11
C SER A 633 6.82 51.50 -26.30
N ALA A 634 6.12 51.10 -25.23
CA ALA A 634 4.72 50.73 -25.34
C ALA A 634 3.78 51.92 -25.26
N CYS A 635 4.27 53.09 -24.85
CA CYS A 635 3.43 54.26 -24.70
C CYS A 635 3.25 54.95 -26.05
N ARG A 636 2.59 56.10 -26.04
CA ARG A 636 2.41 56.90 -27.24
C ARG A 636 3.39 58.07 -27.23
N CYS A 637 3.23 58.99 -28.16
CA CYS A 637 4.18 60.09 -28.34
C CYS A 637 4.08 61.16 -27.26
N GLU A 638 3.06 61.11 -26.40
CA GLU A 638 2.90 62.15 -25.38
C GLU A 638 4.05 62.12 -24.38
N ARG A 639 4.47 63.32 -23.96
CA ARG A 639 5.57 63.41 -23.00
C ARG A 639 5.18 62.88 -21.63
N SER A 640 3.92 63.08 -21.22
CA SER A 640 3.49 62.66 -19.89
C SER A 640 3.65 61.16 -19.69
N ALA A 641 3.47 60.37 -20.75
CA ALA A 641 3.67 58.93 -20.63
C ALA A 641 5.14 58.60 -20.44
N ILE A 642 6.04 59.35 -21.08
CA ILE A 642 7.47 59.07 -21.01
C ILE A 642 7.98 59.32 -19.60
N THR A 643 7.62 60.46 -19.01
CA THR A 643 8.07 60.75 -17.65
C THR A 643 7.42 59.81 -16.63
N ASN A 644 6.19 59.40 -16.86
CA ASN A 644 5.56 58.41 -15.99
C ASN A 644 6.19 57.03 -16.17
N ALA A 645 6.66 56.71 -17.38
CA ALA A 645 7.36 55.45 -17.59
C ALA A 645 8.69 55.43 -16.87
N PHE A 646 9.39 56.57 -16.85
CA PHE A 646 10.61 56.68 -16.05
C PHE A 646 10.30 56.56 -14.56
N ASN A 647 9.24 57.22 -14.10
CA ASN A 647 8.84 57.18 -12.70
C ASN A 647 7.75 56.13 -12.49
N LYS A 648 8.10 54.89 -12.83
CA LYS A 648 7.16 53.78 -12.79
C LYS A 648 7.38 52.87 -11.59
N VAL A 649 8.63 52.62 -11.21
CA VAL A 649 8.95 51.64 -10.17
C VAL A 649 9.83 52.21 -9.07
N ILE A 650 10.60 53.26 -9.32
CA ILE A 650 11.73 53.62 -8.45
C ILE A 650 11.26 53.90 -7.02
N ALA A 651 10.24 54.74 -6.87
CA ALA A 651 9.86 55.23 -5.56
C ALA A 651 8.51 54.71 -5.07
N GLN A 652 7.90 53.77 -5.79
CA GLN A 652 6.59 53.24 -5.41
C GLN A 652 6.54 51.73 -5.56
N THR A 653 7.63 51.05 -5.19
CA THR A 653 7.69 49.59 -5.28
C THR A 653 8.38 49.04 -4.05
N THR A 654 7.71 48.13 -3.36
CA THR A 654 8.25 47.45 -2.18
C THR A 654 8.33 45.96 -2.50
N CYS A 655 9.49 45.53 -3.00
CA CYS A 655 9.71 44.14 -3.35
C CYS A 655 10.12 43.36 -2.10
N ILE A 656 9.36 42.32 -1.79
CA ILE A 656 9.65 41.45 -0.64
C ILE A 656 10.38 40.22 -1.14
N VAL A 657 11.19 39.62 -0.28
CA VAL A 657 11.95 38.42 -0.63
C VAL A 657 10.97 37.28 -0.90
N PRO A 658 11.32 36.34 -1.78
CA PRO A 658 10.42 35.23 -2.10
C PRO A 658 10.20 34.34 -0.90
N PRO A 659 9.08 33.61 -0.85
CA PRO A 659 8.81 32.73 0.29
C PRO A 659 9.84 31.63 0.46
N TRP A 660 10.61 31.29 -0.57
CA TRP A 660 11.62 30.25 -0.47
C TRP A 660 13.01 30.82 -0.14
N SER A 661 13.10 32.12 0.13
CA SER A 661 14.38 32.73 0.45
C SER A 661 14.86 32.32 1.83
N GLU A 662 16.17 32.21 1.98
CA GLU A 662 16.75 31.87 3.28
C GLU A 662 16.49 32.97 4.29
N ALA A 663 16.60 34.22 3.89
CA ALA A 663 16.38 35.35 4.78
C ALA A 663 14.91 35.46 5.16
N THR A 704 16.46 72.93 -17.82
CA THR A 704 16.48 71.73 -17.00
C THR A 704 17.14 70.57 -17.76
N GLU A 705 17.95 69.78 -17.05
CA GLU A 705 18.62 68.65 -17.69
C GLU A 705 17.63 67.57 -18.10
N PHE A 706 16.69 67.24 -17.21
CA PHE A 706 15.74 66.17 -17.50
C PHE A 706 14.81 66.49 -18.65
N SER A 707 14.63 67.78 -18.96
CA SER A 707 13.80 68.15 -20.10
C SER A 707 14.40 67.66 -21.41
N ASP A 708 15.73 67.76 -21.55
CA ASP A 708 16.38 67.29 -22.76
C ASP A 708 16.42 65.77 -22.85
N ALA A 709 16.38 65.08 -21.70
CA ALA A 709 16.33 63.62 -21.73
C ALA A 709 15.02 63.13 -22.33
N ILE A 710 13.91 63.79 -21.99
CA ILE A 710 12.61 63.39 -22.55
C ILE A 710 12.58 63.67 -24.04
N THR A 711 13.21 64.76 -24.48
CA THR A 711 13.24 65.07 -25.91
C THR A 711 13.96 64.00 -26.70
N LYS A 712 15.08 63.49 -26.17
CA LYS A 712 15.79 62.41 -26.85
C LYS A 712 14.93 61.16 -26.94
N VAL A 713 14.23 60.81 -25.86
CA VAL A 713 13.40 59.61 -25.86
C VAL A 713 12.20 59.79 -26.78
N GLU A 714 11.55 60.95 -26.72
CA GLU A 714 10.38 61.19 -27.57
C GLU A 714 10.77 61.22 -29.05
N GLN A 715 12.00 61.62 -29.35
CA GLN A 715 12.50 61.51 -30.72
C GLN A 715 12.79 60.07 -31.10
N TRP A 716 13.27 59.28 -30.15
CA TRP A 716 13.51 57.86 -30.40
C TRP A 716 12.20 57.11 -30.64
N LEU A 717 11.16 57.45 -29.88
CA LEU A 717 9.88 56.77 -30.04
C LEU A 717 9.28 57.02 -31.43
N LYS A 718 9.60 58.15 -32.04
CA LYS A 718 9.15 58.39 -33.41
C LYS A 718 9.77 57.39 -34.38
N ASN A 719 11.06 57.08 -34.19
CA ASN A 719 11.68 56.03 -34.99
C ASN A 719 11.07 54.67 -34.69
N VAL A 720 10.78 54.39 -33.42
CA VAL A 720 10.22 53.10 -33.03
C VAL A 720 8.85 52.89 -33.69
N ASN A 721 8.01 53.93 -33.67
CA ASN A 721 6.64 53.78 -34.15
C ASN A 721 6.56 53.50 -35.65
N GLU A 722 7.63 53.75 -36.40
CA GLU A 722 7.62 53.50 -37.84
C GLU A 722 8.60 52.41 -38.25
N ILE A 723 9.51 52.00 -37.39
CA ILE A 723 10.42 50.90 -37.67
C ILE A 723 9.90 49.58 -37.14
N GLU A 724 9.30 49.59 -35.95
CA GLU A 724 8.80 48.36 -35.34
C GLU A 724 7.62 47.77 -36.09
N ILE A 725 6.99 48.51 -37.00
CA ILE A 725 5.86 47.96 -37.74
C ILE A 725 6.31 46.82 -38.64
N GLY A 726 7.52 46.91 -39.18
CA GLY A 726 8.08 45.88 -40.02
C GLY A 726 8.83 44.79 -39.28
N ILE A 727 8.81 44.80 -37.95
CA ILE A 727 9.49 43.77 -37.17
C ILE A 727 8.65 42.51 -37.18
N ARG A 728 9.27 41.39 -37.57
CA ARG A 728 8.59 40.10 -37.67
C ARG A 728 9.38 39.08 -36.86
N PRO A 729 9.22 39.08 -35.54
CA PRO A 729 9.98 38.16 -34.70
C PRO A 729 9.30 36.80 -34.54
N SER A 730 10.13 35.81 -34.28
CA SER A 730 9.69 34.43 -34.10
C SER A 730 10.03 33.95 -32.70
N ALA A 731 9.42 32.83 -32.31
CA ALA A 731 9.76 32.22 -31.03
C ALA A 731 11.16 31.65 -31.03
N LEU A 732 11.71 31.32 -32.19
CA LEU A 732 13.11 30.89 -32.27
C LEU A 732 14.05 32.06 -32.07
N LEU A 733 13.77 33.20 -32.72
CA LEU A 733 14.60 34.39 -32.55
C LEU A 733 14.60 34.85 -31.10
N ILE A 734 13.42 34.99 -30.51
CA ILE A 734 13.32 35.43 -29.12
C ILE A 734 14.00 34.42 -28.19
N GLY A 735 13.79 33.13 -28.45
CA GLY A 735 14.46 32.12 -27.64
C GLY A 735 15.96 32.12 -27.82
N LYS A 736 16.43 32.32 -29.06
CA LYS A 736 17.87 32.32 -29.32
C LYS A 736 18.55 33.58 -28.77
N VAL A 737 17.87 34.73 -28.84
CA VAL A 737 18.44 35.96 -28.31
C VAL A 737 18.66 35.83 -26.81
N TRP A 738 17.67 35.30 -26.10
CA TRP A 738 17.80 35.15 -24.65
C TRP A 738 18.90 34.15 -24.29
N SER A 739 18.98 33.04 -25.02
CA SER A 739 19.95 32.01 -24.67
C SER A 739 21.38 32.54 -24.75
N ARG A 740 21.69 33.28 -25.81
CA ARG A 740 23.01 33.91 -25.89
C ARG A 740 23.16 35.01 -24.85
N PHE A 741 22.11 35.82 -24.67
CA PHE A 741 22.16 36.89 -23.68
C PHE A 741 22.29 36.33 -22.27
N TYR A 742 21.56 35.26 -21.96
CA TYR A 742 21.64 34.67 -20.63
C TYR A 742 23.00 34.02 -20.40
N PHE A 743 23.54 33.36 -21.42
CA PHE A 743 24.86 32.75 -21.29
C PHE A 743 25.94 33.81 -21.16
N ASN A 744 25.78 34.93 -21.87
CA ASN A 744 26.75 36.01 -21.76
C ASN A 744 26.82 36.56 -20.35
N LEU A 745 25.66 36.75 -19.71
CA LEU A 745 25.64 37.30 -18.36
C LEU A 745 26.30 36.37 -17.34
N ASN A 746 26.35 35.07 -17.62
CA ASN A 746 27.03 34.15 -16.70
C ASN A 746 28.53 34.40 -16.68
N ASN A 747 29.12 34.70 -17.85
CA ASN A 747 30.55 34.97 -17.90
C ASN A 747 30.86 36.35 -17.32
N VAL A 748 30.07 37.37 -17.66
CA VAL A 748 30.27 38.70 -17.11
C VAL A 748 30.10 38.72 -15.60
N ALA A 749 29.32 37.80 -15.05
CA ALA A 749 29.15 37.70 -13.61
C ALA A 749 30.17 36.77 -12.96
N ASP A 750 31.07 36.18 -13.75
CA ASP A 750 32.12 35.31 -13.23
C ASP A 750 33.51 35.80 -13.61
N GLN A 751 33.69 36.30 -14.82
CA GLN A 751 34.95 36.90 -15.25
C GLN A 751 35.12 38.33 -14.78
N HIS A 752 34.27 38.80 -13.87
CA HIS A 752 34.39 40.14 -13.32
C HIS A 752 34.33 40.21 -11.80
N LYS A 753 33.77 39.21 -11.13
CA LYS A 753 33.71 39.22 -9.67
C LYS A 753 35.08 38.99 -9.04
N THR A 754 36.09 38.59 -9.81
CA THR A 754 37.44 38.42 -9.31
C THR A 754 38.37 39.52 -9.81
N ARG A 755 37.82 40.68 -10.16
CA ARG A 755 38.60 41.80 -10.67
C ARG A 755 38.23 43.09 -9.96
N LEU A 756 37.73 42.99 -8.73
CA LEU A 756 37.36 44.17 -7.94
C LEU A 756 38.51 44.49 -6.99
N TYR A 757 39.49 45.21 -7.52
CA TYR A 757 40.70 45.54 -6.79
C TYR A 757 40.64 46.97 -6.27
N ARG A 758 41.64 47.32 -5.46
CA ARG A 758 41.66 48.64 -4.83
C ARG A 758 41.78 49.76 -5.86
N ASN A 759 42.65 49.58 -6.86
CA ASN A 759 42.89 50.58 -7.88
C ASN A 759 42.05 50.35 -9.14
N ALA A 760 40.95 49.62 -9.02
CA ALA A 760 40.11 49.26 -10.16
C ALA A 760 39.02 50.28 -10.45
N GLU A 761 39.03 51.42 -9.76
CA GLU A 761 37.98 52.41 -9.96
C GLU A 761 37.96 52.94 -11.39
N HIS A 762 39.13 53.25 -11.95
CA HIS A 762 39.18 53.76 -13.30
C HIS A 762 38.98 52.66 -14.33
N GLY A 763 39.54 51.48 -14.07
CA GLY A 763 39.35 50.34 -14.97
C GLY A 763 39.85 50.58 -16.38
N ARG A 764 41.02 51.19 -16.53
CA ARG A 764 41.54 51.49 -17.85
C ARG A 764 42.18 50.30 -18.55
N MET A 765 42.45 49.21 -17.83
CA MET A 765 43.01 48.01 -18.42
C MET A 765 42.01 46.86 -18.27
N ALA A 766 42.31 45.77 -18.98
CA ALA A 766 41.39 44.64 -19.03
C ALA A 766 41.31 43.86 -17.72
N SER A 767 42.25 44.05 -16.80
CA SER A 767 42.28 43.29 -15.56
C SER A 767 41.58 44.00 -14.41
N GLN A 768 41.04 45.19 -14.63
CA GLN A 768 40.30 45.91 -13.61
C GLN A 768 38.82 45.93 -13.97
N SER A 769 37.97 45.70 -12.97
CA SER A 769 36.53 45.74 -13.15
C SER A 769 35.89 46.47 -11.98
N ASN A 770 34.74 47.07 -12.23
CA ASN A 770 33.99 47.78 -11.20
C ASN A 770 32.51 47.78 -11.60
N ALA A 771 31.70 48.53 -10.85
CA ALA A 771 30.27 48.53 -11.09
C ALA A 771 29.95 49.11 -12.47
N ALA A 772 30.67 50.14 -12.89
CA ALA A 772 30.39 50.75 -14.19
C ALA A 772 30.85 49.87 -15.34
N LYS A 773 31.93 49.12 -15.16
CA LYS A 773 32.42 48.24 -16.22
C LYS A 773 31.55 46.98 -16.35
N ILE A 774 31.12 46.43 -15.22
CA ILE A 774 30.28 45.23 -15.28
C ILE A 774 28.98 45.53 -15.99
N MET A 775 28.32 46.63 -15.61
CA MET A 775 27.09 47.03 -16.28
C MET A 775 27.33 47.52 -17.70
N ARG A 776 28.58 47.86 -18.05
CA ARG A 776 28.88 48.21 -19.42
C ARG A 776 28.78 47.00 -20.34
N PHE A 777 29.31 45.86 -19.90
CA PHE A 777 29.20 44.64 -20.69
C PHE A 777 27.89 43.91 -20.48
N ASN A 778 27.23 44.11 -19.33
CA ASN A 778 25.90 43.56 -19.15
C ASN A 778 24.93 44.12 -20.18
N VAL A 779 24.99 45.43 -20.42
CA VAL A 779 24.20 46.02 -21.50
C VAL A 779 24.77 45.61 -22.85
N LEU A 780 26.10 45.61 -22.98
CA LEU A 780 26.73 45.21 -24.23
C LEU A 780 26.44 43.74 -24.55
N ALA A 781 26.27 42.91 -23.53
CA ALA A 781 25.85 41.53 -23.76
C ALA A 781 24.47 41.49 -24.40
N PHE A 782 23.55 42.32 -23.91
CA PHE A 782 22.21 42.38 -24.49
C PHE A 782 22.26 42.85 -25.94
N LEU A 783 23.02 43.93 -26.20
CA LEU A 783 23.07 44.47 -27.55
C LEU A 783 23.78 43.52 -28.51
N HIS A 784 24.78 42.78 -28.03
CA HIS A 784 25.46 41.81 -28.88
C HIS A 784 24.54 40.64 -29.21
N ALA A 785 23.84 40.11 -28.21
CA ALA A 785 22.95 38.99 -28.44
C ALA A 785 21.85 39.34 -29.43
N VAL A 786 21.31 40.56 -29.33
CA VAL A 786 20.34 41.00 -30.31
C VAL A 786 20.97 41.12 -31.69
N LEU A 787 22.20 41.64 -31.77
CA LEU A 787 22.83 41.83 -33.07
C LEU A 787 23.08 40.50 -33.76
N VAL A 788 23.60 39.52 -33.03
CA VAL A 788 23.98 38.25 -33.64
C VAL A 788 22.76 37.50 -34.14
N GLU A 789 21.83 37.20 -33.23
CA GLU A 789 20.69 36.35 -33.59
C GLU A 789 19.77 37.03 -34.60
N GLU A 790 19.51 38.33 -34.42
CA GLU A 790 18.60 39.02 -35.31
C GLU A 790 19.21 39.20 -36.70
N SER A 791 20.52 39.02 -36.83
CA SER A 791 21.11 38.93 -38.17
C SER A 791 20.89 37.54 -38.76
N LEU A 792 21.05 36.49 -37.94
CA LEU A 792 20.92 35.12 -38.43
C LEU A 792 19.46 34.71 -38.61
N TYR A 793 18.58 35.06 -37.68
CA TYR A 793 17.27 34.42 -37.56
C TYR A 793 16.08 35.34 -37.78
N HIS A 794 16.27 36.65 -37.87
CA HIS A 794 15.15 37.53 -38.14
C HIS A 794 14.60 37.26 -39.53
N SER A 795 13.27 37.23 -39.64
CA SER A 795 12.62 36.86 -40.89
C SER A 795 12.51 38.01 -41.89
N VAL A 796 12.88 39.22 -41.51
CA VAL A 796 12.84 40.34 -42.46
C VAL A 796 13.92 40.18 -43.52
N SER A 797 15.12 39.77 -43.11
CA SER A 797 16.23 39.57 -44.02
C SER A 797 16.31 38.10 -44.41
N ASP A 798 16.49 37.84 -45.70
CA ASP A 798 16.63 36.46 -46.16
C ASP A 798 18.00 35.89 -45.88
N ARG A 799 19.04 36.71 -45.89
CA ARG A 799 20.41 36.27 -45.68
C ARG A 799 21.01 36.96 -44.47
N GLU A 800 21.95 36.27 -43.83
CA GLU A 800 22.65 36.80 -42.67
C GLU A 800 23.90 37.55 -43.09
N TYR A 801 24.49 38.29 -42.15
CA TYR A 801 25.67 39.10 -42.42
C TYR A 801 26.76 38.90 -41.38
N ILE A 802 26.61 37.95 -40.46
CA ILE A 802 27.66 37.69 -39.48
C ILE A 802 28.94 37.23 -40.18
N GLY A 803 28.80 36.32 -41.14
CA GLY A 803 29.93 35.83 -41.90
C GLY A 803 30.45 34.51 -41.38
N GLU A 804 31.37 33.93 -42.16
CA GLU A 804 31.98 32.65 -41.84
C GLU A 804 33.03 32.86 -40.75
N GLY A 805 32.55 32.95 -39.52
CA GLY A 805 33.43 33.13 -38.38
C GLY A 805 32.78 32.67 -37.10
N LEU A 806 33.60 32.25 -36.15
CA LEU A 806 33.10 31.80 -34.87
C LEU A 806 32.54 33.00 -34.11
N ARG A 807 31.40 32.79 -33.46
CA ARG A 807 30.68 33.87 -32.78
C ARG A 807 31.01 33.82 -31.28
N LEU A 808 31.80 34.77 -30.82
CA LEU A 808 32.13 34.91 -29.42
C LEU A 808 31.35 36.06 -28.81
N ASN A 809 31.04 35.93 -27.53
CA ASN A 809 30.31 37.02 -26.89
C ASN A 809 31.25 37.91 -26.10
N PRO A 810 31.02 39.23 -26.08
CA PRO A 810 31.97 40.15 -25.44
C PRO A 810 31.97 40.04 -23.93
N VAL A 811 33.07 39.52 -23.38
CA VAL A 811 33.26 39.40 -21.94
C VAL A 811 34.60 40.04 -21.59
N THR A 812 34.59 40.97 -20.64
CA THR A 812 35.77 41.70 -20.18
C THR A 812 36.39 42.56 -21.28
N SER A 813 35.78 42.58 -22.46
CA SER A 813 36.30 43.35 -23.58
C SER A 813 35.19 43.55 -24.60
N VAL A 814 35.37 44.56 -25.45
CA VAL A 814 34.41 44.89 -26.49
C VAL A 814 34.83 44.34 -27.86
N ASP A 815 36.00 43.69 -27.94
CA ASP A 815 36.55 43.31 -29.24
C ASP A 815 35.64 42.35 -29.99
N GLU A 816 35.08 41.37 -29.27
CA GLU A 816 34.20 40.40 -29.94
C GLU A 816 32.98 41.08 -30.54
N PHE A 817 32.35 41.98 -29.78
CA PHE A 817 31.23 42.76 -30.30
C PHE A 817 31.71 43.85 -31.25
N GLU A 818 33.00 44.19 -31.21
CA GLU A 818 33.55 45.18 -32.13
C GLU A 818 33.70 44.61 -33.53
N LYS A 819 34.18 43.37 -33.64
CA LYS A 819 34.46 42.79 -34.95
C LYS A 819 33.19 42.64 -35.78
N LYS A 820 32.10 42.22 -35.15
CA LYS A 820 30.88 41.90 -35.91
C LYS A 820 30.29 43.14 -36.57
N ILE A 821 30.28 44.28 -35.86
CA ILE A 821 29.71 45.49 -36.45
C ILE A 821 30.51 45.93 -37.67
N LYS A 822 31.84 45.73 -37.63
CA LYS A 822 32.65 46.03 -38.81
C LYS A 822 32.27 45.14 -39.99
N ILE A 823 32.09 43.85 -39.74
CA ILE A 823 31.76 42.92 -40.82
C ILE A 823 30.35 43.20 -41.34
N ILE A 824 29.39 43.35 -40.44
CA ILE A 824 28.02 43.63 -40.85
C ILE A 824 27.92 45.01 -41.47
N GLY A 825 28.71 45.97 -40.99
CA GLY A 825 28.61 47.32 -41.51
C GLY A 825 28.97 47.42 -42.99
N GLU A 826 30.08 46.79 -43.38
CA GLU A 826 30.49 46.85 -44.79
C GLU A 826 29.67 45.92 -45.67
N LYS A 827 29.25 44.77 -45.15
CA LYS A 827 28.43 43.85 -45.94
C LYS A 827 27.07 44.48 -46.26
N LEU A 828 26.50 45.20 -45.29
CA LEU A 828 25.28 45.97 -45.56
C LEU A 828 25.53 47.02 -46.63
N LYS A 829 26.68 47.70 -46.56
CA LYS A 829 27.03 48.68 -47.58
C LYS A 829 27.21 48.02 -48.94
N ALA A 830 27.82 46.83 -48.96
CA ALA A 830 28.05 46.13 -50.23
C ALA A 830 26.74 45.77 -50.91
N ASP A 831 25.74 45.33 -50.14
CA ASP A 831 24.45 44.96 -50.70
C ASP A 831 23.52 46.15 -50.91
N ASN A 832 23.97 47.36 -50.60
CA ASN A 832 23.16 48.58 -50.70
C ASN A 832 21.88 48.42 -49.87
N LYS A 833 22.06 47.93 -48.64
CA LYS A 833 20.98 47.76 -47.68
C LYS A 833 21.30 48.54 -46.42
N THR A 834 20.30 49.22 -45.87
CA THR A 834 20.51 50.02 -44.67
C THR A 834 20.42 49.14 -43.43
N TRP A 835 20.95 49.67 -42.33
CA TRP A 835 20.92 48.95 -41.06
C TRP A 835 19.48 48.73 -40.58
N LYS A 836 18.63 49.75 -40.70
CA LYS A 836 17.28 49.66 -40.17
C LYS A 836 16.38 48.78 -41.02
N ASN A 837 16.65 48.68 -42.32
CA ASN A 837 15.79 47.88 -43.19
C ASN A 837 16.02 46.38 -42.99
N THR A 838 17.26 45.98 -42.70
CA THR A 838 17.57 44.57 -42.49
C THR A 838 17.70 44.20 -41.03
N HIS A 839 18.05 45.15 -40.17
CA HIS A 839 18.18 44.90 -38.72
C HIS A 839 17.34 45.92 -37.96
N PRO A 840 16.02 45.89 -38.13
CA PRO A 840 15.18 46.88 -37.44
C PRO A 840 15.15 46.68 -35.93
N LEU A 841 15.54 45.51 -35.43
CA LEU A 841 15.44 45.23 -34.00
C LEU A 841 16.69 45.68 -33.26
N PHE A 842 17.87 45.38 -33.81
CA PHE A 842 19.11 45.84 -33.19
C PHE A 842 19.30 47.34 -33.35
N PHE A 843 18.83 47.90 -34.47
CA PHE A 843 18.96 49.33 -34.69
C PHE A 843 18.18 50.13 -33.66
N LEU A 844 16.98 49.67 -33.31
CA LEU A 844 16.16 50.37 -32.33
C LEU A 844 16.71 50.23 -30.91
N LEU A 845 17.59 49.26 -30.67
CA LEU A 845 18.16 49.08 -29.35
C LEU A 845 19.49 49.80 -29.18
N ILE A 846 20.28 49.92 -30.25
CA ILE A 846 21.50 50.71 -30.19
C ILE A 846 21.22 52.20 -30.27
N SER A 847 20.04 52.59 -30.76
CA SER A 847 19.65 53.98 -30.84
C SER A 847 18.86 54.44 -29.62
N CYS A 848 18.60 53.56 -28.67
CA CYS A 848 17.80 53.91 -27.50
C CYS A 848 18.57 54.85 -26.59
N PRO A 849 18.03 56.02 -26.26
CA PRO A 849 18.76 56.94 -25.37
C PRO A 849 19.05 56.37 -24.00
N ILE A 850 18.16 55.52 -23.46
CA ILE A 850 18.35 54.99 -22.11
C ILE A 850 19.62 54.13 -22.04
N LEU A 851 19.82 53.28 -23.05
CA LEU A 851 20.99 52.39 -23.03
C LEU A 851 22.30 53.13 -23.31
N HIS A 852 22.23 54.34 -23.86
CA HIS A 852 23.44 55.03 -24.29
C HIS A 852 24.41 55.33 -23.14
N PRO A 853 23.99 55.87 -22.00
CA PRO A 853 24.95 56.11 -20.92
C PRO A 853 25.63 54.85 -20.39
N PHE A 854 25.01 53.69 -20.55
CA PHE A 854 25.63 52.45 -20.11
C PHE A 854 26.62 51.88 -21.13
N ILE A 855 26.54 52.33 -22.37
CA ILE A 855 27.47 51.85 -23.39
C ILE A 855 28.88 52.35 -23.11
N PHE A 856 29.01 53.64 -22.78
CA PHE A 856 30.32 54.27 -22.55
C PHE A 856 30.29 54.99 -21.21
N PRO A 857 30.51 54.29 -20.11
CA PRO A 857 30.67 54.94 -18.81
C PRO A 857 32.05 55.59 -18.71
N VAL A 858 32.35 56.13 -17.53
CA VAL A 858 33.65 56.78 -17.35
C VAL A 858 34.67 55.80 -16.76
N GLY A 859 34.20 54.76 -16.09
CA GLY A 859 35.11 53.81 -15.47
C GLY A 859 34.93 52.38 -15.98
N GLY A 860 34.57 52.26 -17.25
CA GLY A 860 34.36 50.95 -17.84
C GLY A 860 34.95 50.84 -19.24
N ILE A 861 35.75 51.83 -19.63
CA ILE A 861 36.39 51.85 -20.94
C ILE A 861 37.82 51.33 -20.77
N ASN A 862 38.13 50.24 -21.48
CA ASN A 862 39.46 49.65 -21.42
C ASN A 862 40.44 50.52 -22.19
N CYS A 863 41.11 51.44 -21.50
CA CYS A 863 41.95 52.45 -22.14
C CYS A 863 43.38 51.97 -22.36
N SER A 864 43.60 50.66 -22.46
CA SER A 864 44.91 50.14 -22.78
C SER A 864 45.30 50.56 -24.20
N VAL A 865 46.60 50.45 -24.50
CA VAL A 865 47.12 50.93 -25.78
C VAL A 865 46.46 50.18 -26.93
N LYS A 866 46.39 48.85 -26.83
CA LYS A 866 45.75 48.07 -27.87
C LYS A 866 44.22 48.13 -27.78
N ALA A 867 43.69 48.20 -26.56
CA ALA A 867 42.24 48.16 -26.39
C ALA A 867 41.59 49.47 -26.80
N LEU A 868 42.24 50.60 -26.57
CA LEU A 868 41.65 51.89 -26.91
C LEU A 868 41.47 52.05 -28.41
N ASN A 869 42.29 51.36 -29.20
CA ASN A 869 42.14 51.44 -30.66
C ASN A 869 40.80 50.88 -31.11
N LYS A 870 40.39 49.75 -30.53
CA LYS A 870 39.13 49.13 -30.94
C LYS A 870 37.93 49.92 -30.41
N GLU A 871 37.99 50.38 -29.16
CA GLU A 871 36.87 51.12 -28.60
C GLU A 871 36.65 52.44 -29.36
N THR A 872 37.73 53.10 -29.77
CA THR A 872 37.59 54.31 -30.57
C THR A 872 36.83 54.01 -31.86
N SER A 873 37.21 52.93 -32.55
CA SER A 873 36.43 52.49 -33.70
C SER A 873 35.03 52.07 -33.29
N PHE A 874 34.90 51.43 -32.12
CA PHE A 874 33.59 51.01 -31.64
C PHE A 874 32.67 52.21 -31.44
N ASN A 875 33.24 53.36 -31.06
CA ASN A 875 32.44 54.57 -30.96
C ASN A 875 31.93 55.01 -32.33
N LYS A 876 32.82 55.04 -33.32
CA LYS A 876 32.47 55.60 -34.62
C LYS A 876 31.37 54.80 -35.29
N LEU A 877 31.41 53.47 -35.17
CA LEU A 877 30.37 52.64 -35.79
C LEU A 877 29.00 52.93 -35.21
N ILE A 878 28.91 53.13 -33.89
CA ILE A 878 27.62 53.34 -33.24
C ILE A 878 26.97 54.62 -33.75
N ASP A 879 27.73 55.72 -33.85
CA ASP A 879 27.15 56.97 -34.30
C ASP A 879 26.63 56.85 -35.73
N GLU A 880 27.33 56.11 -36.58
CA GLU A 880 26.87 55.92 -37.95
C GLU A 880 25.55 55.15 -37.98
N ILE A 881 25.42 54.13 -37.14
CA ILE A 881 24.17 53.35 -37.10
C ILE A 881 23.04 54.20 -36.55
N VAL A 882 23.29 54.89 -35.42
CA VAL A 882 22.24 55.68 -34.79
C VAL A 882 21.83 56.84 -35.69
N GLY A 883 22.81 57.49 -36.33
CA GLY A 883 22.56 58.64 -37.17
C GLY A 883 22.93 59.97 -36.54
N ASP A 884 23.12 60.00 -35.22
CA ASP A 884 23.58 61.18 -34.52
C ASP A 884 24.79 60.81 -33.67
N LYS A 885 25.80 61.67 -33.69
CA LYS A 885 27.02 61.41 -32.92
C LYS A 885 26.69 61.40 -31.43
N LEU A 886 26.88 60.24 -30.80
CA LEU A 886 26.53 60.09 -29.40
C LEU A 886 27.36 60.99 -28.50
N LEU A 887 28.69 60.91 -28.64
CA LEU A 887 29.61 61.61 -27.76
C LEU A 887 30.36 62.69 -28.52
N SER A 888 30.46 63.87 -27.91
CA SER A 888 31.27 64.94 -28.47
C SER A 888 32.75 64.59 -28.34
N ASP A 889 33.58 65.31 -29.11
CA ASP A 889 35.00 65.02 -29.14
C ASP A 889 35.63 65.15 -27.76
N GLU A 890 35.33 66.26 -27.07
CA GLU A 890 35.90 66.45 -25.73
C GLU A 890 35.36 65.41 -24.75
N GLU A 891 34.08 65.05 -24.88
CA GLU A 891 33.51 64.06 -23.97
C GLU A 891 34.23 62.73 -24.08
N TRP A 892 34.58 62.31 -25.29
CA TRP A 892 35.38 61.10 -25.46
C TRP A 892 36.80 61.30 -24.95
N ASP A 893 37.36 62.49 -25.11
CA ASP A 893 38.73 62.75 -24.68
C ASP A 893 38.88 62.61 -23.17
N TYR A 894 37.90 63.11 -22.42
CA TYR A 894 37.95 63.00 -20.96
C TYR A 894 37.87 61.54 -20.52
N LEU A 895 37.14 60.71 -21.25
CA LEU A 895 36.96 59.32 -20.87
C LEU A 895 38.26 58.54 -20.91
N THR A 896 39.09 58.78 -21.93
CA THR A 896 40.25 57.94 -22.17
C THR A 896 41.49 58.42 -21.43
N LYS A 897 41.93 59.64 -21.70
CA LYS A 897 43.15 60.16 -21.09
C LYS A 897 42.83 60.93 -19.82
N ASN A 898 43.54 60.61 -18.74
CA ASN A 898 43.36 61.29 -17.46
C ASN A 898 43.90 62.71 -17.51
N GLN A 907 36.93 71.09 -15.07
CA GLN A 907 37.02 69.78 -15.71
C GLN A 907 35.92 69.61 -16.75
N GLN A 908 35.21 68.49 -16.68
CA GLN A 908 34.16 68.18 -17.63
C GLN A 908 32.95 67.61 -16.89
N ILE A 909 31.77 68.13 -17.23
CA ILE A 909 30.50 67.60 -16.72
C ILE A 909 29.80 66.88 -17.86
N PHE A 910 28.93 65.94 -17.50
CA PHE A 910 28.31 65.05 -18.46
C PHE A 910 26.80 65.06 -18.31
N GLN A 911 26.12 64.71 -19.40
CA GLN A 911 24.67 64.53 -19.38
C GLN A 911 24.22 63.31 -20.17
N ASN A 912 25.15 62.52 -20.72
CA ASN A 912 24.78 61.32 -21.47
C ASN A 912 25.67 60.13 -21.14
N THR A 913 26.33 60.14 -19.98
CA THR A 913 27.12 59.00 -19.54
C THR A 913 27.14 58.98 -18.02
N ILE A 914 27.41 57.80 -17.48
CA ILE A 914 27.35 57.57 -16.04
C ILE A 914 28.74 57.78 -15.45
N THR A 915 28.84 58.66 -14.45
CA THR A 915 30.12 59.07 -13.90
C THR A 915 30.47 58.39 -12.59
N SER A 916 29.57 58.43 -11.61
CA SER A 916 29.90 57.97 -10.26
C SER A 916 29.67 56.48 -10.05
N LEU A 917 29.21 55.76 -11.07
CA LEU A 917 28.96 54.33 -10.89
C LEU A 917 30.25 53.54 -10.74
N ASN A 918 31.33 54.00 -11.35
CA ASN A 918 32.61 53.29 -11.22
C ASN A 918 33.10 53.30 -9.79
N SER A 919 32.88 54.41 -9.08
CA SER A 919 33.28 54.52 -7.68
C SER A 919 32.27 53.91 -6.72
N SER A 920 31.15 53.39 -7.22
CA SER A 920 30.19 52.73 -6.35
C SER A 920 30.80 51.45 -5.77
N THR A 921 30.39 51.15 -4.53
CA THR A 921 30.96 50.03 -3.78
C THR A 921 30.02 48.84 -3.86
N ILE A 922 30.57 47.69 -4.26
CA ILE A 922 29.80 46.47 -4.42
C ILE A 922 29.59 45.83 -3.05
N VAL A 923 28.36 45.42 -2.77
CA VAL A 923 28.06 44.77 -1.50
C VAL A 923 28.82 43.44 -1.42
N GLY A 924 29.45 43.22 -0.27
CA GLY A 924 30.19 41.98 -0.04
C GLY A 924 31.57 41.93 -0.66
N ALA A 925 32.00 43.00 -1.32
CA ALA A 925 33.31 43.03 -1.97
C ALA A 925 34.28 43.81 -1.08
N SER A 926 35.40 43.17 -0.75
CA SER A 926 36.46 43.79 0.03
C SER A 926 37.61 44.19 -0.89
N TYR A 927 37.98 45.47 -0.86
CA TYR A 927 39.05 45.99 -1.69
C TYR A 927 40.33 46.00 -0.86
N ASP A 928 41.09 44.92 -0.96
CA ASP A 928 42.38 44.81 -0.29
C ASP A 928 43.53 44.50 -1.23
N LYS A 929 43.29 43.69 -2.26
CA LYS A 929 44.32 43.37 -3.24
C LYS A 929 44.41 44.45 -4.31
N ASP A 930 45.57 44.52 -4.95
CA ASP A 930 45.84 45.46 -6.02
C ASP A 930 45.96 44.72 -7.34
N THR A 931 45.90 45.47 -8.43
CA THR A 931 46.00 44.87 -9.75
C THR A 931 47.37 44.20 -9.90
N PRO A 932 47.43 42.93 -10.26
CA PRO A 932 48.71 42.24 -10.35
C PRO A 932 49.59 42.82 -11.45
N ALA A 933 50.90 42.76 -11.23
CA ALA A 933 51.86 43.27 -12.19
C ALA A 933 52.56 42.14 -12.94
N LYS B 13 14.02 -34.10 -48.30
CA LYS B 13 13.75 -33.72 -49.69
C LYS B 13 12.61 -32.70 -49.77
N ILE B 14 12.08 -32.33 -48.61
CA ILE B 14 10.96 -31.39 -48.56
C ILE B 14 11.42 -30.05 -49.12
N ILE B 15 10.63 -29.49 -50.03
CA ILE B 15 10.91 -28.20 -50.64
C ILE B 15 9.68 -27.32 -50.49
N ILE B 16 9.87 -26.11 -49.97
CA ILE B 16 8.79 -25.17 -49.69
C ILE B 16 8.94 -23.98 -50.62
N ASN B 17 7.86 -23.65 -51.33
CA ASN B 17 7.81 -22.47 -52.18
C ASN B 17 7.37 -21.28 -51.35
N LEU B 18 8.26 -20.30 -51.17
CA LEU B 18 7.93 -19.13 -50.38
C LEU B 18 6.82 -18.30 -51.00
N PHE B 19 6.63 -18.40 -52.32
CA PHE B 19 5.53 -17.72 -52.99
C PHE B 19 4.21 -18.48 -52.91
N ALA B 20 4.24 -19.71 -52.41
CA ALA B 20 3.01 -20.42 -52.10
C ALA B 20 2.35 -19.77 -50.89
N PRO B 21 1.01 -19.90 -50.77
CA PRO B 21 0.32 -19.23 -49.66
C PRO B 21 0.81 -19.63 -48.28
N ASN B 22 1.31 -20.86 -48.13
CA ASN B 22 1.74 -21.39 -46.84
C ASN B 22 0.61 -21.23 -45.80
N LEU B 23 -0.47 -21.94 -46.07
CA LEU B 23 -1.68 -21.92 -45.25
C LEU B 23 -2.02 -23.34 -44.84
N PRO B 24 -2.78 -23.51 -43.75
CA PRO B 24 -3.09 -24.87 -43.29
C PRO B 24 -3.81 -25.72 -44.32
N GLY B 25 -4.66 -25.12 -45.16
CA GLY B 25 -5.38 -25.86 -46.18
C GLY B 25 -4.70 -25.93 -47.53
N SER B 26 -3.45 -25.49 -47.64
CA SER B 26 -2.74 -25.46 -48.91
C SER B 26 -1.52 -26.38 -48.91
N THR B 27 -1.46 -27.34 -47.99
CA THR B 27 -0.31 -28.24 -47.87
C THR B 27 -0.68 -29.62 -48.39
N LYS B 28 0.17 -30.14 -49.28
CA LYS B 28 0.00 -31.48 -49.83
C LYS B 28 1.30 -32.25 -49.66
N GLU B 29 1.42 -33.40 -50.35
CA GLU B 29 2.68 -34.12 -50.35
C GLU B 29 3.80 -33.26 -50.90
N ASP B 30 5.03 -33.61 -50.52
CA ASP B 30 6.28 -32.97 -50.93
C ASP B 30 6.44 -31.56 -50.38
N ASP B 31 5.48 -31.05 -49.59
CA ASP B 31 5.67 -29.78 -48.91
C ASP B 31 5.16 -29.83 -47.48
N LEU B 32 4.98 -31.01 -46.91
CA LEU B 32 4.64 -31.17 -45.50
C LEU B 32 5.94 -31.32 -44.72
N ILE B 33 6.19 -30.41 -43.78
CA ILE B 33 7.48 -30.37 -43.10
C ILE B 33 7.69 -31.65 -42.29
N GLN B 34 6.68 -32.07 -41.55
CA GLN B 34 6.77 -33.26 -40.70
C GLN B 34 6.10 -34.42 -41.42
N LYS B 35 6.88 -35.16 -42.22
CA LYS B 35 6.41 -36.42 -42.76
C LYS B 35 6.77 -37.60 -41.88
N SER B 36 7.84 -37.49 -41.09
CA SER B 36 8.20 -38.55 -40.16
C SER B 36 7.21 -38.63 -39.00
N LEU B 37 6.89 -37.48 -38.42
CA LEU B 37 5.93 -37.46 -37.31
C LEU B 37 4.55 -37.91 -37.76
N ARG B 38 4.13 -37.48 -38.95
CA ARG B 38 2.83 -37.89 -39.46
C ARG B 38 2.76 -39.40 -39.68
N ASP B 39 3.85 -39.98 -40.21
CA ASP B 39 3.84 -41.41 -40.52
C ASP B 39 3.76 -42.26 -39.26
N GLN B 40 4.49 -41.88 -38.21
CA GLN B 40 4.50 -42.68 -37.00
C GLN B 40 3.23 -42.48 -36.17
N LEU B 41 2.63 -41.28 -36.22
CA LEU B 41 1.37 -41.07 -35.51
C LEU B 41 0.25 -41.90 -36.12
N VAL B 42 0.22 -42.01 -37.45
CA VAL B 42 -0.78 -42.85 -38.10
C VAL B 42 -0.59 -44.30 -37.70
N GLU B 43 0.66 -44.76 -37.65
CA GLU B 43 0.93 -46.13 -37.22
C GLU B 43 0.52 -46.34 -35.76
N SER B 44 0.82 -45.36 -34.90
CA SER B 44 0.43 -45.45 -33.50
C SER B 44 -1.08 -45.48 -33.35
N ILE B 45 -1.80 -44.69 -34.16
CA ILE B 45 -3.26 -44.74 -34.16
C ILE B 45 -3.73 -46.11 -34.62
N ARG B 46 -3.10 -46.65 -35.68
CA ARG B 46 -3.46 -47.98 -36.16
C ARG B 46 -3.08 -49.06 -35.16
N ASN B 47 -1.92 -48.90 -34.51
CA ASN B 47 -1.46 -49.92 -33.56
C ASN B 47 -2.39 -50.04 -32.36
N SER B 48 -2.87 -48.90 -31.85
CA SER B 48 -3.68 -48.92 -30.64
C SER B 48 -5.04 -49.57 -30.85
N ILE B 49 -5.48 -49.70 -32.10
CA ILE B 49 -6.78 -50.29 -32.41
C ILE B 49 -6.64 -51.73 -32.89
N ALA B 50 -5.61 -52.01 -33.69
CA ALA B 50 -5.40 -53.36 -34.21
C ALA B 50 -5.12 -54.36 -33.11
N TYR B 51 -4.74 -53.91 -31.92
CA TYR B 51 -4.50 -54.81 -30.79
C TYR B 51 -5.79 -55.43 -30.29
N GLY B 68 -11.17 -46.94 -22.11
CA GLY B 68 -9.83 -46.92 -22.64
C GLY B 68 -9.34 -45.53 -23.00
N ARG B 69 -8.21 -45.13 -22.42
CA ARG B 69 -7.65 -43.81 -22.68
C ARG B 69 -6.83 -43.86 -23.97
N ASN B 70 -7.55 -43.94 -25.08
CA ASN B 70 -6.94 -43.94 -26.41
C ASN B 70 -6.95 -42.53 -27.00
N VAL B 71 -6.30 -41.61 -26.29
CA VAL B 71 -6.28 -40.20 -26.65
C VAL B 71 -4.85 -39.81 -26.98
N PHE B 72 -4.65 -39.26 -28.17
CA PHE B 72 -3.34 -38.77 -28.60
C PHE B 72 -3.31 -37.26 -28.52
N PHE B 73 -2.11 -36.72 -28.25
CA PHE B 73 -1.90 -35.28 -28.17
C PHE B 73 -0.73 -34.89 -29.06
N VAL B 74 -0.92 -33.88 -29.89
CA VAL B 74 0.14 -33.37 -30.75
C VAL B 74 0.54 -31.98 -30.26
N ASP B 75 1.58 -31.92 -29.44
CA ASP B 75 2.02 -30.65 -28.87
C ASP B 75 2.60 -29.76 -29.96
N GLY B 76 2.32 -28.46 -29.85
CA GLY B 76 2.86 -27.47 -30.78
C GLY B 76 3.21 -26.18 -30.09
N THR B 77 4.34 -25.59 -30.47
CA THR B 77 4.86 -24.41 -29.77
C THR B 77 4.25 -23.13 -30.35
N ARG B 78 2.91 -23.07 -30.25
CA ARG B 78 2.15 -21.86 -30.57
C ARG B 78 2.43 -21.38 -32.00
N GLY B 79 2.02 -22.21 -32.96
CA GLY B 79 2.19 -21.86 -34.35
C GLY B 79 3.20 -22.75 -35.05
N ALA B 80 3.31 -23.99 -34.59
CA ALA B 80 4.25 -24.94 -35.16
C ALA B 80 3.67 -25.69 -36.35
N GLY B 81 2.40 -25.50 -36.67
CA GLY B 81 1.79 -26.19 -37.78
C GLY B 81 0.90 -27.32 -37.32
N LYS B 82 0.28 -27.16 -36.15
CA LYS B 82 -0.54 -28.22 -35.59
C LYS B 82 -1.76 -28.51 -36.47
N THR B 83 -2.44 -27.44 -36.92
CA THR B 83 -3.61 -27.63 -37.78
C THR B 83 -3.22 -28.27 -39.10
N THR B 84 -2.11 -27.82 -39.69
CA THR B 84 -1.61 -28.43 -40.92
C THR B 84 -1.25 -29.89 -40.69
N PHE B 85 -0.59 -30.18 -39.57
CA PHE B 85 -0.16 -31.55 -39.28
C PHE B 85 -1.37 -32.47 -39.06
N ILE B 86 -2.32 -32.04 -38.24
CA ILE B 86 -3.44 -32.91 -37.89
C ILE B 86 -4.37 -33.10 -39.07
N ASN B 87 -4.42 -32.12 -39.99
CA ASN B 87 -5.22 -32.29 -41.19
C ASN B 87 -4.64 -33.37 -42.09
N SER B 88 -3.31 -33.43 -42.21
CA SER B 88 -2.68 -34.45 -43.03
C SER B 88 -2.83 -35.85 -42.43
N VAL B 89 -2.93 -35.93 -41.10
CA VAL B 89 -3.13 -37.22 -40.45
C VAL B 89 -4.47 -37.82 -40.86
N VAL B 90 -5.51 -36.99 -40.93
CA VAL B 90 -6.83 -37.46 -41.32
C VAL B 90 -6.81 -37.97 -42.76
N LYS B 91 -6.07 -37.28 -43.64
CA LYS B 91 -5.99 -37.71 -45.03
C LYS B 91 -5.34 -39.08 -45.15
N SER B 92 -4.28 -39.33 -44.38
CA SER B 92 -3.60 -40.62 -44.46
C SER B 92 -4.51 -41.76 -44.02
N LEU B 93 -5.29 -41.54 -42.96
CA LEU B 93 -6.19 -42.58 -42.45
C LEU B 93 -7.47 -42.70 -43.23
N ASN B 94 -7.75 -41.77 -44.17
CA ASN B 94 -8.95 -41.82 -44.99
C ASN B 94 -8.63 -42.07 -46.46
N SER B 95 -7.42 -42.54 -46.76
CA SER B 95 -7.01 -42.81 -48.13
C SER B 95 -6.79 -44.31 -48.29
N ASP B 96 -7.48 -44.90 -49.26
CA ASP B 96 -7.37 -46.32 -49.59
C ASP B 96 -7.59 -47.18 -48.34
N GLN B 97 -8.80 -47.07 -47.79
CA GLN B 97 -9.14 -47.75 -46.54
C GLN B 97 -9.30 -49.25 -46.69
N ASP B 98 -9.06 -49.82 -47.86
CA ASP B 98 -9.26 -51.25 -48.09
C ASP B 98 -7.96 -52.05 -48.09
N ASP B 99 -6.81 -51.39 -48.13
CA ASP B 99 -5.53 -52.12 -48.18
C ASP B 99 -5.05 -52.57 -46.82
N VAL B 100 -5.65 -52.07 -45.74
CA VAL B 100 -5.25 -52.41 -44.38
C VAL B 100 -6.44 -53.07 -43.68
N LYS B 101 -6.16 -54.10 -42.88
CA LYS B 101 -7.22 -54.83 -42.21
C LYS B 101 -7.99 -53.93 -41.24
N VAL B 102 -7.28 -53.12 -40.46
CA VAL B 102 -7.93 -52.25 -39.48
C VAL B 102 -8.53 -51.05 -40.19
N ASN B 103 -9.81 -50.79 -39.94
CA ASN B 103 -10.53 -49.70 -40.55
C ASN B 103 -10.84 -48.64 -39.50
N ILE B 104 -10.45 -47.40 -39.79
CA ILE B 104 -10.70 -46.27 -38.91
C ILE B 104 -11.36 -45.17 -39.73
N LYS B 105 -12.59 -44.81 -39.37
CA LYS B 105 -13.32 -43.75 -40.04
C LYS B 105 -13.16 -42.45 -39.26
N CYS B 106 -12.81 -41.38 -39.96
CA CYS B 106 -12.43 -40.11 -39.35
C CYS B 106 -13.53 -39.09 -39.54
N LEU B 107 -14.04 -38.54 -38.45
CA LEU B 107 -14.91 -37.38 -38.53
C LEU B 107 -14.12 -36.19 -39.07
N PRO B 108 -14.80 -35.25 -39.74
CA PRO B 108 -14.13 -34.00 -40.10
C PRO B 108 -13.60 -33.30 -38.85
N THR B 109 -12.44 -32.68 -38.98
CA THR B 109 -11.78 -32.05 -37.84
C THR B 109 -12.71 -31.04 -37.17
N ILE B 110 -12.82 -31.13 -35.85
CA ILE B 110 -13.66 -30.26 -35.07
C ILE B 110 -12.79 -29.14 -34.51
N ASP B 111 -13.14 -27.89 -34.84
CA ASP B 111 -12.41 -26.75 -34.30
C ASP B 111 -13.18 -26.20 -33.11
N PRO B 112 -12.67 -26.34 -31.89
CA PRO B 112 -13.45 -25.92 -30.72
C PRO B 112 -13.80 -24.43 -30.72
N THR B 113 -12.99 -23.59 -31.36
CA THR B 113 -13.20 -22.15 -31.33
C THR B 113 -14.15 -21.66 -32.43
N LYS B 114 -14.54 -22.52 -33.36
CA LYS B 114 -15.42 -22.12 -34.45
C LYS B 114 -16.86 -22.60 -34.25
N LEU B 115 -17.11 -23.45 -33.27
CA LEU B 115 -18.45 -23.88 -32.96
C LEU B 115 -19.18 -22.81 -32.17
N PRO B 116 -20.52 -22.89 -32.10
CA PRO B 116 -21.27 -21.95 -31.26
C PRO B 116 -20.81 -22.05 -29.81
N ARG B 117 -20.91 -20.92 -29.10
CA ARG B 117 -20.30 -20.81 -27.77
C ARG B 117 -20.87 -21.83 -26.80
N HIS B 118 -22.20 -22.02 -26.81
CA HIS B 118 -22.87 -22.87 -25.84
C HIS B 118 -23.26 -24.22 -26.41
N GLU B 119 -22.83 -24.55 -27.62
CA GLU B 119 -23.12 -25.87 -28.18
C GLU B 119 -22.14 -26.89 -27.62
N PRO B 120 -22.60 -27.97 -26.99
CA PRO B 120 -21.68 -28.95 -26.42
C PRO B 120 -20.91 -29.69 -27.49
N ILE B 121 -19.72 -30.18 -27.11
CA ILE B 121 -18.91 -30.97 -28.02
C ILE B 121 -19.63 -32.27 -28.37
N LEU B 122 -20.28 -32.89 -27.38
CA LEU B 122 -20.99 -34.14 -27.64
C LEU B 122 -22.07 -33.97 -28.70
N VAL B 123 -22.67 -32.79 -28.79
CA VAL B 123 -23.67 -32.54 -29.83
C VAL B 123 -22.99 -32.46 -31.19
N THR B 124 -21.85 -31.77 -31.28
CA THR B 124 -21.17 -31.63 -32.56
C THR B 124 -20.66 -32.98 -33.07
N VAL B 125 -20.10 -33.80 -32.17
CA VAL B 125 -19.62 -35.11 -32.58
C VAL B 125 -20.76 -35.98 -33.08
N THR B 126 -21.89 -35.97 -32.36
CA THR B 126 -23.04 -36.77 -32.77
C THR B 126 -23.63 -36.24 -34.07
N ALA B 127 -23.62 -34.91 -34.26
CA ALA B 127 -24.12 -34.34 -35.50
C ALA B 127 -23.22 -34.64 -36.69
N ARG B 128 -21.99 -35.08 -36.45
CA ARG B 128 -21.10 -35.52 -37.52
C ARG B 128 -21.08 -37.03 -37.70
N LEU B 129 -21.30 -37.79 -36.63
CA LEU B 129 -21.49 -39.23 -36.78
C LEU B 129 -22.80 -39.54 -37.49
N ASN B 130 -23.83 -38.75 -37.23
CA ASN B 130 -25.11 -38.95 -37.90
C ASN B 130 -24.97 -38.77 -39.41
N LYS B 131 -24.17 -37.80 -39.84
CA LYS B 131 -23.96 -37.56 -41.26
C LYS B 131 -23.28 -38.74 -41.92
N MET B 132 -22.20 -39.24 -41.31
CA MET B 132 -21.47 -40.36 -41.89
C MET B 132 -22.32 -41.62 -41.91
N VAL B 133 -23.09 -41.85 -40.84
CA VAL B 133 -23.97 -43.02 -40.80
C VAL B 133 -25.07 -42.90 -41.84
N SER B 134 -25.69 -41.72 -41.95
CA SER B 134 -26.74 -41.52 -42.95
C SER B 134 -26.18 -41.67 -44.35
N ASP B 135 -24.97 -41.13 -44.60
CA ASP B 135 -24.36 -41.28 -45.92
C ASP B 135 -24.09 -42.74 -46.25
N LYS B 136 -23.61 -43.50 -45.26
CA LYS B 136 -23.38 -44.94 -45.47
C LYS B 136 -24.69 -45.67 -45.71
N LEU B 137 -25.75 -45.29 -44.98
CA LEU B 137 -27.05 -45.93 -45.16
C LEU B 137 -27.59 -45.68 -46.56
N LYS B 138 -27.41 -44.47 -47.09
CA LYS B 138 -27.87 -44.16 -48.43
C LYS B 138 -27.20 -45.03 -49.50
N GLY B 139 -26.04 -45.60 -49.18
CA GLY B 139 -25.35 -46.50 -50.08
C GLY B 139 -25.81 -47.94 -49.99
N TYR B 140 -26.85 -48.23 -49.20
CA TYR B 140 -27.40 -49.56 -49.06
C TYR B 140 -28.58 -49.71 -50.01
N TRP B 141 -28.49 -50.63 -50.96
CA TRP B 141 -29.59 -50.92 -51.86
C TRP B 141 -30.42 -52.12 -51.42
N ALA B 142 -29.87 -53.00 -50.59
CA ALA B 142 -30.63 -54.07 -49.98
C ALA B 142 -31.37 -53.52 -48.76
N SER B 143 -32.69 -53.59 -48.79
CA SER B 143 -33.51 -52.99 -47.75
C SER B 143 -33.63 -53.85 -46.50
N ASN B 144 -33.06 -55.06 -46.51
CA ASN B 144 -33.09 -55.89 -45.31
C ASN B 144 -32.32 -55.24 -44.17
N ASP B 145 -31.01 -55.02 -44.37
CA ASP B 145 -30.20 -54.36 -43.36
C ASP B 145 -30.40 -52.86 -43.34
N TYR B 146 -30.97 -52.28 -44.40
CA TYR B 146 -31.22 -50.84 -44.43
C TYR B 146 -32.24 -50.44 -43.37
N ARG B 147 -33.38 -51.13 -43.35
CA ARG B 147 -34.52 -50.65 -42.55
C ARG B 147 -34.30 -50.85 -41.06
N LYS B 148 -33.74 -51.98 -40.65
CA LYS B 148 -33.59 -52.22 -39.21
C LYS B 148 -32.45 -51.39 -38.63
N GLN B 149 -31.38 -51.20 -39.40
CA GLN B 149 -30.26 -50.39 -38.91
C GLN B 149 -30.63 -48.92 -38.87
N LYS B 150 -31.38 -48.45 -39.86
CA LYS B 150 -31.84 -47.06 -39.84
C LYS B 150 -32.76 -46.80 -38.65
N GLU B 151 -33.66 -47.75 -38.36
CA GLU B 151 -34.49 -47.63 -37.17
C GLU B 151 -33.66 -47.73 -35.89
N GLN B 152 -32.70 -48.65 -35.87
CA GLN B 152 -31.83 -48.77 -34.70
C GLN B 152 -30.96 -47.54 -34.51
N TRP B 153 -30.53 -46.91 -35.60
CA TRP B 153 -29.73 -45.71 -35.47
C TRP B 153 -30.52 -44.57 -34.85
N GLN B 154 -31.73 -44.31 -35.38
CA GLN B 154 -32.57 -43.27 -34.82
C GLN B 154 -33.09 -43.62 -33.44
N ASN B 155 -33.18 -44.92 -33.11
CA ASN B 155 -33.58 -45.30 -31.76
C ASN B 155 -32.56 -44.84 -30.73
N HIS B 156 -31.27 -44.97 -31.05
CA HIS B 156 -30.24 -44.44 -30.16
C HIS B 156 -30.15 -42.93 -30.25
N LEU B 157 -30.33 -42.37 -31.45
CA LEU B 157 -30.28 -40.92 -31.62
C LEU B 157 -31.40 -40.23 -30.84
N ALA B 158 -32.61 -40.79 -30.89
CA ALA B 158 -33.72 -40.20 -30.15
C ALA B 158 -33.53 -40.35 -28.66
N GLN B 159 -32.79 -41.37 -28.22
CA GLN B 159 -32.50 -41.53 -26.80
C GLN B 159 -31.44 -40.55 -26.33
N LEU B 160 -30.46 -40.24 -27.17
CA LEU B 160 -29.45 -39.25 -26.79
C LEU B 160 -30.07 -37.86 -26.63
N GLN B 161 -31.03 -37.52 -27.50
CA GLN B 161 -31.68 -36.21 -27.41
C GLN B 161 -32.46 -36.08 -26.11
N ARG B 162 -33.00 -37.18 -25.61
CA ARG B 162 -33.73 -37.13 -24.34
C ARG B 162 -32.81 -36.73 -23.19
N GLY B 163 -31.60 -37.27 -23.17
CA GLY B 163 -30.64 -37.01 -22.11
C GLY B 163 -29.72 -35.83 -22.34
N LEU B 164 -29.94 -35.05 -23.40
CA LEU B 164 -29.05 -33.93 -23.69
C LEU B 164 -29.26 -32.75 -22.74
N HIS B 165 -30.41 -32.68 -22.07
CA HIS B 165 -30.66 -31.55 -21.17
C HIS B 165 -29.67 -31.54 -20.01
N LEU B 166 -29.10 -32.70 -19.66
CA LEU B 166 -28.10 -32.75 -18.60
C LEU B 166 -26.88 -31.90 -18.93
N LEU B 167 -26.49 -31.89 -20.21
CA LEU B 167 -25.35 -31.06 -20.62
C LEU B 167 -25.64 -29.58 -20.42
N THR B 168 -26.86 -29.15 -20.76
CA THR B 168 -27.24 -27.74 -20.72
C THR B 168 -28.43 -27.57 -19.78
N ASP B 169 -28.15 -27.39 -18.50
CA ASP B 169 -29.17 -27.07 -17.52
C ASP B 169 -28.54 -26.22 -16.42
N LYS B 170 -29.19 -25.10 -16.09
CA LYS B 170 -28.71 -24.26 -15.01
C LYS B 170 -29.11 -24.76 -13.63
N GLU B 171 -30.01 -25.74 -13.57
CA GLU B 171 -30.43 -26.32 -12.31
C GLU B 171 -31.03 -27.69 -12.59
N TYR B 172 -31.11 -28.52 -11.55
CA TYR B 172 -31.71 -29.87 -11.72
C TYR B 172 -33.23 -29.73 -11.64
N LYS B 173 -33.94 -30.26 -12.64
CA LYS B 173 -35.42 -30.16 -12.65
C LYS B 173 -36.00 -31.50 -12.19
N PRO B 174 -36.76 -31.54 -11.07
CA PRO B 174 -37.31 -32.80 -10.55
C PRO B 174 -38.26 -33.53 -11.50
N GLU B 175 -38.80 -32.85 -12.53
CA GLU B 175 -39.69 -33.54 -13.43
C GLU B 175 -38.97 -34.50 -14.37
N TYR B 176 -37.64 -34.45 -14.43
CA TYR B 176 -36.87 -35.42 -15.18
C TYR B 176 -36.57 -36.69 -14.39
N PHE B 177 -36.90 -36.72 -13.10
CA PHE B 177 -36.64 -37.92 -12.31
C PHE B 177 -37.44 -39.10 -12.84
N SER B 178 -38.70 -38.88 -13.22
CA SER B 178 -39.49 -39.93 -13.83
C SER B 178 -38.92 -40.37 -15.18
N ASP B 179 -38.17 -39.50 -15.85
CA ASP B 179 -37.52 -39.89 -17.11
C ASP B 179 -36.30 -40.77 -16.85
N ALA B 180 -35.58 -40.53 -15.76
CA ALA B 180 -34.44 -41.38 -15.42
C ALA B 180 -34.85 -42.77 -14.95
N LEU B 181 -36.12 -42.97 -14.62
CA LEU B 181 -36.63 -44.27 -14.19
C LEU B 181 -37.35 -45.02 -15.30
N LYS B 182 -37.28 -44.52 -16.53
CA LYS B 182 -37.94 -45.16 -17.67
C LYS B 182 -37.02 -46.25 -18.21
N LEU B 183 -36.99 -47.38 -17.50
CA LEU B 183 -36.14 -48.49 -17.90
C LEU B 183 -36.66 -49.15 -19.16
N ASP B 184 -35.74 -49.55 -20.04
CA ASP B 184 -36.08 -50.15 -21.32
C ASP B 184 -35.36 -51.48 -21.47
N ALA B 185 -35.90 -52.34 -22.35
CA ALA B 185 -35.31 -53.66 -22.55
C ALA B 185 -34.24 -53.65 -23.63
N GLN B 186 -34.44 -52.85 -24.70
CA GLN B 186 -33.45 -52.78 -25.77
C GLN B 186 -32.15 -52.14 -25.31
N LEU B 187 -32.17 -51.39 -24.20
CA LEU B 187 -30.98 -50.69 -23.76
C LEU B 187 -29.87 -51.65 -23.34
N ASP B 188 -30.20 -52.60 -22.45
CA ASP B 188 -29.22 -53.51 -21.86
C ASP B 188 -28.06 -52.71 -21.23
N TYR B 189 -28.39 -51.58 -20.64
CA TYR B 189 -27.39 -50.71 -20.04
C TYR B 189 -26.94 -51.27 -18.70
N SER B 190 -25.64 -51.12 -18.42
CA SER B 190 -25.11 -51.57 -17.13
C SER B 190 -25.74 -50.80 -15.98
N ILE B 191 -25.87 -49.48 -16.13
CA ILE B 191 -26.52 -48.63 -15.15
C ILE B 191 -27.58 -47.80 -15.85
N GLY B 192 -28.75 -47.71 -15.22
CA GLY B 192 -29.90 -47.05 -15.80
C GLY B 192 -30.17 -45.64 -15.34
N GLY B 193 -29.17 -44.96 -14.76
CA GLY B 193 -29.39 -43.62 -14.26
C GLY B 193 -29.24 -42.53 -15.30
N GLN B 194 -29.69 -42.81 -16.53
CA GLN B 194 -29.60 -41.86 -17.64
C GLN B 194 -28.17 -41.33 -17.78
N ASP B 195 -27.25 -42.24 -18.07
CA ASP B 195 -25.84 -41.90 -18.20
C ASP B 195 -25.56 -41.56 -19.66
N LEU B 196 -25.20 -40.31 -19.92
CA LEU B 196 -24.91 -39.89 -21.29
C LEU B 196 -23.68 -40.60 -21.84
N SER B 197 -22.68 -40.83 -21.00
CA SER B 197 -21.47 -41.53 -21.44
C SER B 197 -21.76 -42.98 -21.83
N GLU B 198 -22.91 -43.52 -21.42
CA GLU B 198 -23.28 -44.89 -21.79
C GLU B 198 -24.13 -44.91 -23.06
N ILE B 199 -25.01 -43.93 -23.23
CA ILE B 199 -25.80 -43.83 -24.46
C ILE B 199 -24.89 -43.55 -25.64
N PHE B 200 -23.92 -42.66 -25.47
CA PHE B 200 -23.00 -42.34 -26.57
C PHE B 200 -22.12 -43.53 -26.92
N GLU B 201 -21.73 -44.33 -25.93
CA GLU B 201 -20.93 -45.52 -26.23
C GLU B 201 -21.69 -46.50 -27.12
N GLU B 202 -23.01 -46.56 -26.98
CA GLU B 202 -23.80 -47.41 -27.87
C GLU B 202 -23.90 -46.80 -29.27
N LEU B 203 -23.96 -45.47 -29.36
CA LEU B 203 -23.95 -44.82 -30.66
C LEU B 203 -22.68 -45.13 -31.43
N VAL B 204 -21.53 -45.04 -30.76
CA VAL B 204 -20.26 -45.35 -31.42
C VAL B 204 -20.19 -46.82 -31.78
N LYS B 205 -20.63 -47.69 -30.86
CA LYS B 205 -20.64 -49.12 -31.13
C LYS B 205 -21.57 -49.45 -32.29
N ARG B 206 -22.71 -48.76 -32.37
CA ARG B 206 -23.65 -48.99 -33.47
C ARG B 206 -23.12 -48.38 -34.76
N ALA B 207 -22.50 -47.19 -34.68
CA ALA B 207 -21.97 -46.54 -35.88
C ALA B 207 -20.86 -47.36 -36.51
N CYS B 208 -20.02 -47.98 -35.69
CA CYS B 208 -18.97 -48.84 -36.22
C CYS B 208 -19.56 -50.02 -36.98
N GLU B 209 -20.65 -50.59 -36.45
CA GLU B 209 -21.33 -51.68 -37.15
C GLU B 209 -21.88 -51.21 -38.49
N ILE B 210 -22.49 -50.01 -38.52
CA ILE B 210 -23.05 -49.48 -39.76
C ILE B 210 -21.94 -49.13 -40.74
N LEU B 211 -20.90 -48.44 -40.26
CA LEU B 211 -19.82 -47.99 -41.13
C LEU B 211 -18.79 -49.07 -41.40
N ASP B 212 -18.86 -50.21 -40.71
CA ASP B 212 -17.91 -51.31 -40.87
C ASP B 212 -16.47 -50.83 -40.65
N CYS B 213 -16.24 -50.33 -39.45
CA CYS B 213 -14.91 -49.86 -39.05
C CYS B 213 -14.59 -50.37 -37.67
N LYS B 214 -13.30 -50.63 -37.43
CA LYS B 214 -12.86 -51.10 -36.12
C LYS B 214 -12.80 -50.00 -35.07
N ALA B 215 -12.76 -48.74 -35.50
CA ALA B 215 -12.68 -47.63 -34.56
C ALA B 215 -13.14 -46.36 -35.25
N ILE B 216 -13.26 -45.30 -34.46
CA ILE B 216 -13.70 -43.99 -34.94
C ILE B 216 -12.70 -42.96 -34.43
N LEU B 217 -12.19 -42.13 -35.33
CA LEU B 217 -11.21 -41.10 -34.99
C LEU B 217 -11.94 -39.77 -34.81
N ILE B 218 -12.00 -39.31 -33.57
CA ILE B 218 -12.51 -37.97 -33.26
C ILE B 218 -11.32 -37.03 -33.25
N THR B 219 -11.39 -35.97 -34.06
CA THR B 219 -10.27 -35.09 -34.30
C THR B 219 -10.61 -33.69 -33.80
N PHE B 220 -9.75 -33.16 -32.94
CA PHE B 220 -9.92 -31.82 -32.37
C PHE B 220 -8.75 -30.95 -32.78
N ASP B 221 -9.05 -29.71 -33.19
CA ASP B 221 -8.02 -28.74 -33.51
C ASP B 221 -7.52 -28.10 -32.21
N ASP B 222 -6.75 -27.02 -32.34
CA ASP B 222 -6.20 -26.35 -31.18
C ASP B 222 -7.09 -25.17 -30.77
N ILE B 223 -6.79 -24.62 -29.59
CA ILE B 223 -7.62 -23.60 -28.97
C ILE B 223 -6.80 -22.33 -28.72
N ASP B 224 -5.81 -22.09 -29.57
CA ASP B 224 -4.92 -20.94 -29.34
C ASP B 224 -5.67 -19.62 -29.42
N THR B 225 -6.59 -19.48 -30.38
CA THR B 225 -7.33 -18.24 -30.53
C THR B 225 -8.22 -17.97 -29.32
N GLN B 226 -8.89 -19.01 -28.81
CA GLN B 226 -9.77 -18.88 -27.65
C GLN B 226 -9.63 -20.15 -26.83
N PHE B 227 -8.81 -20.11 -25.79
CA PHE B 227 -8.54 -21.32 -25.02
C PHE B 227 -9.55 -21.56 -23.91
N ASP B 228 -10.52 -20.67 -23.72
CA ASP B 228 -11.62 -20.97 -22.82
C ASP B 228 -12.43 -22.14 -23.35
N ALA B 229 -12.62 -22.19 -24.67
CA ALA B 229 -13.43 -23.23 -25.31
C ALA B 229 -12.80 -24.61 -25.22
N GLY B 230 -11.52 -24.70 -24.81
CA GLY B 230 -10.89 -26.00 -24.71
C GLY B 230 -11.32 -26.81 -23.52
N TRP B 231 -11.93 -26.18 -22.51
CA TRP B 231 -12.39 -26.93 -21.34
C TRP B 231 -13.49 -27.92 -21.70
N ASP B 232 -14.44 -27.50 -22.54
CA ASP B 232 -15.50 -28.41 -22.96
C ASP B 232 -14.93 -29.58 -23.76
N VAL B 233 -13.80 -29.37 -24.45
CA VAL B 233 -13.15 -30.47 -25.14
C VAL B 233 -12.58 -31.47 -24.16
N LEU B 234 -11.87 -30.97 -23.13
CA LEU B 234 -11.27 -31.85 -22.14
C LEU B 234 -12.34 -32.62 -21.35
N GLU B 235 -13.40 -31.92 -20.93
CA GLU B 235 -14.44 -32.57 -20.15
C GLU B 235 -15.17 -33.62 -20.97
N SER B 236 -15.44 -33.34 -22.25
CA SER B 236 -16.12 -34.30 -23.09
C SER B 236 -15.25 -35.52 -23.35
N ILE B 237 -13.95 -35.33 -23.52
CA ILE B 237 -13.05 -36.44 -23.82
C ILE B 237 -13.03 -37.43 -22.67
N ARG B 238 -12.86 -36.93 -21.45
CA ARG B 238 -12.75 -37.83 -20.30
C ARG B 238 -14.08 -38.41 -19.86
N LYS B 239 -15.20 -37.82 -20.27
CA LYS B 239 -16.52 -38.31 -19.90
C LYS B 239 -17.11 -39.24 -20.96
N PHE B 240 -17.27 -38.74 -22.19
CA PHE B 240 -18.02 -39.44 -23.21
C PHE B 240 -17.16 -40.19 -24.22
N PHE B 241 -15.89 -39.83 -24.36
CA PHE B 241 -15.02 -40.43 -25.37
C PHE B 241 -14.08 -41.48 -24.78
N ASN B 242 -14.57 -42.25 -23.80
CA ASN B 242 -13.79 -43.31 -23.18
C ASN B 242 -13.99 -44.66 -23.86
N SER B 243 -14.77 -44.72 -24.93
CA SER B 243 -15.06 -45.99 -25.58
C SER B 243 -13.81 -46.59 -26.20
N ARG B 244 -13.80 -47.92 -26.30
CA ARG B 244 -12.68 -48.61 -26.93
C ARG B 244 -12.66 -48.37 -28.44
N LYS B 245 -13.82 -48.08 -29.03
CA LYS B 245 -13.92 -47.85 -30.46
C LYS B 245 -13.79 -46.36 -30.82
N LEU B 246 -13.12 -45.58 -29.97
CA LEU B 246 -12.95 -44.16 -30.20
C LEU B 246 -11.48 -43.79 -30.04
N VAL B 247 -10.94 -43.07 -31.02
CA VAL B 247 -9.58 -42.57 -30.98
C VAL B 247 -9.65 -41.05 -31.07
N VAL B 248 -8.99 -40.37 -30.15
CA VAL B 248 -9.02 -38.91 -30.05
C VAL B 248 -7.62 -38.37 -30.27
N VAL B 249 -7.50 -37.41 -31.18
CA VAL B 249 -6.25 -36.72 -31.45
C VAL B 249 -6.48 -35.23 -31.24
N ALA B 250 -5.75 -34.62 -30.32
CA ALA B 250 -5.91 -33.22 -29.97
C ALA B 250 -4.58 -32.50 -30.13
N THR B 251 -4.62 -31.33 -30.78
CA THR B 251 -3.45 -30.48 -30.92
C THR B 251 -3.58 -29.27 -30.00
N GLY B 252 -2.49 -28.53 -29.87
CA GLY B 252 -2.49 -27.33 -29.06
C GLY B 252 -1.30 -27.26 -28.13
N ASP B 253 -0.96 -26.04 -27.70
CA ASP B 253 0.08 -25.86 -26.70
C ASP B 253 -0.30 -26.58 -25.41
N LEU B 254 0.60 -27.41 -24.90
CA LEU B 254 0.33 -28.11 -23.66
C LEU B 254 0.46 -27.19 -22.45
N ARG B 255 1.20 -26.09 -22.58
CA ARG B 255 1.18 -25.08 -21.53
C ARG B 255 -0.14 -24.34 -21.50
N LEU B 256 -0.80 -24.21 -22.66
CA LEU B 256 -2.12 -23.59 -22.69
C LEU B 256 -3.19 -24.51 -22.12
N TYR B 257 -3.11 -25.82 -22.44
CA TYR B 257 -4.04 -26.77 -21.85
C TYR B 257 -3.81 -26.92 -20.35
N SER B 258 -2.55 -26.87 -19.92
CA SER B 258 -2.28 -26.87 -18.48
C SER B 258 -2.71 -25.55 -17.84
N GLN B 259 -2.72 -24.47 -18.62
CA GLN B 259 -3.25 -23.20 -18.12
C GLN B 259 -4.74 -23.30 -17.82
N LEU B 260 -5.48 -24.02 -18.67
CA LEU B 260 -6.90 -24.23 -18.45
C LEU B 260 -7.15 -24.96 -17.14
N ILE B 261 -6.57 -26.16 -16.99
CA ILE B 261 -6.88 -27.01 -15.85
C ILE B 261 -6.51 -26.32 -14.55
N ARG B 262 -5.35 -25.67 -14.51
CA ARG B 262 -4.95 -24.96 -13.30
C ARG B 262 -5.94 -23.87 -12.95
N GLY B 263 -6.49 -23.19 -13.96
CA GLY B 263 -7.53 -22.21 -13.70
C GLY B 263 -8.81 -22.84 -13.19
N LYS B 264 -9.18 -23.99 -13.74
CA LYS B 264 -10.40 -24.66 -13.30
C LYS B 264 -10.22 -25.39 -11.97
N GLN B 265 -9.03 -25.92 -11.71
CA GLN B 265 -8.79 -26.57 -10.42
C GLN B 265 -8.86 -25.58 -9.27
N TYR B 266 -8.50 -24.32 -9.51
CA TYR B 266 -8.66 -23.30 -8.49
C TYR B 266 -10.13 -22.96 -8.26
N GLU B 267 -10.98 -23.16 -9.28
CA GLU B 267 -12.39 -22.85 -9.12
C GLU B 267 -13.11 -23.85 -8.22
N ASN B 268 -12.50 -25.01 -7.95
CA ASN B 268 -13.07 -25.93 -6.99
C ASN B 268 -12.96 -25.39 -5.57
N TYR B 269 -11.87 -24.69 -5.27
CA TYR B 269 -11.72 -24.06 -3.97
C TYR B 269 -12.78 -22.98 -3.77
N SER B 270 -13.39 -22.96 -2.59
CA SER B 270 -14.34 -21.92 -2.28
C SER B 270 -13.64 -20.56 -2.22
N LYS B 271 -14.28 -19.55 -2.81
CA LYS B 271 -13.67 -18.23 -2.87
C LYS B 271 -13.44 -17.65 -1.48
N THR B 272 -14.27 -18.05 -0.51
CA THR B 272 -14.07 -17.58 0.86
C THR B 272 -12.82 -18.16 1.48
N LEU B 273 -12.51 -19.43 1.18
CA LEU B 273 -11.30 -20.04 1.69
C LEU B 273 -10.05 -19.35 1.15
N LEU B 274 -10.06 -18.99 -0.12
CA LEU B 274 -8.91 -18.32 -0.72
C LEU B 274 -8.71 -16.93 -0.13
N GLU B 275 -9.81 -16.22 0.14
CA GLU B 275 -9.70 -14.87 0.71
C GLU B 275 -9.21 -14.93 2.16
N GLN B 276 -9.72 -15.87 2.95
CA GLN B 276 -9.45 -15.88 4.39
C GLN B 276 -8.09 -16.51 4.70
N GLU B 277 -7.76 -17.62 4.06
CA GLU B 277 -6.48 -18.31 4.31
C GLU B 277 -5.48 -17.87 3.25
N LYS B 278 -4.86 -16.72 3.51
CA LYS B 278 -3.85 -16.17 2.62
C LYS B 278 -2.46 -16.15 3.26
N GLU B 279 -2.27 -16.86 4.36
CA GLU B 279 -0.94 -17.00 4.94
C GLU B 279 -0.07 -17.89 4.05
N SER B 280 1.23 -17.60 4.06
CA SER B 280 2.15 -18.31 3.17
C SER B 280 2.22 -19.80 3.49
N VAL B 281 2.01 -20.17 4.76
CA VAL B 281 2.05 -21.58 5.12
C VAL B 281 0.89 -22.35 4.49
N ARG B 282 -0.27 -21.71 4.35
CA ARG B 282 -1.41 -22.37 3.72
C ARG B 282 -1.52 -22.06 2.23
N LEU B 283 -1.11 -20.86 1.81
CA LEU B 283 -1.14 -20.52 0.40
C LEU B 283 -0.20 -21.41 -0.41
N ALA B 284 0.99 -21.68 0.12
CA ALA B 284 1.93 -22.54 -0.58
C ALA B 284 1.46 -24.00 -0.59
N GLU B 285 0.72 -24.41 0.44
CA GLU B 285 0.20 -25.76 0.47
C GLU B 285 -0.89 -25.96 -0.59
N ARG B 286 -1.70 -24.93 -0.85
CA ARG B 286 -2.68 -25.01 -1.92
C ARG B 286 -1.99 -25.11 -3.28
N GLY B 287 -0.95 -24.30 -3.50
CA GLY B 287 -0.25 -24.36 -4.77
C GLY B 287 0.40 -25.71 -5.01
N TYR B 288 0.85 -26.38 -3.96
CA TYR B 288 1.36 -27.73 -4.11
C TYR B 288 0.25 -28.70 -4.55
N MET B 289 -0.97 -28.47 -4.08
CA MET B 289 -2.07 -29.38 -4.36
C MET B 289 -2.70 -29.12 -5.72
N VAL B 290 -2.92 -27.87 -6.08
CA VAL B 290 -3.46 -27.54 -7.40
C VAL B 290 -2.50 -27.99 -8.49
N GLU B 291 -1.20 -27.78 -8.27
CA GLU B 291 -0.21 -28.27 -9.22
C GLU B 291 -0.25 -29.79 -9.32
N HIS B 292 -0.43 -30.47 -8.18
CA HIS B 292 -0.56 -31.91 -8.21
C HIS B 292 -1.83 -32.35 -8.92
N LEU B 293 -2.90 -31.55 -8.82
CA LEU B 293 -4.16 -31.92 -9.45
C LEU B 293 -4.11 -31.76 -10.97
N GLU B 294 -3.39 -30.77 -11.48
CA GLU B 294 -3.36 -30.56 -12.92
C GLU B 294 -2.56 -31.64 -13.64
N GLN B 295 -1.51 -32.17 -13.02
CA GLN B 295 -0.74 -33.24 -13.64
C GLN B 295 -1.58 -34.51 -13.74
N GLN B 296 -2.20 -34.92 -12.63
CA GLN B 296 -3.06 -36.10 -12.66
C GLN B 296 -4.20 -35.92 -13.65
N TYR B 297 -4.68 -34.70 -13.83
CA TYR B 297 -5.69 -34.44 -14.84
C TYR B 297 -5.10 -34.49 -16.24
N LEU B 298 -3.89 -33.97 -16.42
CA LEU B 298 -3.24 -34.01 -17.73
C LEU B 298 -2.75 -35.42 -18.06
N LEU B 299 -2.11 -36.09 -17.11
CA LEU B 299 -1.58 -37.42 -17.37
C LEU B 299 -2.68 -38.46 -17.58
N LYS B 300 -3.90 -38.17 -17.13
CA LYS B 300 -5.02 -39.08 -17.36
C LYS B 300 -5.75 -38.77 -18.66
N LEU B 301 -5.78 -37.50 -19.08
CA LEU B 301 -6.37 -37.15 -20.36
C LEU B 301 -5.43 -37.50 -21.51
N PHE B 302 -4.23 -36.93 -21.49
CA PHE B 302 -3.21 -37.15 -22.53
C PHE B 302 -2.08 -37.96 -21.90
N PRO B 303 -2.08 -39.28 -22.04
CA PRO B 303 -0.97 -40.08 -21.50
C PRO B 303 0.35 -39.70 -22.14
N VAL B 304 1.42 -39.76 -21.34
CA VAL B 304 2.71 -39.29 -21.80
C VAL B 304 3.22 -40.15 -22.96
N GLN B 305 2.95 -41.45 -22.92
CA GLN B 305 3.41 -42.34 -23.98
C GLN B 305 2.69 -42.10 -25.31
N LYS B 306 1.61 -41.32 -25.32
CA LYS B 306 0.88 -41.01 -26.55
C LYS B 306 1.08 -39.58 -27.03
N ARG B 307 1.66 -38.71 -26.21
CA ARG B 307 1.91 -37.34 -26.64
C ARG B 307 2.98 -37.30 -27.72
N ILE B 308 2.81 -36.37 -28.66
CA ILE B 308 3.74 -36.17 -29.76
C ILE B 308 4.10 -34.70 -29.82
N GLN B 309 5.39 -34.40 -29.91
CA GLN B 309 5.89 -33.03 -29.96
C GLN B 309 6.34 -32.71 -31.37
N LEU B 310 5.82 -31.62 -31.92
CA LEU B 310 6.20 -31.19 -33.26
C LEU B 310 7.60 -30.60 -33.24
N LYS B 311 8.41 -31.01 -34.21
CA LYS B 311 9.81 -30.61 -34.27
C LYS B 311 9.95 -29.24 -34.93
N THR B 312 10.83 -28.41 -34.36
CA THR B 312 11.18 -27.13 -34.96
C THR B 312 12.19 -27.36 -36.09
N MET B 313 12.70 -26.27 -36.68
CA MET B 313 13.69 -26.41 -37.73
C MET B 313 15.01 -26.97 -37.20
N LEU B 314 15.44 -26.51 -36.02
CA LEU B 314 16.71 -27.00 -35.47
C LEU B 314 16.68 -28.50 -35.28
N GLN B 315 15.55 -29.04 -34.79
CA GLN B 315 15.42 -30.47 -34.65
C GLN B 315 15.29 -31.18 -35.98
N LEU B 316 14.97 -30.45 -37.05
CA LEU B 316 14.78 -31.05 -38.38
C LEU B 316 16.00 -30.87 -39.28
N VAL B 317 16.39 -29.62 -39.56
CA VAL B 317 17.52 -29.39 -40.44
C VAL B 317 18.84 -29.73 -39.73
N GLY B 318 18.92 -29.47 -38.42
CA GLY B 318 20.12 -29.73 -37.68
C GLY B 318 20.74 -28.49 -37.07
N GLU B 319 22.05 -28.31 -37.26
CA GLU B 319 22.74 -27.15 -36.70
C GLU B 319 23.71 -26.53 -37.71
N LYS B 320 23.73 -27.00 -38.96
CA LYS B 320 24.65 -26.61 -40.02
C LYS B 320 26.08 -27.07 -39.75
N GLY B 321 26.34 -27.67 -38.60
CA GLY B 321 27.65 -28.21 -38.30
C GLY B 321 27.64 -29.72 -38.23
N LYS B 322 26.50 -30.29 -37.84
CA LYS B 322 26.31 -31.72 -37.74
C LYS B 322 25.18 -32.17 -38.65
N ALA B 323 25.24 -33.43 -39.06
CA ALA B 323 24.23 -33.98 -39.95
C ALA B 323 22.84 -33.90 -39.32
N GLY B 324 21.87 -33.42 -40.09
CA GLY B 324 20.53 -33.26 -39.59
C GLY B 324 19.65 -34.48 -39.84
N LYS B 325 18.54 -34.52 -39.10
CA LYS B 325 17.59 -35.63 -39.25
C LYS B 325 16.94 -35.61 -40.63
N GLU B 326 16.60 -34.42 -41.13
CA GLU B 326 15.93 -34.28 -42.41
C GLU B 326 16.54 -33.13 -43.19
N GLU B 327 16.47 -33.22 -44.51
CA GLU B 327 16.99 -32.21 -45.41
C GLU B 327 15.83 -31.43 -46.02
N ILE B 328 15.90 -30.10 -45.94
CA ILE B 328 14.84 -29.23 -46.43
C ILE B 328 15.45 -28.20 -47.37
N LYS B 329 14.83 -28.03 -48.54
CA LYS B 329 15.18 -27.00 -49.49
C LYS B 329 14.05 -25.97 -49.57
N VAL B 330 14.37 -24.80 -50.13
CA VAL B 330 13.44 -23.68 -50.20
C VAL B 330 13.42 -23.13 -51.61
N LYS B 331 12.22 -22.86 -52.13
CA LYS B 331 12.06 -22.13 -53.38
C LYS B 331 11.95 -20.65 -53.04
N THR B 332 13.01 -19.90 -53.30
CA THR B 332 13.08 -18.49 -52.94
C THR B 332 12.61 -17.57 -54.07
N GLU B 333 12.20 -18.13 -55.20
CA GLU B 333 11.74 -17.36 -56.35
C GLU B 333 10.57 -18.08 -57.00
N PRO B 334 9.69 -17.36 -57.68
CA PRO B 334 8.53 -18.01 -58.31
C PRO B 334 8.84 -18.59 -59.68
N GLY B 335 8.26 -19.76 -59.94
CA GLY B 335 8.34 -20.38 -61.24
C GLY B 335 9.65 -21.06 -61.59
N MET B 336 10.50 -21.34 -60.61
CA MET B 336 11.75 -22.03 -60.86
C MET B 336 11.67 -23.47 -60.38
N GLN B 337 12.47 -24.34 -61.02
CA GLN B 337 12.41 -25.77 -60.78
C GLN B 337 12.84 -26.12 -59.37
N ASP B 338 12.64 -27.39 -59.01
CA ASP B 338 12.90 -27.83 -57.64
C ASP B 338 14.40 -27.97 -57.36
N ILE B 339 15.20 -28.28 -58.38
CA ILE B 339 16.64 -28.43 -58.15
C ILE B 339 17.27 -27.09 -57.81
N ASP B 340 16.79 -26.01 -58.43
CA ASP B 340 17.26 -24.65 -58.10
C ASP B 340 16.60 -24.25 -56.79
N ALA B 341 17.13 -24.80 -55.70
CA ALA B 341 16.60 -24.54 -54.36
C ALA B 341 17.75 -24.39 -53.39
N ILE B 342 17.47 -23.74 -52.27
CA ILE B 342 18.47 -23.45 -51.25
C ILE B 342 18.01 -24.02 -49.93
N ASP B 343 18.97 -24.47 -49.12
CA ASP B 343 18.66 -25.03 -47.82
C ASP B 343 17.98 -24.00 -46.94
N VAL B 344 17.07 -24.47 -46.08
CA VAL B 344 16.36 -23.58 -45.17
C VAL B 344 17.34 -22.92 -44.20
N ARG B 345 18.47 -23.59 -43.93
CA ARG B 345 19.50 -22.96 -43.11
C ARG B 345 20.15 -21.79 -43.84
N GLN B 346 20.55 -22.01 -45.09
CA GLN B 346 21.20 -20.95 -45.87
C GLN B 346 20.23 -19.81 -46.17
N ALA B 347 18.98 -20.13 -46.52
CA ALA B 347 18.05 -19.10 -46.95
C ALA B 347 17.79 -18.09 -45.85
N ILE B 348 17.56 -18.56 -44.62
CA ILE B 348 17.44 -17.65 -43.49
C ILE B 348 18.80 -17.05 -43.15
N GLY B 349 19.87 -17.84 -43.29
CA GLY B 349 21.19 -17.31 -43.06
C GLY B 349 21.57 -16.22 -44.04
N ASP B 350 21.30 -16.44 -45.32
CA ASP B 350 21.55 -15.41 -46.32
C ASP B 350 20.69 -14.17 -46.08
N ALA B 351 19.52 -14.35 -45.48
CA ALA B 351 18.71 -13.21 -45.08
C ALA B 351 19.32 -12.47 -43.90
N VAL B 352 20.18 -13.12 -43.12
CA VAL B 352 20.78 -12.50 -41.96
C VAL B 352 22.07 -11.76 -42.31
N ARG B 353 23.00 -12.45 -42.99
CA ARG B 353 24.26 -11.82 -43.35
C ARG B 353 24.05 -10.63 -44.29
N GLU B 354 23.19 -10.81 -45.29
CA GLU B 354 22.89 -9.68 -46.19
C GLU B 354 21.95 -8.68 -45.53
N GLY B 355 21.10 -9.13 -44.61
CA GLY B 355 20.14 -8.25 -43.98
C GLY B 355 20.69 -7.47 -42.81
N LEU B 356 21.41 -8.15 -41.91
CA LEU B 356 22.01 -7.50 -40.76
C LEU B 356 23.42 -7.00 -41.03
N ASN B 357 23.90 -7.13 -42.28
CA ASN B 357 25.25 -6.70 -42.66
C ASN B 357 26.31 -7.39 -41.81
N LEU B 358 26.10 -8.67 -41.53
CA LEU B 358 27.04 -9.44 -40.73
C LEU B 358 28.04 -10.15 -41.64
N ARG B 359 29.02 -10.80 -41.03
CA ARG B 359 30.07 -11.51 -41.74
C ARG B 359 29.84 -13.02 -41.65
N GLU B 360 30.44 -13.75 -42.58
CA GLU B 360 30.32 -15.21 -42.61
C GLU B 360 31.15 -15.83 -41.49
N GLY B 361 30.54 -15.99 -40.32
CA GLY B 361 31.25 -16.55 -39.19
C GLY B 361 30.30 -16.91 -38.08
N SER B 362 30.88 -17.17 -36.90
CA SER B 362 30.07 -17.56 -35.75
C SER B 362 29.14 -16.45 -35.28
N ASP B 363 29.36 -15.22 -35.74
CA ASP B 363 28.48 -14.12 -35.35
C ASP B 363 27.06 -14.34 -35.84
N ALA B 364 26.87 -14.37 -37.16
CA ALA B 364 25.53 -14.48 -37.74
C ALA B 364 24.88 -15.84 -37.51
N ASP B 365 25.68 -16.87 -37.26
CA ASP B 365 25.12 -18.20 -37.03
C ASP B 365 24.21 -18.22 -35.81
N MET B 366 24.51 -17.40 -34.80
CA MET B 366 23.65 -17.34 -33.63
C MET B 366 22.39 -16.53 -33.90
N TYR B 367 22.48 -15.52 -34.79
CA TYR B 367 21.29 -14.73 -35.12
C TYR B 367 20.28 -15.52 -35.94
N VAL B 368 20.73 -16.53 -36.68
CA VAL B 368 19.82 -17.32 -37.50
C VAL B 368 19.26 -18.52 -36.73
N ASN B 369 20.01 -19.06 -35.76
CA ASN B 369 19.49 -20.15 -34.95
C ASN B 369 18.28 -19.72 -34.15
N GLU B 370 18.23 -18.45 -33.72
CA GLU B 370 17.03 -17.94 -33.07
C GLU B 370 15.85 -17.94 -34.02
N LEU B 371 16.06 -17.54 -35.28
CA LEU B 371 14.97 -17.52 -36.24
C LEU B 371 14.44 -18.92 -36.49
N LEU B 372 15.29 -19.93 -36.42
CA LEU B 372 14.82 -21.32 -36.48
C LEU B 372 13.94 -21.65 -35.28
N LYS B 373 14.32 -21.16 -34.10
CA LYS B 373 13.53 -21.41 -32.90
C LYS B 373 12.15 -20.76 -32.96
N GLN B 374 11.97 -19.77 -33.82
CA GLN B 374 10.68 -19.11 -33.95
C GLN B 374 9.65 -20.06 -34.54
N PRO B 375 8.36 -19.83 -34.28
CA PRO B 375 7.33 -20.68 -34.86
C PRO B 375 7.38 -20.63 -36.38
N VAL B 376 7.01 -21.77 -36.99
CA VAL B 376 7.10 -21.88 -38.45
C VAL B 376 6.26 -20.82 -39.14
N ARG B 377 5.15 -20.40 -38.52
CA ARG B 377 4.39 -19.28 -39.06
C ARG B 377 5.26 -18.02 -39.10
N LEU B 378 5.70 -17.55 -37.93
CA LEU B 378 6.55 -16.37 -37.88
C LEU B 378 7.83 -16.57 -38.69
N LEU B 379 8.32 -17.80 -38.78
CA LEU B 379 9.45 -18.08 -39.65
C LEU B 379 9.10 -17.82 -41.10
N MET B 380 7.95 -18.35 -41.55
CA MET B 380 7.54 -18.14 -42.93
C MET B 380 7.00 -16.74 -43.16
N GLN B 381 6.44 -16.10 -42.13
CA GLN B 381 5.97 -14.72 -42.29
C GLN B 381 7.12 -13.79 -42.65
N VAL B 382 8.26 -13.93 -41.96
CA VAL B 382 9.44 -13.16 -42.32
C VAL B 382 10.00 -13.64 -43.65
N LEU B 383 10.07 -14.96 -43.84
CA LEU B 383 10.65 -15.51 -45.07
C LEU B 383 9.83 -15.14 -46.30
N GLN B 384 8.49 -15.27 -46.20
CA GLN B 384 7.65 -14.86 -47.31
C GLN B 384 7.79 -13.37 -47.60
N ASP B 385 7.82 -12.56 -46.54
CA ASP B 385 7.95 -11.12 -46.72
C ASP B 385 9.34 -10.71 -47.18
N PHE B 386 10.33 -11.60 -47.07
CA PHE B 386 11.68 -11.25 -47.48
C PHE B 386 11.87 -11.40 -48.99
N TYR B 387 11.75 -12.63 -49.50
CA TYR B 387 12.07 -12.88 -50.90
C TYR B 387 11.00 -12.36 -51.85
N THR B 388 9.73 -12.35 -51.44
CA THR B 388 8.69 -11.78 -52.28
C THR B 388 8.94 -10.29 -52.49
N LYS B 389 9.32 -9.57 -51.42
CA LYS B 389 9.69 -8.17 -51.57
C LYS B 389 11.06 -8.01 -52.19
N LYS B 390 11.96 -8.98 -51.97
CA LYS B 390 13.26 -8.95 -52.65
C LYS B 390 13.10 -9.14 -54.15
N TYR B 391 12.12 -9.96 -54.56
CA TYR B 391 11.86 -10.14 -55.98
C TYR B 391 11.21 -8.90 -56.59
N HIS B 392 10.48 -8.13 -55.78
CA HIS B 392 9.83 -6.92 -56.30
C HIS B 392 10.86 -5.84 -56.61
N ALA B 393 11.87 -5.67 -55.75
CA ALA B 393 12.92 -4.70 -56.02
C ALA B 393 13.68 -5.06 -57.29
N THR B 394 14.00 -6.34 -57.47
CA THR B 394 14.58 -6.78 -58.72
C THR B 394 13.59 -6.61 -59.88
N SER B 395 12.33 -6.93 -59.64
CA SER B 395 11.26 -6.83 -60.64
C SER B 395 11.59 -7.63 -61.89
N LEU B 411 16.82 -1.50 -53.89
CA LEU B 411 16.84 -2.82 -53.25
C LEU B 411 16.80 -2.68 -51.73
N SER B 412 17.94 -2.34 -51.14
CA SER B 412 18.06 -2.14 -49.69
C SER B 412 17.63 -3.39 -48.93
N VAL B 413 18.46 -4.42 -49.08
CA VAL B 413 18.24 -5.73 -48.46
C VAL B 413 17.93 -5.61 -46.97
N PRO B 414 18.67 -4.81 -46.19
CA PRO B 414 18.26 -4.63 -44.78
C PRO B 414 16.87 -4.06 -44.60
N ASN B 415 16.42 -3.21 -45.53
CA ASN B 415 15.07 -2.66 -45.43
C ASN B 415 14.00 -3.73 -45.61
N LEU B 416 14.30 -4.75 -46.41
CA LEU B 416 13.35 -5.85 -46.58
C LEU B 416 13.25 -6.68 -45.30
N LEU B 417 14.37 -6.87 -44.61
CA LEU B 417 14.35 -7.65 -43.38
C LEU B 417 13.59 -6.93 -42.27
N ARG B 418 13.83 -5.62 -42.12
CA ARG B 418 13.11 -4.86 -41.10
C ARG B 418 11.61 -4.84 -41.38
N ASN B 419 11.23 -4.64 -42.64
CA ASN B 419 9.82 -4.70 -43.00
C ASN B 419 9.25 -6.09 -42.75
N ALA B 420 10.02 -7.14 -43.04
CA ALA B 420 9.55 -8.50 -42.79
C ALA B 420 9.39 -8.75 -41.29
N LEU B 421 10.42 -8.42 -40.51
CA LEU B 421 10.39 -8.68 -39.08
C LEU B 421 9.42 -7.77 -38.33
N TYR B 422 9.04 -6.64 -38.92
CA TYR B 422 8.19 -5.68 -38.22
C TYR B 422 6.83 -6.28 -37.89
N GLY B 423 6.14 -6.83 -38.90
CA GLY B 423 4.83 -7.40 -38.66
C GLY B 423 4.87 -8.65 -37.80
N SER B 424 5.87 -9.49 -38.01
CA SER B 424 5.97 -10.74 -37.25
C SER B 424 6.22 -10.47 -35.77
N MET B 425 7.18 -9.59 -35.48
CA MET B 425 7.55 -9.27 -34.10
C MET B 425 6.82 -8.05 -33.57
N LEU B 426 5.60 -7.80 -34.06
CA LEU B 426 4.91 -6.56 -33.71
C LEU B 426 4.40 -6.59 -32.27
N SER B 427 3.85 -7.72 -31.82
CA SER B 427 3.32 -7.79 -30.47
C SER B 427 4.40 -7.71 -29.41
N SER B 428 5.64 -8.10 -29.74
CA SER B 428 6.75 -7.90 -28.83
C SER B 428 7.20 -6.45 -28.81
N ILE B 429 7.02 -5.73 -29.92
CA ILE B 429 7.39 -4.32 -29.97
C ILE B 429 6.55 -3.52 -28.98
N TYR B 430 5.22 -3.71 -29.01
CA TYR B 430 4.38 -3.08 -28.01
C TYR B 430 4.65 -3.65 -26.62
N ARG B 431 5.05 -4.91 -26.53
CA ARG B 431 5.35 -5.51 -25.23
C ARG B 431 6.49 -4.78 -24.54
N ALA B 432 7.53 -4.41 -25.29
CA ALA B 432 8.66 -3.68 -24.76
C ALA B 432 8.54 -2.17 -24.95
N GLY B 433 7.43 -1.70 -25.51
CA GLY B 433 7.21 -0.27 -25.67
C GLY B 433 8.14 0.42 -26.64
N LEU B 434 8.40 -0.18 -27.80
CA LEU B 434 9.24 0.42 -28.81
C LEU B 434 8.42 1.32 -29.73
N ASN B 435 9.14 2.10 -30.55
CA ASN B 435 8.50 2.93 -31.55
C ASN B 435 7.88 2.05 -32.63
N TYR B 436 6.72 2.49 -33.15
CA TYR B 436 5.98 1.72 -34.13
C TYR B 436 5.53 2.49 -35.37
N GLU B 437 5.69 3.81 -35.41
CA GLU B 437 5.31 4.56 -36.61
C GLU B 437 6.31 4.32 -37.72
N GLN B 438 5.83 4.31 -38.96
CA GLN B 438 6.73 4.24 -40.11
C GLN B 438 7.43 5.58 -40.34
N HIS B 439 6.68 6.68 -40.23
CA HIS B 439 7.29 7.99 -40.43
C HIS B 439 8.28 8.34 -39.33
N ARG B 440 8.10 7.78 -38.14
CA ARG B 440 9.00 8.03 -37.02
C ARG B 440 10.19 7.08 -36.99
N PHE B 441 10.56 6.51 -38.14
CA PHE B 441 11.70 5.61 -38.21
C PHE B 441 12.92 6.35 -38.75
N GLY B 442 14.06 6.09 -38.12
CA GLY B 442 15.29 6.74 -38.49
C GLY B 442 16.28 6.71 -37.34
N MET B 443 17.29 7.58 -37.42
CA MET B 443 18.30 7.64 -36.38
C MET B 443 17.79 8.32 -35.12
N ASP B 444 16.84 9.26 -35.25
CA ASP B 444 16.37 10.00 -34.09
C ASP B 444 15.62 9.10 -33.12
N SER B 445 14.64 8.33 -33.61
CA SER B 445 13.80 7.55 -32.73
C SER B 445 14.40 6.21 -32.36
N LEU B 446 15.44 5.76 -33.08
CA LEU B 446 16.10 4.51 -32.72
C LEU B 446 16.80 4.61 -31.38
N CYS B 447 17.27 5.81 -31.02
CA CYS B 447 17.95 6.00 -29.75
C CYS B 447 17.04 5.70 -28.58
N LYS B 448 15.78 6.15 -28.66
CA LYS B 448 14.77 5.69 -27.71
C LYS B 448 14.63 4.17 -27.76
N ASP B 449 14.52 3.62 -28.97
CA ASP B 449 14.32 2.18 -29.13
C ASP B 449 15.54 1.40 -28.67
N ILE B 450 16.74 1.86 -29.01
CA ILE B 450 17.95 1.12 -28.68
C ILE B 450 18.18 1.12 -27.17
N PHE B 451 17.85 2.23 -26.50
CA PHE B 451 17.97 2.29 -25.04
C PHE B 451 16.93 1.42 -24.35
N THR B 452 15.67 1.53 -24.75
CA THR B 452 14.61 0.87 -23.99
C THR B 452 14.75 -0.64 -24.03
N TYR B 453 15.40 -1.18 -25.06
CA TYR B 453 15.72 -2.60 -25.08
C TYR B 453 16.70 -2.96 -23.98
N VAL B 454 17.72 -2.14 -23.77
CA VAL B 454 18.79 -2.51 -22.84
C VAL B 454 18.39 -2.24 -21.39
N LYS B 455 17.57 -1.22 -21.15
CA LYS B 455 17.10 -0.96 -19.79
C LYS B 455 16.28 -2.13 -19.27
N GLN B 456 15.38 -2.66 -20.10
CA GLN B 456 14.65 -3.87 -19.73
C GLN B 456 15.55 -5.10 -19.76
N ASP B 457 16.53 -5.12 -20.66
CA ASP B 457 17.49 -6.22 -20.68
C ASP B 457 18.34 -6.25 -19.42
N ARG B 458 18.65 -5.08 -18.86
CA ARG B 458 19.41 -4.88 -17.63
C ARG B 458 20.87 -5.25 -17.77
N ASP B 459 21.32 -5.74 -18.92
CA ASP B 459 22.72 -6.05 -19.17
C ASP B 459 23.32 -4.87 -19.94
N PHE B 460 23.88 -3.93 -19.20
CA PHE B 460 24.46 -2.74 -19.82
C PHE B 460 25.88 -2.96 -20.35
N ASN B 461 26.52 -4.07 -19.97
CA ASN B 461 27.88 -4.33 -20.44
C ASN B 461 27.91 -4.62 -21.94
N THR B 462 26.97 -5.46 -22.42
CA THR B 462 26.95 -5.82 -23.82
C THR B 462 25.54 -5.77 -24.41
N GLY B 463 24.62 -5.00 -23.80
CA GLY B 463 23.28 -4.92 -24.33
C GLY B 463 23.22 -4.28 -25.71
N PHE B 464 24.08 -3.29 -25.95
CA PHE B 464 24.12 -2.61 -27.24
C PHE B 464 24.62 -3.50 -28.36
N TYR B 465 25.17 -4.69 -28.05
CA TYR B 465 25.56 -5.63 -29.09
C TYR B 465 24.36 -6.09 -29.92
N LEU B 466 23.15 -5.94 -29.40
CA LEU B 466 21.94 -6.45 -30.05
C LEU B 466 22.05 -7.95 -30.31
N ARG B 467 22.64 -8.66 -29.37
CA ARG B 467 22.70 -10.11 -29.37
C ARG B 467 21.53 -10.69 -28.60
N PRO B 468 20.71 -11.54 -29.20
CA PRO B 468 19.57 -12.10 -28.46
C PRO B 468 19.99 -13.05 -27.36
N GLN B 469 20.40 -12.49 -26.22
CA GLN B 469 20.85 -13.28 -25.08
C GLN B 469 19.81 -13.40 -23.98
N SER B 470 18.96 -12.39 -23.81
CA SER B 470 17.97 -12.41 -22.74
C SER B 470 17.01 -13.59 -22.92
N GLU B 471 16.58 -14.17 -21.80
CA GLU B 471 15.65 -15.29 -21.86
C GLU B 471 14.23 -14.83 -22.18
N SER B 472 13.94 -13.54 -22.05
CA SER B 472 12.62 -13.02 -22.41
C SER B 472 12.47 -12.99 -23.92
N GLU B 473 11.46 -13.70 -24.43
CA GLU B 473 11.28 -13.79 -25.88
C GLU B 473 10.96 -12.43 -26.49
N ALA B 474 10.24 -11.58 -25.74
CA ALA B 474 9.92 -10.24 -26.24
C ALA B 474 11.19 -9.44 -26.50
N LEU B 475 12.15 -9.50 -25.58
CA LEU B 475 13.42 -8.82 -25.80
C LEU B 475 14.19 -9.44 -26.94
N ARG B 476 14.17 -10.77 -27.05
CA ARG B 476 14.82 -11.43 -28.17
C ARG B 476 14.19 -11.02 -29.51
N ASN B 477 12.87 -10.93 -29.55
CA ASN B 477 12.20 -10.44 -30.75
C ASN B 477 12.58 -8.99 -31.02
N CYS B 478 12.77 -8.20 -29.96
CA CYS B 478 13.25 -6.83 -30.11
C CYS B 478 14.73 -6.75 -30.42
N SER B 479 15.47 -7.85 -30.24
CA SER B 479 16.90 -7.84 -30.54
C SER B 479 17.13 -7.87 -32.05
N ILE B 480 16.62 -8.90 -32.72
CA ILE B 480 16.83 -9.04 -34.16
C ILE B 480 16.17 -7.89 -34.90
N TYR B 481 14.99 -7.48 -34.46
CA TYR B 481 14.30 -6.37 -35.12
C TYR B 481 15.10 -5.08 -35.03
N LEU B 482 15.69 -4.81 -33.86
CA LEU B 482 16.57 -3.65 -33.73
C LEU B 482 17.89 -3.88 -34.46
N ALA B 483 18.37 -5.12 -34.48
CA ALA B 483 19.60 -5.43 -35.21
C ALA B 483 19.46 -5.12 -36.69
N SER B 484 18.24 -5.17 -37.22
CA SER B 484 17.99 -4.75 -38.59
C SER B 484 17.68 -3.27 -38.70
N GLN B 485 17.27 -2.62 -37.60
CA GLN B 485 17.04 -1.19 -37.62
C GLN B 485 18.36 -0.44 -37.77
N VAL B 486 19.43 -0.92 -37.14
CA VAL B 486 20.73 -0.30 -37.31
C VAL B 486 21.27 -0.55 -38.71
N SER B 487 20.98 -1.72 -39.28
CA SER B 487 21.40 -2.03 -40.63
C SER B 487 20.66 -1.23 -41.69
N GLU B 488 19.61 -0.50 -41.31
CA GLU B 488 18.87 0.35 -42.24
C GLU B 488 19.41 1.78 -42.24
N ASN B 489 19.37 2.45 -41.09
CA ASN B 489 19.75 3.85 -41.02
C ASN B 489 21.27 4.01 -41.18
N CYS B 490 22.04 3.22 -40.45
CA CYS B 490 23.49 3.36 -40.49
C CYS B 490 24.09 2.89 -41.81
N GLN B 491 23.35 2.10 -42.59
CA GLN B 491 23.87 1.64 -43.87
C GLN B 491 24.02 2.81 -44.83
N GLY B 492 25.18 2.89 -45.47
CA GLY B 492 25.44 3.97 -46.41
C GLY B 492 25.38 5.34 -45.78
N SER B 493 25.87 5.48 -44.54
CA SER B 493 25.81 6.75 -43.84
C SER B 493 26.86 6.75 -42.73
N LEU B 494 27.84 7.65 -42.84
CA LEU B 494 28.82 7.79 -41.77
C LEU B 494 28.23 8.46 -40.54
N SER B 495 27.45 9.53 -40.75
CA SER B 495 26.90 10.28 -39.63
C SER B 495 25.96 9.42 -38.79
N LYS B 496 25.09 8.66 -39.44
CA LYS B 496 24.17 7.81 -38.70
C LYS B 496 24.89 6.66 -38.01
N PHE B 497 26.02 6.21 -38.58
CA PHE B 497 26.84 5.23 -37.89
C PHE B 497 27.45 5.81 -36.61
N LEU B 498 28.00 7.01 -36.69
CA LEU B 498 28.61 7.64 -35.52
C LEU B 498 27.54 8.09 -34.53
N GLN B 499 26.39 8.54 -35.03
CA GLN B 499 25.30 8.92 -34.14
C GLN B 499 24.80 7.72 -33.35
N MET B 500 24.72 6.55 -33.99
CA MET B 500 24.43 5.33 -33.25
C MET B 500 25.56 4.96 -32.30
N LEU B 501 26.81 5.24 -32.70
CA LEU B 501 27.95 4.94 -31.84
C LEU B 501 27.87 5.74 -30.54
N LEU B 502 27.58 7.03 -30.64
CA LEU B 502 27.50 7.85 -29.44
C LEU B 502 26.14 7.72 -28.76
N VAL B 503 25.09 8.19 -29.42
CA VAL B 503 23.79 8.30 -28.76
C VAL B 503 23.22 6.93 -28.46
N GLY B 504 23.36 5.98 -29.38
CA GLY B 504 22.81 4.66 -29.19
C GLY B 504 23.57 3.80 -28.21
N CYS B 505 24.81 3.44 -28.55
CA CYS B 505 25.60 2.55 -27.70
C CYS B 505 26.18 3.28 -26.50
N GLY B 506 26.55 4.55 -26.67
CA GLY B 506 27.22 5.26 -25.59
C GLY B 506 26.34 5.48 -24.37
N SER B 507 25.08 5.83 -24.58
CA SER B 507 24.18 6.10 -23.46
C SER B 507 23.99 4.87 -22.57
N VAL B 508 24.16 3.67 -23.12
CA VAL B 508 24.02 2.47 -22.30
C VAL B 508 25.18 2.34 -21.33
N SER B 509 26.41 2.62 -21.79
CA SER B 509 27.59 2.40 -20.95
C SER B 509 27.66 3.37 -19.78
N ILE B 510 27.00 4.54 -19.88
CA ILE B 510 27.07 5.52 -18.81
C ILE B 510 26.45 4.97 -17.53
N PHE B 511 25.32 4.29 -17.65
CA PHE B 511 24.73 3.60 -16.51
C PHE B 511 25.64 2.52 -15.96
N ASN B 512 26.28 1.75 -16.83
CA ASN B 512 27.08 0.62 -16.37
C ASN B 512 28.17 1.08 -15.40
N GLN B 513 28.66 2.31 -15.55
CA GLN B 513 29.70 2.81 -14.66
C GLN B 513 29.18 3.88 -13.70
N PHE B 514 28.56 4.94 -14.21
CA PHE B 514 28.33 6.16 -13.44
C PHE B 514 26.99 6.15 -12.70
N VAL B 515 25.88 6.07 -13.45
CA VAL B 515 24.56 6.31 -12.85
C VAL B 515 24.16 5.18 -11.91
N THR B 516 24.51 3.93 -12.21
CA THR B 516 24.16 2.83 -11.32
C THR B 516 24.80 3.02 -9.95
N GLU B 517 25.91 3.76 -9.88
CA GLU B 517 26.53 4.10 -8.61
C GLU B 517 25.78 5.20 -7.89
N LEU B 518 24.82 5.86 -8.54
CA LEU B 518 24.03 6.91 -7.93
C LEU B 518 22.62 6.45 -7.57
N ALA B 519 22.37 5.15 -7.59
CA ALA B 519 21.06 4.62 -7.24
C ALA B 519 21.18 3.25 -6.60
N GLU B 526 10.67 0.22 -8.06
CA GLU B 526 11.83 0.60 -7.26
C GLU B 526 12.27 2.02 -7.61
N LYS B 527 13.39 2.45 -7.03
CA LYS B 527 13.93 3.77 -7.33
C LYS B 527 14.64 3.82 -8.66
N PHE B 528 14.85 2.68 -9.32
CA PHE B 528 15.52 2.66 -10.62
C PHE B 528 14.75 3.47 -11.66
N GLU B 529 13.44 3.27 -11.71
CA GLU B 529 12.62 3.87 -12.78
C GLU B 529 12.58 5.39 -12.71
N GLN B 530 12.79 5.98 -11.53
CA GLN B 530 12.72 7.43 -11.42
C GLN B 530 13.86 8.11 -12.17
N LEU B 531 15.08 7.59 -12.02
CA LEU B 531 16.25 8.24 -12.60
C LEU B 531 16.32 8.10 -14.11
N ILE B 532 15.68 7.08 -14.69
CA ILE B 532 15.82 6.84 -16.13
C ILE B 532 15.22 7.99 -16.94
N SER B 533 14.03 8.44 -16.55
CA SER B 533 13.32 9.44 -17.34
C SER B 533 14.07 10.77 -17.37
N GLU B 534 14.64 11.17 -16.24
CA GLU B 534 15.33 12.45 -16.16
C GLU B 534 16.56 12.50 -17.06
N TYR B 535 17.36 11.43 -17.06
CA TYR B 535 18.60 11.43 -17.82
C TYR B 535 18.34 11.70 -19.30
N VAL B 536 17.40 10.94 -19.88
CA VAL B 536 17.05 11.09 -21.29
C VAL B 536 16.22 12.33 -21.56
N ALA B 537 15.82 13.06 -20.51
CA ALA B 537 15.01 14.26 -20.69
C ALA B 537 15.86 15.45 -21.09
N TYR B 538 16.85 15.81 -20.26
CA TYR B 538 17.68 16.97 -20.57
C TYR B 538 18.58 16.72 -21.78
N MET B 539 19.22 15.55 -21.83
CA MET B 539 20.25 15.27 -22.82
C MET B 539 19.66 14.93 -24.19
N SER B 540 18.35 14.66 -24.26
CA SER B 540 17.61 14.52 -25.51
C SER B 540 18.17 13.40 -26.38
N VAL B 541 18.04 12.17 -25.87
CA VAL B 541 18.47 10.98 -26.60
C VAL B 541 17.66 10.83 -27.89
N GLY B 542 16.34 10.98 -27.78
CA GLY B 542 15.45 10.85 -28.91
C GLY B 542 14.90 12.15 -29.45
N ARG B 543 15.44 13.30 -29.02
CA ARG B 543 14.98 14.62 -29.46
C ARG B 543 16.23 15.37 -29.92
N ILE B 544 16.63 15.13 -31.16
CA ILE B 544 17.98 15.45 -31.62
C ILE B 544 17.91 16.58 -32.63
N GLU B 545 18.65 17.66 -32.36
CA GLU B 545 18.97 18.65 -33.37
C GLU B 545 20.44 18.65 -33.75
N SER B 546 21.29 18.03 -32.93
CA SER B 546 22.72 17.95 -33.20
C SER B 546 23.31 16.86 -32.30
N ALA B 547 24.08 15.96 -32.90
CA ALA B 547 24.71 14.90 -32.12
C ALA B 547 25.71 15.47 -31.10
N SER B 548 26.21 16.68 -31.35
CA SER B 548 27.12 17.31 -30.40
C SER B 548 26.44 17.58 -29.07
N HIS B 549 25.16 17.99 -29.10
CA HIS B 549 24.44 18.27 -27.87
C HIS B 549 24.38 17.04 -26.96
N TRP B 550 24.35 15.85 -27.57
CA TRP B 550 24.49 14.64 -26.79
C TRP B 550 25.82 14.63 -26.05
N ALA B 551 26.89 14.92 -26.78
CA ALA B 551 28.24 14.91 -26.20
C ALA B 551 28.42 16.03 -25.19
N ASN B 552 28.01 17.25 -25.55
CA ASN B 552 28.20 18.38 -24.65
C ASN B 552 27.49 18.18 -23.33
N ARG B 553 26.34 17.52 -23.34
CA ARG B 553 25.63 17.24 -22.11
C ARG B 553 26.03 15.90 -21.50
N CYS B 554 26.82 15.10 -22.22
CA CYS B 554 27.52 13.97 -21.61
C CYS B 554 28.74 14.41 -20.82
N CYS B 555 29.21 15.63 -21.03
CA CYS B 555 30.34 16.16 -20.27
C CYS B 555 29.96 16.34 -18.80
N ALA B 556 28.72 16.75 -18.53
CA ALA B 556 28.28 17.03 -17.17
C ALA B 556 27.83 15.78 -16.41
N VAL B 557 27.39 14.74 -17.12
CA VAL B 557 26.93 13.53 -16.45
C VAL B 557 28.08 12.83 -15.75
N VAL B 558 29.22 12.70 -16.45
CA VAL B 558 30.38 12.06 -15.85
C VAL B 558 30.98 12.93 -14.75
N ALA B 559 30.96 14.26 -14.92
CA ALA B 559 31.56 15.14 -13.95
C ALA B 559 30.92 15.01 -12.58
N ASN B 560 29.62 14.71 -12.53
CA ASN B 560 28.95 14.55 -11.25
C ASN B 560 29.40 13.30 -10.50
N SER B 561 30.06 12.37 -11.20
CA SER B 561 30.62 11.21 -10.52
C SER B 561 31.88 11.62 -9.76
N PRO B 562 32.00 11.27 -8.48
CA PRO B 562 33.19 11.67 -7.71
C PRO B 562 34.47 11.11 -8.34
N ASN B 563 35.53 11.92 -8.29
CA ASN B 563 36.81 11.57 -8.87
C ASN B 563 37.90 11.72 -7.81
N ASP B 564 38.93 10.87 -7.90
CA ASP B 564 40.02 10.92 -6.94
C ASP B 564 40.74 12.25 -7.04
N GLU B 565 41.00 12.86 -5.89
CA GLU B 565 41.71 14.13 -5.74
C GLU B 565 41.07 15.27 -6.52
N LYS B 566 39.82 15.11 -6.96
CA LYS B 566 39.09 16.10 -7.74
C LYS B 566 39.81 16.46 -9.03
N ILE B 567 40.68 15.57 -9.53
CA ILE B 567 41.44 15.86 -10.74
C ILE B 567 40.49 16.00 -11.91
N GLY B 568 40.73 17.03 -12.74
CA GLY B 568 39.83 17.36 -13.82
C GLY B 568 40.00 16.52 -15.06
N VAL B 569 40.34 15.23 -14.89
CA VAL B 569 40.38 14.29 -16.00
C VAL B 569 39.36 13.20 -15.74
N PHE B 570 38.51 12.93 -16.72
CA PHE B 570 37.45 11.94 -16.59
C PHE B 570 37.50 10.96 -17.75
N LEU B 571 36.48 10.12 -17.88
CA LEU B 571 36.42 9.15 -18.97
C LEU B 571 36.21 9.88 -20.29
N GLY B 572 37.28 9.98 -21.08
CA GLY B 572 37.20 10.55 -22.41
C GLY B 572 37.37 12.05 -22.49
N MET B 573 37.57 12.74 -21.36
CA MET B 573 37.70 14.18 -21.42
C MET B 573 38.45 14.69 -20.20
N VAL B 574 38.98 15.90 -20.36
CA VAL B 574 39.75 16.60 -19.32
C VAL B 574 39.11 17.96 -19.08
N GLN B 575 39.00 18.33 -17.81
CA GLN B 575 38.32 19.57 -17.42
C GLN B 575 39.37 20.66 -17.21
N LEU B 576 39.45 21.59 -18.17
CA LEU B 576 40.29 22.76 -18.00
C LEU B 576 39.62 23.76 -17.08
N ASN B 577 40.41 24.68 -16.56
CA ASN B 577 39.92 25.72 -15.65
C ASN B 577 40.02 27.08 -16.34
N ARG B 578 38.90 27.78 -16.41
CA ARG B 578 38.85 29.09 -17.06
C ARG B 578 39.04 30.24 -16.09
N LYS B 579 39.31 29.96 -14.82
CA LYS B 579 39.65 30.98 -13.84
C LYS B 579 41.17 31.01 -13.69
N SER B 580 41.74 32.21 -13.76
CA SER B 580 43.19 32.36 -13.75
C SER B 580 43.76 31.97 -12.40
N ARG B 581 44.58 30.91 -12.38
CA ARG B 581 45.32 30.49 -11.20
C ARG B 581 46.80 30.68 -11.50
N GLN B 582 47.46 31.51 -10.71
CA GLN B 582 48.84 31.89 -10.95
C GLN B 582 49.78 31.13 -10.01
N HIS B 583 51.06 31.50 -10.06
CA HIS B 583 52.08 31.01 -9.13
C HIS B 583 52.28 29.49 -9.24
N MET B 584 52.38 29.01 -10.48
CA MET B 584 52.74 27.63 -10.74
C MET B 584 53.78 27.60 -11.86
N PRO B 585 54.94 26.98 -11.63
CA PRO B 585 56.05 27.09 -12.58
C PRO B 585 55.77 26.37 -13.89
N GLY B 586 56.58 26.70 -14.89
CA GLY B 586 56.47 26.09 -16.20
C GLY B 586 55.63 26.89 -17.16
N GLY B 587 55.40 26.29 -18.32
CA GLY B 587 54.52 26.89 -19.32
C GLY B 587 53.06 26.92 -18.91
N TYR B 588 52.72 26.28 -17.78
CA TYR B 588 51.38 26.26 -17.20
C TYR B 588 50.74 27.64 -17.24
N LYS B 589 49.57 27.72 -17.87
CA LYS B 589 48.80 28.95 -17.91
C LYS B 589 47.34 28.62 -18.16
N LYS B 590 46.49 29.61 -17.93
CA LYS B 590 45.07 29.45 -18.21
C LYS B 590 44.85 29.23 -19.70
N PHE B 591 43.91 28.36 -20.04
CA PHE B 591 43.66 28.02 -21.43
C PHE B 591 43.11 29.20 -22.20
N ASN B 592 43.57 29.36 -23.43
CA ASN B 592 43.09 30.40 -24.33
C ASN B 592 42.67 29.77 -25.66
N ILE B 593 41.66 30.38 -26.29
CA ILE B 593 41.11 29.86 -27.52
C ILE B 593 41.60 30.72 -28.69
N ASP B 594 41.83 32.00 -28.42
CA ASP B 594 42.25 32.92 -29.48
C ASP B 594 43.63 32.54 -30.04
N THR B 595 44.46 31.87 -29.24
CA THR B 595 45.78 31.47 -29.72
C THR B 595 45.67 30.39 -30.79
N GLU B 596 44.71 29.48 -30.65
CA GLU B 596 44.51 28.44 -31.64
C GLU B 596 44.06 29.05 -32.97
N ASN B 597 44.60 28.53 -34.06
CA ASN B 597 44.35 29.09 -35.38
C ASN B 597 44.03 27.97 -36.37
N GLY B 598 43.35 28.35 -37.45
CA GLY B 598 43.04 27.41 -38.51
C GLY B 598 42.22 26.24 -38.03
N LEU B 599 42.58 25.04 -38.49
CA LEU B 599 41.85 23.84 -38.11
C LEU B 599 42.02 23.52 -36.63
N ALA B 600 43.13 23.94 -36.03
CA ALA B 600 43.32 23.72 -34.60
C ALA B 600 42.25 24.44 -33.79
N LYS B 601 41.94 25.68 -34.16
CA LYS B 601 40.89 26.41 -33.45
C LYS B 601 39.53 25.76 -33.63
N ALA B 602 39.23 25.28 -34.85
CA ALA B 602 37.95 24.65 -35.11
C ALA B 602 37.80 23.36 -34.31
N ALA B 603 38.82 22.49 -34.34
CA ALA B 603 38.76 21.25 -33.58
C ALA B 603 38.74 21.50 -32.09
N MET B 604 39.54 22.46 -31.62
CA MET B 604 39.59 22.76 -30.18
C MET B 604 38.25 23.30 -29.69
N ALA B 605 37.66 24.23 -30.44
CA ALA B 605 36.37 24.81 -30.02
C ALA B 605 35.26 23.77 -30.06
N SER B 606 35.25 22.91 -31.08
CA SER B 606 34.25 21.85 -31.14
C SER B 606 34.40 20.87 -29.99
N SER B 607 35.62 20.68 -29.50
CA SER B 607 35.83 19.82 -28.34
C SER B 607 35.35 20.48 -27.06
N LEU B 608 35.52 21.79 -26.95
CA LEU B 608 35.17 22.51 -25.73
C LEU B 608 33.66 22.50 -25.52
N SER B 609 33.24 22.24 -24.29
CA SER B 609 31.83 22.28 -23.90
C SER B 609 31.75 22.92 -22.52
N THR B 610 31.54 24.24 -22.52
CA THR B 610 31.40 24.96 -21.26
C THR B 610 30.13 24.52 -20.54
N VAL B 611 30.25 24.26 -19.24
CA VAL B 611 29.14 23.81 -18.41
C VAL B 611 28.90 24.87 -17.34
N ALA B 612 27.66 25.34 -17.24
CA ALA B 612 27.33 26.48 -16.38
C ALA B 612 26.77 25.99 -15.06
N SER B 613 27.68 25.52 -14.19
CA SER B 613 27.34 25.21 -12.81
C SER B 613 27.67 26.43 -11.93
N ASN B 614 27.72 26.22 -10.62
CA ASN B 614 28.13 27.28 -9.71
C ASN B 614 29.52 27.80 -10.10
N ASN B 615 30.44 26.89 -10.34
CA ASN B 615 31.73 27.21 -10.96
C ASN B 615 31.72 26.65 -12.38
N LEU B 616 31.82 27.53 -13.36
CA LEU B 616 31.65 27.13 -14.76
C LEU B 616 32.81 26.23 -15.20
N MET B 617 32.50 24.96 -15.47
CA MET B 617 33.48 24.06 -16.03
C MET B 617 33.80 24.44 -17.49
N ASP B 618 34.97 24.01 -17.94
CA ASP B 618 35.38 24.19 -19.34
C ASP B 618 36.03 22.88 -19.78
N PHE B 619 35.22 22.00 -20.36
CA PHE B 619 35.67 20.65 -20.68
C PHE B 619 36.32 20.59 -22.05
N CYS B 620 36.79 19.39 -22.40
CA CYS B 620 37.33 19.11 -23.73
C CYS B 620 37.19 17.61 -23.94
N SER B 621 36.24 17.19 -24.77
CA SER B 621 35.86 15.79 -24.88
C SER B 621 36.17 15.25 -26.26
N VAL B 622 36.55 13.96 -26.30
CA VAL B 622 36.58 13.26 -27.57
C VAL B 622 35.17 13.03 -28.09
N PHE B 623 34.20 12.87 -27.18
CA PHE B 623 32.81 12.73 -27.60
C PHE B 623 32.33 13.97 -28.33
N ASN B 624 32.71 15.16 -27.84
CA ASN B 624 32.39 16.39 -28.56
C ASN B 624 33.02 16.38 -29.94
N LEU B 625 34.25 15.88 -30.05
CA LEU B 625 34.88 15.72 -31.35
C LEU B 625 34.08 14.76 -32.23
N ILE B 626 33.68 13.62 -31.67
CA ILE B 626 32.86 12.68 -32.41
C ILE B 626 31.49 13.26 -32.68
N GLY B 627 30.92 13.96 -31.69
CA GLY B 627 29.64 14.62 -31.90
C GLY B 627 29.69 15.68 -32.96
N ALA B 628 30.85 16.32 -33.15
CA ALA B 628 31.00 17.27 -34.25
C ALA B 628 31.09 16.55 -35.59
N ILE B 629 31.67 15.35 -35.62
CA ILE B 629 31.77 14.60 -36.86
C ILE B 629 30.40 14.11 -37.30
N ALA B 630 29.59 13.64 -36.36
CA ALA B 630 28.27 13.13 -36.67
C ALA B 630 27.30 14.22 -37.12
N ASP B 631 27.65 15.49 -36.95
CA ASP B 631 26.81 16.59 -37.37
C ASP B 631 27.31 17.29 -38.63
N ILE B 632 28.62 17.45 -38.77
CA ILE B 632 29.18 18.10 -39.96
C ILE B 632 28.97 17.21 -41.19
N SER B 633 29.24 15.92 -41.06
CA SER B 633 29.16 14.99 -42.19
C SER B 633 27.73 14.72 -42.62
N ALA B 634 26.73 15.11 -41.83
CA ALA B 634 25.34 14.84 -42.14
C ALA B 634 24.73 15.88 -43.08
N CYS B 635 25.48 16.92 -43.45
CA CYS B 635 24.95 17.97 -44.30
C CYS B 635 25.24 17.67 -45.77
N ARG B 636 24.80 18.57 -46.64
CA ARG B 636 24.98 18.39 -48.07
C ARG B 636 26.45 18.59 -48.47
N CYS B 637 26.80 18.02 -49.62
CA CYS B 637 28.19 18.02 -50.07
C CYS B 637 28.66 19.36 -50.61
N GLU B 638 27.75 20.19 -51.11
CA GLU B 638 28.16 21.44 -51.75
C GLU B 638 28.79 22.38 -50.72
N ARG B 639 29.87 23.05 -51.12
CA ARG B 639 30.59 23.92 -50.20
C ARG B 639 29.73 25.07 -49.72
N SER B 640 28.90 25.63 -50.61
CA SER B 640 28.02 26.73 -50.23
C SER B 640 27.07 26.36 -49.10
N ALA B 641 26.81 25.07 -48.90
CA ALA B 641 26.01 24.61 -47.78
C ALA B 641 26.86 24.32 -46.54
N ILE B 642 28.04 23.73 -46.73
CA ILE B 642 28.88 23.38 -45.59
C ILE B 642 29.46 24.61 -44.91
N THR B 643 29.54 25.74 -45.62
CA THR B 643 29.96 26.98 -44.95
C THR B 643 29.00 27.37 -43.85
N ASN B 644 27.70 27.27 -44.12
CA ASN B 644 26.71 27.46 -43.06
C ASN B 644 26.76 26.31 -42.06
N ALA B 645 26.90 25.08 -42.54
CA ALA B 645 26.87 23.92 -41.64
C ALA B 645 28.06 23.90 -40.70
N PHE B 646 29.25 24.26 -41.19
CA PHE B 646 30.44 24.23 -40.36
C PHE B 646 30.34 25.24 -39.22
N ASN B 647 29.85 26.44 -39.52
CA ASN B 647 29.74 27.48 -38.49
C ASN B 647 28.76 27.08 -37.40
N LYS B 648 27.63 26.48 -37.77
CA LYS B 648 26.61 26.12 -36.79
C LYS B 648 27.04 25.00 -35.86
N VAL B 649 28.12 24.29 -36.17
CA VAL B 649 28.58 23.21 -35.31
C VAL B 649 29.60 23.72 -34.28
N ILE B 650 30.42 24.69 -34.66
CA ILE B 650 31.46 25.19 -33.79
C ILE B 650 30.87 26.18 -32.79
N ALA B 651 31.44 26.18 -31.58
CA ALA B 651 31.06 27.09 -30.50
C ALA B 651 29.62 26.86 -30.01
N GLN B 652 29.16 25.62 -30.08
CA GLN B 652 27.85 25.25 -29.50
C GLN B 652 28.01 24.99 -28.00
N THR B 653 28.47 26.02 -27.30
CA THR B 653 28.88 25.91 -25.91
C THR B 653 27.87 26.49 -24.94
N THR B 654 26.63 26.73 -25.39
CA THR B 654 25.59 27.30 -24.55
C THR B 654 24.86 26.21 -23.77
N CYS B 655 25.59 25.47 -22.95
CA CYS B 655 25.02 24.40 -22.15
C CYS B 655 24.91 24.80 -20.68
N ILE B 656 23.92 24.23 -20.01
CA ILE B 656 23.75 24.38 -18.56
C ILE B 656 23.81 22.99 -17.94
N VAL B 657 24.25 22.94 -16.69
CA VAL B 657 24.53 21.65 -16.04
C VAL B 657 23.22 20.95 -15.70
N PRO B 658 23.02 19.72 -16.17
CA PRO B 658 21.97 18.87 -15.61
C PRO B 658 22.53 17.95 -14.54
N PRO B 659 22.77 18.44 -13.32
CA PRO B 659 23.47 17.59 -12.34
C PRO B 659 22.59 16.49 -11.77
N TRP B 660 21.32 16.77 -11.49
CA TRP B 660 20.39 15.88 -10.79
C TRP B 660 21.06 15.17 -9.62
N SER B 661 21.94 15.88 -8.92
CA SER B 661 22.64 15.33 -7.76
C SER B 661 22.64 16.39 -6.66
N GLU B 662 23.39 16.12 -5.59
CA GLU B 662 23.49 17.07 -4.49
C GLU B 662 24.31 18.31 -4.85
N ALA B 663 24.99 18.31 -5.99
CA ALA B 663 25.78 19.46 -6.41
C ALA B 663 24.90 20.66 -6.73
N THR B 704 38.61 35.06 -41.67
CA THR B 704 39.25 34.60 -42.90
C THR B 704 40.05 33.33 -42.65
N GLU B 705 40.40 33.09 -41.39
CA GLU B 705 41.15 31.88 -41.04
C GLU B 705 40.25 30.65 -41.10
N PHE B 706 38.97 30.81 -40.74
CA PHE B 706 38.02 29.71 -40.86
C PHE B 706 37.68 29.39 -42.31
N SER B 707 37.92 30.34 -43.22
CA SER B 707 37.66 30.07 -44.63
C SER B 707 38.55 28.94 -45.15
N ASP B 708 39.83 28.93 -44.75
CA ASP B 708 40.69 27.82 -45.12
C ASP B 708 40.27 26.54 -44.43
N ALA B 709 39.67 26.64 -43.24
CA ALA B 709 39.18 25.45 -42.56
C ALA B 709 38.05 24.80 -43.34
N ILE B 710 37.17 25.61 -43.95
CA ILE B 710 36.04 25.06 -44.70
C ILE B 710 36.53 24.25 -45.89
N THR B 711 37.48 24.78 -46.65
CA THR B 711 37.94 24.07 -47.85
C THR B 711 38.74 22.83 -47.51
N LYS B 712 39.39 22.78 -46.34
CA LYS B 712 40.03 21.53 -45.91
C LYS B 712 38.98 20.45 -45.66
N VAL B 713 37.85 20.82 -45.05
CA VAL B 713 36.75 19.88 -44.86
C VAL B 713 35.98 19.65 -46.15
N GLU B 714 36.14 20.53 -47.15
CA GLU B 714 35.40 20.38 -48.39
C GLU B 714 35.77 19.09 -49.12
N GLN B 715 37.07 18.81 -49.25
CA GLN B 715 37.49 17.57 -49.89
C GLN B 715 37.10 16.36 -49.06
N TRP B 716 37.04 16.50 -47.73
CA TRP B 716 36.65 15.38 -46.88
C TRP B 716 35.19 15.02 -47.10
N LEU B 717 34.30 16.02 -47.06
CA LEU B 717 32.89 15.75 -47.27
C LEU B 717 32.61 15.24 -48.68
N LYS B 718 33.36 15.74 -49.67
CA LYS B 718 33.27 15.16 -51.01
C LYS B 718 33.72 13.70 -51.00
N ASN B 719 34.82 13.42 -50.31
CA ASN B 719 35.28 12.04 -50.19
C ASN B 719 34.30 11.19 -49.40
N VAL B 720 33.78 11.72 -48.29
CA VAL B 720 32.88 10.94 -47.44
C VAL B 720 31.59 10.63 -48.20
N ASN B 721 30.98 11.63 -48.82
CA ASN B 721 29.71 11.44 -49.50
C ASN B 721 29.82 10.51 -50.71
N GLU B 722 31.03 10.21 -51.17
CA GLU B 722 31.24 9.27 -52.27
C GLU B 722 31.74 7.91 -51.81
N ILE B 723 32.31 7.81 -50.62
CA ILE B 723 32.79 6.54 -50.09
C ILE B 723 31.87 5.95 -49.04
N GLU B 724 31.10 6.78 -48.32
CA GLU B 724 30.19 6.26 -47.30
C GLU B 724 29.06 5.42 -47.89
N ILE B 725 28.87 5.44 -49.21
CA ILE B 725 27.81 4.65 -49.82
C ILE B 725 28.09 3.16 -49.62
N GLY B 726 29.36 2.77 -49.66
CA GLY B 726 29.75 1.38 -49.48
C GLY B 726 29.83 0.90 -48.05
N ILE B 727 29.49 1.75 -47.08
CA ILE B 727 29.53 1.34 -45.68
C ILE B 727 28.42 0.32 -45.42
N ARG B 728 28.78 -0.79 -44.79
CA ARG B 728 27.83 -1.84 -44.40
C ARG B 728 28.05 -2.14 -42.93
N PRO B 729 27.59 -1.28 -42.03
CA PRO B 729 27.85 -1.46 -40.60
C PRO B 729 26.99 -2.57 -40.01
N SER B 730 27.65 -3.55 -39.39
CA SER B 730 26.95 -4.68 -38.80
C SER B 730 26.17 -4.24 -37.56
N ALA B 731 25.43 -5.19 -36.98
CA ALA B 731 24.67 -4.89 -35.77
C ALA B 731 25.60 -4.74 -34.57
N LEU B 732 26.59 -5.62 -34.43
CA LEU B 732 27.52 -5.55 -33.33
C LEU B 732 28.79 -4.78 -33.67
N LEU B 733 28.99 -4.44 -34.95
CA LEU B 733 30.14 -3.62 -35.32
C LEU B 733 30.14 -2.30 -34.56
N ILE B 734 29.00 -1.61 -34.56
CA ILE B 734 28.86 -0.41 -33.75
C ILE B 734 28.99 -0.75 -32.27
N GLY B 735 28.43 -1.88 -31.86
CA GLY B 735 28.55 -2.30 -30.47
C GLY B 735 29.97 -2.65 -30.09
N LYS B 736 30.67 -3.40 -30.95
CA LYS B 736 32.05 -3.75 -30.67
C LYS B 736 32.95 -2.53 -30.64
N VAL B 737 32.79 -1.63 -31.61
CA VAL B 737 33.65 -0.46 -31.69
C VAL B 737 33.55 0.37 -30.42
N TRP B 738 32.34 0.54 -29.90
CA TRP B 738 32.18 1.27 -28.65
C TRP B 738 32.79 0.51 -27.47
N SER B 739 32.67 -0.82 -27.48
CA SER B 739 33.16 -1.62 -26.35
C SER B 739 34.66 -1.43 -26.15
N ARG B 740 35.43 -1.49 -27.23
CA ARG B 740 36.87 -1.28 -27.10
C ARG B 740 37.19 0.20 -26.88
N PHE B 741 36.48 1.09 -27.57
CA PHE B 741 36.71 2.52 -27.39
C PHE B 741 36.38 2.95 -25.96
N TYR B 742 35.27 2.47 -25.41
CA TYR B 742 34.91 2.81 -24.04
C TYR B 742 35.88 2.16 -23.04
N PHE B 743 36.28 0.92 -23.31
CA PHE B 743 37.24 0.25 -22.43
C PHE B 743 38.59 0.97 -22.46
N ASN B 744 39.04 1.40 -23.64
CA ASN B 744 40.31 2.10 -23.75
C ASN B 744 40.28 3.43 -23.02
N LEU B 745 39.16 4.15 -23.12
CA LEU B 745 39.04 5.43 -22.42
C LEU B 745 39.15 5.27 -20.92
N ASN B 746 38.75 4.11 -20.38
CA ASN B 746 38.89 3.87 -18.95
C ASN B 746 40.36 3.85 -18.53
N ASN B 747 41.22 3.24 -19.34
CA ASN B 747 42.64 3.22 -19.04
C ASN B 747 43.24 4.61 -19.09
N VAL B 748 42.98 5.34 -20.18
CA VAL B 748 43.51 6.70 -20.32
C VAL B 748 42.97 7.61 -19.23
N ALA B 749 41.79 7.30 -18.69
CA ALA B 749 41.19 8.13 -17.65
C ALA B 749 41.99 8.07 -16.36
N ASP B 750 42.54 6.90 -16.02
CA ASP B 750 43.22 6.71 -14.75
C ASP B 750 44.73 6.54 -14.88
N GLN B 751 45.23 5.95 -15.96
CA GLN B 751 46.67 5.84 -16.14
C GLN B 751 47.32 7.20 -16.31
N HIS B 752 46.66 8.11 -17.03
CA HIS B 752 47.15 9.47 -17.17
C HIS B 752 46.72 10.37 -16.02
N LYS B 753 45.83 9.89 -15.14
CA LYS B 753 45.33 10.72 -14.06
C LYS B 753 46.43 11.10 -13.06
N THR B 754 47.44 10.26 -12.92
CA THR B 754 48.49 10.46 -11.93
C THR B 754 49.84 10.69 -12.58
N ARG B 755 49.87 11.46 -13.67
CA ARG B 755 51.10 11.81 -14.35
C ARG B 755 51.12 13.30 -14.70
N LEU B 756 50.59 14.14 -13.81
CA LEU B 756 50.47 15.57 -14.04
C LEU B 756 51.52 16.38 -13.27
N TYR B 757 52.75 15.88 -13.21
CA TYR B 757 53.81 16.53 -12.46
C TYR B 757 54.16 17.88 -13.07
N ARG B 758 55.01 18.62 -12.34
CA ARG B 758 55.42 19.95 -12.80
C ARG B 758 56.14 19.86 -14.14
N ASN B 759 57.12 18.96 -14.25
CA ASN B 759 57.88 18.81 -15.49
C ASN B 759 57.03 18.31 -16.65
N ALA B 760 55.83 17.81 -16.38
CA ALA B 760 54.96 17.27 -17.43
C ALA B 760 54.08 18.34 -18.05
N GLU B 761 54.69 19.44 -18.49
CA GLU B 761 53.98 20.45 -19.25
C GLU B 761 54.02 20.16 -20.74
N HIS B 762 55.11 19.56 -21.22
CA HIS B 762 55.20 19.04 -22.58
C HIS B 762 56.13 17.82 -22.52
N GLY B 763 55.53 16.65 -22.36
CA GLY B 763 56.28 15.44 -22.10
C GLY B 763 56.89 14.80 -23.32
N ARG B 764 58.22 14.79 -23.38
CA ARG B 764 58.93 14.09 -24.44
C ARG B 764 59.08 12.61 -24.18
N MET B 765 58.79 12.16 -22.96
CA MET B 765 58.87 10.75 -22.58
C MET B 765 57.48 10.24 -22.22
N ALA B 766 57.29 8.93 -22.36
CA ALA B 766 55.99 8.31 -22.17
C ALA B 766 55.56 8.29 -20.71
N SER B 767 56.43 8.62 -19.77
CA SER B 767 56.10 8.61 -18.35
C SER B 767 55.44 9.90 -17.88
N GLN B 768 55.25 10.87 -18.76
CA GLN B 768 54.65 12.15 -18.42
C GLN B 768 53.45 12.41 -19.32
N SER B 769 52.39 12.98 -18.76
CA SER B 769 51.20 13.32 -19.51
C SER B 769 50.71 14.70 -19.10
N ASN B 770 50.00 15.35 -20.02
CA ASN B 770 49.46 16.69 -19.78
C ASN B 770 48.06 16.75 -20.39
N ALA B 771 47.51 17.96 -20.45
CA ALA B 771 46.17 18.13 -20.99
C ALA B 771 46.09 17.88 -22.49
N ALA B 772 47.23 17.87 -23.18
CA ALA B 772 47.25 17.61 -24.62
C ALA B 772 47.58 16.16 -24.96
N LYS B 773 48.35 15.47 -24.10
CA LYS B 773 48.60 14.07 -24.33
C LYS B 773 47.41 13.19 -23.94
N ILE B 774 46.65 13.62 -22.94
CA ILE B 774 45.42 12.92 -22.58
C ILE B 774 44.44 12.93 -23.74
N MET B 775 44.27 14.10 -24.36
CA MET B 775 43.39 14.21 -25.52
C MET B 775 43.96 13.47 -26.73
N ARG B 776 45.29 13.36 -26.82
CA ARG B 776 45.88 12.64 -27.95
C ARG B 776 45.52 11.16 -27.92
N PHE B 777 45.59 10.54 -26.75
CA PHE B 777 45.29 9.12 -26.62
C PHE B 777 43.82 8.85 -26.34
N ASN B 778 42.99 9.89 -26.30
CA ASN B 778 41.54 9.72 -26.33
C ASN B 778 41.01 9.71 -27.75
N VAL B 779 41.53 10.60 -28.60
CA VAL B 779 41.18 10.56 -30.03
C VAL B 779 41.81 9.33 -30.68
N LEU B 780 43.06 9.03 -30.35
CA LEU B 780 43.70 7.83 -30.90
C LEU B 780 43.01 6.56 -30.42
N ALA B 781 42.44 6.59 -29.21
CA ALA B 781 41.67 5.45 -28.72
C ALA B 781 40.47 5.18 -29.62
N PHE B 782 39.77 6.25 -30.00
CA PHE B 782 38.61 6.09 -30.89
C PHE B 782 39.04 5.59 -32.27
N LEU B 783 40.13 6.13 -32.80
CA LEU B 783 40.56 5.73 -34.14
C LEU B 783 41.14 4.32 -34.14
N HIS B 784 41.72 3.88 -33.02
CA HIS B 784 42.21 2.51 -32.93
C HIS B 784 41.06 1.51 -32.94
N ALA B 785 40.02 1.77 -32.14
CA ALA B 785 38.89 0.85 -32.06
C ALA B 785 38.19 0.73 -33.41
N VAL B 786 38.09 1.84 -34.15
CA VAL B 786 37.51 1.79 -35.48
C VAL B 786 38.37 0.95 -36.41
N LEU B 787 39.69 1.03 -36.26
CA LEU B 787 40.60 0.30 -37.15
C LEU B 787 40.59 -1.19 -36.85
N VAL B 788 40.97 -1.57 -35.63
CA VAL B 788 41.18 -2.98 -35.31
C VAL B 788 39.88 -3.77 -35.44
N GLU B 789 38.80 -3.22 -34.92
CA GLU B 789 37.50 -3.89 -35.00
C GLU B 789 36.68 -3.38 -36.19
N GLU B 790 37.31 -3.38 -37.37
CA GLU B 790 36.61 -3.23 -38.64
C GLU B 790 37.10 -4.31 -39.60
N SER B 791 38.35 -4.73 -39.42
CA SER B 791 38.82 -5.92 -40.12
C SER B 791 38.16 -7.18 -39.58
N LEU B 792 37.53 -7.10 -38.40
CA LEU B 792 36.89 -8.24 -37.77
C LEU B 792 35.42 -8.38 -38.16
N TYR B 793 34.64 -7.32 -37.97
CA TYR B 793 33.19 -7.41 -38.05
C TYR B 793 32.61 -6.36 -39.01
N HIS B 794 33.20 -6.24 -40.19
CA HIS B 794 32.64 -5.42 -41.25
C HIS B 794 32.38 -6.30 -42.46
N SER B 795 31.19 -6.18 -43.04
CA SER B 795 30.76 -7.04 -44.13
C SER B 795 31.18 -6.53 -45.50
N VAL B 796 32.19 -5.66 -45.56
CA VAL B 796 32.75 -5.22 -46.84
C VAL B 796 34.01 -5.98 -47.22
N SER B 797 34.61 -6.73 -46.29
CA SER B 797 35.78 -7.54 -46.56
C SER B 797 35.56 -8.94 -45.99
N ASP B 798 36.21 -9.92 -46.60
CA ASP B 798 36.04 -11.32 -46.21
C ASP B 798 37.14 -11.81 -45.28
N ARG B 799 38.40 -11.67 -45.67
CA ARG B 799 39.52 -12.16 -44.87
C ARG B 799 39.95 -11.11 -43.86
N GLU B 800 40.27 -11.57 -42.65
CA GLU B 800 40.59 -10.65 -41.56
C GLU B 800 42.01 -10.13 -41.72
N TYR B 801 42.20 -8.85 -41.40
CA TYR B 801 43.45 -8.17 -41.74
C TYR B 801 44.31 -7.75 -40.55
N ILE B 802 43.82 -7.84 -39.31
CA ILE B 802 44.63 -7.37 -38.19
C ILE B 802 45.82 -8.28 -37.95
N GLY B 803 45.78 -9.52 -38.44
CA GLY B 803 46.85 -10.47 -38.20
C GLY B 803 46.57 -11.38 -37.03
N GLU B 804 47.62 -11.92 -36.43
CA GLU B 804 47.50 -12.77 -35.26
C GLU B 804 48.33 -12.20 -34.12
N GLY B 805 47.73 -12.11 -32.94
CA GLY B 805 48.40 -11.57 -31.78
C GLY B 805 47.39 -10.95 -30.83
N LEU B 806 47.92 -10.49 -29.70
CA LEU B 806 47.08 -9.83 -28.70
C LEU B 806 46.63 -8.48 -29.22
N ARG B 807 45.34 -8.19 -29.05
CA ARG B 807 44.76 -6.94 -29.54
C ARG B 807 44.75 -5.92 -28.41
N LEU B 808 45.90 -5.25 -28.25
CA LEU B 808 46.07 -4.27 -27.19
C LEU B 808 45.76 -2.87 -27.71
N ASN B 809 45.22 -2.03 -26.83
CA ASN B 809 44.79 -0.68 -27.15
C ASN B 809 45.86 0.34 -26.75
N PRO B 810 45.95 1.46 -27.48
CA PRO B 810 46.97 2.47 -27.21
C PRO B 810 46.65 3.27 -25.96
N VAL B 811 47.45 3.05 -24.92
CA VAL B 811 47.35 3.85 -23.69
C VAL B 811 48.77 4.18 -23.23
N THR B 812 48.99 5.45 -22.89
CA THR B 812 50.29 5.99 -22.49
C THR B 812 51.38 5.79 -23.54
N SER B 813 51.01 5.42 -24.76
CA SER B 813 51.97 5.18 -25.83
C SER B 813 51.20 5.00 -27.14
N VAL B 814 51.94 5.00 -28.23
CA VAL B 814 51.39 4.77 -29.56
C VAL B 814 51.98 3.51 -30.20
N ASP B 815 52.63 2.67 -29.40
CA ASP B 815 53.27 1.47 -29.94
C ASP B 815 52.24 0.52 -30.55
N GLU B 816 51.11 0.33 -29.87
CA GLU B 816 50.12 -0.65 -30.33
C GLU B 816 49.44 -0.20 -31.62
N PHE B 817 49.06 1.07 -31.70
CA PHE B 817 48.31 1.55 -32.86
C PHE B 817 49.16 1.53 -34.12
N GLU B 818 50.41 1.98 -34.03
CA GLU B 818 51.28 1.99 -35.21
C GLU B 818 51.62 0.59 -35.66
N LYS B 819 51.68 -0.37 -34.73
CA LYS B 819 52.02 -1.74 -35.10
C LYS B 819 50.96 -2.37 -35.98
N LYS B 820 49.68 -2.06 -35.71
CA LYS B 820 48.61 -2.66 -36.49
C LYS B 820 48.50 -2.05 -37.88
N ILE B 821 48.74 -0.74 -37.99
CA ILE B 821 48.58 -0.07 -39.29
C ILE B 821 49.58 -0.60 -40.31
N LYS B 822 50.83 -0.78 -39.89
CA LYS B 822 51.85 -1.25 -40.83
C LYS B 822 51.56 -2.67 -41.30
N ILE B 823 51.07 -3.53 -40.39
CA ILE B 823 50.70 -4.89 -40.79
C ILE B 823 49.54 -4.87 -41.77
N ILE B 824 48.50 -4.07 -41.46
CA ILE B 824 47.36 -3.98 -42.36
C ILE B 824 47.76 -3.34 -43.68
N GLY B 825 48.65 -2.36 -43.64
CA GLY B 825 49.07 -1.69 -44.86
C GLY B 825 49.73 -2.64 -45.85
N GLU B 826 50.62 -3.50 -45.36
CA GLU B 826 51.28 -4.45 -46.26
C GLU B 826 50.38 -5.62 -46.61
N LYS B 827 49.48 -6.02 -45.70
CA LYS B 827 48.53 -7.10 -46.02
C LYS B 827 47.59 -6.68 -47.14
N LEU B 828 47.14 -5.43 -47.14
CA LEU B 828 46.34 -4.94 -48.24
C LEU B 828 47.11 -4.95 -49.55
N LYS B 829 48.38 -4.54 -49.51
CA LYS B 829 49.21 -4.59 -50.72
C LYS B 829 49.52 -6.03 -51.13
N ALA B 830 49.48 -6.96 -50.18
CA ALA B 830 49.68 -8.36 -50.53
C ALA B 830 48.55 -8.88 -51.40
N ASP B 831 47.32 -8.49 -51.11
CA ASP B 831 46.16 -8.91 -51.88
C ASP B 831 45.68 -7.84 -52.85
N ASN B 832 46.42 -6.74 -52.99
CA ASN B 832 46.08 -5.64 -53.90
C ASN B 832 44.69 -5.08 -53.59
N LYS B 833 44.55 -4.54 -52.38
CA LYS B 833 43.34 -3.89 -51.94
C LYS B 833 43.67 -2.55 -51.32
N THR B 834 42.74 -1.61 -51.44
CA THR B 834 42.94 -0.24 -50.98
C THR B 834 42.27 -0.03 -49.62
N TRP B 835 42.77 0.99 -48.90
CA TRP B 835 42.24 1.29 -47.57
C TRP B 835 40.77 1.70 -47.64
N LYS B 836 40.41 2.50 -48.64
CA LYS B 836 39.04 3.00 -48.75
C LYS B 836 38.05 1.93 -49.18
N ASN B 837 38.44 0.67 -49.29
CA ASN B 837 37.53 -0.43 -49.58
C ASN B 837 37.46 -1.44 -48.45
N THR B 838 38.60 -1.92 -47.97
CA THR B 838 38.59 -2.89 -46.87
C THR B 838 38.18 -2.24 -45.55
N HIS B 839 38.66 -1.02 -45.31
CA HIS B 839 38.36 -0.29 -44.08
C HIS B 839 37.84 1.09 -44.44
N PRO B 840 36.65 1.18 -45.05
CA PRO B 840 36.12 2.51 -45.41
C PRO B 840 35.82 3.37 -44.20
N LEU B 841 35.37 2.78 -43.09
CA LEU B 841 35.06 3.58 -41.91
C LEU B 841 36.31 4.22 -41.33
N PHE B 842 37.40 3.46 -41.25
CA PHE B 842 38.65 4.01 -40.73
C PHE B 842 39.25 5.02 -41.70
N PHE B 843 38.98 4.89 -42.99
CA PHE B 843 39.50 5.84 -43.96
C PHE B 843 38.85 7.22 -43.79
N LEU B 844 37.53 7.25 -43.65
CA LEU B 844 36.83 8.52 -43.51
C LEU B 844 37.05 9.16 -42.15
N LEU B 845 37.67 8.46 -41.20
CA LEU B 845 37.94 9.00 -39.88
C LEU B 845 39.41 9.33 -39.64
N ILE B 846 40.33 8.56 -40.23
CA ILE B 846 41.74 8.93 -40.16
C ILE B 846 42.09 10.02 -41.16
N SER B 847 41.25 10.26 -42.16
CA SER B 847 41.43 11.33 -43.12
C SER B 847 40.60 12.55 -42.78
N CYS B 848 40.02 12.60 -41.59
CA CYS B 848 39.17 13.71 -41.19
C CYS B 848 40.02 14.91 -40.78
N PRO B 849 39.84 16.07 -41.40
CA PRO B 849 40.65 17.24 -41.01
C PRO B 849 40.46 17.65 -39.56
N ILE B 850 39.30 17.41 -38.97
CA ILE B 850 39.04 17.84 -37.60
C ILE B 850 39.92 17.07 -36.62
N LEU B 851 40.08 15.76 -36.83
CA LEU B 851 40.84 14.93 -35.90
C LEU B 851 42.34 15.06 -36.07
N HIS B 852 42.81 15.66 -37.16
CA HIS B 852 44.25 15.74 -37.41
C HIS B 852 45.01 16.54 -36.36
N PRO B 853 44.56 17.75 -35.96
CA PRO B 853 45.32 18.47 -34.92
C PRO B 853 45.42 17.71 -33.60
N PHE B 854 44.42 16.91 -33.25
CA PHE B 854 44.46 16.14 -32.02
C PHE B 854 45.37 14.93 -32.09
N ILE B 855 45.73 14.49 -33.30
CA ILE B 855 46.59 13.33 -33.45
C ILE B 855 48.01 13.66 -33.00
N PHE B 856 48.51 14.85 -33.35
CA PHE B 856 49.88 15.26 -33.04
C PHE B 856 49.89 16.62 -32.36
N PRO B 857 49.49 16.69 -31.10
CA PRO B 857 49.66 17.93 -30.35
C PRO B 857 51.12 18.17 -30.02
N VAL B 858 51.44 19.44 -29.75
CA VAL B 858 52.83 19.82 -29.47
C VAL B 858 53.35 19.27 -28.16
N GLY B 859 52.47 18.87 -27.25
CA GLY B 859 52.90 18.33 -25.98
C GLY B 859 52.34 16.95 -25.69
N GLY B 860 51.94 16.24 -26.74
CA GLY B 860 51.41 14.90 -26.59
C GLY B 860 52.24 13.84 -27.28
N ILE B 861 53.17 14.28 -28.13
CA ILE B 861 54.07 13.35 -28.80
C ILE B 861 55.12 12.84 -27.83
N ASN B 862 55.78 11.76 -28.22
CA ASN B 862 56.84 11.15 -27.41
C ASN B 862 58.17 11.26 -28.17
N CYS B 863 59.19 11.77 -27.49
CA CYS B 863 60.50 11.99 -28.09
C CYS B 863 61.59 11.17 -27.40
N SER B 864 61.25 9.96 -26.96
CA SER B 864 62.23 9.11 -26.30
C SER B 864 63.25 8.58 -27.31
N VAL B 865 64.19 7.77 -26.82
CA VAL B 865 65.25 7.26 -27.68
C VAL B 865 64.69 6.28 -28.71
N LYS B 866 63.80 5.38 -28.27
CA LYS B 866 63.20 4.40 -29.18
C LYS B 866 61.73 4.65 -29.44
N ALA B 867 61.03 5.37 -28.56
CA ALA B 867 59.63 5.70 -28.81
C ALA B 867 59.48 6.59 -30.03
N LEU B 868 60.40 7.56 -30.19
CA LEU B 868 60.33 8.49 -31.32
C LEU B 868 60.40 7.77 -32.66
N ASN B 869 61.01 6.59 -32.71
CA ASN B 869 61.01 5.82 -33.95
C ASN B 869 59.60 5.46 -34.38
N LYS B 870 58.70 5.23 -33.41
CA LYS B 870 57.32 4.86 -33.75
C LYS B 870 56.58 6.05 -34.36
N GLU B 871 56.68 7.23 -33.76
CA GLU B 871 55.98 8.39 -34.28
C GLU B 871 56.48 8.76 -35.68
N THR B 872 57.77 8.57 -35.94
CA THR B 872 58.26 8.77 -37.30
C THR B 872 57.59 7.82 -38.27
N SER B 873 57.45 6.54 -37.89
CA SER B 873 56.73 5.58 -38.72
C SER B 873 55.23 5.88 -38.71
N PHE B 874 54.70 6.31 -37.57
CA PHE B 874 53.26 6.54 -37.45
C PHE B 874 52.78 7.60 -38.43
N ASN B 875 53.53 8.70 -38.56
CA ASN B 875 53.15 9.75 -39.49
C ASN B 875 53.18 9.23 -40.93
N LYS B 876 54.23 8.47 -41.27
CA LYS B 876 54.35 7.94 -42.62
C LYS B 876 53.19 6.99 -42.95
N LEU B 877 52.80 6.15 -42.00
CA LEU B 877 51.67 5.25 -42.21
C LEU B 877 50.38 6.03 -42.40
N ILE B 878 50.18 7.08 -41.61
CA ILE B 878 48.97 7.89 -41.74
C ILE B 878 48.95 8.61 -43.09
N ASP B 879 50.09 9.19 -43.48
CA ASP B 879 50.13 9.98 -44.71
C ASP B 879 49.85 9.12 -45.94
N GLU B 880 50.44 7.92 -45.99
CA GLU B 880 50.23 7.04 -47.13
C GLU B 880 48.80 6.52 -47.22
N ILE B 881 48.00 6.68 -46.16
CA ILE B 881 46.60 6.29 -46.20
C ILE B 881 45.77 7.48 -46.67
N VAL B 882 45.90 8.61 -45.98
CA VAL B 882 45.11 9.79 -46.32
C VAL B 882 45.45 10.29 -47.72
N GLY B 883 46.73 10.32 -48.07
CA GLY B 883 47.18 10.73 -49.38
C GLY B 883 47.84 12.09 -49.42
N ASP B 884 47.67 12.90 -48.39
CA ASP B 884 48.30 14.22 -48.31
C ASP B 884 49.43 14.18 -47.27
N LYS B 885 50.13 15.30 -47.16
CA LYS B 885 51.21 15.45 -46.19
C LYS B 885 50.67 16.29 -45.02
N LEU B 886 50.15 15.61 -44.01
CA LEU B 886 49.55 16.32 -42.88
C LEU B 886 50.59 17.14 -42.13
N LEU B 887 51.77 16.57 -41.91
CA LEU B 887 52.87 17.27 -41.25
C LEU B 887 54.12 17.18 -42.12
N SER B 888 54.67 18.33 -42.48
CA SER B 888 55.88 18.38 -43.28
C SER B 888 57.11 18.37 -42.38
N ASP B 889 58.21 17.82 -42.90
CA ASP B 889 59.44 17.75 -42.13
C ASP B 889 59.93 19.13 -41.71
N GLU B 890 59.58 20.17 -42.47
CA GLU B 890 59.94 21.53 -42.07
C GLU B 890 59.20 21.93 -40.80
N GLU B 891 57.96 21.47 -40.64
CA GLU B 891 57.17 21.80 -39.45
C GLU B 891 57.10 20.66 -38.44
N TRP B 892 57.29 19.41 -38.87
CA TRP B 892 57.24 18.29 -37.93
C TRP B 892 58.40 18.34 -36.95
N ASP B 893 59.55 18.87 -37.37
CA ASP B 893 60.74 18.85 -36.53
C ASP B 893 60.52 19.62 -35.23
N TYR B 894 59.81 20.74 -35.30
CA TYR B 894 59.55 21.54 -34.09
C TYR B 894 58.71 20.79 -33.07
N LEU B 895 57.92 19.81 -33.50
CA LEU B 895 57.06 19.07 -32.56
C LEU B 895 57.90 18.32 -31.53
N THR B 896 58.98 17.70 -31.97
CA THR B 896 59.80 16.85 -31.11
C THR B 896 61.09 17.52 -30.67
N LYS B 897 61.90 17.99 -31.61
CA LYS B 897 63.16 18.63 -31.28
C LYS B 897 62.96 20.11 -30.95
N GLN B 907 60.50 28.80 -35.24
CA GLN B 907 59.32 29.26 -34.51
C GLN B 907 58.25 29.77 -35.47
N GLN B 908 57.23 28.95 -35.70
CA GLN B 908 56.16 29.30 -36.62
C GLN B 908 54.80 29.17 -35.95
N ILE B 909 53.73 29.29 -36.73
CA ILE B 909 52.36 29.20 -36.23
C ILE B 909 51.70 27.99 -36.88
N PHE B 910 51.20 27.08 -36.05
CA PHE B 910 50.53 25.87 -36.55
C PHE B 910 49.04 26.15 -36.70
N GLN B 911 48.52 25.91 -37.91
CA GLN B 911 47.10 26.08 -38.17
C GLN B 911 46.34 24.75 -38.20
N ASN B 912 47.04 23.63 -38.38
CA ASN B 912 46.44 22.31 -38.37
C ASN B 912 46.91 21.48 -37.18
N THR B 913 47.49 22.12 -36.16
CA THR B 913 48.02 21.43 -35.00
C THR B 913 47.74 22.24 -33.76
N ILE B 914 47.18 21.60 -32.73
CA ILE B 914 46.87 22.29 -31.48
C ILE B 914 48.17 22.59 -30.75
N THR B 915 48.30 23.83 -30.28
CA THR B 915 49.51 24.29 -29.61
C THR B 915 49.32 24.59 -28.14
N SER B 916 48.38 25.47 -27.80
CA SER B 916 48.23 25.93 -26.41
C SER B 916 47.25 25.07 -25.62
N LEU B 917 47.50 23.76 -25.60
CA LEU B 917 46.73 22.83 -24.79
C LEU B 917 47.57 22.07 -23.79
N ASN B 918 48.82 21.72 -24.14
CA ASN B 918 49.71 21.08 -23.20
C ASN B 918 50.00 21.98 -22.02
N SER B 919 50.21 23.27 -22.28
CA SER B 919 50.49 24.27 -21.25
C SER B 919 49.23 24.75 -20.55
N SER B 920 48.07 24.18 -20.86
CA SER B 920 46.83 24.59 -20.21
C SER B 920 46.75 24.00 -18.81
N THR B 921 45.61 24.22 -18.15
CA THR B 921 45.41 23.82 -16.76
C THR B 921 44.41 22.68 -16.66
N ILE B 922 44.54 21.93 -15.58
CA ILE B 922 43.62 20.85 -15.24
C ILE B 922 43.16 21.07 -13.81
N VAL B 923 41.84 21.20 -13.60
CA VAL B 923 41.32 21.53 -12.29
C VAL B 923 41.55 20.36 -11.33
N GLY B 924 41.68 20.69 -10.05
CA GLY B 924 41.87 19.68 -9.03
C GLY B 924 43.21 18.97 -9.06
N ALA B 925 44.14 19.44 -9.88
CA ALA B 925 45.48 18.85 -9.97
C ALA B 925 46.48 19.82 -9.36
N SER B 926 47.14 19.38 -8.28
CA SER B 926 48.16 20.19 -7.62
C SER B 926 49.50 19.89 -8.28
N TYR B 927 50.10 20.91 -8.90
CA TYR B 927 51.35 20.74 -9.63
C TYR B 927 52.53 20.88 -8.67
N ASP B 928 52.68 19.87 -7.81
CA ASP B 928 53.69 19.88 -6.78
C ASP B 928 54.65 18.70 -6.83
N LYS B 929 54.50 17.80 -7.80
CA LYS B 929 55.35 16.62 -7.92
C LYS B 929 56.26 16.74 -9.13
N ASP B 930 57.18 15.78 -9.25
CA ASP B 930 58.14 15.75 -10.34
C ASP B 930 58.17 14.34 -10.93
N THR B 931 58.81 14.24 -12.09
CA THR B 931 58.81 13.00 -12.85
C THR B 931 59.88 12.05 -12.33
N PRO B 932 59.52 10.88 -11.82
CA PRO B 932 60.54 9.89 -11.45
C PRO B 932 61.28 9.36 -12.68
N ALA B 933 62.55 9.04 -12.48
CA ALA B 933 63.38 8.53 -13.57
C ALA B 933 64.03 7.20 -13.20
N LYS C 13 -21.48 50.42 -38.61
CA LYS C 13 -22.36 51.44 -38.06
C LYS C 13 -23.58 50.79 -37.41
N ILE C 14 -23.52 50.61 -36.09
CA ILE C 14 -24.62 50.05 -35.31
C ILE C 14 -25.03 51.09 -34.27
N ILE C 15 -26.31 51.44 -34.27
CA ILE C 15 -26.86 52.41 -33.33
C ILE C 15 -27.72 51.64 -32.32
N ILE C 16 -27.32 51.68 -31.06
CA ILE C 16 -28.03 50.99 -29.98
C ILE C 16 -28.54 52.05 -29.02
N ASN C 17 -29.86 52.15 -28.90
CA ASN C 17 -30.50 53.12 -28.01
C ASN C 17 -30.75 52.45 -26.67
N LEU C 18 -30.05 52.93 -25.63
CA LEU C 18 -30.27 52.42 -24.28
C LEU C 18 -31.67 52.76 -23.77
N PHE C 19 -32.30 53.81 -24.30
CA PHE C 19 -33.65 54.20 -23.90
C PHE C 19 -34.71 53.60 -24.81
N ALA C 20 -34.46 52.43 -25.37
CA ALA C 20 -35.50 51.70 -26.08
C ALA C 20 -36.60 51.29 -25.10
N PRO C 21 -37.85 51.13 -25.60
CA PRO C 21 -38.96 50.84 -24.69
C PRO C 21 -38.84 49.50 -23.97
N ASN C 22 -37.77 48.75 -24.21
CA ASN C 22 -37.62 47.42 -23.64
C ASN C 22 -36.20 47.25 -23.11
N LEU C 23 -36.06 46.32 -22.17
CA LEU C 23 -34.77 45.92 -21.62
C LEU C 23 -33.94 45.25 -22.72
N PRO C 24 -32.64 45.02 -22.48
CA PRO C 24 -31.81 44.37 -23.50
C PRO C 24 -32.17 42.92 -23.80
N GLY C 25 -33.23 42.39 -23.19
CA GLY C 25 -33.69 41.04 -23.48
C GLY C 25 -34.47 40.90 -24.76
N SER C 26 -34.60 41.97 -25.55
CA SER C 26 -35.35 41.95 -26.81
C SER C 26 -34.35 41.83 -27.96
N THR C 27 -34.43 40.74 -28.71
CA THR C 27 -33.58 40.52 -29.87
C THR C 27 -34.33 40.89 -31.16
N LYS C 28 -34.68 42.16 -31.25
CA LYS C 28 -35.43 42.66 -32.39
C LYS C 28 -34.52 42.86 -33.60
N GLU C 29 -35.13 43.09 -34.75
CA GLU C 29 -34.36 43.43 -35.93
C GLU C 29 -33.70 44.80 -35.75
N ASP C 30 -32.50 44.94 -36.32
CA ASP C 30 -31.64 46.09 -36.09
C ASP C 30 -31.28 46.23 -34.61
N ASP C 31 -31.27 45.11 -33.89
CA ASP C 31 -30.90 45.11 -32.48
C ASP C 31 -29.98 43.94 -32.13
N LEU C 32 -29.26 43.39 -33.10
CA LEU C 32 -28.27 42.35 -32.87
C LEU C 32 -26.90 42.88 -33.24
N ILE C 33 -25.97 42.90 -32.29
CA ILE C 33 -24.65 43.43 -32.55
C ILE C 33 -23.86 42.50 -33.46
N GLN C 34 -24.00 41.19 -33.27
CA GLN C 34 -23.28 40.22 -34.09
C GLN C 34 -23.97 39.99 -35.42
N LYS C 35 -24.27 41.08 -36.14
CA LYS C 35 -24.91 40.96 -37.45
C LYS C 35 -23.90 40.53 -38.52
N SER C 36 -22.68 41.07 -38.46
CA SER C 36 -21.68 40.72 -39.45
C SER C 36 -21.31 39.24 -39.38
N LEU C 37 -21.11 38.73 -38.16
CA LEU C 37 -20.78 37.32 -38.01
C LEU C 37 -21.94 36.42 -38.42
N ARG C 38 -23.17 36.82 -38.08
CA ARG C 38 -24.33 36.01 -38.42
C ARG C 38 -24.48 35.86 -39.93
N ASP C 39 -24.31 36.96 -40.66
CA ASP C 39 -24.40 36.88 -42.13
C ASP C 39 -23.20 36.14 -42.71
N GLN C 40 -22.04 36.24 -42.08
CA GLN C 40 -20.89 35.47 -42.53
C GLN C 40 -21.14 33.97 -42.36
N LEU C 41 -21.73 33.58 -41.23
CA LEU C 41 -22.05 32.17 -41.01
C LEU C 41 -23.17 31.71 -41.93
N VAL C 42 -24.21 32.53 -42.08
CA VAL C 42 -25.33 32.16 -42.94
C VAL C 42 -24.87 31.99 -44.38
N GLU C 43 -24.03 32.91 -44.86
CA GLU C 43 -23.46 32.77 -46.19
C GLU C 43 -22.58 31.52 -46.28
N SER C 44 -21.81 31.24 -45.22
CA SER C 44 -20.99 30.04 -45.22
C SER C 44 -21.84 28.78 -45.23
N ILE C 45 -23.04 28.83 -44.63
CA ILE C 45 -23.95 27.69 -44.69
C ILE C 45 -24.43 27.48 -46.12
N ARG C 46 -24.79 28.56 -46.81
CA ARG C 46 -25.34 28.44 -48.17
C ARG C 46 -24.29 27.94 -49.15
N ASN C 47 -23.02 28.31 -48.96
CA ASN C 47 -21.98 27.88 -49.88
C ASN C 47 -21.79 26.37 -49.86
N SER C 48 -21.88 25.76 -48.67
CA SER C 48 -21.70 24.31 -48.56
C SER C 48 -22.82 23.57 -49.30
N ILE C 49 -24.05 24.04 -49.19
CA ILE C 49 -25.17 23.38 -49.84
C ILE C 49 -25.08 23.54 -51.36
N ALA C 50 -24.65 24.71 -51.82
CA ALA C 50 -24.65 25.01 -53.25
C ALA C 50 -23.76 24.06 -54.05
N TYR C 51 -22.82 23.38 -53.41
CA TYR C 51 -21.93 22.45 -54.10
C TYR C 51 -22.71 21.29 -54.72
N GLY C 68 -20.16 14.12 -47.02
CA GLY C 68 -21.16 15.16 -47.22
C GLY C 68 -21.79 15.64 -45.92
N ARG C 69 -20.95 15.87 -44.92
CA ARG C 69 -21.40 16.33 -43.62
C ARG C 69 -21.03 17.80 -43.44
N ASN C 70 -22.00 18.62 -43.07
CA ASN C 70 -21.81 20.05 -42.84
C ASN C 70 -22.20 20.34 -41.39
N VAL C 71 -21.21 20.33 -40.50
CA VAL C 71 -21.43 20.60 -39.08
C VAL C 71 -20.68 21.88 -38.73
N PHE C 72 -21.42 22.88 -38.27
CA PHE C 72 -20.85 24.14 -37.81
C PHE C 72 -20.91 24.18 -36.30
N PHE C 73 -19.79 24.49 -35.66
CA PHE C 73 -19.74 24.64 -34.21
C PHE C 73 -19.70 26.12 -33.85
N VAL C 74 -20.57 26.53 -32.94
CA VAL C 74 -20.69 27.91 -32.51
C VAL C 74 -20.18 28.00 -31.09
N ASP C 75 -19.05 28.68 -30.89
CA ASP C 75 -18.43 28.83 -29.59
C ASP C 75 -18.18 30.30 -29.30
N GLY C 76 -18.19 30.64 -28.03
CA GLY C 76 -17.97 32.01 -27.62
C GLY C 76 -17.60 32.09 -26.15
N THR C 77 -17.58 33.33 -25.66
CA THR C 77 -17.33 33.55 -24.24
C THR C 77 -18.42 32.88 -23.41
N ARG C 78 -18.04 32.35 -22.25
CA ARG C 78 -19.02 31.70 -21.38
C ARG C 78 -20.10 32.70 -20.98
N GLY C 79 -21.35 32.28 -21.11
CA GLY C 79 -22.47 33.15 -20.83
C GLY C 79 -22.83 34.11 -21.94
N ALA C 80 -22.20 33.99 -23.11
CA ALA C 80 -22.56 34.84 -24.24
C ALA C 80 -23.86 34.37 -24.86
N GLY C 81 -24.38 35.20 -25.77
CA GLY C 81 -25.64 34.90 -26.42
C GLY C 81 -25.50 33.94 -27.59
N LYS C 82 -24.80 32.82 -27.37
CA LYS C 82 -24.70 31.80 -28.41
C LYS C 82 -26.06 31.22 -28.74
N THR C 83 -26.87 30.95 -27.72
CA THR C 83 -28.23 30.50 -27.95
C THR C 83 -29.03 31.57 -28.70
N THR C 84 -28.86 32.83 -28.31
CA THR C 84 -29.48 33.92 -29.06
C THR C 84 -28.93 34.01 -30.47
N PHE C 85 -27.62 33.78 -30.63
CA PHE C 85 -26.99 33.92 -31.94
C PHE C 85 -27.53 32.89 -32.93
N ILE C 86 -27.59 31.62 -32.52
CA ILE C 86 -28.14 30.60 -33.40
C ILE C 86 -29.63 30.84 -33.63
N ASN C 87 -30.33 31.34 -32.63
CA ASN C 87 -31.74 31.69 -32.81
C ASN C 87 -31.93 32.85 -33.77
N SER C 88 -30.91 33.68 -33.97
CA SER C 88 -30.97 34.68 -35.03
C SER C 88 -30.73 34.06 -36.40
N VAL C 89 -29.91 33.02 -36.48
CA VAL C 89 -29.64 32.37 -37.74
C VAL C 89 -30.88 31.62 -38.24
N VAL C 90 -31.57 30.92 -37.34
CA VAL C 90 -32.79 30.21 -37.73
C VAL C 90 -33.85 31.19 -38.22
N LYS C 91 -33.91 32.38 -37.60
CA LYS C 91 -34.84 33.40 -38.07
C LYS C 91 -34.36 34.04 -39.37
N SER C 92 -33.04 34.14 -39.57
CA SER C 92 -32.54 34.77 -40.78
C SER C 92 -32.69 33.85 -41.98
N LEU C 93 -32.51 32.54 -41.80
CA LEU C 93 -32.64 31.60 -42.90
C LEU C 93 -34.10 31.25 -43.20
N ASN C 94 -35.03 31.58 -42.30
CA ASN C 94 -36.45 31.37 -42.54
C ASN C 94 -37.15 32.62 -43.06
N SER C 95 -36.59 33.81 -42.79
CA SER C 95 -37.21 35.05 -43.24
C SER C 95 -37.24 35.15 -44.76
N ASP C 96 -36.15 34.74 -45.42
CA ASP C 96 -36.03 34.83 -46.86
C ASP C 96 -36.46 33.51 -47.50
N GLN C 97 -37.37 33.59 -48.47
CA GLN C 97 -37.91 32.40 -49.12
C GLN C 97 -37.99 32.50 -50.63
N ASP C 98 -38.03 33.69 -51.20
CA ASP C 98 -38.11 33.85 -52.65
C ASP C 98 -37.02 34.74 -53.23
N ASP C 99 -36.36 35.56 -52.41
CA ASP C 99 -35.27 36.39 -52.92
C ASP C 99 -34.02 35.55 -53.19
N VAL C 100 -33.78 34.54 -52.37
CA VAL C 100 -32.57 33.72 -52.47
C VAL C 100 -32.88 32.47 -53.29
N LYS C 101 -31.88 32.03 -54.06
CA LYS C 101 -32.04 30.81 -54.85
C LYS C 101 -32.05 29.57 -53.97
N VAL C 102 -31.16 29.53 -52.97
CA VAL C 102 -31.05 28.38 -52.07
C VAL C 102 -32.04 28.58 -50.92
N ASN C 103 -32.98 27.65 -50.79
CA ASN C 103 -34.00 27.71 -49.75
C ASN C 103 -33.67 26.72 -48.65
N ILE C 104 -33.76 27.18 -47.39
CA ILE C 104 -33.42 26.34 -46.25
C ILE C 104 -34.46 26.53 -45.14
N LYS C 105 -35.37 25.58 -45.00
CA LYS C 105 -36.16 25.50 -43.77
C LYS C 105 -35.28 25.07 -42.61
N CYS C 106 -35.80 25.30 -41.41
CA CYS C 106 -34.99 25.13 -40.20
C CYS C 106 -35.88 24.54 -39.11
N LEU C 107 -35.52 23.37 -38.60
CA LEU C 107 -36.25 22.80 -37.50
C LEU C 107 -36.12 23.69 -36.26
N PRO C 108 -37.13 23.69 -35.39
CA PRO C 108 -36.99 24.43 -34.12
C PRO C 108 -35.81 23.90 -33.34
N THR C 109 -35.12 24.80 -32.66
CA THR C 109 -33.84 24.45 -32.04
C THR C 109 -34.04 23.37 -30.98
N ILE C 110 -33.11 22.43 -30.94
CA ILE C 110 -33.21 21.26 -30.07
C ILE C 110 -32.33 21.48 -28.84
N ASP C 111 -32.90 21.22 -27.67
CA ASP C 111 -32.14 21.28 -26.42
C ASP C 111 -31.96 19.87 -25.89
N PRO C 112 -30.76 19.28 -26.03
CA PRO C 112 -30.59 17.88 -25.62
C PRO C 112 -30.74 17.65 -24.13
N THR C 113 -30.72 18.70 -23.31
CA THR C 113 -30.86 18.54 -21.87
C THR C 113 -32.31 18.57 -21.40
N LYS C 114 -33.22 19.13 -22.20
CA LYS C 114 -34.63 19.22 -21.85
C LYS C 114 -35.47 18.15 -22.54
N LEU C 115 -34.84 17.07 -22.98
CA LEU C 115 -35.51 15.96 -23.63
C LEU C 115 -35.62 14.76 -22.69
N PRO C 116 -36.56 13.85 -22.97
CA PRO C 116 -36.63 12.62 -22.16
C PRO C 116 -35.32 11.86 -22.21
N ARG C 117 -34.98 11.23 -21.08
CA ARG C 117 -33.67 10.62 -20.90
C ARG C 117 -33.40 9.46 -21.85
N HIS C 118 -34.43 8.93 -22.52
CA HIS C 118 -34.25 7.79 -23.39
C HIS C 118 -34.73 8.02 -24.83
N GLU C 119 -35.27 9.18 -25.13
CA GLU C 119 -35.72 9.46 -26.49
C GLU C 119 -34.52 9.73 -27.39
N PRO C 120 -34.32 8.96 -28.45
CA PRO C 120 -33.16 9.20 -29.33
C PRO C 120 -33.30 10.52 -30.06
N ILE C 121 -32.15 11.10 -30.40
CA ILE C 121 -32.14 12.36 -31.15
C ILE C 121 -32.74 12.15 -32.53
N LEU C 122 -32.62 10.94 -33.08
CA LEU C 122 -33.26 10.65 -34.36
C LEU C 122 -34.77 10.78 -34.26
N VAL C 123 -35.35 10.31 -33.15
CA VAL C 123 -36.78 10.48 -32.93
C VAL C 123 -37.13 11.96 -32.77
N THR C 124 -36.31 12.70 -32.00
CA THR C 124 -36.60 14.10 -31.76
C THR C 124 -36.55 14.92 -33.03
N VAL C 125 -35.57 14.66 -33.90
CA VAL C 125 -35.47 15.38 -35.16
C VAL C 125 -36.64 15.02 -36.07
N THR C 126 -36.96 13.73 -36.17
CA THR C 126 -38.07 13.30 -37.01
C THR C 126 -39.40 13.85 -36.51
N ALA C 127 -39.57 13.92 -35.19
CA ALA C 127 -40.80 14.45 -34.62
C ALA C 127 -41.00 15.91 -35.00
N ARG C 128 -39.92 16.71 -34.96
CA ARG C 128 -40.02 18.09 -35.38
C ARG C 128 -40.05 18.23 -36.90
N LEU C 129 -39.35 17.34 -37.61
CA LEU C 129 -39.39 17.37 -39.07
C LEU C 129 -40.77 16.98 -39.60
N ASN C 130 -41.45 16.07 -38.91
CA ASN C 130 -42.79 15.66 -39.35
C ASN C 130 -43.77 16.83 -39.29
N LYS C 131 -43.70 17.63 -38.22
CA LYS C 131 -44.63 18.75 -38.10
C LYS C 131 -44.34 19.82 -39.15
N MET C 132 -43.06 20.02 -39.49
CA MET C 132 -42.73 20.96 -40.55
C MET C 132 -43.32 20.51 -41.88
N VAL C 133 -43.26 19.21 -42.17
CA VAL C 133 -43.85 18.69 -43.40
C VAL C 133 -45.37 18.76 -43.35
N SER C 134 -45.96 18.35 -42.21
CA SER C 134 -47.41 18.32 -42.10
C SER C 134 -48.00 19.72 -42.21
N ASP C 135 -47.37 20.70 -41.55
CA ASP C 135 -47.87 22.08 -41.64
C ASP C 135 -47.78 22.61 -43.05
N LYS C 136 -46.70 22.27 -43.77
CA LYS C 136 -46.60 22.64 -45.17
C LYS C 136 -47.69 21.98 -46.00
N LEU C 137 -47.99 20.71 -45.70
CA LEU C 137 -49.03 19.99 -46.43
C LEU C 137 -50.43 20.52 -46.15
N LYS C 138 -50.69 21.01 -44.94
CA LYS C 138 -52.01 21.52 -44.59
C LYS C 138 -52.33 22.85 -45.24
N GLY C 139 -51.46 23.36 -46.12
CA GLY C 139 -51.77 24.59 -46.84
C GLY C 139 -52.87 24.44 -47.87
N TYR C 140 -53.11 23.22 -48.34
CA TYR C 140 -54.20 22.92 -49.27
C TYR C 140 -54.11 23.78 -50.53
N TRP C 141 -52.95 23.75 -51.17
CA TRP C 141 -52.81 24.41 -52.47
C TRP C 141 -53.70 23.74 -53.52
N ALA C 142 -53.74 22.41 -53.51
CA ALA C 142 -54.58 21.64 -54.42
C ALA C 142 -54.63 20.20 -53.92
N SER C 143 -55.74 19.52 -54.20
CA SER C 143 -55.89 18.13 -53.76
C SER C 143 -55.17 17.15 -54.69
N ASN C 144 -54.74 17.60 -55.87
CA ASN C 144 -54.08 16.70 -56.81
C ASN C 144 -52.75 16.19 -56.26
N ASP C 145 -51.97 17.07 -55.65
CA ASP C 145 -50.66 16.71 -55.11
C ASP C 145 -50.68 16.48 -53.60
N TYR C 146 -51.76 16.85 -52.92
CA TYR C 146 -51.84 16.62 -51.47
C TYR C 146 -51.78 15.14 -51.13
N ARG C 147 -52.51 14.31 -51.88
CA ARG C 147 -52.58 12.89 -51.56
C ARG C 147 -51.25 12.20 -51.83
N LYS C 148 -50.59 12.52 -52.94
CA LYS C 148 -49.36 11.84 -53.31
C LYS C 148 -48.25 12.12 -52.29
N GLN C 149 -48.10 13.39 -51.90
CA GLN C 149 -47.07 13.72 -50.91
C GLN C 149 -47.37 13.09 -49.56
N LYS C 150 -48.63 13.11 -49.14
CA LYS C 150 -49.01 12.43 -47.89
C LYS C 150 -48.77 10.93 -48.00
N GLU C 151 -49.10 10.34 -49.15
CA GLU C 151 -48.91 8.91 -49.33
C GLU C 151 -47.44 8.52 -49.23
N GLN C 152 -46.57 9.29 -49.88
CA GLN C 152 -45.14 8.98 -49.85
C GLN C 152 -44.51 9.34 -48.51
N TRP C 153 -44.90 10.47 -47.92
CA TRP C 153 -44.34 10.87 -46.64
C TRP C 153 -44.67 9.87 -45.55
N GLN C 154 -45.92 9.38 -45.51
CA GLN C 154 -46.31 8.41 -44.50
C GLN C 154 -45.64 7.06 -44.72
N ASN C 155 -45.17 6.77 -45.93
CA ASN C 155 -44.44 5.52 -46.17
C ASN C 155 -43.08 5.55 -45.50
N HIS C 156 -42.32 6.64 -45.71
CA HIS C 156 -41.02 6.76 -45.05
C HIS C 156 -41.19 6.98 -43.54
N LEU C 157 -42.21 7.74 -43.14
CA LEU C 157 -42.43 7.99 -41.72
C LEU C 157 -42.76 6.71 -40.97
N ALA C 158 -43.59 5.84 -41.57
CA ALA C 158 -43.92 4.58 -40.92
C ALA C 158 -42.80 3.57 -41.05
N GLN C 159 -42.02 3.64 -42.13
CA GLN C 159 -40.90 2.72 -42.29
C GLN C 159 -39.81 2.97 -41.24
N LEU C 160 -39.58 4.24 -40.91
CA LEU C 160 -38.61 4.56 -39.86
C LEU C 160 -39.04 3.99 -38.52
N GLN C 161 -40.33 4.04 -38.23
CA GLN C 161 -40.83 3.47 -36.97
C GLN C 161 -40.59 1.97 -36.90
N ARG C 162 -40.66 1.27 -38.03
CA ARG C 162 -40.39 -0.16 -38.03
C ARG C 162 -38.95 -0.45 -37.65
N GLY C 163 -38.01 0.35 -38.14
CA GLY C 163 -36.60 0.15 -37.90
C GLY C 163 -36.04 0.82 -36.67
N LEU C 164 -36.88 1.42 -35.83
CA LEU C 164 -36.39 2.14 -34.66
C LEU C 164 -35.92 1.22 -33.55
N HIS C 165 -36.24 -0.08 -33.59
CA HIS C 165 -35.78 -0.97 -32.54
C HIS C 165 -34.27 -1.11 -32.55
N LEU C 166 -33.64 -1.02 -33.73
CA LEU C 166 -32.18 -1.16 -33.81
C LEU C 166 -31.47 -0.12 -32.97
N LEU C 167 -32.08 1.06 -32.78
CA LEU C 167 -31.49 2.06 -31.91
C LEU C 167 -31.54 1.66 -30.45
N THR C 168 -32.57 0.93 -30.04
CA THR C 168 -32.82 0.60 -28.63
C THR C 168 -33.06 -0.88 -28.45
N ASP C 169 -32.18 -1.70 -29.01
CA ASP C 169 -32.18 -3.15 -28.78
C ASP C 169 -31.08 -3.51 -27.80
N LYS C 170 -31.42 -4.28 -26.78
CA LYS C 170 -30.44 -4.79 -25.83
C LYS C 170 -29.82 -6.11 -26.28
N GLU C 171 -30.36 -6.73 -27.32
CA GLU C 171 -29.85 -7.98 -27.87
C GLU C 171 -30.56 -8.24 -29.19
N TYR C 172 -29.85 -8.89 -30.12
CA TYR C 172 -30.37 -9.16 -31.48
C TYR C 172 -31.32 -10.37 -31.45
N LYS C 173 -32.50 -10.19 -32.04
CA LYS C 173 -33.52 -11.29 -32.08
C LYS C 173 -33.48 -11.93 -33.47
N PRO C 174 -33.31 -13.26 -33.57
CA PRO C 174 -33.19 -13.96 -34.86
C PRO C 174 -34.29 -13.66 -35.90
N GLU C 175 -35.42 -13.10 -35.50
CA GLU C 175 -36.49 -12.82 -36.46
C GLU C 175 -36.33 -11.47 -37.15
N TYR C 176 -35.38 -10.64 -36.72
CA TYR C 176 -35.13 -9.39 -37.45
C TYR C 176 -34.43 -9.63 -38.78
N PHE C 177 -33.84 -10.81 -38.99
CA PHE C 177 -33.22 -11.09 -40.29
C PHE C 177 -34.25 -11.09 -41.41
N SER C 178 -35.48 -11.52 -41.12
CA SER C 178 -36.54 -11.44 -42.12
C SER C 178 -36.80 -10.00 -42.51
N ASP C 179 -36.80 -9.08 -41.55
CA ASP C 179 -36.98 -7.66 -41.84
C ASP C 179 -35.84 -7.14 -42.71
N ALA C 180 -34.60 -7.56 -42.41
CA ALA C 180 -33.46 -7.10 -43.19
C ALA C 180 -33.47 -7.65 -44.62
N LEU C 181 -34.18 -8.75 -44.86
CA LEU C 181 -34.24 -9.34 -46.19
C LEU C 181 -35.43 -8.87 -47.02
N LYS C 182 -36.37 -8.13 -46.43
CA LYS C 182 -37.44 -7.55 -47.22
C LYS C 182 -36.90 -6.42 -48.07
N LEU C 183 -37.18 -6.48 -49.37
CA LEU C 183 -36.70 -5.49 -50.32
C LEU C 183 -37.89 -4.70 -50.87
N ASP C 184 -37.72 -3.38 -50.93
CA ASP C 184 -38.77 -2.45 -51.36
C ASP C 184 -38.19 -1.55 -52.46
N ALA C 185 -38.29 -2.02 -53.70
CA ALA C 185 -37.81 -1.23 -54.83
C ALA C 185 -38.59 0.08 -54.99
N GLN C 186 -39.81 0.15 -54.46
CA GLN C 186 -40.53 1.42 -54.42
C GLN C 186 -39.81 2.42 -53.52
N LEU C 187 -39.05 1.94 -52.54
CA LEU C 187 -38.34 2.82 -51.62
C LEU C 187 -36.89 3.07 -52.03
N ASP C 188 -36.31 2.17 -52.84
CA ASP C 188 -34.99 2.36 -53.44
C ASP C 188 -33.90 2.56 -52.38
N TYR C 189 -33.71 1.51 -51.60
CA TYR C 189 -32.61 1.43 -50.63
C TYR C 189 -31.52 0.57 -51.25
N SER C 190 -30.51 1.21 -51.84
CA SER C 190 -29.55 0.51 -52.69
C SER C 190 -28.55 -0.31 -51.88
N ILE C 191 -28.14 0.18 -50.70
CA ILE C 191 -27.04 -0.47 -49.99
C ILE C 191 -27.45 -1.86 -49.50
N GLY C 192 -28.72 -2.07 -49.23
CA GLY C 192 -29.17 -3.37 -48.77
C GLY C 192 -29.28 -3.42 -47.26
N GLY C 193 -30.16 -4.29 -46.77
CA GLY C 193 -30.38 -4.41 -45.36
C GLY C 193 -31.30 -3.34 -44.82
N GLN C 194 -31.42 -3.31 -43.49
CA GLN C 194 -32.26 -2.35 -42.80
C GLN C 194 -31.34 -1.30 -42.19
N ASP C 195 -31.06 -0.25 -42.97
CA ASP C 195 -30.08 0.78 -42.61
C ASP C 195 -30.83 2.04 -42.21
N LEU C 196 -30.73 2.41 -40.92
CA LEU C 196 -31.40 3.62 -40.44
C LEU C 196 -30.78 4.88 -41.03
N SER C 197 -29.47 4.85 -41.33
CA SER C 197 -28.82 6.01 -41.90
C SER C 197 -29.38 6.34 -43.28
N GLU C 198 -29.69 5.31 -44.07
CA GLU C 198 -30.24 5.54 -45.40
C GLU C 198 -31.75 5.69 -45.41
N ILE C 199 -32.45 5.09 -44.45
CA ILE C 199 -33.90 5.29 -44.35
C ILE C 199 -34.20 6.74 -44.00
N PHE C 200 -33.44 7.31 -43.06
CA PHE C 200 -33.63 8.70 -42.68
C PHE C 200 -33.30 9.65 -43.82
N GLU C 201 -32.23 9.35 -44.58
CA GLU C 201 -31.82 10.27 -45.64
C GLU C 201 -32.81 10.30 -46.79
N GLU C 202 -33.53 9.20 -47.02
CA GLU C 202 -34.65 9.26 -47.97
C GLU C 202 -35.84 9.98 -47.37
N LEU C 203 -36.05 9.85 -46.05
CA LEU C 203 -37.08 10.62 -45.38
C LEU C 203 -36.78 12.12 -45.46
N VAL C 204 -35.50 12.48 -45.32
CA VAL C 204 -35.11 13.88 -45.44
C VAL C 204 -35.35 14.39 -46.85
N LYS C 205 -35.01 13.58 -47.85
CA LYS C 205 -35.21 13.99 -49.25
C LYS C 205 -36.67 14.26 -49.55
N ARG C 206 -37.57 13.43 -49.02
CA ARG C 206 -39.00 13.68 -49.17
C ARG C 206 -39.40 14.98 -48.49
N ALA C 207 -38.83 15.24 -47.31
CA ALA C 207 -39.12 16.50 -46.61
C ALA C 207 -38.68 17.70 -47.43
N CYS C 208 -37.50 17.62 -48.04
CA CYS C 208 -37.02 18.73 -48.87
C CYS C 208 -37.88 18.88 -50.12
N GLU C 209 -38.30 17.76 -50.71
CA GLU C 209 -39.18 17.83 -51.88
C GLU C 209 -40.53 18.44 -51.52
N ILE C 210 -41.07 18.07 -50.36
CA ILE C 210 -42.35 18.64 -49.94
C ILE C 210 -42.20 20.11 -49.58
N LEU C 211 -41.12 20.46 -48.89
CA LEU C 211 -40.91 21.83 -48.45
C LEU C 211 -40.22 22.70 -49.50
N ASP C 212 -39.76 22.11 -50.60
CA ASP C 212 -39.12 22.84 -51.70
C ASP C 212 -37.88 23.58 -51.21
N CYS C 213 -36.90 22.81 -50.73
CA CYS C 213 -35.70 23.38 -50.12
C CYS C 213 -34.47 22.63 -50.59
N LYS C 214 -33.33 22.96 -49.97
CA LYS C 214 -32.08 22.28 -50.21
C LYS C 214 -31.38 21.85 -48.93
N ALA C 215 -31.85 22.26 -47.75
CA ALA C 215 -31.24 21.89 -46.49
C ALA C 215 -32.31 21.94 -45.40
N ILE C 216 -31.93 21.48 -44.21
CA ILE C 216 -32.88 21.33 -43.11
C ILE C 216 -32.41 22.09 -41.88
N LEU C 217 -31.08 22.20 -41.71
CA LEU C 217 -30.46 22.96 -40.63
C LEU C 217 -30.97 22.50 -39.25
N ILE C 218 -30.60 21.27 -38.89
CA ILE C 218 -30.80 20.82 -37.53
C ILE C 218 -29.91 21.64 -36.59
N THR C 219 -30.48 22.13 -35.51
CA THR C 219 -29.78 23.03 -34.59
C THR C 219 -29.85 22.48 -33.17
N PHE C 220 -28.74 22.55 -32.46
CA PHE C 220 -28.64 22.07 -31.09
C PHE C 220 -28.16 23.20 -30.18
N ASP C 221 -28.61 23.16 -28.92
CA ASP C 221 -28.16 24.10 -27.91
C ASP C 221 -27.00 23.51 -27.11
N ASP C 222 -26.62 24.21 -26.04
CA ASP C 222 -25.57 23.74 -25.16
C ASP C 222 -25.98 22.46 -24.46
N ILE C 223 -25.00 21.59 -24.23
CA ILE C 223 -25.21 20.36 -23.48
C ILE C 223 -24.82 20.61 -22.03
N ASP C 224 -24.75 21.88 -21.65
CA ASP C 224 -24.45 22.21 -20.26
C ASP C 224 -25.60 21.80 -19.35
N THR C 225 -25.27 21.63 -18.07
CA THR C 225 -26.17 21.25 -16.99
C THR C 225 -26.59 19.79 -17.10
N GLN C 226 -26.32 19.16 -18.23
CA GLN C 226 -26.30 17.70 -18.34
C GLN C 226 -25.50 17.37 -19.60
N PHE C 227 -24.23 17.03 -19.44
CA PHE C 227 -23.39 16.76 -20.59
C PHE C 227 -23.27 15.28 -20.91
N ASP C 228 -23.97 14.42 -20.17
CA ASP C 228 -24.15 13.04 -20.61
C ASP C 228 -25.01 13.00 -21.87
N ALA C 229 -25.99 13.89 -21.97
CA ALA C 229 -26.90 13.94 -23.11
C ALA C 229 -26.21 14.34 -24.40
N GLY C 230 -24.97 14.84 -24.35
CA GLY C 230 -24.28 15.24 -25.56
C GLY C 230 -23.81 14.09 -26.42
N TRP C 231 -23.63 12.90 -25.82
CA TRP C 231 -23.15 11.76 -26.60
C TRP C 231 -24.17 11.33 -27.64
N ASP C 232 -25.46 11.41 -27.30
CA ASP C 232 -26.50 11.13 -28.30
C ASP C 232 -26.43 12.13 -29.44
N VAL C 233 -26.12 13.39 -29.14
CA VAL C 233 -25.99 14.40 -30.19
C VAL C 233 -24.81 14.07 -31.09
N LEU C 234 -23.66 13.73 -30.49
CA LEU C 234 -22.48 13.41 -31.28
C LEU C 234 -22.68 12.15 -32.11
N GLU C 235 -23.29 11.11 -31.52
CA GLU C 235 -23.51 9.87 -32.25
C GLU C 235 -24.52 10.06 -33.38
N SER C 236 -25.58 10.82 -33.13
CA SER C 236 -26.57 11.05 -34.18
C SER C 236 -25.99 11.82 -35.35
N ILE C 237 -25.19 12.84 -35.07
CA ILE C 237 -24.57 13.62 -36.15
C ILE C 237 -23.64 12.76 -36.97
N ARG C 238 -22.84 11.92 -36.30
CA ARG C 238 -21.86 11.09 -36.99
C ARG C 238 -22.51 10.06 -37.89
N LYS C 239 -23.72 9.61 -37.56
CA LYS C 239 -24.35 8.50 -38.24
C LYS C 239 -25.55 8.87 -39.10
N PHE C 240 -26.43 9.75 -38.63
CA PHE C 240 -27.68 10.01 -39.32
C PHE C 240 -27.77 11.37 -39.99
N PHE C 241 -26.92 12.33 -39.61
CA PHE C 241 -27.04 13.71 -40.09
C PHE C 241 -25.93 14.07 -41.08
N ASN C 242 -25.43 13.09 -41.82
CA ASN C 242 -24.49 13.32 -42.91
C ASN C 242 -25.16 12.85 -44.20
N SER C 243 -25.95 13.74 -44.82
CA SER C 243 -26.77 13.34 -45.95
C SER C 243 -26.75 14.34 -47.10
N ARG C 244 -25.89 15.36 -47.04
CA ARG C 244 -25.74 16.40 -48.06
C ARG C 244 -26.97 17.30 -48.18
N LYS C 245 -28.03 17.02 -47.44
CA LYS C 245 -29.21 17.87 -47.38
C LYS C 245 -29.55 18.26 -45.95
N LEU C 246 -28.67 17.95 -45.00
CA LEU C 246 -28.85 18.31 -43.60
C LEU C 246 -27.65 19.12 -43.14
N VAL C 247 -27.91 20.24 -42.48
CA VAL C 247 -26.88 21.08 -41.88
C VAL C 247 -27.04 21.01 -40.38
N VAL C 248 -25.92 20.90 -39.67
CA VAL C 248 -25.93 20.83 -38.21
C VAL C 248 -25.17 22.03 -37.68
N VAL C 249 -25.78 22.73 -36.73
CA VAL C 249 -25.15 23.87 -36.06
C VAL C 249 -25.20 23.57 -34.57
N ALA C 250 -24.13 22.96 -34.06
CA ALA C 250 -24.00 22.68 -32.64
C ALA C 250 -23.37 23.88 -31.94
N THR C 251 -23.47 23.89 -30.61
CA THR C 251 -22.86 24.96 -29.83
C THR C 251 -22.56 24.42 -28.43
N GLY C 252 -21.64 25.09 -27.77
CA GLY C 252 -21.33 24.74 -26.40
C GLY C 252 -19.83 24.82 -26.15
N ASP C 253 -19.39 23.99 -25.21
CA ASP C 253 -18.00 23.95 -24.77
C ASP C 253 -17.31 22.74 -25.39
N LEU C 254 -16.27 23.00 -26.19
CA LEU C 254 -15.51 21.90 -26.77
C LEU C 254 -14.69 21.16 -25.72
N ARG C 255 -14.40 21.80 -24.58
CA ARG C 255 -13.84 21.08 -23.44
C ARG C 255 -14.81 20.03 -22.93
N LEU C 256 -16.09 20.39 -22.84
CA LEU C 256 -17.09 19.47 -22.32
C LEU C 256 -17.30 18.29 -23.26
N TYR C 257 -17.25 18.53 -24.57
CA TYR C 257 -17.34 17.43 -25.53
C TYR C 257 -16.10 16.55 -25.46
N SER C 258 -14.93 17.15 -25.23
CA SER C 258 -13.70 16.36 -25.16
C SER C 258 -13.73 15.40 -23.98
N GLN C 259 -14.17 15.86 -22.82
CA GLN C 259 -14.33 14.97 -21.67
C GLN C 259 -15.38 13.90 -21.95
N LEU C 260 -16.39 14.23 -22.74
CA LEU C 260 -17.42 13.26 -23.08
C LEU C 260 -16.89 12.20 -24.03
N ILE C 261 -16.17 12.62 -25.08
CA ILE C 261 -15.63 11.68 -26.05
C ILE C 261 -14.56 10.81 -25.40
N ARG C 262 -13.67 11.42 -24.61
CA ARG C 262 -12.58 10.67 -24.00
C ARG C 262 -13.10 9.61 -23.04
N GLY C 263 -14.21 9.89 -22.34
CA GLY C 263 -14.77 8.90 -21.44
C GLY C 263 -15.31 7.68 -22.14
N LYS C 264 -15.81 7.84 -23.37
CA LYS C 264 -16.38 6.70 -24.10
C LYS C 264 -15.30 5.79 -24.66
N GLN C 265 -14.14 6.33 -25.02
CA GLN C 265 -13.07 5.48 -25.53
C GLN C 265 -12.50 4.59 -24.43
N TYR C 266 -12.51 5.05 -23.18
CA TYR C 266 -12.19 4.19 -22.06
C TYR C 266 -13.23 3.10 -21.86
N GLU C 267 -14.48 3.35 -22.27
CA GLU C 267 -15.51 2.33 -22.15
C GLU C 267 -15.36 1.25 -23.21
N ASN C 268 -14.56 1.49 -24.25
CA ASN C 268 -14.28 0.47 -25.25
C ASN C 268 -13.24 -0.53 -24.78
N TYR C 269 -12.51 -0.22 -23.71
CA TYR C 269 -11.55 -1.16 -23.16
C TYR C 269 -12.25 -2.16 -22.26
N SER C 270 -11.88 -3.43 -22.40
CA SER C 270 -12.47 -4.47 -21.57
C SER C 270 -12.07 -4.29 -20.12
N LYS C 271 -13.02 -4.55 -19.21
CA LYS C 271 -12.77 -4.34 -17.79
C LYS C 271 -11.64 -5.22 -17.30
N THR C 272 -11.54 -6.46 -17.81
CA THR C 272 -10.49 -7.37 -17.38
C THR C 272 -9.11 -6.83 -17.75
N LEU C 273 -8.97 -6.23 -18.92
CA LEU C 273 -7.68 -5.71 -19.35
C LEU C 273 -7.20 -4.60 -18.43
N LEU C 274 -8.09 -3.70 -18.02
CA LEU C 274 -7.69 -2.59 -17.17
C LEU C 274 -7.28 -3.06 -15.79
N GLU C 275 -7.86 -4.16 -15.31
CA GLU C 275 -7.49 -4.68 -13.99
C GLU C 275 -6.16 -5.41 -14.01
N GLN C 276 -5.76 -5.96 -15.16
CA GLN C 276 -4.53 -6.73 -15.25
C GLN C 276 -3.32 -5.89 -15.62
N GLU C 277 -3.51 -4.81 -16.38
CA GLU C 277 -2.43 -3.94 -16.81
C GLU C 277 -2.65 -2.56 -16.20
N LYS C 278 -2.13 -2.36 -14.98
CA LYS C 278 -2.31 -1.12 -14.26
C LYS C 278 -1.02 -0.33 -14.09
N GLU C 279 0.11 -0.84 -14.55
CA GLU C 279 1.37 -0.14 -14.37
C GLU C 279 1.44 1.11 -15.27
N SER C 280 2.44 1.94 -15.01
CA SER C 280 2.56 3.21 -15.71
C SER C 280 2.82 3.01 -17.20
N VAL C 281 3.65 2.04 -17.57
CA VAL C 281 4.00 1.85 -18.97
C VAL C 281 2.79 1.39 -19.78
N ARG C 282 2.00 0.46 -19.21
CA ARG C 282 0.82 -0.01 -19.92
C ARG C 282 -0.30 1.03 -19.91
N LEU C 283 -0.42 1.78 -18.83
CA LEU C 283 -1.45 2.82 -18.76
C LEU C 283 -1.12 4.00 -19.67
N ALA C 284 0.17 4.27 -19.88
CA ALA C 284 0.56 5.41 -20.71
C ALA C 284 0.16 5.18 -22.17
N GLU C 285 0.52 4.02 -22.73
CA GLU C 285 0.12 3.71 -24.09
C GLU C 285 -1.39 3.60 -24.24
N ARG C 286 -2.09 3.23 -23.16
CA ARG C 286 -3.55 3.20 -23.20
C ARG C 286 -4.12 4.61 -23.25
N GLY C 287 -3.57 5.53 -22.45
CA GLY C 287 -4.02 6.91 -22.49
C GLY C 287 -3.53 7.67 -23.70
N TYR C 288 -2.34 7.33 -24.22
CA TYR C 288 -1.82 7.98 -25.41
C TYR C 288 -2.55 7.55 -26.68
N MET C 289 -3.36 6.49 -26.60
CA MET C 289 -4.20 6.09 -27.71
C MET C 289 -5.54 6.79 -27.68
N VAL C 290 -6.14 6.91 -26.49
CA VAL C 290 -7.44 7.57 -26.35
C VAL C 290 -7.32 9.05 -26.65
N GLU C 291 -6.21 9.68 -26.24
CA GLU C 291 -5.99 11.07 -26.61
C GLU C 291 -5.82 11.25 -28.11
N HIS C 292 -5.58 10.16 -28.83
CA HIS C 292 -5.48 10.21 -30.29
C HIS C 292 -6.79 9.86 -30.98
N LEU C 293 -7.65 9.07 -30.33
CA LEU C 293 -9.00 8.87 -30.84
C LEU C 293 -9.88 10.08 -30.54
N GLU C 294 -9.71 10.69 -29.37
CA GLU C 294 -10.45 11.90 -29.04
C GLU C 294 -10.06 13.05 -29.97
N GLN C 295 -8.78 13.15 -30.31
CA GLN C 295 -8.31 14.25 -31.16
C GLN C 295 -8.99 14.22 -32.52
N GLN C 296 -9.07 13.04 -33.13
CA GLN C 296 -9.64 12.92 -34.46
C GLN C 296 -11.16 12.84 -34.45
N TYR C 297 -11.77 12.62 -33.28
CA TYR C 297 -13.24 12.60 -33.22
C TYR C 297 -13.82 14.00 -33.27
N LEU C 298 -13.15 14.99 -32.66
CA LEU C 298 -13.60 16.37 -32.78
C LEU C 298 -13.38 16.89 -34.19
N LEU C 299 -12.23 16.57 -34.79
CA LEU C 299 -11.94 17.05 -36.13
C LEU C 299 -12.89 16.45 -37.15
N LYS C 300 -13.29 15.19 -36.95
CA LYS C 300 -14.27 14.57 -37.83
C LYS C 300 -15.63 15.23 -37.67
N LEU C 301 -16.08 15.43 -36.42
CA LEU C 301 -17.40 15.97 -36.18
C LEU C 301 -17.47 17.46 -36.51
N PHE C 302 -16.66 18.27 -35.82
CA PHE C 302 -16.63 19.71 -36.04
C PHE C 302 -15.35 20.09 -36.76
N PRO C 303 -15.38 20.28 -38.08
CA PRO C 303 -14.16 20.66 -38.79
C PRO C 303 -13.68 22.04 -38.36
N VAL C 304 -12.36 22.24 -38.43
CA VAL C 304 -11.77 23.50 -37.98
C VAL C 304 -12.26 24.65 -38.84
N GLN C 305 -12.31 24.45 -40.16
CA GLN C 305 -12.76 25.52 -41.05
C GLN C 305 -14.24 25.82 -40.90
N LYS C 306 -15.01 24.97 -40.23
CA LYS C 306 -16.43 25.21 -40.01
C LYS C 306 -16.74 25.82 -38.65
N ARG C 307 -15.81 25.73 -37.70
CA ARG C 307 -16.05 26.27 -36.36
C ARG C 307 -16.20 27.79 -36.41
N ILE C 308 -17.18 28.30 -35.66
CA ILE C 308 -17.50 29.72 -35.64
C ILE C 308 -17.28 30.24 -34.22
N GLN C 309 -16.52 31.33 -34.11
CA GLN C 309 -16.20 31.94 -32.82
C GLN C 309 -16.85 33.32 -32.77
N LEU C 310 -17.66 33.56 -31.73
CA LEU C 310 -18.27 34.86 -31.56
C LEU C 310 -17.21 35.88 -31.16
N LYS C 311 -17.22 37.03 -31.83
CA LYS C 311 -16.28 38.09 -31.52
C LYS C 311 -16.79 38.88 -30.32
N THR C 312 -15.97 38.98 -29.28
CA THR C 312 -16.29 39.87 -28.18
C THR C 312 -16.22 41.31 -28.67
N MET C 313 -17.03 42.17 -28.03
CA MET C 313 -17.20 43.53 -28.53
C MET C 313 -15.90 44.33 -28.47
N LEU C 314 -14.92 43.89 -27.66
CA LEU C 314 -13.60 44.49 -27.74
C LEU C 314 -12.96 44.23 -29.09
N GLN C 315 -13.08 43.00 -29.61
CA GLN C 315 -12.56 42.69 -30.93
C GLN C 315 -13.40 43.30 -32.05
N LEU C 316 -14.69 43.57 -31.78
CA LEU C 316 -15.53 44.21 -32.79
C LEU C 316 -15.16 45.67 -32.97
N VAL C 317 -14.82 46.36 -31.89
CA VAL C 317 -14.50 47.79 -31.94
C VAL C 317 -13.00 48.06 -31.97
N GLY C 318 -12.16 47.04 -31.78
CA GLY C 318 -10.73 47.23 -31.81
C GLY C 318 -10.19 47.83 -30.54
N GLU C 319 -8.88 48.05 -30.53
CA GLU C 319 -8.21 48.61 -29.37
C GLU C 319 -8.51 50.11 -29.27
N LYS C 320 -7.93 50.73 -28.24
CA LYS C 320 -8.13 52.16 -28.03
C LYS C 320 -7.57 52.98 -29.19
N GLY C 321 -6.37 52.65 -29.64
CA GLY C 321 -5.74 53.39 -30.70
C GLY C 321 -6.24 53.02 -32.09
N LYS C 322 -6.01 51.78 -32.50
CA LYS C 322 -6.38 51.35 -33.84
C LYS C 322 -7.89 51.15 -33.95
N ALA C 323 -8.42 51.40 -35.14
CA ALA C 323 -9.85 51.22 -35.38
C ALA C 323 -10.19 49.74 -35.47
N GLY C 324 -11.45 49.43 -35.16
CA GLY C 324 -11.93 48.07 -35.19
C GLY C 324 -12.52 47.69 -36.54
N LYS C 325 -12.93 46.42 -36.63
CA LYS C 325 -13.53 45.93 -37.87
C LYS C 325 -14.85 46.66 -38.17
N GLU C 326 -15.67 46.89 -37.14
CA GLU C 326 -16.93 47.57 -37.32
C GLU C 326 -17.14 48.58 -36.18
N GLU C 327 -17.78 49.69 -36.50
CA GLU C 327 -17.95 50.79 -35.58
C GLU C 327 -19.32 50.71 -34.89
N ILE C 328 -19.33 50.92 -33.58
CA ILE C 328 -20.53 50.80 -32.76
C ILE C 328 -20.79 52.14 -32.08
N LYS C 329 -22.03 52.62 -32.18
CA LYS C 329 -22.47 53.83 -31.50
C LYS C 329 -23.60 53.50 -30.55
N VAL C 330 -23.58 54.13 -29.37
CA VAL C 330 -24.58 53.91 -28.34
C VAL C 330 -25.23 55.25 -28.01
N LYS C 331 -26.56 55.27 -27.98
CA LYS C 331 -27.31 56.47 -27.61
C LYS C 331 -27.37 56.55 -26.09
N THR C 332 -26.73 57.57 -25.51
CA THR C 332 -26.71 57.74 -24.07
C THR C 332 -27.87 58.58 -23.55
N GLU C 333 -28.66 59.19 -24.43
CA GLU C 333 -29.81 59.99 -24.02
C GLU C 333 -30.96 59.74 -24.99
N PRO C 334 -32.19 59.84 -24.52
CA PRO C 334 -33.34 59.68 -25.42
C PRO C 334 -33.45 60.86 -26.38
N GLY C 335 -33.76 60.55 -27.63
CA GLY C 335 -33.91 61.57 -28.66
C GLY C 335 -32.64 61.94 -29.40
N MET C 336 -31.51 61.36 -29.02
CA MET C 336 -30.25 61.65 -29.72
C MET C 336 -30.32 61.18 -31.16
N GLN C 337 -29.89 62.03 -32.09
CA GLN C 337 -29.85 61.65 -33.49
C GLN C 337 -28.74 60.61 -33.72
N ASP C 338 -28.89 59.86 -34.81
CA ASP C 338 -27.87 58.87 -35.16
C ASP C 338 -26.51 59.51 -35.41
N ILE C 339 -26.46 60.79 -35.77
CA ILE C 339 -25.20 61.51 -35.89
C ILE C 339 -24.71 62.03 -34.55
N ASP C 340 -25.54 61.96 -33.50
CA ASP C 340 -25.17 62.48 -32.20
C ASP C 340 -24.71 61.40 -31.24
N ALA C 341 -25.00 60.13 -31.51
CA ALA C 341 -24.59 59.05 -30.62
C ALA C 341 -23.07 58.94 -30.56
N ILE C 342 -22.57 58.45 -29.44
CA ILE C 342 -21.14 58.35 -29.20
C ILE C 342 -20.73 56.88 -29.27
N ASP C 343 -19.43 56.66 -29.38
CA ASP C 343 -18.90 55.31 -29.50
C ASP C 343 -19.11 54.53 -28.20
N VAL C 344 -19.17 53.20 -28.33
CA VAL C 344 -19.35 52.36 -27.15
C VAL C 344 -18.15 52.45 -26.23
N ARG C 345 -16.94 52.61 -26.78
CA ARG C 345 -15.76 52.75 -25.94
C ARG C 345 -15.82 54.03 -25.11
N GLN C 346 -16.27 55.13 -25.73
CA GLN C 346 -16.42 56.38 -24.98
C GLN C 346 -17.64 56.34 -24.06
N ALA C 347 -18.68 55.60 -24.45
CA ALA C 347 -19.83 55.43 -23.56
C ALA C 347 -19.43 54.74 -22.26
N ILE C 348 -18.62 53.70 -22.36
CA ILE C 348 -18.06 53.07 -21.16
C ILE C 348 -17.04 54.00 -20.51
N GLY C 349 -16.25 54.69 -21.32
CA GLY C 349 -15.23 55.57 -20.78
C GLY C 349 -15.81 56.70 -19.94
N ASP C 350 -16.91 57.30 -20.41
CA ASP C 350 -17.58 58.32 -19.62
C ASP C 350 -18.14 57.77 -18.32
N ALA C 351 -18.47 56.48 -18.28
CA ALA C 351 -18.99 55.86 -17.07
C ALA C 351 -17.90 55.34 -16.15
N VAL C 352 -16.74 54.98 -16.69
CA VAL C 352 -15.66 54.47 -15.85
C VAL C 352 -14.87 55.62 -15.22
N ARG C 353 -14.52 56.63 -16.04
CA ARG C 353 -13.76 57.76 -15.51
C ARG C 353 -14.58 58.54 -14.49
N GLU C 354 -15.87 58.74 -14.77
CA GLU C 354 -16.72 59.48 -13.83
C GLU C 354 -17.24 58.58 -12.71
N GLY C 355 -17.31 57.27 -12.94
CA GLY C 355 -17.80 56.36 -11.94
C GLY C 355 -16.72 55.88 -10.98
N LEU C 356 -15.58 55.46 -11.52
CA LEU C 356 -14.45 55.04 -10.71
C LEU C 356 -13.57 56.21 -10.28
N ASN C 357 -13.89 57.43 -10.71
CA ASN C 357 -13.13 58.63 -10.36
C ASN C 357 -11.68 58.52 -10.83
N LEU C 358 -11.51 58.25 -12.12
CA LEU C 358 -10.21 58.06 -12.74
C LEU C 358 -9.98 59.11 -13.82
N ARG C 359 -8.73 59.58 -13.92
CA ARG C 359 -8.36 60.50 -14.96
C ARG C 359 -8.33 59.79 -16.31
N GLU C 360 -8.38 60.58 -17.38
CA GLU C 360 -8.36 60.02 -18.73
C GLU C 360 -6.97 59.52 -19.08
N GLY C 361 -6.54 58.43 -18.44
CA GLY C 361 -5.20 57.90 -18.65
C GLY C 361 -5.18 56.43 -19.01
N SER C 362 -4.07 55.77 -18.70
CA SER C 362 -3.93 54.35 -19.04
C SER C 362 -4.71 53.44 -18.10
N ASP C 363 -4.82 53.82 -16.82
CA ASP C 363 -5.51 52.95 -15.87
C ASP C 363 -7.02 53.00 -16.05
N ALA C 364 -7.57 54.16 -16.43
CA ALA C 364 -9.00 54.23 -16.72
C ALA C 364 -9.37 53.35 -17.90
N ASP C 365 -8.53 53.34 -18.94
CA ASP C 365 -8.78 52.49 -20.10
C ASP C 365 -8.55 51.02 -19.79
N MET C 366 -7.86 50.72 -18.68
CA MET C 366 -7.66 49.33 -18.29
C MET C 366 -8.97 48.69 -17.85
N TYR C 367 -9.84 49.45 -17.18
CA TYR C 367 -11.15 48.94 -16.82
C TYR C 367 -12.06 48.86 -18.04
N VAL C 368 -11.97 49.85 -18.93
CA VAL C 368 -12.81 49.85 -20.13
C VAL C 368 -12.48 48.67 -21.02
N ASN C 369 -11.19 48.38 -21.21
CA ASN C 369 -10.79 47.26 -22.05
C ASN C 369 -11.30 45.94 -21.50
N GLU C 370 -11.21 45.76 -20.18
CA GLU C 370 -11.75 44.54 -19.57
C GLU C 370 -13.26 44.50 -19.68
N LEU C 371 -13.92 45.64 -19.49
CA LEU C 371 -15.37 45.68 -19.62
C LEU C 371 -15.81 45.34 -21.04
N LEU C 372 -14.98 45.64 -22.04
CA LEU C 372 -15.31 45.33 -23.42
C LEU C 372 -15.20 43.84 -23.73
N LYS C 373 -14.53 43.08 -22.88
CA LYS C 373 -14.47 41.62 -23.02
C LYS C 373 -15.65 40.92 -22.35
N GLN C 374 -16.52 41.67 -21.68
CA GLN C 374 -17.67 41.09 -21.03
C GLN C 374 -18.69 40.63 -22.08
N PRO C 375 -19.62 39.75 -21.70
CA PRO C 375 -20.67 39.34 -22.64
C PRO C 375 -21.45 40.54 -23.15
N VAL C 376 -21.87 40.45 -24.41
CA VAL C 376 -22.45 41.59 -25.11
C VAL C 376 -23.71 42.07 -24.40
N ARG C 377 -24.60 41.14 -24.04
CA ARG C 377 -25.83 41.52 -23.35
C ARG C 377 -25.54 42.06 -21.96
N LEU C 378 -24.55 41.47 -21.27
CA LEU C 378 -24.24 41.89 -19.91
C LEU C 378 -23.75 43.32 -19.87
N LEU C 379 -22.83 43.69 -20.76
CA LEU C 379 -22.28 45.04 -20.76
C LEU C 379 -23.33 46.07 -21.16
N MET C 380 -24.12 45.77 -22.20
CA MET C 380 -25.13 46.72 -22.64
C MET C 380 -26.21 46.93 -21.58
N GLN C 381 -26.41 45.95 -20.69
CA GLN C 381 -27.31 46.17 -19.56
C GLN C 381 -26.67 47.07 -18.50
N VAL C 382 -25.34 47.00 -18.36
CA VAL C 382 -24.64 47.90 -17.45
C VAL C 382 -24.80 49.34 -17.91
N LEU C 383 -24.64 49.58 -19.21
CA LEU C 383 -24.80 50.93 -19.74
C LEU C 383 -26.22 51.43 -19.55
N GLN C 384 -27.21 50.57 -19.81
CA GLN C 384 -28.60 50.97 -19.64
C GLN C 384 -28.94 51.21 -18.18
N ASP C 385 -28.50 50.33 -17.29
CA ASP C 385 -28.76 50.51 -15.86
C ASP C 385 -28.03 51.72 -15.30
N PHE C 386 -27.05 52.27 -16.01
CA PHE C 386 -26.31 53.44 -15.59
C PHE C 386 -26.86 54.73 -16.18
N TYR C 387 -26.99 54.78 -17.51
CA TYR C 387 -27.37 56.03 -18.17
C TYR C 387 -28.84 56.36 -17.99
N THR C 388 -29.71 55.34 -17.98
CA THR C 388 -31.13 55.60 -17.78
C THR C 388 -31.38 56.19 -16.40
N LYS C 389 -30.74 55.64 -15.37
CA LYS C 389 -30.85 56.21 -14.03
C LYS C 389 -30.13 57.54 -13.92
N LYS C 390 -29.09 57.75 -14.72
CA LYS C 390 -28.38 59.03 -14.72
C LYS C 390 -29.22 60.12 -15.38
N TYR C 391 -29.85 59.80 -16.52
CA TYR C 391 -30.67 60.79 -17.21
C TYR C 391 -31.88 61.18 -16.37
N HIS C 392 -32.52 60.20 -15.73
CA HIS C 392 -33.69 60.51 -14.91
C HIS C 392 -33.34 61.44 -13.76
N ALA C 393 -32.19 61.21 -13.12
CA ALA C 393 -31.78 62.07 -12.01
C ALA C 393 -31.40 63.46 -12.52
N THR C 394 -30.58 63.52 -13.56
CA THR C 394 -30.16 64.82 -14.10
C THR C 394 -31.33 65.55 -14.75
N SER C 395 -32.17 64.82 -15.49
CA SER C 395 -33.31 65.38 -16.20
C SER C 395 -32.90 66.52 -17.15
N LEU C 411 -25.04 64.27 -6.95
CA LEU C 411 -25.52 63.28 -7.90
C LEU C 411 -25.00 61.90 -7.54
N SER C 412 -23.75 61.85 -7.08
CA SER C 412 -23.08 60.60 -6.69
C SER C 412 -23.07 59.61 -7.87
N VAL C 413 -22.37 60.01 -8.93
CA VAL C 413 -22.22 59.13 -10.09
C VAL C 413 -21.61 57.79 -9.71
N PRO C 414 -20.59 57.69 -8.86
CA PRO C 414 -20.08 56.36 -8.49
C PRO C 414 -21.14 55.45 -7.88
N ASN C 415 -22.12 56.01 -7.17
CA ASN C 415 -23.23 55.19 -6.69
C ASN C 415 -24.07 54.66 -7.84
N LEU C 416 -24.24 55.46 -8.89
CA LEU C 416 -24.99 55.00 -10.06
C LEU C 416 -24.26 53.87 -10.76
N LEU C 417 -22.93 53.97 -10.90
CA LEU C 417 -22.17 52.90 -11.51
C LEU C 417 -22.19 51.64 -10.65
N ARG C 418 -22.10 51.81 -9.33
CA ARG C 418 -22.12 50.66 -8.43
C ARG C 418 -23.46 49.92 -8.53
N ASN C 419 -24.56 50.66 -8.60
CA ASN C 419 -25.86 50.03 -8.80
C ASN C 419 -25.94 49.34 -10.16
N ALA C 420 -25.39 49.97 -11.20
CA ALA C 420 -25.39 49.35 -12.51
C ALA C 420 -24.56 48.07 -12.52
N LEU C 421 -23.42 48.08 -11.83
CA LEU C 421 -22.59 46.87 -11.75
C LEU C 421 -23.18 45.83 -10.82
N TYR C 422 -23.95 46.25 -9.81
CA TYR C 422 -24.47 45.30 -8.85
C TYR C 422 -25.49 44.36 -9.48
N GLY C 423 -26.48 44.91 -10.19
CA GLY C 423 -27.52 44.08 -10.77
C GLY C 423 -27.02 43.16 -11.87
N SER C 424 -26.18 43.69 -12.75
CA SER C 424 -25.74 42.94 -13.93
C SER C 424 -24.63 41.95 -13.64
N MET C 425 -24.07 41.96 -12.42
CA MET C 425 -22.87 41.18 -12.14
C MET C 425 -22.97 40.44 -10.80
N LEU C 426 -24.16 40.36 -10.21
CA LEU C 426 -24.31 39.86 -8.84
C LEU C 426 -23.81 38.42 -8.69
N SER C 427 -23.80 37.63 -9.76
CA SER C 427 -23.28 36.28 -9.66
C SER C 427 -21.81 36.27 -9.25
N SER C 428 -21.01 37.18 -9.81
CA SER C 428 -19.59 37.22 -9.50
C SER C 428 -19.34 37.56 -8.04
N ILE C 429 -20.09 38.53 -7.50
CA ILE C 429 -19.95 38.87 -6.08
C ILE C 429 -20.30 37.67 -5.20
N TYR C 430 -21.39 36.96 -5.54
CA TYR C 430 -21.76 35.78 -4.78
C TYR C 430 -20.72 34.67 -4.93
N ARG C 431 -20.20 34.49 -6.15
CA ARG C 431 -19.20 33.45 -6.38
C ARG C 431 -17.91 33.71 -5.61
N ALA C 432 -17.49 34.96 -5.53
CA ALA C 432 -16.24 35.32 -4.89
C ALA C 432 -16.36 35.51 -3.38
N GLY C 433 -17.56 35.38 -2.82
CA GLY C 433 -17.74 35.50 -1.40
C GLY C 433 -17.78 36.91 -0.86
N LEU C 434 -17.87 37.91 -1.73
CA LEU C 434 -17.90 39.31 -1.29
C LEU C 434 -19.25 39.61 -0.63
N ASN C 435 -19.40 40.87 -0.21
CA ASN C 435 -20.63 41.32 0.45
C ASN C 435 -21.61 41.78 -0.60
N TYR C 436 -22.71 41.05 -0.75
CA TYR C 436 -23.73 41.36 -1.74
C TYR C 436 -24.94 42.08 -1.16
N GLU C 437 -25.09 42.11 0.16
CA GLU C 437 -26.20 42.79 0.81
C GLU C 437 -26.03 44.30 0.64
N GLN C 438 -26.85 44.90 -0.22
CA GLN C 438 -26.73 46.32 -0.55
C GLN C 438 -27.20 47.25 0.55
N HIS C 439 -27.53 46.77 1.74
CA HIS C 439 -27.94 47.64 2.84
C HIS C 439 -26.83 47.89 3.84
N ARG C 440 -25.70 47.20 3.73
CA ARG C 440 -24.57 47.37 4.63
C ARG C 440 -23.38 48.03 3.95
N PHE C 441 -23.61 48.71 2.83
CA PHE C 441 -22.50 49.31 2.08
C PHE C 441 -21.93 50.48 2.85
N GLY C 442 -20.71 50.31 3.35
CA GLY C 442 -20.08 51.36 4.12
C GLY C 442 -18.60 51.09 4.29
N MET C 443 -17.98 51.86 5.19
CA MET C 443 -16.55 51.69 5.45
C MET C 443 -16.25 50.33 6.05
N ASP C 444 -17.12 49.85 6.95
CA ASP C 444 -16.87 48.57 7.61
C ASP C 444 -16.93 47.42 6.62
N SER C 445 -17.94 47.39 5.75
CA SER C 445 -18.11 46.30 4.82
C SER C 445 -17.04 46.33 3.73
N LEU C 446 -16.75 47.51 3.20
CA LEU C 446 -15.82 47.63 2.08
C LEU C 446 -14.42 47.12 2.47
N CYS C 447 -13.94 47.54 3.64
CA CYS C 447 -12.60 47.14 4.06
C CYS C 447 -12.49 45.63 4.25
N LYS C 448 -13.59 44.97 4.61
CA LYS C 448 -13.58 43.51 4.64
C LYS C 448 -13.62 42.93 3.24
N ASP C 449 -14.37 43.56 2.34
CA ASP C 449 -14.41 43.10 0.96
C ASP C 449 -13.06 43.26 0.27
N ILE C 450 -12.34 44.34 0.59
CA ILE C 450 -11.01 44.54 0.03
C ILE C 450 -10.07 43.43 0.47
N PHE C 451 -10.08 43.12 1.76
CA PHE C 451 -9.16 42.12 2.28
C PHE C 451 -9.49 40.73 1.76
N THR C 452 -10.78 40.38 1.68
CA THR C 452 -11.16 39.08 1.16
C THR C 452 -10.97 38.98 -0.35
N TYR C 453 -10.95 40.11 -1.05
CA TYR C 453 -10.62 40.09 -2.47
C TYR C 453 -9.13 39.85 -2.67
N VAL C 454 -8.28 40.53 -1.89
CA VAL C 454 -6.85 40.36 -2.03
C VAL C 454 -6.43 38.95 -1.60
N LYS C 455 -7.07 38.40 -0.57
CA LYS C 455 -6.77 37.04 -0.14
C LYS C 455 -7.06 36.04 -1.25
N GLN C 456 -8.20 36.19 -1.92
CA GLN C 456 -8.51 35.32 -3.04
C GLN C 456 -7.67 35.65 -4.27
N ASP C 457 -7.34 36.93 -4.46
CA ASP C 457 -6.45 37.32 -5.54
C ASP C 457 -5.02 36.83 -5.32
N ARG C 458 -4.67 36.48 -4.08
CA ARG C 458 -3.37 35.91 -3.74
C ARG C 458 -2.22 36.85 -4.09
N ASP C 459 -2.47 38.15 -4.09
CA ASP C 459 -1.43 39.15 -4.38
C ASP C 459 -1.60 40.30 -3.40
N PHE C 460 -0.91 40.22 -2.27
CA PHE C 460 -0.92 41.29 -1.29
C PHE C 460 -0.04 42.46 -1.70
N ASN C 461 0.89 42.25 -2.64
CA ASN C 461 1.80 43.31 -3.04
C ASN C 461 1.07 44.47 -3.69
N THR C 462 0.13 44.17 -4.60
CA THR C 462 -0.58 45.21 -5.32
C THR C 462 -2.08 44.92 -5.43
N GLY C 463 -2.63 44.11 -4.53
CA GLY C 463 -4.04 43.74 -4.63
C GLY C 463 -5.01 44.83 -4.21
N PHE C 464 -4.53 45.90 -3.57
CA PHE C 464 -5.40 46.96 -3.12
C PHE C 464 -5.63 48.04 -4.17
N TYR C 465 -5.02 47.90 -5.36
CA TYR C 465 -5.34 48.79 -6.47
C TYR C 465 -6.66 48.45 -7.13
N LEU C 466 -7.15 47.22 -6.95
CA LEU C 466 -8.38 46.74 -7.58
C LEU C 466 -8.30 46.89 -9.11
N ARG C 467 -7.32 46.19 -9.68
CA ARG C 467 -7.14 46.21 -11.11
C ARG C 467 -7.60 44.89 -11.73
N PRO C 468 -8.24 44.92 -12.90
CA PRO C 468 -8.72 43.68 -13.50
C PRO C 468 -7.59 42.83 -14.05
N GLN C 469 -6.79 42.23 -13.16
CA GLN C 469 -5.67 41.40 -13.55
C GLN C 469 -5.86 39.93 -13.23
N SER C 470 -6.78 39.59 -12.33
CA SER C 470 -6.93 38.22 -11.87
C SER C 470 -7.42 37.31 -12.99
N GLU C 471 -6.91 36.07 -12.99
CA GLU C 471 -7.31 35.11 -14.02
C GLU C 471 -8.77 34.72 -13.89
N SER C 472 -9.25 34.55 -12.64
CA SER C 472 -10.62 34.13 -12.43
C SER C 472 -11.60 35.18 -12.93
N GLU C 473 -12.62 34.74 -13.67
CA GLU C 473 -13.59 35.67 -14.24
C GLU C 473 -14.37 36.38 -13.15
N ALA C 474 -14.73 35.67 -12.08
CA ALA C 474 -15.46 36.30 -10.99
C ALA C 474 -14.59 37.32 -10.26
N LEU C 475 -13.30 37.02 -10.08
CA LEU C 475 -12.43 37.92 -9.33
C LEU C 475 -12.22 39.23 -10.08
N ARG C 476 -11.85 39.17 -11.36
CA ARG C 476 -11.68 40.40 -12.11
C ARG C 476 -13.01 41.07 -12.42
N ASN C 477 -14.14 40.38 -12.21
CA ASN C 477 -15.43 41.04 -12.27
C ASN C 477 -15.64 41.93 -11.05
N CYS C 478 -15.22 41.45 -9.88
CA CYS C 478 -15.37 42.23 -8.65
C CYS C 478 -14.40 43.41 -8.60
N SER C 479 -13.35 43.40 -9.41
CA SER C 479 -12.37 44.50 -9.38
C SER C 479 -13.02 45.82 -9.77
N ILE C 480 -13.83 45.81 -10.83
CA ILE C 480 -14.55 47.03 -11.21
C ILE C 480 -15.62 47.36 -10.18
N TYR C 481 -16.27 46.33 -9.63
CA TYR C 481 -17.32 46.55 -8.64
C TYR C 481 -16.75 47.18 -7.37
N LEU C 482 -15.66 46.62 -6.85
CA LEU C 482 -15.05 47.17 -5.64
C LEU C 482 -14.45 48.54 -5.89
N ALA C 483 -13.90 48.78 -7.08
CA ALA C 483 -13.37 50.10 -7.40
C ALA C 483 -14.47 51.15 -7.36
N SER C 484 -15.66 50.83 -7.88
CA SER C 484 -16.79 51.74 -7.76
C SER C 484 -17.20 51.91 -6.30
N GLN C 485 -17.17 50.82 -5.52
CA GLN C 485 -17.50 50.90 -4.11
C GLN C 485 -16.53 51.80 -3.35
N VAL C 486 -15.24 51.69 -3.67
CA VAL C 486 -14.24 52.54 -3.02
C VAL C 486 -14.46 54.00 -3.39
N SER C 487 -14.76 54.28 -4.65
CA SER C 487 -14.89 55.64 -5.11
C SER C 487 -16.19 56.30 -4.67
N GLU C 488 -17.21 55.53 -4.30
CA GLU C 488 -18.47 56.10 -3.88
C GLU C 488 -18.55 56.33 -2.37
N ASN C 489 -17.91 55.48 -1.57
CA ASN C 489 -17.89 55.68 -0.13
C ASN C 489 -17.00 56.86 0.24
N CYS C 490 -15.80 56.92 -0.34
CA CYS C 490 -14.82 57.95 0.01
C CYS C 490 -15.06 59.28 -0.69
N GLN C 491 -16.04 59.36 -1.58
CA GLN C 491 -16.31 60.62 -2.27
C GLN C 491 -16.88 61.64 -1.29
N GLY C 492 -16.36 62.86 -1.35
CA GLY C 492 -16.86 63.93 -0.49
C GLY C 492 -16.65 63.70 0.98
N SER C 493 -15.52 63.10 1.36
CA SER C 493 -15.23 62.86 2.78
C SER C 493 -13.74 62.62 2.93
N LEU C 494 -13.07 63.50 3.68
CA LEU C 494 -11.65 63.31 3.95
C LEU C 494 -11.42 62.18 4.96
N SER C 495 -12.33 62.03 5.93
CA SER C 495 -12.16 61.00 6.95
C SER C 495 -12.19 59.60 6.34
N LYS C 496 -13.12 59.37 5.39
CA LYS C 496 -13.20 58.07 4.75
C LYS C 496 -11.98 57.81 3.87
N PHE C 497 -11.41 58.85 3.26
CA PHE C 497 -10.19 58.67 2.48
C PHE C 497 -9.05 58.17 3.36
N LEU C 498 -8.91 58.73 4.56
CA LEU C 498 -7.87 58.27 5.47
C LEU C 498 -8.19 56.93 6.10
N GLN C 499 -9.48 56.57 6.17
CA GLN C 499 -9.85 55.26 6.70
C GLN C 499 -9.55 54.16 5.68
N MET C 500 -9.85 54.40 4.40
CA MET C 500 -9.48 53.44 3.36
C MET C 500 -7.98 53.38 3.17
N LEU C 501 -7.27 54.49 3.40
CA LEU C 501 -5.82 54.48 3.26
C LEU C 501 -5.17 53.57 4.30
N LEU C 502 -5.68 53.59 5.53
CA LEU C 502 -5.10 52.80 6.61
C LEU C 502 -5.77 51.43 6.73
N VAL C 503 -7.08 51.41 6.99
CA VAL C 503 -7.76 50.13 7.20
C VAL C 503 -7.87 49.36 5.90
N GLY C 504 -8.23 50.03 4.81
CA GLY C 504 -8.44 49.37 3.54
C GLY C 504 -7.17 48.86 2.90
N CYS C 505 -6.26 49.77 2.54
CA CYS C 505 -5.03 49.40 1.87
C CYS C 505 -3.92 49.00 2.83
N GLY C 506 -3.84 49.66 3.99
CA GLY C 506 -2.74 49.39 4.90
C GLY C 506 -2.77 48.00 5.50
N SER C 507 -3.97 47.49 5.81
CA SER C 507 -4.07 46.16 6.39
C SER C 507 -3.51 45.09 5.46
N VAL C 508 -3.61 45.30 4.15
CA VAL C 508 -3.01 44.37 3.21
C VAL C 508 -1.49 44.44 3.25
N SER C 509 -0.95 45.67 3.27
CA SER C 509 0.50 45.84 3.29
C SER C 509 1.12 45.34 4.59
N ILE C 510 0.45 45.60 5.72
CA ILE C 510 0.97 45.17 7.02
C ILE C 510 1.05 43.65 7.08
N PHE C 511 0.02 42.97 6.57
CA PHE C 511 0.03 41.51 6.55
C PHE C 511 1.15 40.98 5.65
N ASN C 512 1.40 41.65 4.53
CA ASN C 512 2.37 41.14 3.56
C ASN C 512 3.80 41.20 4.07
N GLN C 513 4.13 42.17 4.91
CA GLN C 513 5.50 42.37 5.34
C GLN C 513 5.79 41.84 6.73
N PHE C 514 4.80 41.82 7.62
CA PHE C 514 5.05 41.51 9.04
C PHE C 514 4.34 40.28 9.56
N VAL C 515 3.35 39.76 8.85
CA VAL C 515 2.54 38.64 9.34
C VAL C 515 2.68 37.41 8.46
N THR C 516 2.69 37.60 7.14
CA THR C 516 2.58 36.46 6.23
C THR C 516 3.81 35.55 6.25
N GLU C 517 4.94 36.03 6.76
CA GLU C 517 6.13 35.19 6.78
C GLU C 517 6.04 34.09 7.82
N LEU C 518 5.12 34.20 8.79
CA LEU C 518 4.94 33.16 9.79
C LEU C 518 4.14 31.97 9.26
N ALA C 519 3.53 32.09 8.08
CA ALA C 519 2.76 30.99 7.51
C ALA C 519 3.27 30.65 6.11
N GLU C 526 -6.45 25.59 6.66
CA GLU C 526 -4.99 25.55 6.61
C GLU C 526 -4.38 26.46 7.66
N LYS C 527 -3.07 26.32 7.89
CA LYS C 527 -2.38 27.18 8.83
C LYS C 527 -2.36 28.62 8.34
N PHE C 528 -2.43 28.84 7.03
CA PHE C 528 -2.49 30.20 6.49
C PHE C 528 -3.85 30.83 6.75
N GLU C 529 -4.92 30.07 6.55
CA GLU C 529 -6.27 30.62 6.77
C GLU C 529 -6.51 30.91 8.24
N GLN C 530 -5.91 30.13 9.14
CA GLN C 530 -6.00 30.43 10.57
C GLN C 530 -5.33 31.77 10.88
N LEU C 531 -4.18 32.02 10.26
CA LEU C 531 -3.50 33.31 10.44
C LEU C 531 -4.31 34.45 9.85
N ILE C 532 -4.98 34.22 8.71
CA ILE C 532 -5.80 35.25 8.11
C ILE C 532 -6.95 35.62 9.04
N SER C 533 -7.63 34.62 9.60
CA SER C 533 -8.74 34.87 10.50
C SER C 533 -8.29 35.63 11.75
N GLU C 534 -7.14 35.24 12.31
CA GLU C 534 -6.63 35.94 13.47
C GLU C 534 -6.27 37.39 13.15
N TYR C 535 -5.64 37.62 11.99
CA TYR C 535 -5.20 38.97 11.64
C TYR C 535 -6.39 39.89 11.43
N VAL C 536 -7.41 39.43 10.71
CA VAL C 536 -8.57 40.28 10.44
C VAL C 536 -9.34 40.54 11.72
N ALA C 537 -9.40 39.54 12.62
CA ALA C 537 -10.10 39.73 13.89
C ALA C 537 -9.34 40.67 14.80
N TYR C 538 -8.02 40.49 14.90
CA TYR C 538 -7.22 41.37 15.76
C TYR C 538 -7.23 42.80 15.25
N MET C 539 -6.92 43.00 13.97
CA MET C 539 -6.84 44.35 13.43
C MET C 539 -8.21 44.96 13.21
N SER C 540 -9.27 44.15 13.26
CA SER C 540 -10.65 44.61 13.08
C SER C 540 -10.83 45.32 11.73
N VAL C 541 -10.47 44.62 10.66
CA VAL C 541 -10.72 45.17 9.33
C VAL C 541 -12.21 45.12 9.01
N GLY C 542 -12.93 44.11 9.53
CA GLY C 542 -14.35 44.03 9.26
C GLY C 542 -15.14 45.14 9.91
N ARG C 543 -14.83 45.47 11.17
CA ARG C 543 -15.53 46.51 11.91
C ARG C 543 -14.54 47.60 12.28
N ILE C 544 -14.82 48.82 11.85
CA ILE C 544 -13.95 49.97 12.12
C ILE C 544 -14.61 50.78 13.23
N GLU C 545 -14.20 50.54 14.47
CA GLU C 545 -14.69 51.34 15.58
C GLU C 545 -14.19 52.77 15.47
N SER C 546 -12.89 52.94 15.23
CA SER C 546 -12.30 54.25 14.98
C SER C 546 -11.00 54.04 14.20
N ALA C 547 -10.62 55.07 13.44
CA ALA C 547 -9.39 54.96 12.65
C ALA C 547 -8.17 54.81 13.54
N SER C 548 -8.09 55.58 14.61
CA SER C 548 -6.96 55.47 15.53
C SER C 548 -6.92 54.12 16.24
N HIS C 549 -8.08 53.47 16.37
CA HIS C 549 -8.09 52.13 16.97
C HIS C 549 -7.34 51.14 16.09
N TRP C 550 -7.52 51.23 14.77
CA TRP C 550 -6.74 50.39 13.86
C TRP C 550 -5.25 50.69 13.97
N ALA C 551 -4.91 51.98 14.08
CA ALA C 551 -3.51 52.37 14.14
C ALA C 551 -2.82 51.83 15.38
N ASN C 552 -3.52 51.83 16.53
CA ASN C 552 -2.93 51.33 17.75
C ASN C 552 -2.58 49.85 17.64
N ARG C 553 -3.45 49.06 17.02
CA ARG C 553 -3.13 47.66 16.77
C ARG C 553 -2.05 47.49 15.71
N CYS C 554 -1.81 48.52 14.90
CA CYS C 554 -0.74 48.44 13.91
C CYS C 554 0.63 48.58 14.55
N CYS C 555 0.72 49.33 15.65
CA CYS C 555 2.00 49.47 16.35
C CYS C 555 2.46 48.12 16.92
N ALA C 556 1.52 47.34 17.45
CA ALA C 556 1.86 46.08 18.07
C ALA C 556 2.25 45.00 17.06
N VAL C 557 1.79 45.11 15.82
CA VAL C 557 2.05 44.06 14.84
C VAL C 557 3.34 44.32 14.06
N VAL C 558 3.66 45.59 13.78
CA VAL C 558 4.94 45.88 13.14
C VAL C 558 6.09 45.63 14.11
N ALA C 559 5.85 45.81 15.41
CA ALA C 559 6.85 45.52 16.43
C ALA C 559 6.94 44.04 16.75
N ASN C 560 6.07 43.20 16.20
CA ASN C 560 6.13 41.77 16.42
C ASN C 560 7.48 41.21 15.99
N SER C 561 7.93 41.59 14.81
CA SER C 561 9.22 41.11 14.31
C SER C 561 10.35 41.75 15.10
N PRO C 562 11.21 40.97 15.75
CA PRO C 562 12.35 41.57 16.44
C PRO C 562 13.38 42.09 15.44
N ASN C 563 13.45 43.41 15.31
CA ASN C 563 14.34 44.01 14.32
C ASN C 563 15.79 43.69 14.63
N ASP C 564 16.57 43.46 13.58
CA ASP C 564 17.99 43.19 13.74
C ASP C 564 18.67 44.42 14.33
N GLU C 565 19.53 44.18 15.33
CA GLU C 565 20.21 45.19 16.13
C GLU C 565 19.24 45.88 17.10
N LYS C 566 17.95 45.58 16.97
CA LYS C 566 16.91 46.07 17.87
C LYS C 566 17.04 47.58 18.11
N ILE C 567 17.22 48.32 17.03
CA ILE C 567 17.45 49.76 17.13
C ILE C 567 16.26 50.47 17.77
N GLY C 568 15.07 49.89 17.63
CA GLY C 568 13.88 50.49 18.18
C GLY C 568 13.15 51.43 17.25
N VAL C 569 13.59 51.53 15.99
CA VAL C 569 12.89 52.30 14.97
C VAL C 569 12.22 51.31 14.02
N PHE C 570 10.93 51.50 13.79
CA PHE C 570 10.13 50.58 13.00
C PHE C 570 9.51 51.32 11.81
N LEU C 571 8.62 50.64 11.11
CA LEU C 571 8.00 51.19 9.91
C LEU C 571 7.13 52.37 10.30
N GLY C 572 7.66 53.58 10.14
CA GLY C 572 6.92 54.78 10.47
C GLY C 572 6.75 55.04 11.95
N MET C 573 7.66 54.53 12.78
CA MET C 573 7.57 54.77 14.22
C MET C 573 8.91 54.48 14.87
N VAL C 574 9.07 54.99 16.09
CA VAL C 574 10.21 54.71 16.95
C VAL C 574 9.68 54.23 18.30
N GLN C 575 10.53 53.51 19.02
CA GLN C 575 10.18 52.99 20.34
C GLN C 575 10.82 53.93 21.38
N LEU C 576 10.07 54.97 21.75
CA LEU C 576 10.54 55.87 22.79
C LEU C 576 10.67 55.14 24.12
N ASN C 577 11.72 55.45 24.86
CA ASN C 577 12.00 54.73 26.08
C ASN C 577 11.09 55.19 27.20
N ARG C 578 10.46 54.23 27.88
CA ARG C 578 9.56 54.54 28.99
C ARG C 578 10.26 54.49 30.34
N LYS C 579 11.33 53.71 30.46
CA LYS C 579 12.12 53.62 31.67
C LYS C 579 13.44 54.36 31.46
N SER C 580 13.71 55.32 32.34
CA SER C 580 14.90 56.18 32.19
C SER C 580 16.15 55.34 32.45
N ARG C 581 16.84 54.97 31.38
CA ARG C 581 18.08 54.23 31.50
C ARG C 581 19.24 55.17 31.85
N GLN C 582 20.27 54.60 32.47
CA GLN C 582 21.38 55.37 33.00
C GLN C 582 22.51 55.49 31.98
N HIS C 583 23.33 56.52 32.18
CA HIS C 583 24.53 56.76 31.39
C HIS C 583 24.19 57.02 29.91
N MET C 584 23.31 57.99 29.68
CA MET C 584 22.97 58.43 28.34
C MET C 584 23.81 59.64 27.98
N PRO C 585 24.62 59.58 26.93
CA PRO C 585 25.50 60.73 26.61
C PRO C 585 24.70 61.96 26.24
N GLY C 586 25.25 63.12 26.61
CA GLY C 586 24.61 64.38 26.27
C GLY C 586 23.27 64.55 26.96
N GLY C 587 22.34 65.18 26.25
CA GLY C 587 21.02 65.45 26.80
C GLY C 587 19.97 64.44 26.40
N TYR C 588 20.38 63.17 26.28
CA TYR C 588 19.44 62.09 25.94
C TYR C 588 18.63 61.71 27.18
N LYS C 589 17.71 62.59 27.54
CA LYS C 589 16.81 62.34 28.66
C LYS C 589 15.61 61.52 28.20
N LYS C 590 14.89 60.98 29.17
CA LYS C 590 13.67 60.24 28.87
C LYS C 590 12.59 61.17 28.37
N PHE C 591 11.68 60.63 27.55
CA PHE C 591 10.61 61.45 26.98
C PHE C 591 9.57 61.77 28.04
N ASN C 592 9.25 63.05 28.18
CA ASN C 592 8.19 63.51 29.08
C ASN C 592 7.15 64.26 28.26
N ILE C 593 5.90 63.77 28.29
CA ILE C 593 4.84 64.41 27.53
C ILE C 593 4.54 65.81 28.06
N ASP C 594 4.79 66.04 29.35
CA ASP C 594 4.44 67.32 29.96
C ASP C 594 5.29 68.47 29.44
N THR C 595 6.45 68.18 28.85
CA THR C 595 7.32 69.25 28.35
C THR C 595 6.64 70.04 27.25
N GLU C 596 5.96 69.35 26.33
CA GLU C 596 5.27 70.03 25.24
C GLU C 596 4.05 70.78 25.75
N ASN C 597 3.79 71.94 25.16
CA ASN C 597 2.65 72.76 25.53
C ASN C 597 1.45 72.39 24.65
N GLY C 598 0.42 73.25 24.66
CA GLY C 598 -0.77 72.97 23.87
C GLY C 598 -0.47 72.89 22.39
N LEU C 599 -1.22 72.03 21.70
CA LEU C 599 -1.08 71.74 20.28
C LEU C 599 0.21 70.98 19.99
N ALA C 600 1.03 70.79 21.02
CA ALA C 600 2.23 69.96 20.92
C ALA C 600 2.14 68.71 21.78
N LYS C 601 1.69 68.85 23.03
CA LYS C 601 1.38 67.67 23.84
C LYS C 601 0.22 66.89 23.24
N ALA C 602 -0.81 67.60 22.76
CA ALA C 602 -1.92 66.94 22.08
C ALA C 602 -1.45 66.23 20.82
N ALA C 603 -0.58 66.88 20.05
CA ALA C 603 -0.01 66.23 18.87
C ALA C 603 0.81 65.01 19.27
N MET C 604 1.57 65.12 20.36
CA MET C 604 2.33 63.97 20.85
C MET C 604 1.40 62.85 21.29
N ALA C 605 0.42 63.17 22.15
CA ALA C 605 -0.44 62.13 22.70
C ALA C 605 -1.24 61.44 21.62
N SER C 606 -1.73 62.19 20.63
CA SER C 606 -2.43 61.59 19.51
C SER C 606 -1.56 60.63 18.72
N SER C 607 -0.24 60.83 18.74
CA SER C 607 0.69 59.97 18.03
C SER C 607 1.35 58.93 18.92
N LEU C 608 1.08 58.95 20.22
CA LEU C 608 1.66 58.00 21.16
C LEU C 608 0.69 56.85 21.40
N SER C 609 1.19 55.63 21.27
CA SER C 609 0.43 54.43 21.57
C SER C 609 1.29 53.50 22.42
N THR C 610 0.63 52.74 23.29
CA THR C 610 1.31 51.84 24.21
C THR C 610 0.87 50.41 23.91
N VAL C 611 1.83 49.49 23.91
CA VAL C 611 1.58 48.08 23.60
C VAL C 611 1.93 47.25 24.82
N ALA C 612 0.99 46.40 25.24
CA ALA C 612 1.17 45.56 26.42
C ALA C 612 1.90 44.29 26.02
N SER C 613 3.22 44.32 26.15
CA SER C 613 4.11 43.21 25.82
C SER C 613 4.85 42.77 27.07
N ASN C 614 5.88 41.93 26.89
CA ASN C 614 6.79 41.60 27.98
C ASN C 614 7.21 42.84 28.74
N ASN C 615 7.31 43.98 28.06
CA ASN C 615 7.38 45.29 28.68
C ASN C 615 6.29 46.16 28.07
N LEU C 616 5.83 47.15 28.83
CA LEU C 616 4.78 48.05 28.36
C LEU C 616 5.40 48.99 27.32
N MET C 617 5.51 48.49 26.10
CA MET C 617 6.19 49.21 25.04
C MET C 617 5.44 50.49 24.69
N ASP C 618 6.19 51.59 24.58
CA ASP C 618 5.65 52.89 24.23
C ASP C 618 6.09 53.25 22.82
N PHE C 619 5.13 53.60 21.97
CA PHE C 619 5.38 53.84 20.55
C PHE C 619 4.81 55.18 20.13
N CYS C 620 5.61 55.94 19.39
CA CYS C 620 5.15 57.14 18.70
C CYS C 620 5.20 56.84 17.21
N SER C 621 4.05 56.94 16.54
CA SER C 621 3.94 56.52 15.15
C SER C 621 3.14 57.53 14.35
N VAL C 622 3.41 57.56 13.04
CA VAL C 622 2.61 58.36 12.13
C VAL C 622 1.20 57.79 12.00
N PHE C 623 1.06 56.46 12.08
CA PHE C 623 -0.25 55.84 11.92
C PHE C 623 -1.23 56.33 12.98
N ASN C 624 -0.79 56.43 14.24
CA ASN C 624 -1.64 57.00 15.27
C ASN C 624 -1.98 58.44 14.96
N LEU C 625 -1.09 59.15 14.26
CA LEU C 625 -1.36 60.54 13.92
C LEU C 625 -2.39 60.64 12.80
N ILE C 626 -2.27 59.78 11.78
CA ILE C 626 -3.26 59.77 10.70
C ILE C 626 -4.63 59.33 11.23
N GLY C 627 -4.65 58.31 12.09
CA GLY C 627 -5.91 57.89 12.68
C GLY C 627 -6.57 58.97 13.50
N ALA C 628 -5.78 59.81 14.17
CA ALA C 628 -6.34 60.95 14.88
C ALA C 628 -6.99 61.94 13.92
N ILE C 629 -6.35 62.17 12.77
CA ILE C 629 -6.89 63.10 11.78
C ILE C 629 -8.23 62.61 11.24
N ALA C 630 -8.32 61.31 10.94
CA ALA C 630 -9.56 60.77 10.38
C ALA C 630 -10.69 60.86 11.39
N ASP C 631 -10.42 60.55 12.66
CA ASP C 631 -11.46 60.64 13.68
C ASP C 631 -11.94 62.07 13.87
N ILE C 632 -11.00 63.02 13.91
CA ILE C 632 -11.37 64.42 14.13
C ILE C 632 -12.12 64.99 12.92
N SER C 633 -11.70 64.61 11.72
CA SER C 633 -12.29 65.17 10.51
C SER C 633 -13.76 64.81 10.37
N ALA C 634 -14.18 63.69 10.94
CA ALA C 634 -15.58 63.26 10.89
C ALA C 634 -16.28 63.67 12.19
N CYS C 635 -16.39 64.98 12.39
CA CYS C 635 -16.98 65.53 13.59
C CYS C 635 -17.92 66.68 13.22
N ARG C 636 -18.95 66.84 14.05
CA ARG C 636 -19.88 67.95 13.88
C ARG C 636 -19.21 69.27 14.16
N CYS C 637 -19.64 70.31 13.44
CA CYS C 637 -19.02 71.63 13.56
C CYS C 637 -19.19 72.24 14.94
N GLU C 638 -20.09 71.71 15.76
CA GLU C 638 -20.34 72.28 17.09
C GLU C 638 -19.10 72.17 17.96
N ARG C 639 -18.94 73.14 18.85
CA ARG C 639 -17.73 73.24 19.66
C ARG C 639 -17.56 72.03 20.56
N SER C 640 -18.65 71.61 21.23
CA SER C 640 -18.55 70.53 22.21
C SER C 640 -18.30 69.19 21.55
N ALA C 641 -18.92 68.95 20.39
CA ALA C 641 -18.73 67.67 19.70
C ALA C 641 -17.27 67.46 19.31
N ILE C 642 -16.59 68.53 18.91
CA ILE C 642 -15.17 68.43 18.58
C ILE C 642 -14.37 68.08 19.83
N THR C 643 -14.68 68.70 20.96
CA THR C 643 -13.93 68.46 22.20
C THR C 643 -14.06 67.01 22.64
N ASN C 644 -15.25 66.43 22.52
CA ASN C 644 -15.41 65.01 22.86
C ASN C 644 -14.55 64.13 21.97
N ALA C 645 -14.56 64.38 20.66
CA ALA C 645 -13.77 63.58 19.74
C ALA C 645 -12.28 63.86 19.88
N PHE C 646 -11.91 65.10 20.22
CA PHE C 646 -10.50 65.46 20.31
C PHE C 646 -9.80 64.69 21.42
N ASN C 647 -10.45 64.54 22.57
CA ASN C 647 -9.83 63.90 23.72
C ASN C 647 -9.72 62.39 23.59
N LYS C 648 -10.44 61.77 22.63
CA LYS C 648 -10.34 60.33 22.46
C LYS C 648 -8.93 59.91 22.05
N VAL C 649 -8.32 60.67 21.13
CA VAL C 649 -6.97 60.33 20.67
C VAL C 649 -5.91 60.56 21.74
N ILE C 650 -6.23 61.33 22.78
CA ILE C 650 -5.29 61.61 23.86
C ILE C 650 -5.35 60.55 24.95
N ALA C 651 -6.20 59.53 24.80
CA ALA C 651 -6.44 58.56 25.86
C ALA C 651 -5.21 57.73 26.22
N GLN C 652 -4.17 57.72 25.38
CA GLN C 652 -2.98 56.90 25.61
C GLN C 652 -3.37 55.43 25.81
N THR C 653 -4.25 54.95 24.93
CA THR C 653 -4.82 53.62 25.09
C THR C 653 -3.77 52.54 24.85
N THR C 654 -3.70 51.58 25.76
CA THR C 654 -2.81 50.44 25.62
C THR C 654 -3.52 49.32 24.89
N CYS C 655 -2.79 48.63 24.02
CA CYS C 655 -3.34 47.56 23.20
C CYS C 655 -2.50 46.30 23.36
N ILE C 656 -3.18 45.16 23.43
CA ILE C 656 -2.50 43.89 23.68
C ILE C 656 -1.75 43.44 22.44
N VAL C 657 -0.66 42.71 22.65
CA VAL C 657 0.12 42.13 21.55
C VAL C 657 -0.75 41.14 20.78
N PRO C 658 -0.65 41.06 19.46
CA PRO C 658 -1.48 40.11 18.72
C PRO C 658 -1.19 38.69 19.15
N PRO C 659 -2.19 37.80 19.06
CA PRO C 659 -2.05 36.47 19.65
C PRO C 659 -1.00 35.60 18.98
N TRP C 660 -0.69 35.81 17.70
CA TRP C 660 0.28 34.95 17.04
C TRP C 660 1.70 35.17 17.54
N SER C 661 1.93 36.21 18.34
CA SER C 661 3.26 36.50 18.84
C SER C 661 3.66 35.53 19.95
N GLU C 662 4.85 35.76 20.52
CA GLU C 662 5.32 34.93 21.62
C GLU C 662 4.44 35.13 22.86
N ALA C 663 4.01 36.36 23.12
CA ALA C 663 3.17 36.65 24.27
C ALA C 663 1.70 36.36 23.95
N THR C 704 -8.00 76.65 29.96
CA THR C 704 -7.76 75.27 29.56
C THR C 704 -6.41 75.14 28.87
N GLU C 705 -5.67 74.09 29.22
CA GLU C 705 -4.33 73.89 28.65
C GLU C 705 -4.39 73.72 27.14
N PHE C 706 -5.34 72.94 26.64
CA PHE C 706 -5.45 72.65 25.22
C PHE C 706 -6.39 73.61 24.49
N SER C 707 -6.92 74.62 25.16
CA SER C 707 -7.92 75.49 24.55
C SER C 707 -7.43 76.13 23.26
N ASP C 708 -6.13 76.45 23.19
CA ASP C 708 -5.57 76.97 21.94
C ASP C 708 -5.62 75.91 20.85
N ALA C 709 -5.26 74.67 21.18
CA ALA C 709 -5.28 73.59 20.19
C ALA C 709 -6.70 73.31 19.71
N ILE C 710 -7.67 73.31 20.63
CA ILE C 710 -9.05 73.00 20.25
C ILE C 710 -9.59 74.05 19.29
N THR C 711 -9.22 75.32 19.50
CA THR C 711 -9.71 76.38 18.62
C THR C 711 -9.17 76.21 17.19
N LYS C 712 -7.89 75.90 17.05
CA LYS C 712 -7.30 75.77 15.73
C LYS C 712 -7.88 74.59 14.96
N VAL C 713 -8.04 73.44 15.62
CA VAL C 713 -8.67 72.30 14.96
C VAL C 713 -10.15 72.57 14.70
N GLU C 714 -10.75 73.50 15.43
CA GLU C 714 -12.12 73.91 15.13
C GLU C 714 -12.18 74.72 13.84
N GLN C 715 -11.25 75.65 13.65
CA GLN C 715 -11.23 76.45 12.43
C GLN C 715 -10.82 75.62 11.22
N TRP C 716 -9.94 74.63 11.43
CA TRP C 716 -9.50 73.78 10.32
C TRP C 716 -10.66 72.96 9.77
N LEU C 717 -11.51 72.43 10.65
CA LEU C 717 -12.67 71.67 10.20
C LEU C 717 -13.67 72.53 9.43
N LYS C 718 -13.67 73.84 9.63
CA LYS C 718 -14.51 74.70 8.82
C LYS C 718 -14.11 74.63 7.35
N ASN C 719 -12.80 74.61 7.08
CA ASN C 719 -12.33 74.42 5.72
C ASN C 719 -12.63 73.01 5.22
N VAL C 720 -12.42 72.00 6.08
CA VAL C 720 -12.59 70.62 5.66
C VAL C 720 -14.03 70.36 5.24
N ASN C 721 -14.98 70.83 6.04
CA ASN C 721 -16.39 70.57 5.75
C ASN C 721 -16.88 71.30 4.50
N GLU C 722 -16.09 72.23 3.96
CA GLU C 722 -16.45 72.93 2.73
C GLU C 722 -15.55 72.61 1.55
N ILE C 723 -14.39 71.99 1.79
CA ILE C 723 -13.46 71.66 0.71
C ILE C 723 -13.56 70.17 0.38
N GLU C 724 -13.82 69.35 1.39
CA GLU C 724 -13.86 67.90 1.17
C GLU C 724 -14.98 67.49 0.23
N ILE C 725 -16.00 68.33 0.06
CA ILE C 725 -17.10 68.00 -0.84
C ILE C 725 -16.63 67.88 -2.28
N GLY C 726 -15.51 68.53 -2.63
CA GLY C 726 -14.99 68.46 -3.98
C GLY C 726 -13.89 67.44 -4.15
N ILE C 727 -13.80 66.48 -3.22
CA ILE C 727 -12.79 65.44 -3.27
C ILE C 727 -13.39 64.22 -3.96
N ARG C 728 -12.69 63.72 -4.98
CA ARG C 728 -13.12 62.56 -5.75
C ARG C 728 -11.99 61.54 -5.76
N PRO C 729 -11.84 60.78 -4.68
CA PRO C 729 -10.78 59.77 -4.62
C PRO C 729 -11.18 58.51 -5.36
N SER C 730 -10.22 57.59 -5.48
CA SER C 730 -10.42 56.35 -6.21
C SER C 730 -9.53 55.28 -5.61
N ALA C 731 -9.81 54.03 -5.99
CA ALA C 731 -9.00 52.91 -5.52
C ALA C 731 -7.55 53.05 -5.98
N LEU C 732 -7.35 53.50 -7.23
CA LEU C 732 -6.01 53.72 -7.74
C LEU C 732 -5.31 54.83 -6.97
N LEU C 733 -6.02 55.93 -6.69
CA LEU C 733 -5.43 57.05 -5.98
C LEU C 733 -5.03 56.65 -4.56
N ILE C 734 -5.96 56.04 -3.82
CA ILE C 734 -5.66 55.62 -2.45
C ILE C 734 -4.56 54.58 -2.44
N GLY C 735 -4.59 53.65 -3.39
CA GLY C 735 -3.54 52.64 -3.46
C GLY C 735 -2.19 53.22 -3.80
N LYS C 736 -2.15 54.18 -4.73
CA LYS C 736 -0.88 54.78 -5.11
C LYS C 736 -0.33 55.68 -4.00
N VAL C 737 -1.21 56.40 -3.31
CA VAL C 737 -0.76 57.25 -2.20
C VAL C 737 -0.15 56.39 -1.10
N TRP C 738 -0.82 55.28 -0.75
CA TRP C 738 -0.29 54.40 0.28
C TRP C 738 1.00 53.73 -0.18
N SER C 739 1.06 53.28 -1.43
CA SER C 739 2.20 52.50 -1.89
C SER C 739 3.50 53.29 -1.80
N ARG C 740 3.47 54.56 -2.20
CA ARG C 740 4.65 55.41 -2.02
C ARG C 740 4.88 55.72 -0.56
N PHE C 741 3.81 56.02 0.18
CA PHE C 741 3.94 56.31 1.60
C PHE C 741 4.45 55.10 2.37
N TYR C 742 3.93 53.91 2.05
CA TYR C 742 4.38 52.70 2.74
C TYR C 742 5.84 52.40 2.42
N PHE C 743 6.26 52.62 1.18
CA PHE C 743 7.66 52.42 0.83
C PHE C 743 8.53 53.56 1.34
N ASN C 744 7.97 54.77 1.44
CA ASN C 744 8.73 55.89 1.98
C ASN C 744 9.17 55.62 3.42
N LEU C 745 8.27 55.10 4.24
CA LEU C 745 8.61 54.76 5.62
C LEU C 745 9.60 53.60 5.70
N ASN C 746 9.70 52.80 4.65
CA ASN C 746 10.72 51.75 4.62
C ASN C 746 12.11 52.35 4.49
N ASN C 747 12.25 53.40 3.68
CA ASN C 747 13.54 54.08 3.55
C ASN C 747 13.88 54.85 4.82
N VAL C 748 12.92 55.60 5.37
CA VAL C 748 13.19 56.40 6.56
C VAL C 748 13.57 55.51 7.73
N ALA C 749 12.87 54.39 7.91
CA ALA C 749 13.21 53.45 8.97
C ALA C 749 14.51 52.72 8.71
N ASP C 750 15.07 52.83 7.50
CA ASP C 750 16.35 52.21 7.16
C ASP C 750 17.50 53.21 7.15
N GLN C 751 17.32 54.36 6.49
CA GLN C 751 18.36 55.38 6.44
C GLN C 751 18.66 55.93 7.84
N HIS C 752 17.61 56.21 8.61
CA HIS C 752 17.77 56.83 9.92
C HIS C 752 18.10 55.84 11.02
N LYS C 753 17.99 54.54 10.77
CA LYS C 753 18.29 53.55 11.79
C LYS C 753 19.78 53.43 12.09
N THR C 754 20.64 54.01 11.24
CA THR C 754 22.08 53.94 11.43
C THR C 754 22.70 55.32 11.60
N ARG C 755 21.92 56.31 12.03
CA ARG C 755 22.42 57.67 12.23
C ARG C 755 22.10 58.19 13.62
N LEU C 756 21.77 57.32 14.57
CA LEU C 756 21.51 57.72 15.95
C LEU C 756 22.83 57.71 16.70
N TYR C 757 23.58 58.80 16.54
CA TYR C 757 24.90 58.94 17.13
C TYR C 757 24.83 59.68 18.47
N ARG C 758 25.95 59.72 19.17
CA ARG C 758 25.99 60.30 20.51
C ARG C 758 25.72 61.80 20.47
N ASN C 759 26.29 62.51 19.50
CA ASN C 759 26.14 63.96 19.40
C ASN C 759 24.94 64.37 18.56
N ALA C 760 23.93 63.51 18.46
CA ALA C 760 22.73 63.79 17.68
C ALA C 760 21.59 64.33 18.54
N GLU C 761 21.92 65.05 19.61
CA GLU C 761 20.87 65.66 20.43
C GLU C 761 20.08 66.69 19.63
N HIS C 762 20.77 67.51 18.84
CA HIS C 762 20.15 68.49 17.96
C HIS C 762 20.62 68.15 16.55
N GLY C 763 19.84 67.35 15.83
CA GLY C 763 20.20 66.97 14.48
C GLY C 763 20.18 68.15 13.52
N ARG C 764 21.37 68.62 13.12
CA ARG C 764 21.49 69.73 12.21
C ARG C 764 22.21 69.38 10.91
N MET C 765 22.92 68.26 10.86
CA MET C 765 23.59 67.79 9.66
C MET C 765 22.81 66.64 9.05
N ALA C 766 23.16 66.30 7.82
CA ALA C 766 22.46 65.22 7.11
C ALA C 766 22.66 63.89 7.81
N SER C 767 23.86 63.63 8.31
CA SER C 767 24.19 62.35 8.93
C SER C 767 23.76 62.26 10.39
N GLN C 768 23.19 63.33 10.95
CA GLN C 768 22.72 63.33 12.33
C GLN C 768 21.21 63.12 12.34
N SER C 769 20.76 62.11 13.08
CA SER C 769 19.34 61.79 13.18
C SER C 769 18.96 61.57 14.63
N ASN C 770 17.74 61.97 14.98
CA ASN C 770 17.21 61.78 16.32
C ASN C 770 15.76 61.33 16.21
N ALA C 771 15.09 61.20 17.35
CA ALA C 771 13.68 60.80 17.35
C ALA C 771 12.81 61.86 16.67
N ALA C 772 13.14 63.14 16.89
CA ALA C 772 12.38 64.21 16.25
C ALA C 772 12.52 64.17 14.74
N LYS C 773 13.75 63.93 14.25
CA LYS C 773 13.97 63.89 12.82
C LYS C 773 13.24 62.73 12.15
N ILE C 774 13.25 61.55 12.80
CA ILE C 774 12.60 60.38 12.22
C ILE C 774 11.10 60.59 12.14
N MET C 775 10.49 61.10 13.21
CA MET C 775 9.06 61.35 13.23
C MET C 775 8.66 62.63 12.51
N ARG C 776 9.63 63.38 11.97
CA ARG C 776 9.31 64.47 11.08
C ARG C 776 9.21 64.00 9.63
N PHE C 777 10.18 63.21 9.19
CA PHE C 777 10.16 62.71 7.82
C PHE C 777 9.11 61.62 7.64
N ASN C 778 8.76 60.90 8.71
CA ASN C 778 7.65 59.98 8.65
C ASN C 778 6.33 60.73 8.40
N VAL C 779 6.15 61.87 9.06
CA VAL C 779 5.01 62.73 8.76
C VAL C 779 5.19 63.38 7.40
N LEU C 780 6.41 63.81 7.08
CA LEU C 780 6.68 64.41 5.78
C LEU C 780 6.51 63.40 4.66
N ALA C 781 6.78 62.12 4.92
CA ALA C 781 6.50 61.09 3.93
C ALA C 781 5.01 61.01 3.63
N PHE C 782 4.17 61.09 4.67
CA PHE C 782 2.73 61.09 4.46
C PHE C 782 2.29 62.33 3.68
N LEU C 783 2.84 63.49 4.01
CA LEU C 783 2.49 64.72 3.30
C LEU C 783 3.07 64.75 1.89
N HIS C 784 4.04 63.88 1.59
CA HIS C 784 4.62 63.83 0.26
C HIS C 784 3.80 62.93 -0.68
N ALA C 785 3.48 61.72 -0.21
CA ALA C 785 2.69 60.80 -1.03
C ALA C 785 1.31 61.37 -1.33
N VAL C 786 0.77 62.19 -0.43
CA VAL C 786 -0.50 62.87 -0.69
C VAL C 786 -0.32 64.09 -1.57
N LEU C 787 0.91 64.40 -1.96
CA LEU C 787 1.18 65.51 -2.86
C LEU C 787 1.46 65.06 -4.29
N VAL C 788 2.44 64.15 -4.47
CA VAL C 788 2.83 63.75 -5.81
C VAL C 788 1.85 62.72 -6.37
N GLU C 789 1.50 61.71 -5.58
CA GLU C 789 0.59 60.69 -6.07
C GLU C 789 -0.86 61.18 -6.12
N GLU C 790 -1.16 62.29 -5.46
CA GLU C 790 -2.50 62.86 -5.56
C GLU C 790 -2.57 63.86 -6.71
N SER C 791 -1.43 64.43 -7.09
CA SER C 791 -1.39 65.27 -8.29
C SER C 791 -1.45 64.42 -9.54
N LEU C 792 -0.83 63.23 -9.51
CA LEU C 792 -0.86 62.35 -10.67
C LEU C 792 -2.25 61.78 -10.90
N TYR C 793 -2.88 61.26 -9.85
CA TYR C 793 -4.16 60.55 -9.95
C TYR C 793 -5.20 61.25 -9.08
N HIS C 794 -5.91 62.21 -9.65
CA HIS C 794 -7.06 62.80 -9.00
C HIS C 794 -8.03 63.29 -10.06
N SER C 795 -9.29 62.87 -9.95
CA SER C 795 -10.28 63.15 -10.99
C SER C 795 -10.62 64.63 -11.10
N VAL C 796 -10.35 65.43 -10.07
CA VAL C 796 -10.74 66.83 -10.11
C VAL C 796 -9.86 67.61 -11.09
N SER C 797 -8.59 67.24 -11.24
CA SER C 797 -7.66 67.97 -12.08
C SER C 797 -7.38 67.16 -13.35
N ASP C 798 -7.47 67.81 -14.50
CA ASP C 798 -7.29 67.12 -15.77
C ASP C 798 -5.83 66.69 -15.97
N ARG C 799 -4.89 67.57 -15.64
CA ARG C 799 -3.48 67.33 -15.96
C ARG C 799 -2.63 67.45 -14.70
N GLU C 800 -1.45 66.82 -14.77
CA GLU C 800 -0.52 66.85 -13.65
C GLU C 800 0.18 68.21 -13.57
N TYR C 801 0.80 68.46 -12.43
CA TYR C 801 1.59 69.66 -12.20
C TYR C 801 2.97 69.38 -11.65
N ILE C 802 3.35 68.10 -11.50
CA ILE C 802 4.66 67.77 -10.96
C ILE C 802 5.77 68.22 -11.91
N GLY C 803 5.53 68.11 -13.21
CA GLY C 803 6.53 68.44 -14.20
C GLY C 803 7.34 67.23 -14.63
N GLU C 804 8.19 67.46 -15.64
CA GLU C 804 9.03 66.40 -16.21
C GLU C 804 10.26 66.19 -15.33
N GLY C 805 10.01 65.76 -14.10
CA GLY C 805 11.06 65.51 -13.14
C GLY C 805 11.15 64.04 -12.77
N LEU C 806 12.19 63.72 -11.99
CA LEU C 806 12.41 62.37 -11.47
C LEU C 806 12.01 62.39 -10.00
N ARG C 807 10.84 61.83 -9.70
CA ARG C 807 10.24 61.95 -8.38
C ARG C 807 10.82 60.90 -7.43
N LEU C 808 11.46 61.36 -6.37
CA LEU C 808 11.91 60.51 -5.27
C LEU C 808 11.31 61.04 -3.96
N ASN C 809 11.66 60.38 -2.88
CA ASN C 809 11.01 60.70 -1.62
C ASN C 809 11.95 61.51 -0.71
N PRO C 810 11.39 62.38 0.13
CA PRO C 810 12.21 63.19 1.04
C PRO C 810 12.65 62.43 2.30
N VAL C 811 13.71 61.65 2.14
CA VAL C 811 14.32 60.91 3.24
C VAL C 811 15.66 61.56 3.56
N THR C 812 15.89 61.83 4.85
CA THR C 812 17.09 62.47 5.40
C THR C 812 17.25 63.92 4.94
N SER C 813 16.35 64.43 4.11
CA SER C 813 16.44 65.79 3.60
C SER C 813 15.11 66.17 2.98
N VAL C 814 14.70 67.43 3.17
CA VAL C 814 13.43 67.93 2.65
C VAL C 814 13.61 68.65 1.32
N ASP C 815 14.78 68.50 0.68
CA ASP C 815 15.03 69.19 -0.58
C ASP C 815 14.05 68.74 -1.66
N GLU C 816 13.79 67.43 -1.75
CA GLU C 816 12.91 66.93 -2.80
C GLU C 816 11.45 67.22 -2.51
N PHE C 817 11.06 67.30 -1.24
CA PHE C 817 9.68 67.66 -0.91
C PHE C 817 9.42 69.14 -1.15
N GLU C 818 10.42 69.98 -0.92
CA GLU C 818 10.27 71.41 -1.21
C GLU C 818 10.20 71.67 -2.71
N LYS C 819 10.94 70.88 -3.49
CA LYS C 819 11.00 71.13 -4.94
C LYS C 819 9.63 70.99 -5.59
N LYS C 820 8.92 69.91 -5.28
CA LYS C 820 7.63 69.66 -5.94
C LYS C 820 6.61 70.72 -5.57
N ILE C 821 6.62 71.17 -4.31
CA ILE C 821 5.71 72.25 -3.91
C ILE C 821 6.02 73.51 -4.70
N LYS C 822 7.30 73.84 -4.85
CA LYS C 822 7.69 75.02 -5.62
C LYS C 822 7.29 74.87 -7.09
N ILE C 823 7.54 73.70 -7.68
CA ILE C 823 7.22 73.48 -9.09
C ILE C 823 5.72 73.54 -9.32
N ILE C 824 4.93 72.92 -8.45
CA ILE C 824 3.47 72.93 -8.61
C ILE C 824 2.93 74.34 -8.41
N GLY C 825 3.47 75.07 -7.44
CA GLY C 825 2.96 76.40 -7.16
C GLY C 825 3.10 77.36 -8.32
N GLU C 826 4.25 77.35 -8.99
CA GLU C 826 4.47 78.26 -10.11
C GLU C 826 3.54 77.93 -11.28
N LYS C 827 3.35 76.64 -11.58
CA LYS C 827 2.41 76.27 -12.63
C LYS C 827 0.98 76.66 -12.26
N LEU C 828 0.59 76.44 -11.00
CA LEU C 828 -0.74 76.85 -10.56
C LEU C 828 -0.91 78.36 -10.66
N LYS C 829 0.11 79.12 -10.26
CA LYS C 829 0.05 80.57 -10.41
C LYS C 829 0.01 80.97 -11.88
N ALA C 830 0.81 80.31 -12.72
CA ALA C 830 0.83 80.64 -14.14
C ALA C 830 -0.47 80.25 -14.82
N ASP C 831 -1.05 79.12 -14.41
CA ASP C 831 -2.29 78.62 -15.01
C ASP C 831 -3.53 79.17 -14.34
N ASN C 832 -3.37 80.08 -13.38
CA ASN C 832 -4.49 80.69 -12.64
C ASN C 832 -5.33 79.61 -11.96
N LYS C 833 -4.66 78.80 -11.14
CA LYS C 833 -5.30 77.72 -10.42
C LYS C 833 -4.95 77.82 -8.95
N THR C 834 -5.85 77.32 -8.10
CA THR C 834 -5.72 77.42 -6.66
C THR C 834 -5.48 76.03 -6.09
N TRP C 835 -4.68 75.97 -5.00
CA TRP C 835 -4.33 74.69 -4.41
C TRP C 835 -5.55 73.91 -3.96
N LYS C 836 -6.53 74.59 -3.35
CA LYS C 836 -7.73 73.90 -2.88
C LYS C 836 -8.55 73.35 -4.04
N ASN C 837 -8.48 73.99 -5.21
CA ASN C 837 -9.24 73.54 -6.36
C ASN C 837 -8.52 72.49 -7.19
N THR C 838 -7.22 72.29 -6.97
CA THR C 838 -6.46 71.29 -7.69
C THR C 838 -5.90 70.18 -6.81
N HIS C 839 -5.58 70.47 -5.55
CA HIS C 839 -5.08 69.47 -4.60
C HIS C 839 -5.89 69.55 -3.31
N PRO C 840 -7.18 69.20 -3.36
CA PRO C 840 -7.99 69.27 -2.14
C PRO C 840 -7.50 68.35 -1.04
N LEU C 841 -6.94 67.19 -1.38
CA LEU C 841 -6.48 66.25 -0.37
C LEU C 841 -5.21 66.76 0.32
N PHE C 842 -4.26 67.28 -0.45
CA PHE C 842 -3.02 67.77 0.13
C PHE C 842 -3.24 69.07 0.91
N PHE C 843 -4.15 69.92 0.41
CA PHE C 843 -4.38 71.21 1.06
C PHE C 843 -4.93 71.05 2.46
N LEU C 844 -5.90 70.16 2.65
CA LEU C 844 -6.46 69.94 3.98
C LEU C 844 -5.43 69.36 4.93
N LEU C 845 -4.64 68.40 4.46
CA LEU C 845 -3.69 67.74 5.35
C LEU C 845 -2.50 68.64 5.69
N ILE C 846 -2.05 69.46 4.73
CA ILE C 846 -0.97 70.40 5.03
C ILE C 846 -1.46 71.50 5.96
N SER C 847 -2.75 71.84 5.89
CA SER C 847 -3.34 72.85 6.75
C SER C 847 -3.89 72.29 8.05
N CYS C 848 -3.81 70.98 8.24
CA CYS C 848 -4.32 70.37 9.47
C CYS C 848 -3.35 70.67 10.62
N PRO C 849 -3.85 71.20 11.74
CA PRO C 849 -2.93 71.68 12.78
C PRO C 849 -2.30 70.60 13.63
N ILE C 850 -2.90 69.40 13.72
CA ILE C 850 -2.40 68.40 14.66
C ILE C 850 -1.01 67.90 14.26
N LEU C 851 -0.77 67.73 12.97
CA LEU C 851 0.54 67.30 12.49
C LEU C 851 1.44 68.46 12.11
N HIS C 852 0.98 69.70 12.28
CA HIS C 852 1.84 70.85 11.99
C HIS C 852 3.10 70.88 12.85
N PRO C 853 3.06 70.64 14.16
CA PRO C 853 4.32 70.63 14.94
C PRO C 853 5.33 69.61 14.45
N PHE C 854 4.86 68.48 13.90
CA PHE C 854 5.77 67.44 13.43
C PHE C 854 6.54 67.85 12.18
N ILE C 855 6.10 68.91 11.48
CA ILE C 855 6.79 69.32 10.27
C ILE C 855 8.16 69.93 10.61
N PHE C 856 8.22 70.74 11.67
CA PHE C 856 9.45 71.40 12.08
C PHE C 856 9.70 71.16 13.57
N PRO C 857 10.23 69.99 13.92
CA PRO C 857 10.64 69.76 15.31
C PRO C 857 11.94 70.50 15.62
N VAL C 858 12.25 70.57 16.92
CA VAL C 858 13.46 71.26 17.35
C VAL C 858 14.71 70.53 16.86
N GLY C 859 14.72 69.21 16.92
CA GLY C 859 15.86 68.42 16.51
C GLY C 859 15.76 67.75 15.16
N GLY C 860 14.77 68.11 14.35
CA GLY C 860 14.59 67.45 13.07
C GLY C 860 14.86 68.32 11.87
N ILE C 861 15.50 69.47 12.08
CA ILE C 861 15.77 70.44 11.02
C ILE C 861 17.27 70.38 10.70
N ASN C 862 17.60 70.02 9.47
CA ASN C 862 18.98 69.96 9.03
C ASN C 862 19.51 71.37 8.86
N CYS C 863 20.24 71.85 9.87
CA CYS C 863 20.67 73.26 9.92
C CYS C 863 22.08 73.42 9.36
N SER C 864 22.22 73.12 8.08
CA SER C 864 23.44 73.42 7.34
C SER C 864 23.28 74.80 6.70
N VAL C 865 24.18 75.14 5.78
CA VAL C 865 24.08 76.41 5.05
C VAL C 865 23.30 76.23 3.76
N LYS C 866 23.68 75.24 2.93
CA LYS C 866 23.01 75.03 1.67
C LYS C 866 21.63 74.42 1.85
N ALA C 867 21.53 73.39 2.69
CA ALA C 867 20.25 72.69 2.85
C ALA C 867 19.20 73.57 3.51
N LEU C 868 19.59 74.34 4.53
CA LEU C 868 18.63 75.18 5.23
C LEU C 868 18.04 76.27 4.33
N ASN C 869 18.75 76.64 3.26
CA ASN C 869 18.18 77.57 2.29
C ASN C 869 16.91 76.99 1.68
N LYS C 870 16.92 75.70 1.36
CA LYS C 870 15.70 75.03 0.94
C LYS C 870 14.65 75.05 2.04
N GLU C 871 15.06 74.81 3.28
CA GLU C 871 14.12 74.76 4.39
C GLU C 871 13.43 76.10 4.60
N THR C 872 14.19 77.20 4.48
CA THR C 872 13.59 78.52 4.62
C THR C 872 12.53 78.75 3.55
N SER C 873 12.83 78.38 2.31
CA SER C 873 11.82 78.41 1.26
C SER C 873 10.71 77.40 1.53
N PHE C 874 11.09 76.21 2.03
CA PHE C 874 10.10 75.18 2.33
C PHE C 874 9.10 75.65 3.37
N ASN C 875 9.57 76.35 4.40
CA ASN C 875 8.66 76.92 5.38
C ASN C 875 7.75 77.97 4.76
N LYS C 876 8.30 78.82 3.89
CA LYS C 876 7.50 79.87 3.27
C LYS C 876 6.48 79.30 2.31
N LEU C 877 6.88 78.26 1.55
CA LEU C 877 5.94 77.65 0.60
C LEU C 877 4.74 77.04 1.31
N ILE C 878 4.98 76.34 2.43
CA ILE C 878 3.87 75.83 3.22
C ILE C 878 3.03 76.98 3.77
N ASP C 879 3.69 78.02 4.28
CA ASP C 879 2.97 79.18 4.81
C ASP C 879 2.17 79.86 3.71
N GLU C 880 2.71 79.92 2.50
CA GLU C 880 1.98 80.52 1.38
C GLU C 880 0.72 79.74 1.07
N ILE C 881 0.80 78.41 1.07
CA ILE C 881 -0.37 77.59 0.74
C ILE C 881 -1.46 77.77 1.80
N VAL C 882 -1.09 77.64 3.07
CA VAL C 882 -2.08 77.79 4.14
C VAL C 882 -2.51 79.25 4.27
N GLY C 883 -1.57 80.18 4.11
CA GLY C 883 -1.84 81.58 4.31
C GLY C 883 -1.56 82.10 5.70
N ASP C 884 -1.28 81.22 6.65
CA ASP C 884 -0.96 81.60 8.02
C ASP C 884 0.47 81.20 8.34
N LYS C 885 1.23 82.12 8.91
CA LYS C 885 2.63 81.87 9.26
C LYS C 885 2.66 80.88 10.42
N LEU C 886 2.97 79.61 10.10
CA LEU C 886 2.93 78.57 11.12
C LEU C 886 3.96 78.81 12.22
N LEU C 887 5.17 79.20 11.84
CA LEU C 887 6.24 79.49 12.78
C LEU C 887 6.70 80.92 12.55
N SER C 888 6.64 81.74 13.60
CA SER C 888 7.03 83.13 13.49
C SER C 888 8.55 83.25 13.51
N ASP C 889 9.04 84.49 13.50
CA ASP C 889 10.48 84.73 13.45
C ASP C 889 11.18 84.16 14.67
N GLU C 890 10.61 84.39 15.86
CA GLU C 890 11.25 83.90 17.09
C GLU C 890 11.33 82.39 17.12
N GLU C 891 10.26 81.71 16.72
CA GLU C 891 10.27 80.25 16.71
C GLU C 891 11.27 79.71 15.70
N TRP C 892 11.33 80.31 14.50
CA TRP C 892 12.20 79.77 13.45
C TRP C 892 13.66 80.11 13.71
N ASP C 893 13.94 81.30 14.26
CA ASP C 893 15.33 81.70 14.49
C ASP C 893 15.99 80.82 15.56
N TYR C 894 15.22 80.30 16.52
CA TYR C 894 15.78 79.35 17.47
C TYR C 894 16.18 78.07 16.75
N LEU C 895 15.35 77.60 15.83
CA LEU C 895 15.59 76.30 15.20
C LEU C 895 16.88 76.32 14.38
N THR C 896 17.06 77.37 13.57
CA THR C 896 18.22 77.42 12.68
C THR C 896 19.51 77.70 13.44
N LYS C 897 19.50 78.68 14.35
CA LYS C 897 20.70 79.13 15.03
C LYS C 897 20.80 78.47 16.40
N ASN C 898 21.97 77.92 16.70
CA ASN C 898 22.21 77.27 17.98
C ASN C 898 22.17 78.28 19.13
N GLN C 907 13.53 80.10 29.16
CA GLN C 907 13.40 79.77 27.75
C GLN C 907 12.03 80.19 27.22
N GLN C 908 11.98 80.52 25.93
CA GLN C 908 10.73 80.88 25.30
C GLN C 908 9.77 79.70 25.31
N ILE C 909 8.48 80.00 25.47
CA ILE C 909 7.45 78.97 25.45
C ILE C 909 7.03 78.70 24.01
N PHE C 910 7.13 77.45 23.59
CA PHE C 910 6.75 77.03 22.25
C PHE C 910 5.58 76.07 22.34
N GLN C 911 4.55 76.29 21.53
CA GLN C 911 3.37 75.46 21.50
C GLN C 911 3.07 74.84 20.15
N ASN C 912 3.39 75.53 19.05
CA ASN C 912 3.12 75.03 17.71
C ASN C 912 4.28 74.20 17.14
N THR C 913 5.12 73.64 18.00
CA THR C 913 6.22 72.79 17.54
C THR C 913 6.58 71.82 18.63
N ILE C 914 7.16 70.69 18.22
CA ILE C 914 7.63 69.68 19.16
C ILE C 914 8.96 70.14 19.74
N THR C 915 9.08 70.09 21.07
CA THR C 915 10.21 70.66 21.76
C THR C 915 11.13 69.64 22.44
N SER C 916 10.68 68.40 22.63
CA SER C 916 11.43 67.46 23.45
C SER C 916 11.57 66.07 22.82
N LEU C 917 11.21 65.89 21.55
CA LEU C 917 11.33 64.56 20.95
C LEU C 917 12.78 64.20 20.69
N ASN C 918 13.59 65.16 20.22
CA ASN C 918 14.97 64.87 19.86
C ASN C 918 15.76 64.40 21.07
N SER C 919 15.57 65.04 22.23
CA SER C 919 16.29 64.66 23.44
C SER C 919 15.87 63.30 23.96
N SER C 920 14.74 62.77 23.49
CA SER C 920 14.29 61.47 23.94
C SER C 920 15.20 60.35 23.39
N THR C 921 15.33 59.29 24.18
CA THR C 921 16.12 58.13 23.79
C THR C 921 15.20 57.03 23.28
N ILE C 922 15.73 56.21 22.36
CA ILE C 922 14.97 55.16 21.71
C ILE C 922 15.44 53.81 22.27
N VAL C 923 14.49 52.92 22.54
CA VAL C 923 14.81 51.62 23.12
C VAL C 923 15.71 50.85 22.17
N GLY C 924 16.83 50.36 22.70
CA GLY C 924 17.76 49.60 21.91
C GLY C 924 18.71 50.41 21.06
N ALA C 925 18.52 51.73 21.00
CA ALA C 925 19.40 52.61 20.24
C ALA C 925 20.68 52.81 21.05
N SER C 926 21.65 51.93 20.82
CA SER C 926 22.91 52.01 21.54
C SER C 926 23.61 53.33 21.24
N TYR C 927 24.19 53.92 22.28
CA TYR C 927 24.83 55.23 22.17
C TYR C 927 26.30 55.13 22.50
N ASP C 928 26.98 54.15 21.93
CA ASP C 928 28.40 53.92 22.17
C ASP C 928 29.26 54.24 20.94
N LYS C 929 28.75 55.06 20.03
CA LYS C 929 29.50 55.45 18.84
C LYS C 929 29.28 56.93 18.59
N ASP C 930 30.15 57.51 17.75
CA ASP C 930 30.18 58.95 17.53
C ASP C 930 30.03 59.26 16.04
N THR C 931 29.55 60.46 15.77
CA THR C 931 29.43 60.92 14.39
C THR C 931 30.82 61.03 13.77
N PRO C 932 31.03 60.54 12.55
CA PRO C 932 32.34 60.67 11.92
C PRO C 932 32.70 62.12 11.67
N ALA C 933 33.99 62.42 11.74
CA ALA C 933 34.49 63.78 11.55
C ALA C 933 35.01 63.97 10.13
N LYS D 13 -0.03 -68.12 0.15
CA LYS D 13 1.01 -67.24 -0.35
C LYS D 13 0.83 -66.96 -1.84
N ILE D 14 0.84 -65.69 -2.21
CA ILE D 14 0.54 -65.28 -3.58
C ILE D 14 1.73 -65.57 -4.47
N ILE D 15 1.48 -66.20 -5.61
CA ILE D 15 2.50 -66.49 -6.62
C ILE D 15 1.99 -65.98 -7.95
N ILE D 16 2.70 -65.01 -8.53
CA ILE D 16 2.27 -64.31 -9.73
C ILE D 16 3.06 -64.83 -10.92
N ASN D 17 2.36 -65.22 -11.98
CA ASN D 17 2.99 -65.56 -13.25
C ASN D 17 3.04 -64.29 -14.10
N LEU D 18 4.24 -63.92 -14.55
CA LEU D 18 4.42 -62.68 -15.30
C LEU D 18 4.11 -62.82 -16.78
N PHE D 19 3.76 -64.01 -17.24
CA PHE D 19 3.44 -64.26 -18.64
C PHE D 19 1.94 -64.52 -18.74
N ALA D 20 1.19 -63.46 -19.05
CA ALA D 20 -0.27 -63.51 -19.08
C ALA D 20 -0.78 -62.37 -19.93
N PRO D 21 -2.04 -62.41 -20.39
CA PRO D 21 -2.58 -61.30 -21.18
C PRO D 21 -2.66 -59.98 -20.41
N ASN D 22 -2.29 -60.00 -19.12
CA ASN D 22 -2.25 -58.81 -18.28
C ASN D 22 -3.63 -58.15 -18.21
N LEU D 23 -4.59 -58.90 -17.66
CA LEU D 23 -5.95 -58.42 -17.49
C LEU D 23 -6.20 -58.08 -16.03
N PRO D 24 -6.38 -56.81 -15.67
CA PRO D 24 -6.70 -56.48 -14.27
C PRO D 24 -8.03 -57.05 -13.81
N GLY D 25 -8.92 -57.40 -14.73
CA GLY D 25 -10.22 -57.94 -14.36
C GLY D 25 -10.25 -59.44 -14.21
N SER D 26 -9.58 -60.14 -15.13
CA SER D 26 -9.54 -61.61 -15.06
C SER D 26 -8.79 -62.12 -13.84
N THR D 27 -7.98 -61.26 -13.19
CA THR D 27 -7.25 -61.65 -11.99
C THR D 27 -8.25 -61.92 -10.86
N LYS D 28 -8.39 -63.18 -10.48
CA LYS D 28 -9.32 -63.58 -9.45
C LYS D 28 -8.71 -64.40 -8.33
N GLU D 29 -7.72 -65.24 -8.64
CA GLU D 29 -7.12 -66.12 -7.64
C GLU D 29 -5.63 -66.24 -7.90
N ASP D 30 -4.86 -66.27 -6.80
CA ASP D 30 -3.41 -66.48 -6.83
C ASP D 30 -2.68 -65.37 -7.58
N ASP D 31 -3.40 -64.32 -7.98
CA ASP D 31 -2.79 -63.22 -8.72
C ASP D 31 -3.21 -61.85 -8.21
N LEU D 32 -4.09 -61.78 -7.21
CA LEU D 32 -4.51 -60.51 -6.63
C LEU D 32 -3.78 -60.31 -5.31
N ILE D 33 -2.98 -59.24 -5.24
CA ILE D 33 -2.11 -59.04 -4.08
C ILE D 33 -2.92 -58.68 -2.84
N GLN D 34 -3.95 -57.85 -3.00
CA GLN D 34 -4.67 -57.28 -1.87
C GLN D 34 -5.80 -58.17 -1.37
N LYS D 35 -5.72 -59.48 -1.60
CA LYS D 35 -6.75 -60.38 -1.10
C LYS D 35 -6.78 -60.39 0.42
N SER D 36 -5.62 -60.26 1.06
CA SER D 36 -5.57 -60.29 2.52
C SER D 36 -6.33 -59.12 3.11
N LEU D 37 -6.17 -57.93 2.55
CA LEU D 37 -6.90 -56.76 3.03
C LEU D 37 -8.36 -56.77 2.59
N ARG D 38 -8.64 -57.28 1.39
CA ARG D 38 -10.01 -57.31 0.91
C ARG D 38 -10.90 -58.19 1.78
N ASP D 39 -10.40 -59.36 2.17
CA ASP D 39 -11.18 -60.26 3.03
C ASP D 39 -11.45 -59.63 4.39
N GLN D 40 -10.45 -58.93 4.94
CA GLN D 40 -10.65 -58.28 6.24
C GLN D 40 -11.70 -57.18 6.16
N LEU D 41 -11.65 -56.36 5.11
CA LEU D 41 -12.63 -55.29 4.96
C LEU D 41 -14.02 -55.86 4.73
N VAL D 42 -14.15 -56.87 3.88
CA VAL D 42 -15.46 -57.47 3.61
C VAL D 42 -16.04 -58.09 4.87
N GLU D 43 -15.21 -58.80 5.63
CA GLU D 43 -15.67 -59.34 6.91
C GLU D 43 -16.07 -58.23 7.87
N SER D 44 -15.31 -57.13 7.86
CA SER D 44 -15.67 -55.98 8.69
C SER D 44 -16.98 -55.37 8.24
N ILE D 45 -17.22 -55.32 6.92
CA ILE D 45 -18.49 -54.79 6.40
C ILE D 45 -19.65 -55.65 6.89
N ARG D 46 -19.49 -56.98 6.78
CA ARG D 46 -20.56 -57.88 7.23
C ARG D 46 -20.78 -57.79 8.73
N ASN D 47 -19.69 -57.65 9.51
CA ASN D 47 -19.84 -57.56 10.96
C ASN D 47 -20.41 -56.22 11.40
N SER D 48 -20.26 -55.18 10.58
CA SER D 48 -20.80 -53.86 10.95
C SER D 48 -22.30 -53.77 10.77
N ILE D 49 -22.91 -54.70 10.03
CA ILE D 49 -24.35 -54.68 9.79
C ILE D 49 -25.11 -55.64 10.68
N ALA D 50 -24.42 -56.50 11.44
CA ALA D 50 -25.10 -57.43 12.33
C ALA D 50 -25.88 -56.68 13.41
N TYR D 51 -25.28 -55.64 13.98
CA TYR D 51 -25.95 -54.84 15.00
C TYR D 51 -26.71 -53.69 14.37
N GLY D 68 -27.47 -45.77 12.61
CA GLY D 68 -26.20 -46.46 12.40
C GLY D 68 -25.59 -46.16 11.04
N ARG D 69 -24.52 -45.36 11.03
CA ARG D 69 -23.83 -44.99 9.80
C ARG D 69 -22.58 -45.84 9.64
N ASN D 70 -22.54 -46.62 8.56
CA ASN D 70 -21.38 -47.45 8.23
C ASN D 70 -20.71 -46.83 7.00
N VAL D 71 -19.66 -46.06 7.23
CA VAL D 71 -18.91 -45.42 6.15
C VAL D 71 -17.47 -45.91 6.22
N PHE D 72 -17.00 -46.49 5.12
CA PHE D 72 -15.65 -47.02 5.03
C PHE D 72 -14.85 -46.20 4.03
N PHE D 73 -13.65 -45.79 4.43
CA PHE D 73 -12.79 -44.97 3.59
C PHE D 73 -11.56 -45.78 3.19
N VAL D 74 -11.35 -45.93 1.88
CA VAL D 74 -10.17 -46.60 1.34
C VAL D 74 -9.15 -45.50 1.08
N ASP D 75 -8.22 -45.32 2.01
CA ASP D 75 -7.34 -44.17 2.00
C ASP D 75 -6.07 -44.44 1.20
N GLY D 76 -5.52 -43.38 0.63
CA GLY D 76 -4.24 -43.43 -0.06
C GLY D 76 -3.89 -42.09 -0.68
N THR D 77 -2.65 -41.65 -0.51
CA THR D 77 -2.27 -40.31 -0.97
C THR D 77 -2.19 -40.23 -2.49
N ARG D 78 -1.79 -41.32 -3.15
CA ARG D 78 -1.57 -41.26 -4.59
C ARG D 78 -1.48 -42.66 -5.20
N GLY D 79 -2.22 -42.89 -6.29
CA GLY D 79 -2.13 -44.16 -6.98
C GLY D 79 -2.68 -45.31 -6.14
N ALA D 80 -1.88 -46.37 -6.04
CA ALA D 80 -2.14 -47.58 -5.27
C ALA D 80 -3.28 -48.42 -5.83
N GLY D 81 -3.89 -48.02 -6.95
CA GLY D 81 -4.99 -48.78 -7.52
C GLY D 81 -6.24 -48.74 -6.68
N LYS D 82 -6.85 -47.56 -6.58
CA LYS D 82 -8.04 -47.40 -5.75
C LYS D 82 -9.25 -48.06 -6.37
N THR D 83 -9.51 -47.79 -7.66
CA THR D 83 -10.75 -48.22 -8.28
C THR D 83 -10.86 -49.73 -8.37
N THR D 84 -9.73 -50.43 -8.50
CA THR D 84 -9.77 -51.89 -8.60
C THR D 84 -10.06 -52.55 -7.27
N PHE D 85 -9.67 -51.92 -6.15
CA PHE D 85 -9.90 -52.53 -4.84
C PHE D 85 -11.37 -52.49 -4.47
N ILE D 86 -12.02 -51.34 -4.66
CA ILE D 86 -13.43 -51.21 -4.32
C ILE D 86 -14.27 -52.07 -5.27
N ASN D 87 -13.88 -52.14 -6.54
CA ASN D 87 -14.56 -53.03 -7.47
C ASN D 87 -14.37 -54.49 -7.07
N SER D 88 -13.16 -54.84 -6.61
CA SER D 88 -12.92 -56.19 -6.12
C SER D 88 -13.78 -56.51 -4.91
N VAL D 89 -14.08 -55.49 -4.09
CA VAL D 89 -14.98 -55.69 -2.96
C VAL D 89 -16.41 -55.92 -3.45
N VAL D 90 -16.81 -55.19 -4.49
CA VAL D 90 -18.16 -55.37 -5.04
C VAL D 90 -18.33 -56.79 -5.58
N LYS D 91 -17.32 -57.29 -6.30
CA LYS D 91 -17.39 -58.66 -6.80
C LYS D 91 -17.43 -59.66 -5.65
N SER D 92 -16.62 -59.43 -4.61
CA SER D 92 -16.61 -60.35 -3.47
C SER D 92 -17.93 -60.34 -2.71
N LEU D 93 -18.68 -59.25 -2.78
CA LEU D 93 -19.95 -59.15 -2.07
C LEU D 93 -21.14 -59.46 -2.96
N ASN D 94 -21.03 -59.24 -4.27
CA ASN D 94 -22.11 -59.62 -5.18
C ASN D 94 -22.19 -61.14 -5.34
N SER D 95 -21.06 -61.83 -5.23
CA SER D 95 -21.01 -63.27 -5.32
C SER D 95 -20.96 -63.89 -3.93
N ASP D 96 -21.10 -65.22 -3.89
CA ASP D 96 -21.03 -65.99 -2.65
C ASP D 96 -22.06 -65.50 -1.64
N GLN D 97 -23.29 -65.29 -2.12
CA GLN D 97 -24.36 -64.83 -1.24
C GLN D 97 -25.00 -65.98 -0.47
N ASP D 98 -24.95 -67.20 -0.99
CA ASP D 98 -25.60 -68.32 -0.33
C ASP D 98 -24.82 -68.78 0.91
N ASP D 99 -23.50 -68.83 0.81
CA ASP D 99 -22.69 -69.31 1.93
C ASP D 99 -22.75 -68.35 3.13
N VAL D 100 -22.74 -67.05 2.86
CA VAL D 100 -22.59 -66.06 3.92
C VAL D 100 -23.89 -65.94 4.71
N LYS D 101 -23.74 -65.64 6.00
CA LYS D 101 -24.91 -65.44 6.86
C LYS D 101 -25.68 -64.20 6.45
N VAL D 102 -24.99 -63.12 6.07
CA VAL D 102 -25.60 -61.88 5.64
C VAL D 102 -25.12 -61.57 4.23
N ASN D 103 -26.06 -61.40 3.31
CA ASN D 103 -25.75 -61.10 1.91
C ASN D 103 -25.99 -59.62 1.64
N ILE D 104 -25.09 -59.03 0.85
CA ILE D 104 -25.11 -57.60 0.58
C ILE D 104 -25.15 -57.40 -0.93
N LYS D 105 -26.18 -56.67 -1.40
CA LYS D 105 -26.27 -56.28 -2.79
C LYS D 105 -25.60 -54.92 -2.97
N CYS D 106 -24.77 -54.80 -4.01
CA CYS D 106 -23.91 -53.64 -4.19
C CYS D 106 -24.34 -52.85 -5.42
N LEU D 107 -24.50 -51.55 -5.24
CA LEU D 107 -24.69 -50.66 -6.37
C LEU D 107 -23.41 -50.61 -7.21
N PRO D 108 -23.53 -50.35 -8.52
CA PRO D 108 -22.34 -50.09 -9.32
C PRO D 108 -21.62 -48.85 -8.81
N THR D 109 -20.30 -48.85 -8.95
CA THR D 109 -19.50 -47.75 -8.44
C THR D 109 -19.93 -46.43 -9.05
N ILE D 110 -20.06 -45.41 -8.22
CA ILE D 110 -20.52 -44.10 -8.62
C ILE D 110 -19.31 -43.17 -8.74
N ASP D 111 -19.11 -42.61 -9.92
CA ASP D 111 -18.04 -41.66 -10.14
C ASP D 111 -18.61 -40.26 -9.97
N PRO D 112 -18.35 -39.57 -8.86
CA PRO D 112 -18.98 -38.25 -8.63
C PRO D 112 -18.58 -37.21 -9.65
N THR D 113 -17.45 -37.39 -10.34
CA THR D 113 -16.97 -36.43 -11.32
C THR D 113 -17.44 -36.74 -12.74
N LYS D 114 -18.23 -37.79 -12.92
CA LYS D 114 -18.76 -38.17 -14.23
C LYS D 114 -20.28 -38.13 -14.21
N LEU D 115 -20.84 -37.13 -13.56
CA LEU D 115 -22.28 -36.97 -13.38
C LEU D 115 -22.68 -35.58 -13.82
N PRO D 116 -23.97 -35.37 -14.13
CA PRO D 116 -24.44 -34.02 -14.47
C PRO D 116 -24.16 -33.04 -13.35
N ARG D 117 -23.83 -31.81 -13.73
CA ARG D 117 -23.36 -30.81 -12.76
C ARG D 117 -24.40 -30.49 -11.71
N HIS D 118 -25.68 -30.76 -11.96
CA HIS D 118 -26.73 -30.43 -11.01
C HIS D 118 -27.50 -31.64 -10.51
N GLU D 119 -27.18 -32.84 -10.96
CA GLU D 119 -27.90 -34.02 -10.52
C GLU D 119 -27.45 -34.37 -9.10
N PRO D 120 -28.37 -34.42 -8.13
CA PRO D 120 -27.98 -34.81 -6.77
C PRO D 120 -27.56 -36.26 -6.71
N ILE D 121 -26.70 -36.57 -5.73
CA ILE D 121 -26.26 -37.94 -5.52
C ILE D 121 -27.44 -38.83 -5.12
N LEU D 122 -28.46 -38.24 -4.48
CA LEU D 122 -29.64 -39.01 -4.12
C LEU D 122 -30.36 -39.53 -5.36
N VAL D 123 -30.41 -38.72 -6.42
CA VAL D 123 -31.00 -39.18 -7.67
C VAL D 123 -30.17 -40.30 -8.28
N THR D 124 -28.84 -40.14 -8.27
CA THR D 124 -27.97 -41.17 -8.85
C THR D 124 -28.07 -42.48 -8.09
N VAL D 125 -28.09 -42.42 -6.76
CA VAL D 125 -28.18 -43.63 -5.95
C VAL D 125 -29.52 -44.32 -6.18
N THR D 126 -30.61 -43.56 -6.17
CA THR D 126 -31.93 -44.14 -6.37
C THR D 126 -32.08 -44.77 -7.75
N ALA D 127 -31.55 -44.10 -8.78
CA ALA D 127 -31.67 -44.62 -10.13
C ALA D 127 -30.95 -45.96 -10.28
N ARG D 128 -29.75 -46.08 -9.70
CA ARG D 128 -29.06 -47.36 -9.71
C ARG D 128 -29.67 -48.35 -8.73
N LEU D 129 -30.39 -47.86 -7.73
CA LEU D 129 -31.17 -48.75 -6.86
C LEU D 129 -32.43 -49.23 -7.57
N ASN D 130 -33.06 -48.34 -8.34
CA ASN D 130 -34.21 -48.75 -9.16
C ASN D 130 -33.81 -49.80 -10.17
N LYS D 131 -32.67 -49.61 -10.83
CA LYS D 131 -32.23 -50.56 -11.86
C LYS D 131 -32.01 -51.94 -11.27
N MET D 132 -31.37 -52.02 -10.10
CA MET D 132 -31.17 -53.31 -9.46
C MET D 132 -32.50 -53.93 -9.04
N VAL D 133 -33.40 -53.14 -8.47
CA VAL D 133 -34.66 -53.68 -7.96
C VAL D 133 -35.56 -54.08 -9.11
N SER D 134 -35.68 -53.24 -10.13
CA SER D 134 -36.55 -53.55 -11.25
C SER D 134 -36.09 -54.78 -12.01
N ASP D 135 -34.77 -54.93 -12.18
CA ASP D 135 -34.24 -56.13 -12.83
C ASP D 135 -34.52 -57.37 -11.99
N LYS D 136 -34.57 -57.23 -10.67
CA LYS D 136 -34.93 -58.35 -9.82
C LYS D 136 -36.41 -58.70 -9.96
N LEU D 137 -37.26 -57.68 -10.18
CA LEU D 137 -38.69 -57.94 -10.34
C LEU D 137 -38.96 -58.81 -11.56
N LYS D 138 -38.23 -58.58 -12.66
CA LYS D 138 -38.34 -59.45 -13.82
C LYS D 138 -37.88 -60.87 -13.51
N GLY D 139 -37.06 -61.06 -12.49
CA GLY D 139 -36.68 -62.39 -12.06
C GLY D 139 -37.77 -63.13 -11.33
N TYR D 140 -38.72 -62.42 -10.74
CA TYR D 140 -39.86 -63.06 -10.09
C TYR D 140 -40.71 -63.80 -11.11
N TRP D 141 -41.21 -64.97 -10.71
CA TRP D 141 -42.22 -65.69 -11.48
C TRP D 141 -43.50 -65.94 -10.70
N ALA D 142 -43.45 -65.88 -9.36
CA ALA D 142 -44.66 -65.97 -8.54
C ALA D 142 -45.36 -64.62 -8.61
N SER D 143 -46.39 -64.53 -9.46
CA SER D 143 -47.04 -63.25 -9.71
C SER D 143 -48.04 -62.90 -8.62
N ASN D 144 -47.61 -62.99 -7.36
CA ASN D 144 -48.38 -62.51 -6.22
C ASN D 144 -47.66 -61.40 -5.49
N ASP D 145 -46.41 -61.62 -5.10
CA ASP D 145 -45.55 -60.56 -4.61
C ASP D 145 -44.82 -59.83 -5.73
N TYR D 146 -44.91 -60.33 -6.96
CA TYR D 146 -44.30 -59.64 -8.09
C TYR D 146 -44.95 -58.28 -8.32
N ARG D 147 -46.27 -58.21 -8.23
CA ARG D 147 -46.99 -56.95 -8.39
C ARG D 147 -47.36 -56.30 -7.07
N LYS D 148 -47.42 -57.07 -5.98
CA LYS D 148 -47.70 -56.48 -4.68
C LYS D 148 -46.52 -55.62 -4.21
N GLN D 149 -45.30 -56.14 -4.34
CA GLN D 149 -44.12 -55.37 -3.95
C GLN D 149 -43.77 -54.31 -4.98
N LYS D 150 -43.99 -54.58 -6.27
CA LYS D 150 -43.72 -53.59 -7.29
C LYS D 150 -44.62 -52.36 -7.11
N GLU D 151 -45.90 -52.58 -6.80
CA GLU D 151 -46.80 -51.46 -6.53
C GLU D 151 -46.33 -50.67 -5.31
N GLN D 152 -45.89 -51.37 -4.26
CA GLN D 152 -45.31 -50.68 -3.12
C GLN D 152 -44.00 -50.00 -3.47
N TRP D 153 -43.20 -50.63 -4.33
CA TRP D 153 -41.93 -50.05 -4.74
C TRP D 153 -42.13 -48.73 -5.48
N GLN D 154 -43.12 -48.69 -6.38
CA GLN D 154 -43.39 -47.45 -7.10
C GLN D 154 -44.03 -46.40 -6.21
N ASN D 155 -44.67 -46.79 -5.12
CA ASN D 155 -45.20 -45.82 -4.18
C ASN D 155 -44.08 -45.02 -3.51
N HIS D 156 -43.01 -45.71 -3.11
CA HIS D 156 -41.87 -45.02 -2.52
C HIS D 156 -41.12 -44.21 -3.58
N LEU D 157 -41.00 -44.76 -4.80
CA LEU D 157 -40.33 -44.04 -5.87
C LEU D 157 -41.04 -42.75 -6.21
N ALA D 158 -42.37 -42.79 -6.31
CA ALA D 158 -43.12 -41.58 -6.62
C ALA D 158 -43.08 -40.58 -5.47
N GLN D 159 -43.09 -41.06 -4.23
CA GLN D 159 -43.06 -40.16 -3.10
C GLN D 159 -41.70 -39.46 -3.00
N LEU D 160 -40.62 -40.16 -3.34
CA LEU D 160 -39.31 -39.52 -3.40
C LEU D 160 -39.27 -38.48 -4.53
N GLN D 161 -39.95 -38.78 -5.65
CA GLN D 161 -40.07 -37.80 -6.73
C GLN D 161 -40.83 -36.57 -6.27
N ARG D 162 -41.88 -36.76 -5.47
CA ARG D 162 -42.67 -35.65 -5.00
C ARG D 162 -41.85 -34.71 -4.12
N GLY D 163 -41.05 -35.27 -3.22
CA GLY D 163 -40.23 -34.49 -2.32
C GLY D 163 -38.84 -34.15 -2.83
N LEU D 164 -38.54 -34.46 -4.09
CA LEU D 164 -37.20 -34.22 -4.62
C LEU D 164 -36.90 -32.74 -4.79
N HIS D 165 -37.92 -31.88 -4.80
CA HIS D 165 -37.68 -30.45 -5.00
C HIS D 165 -36.95 -29.81 -3.83
N LEU D 166 -36.93 -30.46 -2.66
CA LEU D 166 -36.30 -29.87 -1.48
C LEU D 166 -34.79 -29.75 -1.63
N LEU D 167 -34.18 -30.51 -2.55
CA LEU D 167 -32.75 -30.40 -2.77
C LEU D 167 -32.38 -29.41 -3.85
N THR D 168 -33.32 -29.07 -4.73
CA THR D 168 -33.05 -28.19 -5.87
C THR D 168 -33.75 -26.85 -5.79
N ASP D 169 -34.56 -26.61 -4.75
CA ASP D 169 -35.32 -25.37 -4.68
C ASP D 169 -34.43 -24.22 -4.24
N LYS D 170 -34.51 -23.10 -4.96
CA LYS D 170 -33.81 -21.88 -4.60
C LYS D 170 -34.62 -20.99 -3.68
N GLU D 171 -35.85 -21.37 -3.36
CA GLU D 171 -36.69 -20.64 -2.42
C GLU D 171 -37.79 -21.57 -1.95
N TYR D 172 -38.50 -21.15 -0.89
CA TYR D 172 -39.60 -21.98 -0.33
C TYR D 172 -40.94 -21.39 -0.79
N LYS D 173 -41.83 -22.25 -1.29
CA LYS D 173 -43.16 -21.80 -1.78
C LYS D 173 -44.23 -22.23 -0.77
N PRO D 174 -45.07 -21.30 -0.26
CA PRO D 174 -46.10 -21.63 0.74
C PRO D 174 -46.94 -22.85 0.32
N GLU D 175 -47.08 -23.10 -0.98
CA GLU D 175 -47.85 -24.25 -1.45
C GLU D 175 -47.22 -25.57 -1.04
N TYR D 176 -45.95 -25.56 -0.62
CA TYR D 176 -45.33 -26.78 -0.13
C TYR D 176 -45.81 -27.15 1.27
N PHE D 177 -46.27 -26.16 2.04
CA PHE D 177 -46.70 -26.43 3.41
C PHE D 177 -47.87 -27.40 3.46
N SER D 178 -48.77 -27.32 2.47
CA SER D 178 -49.86 -28.29 2.40
C SER D 178 -49.34 -29.70 2.13
N ASP D 179 -48.29 -29.82 1.31
CA ASP D 179 -47.72 -31.13 1.03
C ASP D 179 -47.12 -31.75 2.29
N ALA D 180 -46.45 -30.94 3.11
CA ALA D 180 -45.80 -31.47 4.30
C ALA D 180 -46.79 -31.97 5.35
N LEU D 181 -48.06 -31.57 5.25
CA LEU D 181 -49.08 -32.00 6.21
C LEU D 181 -49.91 -33.18 5.72
N LYS D 182 -49.59 -33.72 4.55
CA LYS D 182 -50.32 -34.87 4.01
C LYS D 182 -49.95 -36.11 4.83
N LEU D 183 -50.86 -36.55 5.69
CA LEU D 183 -50.63 -37.68 6.57
C LEU D 183 -51.39 -38.93 6.13
N ASP D 184 -51.58 -39.09 4.82
CA ASP D 184 -52.23 -40.25 4.26
C ASP D 184 -51.25 -41.37 3.93
N ALA D 185 -49.98 -41.20 4.28
CA ALA D 185 -48.96 -42.20 3.95
C ALA D 185 -49.27 -43.53 4.61
N GLN D 186 -49.20 -44.60 3.82
CA GLN D 186 -49.43 -45.95 4.33
C GLN D 186 -48.21 -46.55 5.01
N LEU D 187 -47.04 -45.95 4.85
CA LEU D 187 -45.80 -46.48 5.40
C LEU D 187 -45.44 -45.84 6.74
N ASP D 188 -46.30 -44.98 7.28
CA ASP D 188 -46.22 -44.50 8.67
C ASP D 188 -44.89 -43.79 8.95
N TYR D 189 -44.73 -42.64 8.31
CA TYR D 189 -43.64 -41.74 8.64
C TYR D 189 -43.74 -41.29 10.09
N SER D 190 -42.79 -41.72 10.93
CA SER D 190 -42.87 -41.42 12.35
C SER D 190 -42.79 -39.92 12.62
N ILE D 191 -41.90 -39.22 11.93
CA ILE D 191 -41.73 -37.79 12.08
C ILE D 191 -42.42 -37.07 10.93
N GLY D 192 -43.14 -36.01 11.26
CA GLY D 192 -43.95 -35.33 10.26
C GLY D 192 -43.11 -34.55 9.27
N GLY D 193 -43.79 -34.04 8.25
CA GLY D 193 -43.15 -33.29 7.19
C GLY D 193 -42.56 -34.19 6.11
N GLN D 194 -42.01 -33.53 5.10
CA GLN D 194 -41.38 -34.22 3.97
C GLN D 194 -39.88 -34.26 4.22
N ASP D 195 -39.43 -35.33 4.87
CA ASP D 195 -38.02 -35.54 5.16
C ASP D 195 -37.50 -36.60 4.19
N LEU D 196 -36.65 -36.18 3.24
CA LEU D 196 -36.18 -37.09 2.21
C LEU D 196 -35.35 -38.22 2.82
N SER D 197 -34.57 -37.92 3.85
CA SER D 197 -33.80 -38.97 4.53
C SER D 197 -34.72 -40.01 5.14
N GLU D 198 -35.91 -39.61 5.58
CA GLU D 198 -36.90 -40.57 6.06
C GLU D 198 -37.56 -41.31 4.91
N ILE D 199 -37.83 -40.63 3.81
CA ILE D 199 -38.43 -41.29 2.65
C ILE D 199 -37.43 -42.23 2.01
N PHE D 200 -36.17 -41.84 1.95
CA PHE D 200 -35.16 -42.68 1.30
C PHE D 200 -34.85 -43.93 2.12
N GLU D 201 -34.85 -43.81 3.45
CA GLU D 201 -34.54 -44.97 4.28
C GLU D 201 -35.64 -46.03 4.19
N GLU D 202 -36.89 -45.62 4.02
CA GLU D 202 -37.95 -46.59 3.75
C GLU D 202 -37.85 -47.13 2.33
N LEU D 203 -37.42 -46.29 1.38
CA LEU D 203 -37.19 -46.76 0.02
C LEU D 203 -36.10 -47.83 -0.02
N VAL D 204 -35.03 -47.64 0.74
CA VAL D 204 -33.99 -48.65 0.84
C VAL D 204 -34.52 -49.89 1.54
N LYS D 205 -35.29 -49.70 2.61
CA LYS D 205 -35.82 -50.85 3.35
C LYS D 205 -36.70 -51.72 2.48
N ARG D 206 -37.56 -51.11 1.66
CA ARG D 206 -38.34 -51.88 0.70
C ARG D 206 -37.45 -52.54 -0.33
N ALA D 207 -36.40 -51.85 -0.76
CA ALA D 207 -35.49 -52.41 -1.76
C ALA D 207 -34.76 -53.63 -1.22
N CYS D 208 -34.38 -53.60 0.06
CA CYS D 208 -33.70 -54.74 0.64
C CYS D 208 -34.59 -55.98 0.67
N GLU D 209 -35.88 -55.78 0.99
CA GLU D 209 -36.81 -56.91 0.98
C GLU D 209 -37.00 -57.47 -0.42
N ILE D 210 -37.11 -56.59 -1.42
CA ILE D 210 -37.32 -57.05 -2.79
C ILE D 210 -36.12 -57.85 -3.29
N LEU D 211 -34.92 -57.35 -3.04
CA LEU D 211 -33.69 -58.01 -3.48
C LEU D 211 -33.32 -59.20 -2.61
N ASP D 212 -34.07 -59.46 -1.53
CA ASP D 212 -33.80 -60.55 -0.60
C ASP D 212 -32.37 -60.47 -0.07
N CYS D 213 -32.07 -59.32 0.53
CA CYS D 213 -30.74 -59.05 1.06
C CYS D 213 -30.87 -58.10 2.24
N LYS D 214 -29.74 -57.53 2.66
CA LYS D 214 -29.73 -56.50 3.69
C LYS D 214 -28.46 -55.69 3.53
N ALA D 215 -28.52 -54.43 3.99
CA ALA D 215 -27.38 -53.52 3.99
C ALA D 215 -26.79 -53.34 2.59
N ILE D 216 -27.58 -52.70 1.73
CA ILE D 216 -27.13 -52.38 0.37
C ILE D 216 -25.86 -51.55 0.44
N LEU D 217 -24.90 -51.89 -0.42
CA LEU D 217 -23.61 -51.23 -0.45
C LEU D 217 -23.59 -50.11 -1.47
N ILE D 218 -23.15 -48.92 -1.06
CA ILE D 218 -22.96 -47.78 -1.95
C ILE D 218 -21.47 -47.48 -2.00
N THR D 219 -20.89 -47.52 -3.19
CA THR D 219 -19.47 -47.27 -3.38
C THR D 219 -19.29 -45.99 -4.17
N PHE D 220 -18.37 -45.14 -3.71
CA PHE D 220 -18.03 -43.90 -4.39
C PHE D 220 -16.58 -43.96 -4.84
N ASP D 221 -16.30 -43.37 -6.00
CA ASP D 221 -14.95 -43.35 -6.55
C ASP D 221 -14.22 -42.10 -6.07
N ASP D 222 -13.04 -41.85 -6.61
CA ASP D 222 -12.27 -40.69 -6.24
C ASP D 222 -12.87 -39.41 -6.82
N ILE D 223 -12.57 -38.29 -6.17
CA ILE D 223 -13.00 -36.98 -6.63
C ILE D 223 -11.77 -36.16 -6.98
N ASP D 224 -10.68 -36.85 -7.35
CA ASP D 224 -9.41 -36.17 -7.56
C ASP D 224 -9.48 -35.19 -8.72
N THR D 225 -10.16 -35.55 -9.81
CA THR D 225 -10.20 -34.68 -10.97
C THR D 225 -10.90 -33.37 -10.66
N GLN D 226 -12.10 -33.44 -10.09
CA GLN D 226 -12.89 -32.24 -9.75
C GLN D 226 -13.47 -32.47 -8.36
N PHE D 227 -12.76 -31.98 -7.33
CA PHE D 227 -13.17 -32.21 -5.96
C PHE D 227 -14.22 -31.22 -5.48
N ASP D 228 -14.62 -30.25 -6.31
CA ASP D 228 -15.77 -29.43 -5.97
C ASP D 228 -17.05 -30.25 -5.96
N ALA D 229 -17.10 -31.32 -6.74
CA ALA D 229 -18.27 -32.19 -6.82
C ALA D 229 -18.30 -33.23 -5.71
N GLY D 230 -17.27 -33.29 -4.87
CA GLY D 230 -17.27 -34.22 -3.75
C GLY D 230 -18.01 -33.73 -2.53
N TRP D 231 -18.40 -32.46 -2.49
CA TRP D 231 -19.16 -31.96 -1.35
C TRP D 231 -20.56 -32.53 -1.33
N ASP D 232 -21.18 -32.70 -2.50
CA ASP D 232 -22.49 -33.34 -2.55
C ASP D 232 -22.42 -34.78 -2.07
N VAL D 233 -21.29 -35.45 -2.31
CA VAL D 233 -21.11 -36.81 -1.79
C VAL D 233 -21.10 -36.79 -0.27
N LEU D 234 -20.35 -35.86 0.33
CA LEU D 234 -20.26 -35.80 1.77
C LEU D 234 -21.60 -35.42 2.40
N GLU D 235 -22.28 -34.43 1.83
CA GLU D 235 -23.56 -34.01 2.40
C GLU D 235 -24.64 -35.07 2.22
N SER D 236 -24.54 -35.87 1.15
CA SER D 236 -25.51 -36.94 0.97
C SER D 236 -25.25 -38.12 1.91
N ILE D 237 -23.99 -38.38 2.23
CA ILE D 237 -23.66 -39.50 3.10
C ILE D 237 -24.21 -39.27 4.51
N ARG D 238 -23.98 -38.07 5.06
CA ARG D 238 -24.40 -37.79 6.41
C ARG D 238 -25.90 -37.56 6.56
N LYS D 239 -26.59 -37.15 5.48
CA LYS D 239 -28.00 -36.83 5.55
C LYS D 239 -28.89 -38.01 5.17
N PHE D 240 -28.68 -38.57 3.98
CA PHE D 240 -29.58 -39.57 3.43
C PHE D 240 -29.12 -41.00 3.63
N PHE D 241 -27.81 -41.23 3.77
CA PHE D 241 -27.26 -42.58 3.89
C PHE D 241 -26.96 -42.95 5.33
N ASN D 242 -27.80 -42.48 6.26
CA ASN D 242 -27.64 -42.77 7.68
C ASN D 242 -28.37 -44.04 8.11
N SER D 243 -29.01 -44.74 7.19
CA SER D 243 -29.80 -45.92 7.53
C SER D 243 -28.90 -47.06 8.01
N ARG D 244 -29.50 -47.95 8.81
CA ARG D 244 -28.80 -49.14 9.26
C ARG D 244 -28.73 -50.22 8.19
N LYS D 245 -29.51 -50.09 7.12
CA LYS D 245 -29.43 -50.98 5.97
C LYS D 245 -28.61 -50.37 4.84
N LEU D 246 -27.68 -49.47 5.17
CA LEU D 246 -26.87 -48.78 4.16
C LEU D 246 -25.43 -48.74 4.65
N VAL D 247 -24.54 -49.30 3.84
CA VAL D 247 -23.10 -49.26 4.11
C VAL D 247 -22.42 -48.59 2.92
N VAL D 248 -21.56 -47.63 3.22
CA VAL D 248 -20.92 -46.78 2.22
C VAL D 248 -19.42 -47.04 2.22
N VAL D 249 -18.84 -47.12 1.03
CA VAL D 249 -17.40 -47.25 0.86
C VAL D 249 -16.93 -46.08 0.02
N ALA D 250 -16.22 -45.14 0.64
CA ALA D 250 -15.71 -43.96 -0.04
C ALA D 250 -14.22 -44.10 -0.30
N THR D 251 -13.74 -43.35 -1.29
CA THR D 251 -12.35 -43.42 -1.70
C THR D 251 -11.90 -42.04 -2.12
N GLY D 252 -10.58 -41.81 -2.07
CA GLY D 252 -10.00 -40.57 -2.52
C GLY D 252 -8.95 -40.09 -1.55
N ASP D 253 -8.46 -38.89 -1.81
CA ASP D 253 -7.46 -38.25 -0.96
C ASP D 253 -8.15 -37.58 0.21
N LEU D 254 -7.96 -38.12 1.41
CA LEU D 254 -8.58 -37.54 2.60
C LEU D 254 -8.00 -36.16 2.91
N ARG D 255 -6.81 -35.86 2.41
CA ARG D 255 -6.28 -34.50 2.49
C ARG D 255 -7.05 -33.54 1.61
N LEU D 256 -7.72 -34.05 0.58
CA LEU D 256 -8.52 -33.22 -0.32
C LEU D 256 -9.93 -33.00 0.18
N TYR D 257 -10.49 -33.95 0.92
CA TYR D 257 -11.75 -33.71 1.62
C TYR D 257 -11.58 -32.66 2.71
N SER D 258 -10.42 -32.63 3.37
CA SER D 258 -10.19 -31.63 4.41
C SER D 258 -10.24 -30.23 3.83
N GLN D 259 -9.62 -30.02 2.67
CA GLN D 259 -9.72 -28.72 2.01
C GLN D 259 -11.14 -28.44 1.54
N LEU D 260 -11.89 -29.50 1.20
CA LEU D 260 -13.27 -29.31 0.77
C LEU D 260 -14.17 -28.93 1.92
N ILE D 261 -14.03 -29.60 3.07
CA ILE D 261 -14.85 -29.28 4.23
C ILE D 261 -14.45 -27.94 4.81
N ARG D 262 -13.15 -27.68 4.94
CA ARG D 262 -12.70 -26.45 5.57
C ARG D 262 -13.15 -25.22 4.78
N GLY D 263 -13.08 -25.29 3.46
CA GLY D 263 -13.53 -24.17 2.64
C GLY D 263 -15.02 -23.93 2.69
N LYS D 264 -15.80 -24.96 3.03
CA LYS D 264 -17.25 -24.80 3.14
C LYS D 264 -17.68 -24.21 4.48
N GLN D 265 -16.86 -24.35 5.52
CA GLN D 265 -17.19 -23.73 6.80
C GLN D 265 -16.96 -22.23 6.79
N TYR D 266 -16.00 -21.76 6.00
CA TYR D 266 -15.85 -20.32 5.81
C TYR D 266 -17.05 -19.71 5.12
N GLU D 267 -17.76 -20.50 4.30
CA GLU D 267 -18.95 -19.98 3.63
C GLU D 267 -20.05 -19.64 4.62
N ASN D 268 -20.05 -20.29 5.78
CA ASN D 268 -21.06 -20.01 6.79
C ASN D 268 -20.90 -18.60 7.36
N TYR D 269 -19.66 -18.15 7.54
CA TYR D 269 -19.43 -16.79 8.01
C TYR D 269 -19.96 -15.77 7.01
N SER D 270 -20.68 -14.78 7.53
CA SER D 270 -21.25 -13.75 6.66
C SER D 270 -20.14 -12.92 6.03
N LYS D 271 -20.32 -12.58 4.75
CA LYS D 271 -19.31 -11.81 4.04
C LYS D 271 -19.06 -10.45 4.71
N THR D 272 -20.08 -9.90 5.36
CA THR D 272 -19.90 -8.61 6.03
C THR D 272 -19.00 -8.74 7.24
N LEU D 273 -19.18 -9.80 8.04
CA LEU D 273 -18.32 -10.00 9.21
C LEU D 273 -16.87 -10.22 8.79
N LEU D 274 -16.65 -11.00 7.73
CA LEU D 274 -15.30 -11.32 7.31
C LEU D 274 -14.55 -10.07 6.86
N GLU D 275 -15.22 -9.16 6.17
CA GLU D 275 -14.58 -7.96 5.65
C GLU D 275 -14.63 -6.79 6.61
N GLN D 276 -15.23 -6.96 7.78
CA GLN D 276 -15.23 -5.94 8.82
C GLN D 276 -14.31 -6.30 9.99
N GLU D 277 -14.41 -7.52 10.51
CA GLU D 277 -13.51 -7.99 11.55
C GLU D 277 -12.30 -8.65 10.88
N LYS D 278 -11.40 -7.80 10.41
CA LYS D 278 -10.19 -8.25 9.71
C LYS D 278 -8.95 -8.18 10.57
N GLU D 279 -9.11 -8.01 11.88
CA GLU D 279 -7.95 -7.97 12.77
C GLU D 279 -7.31 -9.35 12.86
N SER D 280 -6.03 -9.36 13.25
CA SER D 280 -5.31 -10.62 13.35
C SER D 280 -5.87 -11.51 14.45
N VAL D 281 -6.27 -10.91 15.58
CA VAL D 281 -6.84 -11.69 16.66
C VAL D 281 -8.20 -12.25 16.27
N ARG D 282 -8.99 -11.49 15.51
CA ARG D 282 -10.30 -11.97 15.08
C ARG D 282 -10.17 -12.99 13.94
N LEU D 283 -9.19 -12.81 13.06
CA LEU D 283 -9.01 -13.76 11.96
C LEU D 283 -8.46 -15.09 12.49
N ALA D 284 -7.61 -15.05 13.51
CA ALA D 284 -7.04 -16.27 14.06
C ALA D 284 -8.12 -17.12 14.75
N GLU D 285 -9.01 -16.48 15.50
CA GLU D 285 -10.06 -17.22 16.19
C GLU D 285 -11.09 -17.77 15.20
N ARG D 286 -11.27 -17.10 14.07
CA ARG D 286 -12.16 -17.63 13.04
C ARG D 286 -11.56 -18.87 12.39
N GLY D 287 -10.27 -18.83 12.08
CA GLY D 287 -9.61 -20.01 11.55
C GLY D 287 -9.56 -21.15 12.54
N TYR D 288 -9.33 -20.84 13.82
CA TYR D 288 -9.27 -21.88 14.84
C TYR D 288 -10.63 -22.53 15.02
N MET D 289 -11.72 -21.77 14.92
CA MET D 289 -13.05 -22.35 15.01
C MET D 289 -13.30 -23.33 13.87
N VAL D 290 -12.90 -22.96 12.66
CA VAL D 290 -13.06 -23.85 11.52
C VAL D 290 -12.10 -25.03 11.59
N GLU D 291 -10.94 -24.84 12.23
CA GLU D 291 -10.04 -25.97 12.47
C GLU D 291 -10.73 -27.06 13.28
N HIS D 292 -11.72 -26.69 14.09
CA HIS D 292 -12.39 -27.65 14.96
C HIS D 292 -13.66 -28.20 14.30
N LEU D 293 -14.37 -27.38 13.52
CA LEU D 293 -15.50 -27.89 12.76
C LEU D 293 -15.05 -28.87 11.69
N GLU D 294 -13.97 -28.55 10.98
CA GLU D 294 -13.43 -29.46 9.98
C GLU D 294 -12.95 -30.75 10.63
N GLN D 295 -12.31 -30.65 11.80
CA GLN D 295 -11.77 -31.83 12.46
C GLN D 295 -12.87 -32.81 12.82
N GLN D 296 -14.00 -32.32 13.33
CA GLN D 296 -15.09 -33.20 13.72
C GLN D 296 -15.97 -33.61 12.55
N TYR D 297 -15.85 -32.94 11.41
CA TYR D 297 -16.58 -33.37 10.22
C TYR D 297 -16.01 -34.66 9.66
N LEU D 298 -14.68 -34.77 9.60
CA LEU D 298 -14.05 -35.99 9.13
C LEU D 298 -14.30 -37.15 10.09
N LEU D 299 -14.24 -36.89 11.40
CA LEU D 299 -14.43 -37.95 12.38
C LEU D 299 -15.86 -38.48 12.35
N LYS D 300 -16.83 -37.60 12.10
CA LYS D 300 -18.22 -38.06 12.01
C LYS D 300 -18.47 -38.80 10.70
N LEU D 301 -17.91 -38.31 9.61
CA LEU D 301 -18.16 -38.92 8.30
C LEU D 301 -17.36 -40.21 8.13
N PHE D 302 -16.04 -40.13 8.27
CA PHE D 302 -15.18 -41.29 8.12
C PHE D 302 -14.59 -41.66 9.47
N PRO D 303 -15.15 -42.62 10.19
CA PRO D 303 -14.60 -43.01 11.49
C PRO D 303 -13.20 -43.59 11.34
N VAL D 304 -12.37 -43.35 12.36
CA VAL D 304 -10.99 -43.80 12.32
C VAL D 304 -10.91 -45.33 12.29
N GLN D 305 -11.75 -46.00 13.07
CA GLN D 305 -11.72 -47.46 13.11
C GLN D 305 -12.22 -48.09 11.82
N LYS D 306 -12.86 -47.32 10.94
CA LYS D 306 -13.37 -47.85 9.68
C LYS D 306 -12.54 -47.48 8.47
N ARG D 307 -11.56 -46.58 8.62
CA ARG D 307 -10.70 -46.23 7.50
C ARG D 307 -9.80 -47.39 7.14
N ILE D 308 -9.61 -47.60 5.84
CA ILE D 308 -8.83 -48.73 5.31
C ILE D 308 -7.64 -48.17 4.55
N GLN D 309 -6.44 -48.63 4.92
CA GLN D 309 -5.22 -48.21 4.26
C GLN D 309 -4.74 -49.34 3.35
N LEU D 310 -4.50 -49.01 2.08
CA LEU D 310 -4.03 -50.01 1.12
C LEU D 310 -2.54 -50.28 1.38
N LYS D 311 -2.25 -51.50 1.83
CA LYS D 311 -0.88 -51.86 2.15
C LYS D 311 -0.02 -51.90 0.90
N THR D 312 1.18 -51.34 0.99
CA THR D 312 2.13 -51.41 -0.10
C THR D 312 2.89 -52.73 -0.07
N MET D 313 3.62 -53.00 -1.15
CA MET D 313 4.31 -54.28 -1.27
C MET D 313 5.41 -54.43 -0.23
N LEU D 314 6.07 -53.33 0.14
CA LEU D 314 7.13 -53.40 1.15
C LEU D 314 6.58 -53.86 2.49
N GLN D 315 5.43 -53.32 2.90
CA GLN D 315 4.82 -53.74 4.15
C GLN D 315 4.37 -55.19 4.09
N LEU D 316 3.82 -55.62 2.95
CA LEU D 316 3.33 -56.99 2.84
C LEU D 316 4.45 -58.01 2.95
N VAL D 317 5.58 -57.76 2.30
CA VAL D 317 6.65 -58.76 2.24
C VAL D 317 7.71 -58.57 3.32
N GLY D 318 7.79 -57.40 3.94
CA GLY D 318 8.79 -57.16 4.96
C GLY D 318 10.05 -56.49 4.41
N GLU D 319 10.84 -55.97 5.34
CA GLU D 319 12.06 -55.23 5.02
C GLU D 319 13.31 -56.11 4.98
N LYS D 320 13.14 -57.43 5.09
CA LYS D 320 14.22 -58.42 5.05
C LYS D 320 15.07 -58.37 6.31
N GLY D 321 14.83 -57.39 7.18
CA GLY D 321 15.46 -57.40 8.48
C GLY D 321 14.95 -58.55 9.34
N LYS D 322 13.65 -58.84 9.24
CA LYS D 322 13.04 -59.99 9.87
C LYS D 322 11.92 -60.49 8.98
N ALA D 323 11.25 -61.55 9.41
CA ALA D 323 10.18 -62.14 8.60
C ALA D 323 9.02 -61.16 8.44
N GLY D 324 8.43 -61.15 7.24
CA GLY D 324 7.30 -60.28 6.96
C GLY D 324 5.97 -60.93 7.31
N LYS D 325 4.92 -60.11 7.27
CA LYS D 325 3.58 -60.59 7.58
C LYS D 325 2.94 -61.37 6.43
N GLU D 326 3.53 -61.34 5.24
CA GLU D 326 2.97 -62.04 4.09
C GLU D 326 4.11 -62.41 3.15
N GLU D 327 3.98 -63.56 2.50
CA GLU D 327 4.97 -64.07 1.57
C GLU D 327 4.38 -64.04 0.15
N ILE D 328 5.09 -63.37 -0.76
CA ILE D 328 4.65 -63.24 -2.14
C ILE D 328 5.78 -63.70 -3.05
N LYS D 329 5.46 -64.56 -4.01
CA LYS D 329 6.45 -65.13 -4.92
C LYS D 329 6.14 -64.74 -6.35
N VAL D 330 7.15 -64.82 -7.21
CA VAL D 330 7.07 -64.36 -8.58
C VAL D 330 7.60 -65.46 -9.50
N LYS D 331 6.87 -65.72 -10.59
CA LYS D 331 7.31 -66.65 -11.63
C LYS D 331 8.06 -65.86 -12.69
N THR D 332 9.38 -65.79 -12.55
CA THR D 332 10.20 -65.00 -13.48
C THR D 332 10.15 -65.58 -14.89
N GLU D 333 10.24 -66.89 -15.02
CA GLU D 333 10.31 -67.56 -16.31
C GLU D 333 9.00 -68.28 -16.62
N PRO D 334 8.67 -68.49 -17.89
CA PRO D 334 7.45 -69.23 -18.22
C PRO D 334 7.62 -70.71 -17.91
N GLY D 335 6.69 -71.25 -17.15
CA GLY D 335 6.72 -72.66 -16.78
C GLY D 335 7.24 -72.94 -15.38
N MET D 336 7.52 -71.92 -14.58
CA MET D 336 7.97 -72.13 -13.22
C MET D 336 6.82 -72.65 -12.36
N GLN D 337 7.17 -73.42 -11.33
CA GLN D 337 6.22 -74.13 -10.49
C GLN D 337 6.08 -73.44 -9.14
N ASP D 338 5.32 -74.07 -8.24
CA ASP D 338 5.10 -73.51 -6.92
C ASP D 338 6.42 -73.35 -6.15
N ILE D 339 7.19 -74.43 -6.07
CA ILE D 339 8.50 -74.35 -5.41
C ILE D 339 9.47 -73.54 -6.26
N ASP D 340 9.35 -73.63 -7.58
CA ASP D 340 10.19 -72.85 -8.50
C ASP D 340 9.65 -71.42 -8.53
N ALA D 341 9.95 -70.69 -7.46
CA ALA D 341 9.54 -69.30 -7.34
C ALA D 341 10.46 -68.61 -6.34
N ILE D 342 10.57 -67.30 -6.48
CA ILE D 342 11.45 -66.48 -5.63
C ILE D 342 10.64 -65.32 -5.08
N ASP D 343 11.07 -64.82 -3.93
CA ASP D 343 10.41 -63.69 -3.30
C ASP D 343 10.57 -62.43 -4.15
N VAL D 344 9.59 -61.53 -4.03
CA VAL D 344 9.64 -60.28 -4.79
C VAL D 344 10.86 -59.47 -4.40
N ARG D 345 11.22 -59.50 -3.11
CA ARG D 345 12.44 -58.83 -2.67
C ARG D 345 13.66 -59.36 -3.40
N GLN D 346 13.67 -60.66 -3.71
CA GLN D 346 14.76 -61.22 -4.51
C GLN D 346 14.56 -60.94 -5.99
N ALA D 347 13.31 -61.02 -6.48
CA ALA D 347 13.05 -60.72 -7.88
C ALA D 347 13.36 -59.26 -8.20
N ILE D 348 13.02 -58.35 -7.30
CA ILE D 348 13.41 -56.95 -7.47
C ILE D 348 14.92 -56.79 -7.31
N GLY D 349 15.50 -57.48 -6.32
CA GLY D 349 16.94 -57.42 -6.13
C GLY D 349 17.69 -57.97 -7.32
N ASP D 350 17.17 -59.01 -7.96
CA ASP D 350 17.80 -59.52 -9.17
C ASP D 350 17.77 -58.48 -10.29
N ALA D 351 16.65 -57.78 -10.43
CA ALA D 351 16.55 -56.76 -11.47
C ALA D 351 17.44 -55.57 -11.17
N VAL D 352 17.43 -55.10 -9.93
CA VAL D 352 18.20 -53.90 -9.57
C VAL D 352 19.69 -54.18 -9.68
N ARG D 353 20.15 -55.30 -9.10
CA ARG D 353 21.59 -55.58 -9.09
C ARG D 353 22.13 -55.79 -10.49
N GLU D 354 21.40 -56.53 -11.33
CA GLU D 354 21.83 -56.72 -12.72
C GLU D 354 21.59 -55.47 -13.55
N GLY D 355 20.43 -54.84 -13.38
CA GLY D 355 20.11 -53.66 -14.17
C GLY D 355 20.99 -52.47 -13.87
N LEU D 356 21.22 -52.21 -12.58
CA LEU D 356 22.05 -51.08 -12.17
C LEU D 356 23.52 -51.45 -12.04
N ASN D 357 23.89 -52.69 -12.35
CA ASN D 357 25.26 -53.17 -12.20
C ASN D 357 25.77 -52.95 -10.77
N LEU D 358 24.90 -53.23 -9.81
CA LEU D 358 25.20 -53.03 -8.40
C LEU D 358 25.56 -54.34 -7.72
N ARG D 359 26.45 -54.26 -6.75
CA ARG D 359 26.82 -55.40 -5.94
C ARG D 359 25.83 -55.58 -4.80
N GLU D 360 25.73 -56.82 -4.30
CA GLU D 360 24.86 -57.09 -3.16
C GLU D 360 25.39 -56.36 -1.92
N GLY D 361 24.49 -55.65 -1.25
CA GLY D 361 24.90 -54.89 -0.07
C GLY D 361 23.83 -53.89 0.32
N SER D 362 24.27 -52.87 1.07
CA SER D 362 23.34 -51.88 1.59
C SER D 362 22.84 -50.94 0.51
N ASP D 363 23.74 -50.50 -0.38
CA ASP D 363 23.35 -49.53 -1.40
C ASP D 363 22.44 -50.15 -2.46
N ALA D 364 22.55 -51.46 -2.68
CA ALA D 364 21.63 -52.13 -3.59
C ALA D 364 20.24 -52.29 -2.99
N ASP D 365 20.15 -52.36 -1.66
CA ASP D 365 18.86 -52.46 -0.99
C ASP D 365 18.13 -51.12 -0.94
N MET D 366 18.85 -50.01 -1.15
CA MET D 366 18.20 -48.71 -1.18
C MET D 366 17.25 -48.58 -2.36
N TYR D 367 17.51 -49.31 -3.44
CA TYR D 367 16.65 -49.25 -4.61
C TYR D 367 15.52 -50.26 -4.57
N VAL D 368 15.73 -51.44 -3.98
CA VAL D 368 14.66 -52.42 -3.88
C VAL D 368 13.59 -51.93 -2.90
N ASN D 369 13.99 -51.25 -1.84
CA ASN D 369 13.02 -50.72 -0.89
C ASN D 369 12.12 -49.68 -1.53
N GLU D 370 12.71 -48.78 -2.32
CA GLU D 370 11.89 -47.79 -3.03
C GLU D 370 11.01 -48.45 -4.08
N LEU D 371 11.54 -49.46 -4.77
CA LEU D 371 10.72 -50.18 -5.74
C LEU D 371 9.60 -50.98 -5.08
N LEU D 372 9.73 -51.30 -3.80
CA LEU D 372 8.67 -51.98 -3.07
C LEU D 372 7.65 -51.03 -2.48
N LYS D 373 7.94 -49.73 -2.43
CA LYS D 373 6.99 -48.73 -1.97
C LYS D 373 6.09 -48.23 -3.08
N GLN D 374 6.32 -48.63 -4.32
CA GLN D 374 5.52 -48.20 -5.45
C GLN D 374 4.17 -48.90 -5.46
N PRO D 375 3.19 -48.35 -6.17
CA PRO D 375 1.92 -49.07 -6.35
C PRO D 375 2.16 -50.42 -7.01
N VAL D 376 1.38 -51.42 -6.58
CA VAL D 376 1.62 -52.80 -7.00
C VAL D 376 1.45 -52.95 -8.51
N ARG D 377 0.35 -52.41 -9.05
CA ARG D 377 0.11 -52.55 -10.48
C ARG D 377 1.22 -51.90 -11.29
N LEU D 378 1.75 -50.77 -10.80
CA LEU D 378 2.92 -50.17 -11.43
C LEU D 378 4.15 -51.05 -11.26
N LEU D 379 4.33 -51.62 -10.08
CA LEU D 379 5.55 -52.38 -9.79
C LEU D 379 5.62 -53.65 -10.62
N MET D 380 4.55 -54.46 -10.61
CA MET D 380 4.59 -55.72 -11.35
C MET D 380 4.59 -55.52 -12.85
N GLN D 381 4.22 -54.33 -13.33
CA GLN D 381 4.38 -54.04 -14.76
C GLN D 381 5.84 -53.81 -15.11
N VAL D 382 6.59 -53.18 -14.21
CA VAL D 382 8.03 -53.03 -14.40
C VAL D 382 8.71 -54.40 -14.41
N LEU D 383 8.30 -55.28 -13.50
CA LEU D 383 8.82 -56.64 -13.49
C LEU D 383 8.46 -57.36 -14.78
N GLN D 384 7.21 -57.24 -15.22
CA GLN D 384 6.79 -57.90 -16.46
C GLN D 384 7.51 -57.30 -17.66
N ASP D 385 7.66 -55.97 -17.70
CA ASP D 385 8.34 -55.34 -18.82
C ASP D 385 9.82 -55.67 -18.85
N PHE D 386 10.39 -56.15 -17.74
CA PHE D 386 11.81 -56.47 -17.66
C PHE D 386 12.06 -57.97 -17.83
N TYR D 387 11.42 -58.79 -17.00
CA TYR D 387 11.69 -60.22 -17.02
C TYR D 387 11.24 -60.86 -18.33
N THR D 388 10.03 -60.54 -18.79
CA THR D 388 9.54 -61.11 -20.04
C THR D 388 10.38 -60.67 -21.22
N LYS D 389 10.74 -59.39 -21.27
CA LYS D 389 11.61 -58.92 -22.34
C LYS D 389 13.01 -59.51 -22.22
N LYS D 390 13.45 -59.82 -21.00
CA LYS D 390 14.73 -60.50 -20.82
C LYS D 390 14.69 -61.91 -21.41
N TYR D 391 13.50 -62.53 -21.46
CA TYR D 391 13.36 -63.83 -22.10
C TYR D 391 13.50 -63.73 -23.61
N HIS D 392 12.84 -62.74 -24.22
CA HIS D 392 12.85 -62.61 -25.67
C HIS D 392 14.24 -62.31 -26.20
N ALA D 393 15.02 -61.50 -25.45
CA ALA D 393 16.41 -61.28 -25.83
C ALA D 393 17.20 -62.58 -25.79
N THR D 394 16.99 -63.39 -24.75
CA THR D 394 17.61 -64.71 -24.70
C THR D 394 16.97 -65.65 -25.71
N SER D 395 15.66 -65.56 -25.89
CA SER D 395 14.90 -66.41 -26.82
C SER D 395 15.10 -67.89 -26.52
N SER D 412 21.74 -56.13 -23.57
CA SER D 412 22.29 -55.62 -22.33
C SER D 412 21.22 -55.55 -21.25
N VAL D 413 21.50 -56.14 -20.08
CA VAL D 413 20.53 -56.11 -18.99
C VAL D 413 20.23 -54.70 -18.53
N PRO D 414 21.20 -53.78 -18.37
CA PRO D 414 20.85 -52.43 -17.90
C PRO D 414 19.82 -51.71 -18.75
N ASN D 415 19.84 -51.88 -20.08
CA ASN D 415 18.85 -51.17 -20.89
C ASN D 415 17.47 -51.82 -20.77
N LEU D 416 17.43 -53.12 -20.47
CA LEU D 416 16.16 -53.79 -20.22
C LEU D 416 15.47 -53.19 -19.00
N LEU D 417 16.23 -52.94 -17.93
CA LEU D 417 15.68 -52.23 -16.79
C LEU D 417 15.35 -50.79 -17.16
N ARG D 418 16.20 -50.14 -17.96
CA ARG D 418 15.92 -48.79 -18.42
C ARG D 418 14.66 -48.75 -19.26
N ASN D 419 14.51 -49.71 -20.19
CA ASN D 419 13.29 -49.78 -20.99
C ASN D 419 12.07 -50.10 -20.12
N ALA D 420 12.24 -51.01 -19.16
CA ALA D 420 11.12 -51.36 -18.29
C ALA D 420 10.67 -50.17 -17.46
N LEU D 421 11.63 -49.41 -16.91
CA LEU D 421 11.26 -48.20 -16.18
C LEU D 421 10.65 -47.16 -17.10
N TYR D 422 11.24 -46.95 -18.28
CA TYR D 422 10.75 -45.91 -19.19
C TYR D 422 9.30 -46.16 -19.58
N GLY D 423 8.91 -47.43 -19.75
CA GLY D 423 7.55 -47.72 -20.13
C GLY D 423 6.54 -47.33 -19.06
N SER D 424 6.86 -47.59 -17.79
CA SER D 424 5.92 -47.39 -16.70
C SER D 424 6.21 -46.17 -15.84
N MET D 425 7.44 -45.66 -15.85
CA MET D 425 7.84 -44.53 -15.02
C MET D 425 7.95 -43.24 -15.84
N LEU D 426 7.41 -43.25 -17.07
CA LEU D 426 7.55 -42.10 -17.96
C LEU D 426 6.89 -40.85 -17.40
N SER D 427 5.84 -41.02 -16.58
CA SER D 427 5.13 -39.86 -16.05
C SER D 427 6.06 -38.99 -15.19
N SER D 428 6.89 -39.62 -14.36
CA SER D 428 7.81 -38.85 -13.53
C SER D 428 8.96 -38.27 -14.36
N ILE D 429 9.39 -38.97 -15.40
CA ILE D 429 10.48 -38.47 -16.25
C ILE D 429 10.07 -37.17 -16.91
N TYR D 430 8.85 -37.12 -17.45
CA TYR D 430 8.34 -35.89 -18.03
C TYR D 430 8.18 -34.80 -16.97
N ARG D 431 7.69 -35.16 -15.78
CA ARG D 431 7.41 -34.16 -14.76
C ARG D 431 8.67 -33.45 -14.30
N ALA D 432 9.75 -34.21 -14.07
CA ALA D 432 10.99 -33.64 -13.57
C ALA D 432 11.76 -32.87 -14.64
N GLY D 433 11.40 -32.99 -15.91
CA GLY D 433 12.11 -32.29 -16.96
C GLY D 433 13.28 -33.05 -17.55
N LEU D 434 13.35 -34.36 -17.37
CA LEU D 434 14.47 -35.14 -17.88
C LEU D 434 14.26 -35.38 -19.38
N ASN D 435 15.08 -36.27 -19.95
CA ASN D 435 15.02 -36.56 -21.38
C ASN D 435 14.12 -37.76 -21.62
N TYR D 436 13.05 -37.57 -22.39
CA TYR D 436 12.12 -38.64 -22.69
C TYR D 436 12.28 -39.22 -24.08
N GLU D 437 12.86 -38.47 -25.03
CA GLU D 437 13.04 -38.97 -26.38
C GLU D 437 14.07 -40.10 -26.38
N GLN D 438 13.63 -41.30 -26.79
CA GLN D 438 14.47 -42.48 -26.70
C GLN D 438 15.60 -42.50 -27.73
N HIS D 439 15.46 -41.78 -28.85
CA HIS D 439 16.50 -41.79 -29.87
C HIS D 439 17.70 -40.94 -29.50
N ARG D 440 17.56 -40.05 -28.52
CA ARG D 440 18.55 -39.06 -28.18
C ARG D 440 19.46 -39.49 -27.02
N PHE D 441 19.28 -40.73 -26.53
CA PHE D 441 20.02 -41.20 -25.35
C PHE D 441 21.53 -41.19 -25.58
N GLY D 442 22.26 -40.74 -24.58
CA GLY D 442 23.71 -40.64 -24.66
C GLY D 442 24.24 -39.82 -23.50
N MET D 443 25.58 -39.77 -23.42
CA MET D 443 26.23 -39.02 -22.34
C MET D 443 25.91 -37.53 -22.42
N ASP D 444 25.85 -36.98 -23.62
CA ASP D 444 25.40 -35.60 -23.78
C ASP D 444 23.98 -35.42 -23.25
N SER D 445 23.10 -36.38 -23.54
CA SER D 445 21.76 -36.37 -22.95
C SER D 445 21.80 -36.73 -21.47
N LEU D 446 22.61 -37.72 -21.11
CA LEU D 446 22.64 -38.21 -19.73
C LEU D 446 23.21 -37.18 -18.77
N CYS D 447 24.36 -36.60 -19.12
CA CYS D 447 25.01 -35.65 -18.21
C CYS D 447 24.17 -34.39 -18.02
N LYS D 448 23.41 -34.01 -19.04
CA LYS D 448 22.49 -32.88 -18.89
C LYS D 448 21.39 -33.21 -17.90
N ASP D 449 20.86 -34.43 -17.96
CA ASP D 449 19.80 -34.83 -17.03
C ASP D 449 20.31 -34.90 -15.60
N ILE D 450 21.52 -35.43 -15.41
CA ILE D 450 22.07 -35.59 -14.07
C ILE D 450 22.31 -34.23 -13.42
N PHE D 451 22.78 -33.25 -14.19
CA PHE D 451 22.88 -31.90 -13.67
C PHE D 451 21.50 -31.30 -13.45
N THR D 452 20.52 -31.68 -14.27
CA THR D 452 19.15 -31.23 -14.05
C THR D 452 18.56 -31.88 -12.80
N TYR D 453 18.91 -33.14 -12.54
CA TYR D 453 18.42 -33.82 -11.35
C TYR D 453 18.95 -33.17 -10.08
N VAL D 454 20.27 -32.96 -10.01
CA VAL D 454 20.86 -32.35 -8.83
C VAL D 454 20.43 -30.88 -8.69
N LYS D 455 20.08 -30.22 -9.79
CA LYS D 455 19.56 -28.87 -9.69
C LYS D 455 18.22 -28.84 -8.96
N GLN D 456 17.33 -29.77 -9.29
CA GLN D 456 16.06 -29.86 -8.58
C GLN D 456 16.21 -30.51 -7.22
N ASP D 457 17.19 -31.39 -7.05
CA ASP D 457 17.38 -32.08 -5.78
C ASP D 457 17.96 -31.18 -4.70
N ARG D 458 18.46 -29.99 -5.06
CA ARG D 458 18.99 -29.02 -4.11
C ARG D 458 20.18 -29.55 -3.32
N ASP D 459 20.81 -30.63 -3.79
CA ASP D 459 21.96 -31.23 -3.11
C ASP D 459 23.03 -31.53 -4.14
N PHE D 460 24.05 -30.66 -4.20
CA PHE D 460 25.17 -30.86 -5.11
C PHE D 460 26.30 -31.68 -4.51
N ASN D 461 26.29 -31.88 -3.19
CA ASN D 461 27.39 -32.61 -2.55
C ASN D 461 27.31 -34.10 -2.87
N THR D 462 26.12 -34.70 -2.78
CA THR D 462 25.94 -36.12 -3.03
C THR D 462 24.86 -36.39 -4.07
N GLY D 463 24.50 -35.39 -4.87
CA GLY D 463 23.46 -35.57 -5.86
C GLY D 463 23.82 -36.55 -6.95
N PHE D 464 25.09 -36.60 -7.35
CA PHE D 464 25.50 -37.45 -8.46
C PHE D 464 25.56 -38.93 -8.08
N TYR D 465 25.20 -39.30 -6.85
CA TYR D 465 25.06 -40.71 -6.51
C TYR D 465 23.77 -41.32 -7.04
N LEU D 466 22.78 -40.49 -7.36
CA LEU D 466 21.48 -40.95 -7.85
C LEU D 466 20.83 -41.95 -6.89
N ARG D 467 20.97 -41.67 -5.59
CA ARG D 467 20.31 -42.47 -4.58
C ARG D 467 18.91 -41.91 -4.30
N PRO D 468 17.90 -42.78 -4.19
CA PRO D 468 16.53 -42.27 -4.00
C PRO D 468 16.29 -41.69 -2.62
N GLN D 469 17.08 -40.69 -2.25
CA GLN D 469 16.92 -39.98 -0.98
C GLN D 469 16.20 -38.65 -1.16
N SER D 470 15.58 -38.41 -2.31
CA SER D 470 14.88 -37.16 -2.55
C SER D 470 13.57 -37.13 -1.78
N GLU D 471 12.82 -36.05 -1.97
CA GLU D 471 11.52 -35.87 -1.32
C GLU D 471 10.36 -36.06 -2.29
N SER D 472 10.43 -35.44 -3.47
CA SER D 472 9.39 -35.62 -4.46
C SER D 472 9.35 -37.05 -4.96
N GLU D 473 8.14 -37.59 -5.15
CA GLU D 473 8.00 -38.95 -5.64
C GLU D 473 8.53 -39.07 -7.07
N ALA D 474 8.38 -38.01 -7.87
CA ALA D 474 8.93 -38.02 -9.22
C ALA D 474 10.45 -38.04 -9.19
N LEU D 475 11.05 -37.29 -8.26
CA LEU D 475 12.51 -37.26 -8.16
C LEU D 475 13.07 -38.62 -7.76
N ARG D 476 12.41 -39.30 -6.82
CA ARG D 476 12.84 -40.66 -6.45
C ARG D 476 12.71 -41.60 -7.64
N ASN D 477 11.64 -41.44 -8.42
CA ASN D 477 11.45 -42.26 -9.61
C ASN D 477 12.54 -41.98 -10.65
N CYS D 478 12.97 -40.72 -10.76
CA CYS D 478 14.00 -40.37 -11.73
C CYS D 478 15.37 -40.89 -11.30
N SER D 479 15.61 -41.01 -9.99
CA SER D 479 16.93 -41.44 -9.51
C SER D 479 17.27 -42.84 -9.99
N ILE D 480 16.34 -43.78 -9.86
CA ILE D 480 16.59 -45.13 -10.32
C ILE D 480 16.67 -45.17 -11.84
N TYR D 481 15.84 -44.38 -12.52
CA TYR D 481 15.92 -44.30 -13.97
C TYR D 481 17.27 -43.75 -14.42
N LEU D 482 17.76 -42.71 -13.75
CA LEU D 482 19.07 -42.16 -14.09
C LEU D 482 20.18 -43.15 -13.78
N ALA D 483 20.06 -43.88 -12.66
CA ALA D 483 21.08 -44.87 -12.32
C ALA D 483 21.14 -45.97 -13.37
N SER D 484 19.98 -46.40 -13.88
CA SER D 484 19.96 -47.37 -14.96
C SER D 484 20.59 -46.79 -16.23
N GLN D 485 20.33 -45.51 -16.51
CA GLN D 485 20.91 -44.87 -17.68
C GLN D 485 22.44 -44.80 -17.56
N VAL D 486 22.94 -44.47 -16.37
CA VAL D 486 24.39 -44.39 -16.18
C VAL D 486 25.03 -45.77 -16.31
N SER D 487 24.43 -46.77 -15.66
CA SER D 487 24.98 -48.13 -15.72
C SER D 487 24.90 -48.69 -17.13
N GLU D 488 23.95 -48.23 -17.95
CA GLU D 488 23.82 -48.73 -19.31
C GLU D 488 24.90 -48.17 -20.23
N ASN D 489 24.96 -46.83 -20.33
CA ASN D 489 25.87 -46.20 -21.28
C ASN D 489 27.32 -46.50 -20.94
N CYS D 490 27.70 -46.38 -19.67
CA CYS D 490 29.09 -46.59 -19.29
C CYS D 490 29.51 -48.04 -19.37
N GLN D 491 28.56 -48.96 -19.47
CA GLN D 491 28.89 -50.38 -19.54
C GLN D 491 29.49 -50.73 -20.91
N GLY D 492 30.54 -51.54 -20.89
CA GLY D 492 31.16 -52.02 -22.11
C GLY D 492 32.21 -51.11 -22.71
N SER D 493 32.56 -50.02 -22.04
CA SER D 493 33.58 -49.12 -22.57
C SER D 493 34.19 -48.33 -21.41
N LEU D 494 35.43 -47.89 -21.62
CA LEU D 494 36.18 -47.14 -20.63
C LEU D 494 36.07 -45.63 -20.82
N SER D 495 36.02 -45.16 -22.07
CA SER D 495 35.92 -43.73 -22.32
C SER D 495 34.61 -43.16 -21.79
N LYS D 496 33.52 -43.89 -21.96
CA LYS D 496 32.22 -43.42 -21.47
C LYS D 496 32.20 -43.37 -19.96
N PHE D 497 32.90 -44.28 -19.28
CA PHE D 497 33.03 -44.21 -17.84
C PHE D 497 33.78 -42.94 -17.42
N LEU D 498 34.87 -42.62 -18.12
CA LEU D 498 35.65 -41.44 -17.78
C LEU D 498 34.88 -40.17 -18.11
N GLN D 499 34.15 -40.16 -19.23
CA GLN D 499 33.31 -39.02 -19.58
C GLN D 499 32.24 -38.80 -18.51
N MET D 500 31.63 -39.89 -18.04
CA MET D 500 30.68 -39.79 -16.93
C MET D 500 31.37 -39.32 -15.66
N LEU D 501 32.60 -39.77 -15.42
CA LEU D 501 33.31 -39.38 -14.21
C LEU D 501 33.60 -37.88 -14.20
N LEU D 502 33.94 -37.31 -15.36
CA LEU D 502 34.31 -35.90 -15.43
C LEU D 502 33.09 -35.02 -15.72
N VAL D 503 32.43 -35.23 -16.86
CA VAL D 503 31.32 -34.38 -17.23
C VAL D 503 30.11 -34.63 -16.33
N GLY D 504 29.80 -35.91 -16.10
CA GLY D 504 28.59 -36.24 -15.34
C GLY D 504 28.68 -35.83 -13.88
N CYS D 505 29.81 -36.12 -13.24
CA CYS D 505 29.97 -35.88 -11.80
C CYS D 505 30.85 -34.69 -11.48
N GLY D 506 31.92 -34.49 -12.24
CA GLY D 506 32.81 -33.37 -11.97
C GLY D 506 32.15 -32.02 -12.15
N SER D 507 31.24 -31.91 -13.12
CA SER D 507 30.52 -30.66 -13.32
C SER D 507 29.69 -30.29 -12.10
N VAL D 508 29.06 -31.29 -11.47
CA VAL D 508 28.27 -31.04 -10.27
C VAL D 508 29.16 -30.59 -9.12
N SER D 509 30.33 -31.23 -8.97
CA SER D 509 31.20 -30.93 -7.84
C SER D 509 31.89 -29.59 -8.01
N ILE D 510 32.39 -29.30 -9.22
CA ILE D 510 33.06 -28.03 -9.46
C ILE D 510 32.09 -26.86 -9.24
N PHE D 511 30.85 -27.02 -9.70
CA PHE D 511 29.83 -26.01 -9.44
C PHE D 511 29.61 -25.80 -7.96
N ASN D 512 29.68 -26.88 -7.17
CA ASN D 512 29.37 -26.80 -5.75
C ASN D 512 30.46 -26.09 -4.95
N GLN D 513 31.66 -25.94 -5.51
CA GLN D 513 32.77 -25.35 -4.78
C GLN D 513 33.25 -24.03 -5.36
N PHE D 514 33.14 -23.82 -6.66
CA PHE D 514 33.70 -22.64 -7.31
C PHE D 514 32.69 -21.76 -8.02
N VAL D 515 31.46 -22.22 -8.24
CA VAL D 515 30.46 -21.47 -8.98
C VAL D 515 29.29 -21.07 -8.09
N THR D 516 28.85 -21.95 -7.19
CA THR D 516 27.69 -21.65 -6.37
C THR D 516 28.00 -20.64 -5.27
N GLU D 517 29.28 -20.34 -5.00
CA GLU D 517 29.61 -19.34 -4.01
C GLU D 517 29.24 -17.93 -4.46
N LEU D 518 28.99 -17.74 -5.75
CA LEU D 518 28.56 -16.43 -6.23
C LEU D 518 27.13 -16.13 -5.80
N ALA D 519 26.27 -17.14 -5.80
CA ALA D 519 24.88 -16.96 -5.39
C ALA D 519 24.36 -18.19 -4.66
N LYS D 527 18.38 -14.23 -8.30
CA LYS D 527 19.04 -14.46 -9.58
C LYS D 527 20.12 -15.52 -9.44
N PHE D 528 19.71 -16.73 -9.09
CA PHE D 528 20.62 -17.85 -8.93
C PHE D 528 20.64 -18.80 -10.12
N GLU D 529 19.51 -18.93 -10.82
CA GLU D 529 19.45 -19.80 -11.99
C GLU D 529 20.22 -19.26 -13.19
N GLN D 530 20.69 -18.01 -13.13
CA GLN D 530 21.49 -17.48 -14.21
C GLN D 530 22.88 -18.11 -14.22
N LEU D 531 23.44 -18.36 -13.04
CA LEU D 531 24.71 -19.09 -12.97
C LEU D 531 24.56 -20.50 -13.54
N ILE D 532 23.47 -21.18 -13.18
CA ILE D 532 23.26 -22.55 -13.66
C ILE D 532 23.15 -22.57 -15.18
N SER D 533 22.35 -21.66 -15.73
CA SER D 533 22.17 -21.63 -17.17
C SER D 533 23.47 -21.32 -17.90
N GLU D 534 24.25 -20.36 -17.39
CA GLU D 534 25.50 -20.02 -18.03
C GLU D 534 26.61 -21.04 -17.75
N TYR D 535 26.56 -21.70 -16.59
CA TYR D 535 27.54 -22.75 -16.31
C TYR D 535 27.32 -23.96 -17.21
N VAL D 536 26.06 -24.35 -17.39
CA VAL D 536 25.74 -25.41 -18.35
C VAL D 536 26.15 -24.99 -19.75
N ALA D 537 25.91 -23.73 -20.11
CA ALA D 537 26.33 -23.23 -21.41
C ALA D 537 27.84 -23.22 -21.54
N TYR D 538 28.56 -22.81 -20.50
CA TYR D 538 30.01 -22.69 -20.54
C TYR D 538 30.66 -24.05 -20.75
N MET D 539 30.47 -24.98 -19.80
CA MET D 539 31.00 -26.33 -19.97
C MET D 539 30.37 -27.07 -21.14
N SER D 540 29.17 -26.67 -21.55
CA SER D 540 28.39 -27.40 -22.54
C SER D 540 28.27 -28.87 -22.13
N VAL D 541 27.76 -29.08 -20.92
CA VAL D 541 27.60 -30.44 -20.41
C VAL D 541 26.55 -31.19 -21.21
N GLY D 542 25.51 -30.49 -21.67
CA GLY D 542 24.50 -31.12 -22.50
C GLY D 542 24.98 -31.48 -23.89
N ARG D 543 26.03 -30.81 -24.38
CA ARG D 543 26.61 -31.08 -25.69
C ARG D 543 28.12 -30.99 -25.54
N ILE D 544 28.76 -32.13 -25.28
CA ILE D 544 30.21 -32.20 -25.11
C ILE D 544 30.82 -32.73 -26.41
N GLU D 545 31.92 -32.11 -26.83
CA GLU D 545 32.67 -32.59 -27.98
C GLU D 545 33.78 -33.55 -27.58
N SER D 546 34.43 -33.30 -26.45
CA SER D 546 35.46 -34.19 -25.94
C SER D 546 35.62 -33.93 -24.45
N ALA D 547 36.14 -34.94 -23.75
CA ALA D 547 36.38 -34.80 -22.31
C ALA D 547 37.46 -33.76 -22.04
N SER D 548 38.50 -33.72 -22.87
CA SER D 548 39.56 -32.74 -22.69
C SER D 548 39.05 -31.32 -22.88
N HIS D 549 38.05 -31.13 -23.74
CA HIS D 549 37.44 -29.82 -23.91
C HIS D 549 36.77 -29.36 -22.62
N TRP D 550 36.08 -30.27 -21.94
CA TRP D 550 35.50 -29.94 -20.64
C TRP D 550 36.57 -29.65 -19.61
N ALA D 551 37.68 -30.41 -19.64
CA ALA D 551 38.74 -30.23 -18.66
C ALA D 551 39.36 -28.84 -18.77
N ASN D 552 39.56 -28.35 -20.00
CA ASN D 552 40.10 -27.01 -20.17
C ASN D 552 39.17 -25.96 -19.58
N ARG D 553 37.87 -26.09 -19.83
CA ARG D 553 36.90 -25.17 -19.23
C ARG D 553 36.87 -25.31 -17.71
N CYS D 554 37.10 -26.52 -17.21
CA CYS D 554 37.21 -26.71 -15.76
C CYS D 554 38.40 -25.97 -15.19
N CYS D 555 39.51 -25.94 -15.93
CA CYS D 555 40.71 -25.27 -15.45
C CYS D 555 40.47 -23.78 -15.24
N ALA D 556 39.75 -23.14 -16.16
CA ALA D 556 39.47 -21.72 -16.02
C ALA D 556 38.61 -21.44 -14.80
N VAL D 557 37.62 -22.29 -14.53
CA VAL D 557 36.70 -22.03 -13.43
C VAL D 557 37.39 -22.21 -12.08
N VAL D 558 38.19 -23.26 -11.94
CA VAL D 558 38.95 -23.44 -10.71
C VAL D 558 39.94 -22.30 -10.54
N ALA D 559 40.50 -21.80 -11.65
CA ALA D 559 41.37 -20.63 -11.57
C ALA D 559 40.62 -19.40 -11.06
N ASN D 560 39.37 -19.23 -11.49
CA ASN D 560 38.60 -18.05 -11.09
C ASN D 560 38.30 -18.03 -9.60
N SER D 561 38.45 -19.17 -8.91
CA SER D 561 38.31 -19.17 -7.47
C SER D 561 39.41 -18.31 -6.85
N PRO D 562 39.07 -17.33 -6.00
CA PRO D 562 40.09 -16.43 -5.46
C PRO D 562 40.99 -17.13 -4.46
N ASN D 563 41.97 -17.88 -4.95
CA ASN D 563 42.90 -18.59 -4.08
C ASN D 563 43.66 -17.60 -3.20
N ASP D 564 43.58 -17.80 -1.90
CA ASP D 564 44.23 -16.89 -0.96
C ASP D 564 45.74 -16.95 -1.08
N GLU D 565 46.38 -15.83 -0.78
CA GLU D 565 47.83 -15.61 -0.81
C GLU D 565 48.48 -16.03 -2.12
N LYS D 566 47.66 -16.25 -3.16
CA LYS D 566 48.12 -16.41 -4.54
C LYS D 566 49.28 -17.40 -4.65
N ILE D 567 49.10 -18.59 -4.06
CA ILE D 567 50.16 -19.60 -4.13
C ILE D 567 50.30 -20.14 -5.56
N GLY D 568 49.18 -20.35 -6.25
CA GLY D 568 49.20 -20.79 -7.62
C GLY D 568 48.92 -22.27 -7.82
N VAL D 569 48.67 -23.03 -6.75
CA VAL D 569 48.30 -24.43 -6.86
C VAL D 569 46.82 -24.55 -6.52
N PHE D 570 46.07 -25.22 -7.38
CA PHE D 570 44.62 -25.33 -7.26
C PHE D 570 44.24 -26.80 -7.06
N LEU D 571 42.94 -27.06 -7.13
CA LEU D 571 42.38 -28.37 -6.78
C LEU D 571 43.18 -29.52 -7.42
N GLY D 572 43.23 -29.55 -8.74
CA GLY D 572 43.94 -30.61 -9.43
C GLY D 572 44.91 -30.09 -10.46
N MET D 573 45.58 -28.98 -10.17
CA MET D 573 46.40 -28.31 -11.18
C MET D 573 47.38 -27.38 -10.50
N VAL D 574 48.41 -26.99 -11.26
CA VAL D 574 49.40 -26.01 -10.84
C VAL D 574 49.55 -24.98 -11.95
N GLN D 575 49.63 -23.71 -11.57
CA GLN D 575 49.71 -22.61 -12.53
C GLN D 575 51.19 -22.30 -12.79
N LEU D 576 51.69 -22.76 -13.93
CA LEU D 576 53.08 -22.51 -14.28
C LEU D 576 53.26 -21.09 -14.81
N ASN D 577 54.42 -20.51 -14.52
CA ASN D 577 54.74 -19.16 -14.97
C ASN D 577 54.92 -19.13 -16.49
N ARG D 578 54.05 -18.40 -17.18
CA ARG D 578 54.24 -18.16 -18.61
C ARG D 578 55.50 -17.34 -18.86
N LYS D 579 55.72 -16.32 -18.05
CA LYS D 579 56.91 -15.48 -18.16
C LYS D 579 58.03 -16.06 -17.29
N SER D 580 59.11 -15.29 -17.14
CA SER D 580 60.25 -15.71 -16.34
C SER D 580 60.47 -14.70 -15.22
N ARG D 581 60.57 -15.20 -13.99
CA ARG D 581 60.77 -14.36 -12.82
C ARG D 581 62.26 -14.09 -12.62
N GLN D 582 62.56 -12.90 -12.10
CA GLN D 582 63.94 -12.46 -11.96
C GLN D 582 64.57 -13.03 -10.71
N HIS D 583 65.83 -13.46 -10.84
CA HIS D 583 66.66 -13.97 -9.75
C HIS D 583 65.90 -14.95 -8.86
N MET D 584 65.38 -16.00 -9.48
CA MET D 584 64.71 -17.05 -8.73
C MET D 584 65.76 -17.90 -8.01
N PRO D 585 65.62 -18.11 -6.69
CA PRO D 585 66.69 -18.80 -5.95
C PRO D 585 66.82 -20.27 -6.32
N GLY D 586 67.42 -20.54 -7.47
CA GLY D 586 67.64 -21.91 -7.91
C GLY D 586 66.55 -22.44 -8.80
N GLY D 587 66.71 -23.71 -9.17
CA GLY D 587 65.75 -24.37 -10.03
C GLY D 587 65.92 -23.99 -11.49
N TYR D 588 65.30 -24.79 -12.35
CA TYR D 588 65.33 -24.54 -13.78
C TYR D 588 64.48 -23.32 -14.13
N LYS D 589 64.41 -23.03 -15.42
CA LYS D 589 63.65 -21.88 -15.90
C LYS D 589 62.17 -22.25 -15.98
N LYS D 590 61.36 -21.40 -16.61
CA LYS D 590 59.90 -21.47 -16.52
C LYS D 590 59.34 -22.83 -16.93
N PHE D 591 59.49 -23.21 -18.21
CA PHE D 591 59.01 -24.50 -18.70
C PHE D 591 59.41 -24.62 -20.17
N ASN D 592 59.45 -25.86 -20.66
CA ASN D 592 59.71 -26.11 -22.08
C ASN D 592 59.19 -27.48 -22.42
N ILE D 593 58.22 -27.53 -23.35
CA ILE D 593 57.64 -28.82 -23.73
C ILE D 593 58.64 -29.67 -24.48
N ASP D 594 59.55 -29.04 -25.23
CA ASP D 594 60.50 -29.77 -26.06
C ASP D 594 61.60 -30.47 -25.26
N THR D 595 61.69 -30.21 -23.95
CA THR D 595 62.77 -30.78 -23.16
C THR D 595 62.72 -32.31 -23.12
N GLU D 596 61.51 -32.87 -22.97
CA GLU D 596 61.37 -34.30 -22.77
C GLU D 596 61.42 -35.05 -24.09
N ASN D 597 61.36 -36.38 -24.01
CA ASN D 597 61.36 -37.24 -25.18
C ASN D 597 59.92 -37.52 -25.62
N GLY D 598 59.73 -38.45 -26.55
CA GLY D 598 58.44 -38.59 -27.21
C GLY D 598 57.31 -38.90 -26.26
N LEU D 599 57.50 -39.88 -25.37
CA LEU D 599 56.43 -40.27 -24.46
C LEU D 599 56.13 -39.17 -23.46
N ALA D 600 57.17 -38.62 -22.83
CA ALA D 600 56.95 -37.61 -21.80
C ALA D 600 56.48 -36.29 -22.39
N LYS D 601 56.89 -35.97 -23.62
CA LYS D 601 56.34 -34.79 -24.29
C LYS D 601 54.83 -34.94 -24.49
N ALA D 602 54.40 -36.10 -25.00
CA ALA D 602 52.98 -36.36 -25.16
C ALA D 602 52.29 -36.48 -23.81
N ALA D 603 52.95 -37.11 -22.84
CA ALA D 603 52.38 -37.24 -21.50
C ALA D 603 52.14 -35.87 -20.88
N MET D 604 53.11 -34.96 -21.03
CA MET D 604 52.98 -33.64 -20.43
C MET D 604 52.02 -32.75 -21.23
N ALA D 605 52.26 -32.61 -22.54
CA ALA D 605 51.47 -31.68 -23.35
C ALA D 605 49.99 -32.03 -23.33
N SER D 606 49.65 -33.30 -23.12
CA SER D 606 48.25 -33.68 -22.95
C SER D 606 47.63 -33.10 -21.68
N SER D 607 48.45 -32.62 -20.75
CA SER D 607 47.95 -32.03 -19.51
C SER D 607 48.01 -30.51 -19.50
N LEU D 608 48.79 -29.90 -20.39
CA LEU D 608 48.90 -28.45 -20.41
C LEU D 608 47.58 -27.82 -20.84
N SER D 609 47.17 -26.77 -20.14
CA SER D 609 46.00 -25.98 -20.50
C SER D 609 46.34 -24.51 -20.38
N THR D 610 45.75 -23.69 -21.25
CA THR D 610 45.97 -22.25 -21.25
C THR D 610 44.64 -21.54 -21.10
N VAL D 611 44.61 -20.52 -20.25
CA VAL D 611 43.38 -19.80 -19.92
C VAL D 611 43.65 -18.30 -20.04
N ALA D 612 42.78 -17.59 -20.74
CA ALA D 612 42.87 -16.14 -20.89
C ALA D 612 41.92 -15.50 -19.89
N SER D 613 42.49 -14.83 -18.88
CA SER D 613 41.74 -14.21 -17.80
C SER D 613 42.25 -12.79 -17.55
N ASN D 614 42.33 -12.01 -18.62
CA ASN D 614 42.94 -10.69 -18.75
C ASN D 614 44.47 -10.82 -18.83
N ASN D 615 45.03 -12.01 -18.67
CA ASN D 615 46.42 -12.30 -19.00
C ASN D 615 46.51 -13.79 -19.29
N LEU D 616 47.31 -14.14 -20.29
CA LEU D 616 47.37 -15.53 -20.77
C LEU D 616 48.03 -16.40 -19.70
N MET D 617 47.21 -17.20 -19.02
CA MET D 617 47.70 -18.10 -17.99
C MET D 617 47.94 -19.49 -18.56
N ASP D 618 48.68 -20.30 -17.81
CA ASP D 618 49.02 -21.65 -18.21
C ASP D 618 48.78 -22.61 -17.06
N PHE D 619 48.21 -23.76 -17.35
CA PHE D 619 47.86 -24.75 -16.33
C PHE D 619 48.25 -26.14 -16.79
N CYS D 620 48.75 -26.94 -15.86
CA CYS D 620 48.92 -28.38 -16.03
C CYS D 620 48.02 -29.07 -15.01
N SER D 621 47.08 -29.87 -15.48
CA SER D 621 46.04 -30.41 -14.63
C SER D 621 45.86 -31.90 -14.89
N VAL D 622 45.40 -32.61 -13.86
CA VAL D 622 45.05 -34.02 -14.02
C VAL D 622 43.80 -34.17 -14.87
N PHE D 623 42.89 -33.18 -14.82
CA PHE D 623 41.66 -33.28 -15.60
C PHE D 623 41.95 -33.35 -17.09
N ASN D 624 42.92 -32.56 -17.57
CA ASN D 624 43.33 -32.68 -18.97
C ASN D 624 43.96 -34.04 -19.23
N LEU D 625 44.71 -34.58 -18.27
CA LEU D 625 45.28 -35.91 -18.43
C LEU D 625 44.18 -36.96 -18.54
N ILE D 626 43.16 -36.88 -17.68
CA ILE D 626 42.03 -37.80 -17.79
C ILE D 626 41.26 -37.56 -19.07
N GLY D 627 41.11 -36.29 -19.46
CA GLY D 627 40.46 -35.99 -20.72
C GLY D 627 41.21 -36.57 -21.91
N ALA D 628 42.54 -36.53 -21.86
CA ALA D 628 43.34 -37.14 -22.92
C ALA D 628 43.11 -38.65 -22.98
N ILE D 629 43.04 -39.31 -21.82
CA ILE D 629 42.76 -40.74 -21.79
C ILE D 629 41.35 -41.01 -22.29
N ALA D 630 40.37 -40.20 -21.85
CA ALA D 630 39.00 -40.41 -22.27
C ALA D 630 38.79 -40.15 -23.75
N ASP D 631 39.65 -39.35 -24.38
CA ASP D 631 39.53 -39.06 -25.80
C ASP D 631 40.24 -40.10 -26.67
N ILE D 632 41.45 -40.50 -26.28
CA ILE D 632 42.19 -41.49 -27.06
C ILE D 632 41.54 -42.87 -26.93
N SER D 633 41.07 -43.22 -25.75
CA SER D 633 40.44 -44.52 -25.55
C SER D 633 39.16 -44.67 -26.36
N ALA D 634 38.53 -43.57 -26.76
CA ALA D 634 37.36 -43.61 -27.63
C ALA D 634 37.75 -43.48 -29.09
N CYS D 635 38.63 -44.37 -29.54
CA CYS D 635 39.16 -44.31 -30.90
C CYS D 635 39.32 -45.71 -31.46
N ARG D 636 39.32 -45.78 -32.79
CA ARG D 636 39.48 -47.05 -33.48
C ARG D 636 40.91 -47.57 -33.34
N CYS D 637 41.05 -48.90 -33.28
CA CYS D 637 42.34 -49.51 -33.01
C CYS D 637 43.36 -49.30 -34.12
N GLU D 638 42.91 -49.01 -35.34
CA GLU D 638 43.84 -48.78 -36.43
C GLU D 638 44.66 -47.51 -36.20
N ARG D 639 45.92 -47.54 -36.65
CA ARG D 639 46.81 -46.41 -36.43
C ARG D 639 46.30 -45.15 -37.11
N SER D 640 45.71 -45.30 -38.30
CA SER D 640 45.22 -44.14 -39.04
C SER D 640 44.18 -43.35 -38.25
N ALA D 641 43.48 -44.00 -37.33
CA ALA D 641 42.54 -43.30 -36.45
C ALA D 641 43.22 -42.83 -35.17
N ILE D 642 44.11 -43.65 -34.60
CA ILE D 642 44.78 -43.26 -33.36
C ILE D 642 45.66 -42.04 -33.59
N THR D 643 46.40 -42.02 -34.70
CA THR D 643 47.32 -40.92 -34.96
C THR D 643 46.57 -39.58 -35.07
N ASN D 644 45.42 -39.58 -35.75
CA ASN D 644 44.61 -38.38 -35.82
C ASN D 644 44.10 -37.98 -34.44
N ALA D 645 43.61 -38.96 -33.67
CA ALA D 645 43.10 -38.67 -32.33
C ALA D 645 44.21 -38.42 -31.32
N PHE D 646 45.43 -38.92 -31.57
CA PHE D 646 46.53 -38.70 -30.64
C PHE D 646 47.04 -37.26 -30.69
N ASN D 647 46.80 -36.55 -31.79
CA ASN D 647 47.25 -35.17 -31.92
C ASN D 647 46.28 -34.16 -31.34
N LYS D 648 44.99 -34.49 -31.26
CA LYS D 648 44.03 -33.56 -30.70
C LYS D 648 44.28 -33.29 -29.22
N VAL D 649 44.83 -34.27 -28.50
CA VAL D 649 45.14 -34.08 -27.09
C VAL D 649 46.47 -33.38 -26.86
N ILE D 650 47.39 -33.44 -27.83
CA ILE D 650 48.67 -32.76 -27.69
C ILE D 650 48.63 -31.33 -28.21
N ALA D 651 47.75 -31.01 -29.14
CA ALA D 651 47.66 -29.66 -29.69
C ALA D 651 47.31 -28.66 -28.59
N GLN D 652 48.05 -27.56 -28.54
CA GLN D 652 47.80 -26.54 -27.53
C GLN D 652 46.45 -25.88 -27.76
N THR D 653 45.70 -25.70 -26.69
CA THR D 653 44.36 -25.12 -26.76
C THR D 653 44.18 -24.11 -25.64
N THR D 654 43.33 -23.12 -25.89
CA THR D 654 43.02 -22.07 -24.93
C THR D 654 41.52 -21.89 -24.85
N CYS D 655 40.99 -21.79 -23.64
CA CYS D 655 39.58 -21.56 -23.39
C CYS D 655 39.36 -20.18 -22.83
N ILE D 656 38.28 -19.52 -23.28
CA ILE D 656 37.97 -18.18 -22.81
C ILE D 656 37.47 -18.25 -21.37
N VAL D 657 37.72 -17.19 -20.62
CA VAL D 657 37.31 -17.13 -19.21
C VAL D 657 35.78 -17.24 -19.14
N PRO D 658 35.20 -17.86 -18.11
CA PRO D 658 33.75 -17.97 -18.05
C PRO D 658 33.11 -16.61 -17.92
N PRO D 659 31.88 -16.45 -18.40
CA PRO D 659 31.23 -15.14 -18.37
C PRO D 659 30.99 -14.58 -16.97
N TRP D 660 30.94 -15.42 -15.95
CA TRP D 660 30.70 -14.95 -14.59
C TRP D 660 31.97 -14.50 -13.89
N SER D 661 33.03 -14.19 -14.65
CA SER D 661 34.30 -13.78 -14.10
C SER D 661 34.46 -12.26 -14.20
N GLU D 662 35.66 -11.78 -13.88
CA GLU D 662 35.96 -10.35 -14.00
C GLU D 662 36.35 -9.96 -15.42
N ALA D 663 36.55 -10.93 -16.31
CA ALA D 663 36.94 -10.64 -17.69
C ALA D 663 35.92 -11.21 -18.67
N THR D 704 61.17 -40.65 -36.64
CA THR D 704 60.59 -39.68 -35.71
C THR D 704 60.72 -40.16 -34.26
N GLU D 705 61.33 -39.33 -33.42
CA GLU D 705 61.46 -39.67 -32.00
C GLU D 705 60.13 -39.55 -31.26
N PHE D 706 59.16 -38.82 -31.82
CA PHE D 706 57.86 -38.65 -31.19
C PHE D 706 56.89 -39.78 -31.52
N SER D 707 57.21 -40.62 -32.50
CA SER D 707 56.29 -41.67 -32.94
C SER D 707 56.34 -42.92 -32.07
N ASP D 708 57.30 -43.02 -31.15
CA ASP D 708 57.36 -44.18 -30.27
C ASP D 708 56.19 -44.22 -29.31
N ALA D 709 55.72 -43.05 -28.87
CA ALA D 709 54.58 -43.00 -27.96
C ALA D 709 53.32 -43.56 -28.61
N ILE D 710 53.11 -43.24 -29.89
CA ILE D 710 51.94 -43.76 -30.61
C ILE D 710 51.99 -45.28 -30.68
N THR D 711 53.20 -45.84 -30.85
CA THR D 711 53.32 -47.29 -30.93
C THR D 711 52.88 -47.96 -29.64
N LYS D 712 53.32 -47.45 -28.49
CA LYS D 712 52.94 -48.05 -27.22
C LYS D 712 51.51 -47.71 -26.83
N VAL D 713 51.01 -46.55 -27.26
CA VAL D 713 49.60 -46.24 -27.05
C VAL D 713 48.73 -47.19 -27.84
N GLU D 714 49.19 -47.60 -29.03
CA GLU D 714 48.48 -48.61 -29.81
C GLU D 714 48.37 -49.92 -29.05
N GLN D 715 49.46 -50.34 -28.40
CA GLN D 715 49.42 -51.61 -27.66
C GLN D 715 48.43 -51.55 -26.52
N TRP D 716 48.37 -50.43 -25.81
CA TRP D 716 47.40 -50.29 -24.73
C TRP D 716 45.97 -50.33 -25.25
N LEU D 717 45.72 -49.66 -26.38
CA LEU D 717 44.36 -49.57 -26.90
C LEU D 717 43.83 -50.93 -27.36
N LYS D 718 44.66 -51.75 -28.03
CA LYS D 718 44.16 -53.05 -28.45
C LYS D 718 43.94 -53.99 -27.28
N ASN D 719 44.46 -53.65 -26.09
CA ASN D 719 44.16 -54.38 -24.87
C ASN D 719 42.94 -53.82 -24.16
N VAL D 720 42.68 -52.52 -24.29
CA VAL D 720 41.50 -51.93 -23.67
C VAL D 720 40.23 -52.52 -24.28
N ASN D 721 40.16 -52.54 -25.61
CA ASN D 721 38.97 -53.05 -26.28
C ASN D 721 38.72 -54.51 -25.95
N GLU D 722 39.77 -55.25 -25.59
CA GLU D 722 39.59 -56.63 -25.15
C GLU D 722 39.03 -56.69 -23.73
N ILE D 723 39.48 -55.77 -22.86
CA ILE D 723 39.08 -55.82 -21.46
C ILE D 723 37.86 -54.94 -21.17
N GLU D 724 37.70 -53.82 -21.88
CA GLU D 724 36.62 -52.90 -21.57
C GLU D 724 35.24 -53.51 -21.82
N ILE D 725 35.16 -54.60 -22.59
CA ILE D 725 33.88 -55.25 -22.82
C ILE D 725 33.38 -55.97 -21.58
N GLY D 726 34.24 -56.18 -20.58
CA GLY D 726 33.88 -56.93 -19.40
C GLY D 726 33.83 -56.12 -18.12
N ILE D 727 33.45 -54.84 -18.23
CA ILE D 727 33.28 -53.98 -17.07
C ILE D 727 31.80 -53.64 -16.94
N ARG D 728 31.31 -53.62 -15.70
CA ARG D 728 29.90 -53.34 -15.40
C ARG D 728 29.85 -52.20 -14.39
N PRO D 729 30.11 -50.97 -14.84
CA PRO D 729 30.10 -49.84 -13.90
C PRO D 729 28.69 -49.36 -13.59
N SER D 730 28.53 -48.86 -12.37
CA SER D 730 27.26 -48.35 -11.88
C SER D 730 27.36 -46.84 -11.64
N ALA D 731 26.20 -46.24 -11.37
CA ALA D 731 26.20 -44.82 -11.01
C ALA D 731 26.79 -44.60 -9.63
N LEU D 732 26.68 -45.58 -8.74
CA LEU D 732 27.28 -45.47 -7.42
C LEU D 732 28.80 -45.60 -7.51
N LEU D 733 29.29 -46.50 -8.35
CA LEU D 733 30.73 -46.64 -8.55
C LEU D 733 31.34 -45.34 -9.05
N ILE D 734 30.74 -44.73 -10.07
CA ILE D 734 31.29 -43.51 -10.65
C ILE D 734 31.25 -42.38 -9.65
N GLY D 735 30.18 -42.29 -8.86
CA GLY D 735 30.13 -41.29 -7.81
C GLY D 735 31.15 -41.52 -6.71
N LYS D 736 31.32 -42.78 -6.30
CA LYS D 736 32.29 -43.09 -5.25
C LYS D 736 33.71 -42.83 -5.72
N VAL D 737 34.02 -43.17 -6.97
CA VAL D 737 35.38 -42.93 -7.49
C VAL D 737 35.68 -41.44 -7.52
N TRP D 738 34.74 -40.64 -7.99
CA TRP D 738 34.98 -39.20 -8.06
C TRP D 738 35.04 -38.58 -6.67
N SER D 739 34.18 -39.02 -5.74
CA SER D 739 34.10 -38.37 -4.44
C SER D 739 35.42 -38.46 -3.68
N ARG D 740 36.04 -39.65 -3.70
CA ARG D 740 37.36 -39.77 -3.09
C ARG D 740 38.41 -39.03 -3.90
N PHE D 741 38.35 -39.12 -5.22
CA PHE D 741 39.30 -38.43 -6.08
C PHE D 741 39.19 -36.92 -5.89
N TYR D 742 37.96 -36.40 -5.84
CA TYR D 742 37.77 -34.96 -5.64
C TYR D 742 38.29 -34.52 -4.27
N PHE D 743 37.99 -35.29 -3.23
CA PHE D 743 38.49 -34.93 -1.90
C PHE D 743 40.00 -35.10 -1.81
N ASN D 744 40.56 -36.07 -2.53
CA ASN D 744 42.02 -36.24 -2.55
C ASN D 744 42.70 -35.00 -3.11
N LEU D 745 42.16 -34.44 -4.19
CA LEU D 745 42.73 -33.22 -4.76
C LEU D 745 42.63 -32.06 -3.78
N ASN D 746 41.54 -32.00 -3.01
CA ASN D 746 41.43 -30.99 -1.96
C ASN D 746 42.54 -31.16 -0.93
N ASN D 747 42.84 -32.41 -0.55
CA ASN D 747 43.87 -32.65 0.45
C ASN D 747 45.27 -32.40 -0.12
N VAL D 748 45.51 -32.86 -1.35
CA VAL D 748 46.83 -32.69 -1.95
C VAL D 748 47.14 -31.21 -2.16
N ALA D 749 46.16 -30.46 -2.68
CA ALA D 749 46.35 -29.04 -2.92
C ALA D 749 46.43 -28.22 -1.64
N ASP D 750 46.08 -28.81 -0.50
CA ASP D 750 46.13 -28.09 0.78
C ASP D 750 47.39 -28.38 1.58
N GLN D 751 47.97 -29.58 1.43
CA GLN D 751 49.17 -29.94 2.16
C GLN D 751 50.44 -29.65 1.36
N HIS D 752 50.36 -29.68 0.04
CA HIS D 752 51.52 -29.34 -0.79
C HIS D 752 51.61 -27.85 -1.07
N LYS D 753 50.60 -27.06 -0.73
CA LYS D 753 50.65 -25.62 -0.96
C LYS D 753 51.56 -24.92 0.04
N THR D 754 51.87 -25.54 1.17
CA THR D 754 52.70 -24.96 2.20
C THR D 754 54.13 -25.49 2.17
N ARG D 755 54.48 -26.27 1.17
CA ARG D 755 55.81 -26.88 1.08
C ARG D 755 56.55 -26.45 -0.18
N LEU D 756 56.35 -25.21 -0.62
CA LEU D 756 57.12 -24.64 -1.71
C LEU D 756 58.31 -23.89 -1.11
N TYR D 757 59.51 -24.36 -1.41
CA TYR D 757 60.73 -23.82 -0.81
C TYR D 757 61.75 -23.53 -1.91
N ARG D 758 62.76 -22.74 -1.54
CA ARG D 758 63.82 -22.42 -2.49
C ARG D 758 64.60 -23.66 -2.90
N ASN D 759 64.85 -24.56 -1.95
CA ASN D 759 65.51 -25.83 -2.23
C ASN D 759 64.53 -26.97 -2.44
N ALA D 760 63.23 -26.69 -2.44
CA ALA D 760 62.24 -27.75 -2.62
C ALA D 760 62.33 -28.42 -3.98
N GLU D 761 62.87 -27.73 -4.99
CA GLU D 761 63.06 -28.34 -6.29
C GLU D 761 63.95 -29.58 -6.16
N HIS D 762 63.52 -30.68 -6.79
CA HIS D 762 64.13 -32.00 -6.60
C HIS D 762 64.15 -32.38 -5.13
N GLY D 763 62.95 -32.49 -4.56
CA GLY D 763 62.80 -32.80 -3.16
C GLY D 763 62.90 -34.28 -2.84
N ARG D 764 63.97 -34.66 -2.15
CA ARG D 764 64.19 -36.04 -1.76
C ARG D 764 63.51 -36.42 -0.46
N MET D 765 62.86 -35.48 0.21
CA MET D 765 62.20 -35.73 1.49
C MET D 765 60.73 -35.35 1.40
N ALA D 766 59.98 -35.72 2.45
CA ALA D 766 58.56 -35.43 2.50
C ALA D 766 58.27 -34.00 2.91
N SER D 767 59.28 -33.23 3.31
CA SER D 767 59.10 -31.84 3.70
C SER D 767 59.16 -30.87 2.52
N GLN D 768 59.51 -31.34 1.33
CA GLN D 768 59.54 -30.52 0.14
C GLN D 768 58.38 -30.89 -0.79
N SER D 769 58.04 -29.96 -1.67
CA SER D 769 56.99 -30.19 -2.66
C SER D 769 57.27 -29.30 -3.86
N ASN D 770 57.70 -29.90 -4.96
CA ASN D 770 57.97 -29.17 -6.19
C ASN D 770 56.71 -29.16 -7.06
N ALA D 771 56.85 -28.72 -8.30
CA ALA D 771 55.72 -28.70 -9.23
C ALA D 771 55.47 -30.06 -9.87
N ALA D 772 56.35 -31.03 -9.68
CA ALA D 772 56.16 -32.37 -10.19
C ALA D 772 55.65 -33.36 -9.14
N LYS D 773 56.01 -33.16 -7.88
CA LYS D 773 55.44 -33.97 -6.81
C LYS D 773 53.95 -33.70 -6.66
N ILE D 774 53.53 -32.45 -6.83
CA ILE D 774 52.12 -32.11 -6.75
C ILE D 774 51.35 -32.79 -7.88
N MET D 775 51.86 -32.68 -9.11
CA MET D 775 51.18 -33.28 -10.25
C MET D 775 51.30 -34.79 -10.26
N ARG D 776 52.27 -35.36 -9.55
CA ARG D 776 52.34 -36.82 -9.44
C ARG D 776 51.25 -37.36 -8.53
N PHE D 777 51.02 -36.70 -7.39
CA PHE D 777 50.01 -37.17 -6.45
C PHE D 777 48.60 -36.93 -6.97
N ASN D 778 48.41 -35.87 -7.76
CA ASN D 778 47.12 -35.68 -8.41
C ASN D 778 46.83 -36.84 -9.36
N VAL D 779 47.84 -37.28 -10.11
CA VAL D 779 47.70 -38.48 -10.92
C VAL D 779 47.51 -39.70 -10.03
N LEU D 780 48.29 -39.79 -8.96
CA LEU D 780 48.17 -40.92 -8.04
C LEU D 780 46.82 -40.92 -7.33
N ALA D 781 46.31 -39.73 -7.00
CA ALA D 781 44.99 -39.64 -6.38
C ALA D 781 43.91 -40.19 -7.30
N PHE D 782 44.07 -40.00 -8.61
CA PHE D 782 43.10 -40.56 -9.55
C PHE D 782 43.21 -42.07 -9.62
N LEU D 783 44.44 -42.59 -9.69
CA LEU D 783 44.62 -44.04 -9.74
C LEU D 783 44.20 -44.70 -8.44
N HIS D 784 44.47 -44.07 -7.31
CA HIS D 784 44.06 -44.63 -6.02
C HIS D 784 42.54 -44.69 -5.91
N ALA D 785 41.85 -43.65 -6.37
CA ALA D 785 40.39 -43.65 -6.31
C ALA D 785 39.79 -44.77 -7.14
N VAL D 786 40.35 -45.02 -8.33
CA VAL D 786 39.88 -46.11 -9.17
C VAL D 786 40.32 -47.47 -8.64
N LEU D 787 41.15 -47.50 -7.60
CA LEU D 787 41.54 -48.77 -7.00
C LEU D 787 40.66 -49.13 -5.80
N VAL D 788 40.65 -48.29 -4.77
CA VAL D 788 39.92 -48.61 -3.55
C VAL D 788 38.42 -48.52 -3.77
N GLU D 789 37.96 -47.47 -4.45
CA GLU D 789 36.52 -47.28 -4.63
C GLU D 789 35.95 -48.15 -5.74
N GLU D 790 36.80 -48.87 -6.48
CA GLU D 790 36.35 -49.84 -7.47
C GLU D 790 36.42 -51.27 -6.96
N SER D 791 37.28 -51.54 -5.98
CA SER D 791 37.29 -52.87 -5.36
C SER D 791 36.04 -53.07 -4.50
N LEU D 792 35.65 -52.05 -3.74
CA LEU D 792 34.47 -52.16 -2.90
C LEU D 792 33.20 -52.24 -3.73
N TYR D 793 33.10 -51.41 -4.77
CA TYR D 793 31.88 -51.32 -5.57
C TYR D 793 32.22 -51.66 -7.03
N HIS D 794 31.88 -52.89 -7.43
CA HIS D 794 31.94 -53.28 -8.84
C HIS D 794 31.20 -54.58 -9.07
N SER D 795 30.35 -54.63 -10.10
CA SER D 795 29.53 -55.80 -10.33
C SER D 795 30.32 -57.02 -10.81
N VAL D 796 31.57 -56.83 -11.22
CA VAL D 796 32.35 -57.96 -11.73
C VAL D 796 32.91 -58.82 -10.61
N SER D 797 33.06 -58.28 -9.40
CA SER D 797 33.66 -58.99 -8.28
C SER D 797 32.64 -59.13 -7.16
N ASP D 798 32.53 -60.33 -6.61
CA ASP D 798 31.60 -60.59 -5.52
C ASP D 798 32.11 -60.06 -4.19
N ARG D 799 33.43 -60.06 -3.97
CA ARG D 799 34.01 -59.72 -2.69
C ARG D 799 35.05 -58.62 -2.85
N GLU D 800 35.27 -57.89 -1.77
CA GLU D 800 36.27 -56.84 -1.72
C GLU D 800 37.63 -57.40 -1.34
N TYR D 801 38.68 -56.77 -1.87
CA TYR D 801 40.05 -57.19 -1.61
C TYR D 801 40.87 -56.15 -0.86
N ILE D 802 40.25 -55.05 -0.43
CA ILE D 802 41.00 -53.98 0.23
C ILE D 802 41.61 -54.48 1.54
N GLY D 803 40.83 -55.21 2.33
CA GLY D 803 41.28 -55.70 3.61
C GLY D 803 40.59 -54.98 4.76
N GLU D 804 40.71 -55.58 5.94
CA GLU D 804 40.06 -55.06 7.15
C GLU D 804 40.95 -53.99 7.77
N GLY D 805 40.92 -52.81 7.18
CA GLY D 805 41.74 -51.71 7.67
C GLY D 805 41.24 -50.39 7.15
N LEU D 806 41.91 -49.33 7.57
CA LEU D 806 41.55 -47.98 7.14
C LEU D 806 41.89 -47.77 5.68
N ARG D 807 41.32 -46.72 5.10
CA ARG D 807 41.39 -46.44 3.67
C ARG D 807 41.74 -44.98 3.41
N LEU D 808 42.80 -44.50 4.06
CA LEU D 808 43.26 -43.14 3.82
C LEU D 808 43.80 -42.99 2.40
N ASN D 809 44.16 -41.77 2.05
CA ASN D 809 44.56 -41.43 0.70
C ASN D 809 46.05 -41.10 0.64
N PRO D 810 46.70 -41.32 -0.51
CA PRO D 810 48.14 -41.01 -0.64
C PRO D 810 48.42 -39.52 -0.84
N VAL D 811 48.43 -38.80 0.28
CA VAL D 811 48.77 -37.38 0.30
C VAL D 811 50.14 -37.23 0.94
N THR D 812 51.01 -36.46 0.30
CA THR D 812 52.38 -36.18 0.74
C THR D 812 53.24 -37.44 0.84
N SER D 813 52.72 -38.59 0.40
CA SER D 813 53.46 -39.85 0.48
C SER D 813 52.76 -40.87 -0.41
N VAL D 814 53.48 -41.95 -0.70
CA VAL D 814 52.96 -43.04 -1.51
C VAL D 814 52.79 -44.32 -0.71
N ASP D 815 53.05 -44.28 0.60
CA ASP D 815 52.94 -45.48 1.43
C ASP D 815 51.50 -45.98 1.48
N GLU D 816 50.52 -45.06 1.59
CA GLU D 816 49.13 -45.47 1.69
C GLU D 816 48.66 -46.15 0.40
N PHE D 817 49.12 -45.67 -0.75
CA PHE D 817 48.77 -46.30 -2.02
C PHE D 817 49.65 -47.51 -2.31
N GLU D 818 50.79 -47.64 -1.64
CA GLU D 818 51.64 -48.82 -1.82
C GLU D 818 51.04 -50.04 -1.14
N LYS D 819 50.56 -49.87 0.10
CA LYS D 819 50.05 -51.01 0.86
C LYS D 819 48.80 -51.59 0.22
N LYS D 820 47.92 -50.73 -0.32
CA LYS D 820 46.67 -51.22 -0.89
C LYS D 820 46.93 -52.14 -2.07
N ILE D 821 47.87 -51.79 -2.94
CA ILE D 821 48.22 -52.66 -4.06
C ILE D 821 48.81 -53.97 -3.55
N LYS D 822 49.71 -53.88 -2.56
CA LYS D 822 50.33 -55.09 -2.02
C LYS D 822 49.31 -55.98 -1.31
N ILE D 823 48.43 -55.38 -0.50
CA ILE D 823 47.44 -56.18 0.21
C ILE D 823 46.46 -56.81 -0.77
N ILE D 824 46.00 -56.04 -1.76
CA ILE D 824 45.10 -56.59 -2.77
C ILE D 824 45.82 -57.64 -3.60
N GLY D 825 47.06 -57.35 -4.01
CA GLY D 825 47.77 -58.26 -4.88
C GLY D 825 47.97 -59.64 -4.28
N GLU D 826 48.19 -59.70 -2.96
CA GLU D 826 48.35 -61.00 -2.31
C GLU D 826 47.05 -61.79 -2.32
N LYS D 827 45.91 -61.11 -2.16
CA LYS D 827 44.63 -61.80 -2.08
C LYS D 827 44.25 -62.44 -3.41
N LEU D 828 44.55 -61.77 -4.52
CA LEU D 828 44.28 -62.37 -5.83
C LEU D 828 45.13 -63.62 -6.05
N LYS D 829 46.39 -63.59 -5.63
CA LYS D 829 47.22 -64.79 -5.73
C LYS D 829 46.72 -65.88 -4.79
N ALA D 830 46.11 -65.50 -3.67
CA ALA D 830 45.48 -66.50 -2.80
C ALA D 830 44.35 -67.22 -3.51
N ASP D 831 43.55 -66.48 -4.28
CA ASP D 831 42.52 -67.06 -5.12
C ASP D 831 43.12 -67.40 -6.49
N ASN D 832 42.28 -67.72 -7.47
CA ASN D 832 42.70 -67.96 -8.84
C ASN D 832 42.37 -66.79 -9.75
N LYS D 833 42.16 -65.61 -9.19
CA LYS D 833 41.76 -64.44 -9.95
C LYS D 833 42.99 -63.74 -10.54
N THR D 834 42.77 -62.60 -11.18
CA THR D 834 43.85 -61.82 -11.77
C THR D 834 43.43 -60.35 -11.80
N TRP D 835 44.44 -59.48 -11.96
CA TRP D 835 44.18 -58.04 -11.87
C TRP D 835 43.24 -57.57 -12.98
N LYS D 836 43.20 -58.26 -14.11
CA LYS D 836 42.32 -57.88 -15.20
C LYS D 836 40.94 -58.53 -15.10
N ASN D 837 40.68 -59.27 -14.02
CA ASN D 837 39.38 -59.88 -13.78
C ASN D 837 38.62 -59.25 -12.63
N THR D 838 39.31 -58.91 -11.54
CA THR D 838 38.66 -58.29 -10.38
C THR D 838 38.70 -56.78 -10.42
N HIS D 839 39.76 -56.19 -10.98
CA HIS D 839 39.88 -54.75 -11.13
C HIS D 839 40.21 -54.39 -12.57
N PRO D 840 39.32 -54.67 -13.51
CA PRO D 840 39.60 -54.29 -14.90
C PRO D 840 39.59 -52.80 -15.12
N LEU D 841 38.76 -52.06 -14.38
CA LEU D 841 38.71 -50.62 -14.53
C LEU D 841 40.02 -49.95 -14.12
N PHE D 842 40.61 -50.42 -13.02
CA PHE D 842 41.90 -49.90 -12.58
C PHE D 842 43.05 -50.44 -13.40
N PHE D 843 42.90 -51.65 -13.96
CA PHE D 843 43.99 -52.26 -14.71
C PHE D 843 44.35 -51.45 -15.95
N LEU D 844 43.34 -50.96 -16.68
CA LEU D 844 43.63 -50.17 -17.87
C LEU D 844 44.21 -48.81 -17.51
N LEU D 845 43.69 -48.17 -16.46
CA LEU D 845 44.17 -46.85 -16.10
C LEU D 845 45.58 -46.91 -15.52
N ILE D 846 45.93 -47.97 -14.80
CA ILE D 846 47.29 -48.11 -14.29
C ILE D 846 48.26 -48.50 -15.39
N SER D 847 47.78 -49.12 -16.47
CA SER D 847 48.62 -49.54 -17.57
C SER D 847 48.57 -48.59 -18.76
N CYS D 848 47.89 -47.46 -18.62
CA CYS D 848 47.81 -46.50 -19.70
C CYS D 848 49.13 -45.74 -19.82
N PRO D 849 49.78 -45.75 -20.99
CA PRO D 849 51.09 -45.10 -21.10
C PRO D 849 51.06 -43.59 -20.96
N ILE D 850 49.88 -42.97 -21.09
CA ILE D 850 49.80 -41.51 -21.07
C ILE D 850 50.25 -40.97 -19.71
N LEU D 851 49.76 -41.56 -18.63
CA LEU D 851 50.09 -41.11 -17.29
C LEU D 851 51.21 -41.93 -16.65
N HIS D 852 51.83 -42.85 -17.40
CA HIS D 852 52.96 -43.60 -16.87
C HIS D 852 54.11 -42.71 -16.43
N PRO D 853 54.57 -41.73 -17.22
CA PRO D 853 55.64 -40.85 -16.70
C PRO D 853 55.25 -40.07 -15.47
N PHE D 854 53.97 -39.71 -15.32
CA PHE D 854 53.53 -38.92 -14.18
C PHE D 854 53.61 -39.69 -12.87
N ILE D 855 53.64 -41.02 -12.92
CA ILE D 855 53.69 -41.80 -11.68
C ILE D 855 55.05 -41.66 -11.01
N PHE D 856 56.12 -41.65 -11.79
CA PHE D 856 57.49 -41.55 -11.27
C PHE D 856 58.20 -40.39 -11.96
N PRO D 857 57.98 -39.16 -11.52
CA PRO D 857 58.74 -38.03 -12.08
C PRO D 857 60.18 -38.01 -11.57
N VAL D 858 60.95 -36.99 -11.94
CA VAL D 858 62.34 -36.91 -11.52
C VAL D 858 62.52 -36.17 -10.21
N GLY D 859 61.44 -35.66 -9.62
CA GLY D 859 61.55 -34.95 -8.35
C GLY D 859 60.38 -35.18 -7.42
N GLY D 860 59.53 -36.17 -7.75
CA GLY D 860 58.37 -36.45 -6.94
C GLY D 860 58.44 -37.78 -6.22
N ILE D 861 59.65 -38.32 -6.08
CA ILE D 861 59.81 -39.64 -5.47
C ILE D 861 60.16 -39.55 -3.98
N ASN D 862 60.62 -38.39 -3.51
CA ASN D 862 60.91 -38.08 -2.10
C ASN D 862 61.47 -39.29 -1.34
N CYS D 863 62.51 -39.88 -1.93
CA CYS D 863 63.13 -41.08 -1.38
C CYS D 863 64.01 -40.71 -0.19
N SER D 864 63.50 -40.97 1.02
CA SER D 864 64.28 -40.77 2.23
C SER D 864 64.99 -42.06 2.60
N VAL D 865 65.54 -42.12 3.82
CA VAL D 865 66.26 -43.32 4.25
C VAL D 865 65.29 -44.49 4.40
N LYS D 866 64.06 -44.23 4.86
CA LYS D 866 63.06 -45.27 5.02
C LYS D 866 61.94 -45.22 4.00
N ALA D 867 61.63 -44.04 3.47
CA ALA D 867 60.59 -43.93 2.44
C ALA D 867 61.00 -44.59 1.14
N LEU D 868 62.30 -44.66 0.84
CA LEU D 868 62.77 -45.26 -0.39
C LEU D 868 62.29 -46.70 -0.55
N ASN D 869 62.15 -47.43 0.56
CA ASN D 869 61.68 -48.81 0.48
C ASN D 869 60.27 -48.89 -0.08
N LYS D 870 59.47 -47.84 0.10
CA LYS D 870 58.11 -47.84 -0.44
C LYS D 870 58.14 -47.77 -1.97
N GLU D 871 58.78 -46.75 -2.52
CA GLU D 871 58.78 -46.58 -3.97
C GLU D 871 59.46 -47.75 -4.68
N THR D 872 60.60 -48.22 -4.15
CA THR D 872 61.26 -49.36 -4.77
C THR D 872 60.42 -50.63 -4.70
N SER D 873 59.46 -50.69 -3.79
CA SER D 873 58.44 -51.72 -3.80
C SER D 873 57.20 -51.30 -4.56
N PHE D 874 56.85 -50.01 -4.48
CA PHE D 874 55.72 -49.49 -5.26
C PHE D 874 56.00 -49.63 -6.76
N ASN D 875 57.24 -49.36 -7.18
CA ASN D 875 57.60 -49.55 -8.58
C ASN D 875 57.45 -51.01 -8.99
N LYS D 876 57.90 -51.93 -8.13
CA LYS D 876 57.81 -53.35 -8.45
C LYS D 876 56.37 -53.81 -8.56
N LEU D 877 55.50 -53.32 -7.67
CA LEU D 877 54.11 -53.73 -7.69
C LEU D 877 53.42 -53.30 -8.98
N ILE D 878 53.67 -52.05 -9.42
CA ILE D 878 53.10 -51.59 -10.68
C ILE D 878 53.64 -52.40 -11.85
N ASP D 879 54.96 -52.63 -11.87
CA ASP D 879 55.56 -53.40 -12.95
C ASP D 879 55.00 -54.82 -13.01
N GLU D 880 54.55 -55.35 -11.88
CA GLU D 880 53.91 -56.67 -11.88
C GLU D 880 52.56 -56.62 -12.57
N ILE D 881 51.75 -55.60 -12.25
CA ILE D 881 50.40 -55.52 -12.79
C ILE D 881 50.43 -55.22 -14.29
N VAL D 882 51.25 -54.24 -14.71
CA VAL D 882 51.24 -53.80 -16.09
C VAL D 882 51.95 -54.76 -17.03
N GLY D 883 52.60 -55.80 -16.50
CA GLY D 883 53.31 -56.74 -17.34
C GLY D 883 54.76 -56.37 -17.56
N ASP D 884 55.00 -55.28 -18.29
CA ASP D 884 56.36 -54.85 -18.58
C ASP D 884 56.91 -54.02 -17.42
N LYS D 885 58.15 -53.55 -17.59
CA LYS D 885 58.81 -52.70 -16.60
C LYS D 885 58.70 -51.26 -17.07
N LEU D 886 58.16 -50.40 -16.20
CA LEU D 886 57.94 -49.01 -16.59
C LEU D 886 59.24 -48.29 -16.93
N LEU D 887 60.29 -48.53 -16.14
CA LEU D 887 61.56 -47.86 -16.33
C LEU D 887 62.69 -48.78 -15.86
N SER D 888 63.83 -48.68 -16.53
CA SER D 888 64.94 -49.59 -16.28
C SER D 888 65.61 -49.28 -14.95
N ASP D 889 66.54 -50.17 -14.57
CA ASP D 889 67.22 -50.02 -13.28
C ASP D 889 68.05 -48.74 -13.23
N GLU D 890 68.84 -48.49 -14.28
CA GLU D 890 69.61 -47.24 -14.34
C GLU D 890 68.66 -46.04 -14.39
N GLU D 891 67.54 -46.18 -15.11
CA GLU D 891 66.52 -45.14 -15.09
C GLU D 891 65.98 -44.93 -13.69
N TRP D 892 65.73 -46.02 -12.97
CA TRP D 892 65.20 -45.92 -11.61
C TRP D 892 66.28 -45.47 -10.63
N ASP D 893 67.52 -45.92 -10.82
CA ASP D 893 68.57 -45.59 -9.87
C ASP D 893 69.00 -44.12 -9.96
N TYR D 894 68.96 -43.54 -11.16
CA TYR D 894 69.28 -42.13 -11.29
C TYR D 894 68.28 -41.27 -10.51
N LEU D 895 67.00 -41.65 -10.55
CA LEU D 895 65.97 -40.86 -9.89
C LEU D 895 66.18 -40.81 -8.38
N THR D 896 66.70 -41.90 -7.80
CA THR D 896 66.90 -42.01 -6.36
C THR D 896 68.33 -41.75 -5.92
N LYS D 897 69.21 -41.31 -6.84
CA LYS D 897 70.60 -41.01 -6.52
C LYS D 897 70.94 -39.56 -6.83
N ASN D 898 70.01 -38.66 -6.51
CA ASN D 898 70.15 -37.20 -6.68
C ASN D 898 70.96 -36.79 -7.92
N GLN D 908 70.87 -40.22 -19.28
CA GLN D 908 71.14 -39.58 -20.56
C GLN D 908 69.89 -38.87 -21.08
N ILE D 909 69.08 -39.59 -21.85
CA ILE D 909 67.83 -39.08 -22.40
C ILE D 909 66.70 -39.93 -21.86
N PHE D 910 65.71 -39.29 -21.26
CA PHE D 910 64.64 -39.98 -20.56
C PHE D 910 63.45 -40.12 -21.50
N GLN D 911 63.20 -41.34 -21.99
CA GLN D 911 62.12 -41.57 -22.93
C GLN D 911 60.82 -41.99 -22.27
N ASN D 912 60.79 -42.11 -20.94
CA ASN D 912 59.56 -42.48 -20.25
C ASN D 912 59.34 -41.68 -18.97
N THR D 913 60.07 -40.59 -18.77
CA THR D 913 59.99 -39.82 -17.53
C THR D 913 59.94 -38.34 -17.84
N ILE D 914 59.21 -37.60 -17.00
CA ILE D 914 59.11 -36.15 -17.11
C ILE D 914 60.21 -35.53 -16.26
N THR D 915 61.00 -34.64 -16.87
CA THR D 915 62.17 -34.06 -16.22
C THR D 915 62.02 -32.57 -15.95
N SER D 916 61.53 -31.80 -16.91
CA SER D 916 61.52 -30.35 -16.78
C SER D 916 60.54 -29.87 -15.69
N LEU D 917 59.46 -30.61 -15.47
CA LEU D 917 58.45 -30.17 -14.52
C LEU D 917 58.97 -30.13 -13.08
N ASN D 918 60.02 -30.88 -12.77
CA ASN D 918 60.49 -30.97 -11.39
C ASN D 918 60.87 -29.59 -10.85
N SER D 919 61.71 -28.87 -11.57
CA SER D 919 62.20 -27.57 -11.14
C SER D 919 61.38 -26.41 -11.70
N SER D 920 60.34 -26.69 -12.47
CA SER D 920 59.51 -25.63 -13.02
C SER D 920 58.82 -24.85 -11.93
N THR D 921 58.78 -23.53 -12.08
CA THR D 921 58.21 -22.65 -11.09
C THR D 921 56.69 -22.55 -11.25
N ILE D 922 56.04 -22.02 -10.21
CA ILE D 922 54.59 -21.89 -10.14
C ILE D 922 54.24 -20.42 -9.95
N VAL D 923 53.15 -19.99 -10.60
CA VAL D 923 52.72 -18.60 -10.51
C VAL D 923 52.43 -18.25 -9.06
N GLY D 924 53.08 -17.19 -8.57
CA GLY D 924 52.88 -16.74 -7.21
C GLY D 924 53.67 -17.48 -6.16
N ALA D 925 54.43 -18.52 -6.54
CA ALA D 925 55.23 -19.27 -5.59
C ALA D 925 56.59 -18.57 -5.43
N SER D 926 56.56 -17.46 -4.71
CA SER D 926 57.76 -16.67 -4.45
C SER D 926 58.62 -17.41 -3.45
N TYR D 927 59.60 -18.17 -3.95
CA TYR D 927 60.44 -19.01 -3.09
C TYR D 927 61.33 -18.12 -2.23
N ASP D 928 61.10 -18.13 -0.93
CA ASP D 928 61.88 -17.33 0.01
C ASP D 928 62.48 -18.14 1.14
N LYS D 929 61.78 -19.17 1.63
CA LYS D 929 62.25 -19.99 2.73
C LYS D 929 62.66 -21.36 2.23
N ASP D 930 63.23 -22.17 3.13
CA ASP D 930 63.76 -23.47 2.81
C ASP D 930 63.24 -24.50 3.81
N THR D 931 63.68 -25.75 3.63
CA THR D 931 63.25 -26.82 4.51
C THR D 931 63.81 -26.61 5.92
N PRO D 932 62.98 -26.65 6.96
CA PRO D 932 63.50 -26.48 8.32
C PRO D 932 64.39 -27.62 8.73
N ALA D 933 65.31 -27.33 9.65
CA ALA D 933 66.24 -28.33 10.15
C ALA D 933 65.62 -29.14 11.28
N LYS E 13 -22.70 -46.22 37.76
CA LYS E 13 -22.16 -47.35 37.01
C LYS E 13 -22.37 -47.16 35.51
N ILE E 14 -21.34 -46.68 34.82
CA ILE E 14 -21.39 -46.42 33.40
C ILE E 14 -20.31 -47.26 32.73
N ILE E 15 -20.71 -48.12 31.79
CA ILE E 15 -19.80 -49.01 31.09
C ILE E 15 -19.95 -48.79 29.60
N ILE E 16 -18.83 -48.50 28.94
CA ILE E 16 -18.81 -48.23 27.50
C ILE E 16 -18.19 -49.44 26.81
N ASN E 17 -18.93 -50.03 25.88
CA ASN E 17 -18.45 -51.18 25.13
C ASN E 17 -17.82 -50.69 23.84
N LEU E 18 -16.48 -50.78 23.76
CA LEU E 18 -15.78 -50.26 22.59
C LEU E 18 -16.15 -51.00 21.31
N PHE E 19 -16.49 -52.28 21.41
CA PHE E 19 -16.83 -53.05 20.22
C PHE E 19 -18.28 -52.83 19.78
N ALA E 20 -19.06 -52.10 20.56
CA ALA E 20 -20.36 -51.62 20.11
C ALA E 20 -20.16 -50.49 19.10
N PRO E 21 -21.17 -50.20 18.27
CA PRO E 21 -21.00 -49.10 17.31
C PRO E 21 -20.77 -47.75 17.97
N ASN E 22 -21.35 -47.51 19.15
CA ASN E 22 -21.14 -46.28 19.90
C ASN E 22 -21.49 -45.05 19.07
N LEU E 23 -22.76 -44.97 18.69
CA LEU E 23 -23.26 -43.82 17.94
C LEU E 23 -24.35 -43.11 18.73
N PRO E 24 -24.56 -41.82 18.48
CA PRO E 24 -25.60 -41.10 19.25
C PRO E 24 -26.99 -41.72 19.12
N GLY E 25 -27.34 -42.20 17.93
CA GLY E 25 -28.61 -42.89 17.77
C GLY E 25 -28.63 -44.24 18.46
N SER E 26 -27.55 -45.02 18.30
CA SER E 26 -27.48 -46.37 18.84
C SER E 26 -26.81 -46.39 20.21
N THR E 27 -27.32 -45.60 21.15
CA THR E 27 -26.81 -45.56 22.51
C THR E 27 -27.99 -45.71 23.47
N LYS E 28 -28.12 -46.88 24.08
CA LYS E 28 -29.20 -47.15 25.03
C LYS E 28 -28.79 -46.65 26.41
N GLU E 29 -29.55 -47.04 27.43
CA GLU E 29 -29.24 -46.64 28.79
C GLU E 29 -28.06 -47.47 29.32
N ASP E 30 -27.52 -47.04 30.46
CA ASP E 30 -26.42 -47.64 31.23
C ASP E 30 -25.04 -47.32 30.66
N ASP E 31 -24.95 -46.58 29.55
CA ASP E 31 -23.66 -46.06 29.09
C ASP E 31 -23.72 -44.58 28.77
N LEU E 32 -24.79 -43.88 29.18
CA LEU E 32 -24.85 -42.43 29.04
C LEU E 32 -23.74 -41.78 29.84
N ILE E 33 -22.78 -41.16 29.16
CA ILE E 33 -21.72 -40.44 29.85
C ILE E 33 -22.31 -39.32 30.70
N GLN E 34 -23.28 -38.60 30.15
CA GLN E 34 -23.96 -37.52 30.89
C GLN E 34 -25.23 -38.07 31.49
N LYS E 35 -25.09 -38.68 32.67
CA LYS E 35 -26.24 -39.15 33.44
C LYS E 35 -26.64 -38.20 34.55
N SER E 36 -25.70 -37.41 35.09
CA SER E 36 -26.04 -36.43 36.10
C SER E 36 -26.77 -35.24 35.48
N LEU E 37 -26.31 -34.79 34.30
CA LEU E 37 -26.94 -33.66 33.63
C LEU E 37 -28.27 -34.06 32.99
N ARG E 38 -28.39 -35.31 32.53
CA ARG E 38 -29.65 -35.75 31.94
C ARG E 38 -30.78 -35.70 32.96
N ASP E 39 -30.52 -36.14 34.19
CA ASP E 39 -31.52 -36.04 35.24
C ASP E 39 -31.72 -34.61 35.69
N GLN E 40 -30.63 -33.85 35.81
CA GLN E 40 -30.72 -32.47 36.30
C GLN E 40 -31.54 -31.59 35.36
N LEU E 41 -31.32 -31.73 34.05
CA LEU E 41 -32.07 -30.94 33.09
C LEU E 41 -33.55 -31.30 33.09
N VAL E 42 -33.86 -32.60 33.16
CA VAL E 42 -35.25 -33.04 33.07
C VAL E 42 -36.07 -32.52 34.24
N GLU E 43 -35.52 -32.62 35.46
CA GLU E 43 -36.25 -32.09 36.61
C GLU E 43 -36.35 -30.57 36.57
N SER E 44 -35.32 -29.90 36.07
CA SER E 44 -35.39 -28.45 35.92
C SER E 44 -36.37 -28.04 34.84
N ILE E 45 -36.53 -28.87 33.80
CA ILE E 45 -37.53 -28.60 32.78
C ILE E 45 -38.93 -28.72 33.38
N ARG E 46 -39.17 -29.77 34.16
CA ARG E 46 -40.48 -29.97 34.77
C ARG E 46 -40.77 -28.92 35.84
N ASN E 47 -39.74 -28.45 36.55
CA ASN E 47 -39.94 -27.42 37.56
C ASN E 47 -40.43 -26.12 36.94
N SER E 48 -39.92 -25.78 35.76
CA SER E 48 -40.32 -24.53 35.11
C SER E 48 -41.82 -24.52 34.78
N ILE E 49 -42.33 -25.65 34.27
CA ILE E 49 -43.76 -25.72 33.95
C ILE E 49 -44.59 -25.76 35.22
N ALA E 50 -44.12 -26.50 36.24
CA ALA E 50 -44.88 -26.63 37.47
C ALA E 50 -45.01 -25.31 38.22
N TYR E 51 -44.17 -24.32 37.90
CA TYR E 51 -44.26 -23.02 38.55
C TYR E 51 -45.21 -22.10 37.80
N GLY E 68 -44.07 -16.08 29.14
CA GLY E 68 -42.64 -15.93 29.24
C GLY E 68 -41.87 -17.01 28.51
N ARG E 69 -40.82 -16.61 27.78
CA ARG E 69 -40.03 -17.56 27.02
C ARG E 69 -39.26 -18.49 27.95
N ASN E 70 -39.26 -19.79 27.60
CA ASN E 70 -38.66 -20.84 28.42
C ASN E 70 -37.68 -21.61 27.53
N VAL E 71 -36.43 -21.16 27.51
CA VAL E 71 -35.40 -21.73 26.64
C VAL E 71 -34.26 -22.25 27.50
N PHE E 72 -33.92 -23.52 27.31
CA PHE E 72 -32.76 -24.14 27.95
C PHE E 72 -31.69 -24.40 26.91
N PHE E 73 -30.45 -24.03 27.21
CA PHE E 73 -29.33 -24.21 26.30
C PHE E 73 -28.35 -25.21 26.90
N VAL E 74 -28.02 -26.24 26.13
CA VAL E 74 -27.06 -27.26 26.54
C VAL E 74 -25.76 -26.94 25.80
N ASP E 75 -24.82 -26.32 26.51
CA ASP E 75 -23.58 -25.90 25.90
C ASP E 75 -22.61 -27.08 25.76
N GLY E 76 -21.58 -26.86 24.95
CA GLY E 76 -20.58 -27.89 24.69
C GLY E 76 -19.95 -27.75 23.33
N THR E 77 -18.64 -28.00 23.25
CA THR E 77 -17.94 -27.88 21.98
C THR E 77 -18.34 -29.01 21.04
N ARG E 78 -17.74 -29.02 19.86
CA ARG E 78 -18.01 -30.07 18.89
C ARG E 78 -17.53 -31.42 19.41
N GLY E 79 -18.27 -32.47 19.09
CA GLY E 79 -17.93 -33.80 19.55
C GLY E 79 -18.10 -34.04 21.04
N ALA E 80 -18.75 -33.12 21.75
CA ALA E 80 -18.94 -33.29 23.18
C ALA E 80 -20.02 -34.33 23.49
N GLY E 81 -20.94 -34.56 22.56
CA GLY E 81 -22.02 -35.50 22.79
C GLY E 81 -23.35 -34.80 23.00
N LYS E 82 -23.54 -33.68 22.30
CA LYS E 82 -24.76 -32.89 22.47
C LYS E 82 -25.96 -33.60 21.85
N THR E 83 -25.78 -34.23 20.69
CA THR E 83 -26.85 -35.01 20.10
C THR E 83 -27.20 -36.21 20.98
N THR E 84 -26.18 -36.88 21.52
CA THR E 84 -26.42 -38.00 22.43
C THR E 84 -27.10 -37.55 23.70
N PHE E 85 -26.91 -36.30 24.11
CA PHE E 85 -27.50 -35.82 25.35
C PHE E 85 -29.00 -35.56 25.18
N ILE E 86 -29.38 -34.74 24.21
CA ILE E 86 -30.79 -34.44 23.98
C ILE E 86 -31.56 -35.71 23.63
N ASN E 87 -30.93 -36.61 22.86
CA ASN E 87 -31.57 -37.88 22.54
C ASN E 87 -31.95 -38.64 23.80
N SER E 88 -31.14 -38.53 24.86
CA SER E 88 -31.48 -39.14 26.13
C SER E 88 -32.54 -38.34 26.88
N VAL E 89 -32.54 -37.02 26.74
CA VAL E 89 -33.51 -36.18 27.44
C VAL E 89 -34.92 -36.48 26.96
N VAL E 90 -35.10 -36.60 25.65
CA VAL E 90 -36.42 -36.93 25.11
C VAL E 90 -36.84 -38.32 25.54
N LYS E 91 -35.91 -39.27 25.58
CA LYS E 91 -36.24 -40.62 26.03
C LYS E 91 -36.65 -40.62 27.50
N SER E 92 -35.98 -39.82 28.33
CA SER E 92 -36.30 -39.77 29.75
C SER E 92 -37.51 -38.90 30.05
N LEU E 93 -38.03 -38.17 29.07
CA LEU E 93 -39.23 -37.38 29.25
C LEU E 93 -40.48 -38.01 28.64
N ASN E 94 -40.33 -38.68 27.49
CA ASN E 94 -41.46 -39.38 26.88
C ASN E 94 -41.88 -40.62 27.65
N SER E 95 -41.07 -41.06 28.61
CA SER E 95 -41.41 -42.21 29.44
C SER E 95 -42.14 -41.73 30.69
N ASP E 96 -43.32 -42.32 30.94
CA ASP E 96 -44.16 -41.94 32.08
C ASP E 96 -44.51 -40.46 32.06
N GLN E 97 -44.75 -39.92 30.85
CA GLN E 97 -45.16 -38.53 30.74
C GLN E 97 -46.53 -38.30 31.37
N ASP E 98 -47.46 -39.24 31.18
CA ASP E 98 -48.77 -39.16 31.81
C ASP E 98 -48.78 -39.69 33.23
N ASP E 99 -47.72 -40.39 33.66
CA ASP E 99 -47.63 -40.93 35.00
C ASP E 99 -47.00 -39.96 35.99
N VAL E 100 -46.70 -38.74 35.55
CA VAL E 100 -46.11 -37.72 36.42
C VAL E 100 -47.06 -36.53 36.43
N LYS E 101 -46.92 -35.69 37.47
CA LYS E 101 -47.88 -34.62 37.69
C LYS E 101 -47.89 -33.60 36.56
N VAL E 102 -46.71 -33.27 36.03
CA VAL E 102 -46.59 -32.30 34.94
C VAL E 102 -46.33 -33.08 33.66
N ASN E 103 -47.31 -33.08 32.75
CA ASN E 103 -47.23 -33.83 31.51
C ASN E 103 -46.62 -32.94 30.42
N ILE E 104 -45.50 -33.39 29.87
CA ILE E 104 -44.79 -32.65 28.83
C ILE E 104 -44.60 -33.59 27.64
N LYS E 105 -45.18 -33.22 26.50
CA LYS E 105 -44.98 -33.97 25.27
C LYS E 105 -43.79 -33.38 24.50
N CYS E 106 -43.02 -34.24 23.86
CA CYS E 106 -41.79 -33.85 23.20
C CYS E 106 -41.89 -34.15 21.70
N LEU E 107 -41.62 -33.14 20.88
CA LEU E 107 -41.46 -33.36 19.46
C LEU E 107 -40.17 -34.11 19.18
N PRO E 108 -40.09 -34.82 18.06
CA PRO E 108 -38.80 -35.38 17.65
C PRO E 108 -37.77 -34.28 17.47
N THR E 109 -36.52 -34.60 17.84
CA THR E 109 -35.46 -33.61 17.81
C THR E 109 -35.27 -33.08 16.39
N ILE E 110 -35.23 -31.75 16.27
CA ILE E 110 -35.09 -31.09 14.98
C ILE E 110 -33.61 -30.82 14.74
N ASP E 111 -33.09 -31.33 13.63
CA ASP E 111 -31.69 -31.13 13.28
C ASP E 111 -31.61 -30.00 12.27
N PRO E 112 -31.16 -28.80 12.66
CA PRO E 112 -31.18 -27.67 11.71
C PRO E 112 -30.33 -27.89 10.48
N THR E 113 -29.28 -28.71 10.57
CA THR E 113 -28.40 -28.92 9.43
C THR E 113 -29.03 -29.83 8.37
N LYS E 114 -29.85 -30.78 8.79
CA LYS E 114 -30.40 -31.78 7.88
C LYS E 114 -31.72 -31.34 7.23
N LEU E 115 -32.28 -30.22 7.64
CA LEU E 115 -33.52 -29.74 7.06
C LEU E 115 -33.28 -29.13 5.68
N PRO E 116 -34.32 -29.00 4.86
CA PRO E 116 -34.18 -28.27 3.60
C PRO E 116 -33.67 -26.86 3.85
N ARG E 117 -32.81 -26.40 2.94
CA ARG E 117 -32.07 -25.15 3.18
C ARG E 117 -32.99 -23.95 3.31
N HIS E 118 -34.13 -23.95 2.62
CA HIS E 118 -35.05 -22.82 2.64
C HIS E 118 -36.33 -23.10 3.41
N GLU E 119 -36.48 -24.28 4.01
CA GLU E 119 -37.70 -24.59 4.74
C GLU E 119 -37.71 -23.84 6.07
N PRO E 120 -38.72 -23.01 6.33
CA PRO E 120 -38.76 -22.30 7.62
C PRO E 120 -38.86 -23.26 8.79
N ILE E 121 -38.27 -22.85 9.91
CA ILE E 121 -38.30 -23.69 11.11
C ILE E 121 -39.73 -23.82 11.62
N LEU E 122 -40.52 -22.75 11.51
CA LEU E 122 -41.92 -22.81 11.91
C LEU E 122 -42.68 -23.86 11.12
N VAL E 123 -42.33 -24.03 9.84
CA VAL E 123 -42.96 -25.08 9.04
C VAL E 123 -42.57 -26.45 9.58
N THR E 124 -41.30 -26.65 9.90
CA THR E 124 -40.85 -27.94 10.42
C THR E 124 -41.51 -28.25 11.76
N VAL E 125 -41.58 -27.27 12.65
CA VAL E 125 -42.17 -27.50 13.97
C VAL E 125 -43.65 -27.82 13.84
N THR E 126 -44.37 -27.07 13.00
CA THR E 126 -45.79 -27.32 12.82
C THR E 126 -46.04 -28.68 12.16
N ALA E 127 -45.20 -29.05 11.19
CA ALA E 127 -45.35 -30.34 10.54
C ALA E 127 -45.14 -31.49 11.52
N ARG E 128 -44.14 -31.36 12.40
CA ARG E 128 -43.92 -32.38 13.42
C ARG E 128 -44.97 -32.29 14.53
N LEU E 129 -45.55 -31.11 14.74
CA LEU E 129 -46.64 -30.98 15.70
C LEU E 129 -47.95 -31.53 15.17
N ASN E 130 -48.17 -31.39 13.85
CA ASN E 130 -49.39 -31.92 13.25
C ASN E 130 -49.43 -33.44 13.34
N LYS E 131 -48.29 -34.10 13.09
CA LYS E 131 -48.25 -35.55 13.15
C LYS E 131 -48.58 -36.06 14.55
N MET E 132 -48.04 -35.40 15.58
CA MET E 132 -48.35 -35.79 16.95
C MET E 132 -49.83 -35.61 17.25
N VAL E 133 -50.41 -34.50 16.80
CA VAL E 133 -51.83 -34.25 17.06
C VAL E 133 -52.70 -35.25 16.32
N SER E 134 -52.43 -35.44 15.02
CA SER E 134 -53.27 -36.33 14.22
C SER E 134 -53.23 -37.75 14.74
N ASP E 135 -52.06 -38.22 15.18
CA ASP E 135 -51.97 -39.55 15.77
C ASP E 135 -52.83 -39.67 17.03
N LYS E 136 -53.03 -38.56 17.75
CA LYS E 136 -53.85 -38.59 18.94
C LYS E 136 -55.34 -38.63 18.59
N LEU E 137 -55.74 -37.93 17.53
CA LEU E 137 -57.14 -37.97 17.10
C LEU E 137 -57.54 -39.40 16.71
N LYS E 138 -56.65 -40.10 16.01
CA LYS E 138 -56.93 -41.49 15.64
C LYS E 138 -57.01 -42.39 16.86
N GLY E 139 -56.56 -41.94 18.03
CA GLY E 139 -56.74 -42.66 19.27
C GLY E 139 -58.02 -42.36 20.02
N TYR E 140 -58.76 -41.33 19.59
CA TYR E 140 -60.03 -41.02 20.22
C TYR E 140 -61.12 -41.97 19.73
N TRP E 141 -62.20 -42.03 20.50
CA TRP E 141 -63.36 -42.85 20.17
C TRP E 141 -64.65 -42.06 20.09
N ALA E 142 -64.81 -41.05 20.94
CA ALA E 142 -66.01 -40.21 20.91
C ALA E 142 -65.97 -39.32 19.68
N SER E 143 -66.78 -39.65 18.67
CA SER E 143 -66.77 -38.89 17.43
C SER E 143 -67.20 -37.46 17.62
N ASN E 144 -68.05 -37.19 18.62
CA ASN E 144 -68.45 -35.81 18.90
C ASN E 144 -67.26 -34.98 19.36
N ASP E 145 -66.43 -35.52 20.25
CA ASP E 145 -65.21 -34.82 20.66
C ASP E 145 -64.13 -34.92 19.60
N TYR E 146 -64.09 -36.02 18.85
CA TYR E 146 -63.14 -36.14 17.75
C TYR E 146 -63.38 -35.06 16.70
N ARG E 147 -64.63 -34.89 16.28
CA ARG E 147 -64.94 -33.92 15.24
C ARG E 147 -64.87 -32.49 15.77
N LYS E 148 -65.21 -32.28 17.04
CA LYS E 148 -65.15 -30.94 17.60
C LYS E 148 -63.73 -30.41 17.62
N GLN E 149 -62.77 -31.24 18.03
CA GLN E 149 -61.38 -30.82 18.15
C GLN E 149 -60.57 -31.04 16.88
N LYS E 150 -61.15 -31.65 15.85
CA LYS E 150 -60.45 -31.76 14.57
C LYS E 150 -60.76 -30.58 13.66
N GLU E 151 -61.97 -30.03 13.74
CA GLU E 151 -62.27 -28.82 12.97
C GLU E 151 -61.42 -27.65 13.43
N GLN E 152 -61.22 -27.52 14.74
CA GLN E 152 -60.36 -26.46 15.27
C GLN E 152 -58.93 -26.63 14.78
N TRP E 153 -58.41 -27.86 14.84
CA TRP E 153 -57.03 -28.10 14.42
C TRP E 153 -56.85 -27.80 12.93
N GLN E 154 -57.78 -28.28 12.10
CA GLN E 154 -57.71 -27.98 10.68
C GLN E 154 -57.91 -26.50 10.42
N ASN E 155 -58.75 -25.83 11.21
CA ASN E 155 -58.93 -24.39 11.05
C ASN E 155 -57.65 -23.63 11.39
N HIS E 156 -56.99 -24.00 12.47
CA HIS E 156 -55.73 -23.35 12.84
C HIS E 156 -54.65 -23.61 11.80
N LEU E 157 -54.54 -24.84 11.32
CA LEU E 157 -53.55 -25.16 10.29
C LEU E 157 -53.84 -24.39 9.00
N ALA E 158 -55.11 -24.31 8.61
CA ALA E 158 -55.46 -23.55 7.40
C ALA E 158 -55.19 -22.08 7.58
N GLN E 159 -55.31 -21.56 8.81
CA GLN E 159 -55.00 -20.17 9.06
C GLN E 159 -53.49 -19.93 9.08
N LEU E 160 -52.72 -20.90 9.56
CA LEU E 160 -51.26 -20.80 9.49
C LEU E 160 -50.78 -20.81 8.04
N GLN E 161 -51.41 -21.64 7.21
CA GLN E 161 -51.04 -21.68 5.79
C GLN E 161 -51.35 -20.35 5.10
N ARG E 162 -52.45 -19.71 5.48
CA ARG E 162 -52.83 -18.45 4.84
C ARG E 162 -51.79 -17.37 5.09
N GLY E 163 -51.28 -17.28 6.31
CA GLY E 163 -50.30 -16.29 6.68
C GLY E 163 -48.85 -16.73 6.61
N LEU E 164 -48.56 -17.88 6.02
CA LEU E 164 -47.19 -18.38 5.99
C LEU E 164 -46.29 -17.57 5.07
N HIS E 165 -46.86 -16.88 4.08
CA HIS E 165 -46.03 -16.13 3.14
C HIS E 165 -45.30 -14.98 3.81
N LEU E 166 -45.71 -14.57 5.00
CA LEU E 166 -45.07 -13.46 5.68
C LEU E 166 -43.58 -13.73 5.93
N LEU E 167 -43.20 -15.01 6.04
CA LEU E 167 -41.80 -15.37 6.18
C LEU E 167 -41.10 -15.48 4.82
N THR E 168 -41.72 -16.19 3.88
CA THR E 168 -41.11 -16.43 2.56
C THR E 168 -41.67 -15.45 1.53
N ASP E 169 -41.41 -14.16 1.76
CA ASP E 169 -41.72 -13.12 0.79
C ASP E 169 -40.56 -12.14 0.71
N LYS E 170 -40.17 -11.79 -0.51
CA LYS E 170 -39.15 -10.78 -0.74
C LYS E 170 -39.74 -9.39 -0.98
N GLU E 171 -41.06 -9.26 -0.93
CA GLU E 171 -41.71 -7.96 -1.08
C GLU E 171 -43.10 -8.06 -0.46
N TYR E 172 -43.71 -6.90 -0.19
CA TYR E 172 -45.04 -6.84 0.44
C TYR E 172 -46.11 -6.46 -0.60
N LYS E 173 -46.94 -7.44 -0.99
CA LYS E 173 -48.03 -7.19 -1.98
C LYS E 173 -49.08 -6.28 -1.35
N PRO E 174 -49.64 -5.29 -2.08
CA PRO E 174 -50.65 -4.38 -1.53
C PRO E 174 -51.98 -5.09 -1.26
N GLU E 175 -52.22 -6.23 -1.92
CA GLU E 175 -53.46 -6.98 -1.75
C GLU E 175 -53.46 -7.82 -0.48
N TYR E 176 -52.31 -8.00 0.16
CA TYR E 176 -52.25 -8.69 1.45
C TYR E 176 -52.80 -7.85 2.59
N PHE E 177 -53.03 -6.55 2.37
CA PHE E 177 -53.60 -5.70 3.42
C PHE E 177 -55.00 -6.15 3.79
N SER E 178 -55.74 -6.74 2.85
CA SER E 178 -57.05 -7.29 3.16
C SER E 178 -56.94 -8.42 4.18
N ASP E 179 -55.89 -9.23 4.08
CA ASP E 179 -55.70 -10.34 5.01
C ASP E 179 -55.54 -9.82 6.44
N ALA E 180 -54.75 -8.77 6.62
CA ALA E 180 -54.57 -8.21 7.97
C ALA E 180 -55.86 -7.61 8.51
N LEU E 181 -56.73 -7.11 7.64
CA LEU E 181 -57.97 -6.47 8.06
C LEU E 181 -59.14 -7.45 8.14
N LYS E 182 -58.91 -8.74 7.89
CA LYS E 182 -59.98 -9.72 8.00
C LYS E 182 -60.14 -10.15 9.46
N LEU E 183 -61.39 -10.13 9.94
CA LEU E 183 -61.72 -10.63 11.27
C LEU E 183 -62.73 -11.77 11.20
N ASP E 184 -62.84 -12.43 10.04
CA ASP E 184 -63.83 -13.48 9.83
C ASP E 184 -63.37 -14.77 10.53
N ALA E 185 -63.41 -14.71 11.86
CA ALA E 185 -63.03 -15.86 12.68
C ALA E 185 -63.58 -15.67 14.08
N GLN E 186 -63.65 -16.77 14.82
CA GLN E 186 -64.02 -16.75 16.23
C GLN E 186 -62.82 -16.70 17.15
N LEU E 187 -61.61 -16.61 16.59
CA LEU E 187 -60.41 -16.58 17.42
C LEU E 187 -60.37 -15.35 18.31
N ASP E 188 -60.72 -14.19 17.76
CA ASP E 188 -60.66 -12.91 18.48
C ASP E 188 -59.28 -12.69 19.07
N TYR E 189 -58.28 -12.61 18.19
CA TYR E 189 -56.90 -12.41 18.61
C TYR E 189 -56.76 -11.07 19.33
N SER E 190 -55.91 -11.05 20.36
CA SER E 190 -55.73 -9.85 21.17
C SER E 190 -55.27 -8.68 20.31
N ILE E 191 -54.10 -8.80 19.71
CA ILE E 191 -53.58 -7.74 18.84
C ILE E 191 -54.13 -7.93 17.45
N GLY E 192 -54.32 -6.81 16.74
CA GLY E 192 -54.81 -6.86 15.38
C GLY E 192 -53.74 -7.27 14.39
N GLY E 193 -54.17 -7.52 13.16
CA GLY E 193 -53.28 -7.89 12.09
C GLY E 193 -53.08 -9.39 11.99
N GLN E 194 -52.37 -9.79 10.93
CA GLN E 194 -52.08 -11.20 10.68
C GLN E 194 -50.73 -11.56 11.29
N ASP E 195 -50.68 -11.54 12.62
CA ASP E 195 -49.47 -11.89 13.34
C ASP E 195 -49.30 -13.40 13.30
N LEU E 196 -48.17 -13.86 12.76
CA LEU E 196 -47.95 -15.30 12.61
C LEU E 196 -47.64 -15.97 13.94
N SER E 197 -46.95 -15.25 14.85
CA SER E 197 -46.70 -15.81 16.17
C SER E 197 -48.00 -16.04 16.93
N GLU E 198 -48.94 -15.11 16.81
CA GLU E 198 -50.24 -15.27 17.46
C GLU E 198 -50.98 -16.48 16.90
N ILE E 199 -50.94 -16.68 15.58
CA ILE E 199 -51.58 -17.84 14.99
C ILE E 199 -50.95 -19.12 15.50
N PHE E 200 -49.62 -19.15 15.60
CA PHE E 200 -48.94 -20.34 16.09
C PHE E 200 -49.15 -20.53 17.59
N GLU E 201 -49.29 -19.44 18.34
CA GLU E 201 -49.42 -19.55 19.79
C GLU E 201 -50.68 -20.30 20.19
N GLU E 202 -51.82 -19.94 19.60
CA GLU E 202 -53.05 -20.69 19.85
C GLU E 202 -53.03 -22.05 19.17
N LEU E 203 -52.24 -22.21 18.11
CA LEU E 203 -52.06 -23.53 17.51
C LEU E 203 -51.41 -24.48 18.50
N VAL E 204 -50.39 -24.01 19.24
CA VAL E 204 -49.80 -24.81 20.31
C VAL E 204 -50.80 -25.04 21.42
N LYS E 205 -51.55 -24.00 21.80
CA LYS E 205 -52.54 -24.13 22.85
C LYS E 205 -53.60 -25.17 22.49
N ARG E 206 -54.04 -25.19 21.24
CA ARG E 206 -54.97 -26.21 20.79
C ARG E 206 -54.33 -27.60 20.85
N ALA E 207 -53.06 -27.69 20.47
CA ALA E 207 -52.37 -28.98 20.49
C ALA E 207 -52.24 -29.51 21.91
N CYS E 208 -51.96 -28.63 22.88
CA CYS E 208 -51.84 -29.05 24.26
C CYS E 208 -53.18 -29.60 24.78
N GLU E 209 -54.29 -28.98 24.36
CA GLU E 209 -55.60 -29.47 24.76
C GLU E 209 -55.85 -30.87 24.22
N ILE E 210 -55.49 -31.11 22.95
CA ILE E 210 -55.72 -32.42 22.35
C ILE E 210 -54.83 -33.47 22.98
N LEU E 211 -53.54 -33.16 23.11
CA LEU E 211 -52.58 -34.10 23.69
C LEU E 211 -52.70 -34.23 25.19
N ASP E 212 -53.45 -33.34 25.84
CA ASP E 212 -53.65 -33.34 27.29
C ASP E 212 -52.30 -33.25 28.01
N CYS E 213 -51.54 -32.22 27.66
CA CYS E 213 -50.24 -31.96 28.25
C CYS E 213 -50.16 -30.49 28.67
N LYS E 214 -49.43 -30.23 29.74
CA LYS E 214 -49.27 -28.88 30.25
C LYS E 214 -48.21 -28.08 29.52
N ALA E 215 -47.40 -28.74 28.69
CA ALA E 215 -46.36 -28.05 27.93
C ALA E 215 -45.95 -28.93 26.76
N ILE E 216 -45.18 -28.34 25.85
CA ILE E 216 -44.67 -29.03 24.68
C ILE E 216 -43.19 -28.71 24.55
N LEU E 217 -42.38 -29.75 24.35
CA LEU E 217 -40.93 -29.60 24.29
C LEU E 217 -40.47 -29.62 22.84
N ILE E 218 -39.81 -28.54 22.42
CA ILE E 218 -39.26 -28.41 21.09
C ILE E 218 -37.74 -28.48 21.22
N THR E 219 -37.18 -29.66 21.01
CA THR E 219 -35.75 -29.87 21.13
C THR E 219 -35.07 -29.56 19.79
N PHE E 220 -34.07 -28.70 19.82
CA PHE E 220 -33.30 -28.33 18.64
C PHE E 220 -31.91 -28.95 18.74
N ASP E 221 -31.51 -29.65 17.68
CA ASP E 221 -30.18 -30.23 17.64
C ASP E 221 -29.14 -29.14 17.38
N ASP E 222 -27.87 -29.53 17.47
CA ASP E 222 -26.80 -28.57 17.30
C ASP E 222 -26.66 -28.15 15.84
N ILE E 223 -26.06 -26.99 15.63
CA ILE E 223 -25.82 -26.43 14.30
C ILE E 223 -24.34 -26.49 13.93
N ASP E 224 -23.53 -27.23 14.70
CA ASP E 224 -22.09 -27.18 14.52
C ASP E 224 -21.65 -27.68 13.15
N THR E 225 -22.40 -28.61 12.55
CA THR E 225 -22.02 -29.14 11.25
C THR E 225 -22.12 -28.07 10.17
N GLN E 226 -23.15 -27.22 10.24
CA GLN E 226 -23.32 -26.13 9.29
C GLN E 226 -24.06 -25.02 10.04
N PHE E 227 -23.30 -24.05 10.55
CA PHE E 227 -23.84 -23.10 11.50
C PHE E 227 -24.47 -21.87 10.86
N ASP E 228 -24.38 -21.69 9.55
CA ASP E 228 -25.08 -20.58 8.92
C ASP E 228 -26.58 -20.80 8.89
N ALA E 229 -27.02 -22.06 8.95
CA ALA E 229 -28.44 -22.40 8.94
C ALA E 229 -29.05 -22.40 10.34
N GLY E 230 -28.26 -22.15 11.37
CA GLY E 230 -28.78 -22.03 12.72
C GLY E 230 -29.34 -20.68 13.08
N TRP E 231 -29.23 -19.70 12.17
CA TRP E 231 -29.85 -18.40 12.41
C TRP E 231 -31.36 -18.49 12.44
N ASP E 232 -31.94 -19.29 11.54
CA ASP E 232 -33.39 -19.48 11.53
C ASP E 232 -33.87 -20.09 12.84
N VAL E 233 -33.06 -20.94 13.46
CA VAL E 233 -33.40 -21.49 14.76
C VAL E 233 -33.47 -20.38 15.80
N LEU E 234 -32.50 -19.46 15.78
CA LEU E 234 -32.47 -18.38 16.76
C LEU E 234 -33.65 -17.44 16.58
N GLU E 235 -33.89 -17.00 15.33
CA GLU E 235 -34.97 -16.05 15.10
C GLU E 235 -36.34 -16.67 15.39
N SER E 236 -36.53 -17.94 15.05
CA SER E 236 -37.80 -18.60 15.32
C SER E 236 -38.05 -18.72 16.82
N ILE E 237 -36.99 -19.00 17.58
CA ILE E 237 -37.15 -19.17 19.03
C ILE E 237 -37.63 -17.87 19.67
N ARG E 238 -37.03 -16.74 19.28
CA ARG E 238 -37.36 -15.47 19.89
C ARG E 238 -38.64 -14.84 19.35
N LYS E 239 -39.18 -15.35 18.24
CA LYS E 239 -40.37 -14.77 17.64
C LYS E 239 -41.62 -15.59 17.89
N PHE E 240 -41.59 -16.89 17.59
CA PHE E 240 -42.77 -17.73 17.65
C PHE E 240 -42.84 -18.66 18.85
N PHE E 241 -41.72 -18.86 19.55
CA PHE E 241 -41.65 -19.81 20.66
C PHE E 241 -41.67 -19.09 22.01
N ASN E 242 -42.43 -18.02 22.13
CA ASN E 242 -42.52 -17.25 23.36
C ASN E 242 -43.64 -17.71 24.28
N SER E 243 -44.42 -18.71 23.87
CA SER E 243 -45.56 -19.14 24.65
C SER E 243 -45.13 -19.85 25.93
N ARG E 244 -46.04 -19.87 26.90
CA ARG E 244 -45.81 -20.60 28.15
C ARG E 244 -46.03 -22.10 27.99
N LYS E 245 -46.63 -22.54 26.89
CA LYS E 245 -46.85 -23.95 26.61
C LYS E 245 -45.69 -24.59 25.85
N LEU E 246 -44.65 -23.83 25.55
CA LEU E 246 -43.51 -24.31 24.78
C LEU E 246 -42.26 -24.30 25.64
N VAL E 247 -41.52 -25.40 25.63
CA VAL E 247 -40.21 -25.48 26.26
C VAL E 247 -39.21 -25.79 25.16
N VAL E 248 -38.19 -24.95 25.03
CA VAL E 248 -37.21 -25.05 23.96
C VAL E 248 -35.88 -25.48 24.56
N VAL E 249 -35.34 -26.58 24.05
CA VAL E 249 -34.01 -27.04 24.41
C VAL E 249 -33.19 -27.05 23.14
N ALA E 250 -32.20 -26.16 23.06
CA ALA E 250 -31.32 -26.04 21.91
C ALA E 250 -29.89 -26.17 22.38
N THR E 251 -29.10 -26.99 21.70
CA THR E 251 -27.72 -27.22 22.05
C THR E 251 -26.81 -26.60 20.99
N GLY E 252 -25.51 -26.71 21.24
CA GLY E 252 -24.51 -26.18 20.34
C GLY E 252 -23.35 -25.59 21.08
N ASP E 253 -22.66 -24.62 20.46
CA ASP E 253 -21.54 -23.93 21.08
C ASP E 253 -21.83 -22.44 21.07
N LEU E 254 -21.83 -21.82 22.24
CA LEU E 254 -22.04 -20.37 22.32
C LEU E 254 -20.91 -19.63 21.62
N ARG E 255 -19.71 -20.21 21.58
CA ARG E 255 -18.63 -19.63 20.79
C ARG E 255 -18.97 -19.60 19.31
N LEU E 256 -19.85 -20.51 18.87
CA LEU E 256 -20.25 -20.59 17.47
C LEU E 256 -21.50 -19.77 17.18
N TYR E 257 -22.42 -19.70 18.15
CA TYR E 257 -23.57 -18.81 18.00
C TYR E 257 -23.16 -17.34 18.06
N SER E 258 -22.12 -17.02 18.85
CA SER E 258 -21.67 -15.63 18.93
C SER E 258 -21.16 -15.14 17.58
N GLN E 259 -20.40 -15.97 16.87
CA GLN E 259 -19.95 -15.60 15.54
C GLN E 259 -21.12 -15.50 14.56
N LEU E 260 -22.16 -16.30 14.77
CA LEU E 260 -23.33 -16.22 13.91
C LEU E 260 -24.15 -14.97 14.22
N ILE E 261 -24.30 -14.63 15.50
CA ILE E 261 -25.04 -13.43 15.87
C ILE E 261 -24.26 -12.18 15.50
N ARG E 262 -22.95 -12.18 15.77
CA ARG E 262 -22.14 -11.00 15.47
C ARG E 262 -22.11 -10.71 13.97
N GLY E 263 -22.07 -11.75 13.15
CA GLY E 263 -22.08 -11.55 11.71
C GLY E 263 -23.42 -11.14 11.14
N LYS E 264 -24.48 -11.19 11.93
CA LYS E 264 -25.79 -10.74 11.50
C LYS E 264 -26.13 -9.33 11.97
N GLN E 265 -25.53 -8.87 13.06
CA GLN E 265 -25.65 -7.47 13.43
C GLN E 265 -24.81 -6.57 12.54
N TYR E 266 -23.79 -7.13 11.88
CA TYR E 266 -23.02 -6.38 10.90
C TYR E 266 -23.80 -6.15 9.61
N GLU E 267 -24.79 -7.00 9.34
CA GLU E 267 -25.64 -6.81 8.17
C GLU E 267 -26.70 -5.76 8.38
N ASN E 268 -26.87 -5.26 9.60
CA ASN E 268 -27.77 -4.16 9.88
C ASN E 268 -27.12 -2.81 9.64
N TYR E 269 -25.83 -2.78 9.27
CA TYR E 269 -25.12 -1.57 8.93
C TYR E 269 -25.17 -1.37 7.41
N SER E 270 -25.52 -0.17 6.99
CA SER E 270 -25.59 0.12 5.56
C SER E 270 -24.20 0.02 4.94
N LYS E 271 -24.14 -0.62 3.77
CA LYS E 271 -22.85 -0.86 3.12
C LYS E 271 -22.12 0.44 2.84
N THR E 272 -22.85 1.51 2.51
CA THR E 272 -22.22 2.79 2.24
C THR E 272 -21.55 3.35 3.49
N LEU E 273 -22.19 3.20 4.65
CA LEU E 273 -21.58 3.68 5.90
C LEU E 273 -20.29 2.94 6.20
N LEU E 274 -20.27 1.63 5.98
CA LEU E 274 -19.05 0.85 6.21
C LEU E 274 -17.93 1.29 5.28
N GLU E 275 -18.25 1.57 4.02
CA GLU E 275 -17.23 1.97 3.06
C GLU E 275 -16.70 3.36 3.34
N GLN E 276 -17.57 4.28 3.77
CA GLN E 276 -17.19 5.68 3.94
C GLN E 276 -16.54 5.96 5.29
N GLU E 277 -16.57 5.03 6.23
CA GLU E 277 -16.04 5.23 7.57
C GLU E 277 -15.09 4.11 7.95
N LYS E 278 -14.16 3.81 7.03
CA LYS E 278 -13.24 2.70 7.22
C LYS E 278 -12.10 3.01 8.19
N GLU E 279 -11.96 4.25 8.65
CA GLU E 279 -10.85 4.57 9.54
C GLU E 279 -11.11 4.01 10.93
N SER E 280 -10.03 3.87 11.70
CA SER E 280 -10.05 3.07 12.92
C SER E 280 -10.98 3.65 13.98
N VAL E 281 -11.03 4.98 14.11
CA VAL E 281 -11.75 5.59 15.22
C VAL E 281 -13.23 5.24 15.17
N ARG E 282 -13.85 5.35 13.98
CA ARG E 282 -15.26 5.01 13.86
C ARG E 282 -15.46 3.50 13.66
N LEU E 283 -14.49 2.82 13.04
CA LEU E 283 -14.60 1.38 12.87
C LEU E 283 -14.57 0.65 14.20
N ALA E 284 -13.70 1.07 15.12
CA ALA E 284 -13.61 0.42 16.42
C ALA E 284 -14.89 0.62 17.22
N GLU E 285 -15.49 1.81 17.13
CA GLU E 285 -16.72 2.06 17.88
C GLU E 285 -17.87 1.21 17.36
N ARG E 286 -17.93 0.97 16.05
CA ARG E 286 -18.93 0.06 15.51
C ARG E 286 -18.72 -1.36 16.05
N GLY E 287 -17.47 -1.82 16.08
CA GLY E 287 -17.20 -3.13 16.65
C GLY E 287 -17.56 -3.22 18.12
N TYR E 288 -17.39 -2.11 18.85
CA TYR E 288 -17.84 -2.07 20.24
C TYR E 288 -19.35 -2.15 20.32
N MET E 289 -20.05 -1.57 19.34
CA MET E 289 -21.51 -1.65 19.32
C MET E 289 -21.99 -3.05 18.98
N VAL E 290 -21.32 -3.71 18.03
CA VAL E 290 -21.77 -5.04 17.60
C VAL E 290 -21.55 -6.07 18.70
N GLU E 291 -20.40 -6.02 19.38
CA GLU E 291 -20.16 -6.92 20.50
C GLU E 291 -21.08 -6.62 21.67
N HIS E 292 -21.70 -5.44 21.68
CA HIS E 292 -22.56 -5.03 22.78
C HIS E 292 -24.03 -5.28 22.46
N LEU E 293 -24.37 -5.48 21.19
CA LEU E 293 -25.67 -6.02 20.81
C LEU E 293 -25.66 -7.54 20.75
N GLU E 294 -24.52 -8.13 20.36
CA GLU E 294 -24.38 -9.58 20.41
C GLU E 294 -24.48 -10.10 21.83
N GLN E 295 -23.89 -9.37 22.79
CA GLN E 295 -23.85 -9.83 24.17
C GLN E 295 -25.24 -10.02 24.74
N GLN E 296 -26.14 -9.08 24.49
CA GLN E 296 -27.50 -9.16 25.02
C GLN E 296 -28.45 -9.93 24.13
N TYR E 297 -28.09 -10.20 22.87
CA TYR E 297 -28.89 -11.12 22.07
C TYR E 297 -28.78 -12.54 22.61
N LEU E 298 -27.60 -12.92 23.11
CA LEU E 298 -27.46 -14.22 23.75
C LEU E 298 -28.11 -14.23 25.11
N LEU E 299 -27.96 -13.16 25.88
CA LEU E 299 -28.57 -13.09 27.21
C LEU E 299 -30.10 -13.06 27.12
N LYS E 300 -30.63 -12.52 26.02
CA LYS E 300 -32.08 -12.52 25.85
C LYS E 300 -32.60 -13.91 25.49
N LEU E 301 -31.88 -14.63 24.63
CA LEU E 301 -32.35 -15.92 24.15
C LEU E 301 -32.06 -17.03 25.17
N PHE E 302 -30.80 -17.25 25.49
CA PHE E 302 -30.38 -18.29 26.42
C PHE E 302 -29.96 -17.64 27.74
N PRO E 303 -30.86 -17.56 28.72
CA PRO E 303 -30.49 -16.96 30.01
C PRO E 303 -29.43 -17.79 30.72
N VAL E 304 -28.56 -17.09 31.45
CA VAL E 304 -27.43 -17.75 32.10
C VAL E 304 -27.90 -18.77 33.11
N GLN E 305 -28.99 -18.47 33.83
CA GLN E 305 -29.47 -19.37 34.87
C GLN E 305 -30.03 -20.68 34.31
N LYS E 306 -30.27 -20.76 33.00
CA LYS E 306 -30.83 -21.96 32.40
C LYS E 306 -29.84 -22.72 31.52
N ARG E 307 -28.69 -22.14 31.20
CA ARG E 307 -27.69 -22.85 30.44
C ARG E 307 -27.11 -24.01 31.25
N ILE E 308 -26.75 -25.08 30.54
CA ILE E 308 -26.11 -26.25 31.14
C ILE E 308 -24.87 -26.58 30.32
N GLN E 309 -23.72 -26.65 30.98
CA GLN E 309 -22.46 -26.92 30.31
C GLN E 309 -22.18 -28.41 30.36
N LEU E 310 -21.99 -29.01 29.18
CA LEU E 310 -21.66 -30.43 29.12
C LEU E 310 -20.24 -30.65 29.65
N LYS E 311 -20.10 -31.63 30.55
CA LYS E 311 -18.83 -31.89 31.20
C LYS E 311 -17.99 -32.82 30.34
N THR E 312 -16.74 -32.45 30.10
CA THR E 312 -15.82 -33.31 29.37
C THR E 312 -15.41 -34.49 30.24
N MET E 313 -14.88 -35.52 29.57
CA MET E 313 -14.59 -36.78 30.26
C MET E 313 -13.60 -36.60 31.41
N LEU E 314 -12.72 -35.60 31.32
CA LEU E 314 -11.81 -35.33 32.43
C LEU E 314 -12.57 -34.92 33.68
N GLN E 315 -13.58 -34.05 33.53
CA GLN E 315 -14.31 -33.56 34.69
C GLN E 315 -15.19 -34.61 35.32
N LEU E 316 -15.52 -35.68 34.60
CA LEU E 316 -16.34 -36.74 35.19
C LEU E 316 -15.50 -37.69 36.03
N VAL E 317 -14.52 -38.36 35.41
CA VAL E 317 -13.74 -39.37 36.11
C VAL E 317 -12.74 -38.75 37.07
N GLY E 318 -12.39 -37.49 36.89
CA GLY E 318 -11.49 -36.82 37.80
C GLY E 318 -10.06 -37.31 37.67
N GLU E 319 -9.19 -36.75 38.51
CA GLU E 319 -7.78 -37.10 38.53
C GLU E 319 -7.55 -38.25 39.50
N LYS E 320 -6.28 -38.55 39.78
CA LYS E 320 -5.96 -39.65 40.69
C LYS E 320 -6.31 -39.31 42.12
N GLY E 321 -6.03 -38.08 42.55
CA GLY E 321 -6.31 -37.67 43.91
C GLY E 321 -7.69 -37.07 44.07
N LYS E 322 -8.08 -36.21 43.14
CA LYS E 322 -9.41 -35.62 43.17
C LYS E 322 -10.48 -36.70 42.99
N ALA E 323 -11.55 -36.59 43.77
CA ALA E 323 -12.61 -37.58 43.72
C ALA E 323 -13.31 -37.55 42.36
N GLY E 324 -13.51 -38.73 41.79
CA GLY E 324 -14.21 -38.83 40.52
C GLY E 324 -15.69 -38.60 40.70
N LYS E 325 -16.23 -37.54 40.10
CA LYS E 325 -17.65 -37.25 40.24
C LYS E 325 -18.51 -38.36 39.64
N GLU E 326 -18.00 -39.05 38.62
CA GLU E 326 -18.69 -40.19 38.05
C GLU E 326 -17.77 -41.41 38.02
N GLU E 327 -18.19 -42.48 37.37
CA GLU E 327 -17.41 -43.71 37.29
C GLU E 327 -17.61 -44.32 35.91
N ILE E 328 -16.67 -44.07 35.00
CA ILE E 328 -16.74 -44.53 33.63
C ILE E 328 -15.87 -45.77 33.49
N LYS E 329 -16.44 -46.82 32.90
CA LYS E 329 -15.72 -48.06 32.66
C LYS E 329 -15.80 -48.42 31.18
N VAL E 330 -14.80 -49.15 30.71
CA VAL E 330 -14.65 -49.46 29.29
C VAL E 330 -14.52 -50.97 29.13
N LYS E 331 -15.26 -51.53 28.17
CA LYS E 331 -15.15 -52.94 27.81
C LYS E 331 -14.18 -53.05 26.64
N THR E 332 -12.92 -53.29 26.95
CA THR E 332 -11.85 -53.27 25.95
C THR E 332 -11.73 -54.58 25.18
N GLU E 333 -12.54 -55.58 25.49
CA GLU E 333 -12.51 -56.85 24.79
C GLU E 333 -13.93 -57.32 24.54
N PRO E 334 -14.17 -58.07 23.45
CA PRO E 334 -15.52 -58.57 23.20
C PRO E 334 -15.89 -59.67 24.18
N GLY E 335 -17.14 -59.63 24.65
CA GLY E 335 -17.59 -60.55 25.67
C GLY E 335 -17.09 -60.24 27.06
N MET E 336 -16.50 -59.07 27.27
CA MET E 336 -15.95 -58.72 28.57
C MET E 336 -17.08 -58.53 29.59
N GLN E 337 -16.86 -59.03 30.80
CA GLN E 337 -17.87 -58.96 31.84
C GLN E 337 -18.00 -57.52 32.35
N ASP E 338 -19.16 -57.22 32.94
CA ASP E 338 -19.37 -55.92 33.56
C ASP E 338 -18.35 -55.67 34.66
N ILE E 339 -18.08 -56.69 35.47
CA ILE E 339 -17.00 -56.57 36.47
C ILE E 339 -15.65 -56.50 35.78
N ASP E 340 -15.46 -57.28 34.71
CA ASP E 340 -14.21 -57.30 33.99
C ASP E 340 -13.89 -55.95 33.34
N ALA E 341 -14.90 -55.14 33.06
CA ALA E 341 -14.68 -53.84 32.43
C ALA E 341 -13.76 -52.98 33.29
N ILE E 342 -12.81 -52.31 32.65
CA ILE E 342 -11.78 -51.57 33.34
C ILE E 342 -12.11 -50.07 33.27
N ASP E 343 -11.53 -49.32 34.18
CA ASP E 343 -11.76 -47.87 34.24
C ASP E 343 -11.20 -47.20 32.99
N VAL E 344 -11.87 -46.13 32.55
CA VAL E 344 -11.50 -45.47 31.30
C VAL E 344 -10.12 -44.84 31.41
N ARG E 345 -9.79 -44.24 32.55
CA ARG E 345 -8.47 -43.64 32.72
C ARG E 345 -7.39 -44.72 32.69
N GLN E 346 -7.69 -45.89 33.25
CA GLN E 346 -6.78 -47.02 33.12
C GLN E 346 -6.70 -47.50 31.67
N ALA E 347 -7.84 -47.53 30.98
CA ALA E 347 -7.84 -47.93 29.58
C ALA E 347 -7.02 -46.97 28.73
N ILE E 348 -7.18 -45.67 28.96
CA ILE E 348 -6.32 -44.69 28.30
C ILE E 348 -4.89 -44.81 28.82
N GLY E 349 -4.75 -45.08 30.12
CA GLY E 349 -3.42 -45.24 30.69
C GLY E 349 -2.65 -46.39 30.07
N ASP E 350 -3.32 -47.54 29.86
CA ASP E 350 -2.67 -48.66 29.21
C ASP E 350 -2.24 -48.32 27.80
N ALA E 351 -3.11 -47.68 27.03
CA ALA E 351 -2.78 -47.31 25.66
C ALA E 351 -1.65 -46.28 25.62
N VAL E 352 -1.70 -45.27 26.49
CA VAL E 352 -0.69 -44.23 26.47
C VAL E 352 0.65 -44.76 26.97
N ARG E 353 0.63 -45.51 28.07
CA ARG E 353 1.88 -45.96 28.67
C ARG E 353 2.58 -46.99 27.79
N GLU E 354 1.83 -47.98 27.31
CA GLU E 354 2.41 -48.99 26.43
C GLU E 354 2.65 -48.45 25.03
N GLY E 355 1.75 -47.59 24.53
CA GLY E 355 1.91 -47.05 23.19
C GLY E 355 3.09 -46.10 23.08
N LEU E 356 3.29 -45.25 24.09
CA LEU E 356 4.41 -44.31 24.10
C LEU E 356 5.62 -44.87 24.81
N ASN E 357 5.59 -46.14 25.24
CA ASN E 357 6.68 -46.75 25.99
C ASN E 357 7.05 -45.91 27.21
N LEU E 358 6.02 -45.45 27.92
CA LEU E 358 6.18 -44.46 28.99
C LEU E 358 5.73 -45.07 30.31
N ARG E 359 6.38 -44.65 31.38
CA ARG E 359 6.19 -45.26 32.70
C ARG E 359 5.25 -44.43 33.56
N GLU E 360 4.63 -45.10 34.53
CA GLU E 360 3.68 -44.46 35.42
C GLU E 360 4.32 -43.27 36.12
N GLY E 361 3.61 -42.15 36.13
CA GLY E 361 4.11 -40.95 36.78
C GLY E 361 3.44 -39.72 36.21
N SER E 362 4.09 -38.57 36.44
CA SER E 362 3.56 -37.30 35.96
C SER E 362 3.51 -37.25 34.44
N ASP E 363 4.55 -37.75 33.77
CA ASP E 363 4.63 -37.62 32.32
C ASP E 363 3.60 -38.51 31.62
N ALA E 364 3.43 -39.74 32.10
CA ALA E 364 2.43 -40.62 31.50
C ALA E 364 1.02 -40.09 31.71
N ASP E 365 0.72 -39.60 32.91
CA ASP E 365 -0.61 -39.09 33.22
C ASP E 365 -0.86 -37.72 32.62
N MET E 366 0.19 -37.02 32.19
CA MET E 366 0.00 -35.75 31.49
C MET E 366 -0.57 -35.97 30.09
N TYR E 367 -0.14 -37.05 29.42
CA TYR E 367 -0.75 -37.43 28.15
C TYR E 367 -2.18 -37.91 28.35
N VAL E 368 -2.42 -38.68 29.41
CA VAL E 368 -3.75 -39.22 29.66
C VAL E 368 -4.74 -38.08 29.92
N ASN E 369 -4.32 -37.07 30.69
CA ASN E 369 -5.19 -35.93 30.94
C ASN E 369 -5.54 -35.21 29.64
N GLU E 370 -4.55 -35.05 28.76
CA GLU E 370 -4.81 -34.36 27.50
C GLU E 370 -5.78 -35.13 26.62
N LEU E 371 -5.69 -36.46 26.63
CA LEU E 371 -6.62 -37.27 25.85
C LEU E 371 -8.03 -37.21 26.43
N LEU E 372 -8.16 -36.98 27.74
CA LEU E 372 -9.48 -36.86 28.34
C LEU E 372 -10.12 -35.53 28.00
N LYS E 373 -9.34 -34.46 27.88
CA LYS E 373 -9.87 -33.16 27.52
C LYS E 373 -10.25 -33.06 26.05
N GLN E 374 -9.92 -34.07 25.24
CA GLN E 374 -10.30 -34.09 23.86
C GLN E 374 -11.82 -34.24 23.73
N PRO E 375 -12.40 -33.84 22.60
CA PRO E 375 -13.83 -34.09 22.38
C PRO E 375 -14.13 -35.57 22.47
N VAL E 376 -15.33 -35.87 22.98
CA VAL E 376 -15.68 -37.25 23.28
C VAL E 376 -15.59 -38.12 22.03
N ARG E 377 -16.03 -37.60 20.89
CA ARG E 377 -15.94 -38.36 19.64
C ARG E 377 -14.49 -38.67 19.29
N LEU E 378 -13.60 -37.68 19.42
CA LEU E 378 -12.19 -37.91 19.12
C LEU E 378 -11.57 -38.91 20.09
N LEU E 379 -11.86 -38.74 21.39
CA LEU E 379 -11.31 -39.65 22.38
C LEU E 379 -11.89 -41.06 22.24
N MET E 380 -13.21 -41.16 22.01
CA MET E 380 -13.83 -42.46 21.86
C MET E 380 -13.47 -43.15 20.55
N GLN E 381 -12.86 -42.43 19.62
CA GLN E 381 -12.38 -43.06 18.39
C GLN E 381 -10.91 -43.46 18.45
N VAL E 382 -10.12 -42.82 19.33
CA VAL E 382 -8.78 -43.29 19.60
C VAL E 382 -8.83 -44.64 20.31
N LEU E 383 -9.65 -44.73 21.35
CA LEU E 383 -9.80 -45.99 22.08
C LEU E 383 -10.44 -47.06 21.21
N GLN E 384 -11.45 -46.70 20.42
CA GLN E 384 -12.14 -47.68 19.59
C GLN E 384 -11.19 -48.26 18.55
N ASP E 385 -10.37 -47.42 17.92
CA ASP E 385 -9.45 -47.93 16.91
C ASP E 385 -8.29 -48.69 17.54
N PHE E 386 -7.79 -48.22 18.68
CA PHE E 386 -6.64 -48.86 19.30
C PHE E 386 -7.00 -50.26 19.80
N TYR E 387 -8.10 -50.39 20.55
CA TYR E 387 -8.45 -51.66 21.15
C TYR E 387 -9.12 -52.62 20.18
N THR E 388 -9.65 -52.13 19.06
CA THR E 388 -10.18 -53.04 18.04
C THR E 388 -9.05 -53.77 17.33
N LYS E 389 -8.00 -53.04 16.94
CA LYS E 389 -6.86 -53.67 16.30
C LYS E 389 -5.99 -54.42 17.28
N LYS E 390 -5.91 -53.97 18.53
CA LYS E 390 -5.13 -54.67 19.54
C LYS E 390 -5.67 -56.07 19.78
N TYR E 391 -6.98 -56.20 19.95
CA TYR E 391 -7.59 -57.51 20.08
C TYR E 391 -7.46 -58.30 18.77
N HIS E 392 -7.65 -57.63 17.63
CA HIS E 392 -7.55 -58.31 16.35
C HIS E 392 -6.12 -58.76 16.06
N ALA E 393 -5.12 -58.00 16.50
CA ALA E 393 -3.73 -58.40 16.27
C ALA E 393 -3.42 -59.73 16.93
N THR E 394 -3.85 -59.90 18.18
CA THR E 394 -3.68 -61.19 18.85
C THR E 394 -4.49 -62.28 18.14
N SER E 395 -5.73 -61.96 17.76
CA SER E 395 -6.62 -62.90 17.08
C SER E 395 -6.78 -64.21 17.85
N LEU E 411 3.79 -57.82 18.43
CA LEU E 411 2.54 -57.13 18.70
C LEU E 411 2.65 -55.66 18.31
N SER E 412 3.70 -55.01 18.80
CA SER E 412 4.00 -53.61 18.48
C SER E 412 2.83 -52.70 18.87
N VAL E 413 2.59 -52.64 20.19
CA VAL E 413 1.56 -51.73 20.71
C VAL E 413 1.81 -50.29 20.28
N PRO E 414 3.04 -49.76 20.27
CA PRO E 414 3.24 -48.40 19.73
C PRO E 414 2.77 -48.24 18.29
N ASN E 415 2.84 -49.29 17.48
CA ASN E 415 2.31 -49.21 16.12
C ASN E 415 0.79 -49.08 16.14
N LEU E 416 0.13 -49.77 17.07
CA LEU E 416 -1.32 -49.67 17.17
C LEU E 416 -1.74 -48.26 17.56
N LEU E 417 -1.03 -47.63 18.49
CA LEU E 417 -1.37 -46.27 18.90
C LEU E 417 -0.98 -45.25 17.84
N ARG E 418 0.10 -45.51 17.10
CA ARG E 418 0.49 -44.59 16.04
C ARG E 418 -0.60 -44.49 14.98
N ASN E 419 -1.15 -45.63 14.56
CA ASN E 419 -2.24 -45.61 13.59
C ASN E 419 -3.51 -45.03 14.21
N ALA E 420 -3.78 -45.35 15.47
CA ALA E 420 -4.98 -44.82 16.13
C ALA E 420 -4.92 -43.30 16.25
N LEU E 421 -3.76 -42.76 16.61
CA LEU E 421 -3.62 -41.31 16.72
C LEU E 421 -3.49 -40.64 15.36
N TYR E 422 -2.98 -41.35 14.36
CA TYR E 422 -2.83 -40.76 13.04
C TYR E 422 -4.19 -40.39 12.45
N GLY E 423 -5.17 -41.29 12.56
CA GLY E 423 -6.48 -41.01 12.02
C GLY E 423 -7.20 -39.90 12.75
N SER E 424 -7.16 -39.91 14.09
CA SER E 424 -7.90 -38.93 14.87
C SER E 424 -7.28 -37.54 14.73
N MET E 425 -5.97 -37.44 14.90
CA MET E 425 -5.27 -36.17 14.81
C MET E 425 -4.87 -35.81 13.39
N LEU E 426 -5.48 -36.46 12.39
CA LEU E 426 -5.08 -36.21 11.00
C LEU E 426 -5.37 -34.77 10.59
N SER E 427 -6.51 -34.23 11.00
CA SER E 427 -6.84 -32.85 10.68
C SER E 427 -5.84 -31.88 11.29
N SER E 428 -5.29 -32.22 12.46
CA SER E 428 -4.24 -31.40 13.06
C SER E 428 -2.90 -31.62 12.38
N ILE E 429 -2.63 -32.85 11.92
CA ILE E 429 -1.38 -33.11 11.20
C ILE E 429 -1.35 -32.34 9.89
N TYR E 430 -2.48 -32.32 9.16
CA TYR E 430 -2.55 -31.55 7.93
C TYR E 430 -2.35 -30.06 8.18
N ARG E 431 -2.97 -29.53 9.23
CA ARG E 431 -2.87 -28.11 9.52
C ARG E 431 -1.45 -27.71 9.89
N ALA E 432 -0.76 -28.53 10.69
CA ALA E 432 0.56 -28.19 11.18
C ALA E 432 1.67 -28.51 10.19
N GLY E 433 1.36 -29.16 9.08
CA GLY E 433 2.35 -29.41 8.06
C GLY E 433 3.23 -30.62 8.27
N LEU E 434 2.88 -31.51 9.20
CA LEU E 434 3.66 -32.71 9.42
C LEU E 434 3.51 -33.68 8.24
N ASN E 435 4.42 -34.64 8.19
CA ASN E 435 4.35 -35.69 7.18
C ASN E 435 3.04 -36.46 7.32
N TYR E 436 2.42 -36.79 6.19
CA TYR E 436 1.13 -37.44 6.21
C TYR E 436 1.07 -38.76 5.47
N GLU E 437 1.92 -38.97 4.47
CA GLU E 437 1.93 -40.25 3.77
C GLU E 437 2.42 -41.35 4.69
N GLN E 438 1.74 -42.49 4.65
CA GLN E 438 2.03 -43.60 5.55
C GLN E 438 3.06 -44.57 4.99
N HIS E 439 3.24 -44.62 3.67
CA HIS E 439 4.27 -45.47 3.10
C HIS E 439 5.67 -44.92 3.34
N ARG E 440 5.78 -43.65 3.74
CA ARG E 440 7.08 -43.02 4.00
C ARG E 440 7.39 -42.87 5.48
N PHE E 441 6.56 -43.42 6.37
CA PHE E 441 6.87 -43.37 7.79
C PHE E 441 8.20 -44.06 8.07
N GLY E 442 9.04 -43.39 8.83
CA GLY E 442 10.36 -43.91 9.13
C GLY E 442 11.15 -42.88 9.90
N MET E 443 12.43 -43.23 10.14
CA MET E 443 13.30 -42.33 10.88
C MET E 443 13.55 -41.04 10.13
N ASP E 444 13.75 -41.13 8.82
CA ASP E 444 13.99 -39.92 8.02
C ASP E 444 12.78 -38.99 8.01
N SER E 445 11.58 -39.56 7.90
CA SER E 445 10.37 -38.76 7.86
C SER E 445 9.86 -38.37 9.25
N LEU E 446 10.57 -38.79 10.30
CA LEU E 446 10.21 -38.42 11.66
C LEU E 446 11.07 -37.28 12.20
N CYS E 447 12.39 -37.35 12.00
CA CYS E 447 13.27 -36.28 12.46
C CYS E 447 12.92 -34.96 11.77
N LYS E 448 12.44 -35.02 10.53
CA LYS E 448 11.94 -33.82 9.87
C LYS E 448 10.70 -33.28 10.57
N ASP E 449 9.82 -34.18 11.02
CA ASP E 449 8.61 -33.75 11.71
C ASP E 449 8.92 -33.09 13.05
N ILE E 450 9.90 -33.62 13.78
CA ILE E 450 10.25 -33.03 15.07
C ILE E 450 10.79 -31.62 14.89
N PHE E 451 11.55 -31.38 13.82
CA PHE E 451 12.06 -30.04 13.57
C PHE E 451 10.95 -29.09 13.12
N THR E 452 10.06 -29.57 12.24
CA THR E 452 8.98 -28.71 11.76
C THR E 452 7.87 -28.53 12.79
N TYR E 453 7.93 -29.25 13.91
CA TYR E 453 6.95 -29.10 14.98
C TYR E 453 7.41 -28.06 16.00
N VAL E 454 8.65 -28.17 16.47
CA VAL E 454 9.17 -27.20 17.43
C VAL E 454 9.36 -25.83 16.80
N LYS E 455 9.53 -25.76 15.47
CA LYS E 455 9.60 -24.46 14.81
C LYS E 455 8.29 -23.70 14.97
N GLN E 456 7.16 -24.40 14.80
CA GLN E 456 5.86 -23.77 15.04
C GLN E 456 5.57 -23.65 16.53
N ASP E 457 5.97 -24.65 17.32
CA ASP E 457 5.79 -24.58 18.76
C ASP E 457 6.64 -23.51 19.41
N ARG E 458 7.72 -23.09 18.76
CA ARG E 458 8.67 -22.09 19.24
C ARG E 458 9.36 -22.49 20.54
N ASP E 459 9.24 -23.76 20.94
CA ASP E 459 9.87 -24.26 22.16
C ASP E 459 11.15 -25.00 21.77
N PHE E 460 12.18 -24.22 21.43
CA PHE E 460 13.45 -24.81 21.03
C PHE E 460 14.25 -25.37 22.20
N ASN E 461 13.83 -25.12 23.43
CA ASN E 461 14.53 -25.62 24.61
C ASN E 461 14.01 -26.98 25.05
N THR E 462 12.69 -27.21 24.94
CA THR E 462 12.11 -28.47 25.39
C THR E 462 11.10 -29.03 24.40
N GLY E 463 11.09 -28.55 23.15
CA GLY E 463 10.13 -29.03 22.18
C GLY E 463 10.32 -30.50 21.83
N PHE E 464 11.57 -30.98 21.84
CA PHE E 464 11.84 -32.37 21.51
C PHE E 464 11.28 -33.33 22.55
N TYR E 465 10.84 -32.83 23.71
CA TYR E 465 10.14 -33.68 24.67
C TYR E 465 8.81 -34.15 24.12
N LEU E 466 8.22 -33.41 23.19
CA LEU E 466 6.92 -33.71 22.61
C LEU E 466 5.85 -33.87 23.70
N ARG E 467 5.83 -32.92 24.62
CA ARG E 467 4.79 -32.88 25.63
C ARG E 467 3.58 -32.10 25.11
N PRO E 468 2.38 -32.46 25.54
CA PRO E 468 1.18 -31.73 25.10
C PRO E 468 1.00 -30.41 25.85
N GLN E 469 1.95 -29.50 25.62
CA GLN E 469 1.99 -28.22 26.33
C GLN E 469 1.67 -27.02 25.44
N SER E 470 1.70 -27.18 24.12
CA SER E 470 1.49 -26.04 23.23
C SER E 470 0.10 -25.46 23.43
N GLU E 471 0.01 -24.13 23.34
CA GLU E 471 -1.27 -23.46 23.55
C GLU E 471 -2.26 -23.82 22.46
N SER E 472 -1.80 -23.93 21.21
CA SER E 472 -2.68 -24.28 20.12
C SER E 472 -3.08 -25.76 20.21
N GLU E 473 -4.32 -26.05 19.80
CA GLU E 473 -4.81 -27.42 19.84
C GLU E 473 -4.20 -28.27 18.74
N ALA E 474 -3.85 -27.65 17.60
CA ALA E 474 -3.25 -28.41 16.51
C ALA E 474 -1.87 -28.95 16.90
N LEU E 475 -1.02 -28.09 17.46
CA LEU E 475 0.29 -28.54 17.91
C LEU E 475 0.19 -29.46 19.11
N ARG E 476 -0.81 -29.24 19.97
CA ARG E 476 -1.02 -30.13 21.10
C ARG E 476 -1.42 -31.53 20.64
N ASN E 477 -2.26 -31.61 19.60
CA ASN E 477 -2.65 -32.91 19.07
C ASN E 477 -1.48 -33.62 18.42
N CYS E 478 -0.63 -32.87 17.69
CA CYS E 478 0.53 -33.47 17.06
C CYS E 478 1.54 -34.00 18.08
N SER E 479 1.57 -33.40 19.27
CA SER E 479 2.56 -33.79 20.28
C SER E 479 2.39 -35.25 20.68
N ILE E 480 1.15 -35.68 20.93
CA ILE E 480 0.94 -37.08 21.31
C ILE E 480 1.10 -38.00 20.12
N TYR E 481 0.80 -37.52 18.90
CA TYR E 481 1.04 -38.34 17.72
C TYR E 481 2.53 -38.48 17.44
N LEU E 482 3.28 -37.39 17.58
CA LEU E 482 4.72 -37.46 17.37
C LEU E 482 5.39 -38.33 18.44
N ALA E 483 4.90 -38.26 19.67
CA ALA E 483 5.45 -39.12 20.72
C ALA E 483 5.22 -40.59 20.40
N SER E 484 4.07 -40.91 19.81
CA SER E 484 3.84 -42.29 19.35
C SER E 484 4.75 -42.64 18.18
N GLN E 485 5.05 -41.67 17.31
CA GLN E 485 5.98 -41.93 16.21
C GLN E 485 7.37 -42.24 16.73
N VAL E 486 7.85 -41.49 17.72
CA VAL E 486 9.18 -41.72 18.26
C VAL E 486 9.24 -43.05 19.01
N SER E 487 8.21 -43.35 19.80
CA SER E 487 8.18 -44.60 20.56
C SER E 487 7.94 -45.81 19.67
N GLU E 488 7.60 -45.61 18.40
CA GLU E 488 7.37 -46.71 17.47
C GLU E 488 8.59 -47.04 16.63
N ASN E 489 9.22 -46.03 16.03
CA ASN E 489 10.38 -46.28 15.19
C ASN E 489 11.59 -46.71 16.01
N CYS E 490 11.88 -45.99 17.10
CA CYS E 490 13.06 -46.28 17.91
C CYS E 490 12.90 -47.53 18.76
N GLN E 491 11.68 -48.05 18.91
CA GLN E 491 11.47 -49.24 19.72
C GLN E 491 12.06 -50.46 19.03
N GLY E 492 12.73 -51.31 19.82
CA GLY E 492 13.27 -52.55 19.31
C GLY E 492 14.58 -52.43 18.57
N SER E 493 15.25 -51.28 18.63
CA SER E 493 16.52 -51.11 17.92
C SER E 493 17.31 -49.98 18.56
N LEU E 494 18.58 -50.24 18.84
CA LEU E 494 19.45 -49.21 19.39
C LEU E 494 19.90 -48.21 18.34
N SER E 495 20.07 -48.66 17.09
CA SER E 495 20.53 -47.76 16.03
C SER E 495 19.56 -46.62 15.81
N LYS E 496 18.26 -46.91 15.79
CA LYS E 496 17.27 -45.86 15.60
C LYS E 496 17.10 -45.00 16.83
N PHE E 497 17.53 -45.47 18.00
CA PHE E 497 17.50 -44.63 19.20
C PHE E 497 18.52 -43.50 19.10
N LEU E 498 19.73 -43.81 18.63
CA LEU E 498 20.77 -42.80 18.56
C LEU E 498 20.54 -41.83 17.39
N GLN E 499 19.95 -42.31 16.30
CA GLN E 499 19.60 -41.41 15.21
C GLN E 499 18.57 -40.38 15.64
N MET E 500 17.56 -40.81 16.39
CA MET E 500 16.60 -39.87 16.95
C MET E 500 17.25 -38.95 17.99
N LEU E 501 18.25 -39.46 18.71
CA LEU E 501 18.94 -38.64 19.70
C LEU E 501 19.71 -37.51 19.04
N LEU E 502 20.48 -37.83 18.01
CA LEU E 502 21.29 -36.83 17.32
C LEU E 502 20.48 -36.06 16.28
N VAL E 503 19.95 -36.75 15.28
CA VAL E 503 19.29 -36.06 14.18
C VAL E 503 17.96 -35.47 14.64
N GLY E 504 17.19 -36.22 15.44
CA GLY E 504 15.90 -35.75 15.87
C GLY E 504 15.95 -34.70 16.96
N CYS E 505 16.43 -35.09 18.15
CA CYS E 505 16.46 -34.15 19.28
C CYS E 505 17.61 -33.16 19.13
N GLY E 506 18.75 -33.60 18.61
CA GLY E 506 19.92 -32.74 18.56
C GLY E 506 19.77 -31.57 17.62
N SER E 507 19.19 -31.80 16.43
CA SER E 507 19.18 -30.77 15.40
C SER E 507 18.48 -29.50 15.86
N VAL E 508 17.50 -29.61 16.76
CA VAL E 508 16.82 -28.41 17.22
C VAL E 508 17.65 -27.70 18.29
N SER E 509 18.48 -28.44 19.03
CA SER E 509 19.36 -27.81 20.01
C SER E 509 20.53 -27.13 19.33
N ILE E 510 21.00 -27.67 18.21
CA ILE E 510 22.06 -27.05 17.42
C ILE E 510 21.47 -25.89 16.64
N PHE E 511 20.17 -25.64 16.81
CA PHE E 511 19.53 -24.45 16.29
C PHE E 511 19.20 -23.44 17.38
N ASN E 512 18.82 -23.91 18.57
CA ASN E 512 18.62 -22.99 19.69
C ASN E 512 19.89 -22.24 20.03
N GLN E 513 21.04 -22.79 19.66
CA GLN E 513 22.31 -22.09 19.69
C GLN E 513 23.00 -22.24 18.33
N PHE E 514 23.94 -21.33 18.07
CA PHE E 514 24.85 -21.36 16.94
C PHE E 514 24.18 -21.07 15.60
N VAL E 515 22.84 -21.01 15.56
CA VAL E 515 22.16 -20.64 14.32
C VAL E 515 21.11 -19.56 14.60
N THR E 516 20.63 -19.49 15.84
CA THR E 516 19.55 -18.56 16.15
C THR E 516 20.02 -17.11 16.26
N GLU E 517 21.33 -16.89 16.38
CA GLU E 517 21.84 -15.52 16.48
C GLU E 517 21.69 -14.76 15.18
N LEU E 518 21.47 -15.45 14.06
CA LEU E 518 21.31 -14.81 12.77
C LEU E 518 19.88 -14.30 12.54
N ALA E 519 18.97 -14.54 13.47
CA ALA E 519 17.59 -14.07 13.33
C ALA E 519 17.06 -13.52 14.64
N GLU E 526 10.57 -14.08 4.83
CA GLU E 526 11.19 -13.74 6.10
C GLU E 526 12.59 -14.37 6.21
N LYS E 527 13.46 -13.74 7.00
CA LYS E 527 14.81 -14.25 7.15
C LYS E 527 14.83 -15.52 7.99
N PHE E 528 13.95 -15.61 9.00
CA PHE E 528 13.93 -16.80 9.84
C PHE E 528 13.51 -18.04 9.05
N GLU E 529 12.50 -17.91 8.19
CA GLU E 529 12.08 -19.04 7.39
C GLU E 529 13.10 -19.39 6.32
N GLN E 530 13.90 -18.41 5.88
CA GLN E 530 15.00 -18.72 4.97
C GLN E 530 16.15 -19.39 5.72
N LEU E 531 16.37 -18.99 6.97
CA LEU E 531 17.38 -19.66 7.79
C LEU E 531 16.99 -21.11 8.05
N ILE E 532 15.70 -21.36 8.35
CA ILE E 532 15.22 -22.72 8.48
C ILE E 532 15.41 -23.49 7.19
N SER E 533 15.08 -22.86 6.06
CA SER E 533 15.19 -23.52 4.77
C SER E 533 16.64 -23.90 4.47
N GLU E 534 17.57 -22.98 4.73
CA GLU E 534 18.98 -23.26 4.50
C GLU E 534 19.51 -24.32 5.47
N TYR E 535 19.13 -24.21 6.74
CA TYR E 535 19.70 -25.07 7.76
C TYR E 535 19.30 -26.54 7.55
N VAL E 536 18.03 -26.78 7.22
CA VAL E 536 17.60 -28.16 7.03
C VAL E 536 18.10 -28.72 5.71
N ALA E 537 18.33 -27.86 4.71
CA ALA E 537 18.89 -28.33 3.45
C ALA E 537 20.37 -28.63 3.58
N TYR E 538 21.11 -27.82 4.33
CA TYR E 538 22.53 -28.06 4.53
C TYR E 538 22.76 -29.32 5.33
N MET E 539 22.08 -29.45 6.48
CA MET E 539 22.22 -30.64 7.31
C MET E 539 21.49 -31.84 6.73
N SER E 540 20.64 -31.62 5.72
CA SER E 540 19.92 -32.71 5.04
C SER E 540 19.08 -33.53 6.01
N VAL E 541 18.47 -32.86 6.99
CA VAL E 541 17.56 -33.55 7.89
C VAL E 541 16.29 -33.93 7.14
N GLY E 542 15.85 -35.17 7.34
CA GLY E 542 14.78 -35.75 6.55
C GLY E 542 15.26 -36.63 5.41
N ARG E 543 16.52 -36.49 5.01
CA ARG E 543 17.11 -37.35 3.99
C ARG E 543 18.57 -37.67 4.32
N ILE E 544 18.88 -37.81 5.61
CA ILE E 544 20.26 -38.03 6.03
C ILE E 544 20.81 -39.30 5.39
N GLU E 545 22.03 -39.21 4.86
CA GLU E 545 22.70 -40.39 4.34
C GLU E 545 23.08 -41.34 5.47
N SER E 546 23.59 -40.79 6.57
CA SER E 546 23.99 -41.59 7.72
C SER E 546 24.03 -40.69 8.95
N ALA E 547 24.04 -41.34 10.12
CA ALA E 547 24.17 -40.58 11.36
C ALA E 547 25.52 -39.88 11.45
N SER E 548 26.58 -40.55 10.99
CA SER E 548 27.91 -39.92 10.97
C SER E 548 27.92 -38.71 10.05
N HIS E 549 27.23 -38.79 8.91
CA HIS E 549 27.16 -37.65 8.00
C HIS E 549 26.50 -36.45 8.66
N TRP E 550 25.51 -36.68 9.53
CA TRP E 550 24.93 -35.58 10.28
C TRP E 550 25.94 -34.94 11.21
N ALA E 551 26.78 -35.75 11.86
CA ALA E 551 27.74 -35.24 12.83
C ALA E 551 28.78 -34.34 12.15
N ASN E 552 29.25 -34.73 10.97
CA ASN E 552 30.24 -33.92 10.27
C ASN E 552 29.66 -32.56 9.90
N ARG E 553 28.42 -32.52 9.42
CA ARG E 553 27.76 -31.24 9.19
C ARG E 553 27.51 -30.52 10.50
N CYS E 554 27.15 -31.25 11.55
CA CYS E 554 26.98 -30.65 12.87
C CYS E 554 28.30 -30.09 13.39
N CYS E 555 29.42 -30.65 12.95
CA CYS E 555 30.72 -30.11 13.34
C CYS E 555 30.92 -28.69 12.78
N ALA E 556 30.53 -28.47 11.53
CA ALA E 556 30.78 -27.19 10.89
C ALA E 556 29.97 -26.07 11.52
N VAL E 557 28.71 -26.32 11.86
CA VAL E 557 27.86 -25.25 12.40
C VAL E 557 28.37 -24.80 13.76
N VAL E 558 28.86 -25.73 14.58
CA VAL E 558 29.50 -25.34 15.83
C VAL E 558 30.88 -24.72 15.57
N ALA E 559 31.42 -24.92 14.37
CA ALA E 559 32.72 -24.37 13.99
C ALA E 559 32.58 -23.07 13.21
N ASN E 560 31.61 -22.98 12.30
CA ASN E 560 31.41 -21.78 11.50
C ASN E 560 30.78 -20.65 12.29
N SER E 561 30.60 -20.86 13.60
CA SER E 561 30.27 -19.79 14.52
C SER E 561 31.54 -19.44 15.29
N PRO E 562 32.33 -18.46 14.83
CA PRO E 562 33.63 -18.20 15.46
C PRO E 562 33.47 -17.67 16.88
N ASN E 563 33.81 -18.52 17.85
CA ASN E 563 33.61 -18.18 19.24
C ASN E 563 34.64 -17.17 19.70
N ASP E 564 34.35 -16.52 20.84
CA ASP E 564 35.29 -15.59 21.42
C ASP E 564 36.52 -16.34 21.94
N GLU E 565 37.61 -15.59 22.10
CA GLU E 565 38.90 -16.10 22.56
C GLU E 565 39.56 -16.98 21.51
N LYS E 566 38.86 -17.22 20.40
CA LYS E 566 39.35 -17.93 19.22
C LYS E 566 39.85 -19.35 19.54
N ILE E 567 39.59 -19.85 20.74
CA ILE E 567 40.04 -21.19 21.10
C ILE E 567 39.20 -22.22 20.35
N GLY E 568 39.88 -23.22 19.78
CA GLY E 568 39.20 -24.25 19.00
C GLY E 568 38.62 -25.35 19.85
N VAL E 569 38.20 -25.02 21.07
CA VAL E 569 37.48 -25.95 21.93
C VAL E 569 36.01 -25.59 21.89
N PHE E 570 35.16 -26.57 21.59
CA PHE E 570 33.74 -26.31 21.37
C PHE E 570 32.87 -27.18 22.27
N LEU E 571 31.57 -27.24 21.95
CA LEU E 571 30.61 -27.93 22.81
C LEU E 571 31.02 -29.37 23.07
N GLY E 572 31.01 -30.20 22.03
CA GLY E 572 31.38 -31.59 22.16
C GLY E 572 32.41 -32.00 21.11
N MET E 573 33.34 -31.10 20.83
CA MET E 573 34.24 -31.26 19.70
C MET E 573 35.43 -30.34 19.87
N VAL E 574 36.63 -30.87 19.63
CA VAL E 574 37.88 -30.14 19.81
C VAL E 574 38.61 -30.09 18.47
N GLN E 575 39.07 -28.91 18.09
CA GLN E 575 39.85 -28.75 16.88
C GLN E 575 41.30 -29.15 17.13
N LEU E 576 41.91 -29.76 16.11
CA LEU E 576 43.31 -30.18 16.18
C LEU E 576 44.05 -29.64 14.97
N ASN E 577 45.31 -29.26 15.18
CA ASN E 577 46.10 -28.69 14.11
C ASN E 577 46.46 -29.74 13.06
N ARG E 578 46.37 -29.35 11.79
CA ARG E 578 46.81 -30.17 10.68
C ARG E 578 48.18 -29.76 10.16
N LYS E 579 48.83 -28.78 10.80
CA LYS E 579 50.11 -28.28 10.35
C LYS E 579 51.05 -28.11 11.54
N SER E 580 52.34 -28.11 11.26
CA SER E 580 53.37 -27.98 12.28
C SER E 580 54.09 -26.65 12.13
N ARG E 581 54.34 -26.00 13.26
CA ARG E 581 55.07 -24.74 13.30
C ARG E 581 56.03 -24.79 14.49
N GLN E 582 56.61 -23.64 14.81
CA GLN E 582 57.46 -23.50 15.98
C GLN E 582 56.60 -23.10 17.19
N HIS E 583 57.25 -22.69 18.27
CA HIS E 583 56.61 -22.14 19.47
C HIS E 583 55.77 -23.15 20.22
N MET E 584 55.97 -24.46 19.99
CA MET E 584 55.22 -25.48 20.70
C MET E 584 56.07 -26.04 21.83
N PRO E 585 55.75 -25.75 23.09
CA PRO E 585 56.53 -26.28 24.21
C PRO E 585 56.07 -27.69 24.59
N GLY E 586 56.90 -28.33 25.40
CA GLY E 586 56.59 -29.67 25.87
C GLY E 586 56.58 -30.69 24.74
N GLY E 587 55.79 -31.74 24.93
CA GLY E 587 55.62 -32.78 23.95
C GLY E 587 54.49 -32.56 22.97
N TYR E 588 53.86 -31.39 23.00
CA TYR E 588 52.76 -31.10 22.08
C TYR E 588 53.24 -31.16 20.64
N LYS E 589 52.44 -31.79 19.78
CA LYS E 589 52.80 -31.97 18.39
C LYS E 589 51.53 -32.03 17.55
N LYS E 590 51.71 -31.86 16.24
CA LYS E 590 50.60 -32.01 15.31
C LYS E 590 50.03 -33.42 15.38
N PHE E 591 48.71 -33.52 15.36
CA PHE E 591 48.05 -34.81 15.52
C PHE E 591 48.35 -35.71 14.34
N ASN E 592 48.72 -36.97 14.64
CA ASN E 592 48.98 -37.98 13.63
C ASN E 592 48.15 -39.20 13.96
N ILE E 593 47.34 -39.65 12.99
CA ILE E 593 46.45 -40.78 13.24
C ILE E 593 47.23 -42.09 13.36
N ASP E 594 48.36 -42.21 12.65
CA ASP E 594 49.09 -43.47 12.62
C ASP E 594 49.68 -43.84 13.96
N THR E 595 49.77 -42.89 14.90
CA THR E 595 50.32 -43.20 16.21
C THR E 595 49.44 -44.21 16.96
N GLU E 596 48.13 -44.07 16.86
CA GLU E 596 47.22 -44.97 17.54
C GLU E 596 47.18 -46.32 16.85
N ASN E 597 46.83 -47.36 17.61
CA ASN E 597 46.85 -48.73 17.13
C ASN E 597 45.57 -49.45 17.55
N GLY E 598 45.04 -50.27 16.65
CA GLY E 598 43.90 -51.10 16.98
C GLY E 598 42.64 -50.27 17.17
N LEU E 599 41.93 -50.53 18.28
CA LEU E 599 40.75 -49.73 18.60
C LEU E 599 41.09 -48.26 18.75
N ALA E 600 42.30 -47.96 19.25
CA ALA E 600 42.70 -46.57 19.41
C ALA E 600 42.70 -45.83 18.07
N LYS E 601 43.22 -46.47 17.02
CA LYS E 601 43.14 -45.88 15.69
C LYS E 601 41.69 -45.85 15.19
N ALA E 602 40.94 -46.92 15.46
CA ALA E 602 39.55 -46.97 15.02
C ALA E 602 38.70 -45.93 15.72
N ALA E 603 38.91 -45.75 17.03
CA ALA E 603 38.09 -44.83 17.80
C ALA E 603 38.24 -43.40 17.31
N MET E 604 39.47 -42.98 16.99
CA MET E 604 39.66 -41.65 16.43
C MET E 604 39.16 -41.58 14.99
N ALA E 605 39.44 -42.61 14.18
CA ALA E 605 38.98 -42.60 12.80
C ALA E 605 37.48 -42.41 12.72
N SER E 606 36.73 -42.98 13.67
CA SER E 606 35.30 -42.73 13.76
C SER E 606 34.98 -41.35 14.31
N SER E 607 35.93 -40.70 15.00
CA SER E 607 35.68 -39.40 15.59
C SER E 607 36.20 -38.25 14.75
N LEU E 608 37.31 -38.42 14.04
CA LEU E 608 37.86 -37.35 13.22
C LEU E 608 36.87 -36.94 12.13
N SER E 609 36.70 -35.63 11.97
CA SER E 609 35.81 -35.07 10.95
C SER E 609 36.42 -33.78 10.46
N THR E 610 36.58 -33.67 9.14
CA THR E 610 37.18 -32.50 8.53
C THR E 610 36.16 -31.80 7.64
N VAL E 611 36.21 -30.47 7.63
CA VAL E 611 35.29 -29.64 6.86
C VAL E 611 36.10 -28.81 5.88
N ALA E 612 35.66 -28.77 4.62
CA ALA E 612 36.37 -28.05 3.57
C ALA E 612 36.01 -26.57 3.62
N SER E 613 37.01 -25.72 3.78
CA SER E 613 36.84 -24.28 3.81
C SER E 613 38.02 -23.66 3.08
N ASN E 614 38.24 -22.35 3.29
CA ASN E 614 39.46 -21.72 2.79
C ASN E 614 40.69 -22.47 3.28
N ASN E 615 40.64 -22.99 4.49
CA ASN E 615 41.62 -23.95 5.01
C ASN E 615 40.84 -25.14 5.55
N LEU E 616 41.41 -26.33 5.39
CA LEU E 616 40.74 -27.55 5.84
C LEU E 616 40.82 -27.65 7.35
N MET E 617 39.74 -27.28 8.04
CA MET E 617 39.65 -27.55 9.47
C MET E 617 39.49 -29.04 9.73
N ASP E 618 39.96 -29.48 10.90
CA ASP E 618 39.86 -30.86 11.34
C ASP E 618 39.39 -30.90 12.78
N PHE E 619 38.44 -31.78 13.07
CA PHE E 619 37.82 -31.82 14.38
C PHE E 619 37.70 -33.26 14.86
N CYS E 620 37.64 -33.40 16.18
CA CYS E 620 37.41 -34.70 16.84
C CYS E 620 36.22 -34.52 17.77
N SER E 621 35.03 -34.90 17.30
CA SER E 621 33.80 -34.68 18.03
C SER E 621 33.30 -35.96 18.69
N VAL E 622 32.40 -35.79 19.66
CA VAL E 622 31.72 -36.93 20.25
C VAL E 622 30.48 -37.30 19.43
N PHE E 623 29.90 -36.35 18.70
CA PHE E 623 28.80 -36.65 17.80
C PHE E 623 29.23 -37.62 16.71
N ASN E 624 30.44 -37.43 16.18
CA ASN E 624 30.99 -38.39 15.22
C ASN E 624 31.15 -39.76 15.86
N LEU E 625 31.61 -39.79 17.11
CA LEU E 625 31.73 -41.07 17.81
C LEU E 625 30.37 -41.70 18.04
N ILE E 626 29.37 -40.91 18.42
CA ILE E 626 28.03 -41.46 18.63
C ILE E 626 27.40 -41.84 17.29
N GLY E 627 27.59 -41.01 16.27
CA GLY E 627 27.08 -41.35 14.96
C GLY E 627 27.67 -42.63 14.40
N ALA E 628 28.95 -42.88 14.69
CA ALA E 628 29.57 -44.13 14.29
C ALA E 628 28.90 -45.32 14.96
N ILE E 629 28.55 -45.18 16.25
CA ILE E 629 27.83 -46.23 16.95
C ILE E 629 26.44 -46.43 16.33
N ALA E 630 25.79 -45.34 15.94
CA ALA E 630 24.49 -45.45 15.29
C ALA E 630 24.56 -46.10 13.92
N ASP E 631 25.75 -46.18 13.33
CA ASP E 631 25.91 -46.82 12.03
C ASP E 631 26.27 -48.30 12.15
N ILE E 632 27.10 -48.65 13.14
CA ILE E 632 27.48 -50.04 13.32
C ILE E 632 26.28 -50.88 13.76
N SER E 633 25.42 -50.31 14.60
CA SER E 633 24.29 -51.06 15.13
C SER E 633 23.29 -51.42 14.04
N ALA E 634 23.14 -50.57 13.03
CA ALA E 634 22.17 -50.82 11.98
C ALA E 634 22.54 -52.04 11.14
N CYS E 635 23.82 -52.21 10.83
CA CYS E 635 24.24 -53.26 9.91
C CYS E 635 24.18 -54.63 10.58
N ARG E 636 24.42 -55.65 9.77
CA ARG E 636 24.41 -57.03 10.24
C ARG E 636 25.72 -57.37 10.94
N CYS E 637 25.75 -58.52 11.58
CA CYS E 637 26.94 -58.99 12.29
C CYS E 637 28.03 -59.48 11.35
N GLU E 638 27.90 -59.33 10.03
CA GLU E 638 28.95 -59.73 9.13
C GLU E 638 30.16 -58.82 9.27
N ARG E 639 31.35 -59.39 9.09
CA ARG E 639 32.58 -58.63 9.27
C ARG E 639 32.75 -57.56 8.20
N SER E 640 32.27 -57.83 6.98
CA SER E 640 32.49 -56.89 5.87
C SER E 640 31.77 -55.57 6.12
N ALA E 641 30.55 -55.62 6.64
CA ALA E 641 29.78 -54.38 6.85
C ALA E 641 30.34 -53.54 7.98
N ILE E 642 30.91 -54.19 9.01
CA ILE E 642 31.46 -53.44 10.13
C ILE E 642 32.66 -52.61 9.68
N THR E 643 33.46 -53.15 8.75
CA THR E 643 34.65 -52.45 8.28
C THR E 643 34.28 -51.13 7.60
N ASN E 644 33.22 -51.15 6.79
CA ASN E 644 32.81 -49.94 6.08
C ASN E 644 32.36 -48.85 7.05
N ALA E 645 31.87 -49.23 8.23
CA ALA E 645 31.37 -48.24 9.18
C ALA E 645 32.47 -47.28 9.62
N PHE E 646 33.67 -47.81 9.87
CA PHE E 646 34.80 -46.95 10.19
C PHE E 646 35.25 -46.12 8.99
N ASN E 647 34.83 -46.47 7.78
CA ASN E 647 35.34 -45.89 6.56
C ASN E 647 34.22 -45.36 5.68
N LYS E 648 33.23 -44.71 6.30
CA LYS E 648 32.18 -44.03 5.55
C LYS E 648 32.47 -42.55 5.36
N VAL E 649 33.28 -41.95 6.23
CA VAL E 649 33.51 -40.50 6.23
C VAL E 649 34.97 -40.13 6.24
N ILE E 650 35.88 -41.02 6.64
CA ILE E 650 37.24 -40.64 7.03
C ILE E 650 37.98 -39.97 5.88
N ALA E 651 37.85 -40.52 4.66
CA ALA E 651 38.67 -40.03 3.56
C ALA E 651 37.89 -39.91 2.26
N GLN E 652 36.56 -39.77 2.34
CA GLN E 652 35.76 -39.65 1.12
C GLN E 652 34.63 -38.65 1.25
N THR E 653 34.74 -37.67 2.14
CA THR E 653 33.71 -36.66 2.32
C THR E 653 34.32 -35.27 2.18
N THR E 654 33.48 -34.32 1.76
CA THR E 654 33.88 -32.93 1.57
C THR E 654 32.80 -32.05 2.19
N CYS E 655 32.98 -31.72 3.48
CA CYS E 655 31.98 -30.96 4.23
C CYS E 655 32.22 -29.48 3.98
N ILE E 656 31.62 -28.96 2.91
CA ILE E 656 31.69 -27.53 2.64
C ILE E 656 30.97 -26.78 3.75
N VAL E 657 31.47 -25.58 4.07
CA VAL E 657 30.95 -24.77 5.16
C VAL E 657 29.51 -24.36 4.85
N PRO E 658 28.67 -24.17 5.87
CA PRO E 658 27.28 -23.80 5.60
C PRO E 658 27.19 -22.45 4.92
N PRO E 659 26.14 -22.23 4.12
CA PRO E 659 26.04 -20.95 3.39
C PRO E 659 25.98 -19.73 4.27
N TRP E 660 25.49 -19.85 5.51
CA TRP E 660 25.43 -18.69 6.39
C TRP E 660 26.76 -18.49 7.11
N SER E 661 27.85 -18.44 6.34
CA SER E 661 29.18 -18.19 6.87
C SER E 661 29.89 -17.19 5.97
N GLU E 662 30.69 -16.31 6.57
CA GLU E 662 31.42 -15.30 5.81
C GLU E 662 32.47 -15.92 4.91
N ALA E 663 32.96 -17.12 5.22
CA ALA E 663 33.96 -17.78 4.40
C ALA E 663 33.82 -19.30 4.49
N THR E 704 46.57 -58.56 10.31
CA THR E 704 46.50 -57.22 10.88
C THR E 704 45.88 -57.22 12.27
N GLU E 705 46.28 -56.26 13.10
CA GLU E 705 45.67 -56.11 14.42
C GLU E 705 44.35 -55.34 14.37
N PHE E 706 44.04 -54.68 13.25
CA PHE E 706 42.74 -54.07 13.09
C PHE E 706 41.64 -55.13 13.03
N SER E 707 41.97 -56.36 12.62
CA SER E 707 41.00 -57.43 12.64
C SER E 707 40.58 -57.79 14.06
N ASP E 708 41.48 -57.62 15.03
CA ASP E 708 41.10 -57.80 16.43
C ASP E 708 40.09 -56.74 16.85
N ALA E 709 40.25 -55.51 16.37
CA ALA E 709 39.27 -54.46 16.65
C ALA E 709 37.90 -54.82 16.07
N ILE E 710 37.89 -55.34 14.84
CA ILE E 710 36.63 -55.77 14.23
C ILE E 710 36.01 -56.92 15.00
N THR E 711 36.85 -57.82 15.53
CA THR E 711 36.32 -58.95 16.30
C THR E 711 35.58 -58.47 17.54
N LYS E 712 36.13 -57.48 18.25
CA LYS E 712 35.45 -56.95 19.43
C LYS E 712 34.13 -56.29 19.05
N VAL E 713 34.12 -55.53 17.96
CA VAL E 713 32.89 -54.89 17.53
C VAL E 713 31.88 -55.93 17.06
N GLU E 714 32.36 -56.98 16.37
CA GLU E 714 31.47 -58.06 15.96
C GLU E 714 30.88 -58.79 17.17
N GLN E 715 31.68 -58.98 18.22
CA GLN E 715 31.16 -59.57 19.44
C GLN E 715 30.15 -58.65 20.11
N TRP E 716 30.42 -57.33 20.12
CA TRP E 716 29.47 -56.39 20.70
C TRP E 716 28.18 -56.34 19.90
N LEU E 717 28.28 -56.36 18.57
CA LEU E 717 27.09 -56.38 17.74
C LEU E 717 26.25 -57.63 17.99
N LYS E 718 26.89 -58.73 18.39
CA LYS E 718 26.13 -59.91 18.78
C LYS E 718 25.28 -59.61 20.02
N ASN E 719 25.84 -58.88 20.97
CA ASN E 719 25.06 -58.50 22.16
C ASN E 719 23.91 -57.56 21.78
N VAL E 720 24.17 -56.61 20.88
CA VAL E 720 23.17 -55.61 20.53
C VAL E 720 21.94 -56.27 19.93
N ASN E 721 22.13 -57.21 19.00
CA ASN E 721 21.02 -57.82 18.29
C ASN E 721 20.15 -58.71 19.17
N GLU E 722 20.59 -59.03 20.39
CA GLU E 722 19.79 -59.80 21.32
C GLU E 722 19.39 -59.03 22.57
N ILE E 723 19.94 -57.84 22.77
CA ILE E 723 19.57 -56.99 23.89
C ILE E 723 18.65 -55.85 23.46
N GLU E 724 18.89 -55.29 22.27
CA GLU E 724 18.08 -54.19 21.79
C GLU E 724 16.66 -54.61 21.40
N ILE E 725 16.37 -55.91 21.36
CA ILE E 725 15.02 -56.36 21.05
C ILE E 725 14.06 -56.09 22.21
N GLY E 726 14.56 -55.78 23.39
CA GLY E 726 13.71 -55.48 24.53
C GLY E 726 13.85 -54.06 25.00
N ILE E 727 14.15 -53.15 24.08
CA ILE E 727 14.30 -51.73 24.40
C ILE E 727 12.97 -51.03 24.18
N ARG E 728 12.65 -50.08 25.07
CA ARG E 728 11.41 -49.32 24.99
C ARG E 728 11.72 -47.83 25.17
N PRO E 729 12.32 -47.20 24.17
CA PRO E 729 12.62 -45.78 24.27
C PRO E 729 11.40 -44.93 23.95
N SER E 730 11.25 -43.83 24.68
CA SER E 730 10.14 -42.90 24.51
C SER E 730 10.65 -41.60 23.90
N ALA E 731 9.70 -40.74 23.54
CA ALA E 731 10.07 -39.39 23.13
C ALA E 731 10.56 -38.57 24.31
N LEU E 732 10.09 -38.89 25.52
CA LEU E 732 10.56 -38.21 26.71
C LEU E 732 11.98 -38.63 27.06
N LEU E 733 12.27 -39.94 26.99
CA LEU E 733 13.60 -40.43 27.33
C LEU E 733 14.65 -39.88 26.36
N ILE E 734 14.38 -39.98 25.07
CA ILE E 734 15.33 -39.46 24.07
C ILE E 734 15.48 -37.96 24.23
N GLY E 735 14.38 -37.26 24.54
CA GLY E 735 14.48 -35.84 24.81
C GLY E 735 15.23 -35.54 26.09
N LYS E 736 15.01 -36.34 27.13
CA LYS E 736 15.73 -36.14 28.38
C LYS E 736 17.21 -36.49 28.23
N VAL E 737 17.50 -37.64 27.62
CA VAL E 737 18.89 -38.09 27.51
C VAL E 737 19.72 -37.08 26.74
N TRP E 738 19.13 -36.46 25.71
CA TRP E 738 19.81 -35.37 25.02
C TRP E 738 20.00 -34.17 25.92
N SER E 739 19.00 -33.86 26.76
CA SER E 739 19.06 -32.65 27.58
C SER E 739 20.25 -32.67 28.53
N ARG E 740 20.42 -33.78 29.24
CA ARG E 740 21.58 -33.91 30.12
C ARG E 740 22.89 -33.97 29.33
N PHE E 741 22.89 -34.75 28.25
CA PHE E 741 24.08 -34.86 27.41
C PHE E 741 24.46 -33.51 26.80
N TYR E 742 23.47 -32.66 26.51
CA TYR E 742 23.76 -31.33 26.01
C TYR E 742 24.28 -30.42 27.11
N PHE E 743 23.70 -30.53 28.31
CA PHE E 743 24.11 -29.66 29.41
C PHE E 743 25.54 -29.97 29.85
N ASN E 744 25.90 -31.25 29.91
CA ASN E 744 27.27 -31.62 30.24
C ASN E 744 28.25 -31.09 29.20
N LEU E 745 27.91 -31.20 27.92
CA LEU E 745 28.78 -30.71 26.88
C LEU E 745 28.95 -29.21 26.93
N ASN E 746 28.01 -28.49 27.56
CA ASN E 746 28.21 -27.07 27.81
C ASN E 746 29.19 -26.84 28.95
N ASN E 747 29.09 -27.65 30.01
CA ASN E 747 29.98 -27.49 31.15
C ASN E 747 31.43 -27.84 30.79
N VAL E 748 31.62 -29.00 30.16
CA VAL E 748 32.98 -29.41 29.82
C VAL E 748 33.58 -28.53 28.73
N ALA E 749 32.75 -27.83 27.96
CA ALA E 749 33.28 -26.93 26.94
C ALA E 749 33.99 -25.74 27.57
N ASP E 750 33.35 -25.06 28.51
CA ASP E 750 33.92 -23.87 29.11
C ASP E 750 34.82 -24.17 30.30
N GLN E 751 34.55 -25.24 31.04
CA GLN E 751 35.42 -25.61 32.16
C GLN E 751 36.75 -26.17 31.72
N HIS E 752 36.92 -26.46 30.42
CA HIS E 752 38.19 -26.91 29.87
C HIS E 752 38.75 -25.92 28.85
N LYS E 753 38.05 -24.84 28.55
CA LYS E 753 38.61 -23.79 27.70
C LYS E 753 39.77 -23.06 28.37
N THR E 754 39.91 -23.19 29.70
CA THR E 754 40.97 -22.51 30.43
C THR E 754 42.16 -23.42 30.68
N ARG E 755 41.91 -24.63 31.20
CA ARG E 755 42.98 -25.55 31.59
C ARG E 755 43.58 -26.20 30.35
N LEU E 756 44.36 -25.41 29.62
CA LEU E 756 45.11 -25.87 28.45
C LEU E 756 46.56 -25.39 28.54
N TYR E 757 47.17 -25.59 29.70
CA TYR E 757 48.45 -24.98 30.02
C TYR E 757 49.61 -25.83 29.51
N ARG E 758 50.83 -25.36 29.77
CA ARG E 758 52.02 -25.98 29.19
C ARG E 758 52.24 -27.39 29.70
N ASN E 759 52.09 -27.61 31.00
CA ASN E 759 52.31 -28.92 31.60
C ASN E 759 51.02 -29.75 31.67
N ALA E 760 50.03 -29.42 30.84
CA ALA E 760 48.78 -30.16 30.85
C ALA E 760 48.92 -31.56 30.26
N GLU E 761 49.90 -31.77 29.41
CA GLU E 761 50.16 -33.12 28.89
C GLU E 761 50.47 -34.06 30.04
N HIS E 762 49.95 -35.29 29.94
CA HIS E 762 49.97 -36.24 31.05
C HIS E 762 49.30 -35.64 32.28
N GLY E 763 48.12 -35.05 32.07
CA GLY E 763 47.40 -34.40 33.15
C GLY E 763 47.01 -35.35 34.26
N ARG E 764 47.44 -35.02 35.49
CA ARG E 764 47.14 -35.83 36.65
C ARG E 764 46.35 -35.09 37.73
N MET E 765 46.39 -33.76 37.73
CA MET E 765 45.57 -32.96 38.62
C MET E 765 44.39 -32.38 37.86
N ALA E 766 43.34 -32.03 38.61
CA ALA E 766 42.11 -31.52 38.01
C ALA E 766 42.26 -30.15 37.37
N SER E 767 43.37 -29.46 37.61
CA SER E 767 43.58 -28.12 37.06
C SER E 767 44.27 -28.14 35.71
N GLN E 768 44.68 -29.30 35.22
CA GLN E 768 45.31 -29.43 33.90
C GLN E 768 44.41 -30.28 33.02
N SER E 769 44.17 -29.81 31.80
CA SER E 769 43.33 -30.53 30.85
C SER E 769 43.92 -30.41 29.45
N ASN E 770 43.53 -31.33 28.58
CA ASN E 770 44.01 -31.38 27.22
C ASN E 770 42.98 -32.12 26.37
N ALA E 771 43.34 -32.42 25.12
CA ALA E 771 42.41 -33.09 24.22
C ALA E 771 41.93 -34.42 24.77
N ALA E 772 42.77 -35.10 25.56
CA ALA E 772 42.36 -36.34 26.19
C ALA E 772 41.44 -36.11 27.39
N LYS E 773 41.51 -34.93 28.02
CA LYS E 773 40.58 -34.60 29.10
C LYS E 773 39.23 -34.18 28.56
N ILE E 774 39.21 -33.28 27.58
CA ILE E 774 37.95 -32.79 27.04
C ILE E 774 37.16 -33.91 26.40
N MET E 775 37.84 -34.77 25.62
CA MET E 775 37.14 -35.85 24.95
C MET E 775 36.72 -36.97 25.90
N ARG E 776 37.48 -37.17 26.98
CA ARG E 776 37.08 -38.18 27.96
C ARG E 776 35.75 -37.84 28.60
N PHE E 777 35.58 -36.59 29.00
CA PHE E 777 34.33 -36.18 29.64
C PHE E 777 33.23 -35.87 28.63
N ASN E 778 33.60 -35.59 27.37
CA ASN E 778 32.59 -35.58 26.31
C ASN E 778 31.96 -36.95 26.14
N VAL E 779 32.79 -37.99 26.12
CA VAL E 779 32.28 -39.35 26.02
C VAL E 779 31.59 -39.77 27.30
N LEU E 780 32.19 -39.44 28.45
CA LEU E 780 31.60 -39.79 29.74
C LEU E 780 30.30 -39.04 29.99
N ALA E 781 30.12 -37.87 29.37
CA ALA E 781 28.84 -37.16 29.48
C ALA E 781 27.72 -37.98 28.86
N PHE E 782 27.96 -38.54 27.67
CA PHE E 782 26.94 -39.34 27.01
C PHE E 782 26.64 -40.61 27.80
N LEU E 783 27.67 -41.26 28.34
CA LEU E 783 27.47 -42.46 29.14
C LEU E 783 26.75 -42.16 30.44
N HIS E 784 26.82 -40.93 30.94
CA HIS E 784 26.10 -40.55 32.15
C HIS E 784 24.66 -40.18 31.86
N ALA E 785 24.44 -39.30 30.88
CA ALA E 785 23.08 -38.90 30.51
C ALA E 785 22.22 -40.11 30.19
N VAL E 786 22.80 -41.11 29.50
CA VAL E 786 22.09 -42.35 29.26
C VAL E 786 21.85 -43.08 30.58
N LEU E 787 22.85 -43.10 31.46
CA LEU E 787 22.75 -43.88 32.70
C LEU E 787 21.71 -43.30 33.64
N VAL E 788 21.78 -41.99 33.91
CA VAL E 788 20.97 -41.42 34.96
C VAL E 788 19.48 -41.47 34.61
N GLU E 789 19.13 -41.14 33.37
CA GLU E 789 17.75 -41.07 32.95
C GLU E 789 17.29 -42.34 32.24
N GLU E 790 18.06 -43.42 32.30
CA GLU E 790 17.54 -44.72 31.91
C GLU E 790 16.63 -45.27 32.99
N SER E 791 17.17 -45.46 34.21
CA SER E 791 16.34 -45.90 35.32
C SER E 791 15.23 -44.91 35.62
N LEU E 792 15.47 -43.62 35.37
CA LEU E 792 14.45 -42.61 35.60
C LEU E 792 13.25 -42.79 34.68
N TYR E 793 13.48 -43.14 33.41
CA TYR E 793 12.43 -43.01 32.40
C TYR E 793 12.23 -44.22 31.51
N HIS E 794 13.14 -45.21 31.51
CA HIS E 794 12.96 -46.36 30.63
C HIS E 794 11.81 -47.22 31.12
N SER E 795 10.95 -47.64 30.20
CA SER E 795 9.72 -48.33 30.58
C SER E 795 9.95 -49.79 30.97
N VAL E 796 11.13 -50.34 30.73
CA VAL E 796 11.35 -51.76 31.01
C VAL E 796 11.41 -52.02 32.51
N SER E 797 11.93 -51.07 33.29
CA SER E 797 12.08 -51.23 34.74
C SER E 797 11.16 -50.22 35.42
N ASP E 798 10.12 -50.72 36.08
CA ASP E 798 9.15 -49.84 36.74
C ASP E 798 9.79 -49.09 37.91
N ARG E 799 10.66 -49.74 38.66
CA ARG E 799 11.25 -49.12 39.83
C ARG E 799 12.36 -48.16 39.44
N GLU E 800 12.83 -47.41 40.44
CA GLU E 800 13.96 -46.50 40.28
C GLU E 800 15.14 -47.07 41.06
N TYR E 801 16.31 -47.13 40.42
CA TYR E 801 17.48 -47.75 41.00
C TYR E 801 18.56 -46.77 41.41
N ILE E 802 18.45 -45.49 41.03
CA ILE E 802 19.37 -44.50 41.57
C ILE E 802 19.00 -44.10 42.99
N GLY E 803 17.74 -44.30 43.38
CA GLY E 803 17.30 -43.87 44.69
C GLY E 803 17.07 -42.36 44.73
N GLU E 804 17.13 -41.83 45.94
CA GLU E 804 16.89 -40.41 46.18
C GLU E 804 18.21 -39.72 46.51
N GLY E 805 18.50 -38.64 45.78
CA GLY E 805 19.71 -37.89 46.01
C GLY E 805 19.87 -36.84 44.93
N LEU E 806 20.86 -35.97 45.13
CA LEU E 806 21.17 -34.95 44.13
C LEU E 806 21.85 -35.60 42.94
N ARG E 807 21.21 -35.49 41.77
CA ARG E 807 21.71 -36.13 40.55
C ARG E 807 22.68 -35.20 39.84
N LEU E 808 23.83 -34.98 40.48
CA LEU E 808 24.87 -34.18 39.88
C LEU E 808 25.57 -34.95 38.77
N ASN E 809 26.07 -34.22 37.78
CA ASN E 809 26.69 -34.82 36.62
C ASN E 809 28.20 -34.64 36.64
N PRO E 810 28.96 -35.60 36.11
CA PRO E 810 30.42 -35.56 36.23
C PRO E 810 31.05 -34.62 35.20
N VAL E 811 31.65 -33.53 35.69
CA VAL E 811 32.44 -32.63 34.88
C VAL E 811 33.79 -32.46 35.56
N THR E 812 34.87 -32.70 34.82
CA THR E 812 36.23 -32.67 35.33
C THR E 812 36.44 -33.64 36.48
N SER E 813 35.57 -34.64 36.62
CA SER E 813 35.64 -35.57 37.74
C SER E 813 34.91 -36.85 37.36
N VAL E 814 35.00 -37.84 38.24
CA VAL E 814 34.34 -39.13 38.03
C VAL E 814 33.45 -39.54 39.20
N ASP E 815 33.66 -39.00 40.40
CA ASP E 815 32.89 -39.41 41.56
C ASP E 815 31.39 -39.23 41.35
N GLU E 816 30.99 -38.19 40.62
CA GLU E 816 29.57 -37.99 40.33
C GLU E 816 29.00 -39.17 39.55
N PHE E 817 29.72 -39.61 38.51
CA PHE E 817 29.29 -40.80 37.78
C PHE E 817 29.53 -42.05 38.63
N GLU E 818 30.63 -42.08 39.38
CA GLU E 818 30.96 -43.25 40.18
C GLU E 818 29.96 -43.46 41.30
N LYS E 819 29.48 -42.38 41.92
CA LYS E 819 28.52 -42.51 43.02
C LYS E 819 27.25 -43.22 42.57
N LYS E 820 26.72 -42.85 41.41
CA LYS E 820 25.48 -43.47 40.94
C LYS E 820 25.73 -44.89 40.46
N ILE E 821 26.81 -45.11 39.71
CA ILE E 821 27.05 -46.44 39.16
C ILE E 821 27.36 -47.44 40.28
N LYS E 822 27.96 -46.96 41.38
CA LYS E 822 28.22 -47.84 42.52
C LYS E 822 26.92 -48.28 43.18
N ILE E 823 26.04 -47.33 43.50
CA ILE E 823 24.85 -47.62 44.29
C ILE E 823 23.79 -48.38 43.49
N ILE E 824 23.79 -48.27 42.16
CA ILE E 824 22.84 -49.02 41.35
C ILE E 824 23.13 -50.52 41.42
N GLY E 825 24.41 -50.89 41.48
CA GLY E 825 24.77 -52.29 41.30
C GLY E 825 24.17 -53.21 42.33
N GLU E 826 24.21 -52.81 43.60
CA GLU E 826 23.72 -53.71 44.65
C GLU E 826 22.20 -53.78 44.67
N LYS E 827 21.51 -52.74 44.20
CA LYS E 827 20.04 -52.77 44.23
C LYS E 827 19.50 -53.86 43.31
N LEU E 828 20.12 -54.04 42.13
CA LEU E 828 19.71 -55.13 41.25
C LEU E 828 19.97 -56.48 41.88
N LYS E 829 21.09 -56.62 42.60
CA LYS E 829 21.32 -57.83 43.37
C LYS E 829 20.26 -57.99 44.46
N ALA E 830 19.85 -56.88 45.07
CA ALA E 830 18.76 -56.93 46.04
C ALA E 830 17.46 -57.37 45.40
N ASP E 831 17.17 -56.87 44.19
CA ASP E 831 15.93 -57.21 43.49
C ASP E 831 16.08 -58.43 42.58
N ASN E 832 17.25 -59.06 42.57
CA ASN E 832 17.49 -60.26 41.75
C ASN E 832 17.26 -59.97 40.27
N LYS E 833 17.83 -58.87 39.80
CA LYS E 833 17.76 -58.47 38.40
C LYS E 833 19.17 -58.21 37.88
N THR E 834 19.35 -58.39 36.59
CA THR E 834 20.66 -58.23 35.95
C THR E 834 20.79 -56.83 35.35
N TRP E 835 22.01 -56.49 34.96
CA TRP E 835 22.29 -55.17 34.40
C TRP E 835 21.69 -55.00 33.02
N LYS E 836 21.53 -56.09 32.27
CA LYS E 836 21.10 -55.99 30.88
C LYS E 836 19.60 -55.97 30.70
N ASN E 837 18.83 -56.53 31.63
CA ASN E 837 17.37 -56.54 31.51
C ASN E 837 16.70 -55.41 32.29
N THR E 838 17.48 -54.52 32.90
CA THR E 838 16.94 -53.34 33.55
C THR E 838 17.46 -52.03 32.98
N HIS E 839 18.71 -51.98 32.54
CA HIS E 839 19.29 -50.82 31.87
C HIS E 839 19.94 -51.27 30.57
N PRO E 840 19.14 -51.75 29.61
CA PRO E 840 19.74 -52.23 28.35
C PRO E 840 20.49 -51.14 27.59
N LEU E 841 20.04 -49.89 27.66
CA LEU E 841 20.70 -48.84 26.91
C LEU E 841 22.11 -48.57 27.43
N PHE E 842 22.24 -48.39 28.75
CA PHE E 842 23.56 -48.10 29.31
C PHE E 842 24.48 -49.31 29.21
N PHE E 843 23.92 -50.52 29.35
CA PHE E 843 24.73 -51.72 29.23
C PHE E 843 25.32 -51.85 27.83
N LEU E 844 24.55 -51.48 26.80
CA LEU E 844 25.05 -51.57 25.44
C LEU E 844 26.09 -50.50 25.16
N LEU E 845 25.84 -49.26 25.59
CA LEU E 845 26.77 -48.18 25.29
C LEU E 845 28.03 -48.23 26.14
N ILE E 846 27.95 -48.76 27.36
CA ILE E 846 29.16 -48.91 28.17
C ILE E 846 29.99 -50.10 27.72
N SER E 847 29.40 -51.04 26.98
CA SER E 847 30.12 -52.18 26.42
C SER E 847 30.50 -51.97 24.97
N CYS E 848 30.31 -50.78 24.44
CA CYS E 848 30.64 -50.51 23.05
C CYS E 848 32.14 -50.30 22.92
N PRO E 849 32.85 -51.13 22.13
CA PRO E 849 34.31 -50.97 22.02
C PRO E 849 34.72 -49.68 21.32
N ILE E 850 33.81 -49.02 20.61
CA ILE E 850 34.17 -47.80 19.89
C ILE E 850 34.58 -46.70 20.88
N LEU E 851 33.82 -46.55 21.96
CA LEU E 851 34.08 -45.52 22.96
C LEU E 851 34.92 -46.03 24.13
N HIS E 852 35.29 -47.30 24.14
CA HIS E 852 36.15 -47.82 25.21
C HIS E 852 37.49 -47.11 25.29
N PRO E 853 38.21 -46.86 24.20
CA PRO E 853 39.49 -46.14 24.32
C PRO E 853 39.36 -44.73 24.88
N PHE E 854 38.18 -44.12 24.76
CA PHE E 854 37.97 -42.77 25.26
C PHE E 854 37.63 -42.72 26.74
N ILE E 855 37.28 -43.85 27.35
CA ILE E 855 36.95 -43.85 28.78
C ILE E 855 38.20 -43.63 29.62
N PHE E 856 39.32 -44.27 29.26
CA PHE E 856 40.58 -44.14 29.98
C PHE E 856 41.69 -43.80 29.01
N PRO E 857 41.72 -42.58 28.49
CA PRO E 857 42.88 -42.15 27.70
C PRO E 857 44.10 -41.98 28.59
N VAL E 858 45.28 -42.16 27.99
CA VAL E 858 46.51 -42.02 28.76
C VAL E 858 46.67 -40.58 29.26
N GLY E 859 46.36 -39.60 28.41
CA GLY E 859 46.42 -38.22 28.86
C GLY E 859 45.34 -37.89 29.87
N GLY E 860 44.13 -38.40 29.66
CA GLY E 860 43.03 -38.08 30.55
C GLY E 860 42.80 -39.09 31.65
N ILE E 861 43.41 -38.84 32.81
CA ILE E 861 43.26 -39.61 34.05
C ILE E 861 43.38 -38.62 35.20
N ASN E 862 42.38 -38.58 36.07
CA ASN E 862 42.46 -37.74 37.26
C ASN E 862 42.94 -38.57 38.44
N CYS E 863 44.22 -38.93 38.37
CA CYS E 863 44.87 -39.72 39.41
C CYS E 863 45.42 -38.78 40.47
N SER E 864 44.56 -38.40 41.41
CA SER E 864 44.95 -37.50 42.48
C SER E 864 45.48 -38.32 43.66
N VAL E 865 45.66 -37.68 44.81
CA VAL E 865 46.17 -38.38 45.98
C VAL E 865 45.14 -39.41 46.47
N LYS E 866 43.86 -39.05 46.46
CA LYS E 866 42.81 -39.95 46.89
C LYS E 866 41.70 -40.16 45.86
N ALA E 867 41.58 -39.29 44.87
CA ALA E 867 40.59 -39.47 43.82
C ALA E 867 40.90 -40.65 42.91
N LEU E 868 42.14 -41.15 42.91
CA LEU E 868 42.48 -42.32 42.13
C LEU E 868 41.78 -43.58 42.61
N ASN E 869 41.37 -43.61 43.89
CA ASN E 869 40.60 -44.75 44.38
C ASN E 869 39.24 -44.82 43.70
N LYS E 870 38.62 -43.66 43.46
CA LYS E 870 37.35 -43.63 42.74
C LYS E 870 37.49 -44.23 41.35
N GLU E 871 38.52 -43.83 40.61
CA GLU E 871 38.74 -44.36 39.27
C GLU E 871 39.12 -45.84 39.33
N THR E 872 39.89 -46.24 40.36
CA THR E 872 40.16 -47.66 40.55
C THR E 872 38.87 -48.43 40.76
N SER E 873 37.95 -47.88 41.56
CA SER E 873 36.61 -48.46 41.66
C SER E 873 35.85 -48.30 40.35
N PHE E 874 36.03 -47.18 39.67
CA PHE E 874 35.35 -46.96 38.39
C PHE E 874 35.72 -48.04 37.38
N ASN E 875 37.02 -48.36 37.28
CA ASN E 875 37.44 -49.42 36.37
C ASN E 875 36.87 -50.76 36.80
N LYS E 876 36.86 -51.04 38.11
CA LYS E 876 36.32 -52.31 38.59
C LYS E 876 34.83 -52.44 38.28
N LEU E 877 34.07 -51.36 38.50
CA LEU E 877 32.63 -51.41 38.22
C LEU E 877 32.37 -51.63 36.73
N ILE E 878 33.10 -50.93 35.87
CA ILE E 878 32.90 -51.10 34.42
C ILE E 878 33.28 -52.50 33.99
N ASP E 879 34.40 -53.01 34.50
CA ASP E 879 34.84 -54.36 34.11
C ASP E 879 33.83 -55.42 34.51
N GLU E 880 33.06 -55.18 35.57
CA GLU E 880 32.04 -56.13 36.00
C GLU E 880 30.72 -55.95 35.25
N ILE E 881 30.37 -54.71 34.90
CA ILE E 881 29.12 -54.48 34.17
C ILE E 881 29.18 -55.15 32.79
N VAL E 882 30.26 -54.91 32.05
CA VAL E 882 30.37 -55.47 30.71
C VAL E 882 30.77 -56.94 30.72
N GLY E 883 31.31 -57.43 31.84
CA GLY E 883 31.75 -58.80 31.93
C GLY E 883 33.15 -59.07 31.45
N ASP E 884 33.85 -58.06 30.92
CA ASP E 884 35.20 -58.22 30.40
C ASP E 884 36.09 -57.12 30.95
N LYS E 885 37.33 -57.46 31.25
CA LYS E 885 38.28 -56.48 31.76
C LYS E 885 38.72 -55.57 30.63
N LEU E 886 38.38 -54.28 30.73
CA LEU E 886 38.78 -53.32 29.71
C LEU E 886 40.29 -53.19 29.65
N LEU E 887 40.93 -53.10 30.80
CA LEU E 887 42.38 -52.93 30.88
C LEU E 887 42.98 -53.98 31.81
N SER E 888 44.12 -54.52 31.41
CA SER E 888 44.81 -55.52 32.21
C SER E 888 45.44 -54.87 33.44
N ASP E 889 45.92 -55.72 34.35
CA ASP E 889 46.51 -55.21 35.58
C ASP E 889 47.74 -54.36 35.30
N GLU E 890 48.61 -54.82 34.40
CA GLU E 890 49.76 -54.02 34.01
C GLU E 890 49.34 -52.81 33.19
N GLU E 891 48.27 -52.94 32.40
CA GLU E 891 47.79 -51.84 31.59
C GLU E 891 47.28 -50.69 32.45
N TRP E 892 46.58 -51.02 33.54
CA TRP E 892 46.05 -49.98 34.42
C TRP E 892 47.17 -49.24 35.15
N ASP E 893 48.21 -49.96 35.56
CA ASP E 893 49.27 -49.34 36.37
C ASP E 893 50.02 -48.27 35.60
N TYR E 894 50.13 -48.40 34.28
CA TYR E 894 50.82 -47.38 33.50
C TYR E 894 50.07 -46.06 33.52
N LEU E 895 48.74 -46.09 33.54
CA LEU E 895 47.97 -44.86 33.54
C LEU E 895 48.08 -44.12 34.87
N THR E 896 48.06 -44.86 35.98
CA THR E 896 48.08 -44.24 37.30
C THR E 896 49.49 -43.87 37.73
N LYS E 897 50.39 -44.85 37.79
CA LYS E 897 51.73 -44.60 38.27
C LYS E 897 52.50 -43.70 37.31
N ASN E 898 53.26 -42.76 37.87
CA ASN E 898 54.06 -41.84 37.08
C ASN E 898 55.39 -42.47 36.70
N GLN E 907 59.00 -49.27 26.45
CA GLN E 907 57.85 -48.54 26.95
C GLN E 907 56.60 -49.43 26.96
N GLN E 908 55.46 -48.85 26.60
CA GLN E 908 54.19 -49.58 26.57
C GLN E 908 53.44 -49.23 25.29
N ILE E 909 52.81 -50.23 24.70
CA ILE E 909 51.97 -50.06 23.52
C ILE E 909 50.53 -50.34 23.92
N PHE E 910 49.61 -49.50 23.42
CA PHE E 910 48.21 -49.53 23.84
C PHE E 910 47.35 -49.86 22.63
N GLN E 911 46.78 -51.06 22.62
CA GLN E 911 45.86 -51.49 21.58
C GLN E 911 44.40 -51.28 21.94
N ASN E 912 44.13 -50.70 23.12
CA ASN E 912 42.76 -50.50 23.56
C ASN E 912 42.50 -49.10 24.12
N THR E 913 43.53 -48.27 24.27
CA THR E 913 43.37 -46.91 24.77
C THR E 913 44.13 -45.94 23.88
N ILE E 914 43.67 -44.69 23.88
CA ILE E 914 44.31 -43.66 23.08
C ILE E 914 45.68 -43.32 23.66
N THR E 915 46.60 -42.92 22.77
CA THR E 915 47.96 -42.60 23.17
C THR E 915 48.36 -41.17 22.87
N SER E 916 48.11 -40.70 21.65
CA SER E 916 48.64 -39.42 21.18
C SER E 916 47.64 -38.28 21.28
N LEU E 917 46.47 -38.49 21.89
CA LEU E 917 45.49 -37.41 21.98
C LEU E 917 45.97 -36.30 22.90
N ASN E 918 46.65 -36.64 24.00
CA ASN E 918 47.14 -35.64 24.92
C ASN E 918 48.16 -34.71 24.26
N SER E 919 49.05 -35.28 23.44
CA SER E 919 50.07 -34.50 22.76
C SER E 919 49.50 -33.63 21.65
N SER E 920 48.23 -33.80 21.30
CA SER E 920 47.64 -33.05 20.20
C SER E 920 47.56 -31.58 20.54
N THR E 921 47.77 -30.74 19.52
CA THR E 921 47.71 -29.29 19.66
C THR E 921 46.33 -28.79 19.26
N ILE E 922 45.67 -28.10 20.18
CA ILE E 922 44.33 -27.56 19.94
C ILE E 922 44.46 -26.20 19.29
N VAL E 923 43.76 -26.01 18.17
CA VAL E 923 43.80 -24.73 17.47
C VAL E 923 43.28 -23.62 18.37
N GLY E 924 43.93 -22.46 18.32
CA GLY E 924 43.49 -21.32 19.10
C GLY E 924 43.87 -21.36 20.57
N ALA E 925 44.74 -22.28 20.97
CA ALA E 925 45.17 -22.37 22.36
C ALA E 925 46.56 -21.73 22.49
N SER E 926 46.73 -20.90 23.51
CA SER E 926 48.00 -20.24 23.79
C SER E 926 48.75 -21.07 24.81
N TYR E 927 49.82 -21.73 24.37
CA TYR E 927 50.60 -22.59 25.24
C TYR E 927 51.82 -21.84 25.77
N ASP E 928 51.53 -20.81 26.55
CA ASP E 928 52.58 -20.01 27.18
C ASP E 928 52.40 -19.91 28.69
N LYS E 929 51.16 -19.82 29.17
CA LYS E 929 50.91 -19.79 30.60
C LYS E 929 50.81 -21.21 31.13
N ASP E 930 51.43 -21.46 32.29
CA ASP E 930 51.51 -22.79 32.88
C ASP E 930 50.61 -22.86 34.10
N THR E 931 50.33 -24.10 34.52
CA THR E 931 49.50 -24.33 35.69
C THR E 931 50.19 -23.77 36.93
N PRO E 932 49.51 -22.92 37.73
CA PRO E 932 50.09 -22.33 38.93
C PRO E 932 49.98 -23.25 40.15
N LYS F 13 -41.82 0.67 47.85
CA LYS F 13 -40.47 0.14 47.86
C LYS F 13 -40.34 -1.02 46.87
N ILE F 14 -39.28 -1.01 46.08
CA ILE F 14 -39.07 -2.01 45.04
C ILE F 14 -38.52 -3.28 45.67
N ILE F 15 -39.18 -4.40 45.41
CA ILE F 15 -38.77 -5.70 45.93
C ILE F 15 -38.58 -6.63 44.74
N ILE F 16 -37.34 -7.08 44.52
CA ILE F 16 -36.99 -7.94 43.40
C ILE F 16 -36.85 -9.36 43.89
N ASN F 17 -37.62 -10.27 43.30
CA ASN F 17 -37.55 -11.70 43.61
C ASN F 17 -36.63 -12.37 42.60
N LEU F 18 -35.45 -12.80 43.07
CA LEU F 18 -34.49 -13.43 42.17
C LEU F 18 -34.96 -14.78 41.64
N PHE F 19 -35.91 -15.42 42.31
CA PHE F 19 -36.43 -16.70 41.87
C PHE F 19 -37.68 -16.55 41.01
N ALA F 20 -38.11 -15.32 40.74
CA ALA F 20 -39.14 -15.05 39.76
C ALA F 20 -38.56 -15.10 38.36
N PRO F 21 -39.41 -15.31 37.34
CA PRO F 21 -38.88 -15.36 35.97
C PRO F 21 -38.10 -14.12 35.57
N ASN F 22 -38.51 -12.94 36.04
CA ASN F 22 -37.87 -11.67 35.70
C ASN F 22 -37.82 -11.48 34.19
N LEU F 23 -39.00 -11.39 33.60
CA LEU F 23 -39.19 -11.31 32.15
C LEU F 23 -40.09 -10.12 31.84
N PRO F 24 -40.08 -9.64 30.59
CA PRO F 24 -40.95 -8.51 30.24
C PRO F 24 -42.42 -8.70 30.60
N GLY F 25 -42.94 -9.91 30.44
CA GLY F 25 -44.32 -10.18 30.77
C GLY F 25 -44.52 -10.55 32.23
N SER F 26 -43.59 -11.35 32.77
CA SER F 26 -43.70 -11.78 34.16
C SER F 26 -43.50 -10.63 35.14
N THR F 27 -42.91 -9.53 34.70
CA THR F 27 -42.70 -8.38 35.57
C THR F 27 -44.01 -7.63 35.79
N LYS F 28 -44.33 -7.35 37.05
CA LYS F 28 -45.56 -6.66 37.40
C LYS F 28 -45.25 -5.44 38.28
N GLU F 29 -46.27 -4.86 38.88
CA GLU F 29 -46.04 -3.82 39.87
C GLU F 29 -45.42 -4.43 41.14
N ASP F 30 -44.98 -3.55 42.04
CA ASP F 30 -44.28 -3.85 43.28
C ASP F 30 -42.86 -4.37 43.04
N ASP F 31 -42.45 -4.55 41.79
CA ASP F 31 -41.05 -4.87 41.49
C ASP F 31 -40.55 -4.08 40.28
N LEU F 32 -41.22 -2.99 39.92
CA LEU F 32 -40.82 -2.16 38.79
C LEU F 32 -39.63 -1.31 39.19
N ILE F 33 -38.48 -1.55 38.55
CA ILE F 33 -37.26 -0.83 38.90
C ILE F 33 -37.40 0.66 38.57
N GLN F 34 -37.93 0.96 37.39
CA GLN F 34 -38.10 2.34 36.95
C GLN F 34 -39.50 2.85 37.27
N LYS F 35 -39.83 2.83 38.56
CA LYS F 35 -41.14 3.28 39.00
C LYS F 35 -41.31 4.79 38.86
N SER F 36 -40.24 5.56 39.08
CA SER F 36 -40.35 7.02 39.07
C SER F 36 -40.48 7.57 37.66
N LEU F 37 -39.76 7.00 36.70
CA LEU F 37 -39.81 7.51 35.32
C LEU F 37 -41.17 7.27 34.70
N ARG F 38 -41.81 6.14 35.00
CA ARG F 38 -43.13 5.86 34.45
C ARG F 38 -44.16 6.88 34.93
N ASP F 39 -44.05 7.28 36.19
CA ASP F 39 -44.96 8.31 36.72
C ASP F 39 -44.76 9.63 36.00
N GLN F 40 -43.51 10.00 35.73
CA GLN F 40 -43.23 11.26 35.06
C GLN F 40 -43.66 11.24 33.60
N LEU F 41 -43.41 10.12 32.90
CA LEU F 41 -43.72 10.06 31.48
C LEU F 41 -45.22 10.03 31.23
N VAL F 42 -45.97 9.29 32.04
CA VAL F 42 -47.41 9.16 31.82
C VAL F 42 -48.09 10.52 31.95
N GLU F 43 -47.71 11.29 32.97
CA GLU F 43 -48.29 12.63 33.12
C GLU F 43 -47.93 13.52 31.94
N SER F 44 -46.68 13.45 31.48
CA SER F 44 -46.28 14.26 30.33
C SER F 44 -47.06 13.86 29.08
N ILE F 45 -47.34 12.58 28.92
CA ILE F 45 -48.15 12.12 27.79
C ILE F 45 -49.54 12.72 27.85
N ARG F 46 -50.14 12.76 29.05
CA ARG F 46 -51.50 13.28 29.19
C ARG F 46 -51.52 14.80 29.02
N ASN F 47 -50.50 15.50 29.54
CA ASN F 47 -50.49 16.95 29.46
C ASN F 47 -50.25 17.43 28.03
N SER F 48 -49.54 16.66 27.22
CA SER F 48 -49.17 17.10 25.87
C SER F 48 -50.34 17.15 24.92
N ILE F 49 -51.49 16.57 25.28
CA ILE F 49 -52.66 16.58 24.40
C ILE F 49 -53.78 17.48 24.91
N ALA F 50 -53.78 17.83 26.19
CA ALA F 50 -54.85 18.66 26.74
C ALA F 50 -54.77 20.11 26.26
N TYR F 51 -53.69 20.49 25.58
CA TYR F 51 -53.52 21.86 25.09
C TYR F 51 -54.66 22.27 24.17
N GLY F 68 -48.51 19.57 14.69
CA GLY F 68 -47.17 19.24 15.15
C GLY F 68 -47.03 17.81 15.63
N ARG F 69 -45.89 17.19 15.33
CA ARG F 69 -45.66 15.81 15.73
C ARG F 69 -45.45 15.73 17.23
N ASN F 70 -46.16 14.82 17.88
CA ASN F 70 -46.06 14.59 19.33
C ASN F 70 -45.39 13.24 19.52
N VAL F 71 -44.07 13.23 19.56
CA VAL F 71 -43.27 12.01 19.66
C VAL F 71 -42.46 12.06 20.94
N PHE F 72 -42.56 11.01 21.74
CA PHE F 72 -41.77 10.83 22.94
C PHE F 72 -40.74 9.73 22.71
N PHE F 73 -39.56 9.92 23.29
CA PHE F 73 -38.49 8.93 23.19
C PHE F 73 -38.00 8.59 24.59
N VAL F 74 -37.77 7.30 24.81
CA VAL F 74 -37.27 6.80 26.10
C VAL F 74 -35.91 6.18 25.82
N ASP F 75 -34.84 6.94 26.06
CA ASP F 75 -33.50 6.45 25.80
C ASP F 75 -33.11 5.38 26.81
N GLY F 76 -32.18 4.52 26.39
CA GLY F 76 -31.68 3.47 27.25
C GLY F 76 -30.57 2.67 26.59
N THR F 77 -29.63 2.18 27.39
CA THR F 77 -28.55 1.35 26.88
C THR F 77 -29.08 -0.07 26.71
N ARG F 78 -28.19 -1.03 26.45
CA ARG F 78 -28.62 -2.43 26.40
C ARG F 78 -29.16 -2.86 27.76
N GLY F 79 -30.16 -3.72 27.73
CA GLY F 79 -30.68 -4.29 28.96
C GLY F 79 -31.22 -3.29 29.95
N ALA F 80 -31.49 -2.06 29.51
CA ALA F 80 -31.94 -1.02 30.43
C ALA F 80 -33.33 -1.29 30.98
N GLY F 81 -34.10 -2.15 30.33
CA GLY F 81 -35.46 -2.44 30.78
C GLY F 81 -36.49 -1.66 30.00
N LYS F 82 -36.24 -1.45 28.70
CA LYS F 82 -37.16 -0.66 27.89
C LYS F 82 -38.49 -1.38 27.69
N THR F 83 -38.44 -2.67 27.32
CA THR F 83 -39.68 -3.40 27.08
C THR F 83 -40.52 -3.50 28.34
N THR F 84 -39.88 -3.75 29.49
CA THR F 84 -40.59 -3.74 30.76
C THR F 84 -41.17 -2.36 31.05
N PHE F 85 -40.43 -1.30 30.70
CA PHE F 85 -40.91 0.05 30.98
C PHE F 85 -42.11 0.42 30.13
N ILE F 86 -42.12 0.01 28.87
CA ILE F 86 -43.22 0.33 27.97
C ILE F 86 -44.53 -0.30 28.45
N ASN F 87 -44.49 -1.58 28.80
CA ASN F 87 -45.72 -2.24 29.23
C ASN F 87 -46.28 -1.58 30.48
N SER F 88 -45.41 -1.07 31.36
CA SER F 88 -45.87 -0.33 32.52
C SER F 88 -46.55 0.97 32.11
N VAL F 89 -46.00 1.66 31.11
CA VAL F 89 -46.58 2.93 30.67
C VAL F 89 -47.96 2.71 30.07
N VAL F 90 -48.08 1.68 29.22
CA VAL F 90 -49.37 1.40 28.59
C VAL F 90 -50.37 0.91 29.64
N LYS F 91 -49.91 0.11 30.61
CA LYS F 91 -50.80 -0.36 31.66
C LYS F 91 -51.32 0.79 32.51
N SER F 92 -50.46 1.76 32.83
CA SER F 92 -50.89 2.91 33.62
C SER F 92 -51.91 3.74 32.87
N LEU F 93 -51.71 3.94 31.56
CA LEU F 93 -52.66 4.71 30.77
C LEU F 93 -53.96 3.96 30.54
N ASN F 94 -53.99 2.65 30.81
CA ASN F 94 -55.20 1.86 30.68
C ASN F 94 -55.87 1.57 32.02
N SER F 95 -55.30 2.02 33.13
CA SER F 95 -55.86 1.72 34.44
C SER F 95 -57.12 2.52 34.70
N ASP F 96 -57.00 3.85 34.73
CA ASP F 96 -58.12 4.74 35.02
C ASP F 96 -58.45 5.51 33.74
N GLN F 97 -59.31 4.92 32.92
CA GLN F 97 -59.74 5.52 31.65
C GLN F 97 -61.16 6.06 31.71
N ASP F 98 -61.75 6.12 32.90
CA ASP F 98 -63.10 6.66 33.07
C ASP F 98 -63.17 7.88 33.99
N ASP F 99 -62.20 8.03 34.89
CA ASP F 99 -62.20 9.14 35.84
C ASP F 99 -61.43 10.35 35.34
N VAL F 100 -60.96 10.34 34.09
CA VAL F 100 -60.17 11.42 33.53
C VAL F 100 -60.96 12.03 32.38
N LYS F 101 -61.00 13.36 32.34
CA LYS F 101 -61.76 14.06 31.30
C LYS F 101 -61.19 13.78 29.92
N VAL F 102 -59.86 13.72 29.80
CA VAL F 102 -59.19 13.43 28.54
C VAL F 102 -58.76 11.97 28.54
N ASN F 103 -59.16 11.23 27.51
CA ASN F 103 -58.92 9.79 27.45
C ASN F 103 -57.96 9.46 26.31
N ILE F 104 -57.12 8.46 26.54
CA ILE F 104 -56.16 7.98 25.56
C ILE F 104 -56.39 6.48 25.37
N LYS F 105 -56.61 6.08 24.12
CA LYS F 105 -56.74 4.67 23.77
C LYS F 105 -55.41 4.20 23.21
N CYS F 106 -54.69 3.39 23.98
CA CYS F 106 -53.34 2.97 23.62
C CYS F 106 -53.40 1.73 22.75
N LEU F 107 -52.79 1.80 21.57
CA LEU F 107 -52.63 0.63 20.73
C LEU F 107 -51.70 -0.37 21.40
N PRO F 108 -51.86 -1.66 21.10
CA PRO F 108 -50.90 -2.65 21.60
C PRO F 108 -49.50 -2.33 21.12
N THR F 109 -48.52 -2.60 21.98
CA THR F 109 -47.14 -2.25 21.66
C THR F 109 -46.68 -2.98 20.40
N ILE F 110 -45.91 -2.28 19.58
CA ILE F 110 -45.42 -2.81 18.31
C ILE F 110 -43.92 -3.03 18.47
N ASP F 111 -43.48 -4.27 18.27
CA ASP F 111 -42.06 -4.58 18.27
C ASP F 111 -41.62 -4.68 16.82
N PRO F 112 -40.84 -3.74 16.31
CA PRO F 112 -40.51 -3.74 14.87
C PRO F 112 -39.76 -4.99 14.42
N THR F 113 -38.96 -5.58 15.30
CA THR F 113 -38.13 -6.71 14.90
C THR F 113 -38.94 -7.99 14.72
N LYS F 114 -40.08 -8.10 15.40
CA LYS F 114 -40.91 -9.30 15.31
C LYS F 114 -41.96 -9.23 14.21
N LEU F 115 -42.11 -8.09 13.55
CA LEU F 115 -43.03 -7.96 12.44
C LEU F 115 -42.45 -8.65 11.20
N PRO F 116 -43.31 -8.97 10.22
CA PRO F 116 -42.81 -9.48 8.94
C PRO F 116 -41.72 -8.59 8.34
N ARG F 117 -40.87 -9.16 7.50
CA ARG F 117 -39.70 -8.44 7.01
C ARG F 117 -40.09 -7.22 6.20
N HIS F 118 -41.09 -7.35 5.32
CA HIS F 118 -41.45 -6.29 4.39
C HIS F 118 -42.80 -5.68 4.68
N GLU F 119 -43.42 -5.99 5.82
CA GLU F 119 -44.70 -5.39 6.16
C GLU F 119 -44.48 -3.96 6.64
N PRO F 120 -45.09 -2.95 6.01
CA PRO F 120 -44.85 -1.57 6.44
C PRO F 120 -45.44 -1.31 7.82
N ILE F 121 -44.85 -0.33 8.51
CA ILE F 121 -45.35 0.04 9.84
C ILE F 121 -46.75 0.59 9.75
N LEU F 122 -47.04 1.37 8.69
CA LEU F 122 -48.38 1.92 8.51
C LEU F 122 -49.42 0.82 8.38
N VAL F 123 -49.04 -0.34 7.84
CA VAL F 123 -49.97 -1.46 7.74
C VAL F 123 -50.24 -2.04 9.13
N THR F 124 -49.20 -2.22 9.93
CA THR F 124 -49.38 -2.77 11.27
C THR F 124 -50.20 -1.84 12.15
N VAL F 125 -49.92 -0.53 12.09
CA VAL F 125 -50.67 0.42 12.89
C VAL F 125 -52.14 0.43 12.50
N THR F 126 -52.41 0.46 11.19
CA THR F 126 -53.79 0.45 10.72
C THR F 126 -54.49 -0.86 11.08
N ALA F 127 -53.80 -1.99 10.92
CA ALA F 127 -54.39 -3.27 11.26
C ALA F 127 -54.70 -3.37 12.75
N ARG F 128 -53.81 -2.86 13.59
CA ARG F 128 -54.05 -2.85 15.03
C ARG F 128 -55.07 -1.80 15.43
N LEU F 129 -55.14 -0.69 14.68
CA LEU F 129 -56.17 0.31 14.93
C LEU F 129 -57.53 -0.16 14.46
N ASN F 130 -57.57 -0.97 13.39
CA ASN F 130 -58.84 -1.51 12.92
C ASN F 130 -59.45 -2.45 13.94
N LYS F 131 -58.62 -3.25 14.61
CA LYS F 131 -59.13 -4.19 15.61
C LYS F 131 -59.79 -3.44 16.76
N MET F 132 -59.15 -2.36 17.24
CA MET F 132 -59.74 -1.60 18.33
C MET F 132 -61.05 -0.95 17.91
N VAL F 133 -61.09 -0.39 16.70
CA VAL F 133 -62.31 0.26 16.22
C VAL F 133 -63.43 -0.76 16.05
N SER F 134 -63.11 -1.90 15.42
CA SER F 134 -64.13 -2.92 15.22
C SER F 134 -64.59 -3.53 16.54
N ASP F 135 -63.72 -3.54 17.55
CA ASP F 135 -64.13 -4.02 18.86
C ASP F 135 -65.16 -3.09 19.48
N LYS F 136 -64.97 -1.77 19.34
CA LYS F 136 -65.94 -0.82 19.87
C LYS F 136 -67.22 -0.81 19.04
N LEU F 137 -67.11 -1.05 17.73
CA LEU F 137 -68.30 -1.07 16.88
C LEU F 137 -69.24 -2.20 17.29
N LYS F 138 -68.68 -3.34 17.65
CA LYS F 138 -69.49 -4.52 17.97
C LYS F 138 -70.15 -4.43 19.35
N GLY F 139 -70.20 -3.24 19.95
CA GLY F 139 -70.85 -3.07 21.23
C GLY F 139 -71.86 -1.94 21.27
N TYR F 140 -72.07 -1.29 20.12
CA TYR F 140 -73.03 -0.19 20.05
C TYR F 140 -74.46 -0.69 20.21
N TRP F 141 -75.28 0.15 20.84
CA TRP F 141 -76.69 -0.15 21.06
C TRP F 141 -77.57 0.32 19.91
N ALA F 142 -77.16 1.36 19.19
CA ALA F 142 -77.96 1.95 18.12
C ALA F 142 -77.44 1.47 16.78
N SER F 143 -78.34 0.87 15.99
CA SER F 143 -77.95 0.36 14.67
C SER F 143 -77.57 1.50 13.73
N ASN F 144 -78.33 2.60 13.75
CA ASN F 144 -78.00 3.74 12.90
C ASN F 144 -76.65 4.34 13.27
N ASP F 145 -76.38 4.48 14.57
CA ASP F 145 -75.07 4.95 15.00
C ASP F 145 -74.00 3.94 14.60
N TYR F 146 -74.31 2.65 14.67
CA TYR F 146 -73.41 1.62 14.14
C TYR F 146 -73.20 1.80 12.65
N ARG F 147 -74.30 1.88 11.88
CA ARG F 147 -74.19 1.88 10.43
C ARG F 147 -73.51 3.14 9.91
N LYS F 148 -73.74 4.27 10.57
CA LYS F 148 -73.17 5.53 10.11
C LYS F 148 -71.64 5.49 10.17
N GLN F 149 -71.08 4.91 11.23
CA GLN F 149 -69.63 4.85 11.38
C GLN F 149 -69.03 3.58 10.79
N LYS F 150 -69.75 2.46 10.83
CA LYS F 150 -69.22 1.22 10.25
C LYS F 150 -68.95 1.39 8.76
N GLU F 151 -69.89 2.00 8.03
CA GLU F 151 -69.67 2.26 6.62
C GLU F 151 -68.61 3.33 6.41
N GLN F 152 -68.57 4.33 7.29
CA GLN F 152 -67.53 5.36 7.20
C GLN F 152 -66.15 4.77 7.45
N TRP F 153 -66.04 3.87 8.43
CA TRP F 153 -64.75 3.26 8.73
C TRP F 153 -64.26 2.42 7.57
N GLN F 154 -65.14 1.64 6.96
CA GLN F 154 -64.75 0.84 5.80
C GLN F 154 -64.39 1.72 4.62
N ASN F 155 -65.02 2.89 4.48
CA ASN F 155 -64.66 3.82 3.42
C ASN F 155 -63.22 4.30 3.59
N HIS F 156 -62.83 4.66 4.81
CA HIS F 156 -61.46 5.08 5.06
C HIS F 156 -60.48 3.93 4.86
N LEU F 157 -60.86 2.74 5.31
CA LEU F 157 -59.98 1.58 5.17
C LEU F 157 -59.75 1.23 3.70
N ALA F 158 -60.79 1.38 2.88
CA ALA F 158 -60.67 1.06 1.46
C ALA F 158 -59.69 1.99 0.76
N GLN F 159 -59.68 3.27 1.14
CA GLN F 159 -58.81 4.23 0.47
C GLN F 159 -57.34 3.94 0.74
N LEU F 160 -57.01 3.47 1.94
CA LEU F 160 -55.63 3.05 2.21
C LEU F 160 -55.23 1.89 1.31
N GLN F 161 -56.12 0.93 1.11
CA GLN F 161 -55.80 -0.20 0.23
C GLN F 161 -55.51 0.27 -1.19
N ARG F 162 -56.28 1.23 -1.69
CA ARG F 162 -56.01 1.78 -3.01
C ARG F 162 -54.67 2.50 -3.04
N GLY F 163 -54.37 3.28 -2.01
CA GLY F 163 -53.15 4.04 -1.94
C GLY F 163 -51.98 3.38 -1.26
N LEU F 164 -52.11 2.11 -0.86
CA LEU F 164 -51.01 1.42 -0.19
C LEU F 164 -49.87 1.07 -1.13
N HIS F 165 -50.15 0.95 -2.43
CA HIS F 165 -49.11 0.56 -3.38
C HIS F 165 -47.97 1.55 -3.43
N LEU F 166 -48.18 2.81 -3.01
CA LEU F 166 -47.12 3.81 -3.05
C LEU F 166 -46.01 3.48 -2.07
N LEU F 167 -46.33 2.80 -0.97
CA LEU F 167 -45.31 2.46 0.02
C LEU F 167 -44.33 1.42 -0.52
N THR F 168 -44.85 0.38 -1.16
CA THR F 168 -44.05 -0.75 -1.62
C THR F 168 -43.65 -0.65 -3.08
N ASP F 169 -44.03 0.41 -3.77
CA ASP F 169 -43.75 0.52 -5.20
C ASP F 169 -42.27 0.70 -5.45
N LYS F 170 -41.78 0.06 -6.51
CA LYS F 170 -40.41 0.23 -6.98
C LYS F 170 -40.35 0.97 -8.31
N GLU F 171 -41.48 1.35 -8.88
CA GLU F 171 -41.52 2.02 -10.18
C GLU F 171 -42.90 2.63 -10.36
N TYR F 172 -42.95 3.92 -10.74
CA TYR F 172 -44.25 4.60 -10.94
C TYR F 172 -44.89 4.08 -12.24
N LYS F 173 -46.23 4.08 -12.30
CA LYS F 173 -46.95 3.60 -13.51
C LYS F 173 -47.96 4.67 -13.97
N PRO F 174 -47.99 5.04 -15.26
CA PRO F 174 -48.93 6.05 -15.76
C PRO F 174 -50.38 5.77 -15.35
N GLU F 175 -50.72 4.49 -15.12
CA GLU F 175 -52.08 4.14 -14.72
C GLU F 175 -52.42 4.65 -13.32
N TYR F 176 -51.43 4.80 -12.45
CA TYR F 176 -51.68 5.36 -11.12
C TYR F 176 -52.08 6.83 -11.16
N PHE F 177 -51.89 7.51 -12.29
CA PHE F 177 -52.29 8.90 -12.40
C PHE F 177 -53.81 9.05 -12.33
N SER F 178 -54.54 8.08 -12.90
CA SER F 178 -55.99 8.13 -12.84
C SER F 178 -56.48 8.02 -11.39
N ASP F 179 -55.73 7.30 -10.54
CA ASP F 179 -56.08 7.24 -9.12
C ASP F 179 -55.70 8.53 -8.39
N ALA F 180 -54.58 9.15 -8.77
CA ALA F 180 -54.21 10.43 -8.18
C ALA F 180 -55.23 11.51 -8.53
N LEU F 181 -55.71 11.51 -9.78
CA LEU F 181 -56.73 12.46 -10.20
C LEU F 181 -58.13 12.04 -9.78
N LYS F 182 -58.30 10.80 -9.33
CA LYS F 182 -59.59 10.32 -8.85
C LYS F 182 -60.02 11.11 -7.61
N LEU F 183 -61.23 11.66 -7.65
CA LEU F 183 -61.74 12.52 -6.59
C LEU F 183 -63.14 12.10 -6.17
N ASP F 184 -63.35 10.81 -5.92
CA ASP F 184 -64.63 10.34 -5.40
C ASP F 184 -64.62 10.30 -3.87
N ALA F 185 -64.22 11.42 -3.27
CA ALA F 185 -64.01 11.52 -1.83
C ALA F 185 -65.06 12.45 -1.25
N GLN F 186 -66.16 11.86 -0.75
CA GLN F 186 -67.17 12.66 -0.08
C GLN F 186 -66.68 13.26 1.23
N LEU F 187 -65.59 12.72 1.78
CA LEU F 187 -64.97 13.28 2.97
C LEU F 187 -64.11 14.49 2.59
N ASP F 188 -63.42 15.05 3.58
CA ASP F 188 -62.65 16.27 3.42
C ASP F 188 -61.18 15.91 3.16
N TYR F 189 -60.73 16.11 1.92
CA TYR F 189 -59.33 15.98 1.55
C TYR F 189 -58.86 17.34 1.04
N SER F 190 -58.22 18.10 1.91
CA SER F 190 -57.78 19.45 1.55
C SER F 190 -56.75 19.41 0.43
N ILE F 191 -55.79 18.48 0.52
CA ILE F 191 -54.75 18.34 -0.50
C ILE F 191 -55.22 17.30 -1.51
N GLY F 192 -55.27 17.69 -2.78
CA GLY F 192 -55.83 16.85 -3.81
C GLY F 192 -54.87 15.87 -4.46
N GLY F 193 -54.52 14.82 -3.73
CA GLY F 193 -53.68 13.78 -4.30
C GLY F 193 -53.87 12.49 -3.52
N GLN F 194 -53.19 11.44 -3.98
CA GLN F 194 -53.19 10.17 -3.27
C GLN F 194 -52.16 10.24 -2.13
N ASP F 195 -52.45 11.13 -1.18
CA ASP F 195 -51.55 11.41 -0.07
C ASP F 195 -51.86 10.45 1.07
N LEU F 196 -50.94 9.52 1.34
CA LEU F 196 -51.15 8.55 2.40
C LEU F 196 -51.15 9.22 3.77
N SER F 197 -50.35 10.29 3.94
CA SER F 197 -50.35 11.01 5.21
C SER F 197 -51.70 11.63 5.49
N GLU F 198 -52.38 12.16 4.47
CA GLU F 198 -53.69 12.74 4.67
C GLU F 198 -54.75 11.68 4.90
N ILE F 199 -54.69 10.57 4.16
CA ILE F 199 -55.68 9.52 4.31
C ILE F 199 -55.62 8.91 5.71
N PHE F 200 -54.39 8.65 6.20
CA PHE F 200 -54.24 8.12 7.55
C PHE F 200 -54.67 9.14 8.59
N GLU F 201 -54.44 10.42 8.33
CA GLU F 201 -54.84 11.46 9.29
C GLU F 201 -56.34 11.48 9.50
N GLU F 202 -57.11 11.34 8.42
CA GLU F 202 -58.56 11.24 8.55
C GLU F 202 -58.97 9.90 9.14
N LEU F 203 -58.20 8.84 8.89
CA LEU F 203 -58.48 7.55 9.50
C LEU F 203 -58.37 7.64 11.02
N VAL F 204 -57.32 8.29 11.51
CA VAL F 204 -57.16 8.45 12.95
C VAL F 204 -58.26 9.33 13.53
N LYS F 205 -58.60 10.41 12.81
CA LYS F 205 -59.67 11.30 13.27
C LYS F 205 -61.00 10.56 13.38
N ARG F 206 -61.31 9.72 12.38
CA ARG F 206 -62.51 8.89 12.47
C ARG F 206 -62.38 7.86 13.58
N ALA F 207 -61.19 7.28 13.76
CA ALA F 207 -61.00 6.28 14.79
C ALA F 207 -61.19 6.85 16.18
N CYS F 208 -60.71 8.09 16.40
CA CYS F 208 -60.89 8.72 17.69
C CYS F 208 -62.36 8.95 18.00
N GLU F 209 -63.14 9.38 16.99
CA GLU F 209 -64.57 9.57 17.19
C GLU F 209 -65.27 8.27 17.52
N ILE F 210 -64.94 7.19 16.81
CA ILE F 210 -65.58 5.90 17.05
C ILE F 210 -65.24 5.39 18.45
N LEU F 211 -63.96 5.47 18.83
CA LEU F 211 -63.54 5.03 20.15
C LEU F 211 -63.84 6.04 21.24
N ASP F 212 -64.25 7.26 20.89
CA ASP F 212 -64.58 8.32 21.83
C ASP F 212 -63.41 8.60 22.77
N CYS F 213 -62.30 9.04 22.17
CA CYS F 213 -61.10 9.38 22.91
C CYS F 213 -60.49 10.64 22.33
N LYS F 214 -59.59 11.25 23.10
CA LYS F 214 -58.93 12.48 22.67
C LYS F 214 -57.67 12.23 21.85
N ALA F 215 -57.01 11.10 22.06
CA ALA F 215 -55.80 10.78 21.32
C ALA F 215 -55.60 9.27 21.31
N ILE F 216 -54.75 8.81 20.40
CA ILE F 216 -54.39 7.41 20.27
C ILE F 216 -52.88 7.30 20.42
N LEU F 217 -52.43 6.43 21.32
CA LEU F 217 -51.01 6.26 21.59
C LEU F 217 -50.47 5.13 20.72
N ILE F 218 -49.62 5.47 19.76
CA ILE F 218 -48.88 4.48 18.98
C ILE F 218 -47.54 4.26 19.68
N THR F 219 -47.32 3.04 20.15
CA THR F 219 -46.15 2.73 20.97
C THR F 219 -45.26 1.76 20.22
N PHE F 220 -43.98 2.10 20.12
CA PHE F 220 -42.99 1.30 19.42
C PHE F 220 -41.99 0.73 20.41
N ASP F 221 -41.83 -0.59 20.39
CA ASP F 221 -40.75 -1.20 21.16
C ASP F 221 -39.42 -0.95 20.46
N ASP F 222 -38.33 -1.29 21.12
CA ASP F 222 -37.01 -0.94 20.61
C ASP F 222 -36.69 -1.75 19.36
N ILE F 223 -35.73 -1.23 18.58
CA ILE F 223 -35.26 -1.91 17.35
C ILE F 223 -33.79 -2.27 17.53
N ASP F 224 -33.35 -2.44 18.78
CA ASP F 224 -31.93 -2.82 19.05
C ASP F 224 -31.63 -4.25 18.59
N THR F 225 -32.59 -5.17 18.75
CA THR F 225 -32.39 -6.58 18.29
C THR F 225 -31.91 -6.55 16.84
N GLN F 226 -32.74 -6.01 15.95
CA GLN F 226 -32.34 -5.83 14.56
C GLN F 226 -32.73 -4.40 14.17
N PHE F 227 -31.74 -3.52 14.07
CA PHE F 227 -31.99 -2.10 13.86
C PHE F 227 -32.02 -1.72 12.38
N ASP F 228 -32.31 -2.65 11.48
CA ASP F 228 -32.80 -2.28 10.16
C ASP F 228 -34.29 -1.99 10.16
N ALA F 229 -35.01 -2.41 11.20
CA ALA F 229 -36.43 -2.14 11.30
C ALA F 229 -36.74 -0.75 11.83
N GLY F 230 -35.72 -0.02 12.29
CA GLY F 230 -35.96 1.32 12.81
C GLY F 230 -36.22 2.35 11.74
N TRP F 231 -35.64 2.16 10.55
CA TRP F 231 -35.87 3.11 9.48
C TRP F 231 -37.33 3.11 9.05
N ASP F 232 -37.94 1.92 8.96
CA ASP F 232 -39.36 1.86 8.66
C ASP F 232 -40.18 2.51 9.76
N VAL F 233 -39.75 2.35 11.01
CA VAL F 233 -40.43 3.02 12.12
C VAL F 233 -40.21 4.53 12.04
N LEU F 234 -38.96 4.95 11.83
CA LEU F 234 -38.66 6.37 11.81
C LEU F 234 -39.31 7.07 10.62
N GLU F 235 -39.21 6.45 9.44
CA GLU F 235 -39.81 7.07 8.25
C GLU F 235 -41.33 7.10 8.34
N SER F 236 -41.93 6.16 9.07
CA SER F 236 -43.37 6.19 9.25
C SER F 236 -43.81 7.24 10.26
N ILE F 237 -42.97 7.52 11.26
CA ILE F 237 -43.33 8.47 12.30
C ILE F 237 -43.46 9.88 11.72
N ARG F 238 -42.46 10.30 10.95
CA ARG F 238 -42.47 11.67 10.42
C ARG F 238 -43.42 11.80 9.23
N LYS F 239 -43.49 10.78 8.38
CA LYS F 239 -44.32 10.89 7.18
C LYS F 239 -45.80 10.84 7.52
N PHE F 240 -46.19 9.98 8.45
CA PHE F 240 -47.60 9.68 8.67
C PHE F 240 -48.13 10.14 10.03
N PHE F 241 -47.36 9.98 11.10
CA PHE F 241 -47.89 10.23 12.45
C PHE F 241 -47.71 11.70 12.86
N ASN F 242 -48.14 12.62 12.00
CA ASN F 242 -48.10 14.04 12.31
C ASN F 242 -49.41 14.57 12.85
N SER F 243 -50.42 13.72 13.03
CA SER F 243 -51.71 14.17 13.50
C SER F 243 -51.63 14.64 14.95
N ARG F 244 -52.53 15.55 15.31
CA ARG F 244 -52.64 16.01 16.69
C ARG F 244 -53.32 15.00 17.59
N LYS F 245 -53.98 13.99 17.03
CA LYS F 245 -54.64 12.95 17.78
C LYS F 245 -53.75 11.72 17.97
N LEU F 246 -52.49 11.80 17.56
CA LEU F 246 -51.56 10.68 17.65
C LEU F 246 -50.43 11.01 18.60
N VAL F 247 -50.14 10.11 19.52
CA VAL F 247 -49.01 10.22 20.43
C VAL F 247 -48.12 9.01 20.21
N VAL F 248 -46.82 9.25 20.03
CA VAL F 248 -45.86 8.21 19.71
C VAL F 248 -44.81 8.15 20.79
N VAL F 249 -44.56 6.94 21.31
CA VAL F 249 -43.52 6.69 22.29
C VAL F 249 -42.59 5.62 21.74
N ALA F 250 -41.30 5.93 21.68
CA ALA F 250 -40.31 5.04 21.10
C ALA F 250 -39.18 4.78 22.08
N THR F 251 -38.53 3.63 21.94
CA THR F 251 -37.39 3.26 22.78
C THR F 251 -36.25 2.77 21.91
N GLY F 252 -35.07 2.75 22.50
CA GLY F 252 -33.88 2.30 21.83
C GLY F 252 -32.68 3.06 22.35
N ASP F 253 -31.57 2.88 21.66
CA ASP F 253 -30.32 3.59 21.97
C ASP F 253 -30.12 4.66 20.91
N LEU F 254 -30.01 5.92 21.34
CA LEU F 254 -29.70 6.99 20.41
C LEU F 254 -28.34 6.76 19.75
N ARG F 255 -27.45 6.02 20.41
CA ARG F 255 -26.23 5.58 19.74
C ARG F 255 -26.55 4.65 18.58
N LEU F 256 -27.53 3.76 18.77
CA LEU F 256 -27.94 2.87 17.68
C LEU F 256 -28.74 3.61 16.62
N TYR F 257 -29.65 4.50 17.06
CA TYR F 257 -30.43 5.27 16.10
C TYR F 257 -29.56 6.21 15.28
N SER F 258 -28.47 6.72 15.88
CA SER F 258 -27.55 7.57 15.13
C SER F 258 -26.87 6.79 14.01
N GLN F 259 -26.38 5.58 14.33
CA GLN F 259 -25.77 4.75 13.29
C GLN F 259 -26.78 4.36 12.22
N LEU F 260 -28.04 4.16 12.61
CA LEU F 260 -29.07 3.85 11.63
C LEU F 260 -29.37 5.04 10.74
N ILE F 261 -29.57 6.21 11.34
CA ILE F 261 -29.90 7.41 10.56
C ILE F 261 -28.71 7.82 9.69
N ARG F 262 -27.52 7.87 10.27
CA ARG F 262 -26.33 8.27 9.51
C ARG F 262 -26.09 7.33 8.34
N GLY F 263 -26.32 6.03 8.55
CA GLY F 263 -26.16 5.07 7.48
C GLY F 263 -27.17 5.26 6.37
N LYS F 264 -28.33 5.85 6.67
CA LYS F 264 -29.34 6.14 5.67
C LYS F 264 -29.20 7.52 5.06
N GLN F 265 -28.38 8.40 5.64
CA GLN F 265 -28.06 9.67 5.01
C GLN F 265 -26.93 9.55 4.00
N TYR F 266 -26.40 8.35 3.80
CA TYR F 266 -25.33 8.13 2.84
C TYR F 266 -25.83 7.61 1.50
N GLU F 267 -27.05 7.08 1.44
CA GLU F 267 -27.63 6.71 0.15
C GLU F 267 -28.10 7.93 -0.63
N ASN F 268 -28.24 9.08 0.03
CA ASN F 268 -28.53 10.32 -0.67
C ASN F 268 -27.29 10.93 -1.31
N TYR F 269 -26.12 10.37 -1.05
CA TYR F 269 -24.88 10.85 -1.64
C TYR F 269 -24.57 10.05 -2.90
N SER F 270 -24.19 10.75 -3.97
CA SER F 270 -23.82 10.08 -5.20
C SER F 270 -22.59 9.20 -4.97
N LYS F 271 -22.66 7.96 -5.46
CA LYS F 271 -21.57 7.02 -5.25
C LYS F 271 -20.28 7.53 -5.88
N THR F 272 -20.37 8.14 -7.07
CA THR F 272 -19.19 8.68 -7.72
C THR F 272 -18.62 9.88 -6.97
N LEU F 273 -19.48 10.69 -6.35
CA LEU F 273 -19.00 11.85 -5.61
C LEU F 273 -18.25 11.43 -4.34
N LEU F 274 -18.71 10.35 -3.71
CA LEU F 274 -18.07 9.89 -2.48
C LEU F 274 -16.63 9.44 -2.72
N GLU F 275 -16.35 8.86 -3.89
CA GLU F 275 -15.00 8.40 -4.21
C GLU F 275 -14.17 9.42 -4.96
N GLN F 276 -14.80 10.26 -5.80
CA GLN F 276 -14.06 11.30 -6.50
C GLN F 276 -13.50 12.32 -5.53
N GLU F 277 -14.31 12.72 -4.54
CA GLU F 277 -13.87 13.70 -3.55
C GLU F 277 -13.28 13.02 -2.31
N LYS F 278 -12.26 12.19 -2.53
CA LYS F 278 -11.54 11.53 -1.45
C LYS F 278 -10.28 12.34 -1.19
N GLU F 279 -10.32 13.16 -0.14
CA GLU F 279 -9.20 13.98 0.31
C GLU F 279 -8.92 15.09 -0.70
N SER F 280 -9.67 15.11 -1.81
CA SER F 280 -9.48 16.16 -2.81
C SER F 280 -10.10 17.47 -2.35
N VAL F 281 -11.43 17.48 -2.19
CA VAL F 281 -12.16 18.65 -1.71
C VAL F 281 -13.31 18.15 -0.85
N ARG F 282 -13.34 18.60 0.41
CA ARG F 282 -14.42 18.31 1.35
C ARG F 282 -14.59 16.80 1.57
N LEU F 283 -13.56 16.21 2.19
CA LEU F 283 -13.73 14.88 2.77
C LEU F 283 -14.20 14.99 4.21
N ALA F 284 -13.55 15.83 5.01
CA ALA F 284 -13.99 16.05 6.38
C ALA F 284 -15.27 16.89 6.41
N GLU F 285 -15.34 17.93 5.57
CA GLU F 285 -16.54 18.73 5.49
C GLU F 285 -17.72 17.93 4.93
N ARG F 286 -17.45 16.86 4.20
CA ARG F 286 -18.52 15.93 3.82
C ARG F 286 -19.01 15.15 5.04
N GLY F 287 -18.07 14.62 5.84
CA GLY F 287 -18.45 14.00 7.09
C GLY F 287 -19.07 14.97 8.07
N TYR F 288 -18.60 16.22 8.06
CA TYR F 288 -19.24 17.25 8.87
C TYR F 288 -20.63 17.57 8.36
N MET F 289 -20.88 17.35 7.06
CA MET F 289 -22.22 17.56 6.54
C MET F 289 -23.14 16.39 6.91
N VAL F 290 -22.60 15.17 6.90
CA VAL F 290 -23.41 14.00 7.27
C VAL F 290 -23.83 14.08 8.72
N GLU F 291 -22.91 14.44 9.61
CA GLU F 291 -23.26 14.58 11.03
C GLU F 291 -24.28 15.69 11.22
N HIS F 292 -24.29 16.70 10.35
CA HIS F 292 -25.27 17.77 10.46
C HIS F 292 -26.65 17.30 10.04
N LEU F 293 -26.73 16.48 8.99
CA LEU F 293 -28.00 15.85 8.62
C LEU F 293 -28.46 14.89 9.72
N GLU F 294 -27.54 14.11 10.26
CA GLU F 294 -27.89 13.21 11.37
C GLU F 294 -28.39 14.00 12.57
N GLN F 295 -27.72 15.11 12.91
CA GLN F 295 -28.07 15.86 14.11
C GLN F 295 -29.48 16.41 14.02
N GLN F 296 -29.80 17.08 12.90
CA GLN F 296 -31.09 17.75 12.79
C GLN F 296 -32.22 16.77 12.52
N TYR F 297 -31.93 15.64 11.86
CA TYR F 297 -32.95 14.62 11.66
C TYR F 297 -33.40 14.01 12.98
N LEU F 298 -32.45 13.79 13.90
CA LEU F 298 -32.80 13.28 15.21
C LEU F 298 -33.56 14.31 16.03
N LEU F 299 -33.22 15.60 15.87
CA LEU F 299 -33.82 16.62 16.71
C LEU F 299 -35.28 16.88 16.36
N LYS F 300 -35.66 16.64 15.10
CA LYS F 300 -37.05 16.87 14.70
C LYS F 300 -37.92 15.64 14.89
N LEU F 301 -37.33 14.46 15.04
CA LEU F 301 -38.12 13.28 15.37
C LEU F 301 -38.34 13.16 16.86
N PHE F 302 -37.27 13.23 17.65
CA PHE F 302 -37.35 13.20 19.11
C PHE F 302 -36.82 14.50 19.67
N PRO F 303 -37.70 15.46 19.99
CA PRO F 303 -37.22 16.71 20.59
C PRO F 303 -36.51 16.46 21.92
N VAL F 304 -35.51 17.29 22.18
CA VAL F 304 -34.67 17.11 23.37
C VAL F 304 -35.52 17.24 24.63
N GLN F 305 -36.49 18.14 24.64
CA GLN F 305 -37.37 18.30 25.79
C GLN F 305 -38.33 17.13 25.96
N LYS F 306 -38.41 16.23 24.97
CA LYS F 306 -39.29 15.07 25.05
C LYS F 306 -38.57 13.77 25.39
N ARG F 307 -37.25 13.71 25.19
CA ARG F 307 -36.51 12.49 25.47
C ARG F 307 -36.44 12.21 26.96
N ILE F 308 -36.30 10.92 27.31
CA ILE F 308 -36.18 10.47 28.68
C ILE F 308 -35.10 9.40 28.73
N GLN F 309 -34.19 9.52 29.70
CA GLN F 309 -33.10 8.57 29.87
C GLN F 309 -33.44 7.60 31.00
N LEU F 310 -33.41 6.30 30.68
CA LEU F 310 -33.63 5.28 31.70
C LEU F 310 -32.41 5.19 32.59
N LYS F 311 -32.63 5.33 33.90
CA LYS F 311 -31.54 5.35 34.85
C LYS F 311 -31.04 3.94 35.14
N THR F 312 -29.72 3.81 35.29
CA THR F 312 -29.14 2.55 35.73
C THR F 312 -29.29 2.42 37.24
N MET F 313 -28.61 1.44 37.84
CA MET F 313 -28.77 1.23 39.27
C MET F 313 -28.06 2.30 40.09
N LEU F 314 -26.88 2.74 39.66
CA LEU F 314 -26.17 3.78 40.41
C LEU F 314 -26.98 5.06 40.50
N GLN F 315 -27.65 5.45 39.41
CA GLN F 315 -28.56 6.58 39.49
C GLN F 315 -29.71 6.32 40.44
N LEU F 316 -30.09 5.05 40.63
CA LEU F 316 -31.23 4.70 41.47
C LEU F 316 -30.82 4.41 42.91
N VAL F 317 -29.96 3.41 43.12
CA VAL F 317 -29.60 3.05 44.48
C VAL F 317 -28.55 4.01 45.04
N GLY F 318 -27.72 4.60 44.19
CA GLY F 318 -26.73 5.55 44.64
C GLY F 318 -25.53 4.90 45.28
N GLU F 319 -24.71 5.76 45.88
CA GLU F 319 -23.49 5.33 46.56
C GLU F 319 -23.84 4.79 47.94
N LYS F 320 -22.83 4.61 48.79
CA LYS F 320 -23.08 4.14 50.15
C LYS F 320 -23.88 5.18 50.93
N GLY F 321 -24.62 4.70 51.92
CA GLY F 321 -25.65 5.51 52.53
C GLY F 321 -26.91 5.48 51.69
N LYS F 322 -27.82 6.41 51.98
CA LYS F 322 -29.03 6.52 51.17
C LYS F 322 -28.65 6.88 49.74
N ALA F 323 -28.17 8.11 49.54
CA ALA F 323 -27.46 8.53 48.33
C ALA F 323 -28.19 8.21 47.03
N GLY F 324 -29.48 7.86 47.11
CA GLY F 324 -30.18 7.40 45.93
C GLY F 324 -31.66 7.64 46.01
N LYS F 325 -32.27 7.79 44.83
CA LYS F 325 -33.70 8.09 44.76
C LYS F 325 -34.53 6.89 45.19
N GLU F 326 -34.23 5.70 44.69
CA GLU F 326 -35.05 4.52 44.88
C GLU F 326 -34.36 3.54 45.83
N GLU F 327 -35.14 2.95 46.72
CA GLU F 327 -34.66 1.97 47.69
C GLU F 327 -35.04 0.58 47.19
N ILE F 328 -34.19 0.01 46.33
CA ILE F 328 -34.44 -1.28 45.72
C ILE F 328 -33.94 -2.38 46.67
N LYS F 329 -34.83 -3.30 47.02
CA LYS F 329 -34.48 -4.47 47.82
C LYS F 329 -34.68 -5.73 46.98
N VAL F 330 -33.87 -6.74 47.26
CA VAL F 330 -33.88 -7.97 46.48
C VAL F 330 -33.98 -9.17 47.43
N LYS F 331 -34.64 -10.22 46.96
CA LYS F 331 -34.80 -11.47 47.71
C LYS F 331 -33.83 -12.50 47.14
N THR F 332 -33.02 -13.09 48.01
CA THR F 332 -31.98 -14.02 47.59
C THR F 332 -32.27 -15.47 47.94
N GLU F 333 -33.38 -15.75 48.63
CA GLU F 333 -33.74 -17.11 48.99
C GLU F 333 -35.23 -17.32 48.76
N PRO F 334 -35.64 -18.51 48.32
CA PRO F 334 -37.07 -18.78 48.18
C PRO F 334 -37.76 -18.87 49.52
N GLY F 335 -39.01 -18.45 49.56
CA GLY F 335 -39.74 -18.37 50.80
C GLY F 335 -39.44 -17.13 51.62
N MET F 336 -38.57 -16.25 51.14
CA MET F 336 -38.31 -15.01 51.84
C MET F 336 -39.47 -14.05 51.69
N GLN F 337 -39.57 -13.12 52.63
CA GLN F 337 -40.65 -12.13 52.65
C GLN F 337 -40.12 -10.77 52.22
N ASP F 338 -41.03 -9.81 52.12
CA ASP F 338 -40.66 -8.46 51.70
C ASP F 338 -39.97 -7.67 52.79
N ILE F 339 -39.93 -8.18 54.02
CA ILE F 339 -39.38 -7.43 55.14
C ILE F 339 -37.89 -7.73 55.36
N ASP F 340 -37.47 -8.98 55.13
CA ASP F 340 -36.09 -9.39 55.37
C ASP F 340 -35.24 -9.33 54.11
N ALA F 341 -35.69 -8.61 53.08
CA ALA F 341 -34.92 -8.50 51.85
C ALA F 341 -33.68 -7.66 52.07
N ILE F 342 -32.70 -7.85 51.18
CA ILE F 342 -31.40 -7.20 51.28
C ILE F 342 -31.32 -6.12 50.21
N ASP F 343 -30.55 -5.08 50.50
CA ASP F 343 -30.30 -4.03 49.53
C ASP F 343 -29.61 -4.61 48.29
N VAL F 344 -29.95 -4.06 47.12
CA VAL F 344 -29.35 -4.54 45.89
C VAL F 344 -27.85 -4.27 45.88
N ARG F 345 -27.43 -3.13 46.43
CA ARG F 345 -26.00 -2.86 46.54
C ARG F 345 -25.33 -3.85 47.49
N GLN F 346 -25.98 -4.17 48.61
CA GLN F 346 -25.40 -5.12 49.55
C GLN F 346 -25.39 -6.53 48.96
N ALA F 347 -26.45 -6.93 48.28
CA ALA F 347 -26.50 -8.25 47.66
C ALA F 347 -25.40 -8.42 46.63
N ILE F 348 -25.15 -7.38 45.84
CA ILE F 348 -23.98 -7.38 44.96
C ILE F 348 -22.69 -7.39 45.79
N GLY F 349 -22.70 -6.66 46.91
CA GLY F 349 -21.51 -6.60 47.74
C GLY F 349 -21.15 -7.94 48.37
N ASP F 350 -22.15 -8.64 48.91
CA ASP F 350 -21.88 -9.95 49.50
C ASP F 350 -21.39 -10.94 48.46
N ALA F 351 -22.01 -10.95 47.28
CA ALA F 351 -21.58 -11.85 46.22
C ALA F 351 -20.19 -11.49 45.69
N VAL F 352 -19.75 -10.25 45.86
CA VAL F 352 -18.45 -9.83 45.35
C VAL F 352 -17.35 -10.02 46.39
N ARG F 353 -17.59 -9.58 47.62
CA ARG F 353 -16.55 -9.73 48.64
C ARG F 353 -16.35 -11.19 49.03
N GLU F 354 -17.43 -11.98 49.07
CA GLU F 354 -17.28 -13.41 49.28
C GLU F 354 -16.79 -14.12 48.03
N GLY F 355 -17.31 -13.73 46.87
CA GLY F 355 -16.91 -14.39 45.63
C GLY F 355 -15.45 -14.12 45.27
N LEU F 356 -15.01 -12.88 45.38
CA LEU F 356 -13.64 -12.50 45.04
C LEU F 356 -12.70 -12.57 46.23
N ASN F 357 -13.17 -13.07 47.38
CA ASN F 357 -12.38 -13.17 48.60
C ASN F 357 -11.82 -11.81 49.01
N LEU F 358 -12.64 -10.77 48.87
CA LEU F 358 -12.27 -9.42 49.26
C LEU F 358 -12.97 -9.04 50.56
N ARG F 359 -12.44 -7.99 51.19
CA ARG F 359 -13.09 -7.39 52.35
C ARG F 359 -13.86 -6.14 51.94
N GLU F 360 -14.60 -5.59 52.89
CA GLU F 360 -15.31 -4.34 52.65
C GLU F 360 -14.32 -3.19 52.52
N GLY F 361 -14.55 -2.33 51.53
CA GLY F 361 -13.68 -1.21 51.31
C GLY F 361 -13.91 -0.60 49.93
N SER F 362 -12.95 0.24 49.53
CA SER F 362 -13.04 0.89 48.22
C SER F 362 -12.92 -0.12 47.09
N ASP F 363 -12.03 -1.10 47.24
CA ASP F 363 -11.80 -2.07 46.16
C ASP F 363 -13.02 -2.95 45.94
N ALA F 364 -13.69 -3.38 47.02
CA ALA F 364 -14.91 -4.17 46.87
C ALA F 364 -16.02 -3.36 46.22
N ASP F 365 -16.19 -2.10 46.63
CA ASP F 365 -17.22 -1.26 46.04
C ASP F 365 -16.84 -0.79 44.64
N MET F 366 -15.56 -0.86 44.27
CA MET F 366 -15.17 -0.56 42.90
C MET F 366 -15.70 -1.63 41.95
N TYR F 367 -15.74 -2.89 42.41
CA TYR F 367 -16.39 -3.94 41.64
C TYR F 367 -17.90 -3.82 41.70
N VAL F 368 -18.44 -3.44 42.86
CA VAL F 368 -19.88 -3.32 43.02
C VAL F 368 -20.43 -2.21 42.13
N ASN F 369 -19.75 -1.06 42.11
CA ASN F 369 -20.19 0.03 41.25
C ASN F 369 -20.07 -0.35 39.78
N GLU F 370 -19.02 -1.09 39.42
CA GLU F 370 -18.89 -1.57 38.05
C GLU F 370 -20.01 -2.57 37.72
N LEU F 371 -20.35 -3.44 38.66
CA LEU F 371 -21.45 -4.36 38.43
C LEU F 371 -22.80 -3.64 38.38
N LEU F 372 -22.94 -2.55 39.14
CA LEU F 372 -24.20 -1.82 39.13
C LEU F 372 -24.40 -1.07 37.82
N LYS F 373 -23.32 -0.63 37.19
CA LYS F 373 -23.41 0.02 35.88
C LYS F 373 -23.83 -0.94 34.78
N GLN F 374 -23.72 -2.25 35.00
CA GLN F 374 -24.03 -3.22 33.97
C GLN F 374 -25.52 -3.18 33.62
N PRO F 375 -25.88 -3.62 32.42
CA PRO F 375 -27.30 -3.69 32.06
C PRO F 375 -28.08 -4.56 33.03
N VAL F 376 -29.34 -4.19 33.24
CA VAL F 376 -30.17 -4.90 34.21
C VAL F 376 -30.33 -6.37 33.80
N ARG F 377 -30.44 -6.62 32.49
CA ARG F 377 -30.48 -8.01 32.02
C ARG F 377 -29.19 -8.74 32.36
N LEU F 378 -28.04 -8.09 32.16
CA LEU F 378 -26.78 -8.69 32.57
C LEU F 378 -26.65 -8.73 34.08
N LEU F 379 -27.12 -7.68 34.77
CA LEU F 379 -26.96 -7.61 36.22
C LEU F 379 -27.83 -8.64 36.92
N MET F 380 -29.11 -8.75 36.51
CA MET F 380 -30.00 -9.70 37.17
C MET F 380 -29.54 -11.13 36.95
N GLN F 381 -29.09 -11.46 35.73
CA GLN F 381 -28.68 -12.83 35.45
C GLN F 381 -27.39 -13.20 36.16
N VAL F 382 -26.58 -12.22 36.56
CA VAL F 382 -25.49 -12.49 37.51
C VAL F 382 -26.07 -12.78 38.88
N LEU F 383 -27.03 -11.97 39.32
CA LEU F 383 -27.66 -12.21 40.62
C LEU F 383 -28.53 -13.45 40.60
N GLN F 384 -29.29 -13.66 39.52
CA GLN F 384 -30.14 -14.84 39.43
C GLN F 384 -29.32 -16.12 39.43
N ASP F 385 -28.23 -16.16 38.65
CA ASP F 385 -27.41 -17.37 38.61
C ASP F 385 -26.72 -17.61 39.93
N PHE F 386 -26.14 -16.55 40.53
CA PHE F 386 -25.36 -16.72 41.75
C PHE F 386 -26.21 -17.20 42.90
N TYR F 387 -27.41 -16.64 43.06
CA TYR F 387 -28.25 -16.93 44.21
C TYR F 387 -29.22 -18.08 43.98
N THR F 388 -29.26 -18.66 42.78
CA THR F 388 -30.01 -19.88 42.56
C THR F 388 -29.15 -21.13 42.65
N LYS F 389 -27.87 -21.04 42.25
CA LYS F 389 -26.94 -22.13 42.48
C LYS F 389 -26.50 -22.19 43.93
N LYS F 390 -26.38 -21.03 44.59
CA LYS F 390 -25.95 -20.99 45.99
C LYS F 390 -26.98 -21.69 46.88
N TYR F 391 -28.26 -21.40 46.67
CA TYR F 391 -29.30 -22.01 47.49
C TYR F 391 -29.37 -23.51 47.27
N HIS F 392 -29.26 -23.94 46.01
CA HIS F 392 -29.34 -25.37 45.71
C HIS F 392 -28.11 -26.12 46.23
N ALA F 393 -26.92 -25.56 46.03
CA ALA F 393 -25.70 -26.24 46.46
C ALA F 393 -25.66 -26.40 47.97
N THR F 394 -26.02 -25.37 48.71
CA THR F 394 -25.98 -25.40 50.17
C THR F 394 -27.30 -25.82 50.79
N SER F 395 -28.30 -26.16 49.97
CA SER F 395 -29.60 -26.59 50.46
C SER F 395 -30.23 -25.57 51.41
N LEU F 411 -19.25 -25.81 49.66
CA LEU F 411 -19.62 -24.40 49.47
C LEU F 411 -18.95 -23.83 48.24
N SER F 412 -17.72 -23.33 48.41
CA SER F 412 -16.91 -22.76 47.33
C SER F 412 -17.65 -21.60 46.65
N VAL F 413 -17.85 -20.55 47.45
CA VAL F 413 -18.53 -19.35 46.93
C VAL F 413 -17.83 -18.78 45.71
N PRO F 414 -16.49 -18.67 45.66
CA PRO F 414 -15.86 -18.18 44.42
C PRO F 414 -16.19 -19.02 43.20
N ASN F 415 -16.46 -20.31 43.37
CA ASN F 415 -16.88 -21.13 42.23
C ASN F 415 -18.21 -20.68 41.68
N LEU F 416 -19.16 -20.34 42.56
CA LEU F 416 -20.48 -19.91 42.13
C LEU F 416 -20.41 -18.58 41.38
N LEU F 417 -19.63 -17.63 41.90
CA LEU F 417 -19.47 -16.35 41.22
C LEU F 417 -18.74 -16.53 39.89
N ARG F 418 -17.76 -17.42 39.84
CA ARG F 418 -17.05 -17.67 38.59
C ARG F 418 -18.01 -18.18 37.51
N ASN F 419 -18.91 -19.09 37.88
CA ASN F 419 -19.89 -19.59 36.91
C ASN F 419 -20.89 -18.52 36.53
N ALA F 420 -21.29 -17.67 37.49
CA ALA F 420 -22.24 -16.61 37.19
C ALA F 420 -21.62 -15.57 36.26
N LEU F 421 -20.38 -15.17 36.52
CA LEU F 421 -19.71 -14.21 35.64
C LEU F 421 -19.27 -14.84 34.32
N TYR F 422 -19.13 -16.16 34.28
CA TYR F 422 -18.74 -16.82 33.03
C TYR F 422 -19.82 -16.66 31.97
N GLY F 423 -21.08 -16.88 32.34
CA GLY F 423 -22.16 -16.77 31.37
C GLY F 423 -22.44 -15.35 30.94
N SER F 424 -22.52 -14.42 31.91
CA SER F 424 -22.90 -13.06 31.59
C SER F 424 -21.82 -12.34 30.79
N MET F 425 -20.57 -12.41 31.25
CA MET F 425 -19.46 -11.77 30.55
C MET F 425 -18.89 -12.63 29.43
N LEU F 426 -19.64 -13.65 28.98
CA LEU F 426 -19.11 -14.60 28.00
C LEU F 426 -18.74 -13.91 26.70
N SER F 427 -19.57 -12.99 26.23
CA SER F 427 -19.28 -12.30 24.98
C SER F 427 -18.04 -11.42 25.10
N SER F 428 -17.80 -10.85 26.28
CA SER F 428 -16.57 -10.10 26.51
C SER F 428 -15.36 -11.02 26.64
N ILE F 429 -15.56 -12.19 27.24
CA ILE F 429 -14.47 -13.17 27.33
C ILE F 429 -14.05 -13.62 25.95
N TYR F 430 -15.02 -13.89 25.07
CA TYR F 430 -14.70 -14.34 23.72
C TYR F 430 -13.92 -13.27 22.95
N ARG F 431 -14.35 -12.01 23.04
CA ARG F 431 -13.67 -10.95 22.29
C ARG F 431 -12.25 -10.75 22.79
N ALA F 432 -12.05 -10.81 24.11
CA ALA F 432 -10.73 -10.57 24.68
C ALA F 432 -9.75 -11.70 24.41
N GLY F 433 -10.21 -12.83 23.87
CA GLY F 433 -9.33 -13.95 23.63
C GLY F 433 -9.06 -14.81 24.83
N LEU F 434 -9.71 -14.54 25.96
CA LEU F 434 -9.49 -15.32 27.17
C LEU F 434 -9.94 -16.76 26.95
N ASN F 435 -9.28 -17.68 27.65
CA ASN F 435 -9.68 -19.09 27.58
C ASN F 435 -11.09 -19.26 28.09
N TYR F 436 -11.89 -20.04 27.36
CA TYR F 436 -13.30 -20.18 27.67
C TYR F 436 -13.75 -21.62 27.84
N GLU F 437 -12.86 -22.60 27.65
CA GLU F 437 -13.23 -23.99 27.89
C GLU F 437 -13.28 -24.25 29.38
N GLN F 438 -14.40 -24.81 29.85
CA GLN F 438 -14.60 -25.01 31.28
C GLN F 438 -13.71 -26.09 31.87
N HIS F 439 -13.03 -26.89 31.05
CA HIS F 439 -12.08 -27.88 31.54
C HIS F 439 -10.65 -27.36 31.60
N ARG F 440 -10.43 -26.11 31.20
CA ARG F 440 -9.13 -25.47 31.29
C ARG F 440 -8.99 -24.61 32.54
N PHE F 441 -9.99 -24.62 33.42
CA PHE F 441 -10.02 -23.69 34.54
C PHE F 441 -9.03 -24.10 35.62
N GLY F 442 -7.74 -23.96 35.33
CA GLY F 442 -6.69 -24.11 36.33
C GLY F 442 -5.89 -22.83 36.42
N MET F 443 -4.57 -22.93 36.23
CA MET F 443 -3.72 -21.76 36.12
C MET F 443 -2.91 -21.70 34.84
N ASP F 444 -2.83 -22.80 34.08
CA ASP F 444 -2.29 -22.71 32.73
C ASP F 444 -3.13 -21.76 31.90
N SER F 445 -4.46 -21.82 32.04
CA SER F 445 -5.32 -20.82 31.44
C SER F 445 -5.19 -19.48 32.16
N LEU F 446 -5.25 -19.51 33.50
CA LEU F 446 -5.34 -18.27 34.27
C LEU F 446 -4.08 -17.42 34.16
N CYS F 447 -2.91 -18.03 34.39
CA CYS F 447 -1.67 -17.27 34.31
C CYS F 447 -1.43 -16.74 32.90
N LYS F 448 -1.93 -17.45 31.89
CA LYS F 448 -1.90 -16.94 30.52
C LYS F 448 -3.01 -15.93 30.28
N ASP F 449 -4.15 -16.10 30.94
CA ASP F 449 -5.31 -15.24 30.69
C ASP F 449 -5.00 -13.79 31.05
N ILE F 450 -4.38 -13.56 32.21
CA ILE F 450 -4.13 -12.19 32.63
C ILE F 450 -3.04 -11.53 31.79
N PHE F 451 -2.21 -12.32 31.11
CA PHE F 451 -1.20 -11.73 30.24
C PHE F 451 -1.85 -11.19 28.97
N THR F 452 -2.81 -11.94 28.41
CA THR F 452 -3.58 -11.43 27.28
C THR F 452 -4.42 -10.22 27.68
N TYR F 453 -5.01 -10.26 28.89
CA TYR F 453 -5.82 -9.14 29.34
C TYR F 453 -4.98 -7.88 29.53
N VAL F 454 -3.83 -8.01 30.20
CA VAL F 454 -2.98 -6.86 30.43
C VAL F 454 -2.42 -6.33 29.10
N LYS F 455 -2.14 -7.24 28.16
CA LYS F 455 -1.65 -6.82 26.84
C LYS F 455 -2.66 -5.93 26.13
N GLN F 456 -3.95 -6.29 26.20
CA GLN F 456 -4.98 -5.45 25.59
C GLN F 456 -5.24 -4.20 26.42
N ASP F 457 -5.10 -4.30 27.74
CA ASP F 457 -5.30 -3.14 28.60
C ASP F 457 -4.26 -2.05 28.36
N ARG F 458 -3.14 -2.39 27.73
CA ARG F 458 -2.04 -1.46 27.47
C ARG F 458 -1.58 -0.79 28.77
N ASP F 459 -1.55 -1.58 29.85
CA ASP F 459 -1.12 -1.06 31.15
C ASP F 459 -0.43 -2.22 31.88
N PHE F 460 0.88 -2.28 31.76
CA PHE F 460 1.68 -3.31 32.41
C PHE F 460 2.05 -2.94 33.83
N ASN F 461 1.73 -1.72 34.27
CA ASN F 461 2.04 -1.30 35.63
C ASN F 461 1.00 -1.82 36.63
N THR F 462 -0.27 -1.47 36.42
CA THR F 462 -1.34 -1.82 37.34
C THR F 462 -2.36 -2.76 36.72
N GLY F 463 -2.03 -3.40 35.60
CA GLY F 463 -2.98 -4.30 34.95
C GLY F 463 -3.26 -5.55 35.74
N PHE F 464 -2.23 -6.11 36.38
CA PHE F 464 -2.35 -7.38 37.08
C PHE F 464 -3.11 -7.32 38.39
N TYR F 465 -3.49 -6.13 38.87
CA TYR F 465 -4.48 -6.06 39.95
C TYR F 465 -5.86 -6.50 39.48
N LEU F 466 -6.09 -6.56 38.17
CA LEU F 466 -7.40 -6.91 37.60
C LEU F 466 -8.49 -5.97 38.12
N ARG F 467 -8.16 -4.67 38.19
CA ARG F 467 -9.14 -3.68 38.56
C ARG F 467 -10.08 -3.39 37.40
N PRO F 468 -11.32 -3.01 37.68
CA PRO F 468 -12.25 -2.55 36.64
C PRO F 468 -11.97 -1.11 36.19
N GLN F 469 -10.70 -0.83 35.91
CA GLN F 469 -10.26 0.51 35.54
C GLN F 469 -10.04 0.67 34.04
N SER F 470 -10.42 -0.32 33.24
CA SER F 470 -10.23 -0.22 31.80
C SER F 470 -11.21 0.79 31.21
N GLU F 471 -10.93 1.19 29.97
CA GLU F 471 -11.77 2.15 29.26
C GLU F 471 -12.73 1.46 28.29
N SER F 472 -12.74 0.14 28.22
CA SER F 472 -13.61 -0.60 27.33
C SER F 472 -14.50 -1.54 28.14
N GLU F 473 -15.76 -1.64 27.73
CA GLU F 473 -16.70 -2.53 28.42
C GLU F 473 -16.26 -3.98 28.32
N ALA F 474 -15.60 -4.36 27.22
CA ALA F 474 -15.16 -5.74 27.05
C ALA F 474 -14.08 -6.11 28.07
N LEU F 475 -13.10 -5.22 28.26
CA LEU F 475 -12.03 -5.51 29.20
C LEU F 475 -12.48 -5.35 30.65
N ARG F 476 -13.35 -4.37 30.92
CA ARG F 476 -13.86 -4.20 32.27
C ARG F 476 -14.67 -5.41 32.73
N ASN F 477 -15.40 -6.04 31.81
CA ASN F 477 -16.08 -7.28 32.14
C ASN F 477 -15.09 -8.40 32.42
N CYS F 478 -13.98 -8.44 31.69
CA CYS F 478 -12.98 -9.48 31.91
C CYS F 478 -12.19 -9.27 33.19
N SER F 479 -12.11 -8.02 33.69
CA SER F 479 -11.38 -7.77 34.93
C SER F 479 -12.06 -8.44 36.11
N ILE F 480 -13.38 -8.25 36.25
CA ILE F 480 -14.10 -8.90 37.34
C ILE F 480 -14.17 -10.41 37.14
N TYR F 481 -14.33 -10.86 35.89
CA TYR F 481 -14.35 -12.30 35.64
C TYR F 481 -13.01 -12.95 36.00
N LEU F 482 -11.90 -12.29 35.64
CA LEU F 482 -10.59 -12.83 36.00
C LEU F 482 -10.36 -12.77 37.50
N ALA F 483 -10.88 -11.75 38.17
CA ALA F 483 -10.77 -11.69 39.63
C ALA F 483 -11.41 -12.90 40.28
N SER F 484 -12.51 -13.39 39.71
CA SER F 484 -13.13 -14.61 40.23
C SER F 484 -12.26 -15.82 39.95
N GLN F 485 -11.57 -15.85 38.82
CA GLN F 485 -10.68 -16.95 38.50
C GLN F 485 -9.55 -17.05 39.51
N VAL F 486 -8.94 -15.91 39.85
CA VAL F 486 -7.84 -15.91 40.81
C VAL F 486 -8.34 -16.30 42.19
N SER F 487 -9.54 -15.84 42.57
CA SER F 487 -10.06 -16.06 43.91
C SER F 487 -10.56 -17.49 44.12
N GLU F 488 -10.69 -18.29 43.08
CA GLU F 488 -11.14 -19.68 43.23
C GLU F 488 -10.05 -20.69 42.92
N ASN F 489 -9.17 -20.42 41.96
CA ASN F 489 -8.04 -21.30 41.73
C ASN F 489 -7.06 -21.26 42.91
N CYS F 490 -6.69 -20.06 43.33
CA CYS F 490 -5.69 -19.89 44.38
C CYS F 490 -6.22 -20.18 45.77
N GLN F 491 -7.54 -20.26 45.93
CA GLN F 491 -8.11 -20.48 47.25
C GLN F 491 -7.81 -21.88 47.75
N GLY F 492 -7.28 -21.98 48.97
CA GLY F 492 -7.11 -23.25 49.63
C GLY F 492 -5.75 -23.90 49.52
N SER F 493 -4.73 -23.18 49.05
CA SER F 493 -3.40 -23.76 49.01
C SER F 493 -2.36 -22.65 48.93
N LEU F 494 -1.24 -22.84 49.63
CA LEU F 494 -0.16 -21.86 49.62
C LEU F 494 0.61 -21.90 48.30
N SER F 495 0.88 -23.11 47.78
CA SER F 495 1.56 -23.23 46.50
C SER F 495 0.75 -22.59 45.38
N LYS F 496 -0.58 -22.71 45.45
CA LYS F 496 -1.43 -22.09 44.46
C LYS F 496 -1.31 -20.57 44.45
N PHE F 497 -1.04 -19.98 45.62
CA PHE F 497 -0.91 -18.52 45.71
C PHE F 497 0.37 -18.04 45.05
N LEU F 498 1.49 -18.72 45.31
CA LEU F 498 2.76 -18.26 44.74
C LEU F 498 2.82 -18.46 43.23
N GLN F 499 2.20 -19.52 42.72
CA GLN F 499 2.18 -19.74 41.27
C GLN F 499 1.48 -18.60 40.56
N MET F 500 0.35 -18.14 41.12
CA MET F 500 -0.32 -16.96 40.60
C MET F 500 0.54 -15.71 40.74
N LEU F 501 1.17 -15.55 41.90
CA LEU F 501 1.98 -14.36 42.15
C LEU F 501 3.20 -14.30 41.23
N LEU F 502 3.89 -15.43 41.06
CA LEU F 502 5.15 -15.44 40.33
C LEU F 502 4.92 -15.60 38.83
N VAL F 503 4.24 -16.66 38.41
CA VAL F 503 4.02 -16.89 36.99
C VAL F 503 3.05 -15.86 36.41
N GLY F 504 1.99 -15.53 37.15
CA GLY F 504 0.99 -14.62 36.64
C GLY F 504 1.38 -13.15 36.72
N CYS F 505 1.54 -12.63 37.94
CA CYS F 505 1.89 -11.23 38.11
C CYS F 505 3.36 -10.96 37.82
N GLY F 506 4.24 -11.90 38.13
CA GLY F 506 5.66 -11.68 37.93
C GLY F 506 6.04 -11.58 36.46
N SER F 507 5.51 -12.47 35.62
CA SER F 507 5.93 -12.53 34.23
C SER F 507 5.53 -11.31 33.43
N VAL F 508 4.56 -10.53 33.90
CA VAL F 508 4.14 -9.34 33.17
C VAL F 508 4.95 -8.11 33.61
N SER F 509 5.32 -8.03 34.89
CA SER F 509 6.22 -6.98 35.33
C SER F 509 7.61 -7.18 34.75
N ILE F 510 8.08 -8.43 34.71
CA ILE F 510 9.39 -8.73 34.12
C ILE F 510 9.40 -8.34 32.65
N PHE F 511 8.33 -8.65 31.93
CA PHE F 511 8.23 -8.26 30.53
C PHE F 511 8.22 -6.75 30.37
N ASN F 512 7.56 -6.04 31.28
CA ASN F 512 7.42 -4.59 31.15
C ASN F 512 8.77 -3.89 31.19
N GLN F 513 9.65 -4.31 32.09
CA GLN F 513 10.92 -3.60 32.30
C GLN F 513 12.04 -4.17 31.42
N PHE F 514 12.30 -5.47 31.53
CA PHE F 514 13.48 -6.08 30.94
C PHE F 514 13.28 -6.54 29.51
N VAL F 515 12.12 -6.26 28.91
CA VAL F 515 11.86 -6.58 27.51
C VAL F 515 11.37 -5.28 26.86
N THR F 516 12.30 -4.53 26.27
CA THR F 516 12.03 -3.22 25.69
C THR F 516 11.31 -2.30 26.68
N GLU F 526 2.61 -6.62 13.79
CA GLU F 526 3.85 -5.91 14.06
C GLU F 526 4.79 -6.80 14.86
N LYS F 527 6.07 -6.44 14.90
CA LYS F 527 7.05 -7.21 15.67
C LYS F 527 6.64 -7.34 17.13
N PHE F 528 5.99 -6.32 17.69
CA PHE F 528 5.55 -6.37 19.08
C PHE F 528 4.55 -7.50 19.30
N GLU F 529 3.68 -7.76 18.31
CA GLU F 529 2.70 -8.83 18.44
C GLU F 529 3.38 -10.18 18.60
N GLN F 530 4.34 -10.48 17.73
CA GLN F 530 5.07 -11.75 17.83
C GLN F 530 6.14 -11.71 18.92
N LEU F 531 6.52 -10.52 19.37
CA LEU F 531 7.49 -10.43 20.47
C LEU F 531 6.91 -11.04 21.75
N ILE F 532 5.64 -10.78 22.04
CA ILE F 532 4.99 -11.40 23.18
C ILE F 532 4.82 -12.89 22.96
N SER F 533 4.48 -13.29 21.73
CA SER F 533 4.22 -14.70 21.46
C SER F 533 5.45 -15.55 21.74
N GLU F 534 6.64 -15.06 21.39
CA GLU F 534 7.85 -15.80 21.73
C GLU F 534 8.17 -15.68 23.20
N TYR F 535 7.90 -14.53 23.82
CA TYR F 535 8.19 -14.34 25.23
C TYR F 535 7.39 -15.32 26.09
N VAL F 536 6.11 -15.46 25.81
CA VAL F 536 5.29 -16.41 26.58
C VAL F 536 5.71 -17.85 26.26
N ALA F 537 6.15 -18.11 25.03
CA ALA F 537 6.61 -19.44 24.68
C ALA F 537 7.87 -19.82 25.44
N TYR F 538 8.81 -18.89 25.58
CA TYR F 538 10.03 -19.16 26.34
C TYR F 538 9.74 -19.17 27.84
N MET F 539 8.94 -18.21 28.31
CA MET F 539 8.72 -18.10 29.75
C MET F 539 7.83 -19.20 30.28
N SER F 540 7.25 -20.02 29.39
CA SER F 540 6.47 -21.21 29.73
C SER F 540 5.17 -20.88 30.46
N VAL F 541 4.72 -19.63 30.41
CA VAL F 541 3.46 -19.28 31.05
C VAL F 541 2.32 -19.90 30.26
N GLY F 542 1.41 -20.56 30.97
CA GLY F 542 0.36 -21.33 30.34
C GLY F 542 0.72 -22.78 30.09
N ARG F 543 1.99 -23.17 30.28
CA ARG F 543 2.43 -24.54 30.14
C ARG F 543 3.42 -24.90 31.24
N ILE F 544 3.25 -24.31 32.42
CA ILE F 544 4.21 -24.48 33.51
C ILE F 544 4.08 -25.87 34.11
N GLU F 545 5.22 -26.53 34.31
CA GLU F 545 5.29 -27.78 35.04
C GLU F 545 5.66 -27.57 36.50
N SER F 546 6.71 -26.78 36.76
CA SER F 546 7.14 -26.45 38.12
C SER F 546 7.43 -24.96 38.20
N ALA F 547 7.14 -24.37 39.37
CA ALA F 547 7.38 -22.94 39.54
C ALA F 547 8.87 -22.61 39.48
N SER F 548 9.71 -23.49 40.05
CA SER F 548 11.15 -23.24 40.03
C SER F 548 11.69 -23.19 38.62
N HIS F 549 11.10 -23.95 37.69
CA HIS F 549 11.52 -23.88 36.30
C HIS F 549 11.18 -22.54 35.67
N TRP F 550 10.08 -21.92 36.10
CA TRP F 550 9.75 -20.59 35.60
C TRP F 550 10.81 -19.59 35.99
N ALA F 551 11.32 -19.68 37.23
CA ALA F 551 12.31 -18.72 37.71
C ALA F 551 13.60 -18.80 36.92
N ASN F 552 14.04 -20.01 36.57
CA ASN F 552 15.27 -20.16 35.80
C ASN F 552 15.15 -19.48 34.44
N ARG F 553 13.99 -19.61 33.79
CA ARG F 553 13.76 -18.88 32.57
C ARG F 553 13.75 -17.37 32.81
N CYS F 554 13.29 -16.94 33.98
CA CYS F 554 13.31 -15.53 34.31
C CYS F 554 14.73 -15.01 34.53
N CYS F 555 15.64 -15.89 34.98
CA CYS F 555 17.02 -15.47 35.21
C CYS F 555 17.68 -15.01 33.91
N ALA F 556 17.45 -15.73 32.81
CA ALA F 556 18.07 -15.36 31.54
C ALA F 556 17.45 -14.11 30.94
N VAL F 557 16.27 -13.70 31.40
CA VAL F 557 15.64 -12.50 30.88
C VAL F 557 16.21 -11.26 31.57
N VAL F 558 16.31 -11.31 32.90
CA VAL F 558 16.87 -10.19 33.65
C VAL F 558 18.35 -10.02 33.33
N ALA F 559 19.06 -11.13 33.11
CA ALA F 559 20.48 -11.05 32.82
C ALA F 559 20.74 -10.44 31.45
N ASN F 560 19.82 -10.59 30.51
CA ASN F 560 20.03 -10.07 29.17
C ASN F 560 19.92 -8.55 29.11
N SER F 561 19.16 -7.96 30.03
CA SER F 561 18.97 -6.52 30.02
C SER F 561 20.29 -5.81 30.33
N PRO F 562 20.52 -4.63 29.76
CA PRO F 562 21.72 -3.87 30.08
C PRO F 562 21.74 -3.43 31.54
N ASN F 563 22.93 -3.31 32.09
CA ASN F 563 23.12 -2.95 33.49
C ASN F 563 24.02 -1.74 33.58
N ASP F 564 23.95 -1.05 34.72
CA ASP F 564 24.79 0.11 34.97
C ASP F 564 26.15 -0.35 35.50
N GLU F 565 27.22 0.15 34.89
CA GLU F 565 28.60 -0.16 35.24
C GLU F 565 28.94 -1.63 35.04
N LYS F 566 28.11 -2.38 34.31
CA LYS F 566 28.34 -3.80 34.02
C LYS F 566 28.53 -4.61 35.30
N ILE F 567 27.77 -4.27 36.32
CA ILE F 567 27.80 -5.00 37.58
C ILE F 567 26.92 -6.24 37.46
N GLY F 568 27.21 -7.24 38.28
CA GLY F 568 26.50 -8.51 38.19
C GLY F 568 25.37 -8.68 39.18
N VAL F 569 24.88 -7.56 39.74
CA VAL F 569 23.74 -7.58 40.64
C VAL F 569 22.52 -7.11 39.85
N PHE F 570 21.49 -7.95 39.82
CA PHE F 570 20.28 -7.67 39.06
C PHE F 570 19.09 -7.63 40.02
N LEU F 571 17.91 -7.45 39.45
CA LEU F 571 16.68 -7.38 40.25
C LEU F 571 16.43 -8.75 40.88
N GLY F 572 16.63 -8.84 42.19
CA GLY F 572 16.35 -10.07 42.90
C GLY F 572 17.31 -11.20 42.63
N MET F 573 18.47 -10.92 42.06
CA MET F 573 19.41 -11.97 41.73
C MET F 573 20.80 -11.36 41.58
N VAL F 574 21.80 -12.10 42.03
CA VAL F 574 23.20 -11.69 41.90
C VAL F 574 23.93 -12.76 41.10
N GLN F 575 24.73 -12.32 40.13
CA GLN F 575 25.41 -13.24 39.23
C GLN F 575 26.72 -13.66 39.87
N LEU F 576 26.69 -14.77 40.60
CA LEU F 576 27.90 -15.32 41.19
C LEU F 576 28.82 -15.83 40.09
N ASN F 577 30.12 -15.59 40.26
CA ASN F 577 31.10 -15.91 39.22
C ASN F 577 31.55 -17.36 39.37
N ARG F 578 31.40 -18.13 38.31
CA ARG F 578 31.96 -19.48 38.24
C ARG F 578 33.36 -19.49 37.65
N LYS F 579 33.85 -18.35 37.18
CA LYS F 579 35.25 -18.20 36.81
C LYS F 579 36.11 -18.05 38.07
N SER F 580 37.42 -18.15 37.89
CA SER F 580 38.33 -18.20 39.03
C SER F 580 39.36 -17.08 38.95
N ARG F 581 38.89 -15.85 38.75
CA ARG F 581 39.78 -14.69 38.75
C ARG F 581 40.55 -14.61 40.07
N GLN F 582 41.86 -14.41 39.96
CA GLN F 582 42.74 -14.36 41.11
C GLN F 582 42.99 -12.93 41.55
N HIS F 583 43.87 -12.77 42.53
CA HIS F 583 44.20 -11.46 43.10
C HIS F 583 42.96 -10.75 43.64
N MET F 584 42.07 -11.52 44.25
CA MET F 584 40.89 -10.95 44.91
C MET F 584 41.22 -10.62 46.36
N PRO F 585 41.09 -9.37 46.78
CA PRO F 585 41.43 -9.02 48.16
C PRO F 585 40.49 -9.70 49.15
N GLY F 586 41.03 -9.95 50.34
CA GLY F 586 40.27 -10.67 51.35
C GLY F 586 40.11 -12.14 50.99
N GLY F 587 39.19 -12.78 51.68
CA GLY F 587 38.88 -14.17 51.42
C GLY F 587 37.74 -14.32 50.42
N TYR F 588 37.70 -13.44 49.42
CA TYR F 588 36.60 -13.41 48.47
C TYR F 588 36.98 -14.21 47.22
N LYS F 589 37.02 -15.53 47.41
CA LYS F 589 37.34 -16.47 46.35
C LYS F 589 36.05 -16.91 45.65
N LYS F 590 36.13 -17.97 44.85
CA LYS F 590 34.96 -18.49 44.17
C LYS F 590 33.88 -18.93 45.16
N PHE F 591 32.69 -19.19 44.62
CA PHE F 591 31.60 -19.73 45.39
C PHE F 591 31.68 -21.26 45.39
N ASN F 592 31.89 -21.85 46.56
CA ASN F 592 32.04 -23.28 46.70
C ASN F 592 30.77 -23.86 47.30
N ILE F 593 30.14 -24.80 46.59
CA ILE F 593 28.83 -25.30 47.00
C ILE F 593 28.94 -26.14 48.27
N ASP F 594 30.00 -26.92 48.39
CA ASP F 594 30.10 -27.94 49.44
C ASP F 594 30.42 -27.37 50.82
N THR F 595 30.64 -26.06 50.93
CA THR F 595 30.91 -25.47 52.24
C THR F 595 29.71 -25.60 53.17
N GLU F 596 28.50 -25.43 52.63
CA GLU F 596 27.28 -25.51 53.44
C GLU F 596 26.93 -26.97 53.71
N ASN F 597 26.63 -27.28 54.98
CA ASN F 597 26.42 -28.66 55.39
C ASN F 597 25.00 -29.13 55.13
N GLY F 598 24.02 -28.52 55.80
CA GLY F 598 22.65 -29.02 55.74
C GLY F 598 21.60 -27.97 56.06
N LEU F 599 20.58 -27.88 55.20
CA LEU F 599 19.58 -26.81 55.20
C LEU F 599 20.19 -25.48 54.80
N ALA F 600 21.51 -25.46 54.62
CA ALA F 600 22.20 -24.36 53.97
C ALA F 600 22.73 -24.74 52.59
N LYS F 601 23.09 -26.01 52.39
CA LYS F 601 23.39 -26.50 51.06
C LYS F 601 22.12 -26.69 50.25
N ALA F 602 21.09 -27.24 50.88
CA ALA F 602 19.81 -27.43 50.18
C ALA F 602 19.18 -26.10 49.82
N ALA F 603 19.21 -25.13 50.75
CA ALA F 603 18.65 -23.82 50.47
C ALA F 603 19.45 -23.10 49.38
N MET F 604 20.78 -23.17 49.47
CA MET F 604 21.62 -22.51 48.47
C MET F 604 21.42 -23.13 47.10
N ALA F 605 21.39 -24.46 47.03
CA ALA F 605 21.28 -25.15 45.74
C ALA F 605 19.99 -24.80 45.03
N SER F 606 18.88 -24.69 45.77
CA SER F 606 17.62 -24.30 45.15
C SER F 606 17.69 -22.90 44.56
N SER F 607 18.46 -22.01 45.17
CA SER F 607 18.56 -20.65 44.67
C SER F 607 19.43 -20.57 43.42
N LEU F 608 20.46 -21.40 43.32
CA LEU F 608 21.33 -21.39 42.14
C LEU F 608 20.59 -21.93 40.93
N SER F 609 20.78 -21.25 39.80
CA SER F 609 20.20 -21.68 38.53
C SER F 609 21.04 -21.07 37.42
N THR F 610 21.86 -21.89 36.76
CA THR F 610 22.78 -21.38 35.76
C THR F 610 22.06 -21.11 34.43
N VAL F 611 22.63 -20.20 33.66
CA VAL F 611 22.12 -19.81 32.35
C VAL F 611 23.20 -20.07 31.32
N ALA F 612 22.87 -20.86 30.29
CA ALA F 612 23.86 -21.32 29.31
C ALA F 612 23.79 -20.44 28.07
N SER F 613 24.56 -19.36 28.08
CA SER F 613 24.77 -18.52 26.91
C SER F 613 25.99 -19.02 26.16
N ASN F 614 26.51 -18.19 25.24
CA ASN F 614 27.79 -18.51 24.60
C ASN F 614 28.87 -18.76 25.64
N ASN F 615 28.84 -18.02 26.75
CA ASN F 615 29.64 -18.30 27.92
C ASN F 615 28.70 -18.47 29.11
N LEU F 616 28.90 -19.52 29.89
CA LEU F 616 27.97 -19.84 30.96
C LEU F 616 28.05 -18.82 32.09
N MET F 617 26.93 -18.64 32.78
CA MET F 617 26.86 -17.82 33.98
C MET F 617 26.00 -18.52 35.02
N ASP F 618 26.18 -18.12 36.28
CA ASP F 618 25.47 -18.70 37.41
C ASP F 618 24.85 -17.58 38.24
N PHE F 619 23.63 -17.82 38.74
CA PHE F 619 22.90 -16.83 39.50
C PHE F 619 22.38 -17.42 40.79
N CYS F 620 22.33 -16.57 41.82
CA CYS F 620 21.58 -16.85 43.04
C CYS F 620 20.42 -15.85 43.09
N SER F 621 19.20 -16.36 43.17
CA SER F 621 18.02 -15.52 43.01
C SER F 621 16.99 -15.84 44.08
N VAL F 622 16.15 -14.85 44.37
CA VAL F 622 15.00 -15.07 45.25
C VAL F 622 13.87 -15.74 44.47
N PHE F 623 13.75 -15.45 43.17
CA PHE F 623 12.73 -16.09 42.35
C PHE F 623 12.92 -17.60 42.32
N ASN F 624 14.17 -18.06 42.19
CA ASN F 624 14.45 -19.49 42.28
C ASN F 624 14.04 -20.03 43.65
N LEU F 625 14.32 -19.27 44.71
CA LEU F 625 13.85 -19.66 46.04
C LEU F 625 12.33 -19.68 46.10
N ILE F 626 11.68 -18.65 45.56
CA ILE F 626 10.22 -18.61 45.53
C ILE F 626 9.67 -19.74 44.67
N GLY F 627 10.32 -20.00 43.53
CA GLY F 627 9.90 -21.11 42.70
C GLY F 627 10.02 -22.45 43.40
N ALA F 628 11.09 -22.63 44.17
CA ALA F 628 11.31 -23.89 44.88
C ALA F 628 10.24 -24.10 45.95
N ILE F 629 9.97 -23.06 46.75
CA ILE F 629 9.04 -23.21 47.87
C ILE F 629 7.61 -23.41 47.40
N ALA F 630 7.30 -23.05 46.16
CA ALA F 630 5.98 -23.36 45.62
C ALA F 630 5.87 -24.84 45.29
N ASP F 631 6.92 -25.43 44.74
CA ASP F 631 6.88 -26.83 44.34
C ASP F 631 6.99 -27.78 45.53
N ILE F 632 7.66 -27.36 46.61
CA ILE F 632 7.77 -28.22 47.79
C ILE F 632 6.41 -28.48 48.40
N SER F 633 5.49 -27.53 48.28
CA SER F 633 4.14 -27.71 48.82
C SER F 633 3.40 -28.71 47.93
N ALA F 634 3.56 -29.99 48.24
CA ALA F 634 2.97 -31.08 47.48
C ALA F 634 1.92 -31.78 48.32
N CYS F 635 1.26 -32.75 47.71
CA CYS F 635 0.15 -33.45 48.36
C CYS F 635 0.63 -34.70 49.08
N ARG F 636 -0.21 -35.16 50.02
CA ARG F 636 -0.07 -36.42 50.73
C ARG F 636 1.05 -36.40 51.76
N CYS F 637 1.87 -35.33 51.74
CA CYS F 637 2.99 -35.16 52.67
C CYS F 637 3.78 -36.45 52.87
N GLU F 638 3.98 -37.21 51.80
CA GLU F 638 4.63 -38.51 51.90
C GLU F 638 6.12 -38.34 52.16
N ARG F 639 6.61 -39.02 53.19
CA ARG F 639 8.01 -38.87 53.59
C ARG F 639 8.96 -39.20 52.45
N SER F 640 8.55 -40.08 51.54
CA SER F 640 9.37 -40.36 50.36
C SER F 640 9.10 -39.36 49.23
N ALA F 641 7.84 -39.00 49.02
CA ALA F 641 7.51 -38.04 47.97
C ALA F 641 8.04 -36.66 48.29
N ILE F 642 7.96 -36.25 49.56
CA ILE F 642 8.55 -34.97 49.97
C ILE F 642 10.06 -35.00 49.76
N THR F 643 10.70 -36.12 50.10
CA THR F 643 12.11 -36.30 49.78
C THR F 643 12.34 -36.27 48.27
N ASN F 644 11.47 -36.96 47.52
CA ASN F 644 11.59 -36.97 46.07
C ASN F 644 11.37 -35.59 45.48
N ALA F 645 10.38 -34.86 45.99
CA ALA F 645 10.12 -33.51 45.50
C ALA F 645 11.21 -32.54 45.92
N PHE F 646 11.80 -32.74 47.10
CA PHE F 646 12.88 -31.87 47.54
C PHE F 646 14.12 -31.99 46.66
N ASN F 647 14.41 -33.20 46.16
CA ASN F 647 15.55 -33.37 45.28
C ASN F 647 15.35 -32.71 43.92
N LYS F 648 14.11 -32.43 43.53
CA LYS F 648 13.86 -31.73 42.28
C LYS F 648 14.17 -30.24 42.40
N VAL F 649 13.83 -29.63 43.54
CA VAL F 649 14.02 -28.19 43.68
C VAL F 649 15.48 -27.85 43.93
N ILE F 650 16.26 -28.80 44.47
CA ILE F 650 17.68 -28.57 44.69
C ILE F 650 18.55 -29.03 43.53
N ALA F 651 18.01 -29.82 42.61
CA ALA F 651 18.78 -30.24 41.45
C ALA F 651 19.10 -29.04 40.57
N GLN F 652 20.33 -29.01 40.07
CA GLN F 652 20.77 -27.90 39.23
C GLN F 652 19.96 -27.87 37.94
N THR F 653 19.44 -26.69 37.61
CA THR F 653 18.64 -26.50 36.41
C THR F 653 19.40 -25.60 35.44
N THR F 654 19.64 -26.11 34.24
CA THR F 654 20.33 -25.37 33.19
C THR F 654 19.33 -24.98 32.11
N CYS F 655 19.44 -23.74 31.65
CA CYS F 655 18.56 -23.23 30.61
C CYS F 655 19.36 -22.38 29.64
N ILE F 656 18.85 -22.26 28.42
CA ILE F 656 19.49 -21.48 27.39
C ILE F 656 18.87 -20.09 27.35
N VAL F 657 19.62 -19.12 26.83
CA VAL F 657 19.17 -17.73 26.76
C VAL F 657 17.99 -17.63 25.80
N PRO F 658 17.08 -16.68 26.00
CA PRO F 658 15.96 -16.52 25.07
C PRO F 658 16.44 -16.03 23.72
N PRO F 659 15.65 -16.25 22.66
CA PRO F 659 16.08 -15.79 21.33
C PRO F 659 16.24 -14.28 21.22
N TRP F 660 15.60 -13.50 22.09
CA TRP F 660 15.77 -12.05 22.07
C TRP F 660 16.90 -11.62 23.00
N SER F 661 18.06 -12.26 22.86
CA SER F 661 19.20 -12.02 23.74
C SER F 661 20.38 -11.52 22.93
N GLU F 662 21.00 -10.44 23.41
CA GLU F 662 22.22 -9.92 22.81
C GLU F 662 23.47 -10.66 23.26
N ALA F 663 23.36 -11.49 24.30
CA ALA F 663 24.51 -12.24 24.80
C ALA F 663 24.59 -13.61 24.14
N PHE F 706 21.88 -34.12 53.67
CA PHE F 706 20.74 -33.31 54.10
C PHE F 706 19.62 -34.19 54.65
N SER F 707 20.00 -35.23 55.40
CA SER F 707 19.01 -36.13 55.96
C SER F 707 18.09 -35.40 56.94
N ASP F 708 18.65 -34.54 57.79
CA ASP F 708 17.84 -33.79 58.73
C ASP F 708 17.23 -32.53 58.12
N ALA F 709 17.64 -32.16 56.90
CA ALA F 709 17.01 -31.03 56.23
C ALA F 709 15.62 -31.39 55.74
N ILE F 710 15.45 -32.61 55.22
CA ILE F 710 14.13 -33.07 54.79
C ILE F 710 13.20 -33.21 55.98
N THR F 711 13.74 -33.61 57.14
CA THR F 711 12.92 -33.78 58.33
C THR F 711 12.26 -32.47 58.77
N LYS F 712 13.00 -31.36 58.74
CA LYS F 712 12.42 -30.08 59.14
C LYS F 712 11.34 -29.61 58.16
N VAL F 713 11.36 -30.12 56.94
CA VAL F 713 10.30 -29.80 55.98
C VAL F 713 8.99 -30.52 56.33
N GLU F 714 9.07 -31.67 57.00
CA GLU F 714 7.88 -32.51 57.19
C GLU F 714 6.81 -31.77 58.00
N GLN F 715 7.18 -31.21 59.14
CA GLN F 715 6.17 -30.51 59.95
C GLN F 715 5.73 -29.21 59.29
N TRP F 716 6.57 -28.65 58.41
CA TRP F 716 6.13 -27.48 57.65
C TRP F 716 4.93 -27.82 56.77
N LEU F 717 5.01 -28.95 56.07
CA LEU F 717 3.84 -29.41 55.30
C LEU F 717 2.72 -29.88 56.21
N LYS F 718 3.06 -30.36 57.42
CA LYS F 718 2.02 -30.68 58.38
C LYS F 718 1.22 -29.45 58.76
N ASN F 719 1.91 -28.31 58.92
CA ASN F 719 1.21 -27.06 59.20
C ASN F 719 0.51 -26.52 57.96
N VAL F 720 1.16 -26.63 56.79
CA VAL F 720 0.61 -26.05 55.57
C VAL F 720 -0.73 -26.68 55.22
N ASN F 721 -0.80 -28.02 55.26
CA ASN F 721 -2.03 -28.71 54.90
C ASN F 721 -3.18 -28.41 55.86
N GLU F 722 -2.87 -28.08 57.12
CA GLU F 722 -3.89 -27.77 58.10
C GLU F 722 -4.12 -26.27 58.28
N ILE F 723 -3.44 -25.44 57.49
CA ILE F 723 -3.59 -23.99 57.55
C ILE F 723 -4.03 -23.42 56.22
N GLU F 724 -3.49 -23.92 55.10
CA GLU F 724 -3.76 -23.36 53.78
C GLU F 724 -5.23 -23.46 53.40
N ILE F 725 -6.01 -24.30 54.09
CA ILE F 725 -7.44 -24.38 53.79
C ILE F 725 -8.11 -23.03 54.01
N GLY F 726 -7.68 -22.30 55.04
CA GLY F 726 -8.22 -20.98 55.33
C GLY F 726 -7.67 -19.85 54.50
N ILE F 727 -6.72 -20.12 53.62
CA ILE F 727 -6.13 -19.08 52.79
C ILE F 727 -7.18 -18.56 51.81
N ARG F 728 -7.38 -17.25 51.79
CA ARG F 728 -8.37 -16.60 50.95
C ARG F 728 -7.68 -15.49 50.15
N PRO F 729 -6.92 -15.86 49.12
CA PRO F 729 -6.15 -14.85 48.37
C PRO F 729 -6.95 -14.15 47.30
N SER F 730 -7.10 -12.83 47.42
CA SER F 730 -7.80 -12.05 46.42
C SER F 730 -6.90 -11.80 45.21
N ALA F 731 -7.53 -11.38 44.11
CA ALA F 731 -6.75 -10.95 42.96
C ALA F 731 -6.00 -9.65 43.27
N LEU F 732 -6.61 -8.78 44.08
CA LEU F 732 -5.93 -7.57 44.52
C LEU F 732 -4.80 -7.89 45.49
N LEU F 733 -5.03 -8.85 46.40
CA LEU F 733 -4.00 -9.26 47.34
C LEU F 733 -2.76 -9.75 46.60
N ILE F 734 -2.95 -10.66 45.64
CA ILE F 734 -1.82 -11.22 44.90
C ILE F 734 -1.13 -10.14 44.08
N GLY F 735 -1.91 -9.26 43.46
CA GLY F 735 -1.29 -8.16 42.72
C GLY F 735 -0.52 -7.21 43.62
N LYS F 736 -1.13 -6.80 44.72
CA LYS F 736 -0.48 -5.81 45.59
C LYS F 736 0.80 -6.37 46.20
N VAL F 737 0.74 -7.60 46.72
CA VAL F 737 1.92 -8.17 47.36
C VAL F 737 3.09 -8.21 46.38
N TRP F 738 2.83 -8.54 45.11
CA TRP F 738 3.88 -8.48 44.11
C TRP F 738 4.39 -7.07 43.92
N SER F 739 3.49 -6.07 43.93
CA SER F 739 3.89 -4.70 43.66
C SER F 739 4.89 -4.18 44.69
N ARG F 740 4.62 -4.45 45.97
CA ARG F 740 5.62 -4.13 46.99
C ARG F 740 6.85 -5.02 46.83
N PHE F 741 6.64 -6.29 46.49
CA PHE F 741 7.75 -7.21 46.26
C PHE F 741 8.56 -6.79 45.04
N TYR F 742 7.91 -6.30 43.98
CA TYR F 742 8.64 -5.92 42.79
C TYR F 742 9.47 -4.66 43.03
N PHE F 743 8.90 -3.69 43.73
CA PHE F 743 9.59 -2.42 43.92
C PHE F 743 10.76 -2.54 44.89
N ASN F 744 10.61 -3.36 45.93
CA ASN F 744 11.66 -3.47 46.95
C ASN F 744 12.96 -3.98 46.34
N LEU F 745 12.87 -4.99 45.47
CA LEU F 745 14.03 -5.54 44.80
C LEU F 745 14.67 -4.57 43.82
N ASN F 746 13.93 -3.55 43.37
CA ASN F 746 14.56 -2.48 42.61
C ASN F 746 15.51 -1.68 43.48
N ASN F 747 15.06 -1.30 44.68
CA ASN F 747 15.92 -0.55 45.59
C ASN F 747 17.10 -1.40 46.04
N VAL F 748 16.86 -2.67 46.36
CA VAL F 748 17.94 -3.55 46.82
C VAL F 748 18.99 -3.73 45.73
N ALA F 749 18.55 -3.92 44.48
CA ALA F 749 19.46 -4.06 43.37
C ALA F 749 20.09 -2.73 42.94
N ASP F 750 19.63 -1.61 43.50
CA ASP F 750 20.15 -0.29 43.18
C ASP F 750 21.01 0.31 44.28
N GLN F 751 20.61 0.17 45.54
CA GLN F 751 21.40 0.72 46.63
C GLN F 751 22.64 -0.14 46.94
N HIS F 752 22.51 -1.45 46.80
CA HIS F 752 23.67 -2.34 46.91
C HIS F 752 24.43 -2.48 45.60
N LYS F 753 23.99 -1.80 44.55
CA LYS F 753 24.65 -1.89 43.25
C LYS F 753 26.02 -1.21 43.26
N THR F 754 26.33 -0.43 44.29
CA THR F 754 27.61 0.26 44.39
C THR F 754 28.32 0.00 45.70
N ARG F 755 27.74 -0.78 46.61
CA ARG F 755 28.31 -1.02 47.93
C ARG F 755 29.20 -2.26 47.96
N LEU F 756 29.76 -2.67 46.82
CA LEU F 756 30.67 -3.81 46.76
C LEU F 756 32.10 -3.28 46.76
N TYR F 757 32.57 -2.91 47.95
CA TYR F 757 33.88 -2.28 48.10
C TYR F 757 34.97 -3.35 48.10
N ARG F 758 36.19 -2.95 48.45
CA ARG F 758 37.34 -3.85 48.34
C ARG F 758 37.48 -4.76 49.55
N ASN F 759 37.46 -4.18 50.75
CA ASN F 759 37.80 -4.91 51.97
C ASN F 759 36.60 -4.99 52.91
N ALA F 760 36.39 -6.18 53.47
CA ALA F 760 35.41 -6.41 54.52
C ALA F 760 34.00 -6.03 54.07
N GLU F 761 33.57 -6.59 52.95
CA GLU F 761 32.17 -6.42 52.55
C GLU F 761 31.22 -7.12 53.52
N HIS F 762 31.66 -8.24 54.10
CA HIS F 762 30.91 -8.81 55.22
C HIS F 762 30.92 -7.87 56.41
N GLY F 763 32.11 -7.38 56.77
CA GLY F 763 32.32 -6.28 57.71
C GLY F 763 31.46 -6.28 58.95
N ARG F 764 31.09 -5.08 59.39
CA ARG F 764 30.25 -4.88 60.57
C ARG F 764 29.12 -3.89 60.36
N MET F 765 29.23 -2.97 59.41
CA MET F 765 28.28 -1.88 59.22
C MET F 765 27.59 -2.02 57.87
N ALA F 766 26.58 -1.19 57.66
CA ALA F 766 25.72 -1.26 56.49
C ALA F 766 26.22 -0.43 55.31
N SER F 767 27.37 0.23 55.44
CA SER F 767 27.88 1.04 54.34
C SER F 767 28.44 0.18 53.21
N GLN F 768 28.79 -1.07 53.48
CA GLN F 768 29.30 -1.99 52.48
C GLN F 768 28.36 -3.18 52.35
N SER F 769 28.34 -3.77 51.15
CA SER F 769 27.44 -4.87 50.85
C SER F 769 28.19 -6.04 50.25
N ASN F 770 27.68 -7.24 50.50
CA ASN F 770 28.22 -8.48 49.98
C ASN F 770 27.09 -9.30 49.35
N ALA F 771 27.48 -10.35 48.63
CA ALA F 771 26.48 -11.18 47.96
C ALA F 771 25.57 -11.92 48.93
N ALA F 772 25.96 -12.02 50.20
CA ALA F 772 25.13 -12.69 51.19
C ALA F 772 24.11 -11.76 51.84
N LYS F 773 24.19 -10.46 51.60
CA LYS F 773 23.19 -9.53 52.10
C LYS F 773 22.36 -8.89 50.99
N ILE F 774 22.83 -8.91 49.75
CA ILE F 774 21.95 -8.61 48.62
C ILE F 774 20.84 -9.66 48.55
N MET F 775 21.20 -10.93 48.74
CA MET F 775 20.22 -12.00 48.77
C MET F 775 19.50 -12.12 50.11
N ARG F 776 20.02 -11.48 51.16
CA ARG F 776 19.29 -11.44 52.42
C ARG F 776 18.12 -10.47 52.35
N PHE F 777 18.34 -9.31 51.73
CA PHE F 777 17.26 -8.32 51.62
C PHE F 777 16.31 -8.65 50.48
N ASN F 778 16.79 -9.37 49.46
CA ASN F 778 15.88 -9.87 48.43
C ASN F 778 14.88 -10.85 49.02
N VAL F 779 15.35 -11.74 49.90
CA VAL F 779 14.45 -12.65 50.59
C VAL F 779 13.60 -11.90 51.60
N LEU F 780 14.21 -10.97 52.35
CA LEU F 780 13.46 -10.20 53.34
C LEU F 780 12.43 -9.30 52.69
N ALA F 781 12.70 -8.84 51.45
CA ALA F 781 11.71 -8.05 50.74
C ALA F 781 10.46 -8.86 50.44
N PHE F 782 10.64 -10.12 50.02
CA PHE F 782 9.49 -10.98 49.77
C PHE F 782 8.70 -11.25 51.05
N LEU F 783 9.41 -11.49 52.16
CA LEU F 783 8.74 -11.68 53.43
C LEU F 783 8.02 -10.40 53.87
N HIS F 784 8.66 -9.25 53.67
CA HIS F 784 8.02 -7.99 54.05
C HIS F 784 6.81 -7.71 53.19
N ALA F 785 6.97 -7.79 51.86
CA ALA F 785 5.87 -7.48 50.96
C ALA F 785 4.66 -8.36 51.25
N VAL F 786 4.90 -9.64 51.55
CA VAL F 786 3.82 -10.50 52.01
C VAL F 786 3.29 -9.99 53.35
N LEU F 787 4.18 -9.65 54.28
CA LEU F 787 3.76 -9.23 55.61
C LEU F 787 2.97 -7.93 55.57
N VAL F 788 3.52 -6.89 54.93
CA VAL F 788 2.93 -5.56 55.06
C VAL F 788 1.56 -5.50 54.39
N GLU F 789 1.45 -6.04 53.17
CA GLU F 789 0.25 -5.87 52.37
C GLU F 789 -0.65 -7.09 52.38
N GLU F 790 -0.47 -8.00 53.33
CA GLU F 790 -1.46 -9.04 53.59
C GLU F 790 -2.46 -8.60 54.64
N SER F 791 -1.96 -8.05 55.76
CA SER F 791 -2.85 -7.48 56.76
C SER F 791 -3.75 -6.42 56.14
N LEU F 792 -3.24 -5.69 55.15
CA LEU F 792 -4.03 -4.73 54.42
C LEU F 792 -5.21 -5.38 53.70
N TYR F 793 -4.93 -6.29 52.78
CA TYR F 793 -5.91 -6.73 51.79
C TYR F 793 -6.13 -8.25 51.84
N HIS F 794 -6.15 -8.84 53.03
CA HIS F 794 -6.51 -10.24 53.18
C HIS F 794 -7.89 -10.33 53.84
N SER F 795 -8.74 -11.21 53.31
CA SER F 795 -10.11 -11.31 53.76
C SER F 795 -10.28 -12.22 54.98
N VAL F 796 -9.22 -12.84 55.48
CA VAL F 796 -9.35 -13.70 56.64
C VAL F 796 -9.62 -12.86 57.89
N SER F 797 -8.90 -11.75 58.06
CA SER F 797 -9.02 -10.89 59.22
C SER F 797 -9.68 -9.58 58.80
N ASP F 798 -10.81 -9.26 59.42
CA ASP F 798 -11.55 -8.06 59.04
C ASP F 798 -10.80 -6.80 59.46
N ARG F 799 -10.13 -6.83 60.60
CA ARG F 799 -9.52 -5.64 61.17
C ARG F 799 -8.09 -5.45 60.71
N GLU F 800 -7.73 -4.20 60.45
CA GLU F 800 -6.36 -3.84 60.09
C GLU F 800 -5.44 -4.07 61.28
N TYR F 801 -4.19 -4.40 61.00
CA TYR F 801 -3.25 -4.69 62.08
C TYR F 801 -1.90 -3.97 61.99
N ILE F 802 -1.57 -3.28 60.89
CA ILE F 802 -0.30 -2.60 60.82
C ILE F 802 -0.26 -1.42 61.77
N GLY F 803 -1.31 -0.59 61.76
CA GLY F 803 -1.31 0.66 62.46
C GLY F 803 -0.86 1.81 61.58
N GLU F 804 -0.94 3.02 62.15
CA GLU F 804 -0.61 4.22 61.40
C GLU F 804 0.90 4.34 61.20
N GLY F 805 1.28 5.24 60.31
CA GLY F 805 2.68 5.48 60.00
C GLY F 805 3.02 5.12 58.56
N LEU F 806 4.20 5.56 58.16
CA LEU F 806 4.68 5.28 56.81
C LEU F 806 4.86 3.78 56.60
N ARG F 807 4.40 3.30 55.45
CA ARG F 807 4.54 1.88 55.10
C ARG F 807 5.77 1.68 54.20
N LEU F 808 6.93 1.98 54.78
CA LEU F 808 8.19 1.82 54.06
C LEU F 808 8.61 0.35 54.02
N ASN F 809 9.65 0.07 53.25
CA ASN F 809 10.14 -1.28 53.07
C ASN F 809 11.62 -1.35 53.40
N PRO F 810 12.09 -2.52 53.87
CA PRO F 810 13.49 -2.62 54.32
C PRO F 810 14.45 -2.70 53.14
N VAL F 811 15.31 -1.69 53.02
CA VAL F 811 16.39 -1.67 52.05
C VAL F 811 17.67 -1.28 52.77
N THR F 812 18.73 -2.08 52.58
CA THR F 812 20.05 -1.87 53.17
C THR F 812 20.00 -1.94 54.69
N SER F 813 18.84 -2.22 55.26
CA SER F 813 18.68 -2.32 56.70
C SER F 813 17.39 -3.08 56.99
N VAL F 814 17.33 -3.65 58.18
CA VAL F 814 16.15 -4.41 58.61
C VAL F 814 15.23 -3.59 59.50
N ASP F 815 15.62 -2.36 59.84
CA ASP F 815 14.88 -1.55 60.80
C ASP F 815 13.41 -1.40 60.40
N GLU F 816 13.13 -1.34 59.11
CA GLU F 816 11.78 -1.17 58.61
C GLU F 816 10.99 -2.47 58.54
N PHE F 817 11.60 -3.61 58.88
CA PHE F 817 10.94 -4.90 58.74
C PHE F 817 10.24 -5.33 60.03
N GLU F 818 10.99 -5.43 61.13
CA GLU F 818 10.38 -5.83 62.40
C GLU F 818 9.72 -4.68 63.13
N LYS F 819 9.96 -3.43 62.71
CA LYS F 819 9.17 -2.33 63.27
C LYS F 819 7.70 -2.50 62.97
N LYS F 820 7.36 -3.21 61.89
CA LYS F 820 5.99 -3.59 61.61
C LYS F 820 5.61 -4.86 62.36
N ILE F 821 6.55 -5.77 62.58
CA ILE F 821 6.26 -6.98 63.35
C ILE F 821 6.00 -6.62 64.81
N LYS F 822 6.74 -5.65 65.35
CA LYS F 822 6.55 -5.24 66.74
C LYS F 822 5.15 -4.68 66.94
N ILE F 823 4.74 -3.74 66.08
CA ILE F 823 3.42 -3.14 66.23
C ILE F 823 2.31 -4.14 65.88
N ILE F 824 2.53 -4.99 64.88
CA ILE F 824 1.54 -6.04 64.59
C ILE F 824 1.47 -7.03 65.74
N GLY F 825 2.62 -7.44 66.28
CA GLY F 825 2.61 -8.33 67.43
C GLY F 825 1.96 -7.71 68.65
N GLU F 826 2.18 -6.40 68.85
CA GLU F 826 1.52 -5.70 69.95
C GLU F 826 0.01 -5.69 69.78
N LYS F 827 -0.47 -5.44 68.55
CA LYS F 827 -1.91 -5.34 68.33
C LYS F 827 -2.61 -6.69 68.33
N LEU F 828 -1.90 -7.77 67.98
CA LEU F 828 -2.55 -9.08 67.93
C LEU F 828 -3.02 -9.52 69.31
N LYS F 829 -2.20 -9.31 70.33
CA LYS F 829 -2.59 -9.70 71.68
C LYS F 829 -3.68 -8.80 72.24
N ALA F 830 -3.73 -7.54 71.79
CA ALA F 830 -4.81 -6.65 72.23
C ALA F 830 -6.17 -7.16 71.77
N ASP F 831 -6.25 -7.63 70.53
CA ASP F 831 -7.50 -8.18 69.99
C ASP F 831 -7.66 -9.67 70.28
N ASN F 832 -6.69 -10.29 70.96
CA ASN F 832 -6.74 -11.70 71.31
C ASN F 832 -6.83 -12.56 70.05
N LYS F 833 -5.98 -12.25 69.08
CA LYS F 833 -5.92 -13.00 67.82
C LYS F 833 -4.50 -13.49 67.59
N THR F 834 -4.38 -14.72 67.13
CA THR F 834 -3.08 -15.36 66.98
C THR F 834 -2.45 -15.04 65.63
N TRP F 835 -1.15 -15.28 65.54
CA TRP F 835 -0.43 -15.08 64.28
C TRP F 835 -0.90 -16.05 63.21
N LYS F 836 -1.32 -17.26 63.62
CA LYS F 836 -1.70 -18.28 62.66
C LYS F 836 -2.92 -17.88 61.85
N ASN F 837 -3.93 -17.30 62.49
CA ASN F 837 -5.21 -17.04 61.86
C ASN F 837 -5.22 -15.74 61.05
N THR F 838 -4.69 -14.65 61.62
CA THR F 838 -4.76 -13.36 60.94
C THR F 838 -3.81 -13.30 59.75
N HIS F 839 -2.64 -13.93 59.85
CA HIS F 839 -1.63 -13.90 58.79
C HIS F 839 -1.22 -15.32 58.43
N PRO F 840 -2.07 -16.05 57.71
CA PRO F 840 -1.70 -17.42 57.33
C PRO F 840 -0.56 -17.48 56.33
N LEU F 841 -0.56 -16.59 55.34
CA LEU F 841 0.50 -16.61 54.32
C LEU F 841 1.85 -16.31 54.92
N PHE F 842 1.94 -15.26 55.74
CA PHE F 842 3.22 -14.88 56.33
C PHE F 842 3.70 -15.91 57.35
N PHE F 843 2.78 -16.55 58.07
CA PHE F 843 3.17 -17.56 59.04
C PHE F 843 3.82 -18.75 58.36
N LEU F 844 3.18 -19.28 57.31
CA LEU F 844 3.76 -20.40 56.58
C LEU F 844 5.02 -19.99 55.82
N LEU F 845 5.04 -18.78 55.29
CA LEU F 845 6.21 -18.33 54.53
C LEU F 845 7.41 -18.10 55.44
N ILE F 846 7.19 -17.62 56.67
CA ILE F 846 8.29 -17.44 57.60
C ILE F 846 8.62 -18.73 58.34
N SER F 847 7.74 -19.72 58.33
CA SER F 847 8.01 -21.03 58.88
C SER F 847 8.66 -21.97 57.87
N CYS F 848 8.93 -21.49 56.66
CA CYS F 848 9.53 -22.33 55.63
C CYS F 848 10.97 -22.64 56.00
N PRO F 849 11.34 -23.90 56.19
CA PRO F 849 12.72 -24.21 56.60
C PRO F 849 13.77 -23.79 55.59
N ILE F 850 13.46 -23.85 54.30
CA ILE F 850 14.46 -23.55 53.27
C ILE F 850 14.73 -22.05 53.17
N LEU F 851 13.78 -21.21 53.57
CA LEU F 851 14.00 -19.77 53.60
C LEU F 851 14.57 -19.29 54.93
N HIS F 852 14.65 -20.17 55.93
CA HIS F 852 15.21 -19.77 57.22
C HIS F 852 16.67 -19.34 57.16
N PRO F 853 17.58 -20.08 56.52
CA PRO F 853 18.99 -19.64 56.51
C PRO F 853 19.21 -18.30 55.82
N PHE F 854 18.38 -17.95 54.84
CA PHE F 854 18.56 -16.68 54.14
C PHE F 854 18.20 -15.49 55.00
N ILE F 855 17.48 -15.70 56.11
CA ILE F 855 17.14 -14.60 57.00
C ILE F 855 18.37 -14.12 57.75
N PHE F 856 19.24 -15.04 58.17
CA PHE F 856 20.41 -14.72 58.98
C PHE F 856 21.67 -15.33 58.36
N PRO F 857 22.17 -14.76 57.28
CA PRO F 857 23.49 -15.19 56.77
C PRO F 857 24.60 -14.71 57.69
N VAL F 858 25.77 -15.35 57.54
CA VAL F 858 26.89 -15.00 58.41
C VAL F 858 27.43 -13.61 58.06
N GLY F 859 27.51 -13.29 56.78
CA GLY F 859 28.00 -11.99 56.33
C GLY F 859 26.93 -11.03 55.86
N GLY F 860 25.67 -11.32 56.11
CA GLY F 860 24.58 -10.47 55.67
C GLY F 860 23.96 -9.59 56.71
N ILE F 861 24.36 -9.69 57.97
CA ILE F 861 23.75 -8.97 59.07
C ILE F 861 24.58 -7.74 59.39
N ASN F 862 23.91 -6.60 59.55
CA ASN F 862 24.56 -5.37 60.00
C ASN F 862 24.70 -5.45 61.51
N CYS F 863 25.86 -5.93 61.96
CA CYS F 863 26.07 -6.21 63.37
C CYS F 863 26.66 -5.00 64.11
N SER F 864 26.01 -3.86 63.99
CA SER F 864 26.35 -2.68 64.78
C SER F 864 25.50 -2.64 66.03
N VAL F 865 26.04 -2.00 67.08
CA VAL F 865 25.38 -2.02 68.38
C VAL F 865 24.02 -1.34 68.29
N LYS F 866 23.90 -0.27 67.49
CA LYS F 866 22.60 0.34 67.27
C LYS F 866 21.72 -0.54 66.39
N ALA F 867 22.31 -1.24 65.41
CA ALA F 867 21.52 -2.13 64.57
C ALA F 867 21.15 -3.40 65.32
N LEU F 868 22.09 -3.97 66.09
CA LEU F 868 21.77 -5.13 66.90
C LEU F 868 20.74 -4.79 67.97
N ASN F 869 20.70 -3.53 68.41
CA ASN F 869 19.62 -3.09 69.29
C ASN F 869 18.28 -3.20 68.60
N LYS F 870 18.22 -2.83 67.32
CA LYS F 870 17.01 -3.02 66.55
C LYS F 870 16.78 -4.49 66.21
N GLU F 871 17.86 -5.28 66.17
CA GLU F 871 17.78 -6.70 65.85
C GLU F 871 17.66 -7.58 67.08
N THR F 872 17.66 -7.01 68.28
CA THR F 872 17.39 -7.81 69.47
C THR F 872 15.94 -8.28 69.48
N SER F 873 15.07 -7.64 68.71
CA SER F 873 13.72 -8.13 68.46
C SER F 873 13.62 -8.95 67.19
N PHE F 874 14.47 -8.67 66.20
CA PHE F 874 14.48 -9.41 64.94
C PHE F 874 14.94 -10.85 65.12
N ASN F 875 15.48 -11.21 66.28
CA ASN F 875 15.75 -12.61 66.56
C ASN F 875 14.58 -13.29 67.25
N LYS F 876 14.03 -12.64 68.28
CA LYS F 876 12.97 -13.26 69.09
C LYS F 876 11.61 -13.23 68.38
N LEU F 877 11.33 -12.20 67.60
CA LEU F 877 10.00 -12.06 67.00
C LEU F 877 9.69 -13.24 66.08
N ILE F 878 10.66 -13.64 65.24
CA ILE F 878 10.48 -14.81 64.41
C ILE F 878 10.43 -16.07 65.26
N ASP F 879 11.22 -16.13 66.33
CA ASP F 879 11.20 -17.29 67.21
C ASP F 879 9.83 -17.47 67.85
N GLU F 880 9.21 -16.37 68.29
CA GLU F 880 7.88 -16.46 68.90
C GLU F 880 6.82 -16.91 67.91
N ILE F 881 7.00 -16.63 66.63
CA ILE F 881 5.99 -16.98 65.61
C ILE F 881 6.13 -18.42 65.17
N VAL F 882 7.34 -18.83 64.77
CA VAL F 882 7.55 -20.18 64.25
C VAL F 882 7.28 -21.21 65.34
N GLY F 883 7.84 -20.99 66.53
CA GLY F 883 7.66 -21.91 67.63
C GLY F 883 8.96 -22.50 68.13
N ASP F 884 9.88 -22.79 67.21
CA ASP F 884 11.19 -23.32 67.53
C ASP F 884 12.26 -22.32 67.14
N LYS F 885 13.18 -22.06 68.06
CA LYS F 885 14.26 -21.10 67.82
C LYS F 885 15.15 -21.59 66.68
N LEU F 886 15.17 -20.86 65.56
CA LEU F 886 15.88 -21.32 64.38
C LEU F 886 17.40 -21.24 64.57
N LEU F 887 17.88 -20.23 65.27
CA LEU F 887 19.30 -20.09 65.59
C LEU F 887 19.50 -20.20 67.09
N SER F 888 20.48 -21.00 67.51
CA SER F 888 20.81 -21.11 68.92
C SER F 888 21.55 -19.87 69.39
N ASP F 889 21.67 -19.73 70.71
CA ASP F 889 22.30 -18.54 71.27
C ASP F 889 23.77 -18.42 70.85
N GLU F 890 24.51 -19.53 70.88
CA GLU F 890 25.91 -19.49 70.50
C GLU F 890 26.07 -19.15 69.02
N GLU F 891 25.22 -19.71 68.17
CA GLU F 891 25.27 -19.38 66.74
C GLU F 891 24.90 -17.92 66.51
N TRP F 892 23.92 -17.41 67.25
CA TRP F 892 23.51 -16.03 67.10
C TRP F 892 24.63 -15.07 67.47
N ASP F 893 25.36 -15.38 68.56
CA ASP F 893 26.43 -14.49 69.02
C ASP F 893 27.57 -14.42 68.00
N TYR F 894 27.92 -15.54 67.39
CA TYR F 894 29.02 -15.56 66.43
C TYR F 894 28.72 -14.66 65.22
N LEU F 895 27.48 -14.72 64.72
CA LEU F 895 27.11 -13.87 63.59
C LEU F 895 27.13 -12.39 63.98
N THR F 896 26.63 -12.06 65.17
CA THR F 896 26.67 -10.68 65.63
C THR F 896 28.07 -10.21 65.97
N LYS F 897 28.99 -11.14 66.27
CA LYS F 897 30.36 -10.78 66.62
C LYS F 897 31.34 -11.42 65.66
N GLN F 907 36.03 -22.02 67.30
CA GLN F 907 35.91 -22.16 65.86
C GLN F 907 34.97 -23.30 65.49
N GLN F 908 33.69 -22.99 65.36
CA GLN F 908 32.68 -23.97 65.02
C GLN F 908 31.78 -23.41 63.91
N ILE F 909 31.52 -24.23 62.90
CA ILE F 909 30.57 -23.90 61.84
C ILE F 909 29.30 -24.70 62.07
N PHE F 910 28.16 -24.08 61.75
CA PHE F 910 26.86 -24.72 61.91
C PHE F 910 26.11 -24.67 60.59
N GLN F 911 25.19 -25.63 60.43
CA GLN F 911 24.52 -25.85 59.16
C GLN F 911 23.25 -25.04 58.99
N ASN F 912 22.71 -24.46 60.07
CA ASN F 912 21.41 -23.81 59.99
C ASN F 912 21.40 -22.59 59.07
N THR F 913 22.56 -21.97 58.83
CA THR F 913 22.64 -20.78 58.00
C THR F 913 23.75 -20.94 56.98
N ILE F 914 23.65 -20.13 55.91
CA ILE F 914 24.70 -20.11 54.89
C ILE F 914 25.98 -19.55 55.49
N THR F 915 27.12 -20.08 55.05
CA THR F 915 28.42 -19.69 55.59
C THR F 915 29.41 -19.21 54.56
N SER F 916 29.23 -19.52 53.27
CA SER F 916 30.21 -19.17 52.25
C SER F 916 29.70 -18.17 51.21
N LEU F 917 28.48 -17.66 51.36
CA LEU F 917 27.97 -16.70 50.39
C LEU F 917 28.64 -15.34 50.52
N ASN F 918 28.96 -14.92 51.74
CA ASN F 918 29.62 -13.63 51.93
C ASN F 918 31.00 -13.60 51.27
N SER F 919 31.74 -14.70 51.38
CA SER F 919 33.08 -14.80 50.81
C SER F 919 33.08 -15.15 49.33
N SER F 920 31.93 -15.00 48.65
CA SER F 920 31.84 -15.33 47.23
C SER F 920 32.33 -14.15 46.40
N THR F 921 32.12 -14.23 45.08
CA THR F 921 32.51 -13.19 44.15
C THR F 921 31.34 -12.88 43.23
N ILE F 922 31.25 -11.61 42.81
CA ILE F 922 30.18 -11.13 41.96
C ILE F 922 30.77 -10.71 40.62
N VAL F 923 30.14 -11.13 39.53
CA VAL F 923 30.63 -10.80 38.20
C VAL F 923 30.56 -9.29 38.00
N GLY F 924 31.57 -8.74 37.35
CA GLY F 924 31.58 -7.33 37.00
C GLY F 924 31.88 -6.38 38.14
N ALA F 925 32.28 -6.89 39.30
CA ALA F 925 32.60 -6.07 40.45
C ALA F 925 34.11 -5.90 40.53
N SER F 926 34.58 -4.66 40.47
CA SER F 926 36.01 -4.35 40.55
C SER F 926 36.32 -3.97 42.00
N TYR F 927 36.91 -4.92 42.73
CA TYR F 927 37.23 -4.72 44.14
C TYR F 927 38.47 -3.85 44.23
N ASP F 928 38.27 -2.54 44.08
CA ASP F 928 39.38 -1.59 44.08
C ASP F 928 39.14 -0.33 44.90
N LYS F 929 37.99 -0.21 45.58
CA LYS F 929 37.69 0.97 46.36
C LYS F 929 37.38 0.57 47.80
N ASP F 930 37.84 1.40 48.74
CA ASP F 930 37.71 1.10 50.16
C ASP F 930 36.39 1.64 50.71
N THR F 931 35.90 0.98 51.76
CA THR F 931 34.73 1.48 52.45
C THR F 931 35.07 2.77 53.20
N PRO F 932 34.14 3.73 53.25
CA PRO F 932 34.44 4.98 53.96
C PRO F 932 34.57 4.78 55.46
N ALA F 933 35.37 5.64 56.08
CA ALA F 933 35.60 5.57 57.52
C ALA F 933 34.50 6.30 58.28
N LYS G 13 -42.39 44.13 18.38
CA LYS G 13 -41.64 43.16 19.17
C LYS G 13 -42.20 41.75 18.99
N ILE G 14 -41.36 40.75 19.28
CA ILE G 14 -41.73 39.35 19.16
C ILE G 14 -41.52 38.68 20.52
N ILE G 15 -42.50 37.91 20.95
CA ILE G 15 -42.42 37.15 22.20
C ILE G 15 -42.58 35.67 21.87
N ILE G 16 -41.58 34.88 22.20
CA ILE G 16 -41.59 33.45 21.95
C ILE G 16 -42.00 32.74 23.24
N ASN G 17 -43.05 31.94 23.17
CA ASN G 17 -43.57 31.20 24.32
C ASN G 17 -42.88 29.85 24.38
N LEU G 18 -41.97 29.69 25.35
CA LEU G 18 -41.26 28.43 25.49
C LEU G 18 -42.18 27.31 25.94
N PHE G 19 -43.25 27.63 26.66
CA PHE G 19 -44.20 26.64 27.13
C PHE G 19 -45.31 26.36 26.12
N ALA G 20 -45.35 27.10 25.02
CA ALA G 20 -46.15 26.72 23.88
C ALA G 20 -45.51 25.52 23.19
N PRO G 21 -46.26 24.81 22.35
CA PRO G 21 -45.65 23.68 21.62
C PRO G 21 -44.40 24.07 20.86
N ASN G 22 -44.34 25.29 20.32
CA ASN G 22 -43.15 25.81 19.65
C ASN G 22 -42.70 24.88 18.54
N LEU G 23 -43.63 24.58 17.65
CA LEU G 23 -43.46 23.64 16.56
C LEU G 23 -43.86 24.30 15.25
N PRO G 24 -43.37 23.79 14.12
CA PRO G 24 -43.75 24.39 12.82
C PRO G 24 -45.24 24.37 12.56
N GLY G 25 -45.95 23.38 13.07
CA GLY G 25 -47.38 23.28 12.85
C GLY G 25 -48.25 24.08 13.80
N SER G 26 -47.65 24.83 14.73
CA SER G 26 -48.42 25.60 15.70
C SER G 26 -47.82 26.98 15.93
N THR G 27 -47.20 27.56 14.90
CA THR G 27 -46.57 28.87 15.00
C THR G 27 -47.47 29.90 14.32
N LYS G 28 -48.23 30.64 15.12
CA LYS G 28 -49.09 31.71 14.64
C LYS G 28 -48.33 33.03 14.72
N GLU G 29 -49.04 34.14 14.56
CA GLU G 29 -48.44 35.47 14.63
C GLU G 29 -47.89 35.76 16.01
N ASP G 30 -47.23 36.92 16.16
CA ASP G 30 -46.46 37.33 17.34
C ASP G 30 -45.60 36.18 17.88
N ASP G 31 -45.22 35.26 17.00
CA ASP G 31 -44.24 34.22 17.30
C ASP G 31 -43.28 33.98 16.14
N LEU G 32 -43.57 34.48 14.95
CA LEU G 32 -42.69 34.29 13.80
C LEU G 32 -41.41 35.08 13.99
N ILE G 33 -40.29 34.38 14.13
CA ILE G 33 -39.00 35.04 14.33
C ILE G 33 -38.64 35.87 13.10
N GLN G 34 -38.85 35.32 11.90
CA GLN G 34 -38.47 36.00 10.66
C GLN G 34 -39.68 36.73 10.09
N LYS G 35 -40.19 37.68 10.87
CA LYS G 35 -41.36 38.45 10.44
C LYS G 35 -41.00 39.50 9.41
N SER G 36 -39.82 40.10 9.51
CA SER G 36 -39.42 41.13 8.56
C SER G 36 -39.20 40.54 7.17
N LEU G 37 -38.56 39.38 7.08
CA LEU G 37 -38.29 38.76 5.80
C LEU G 37 -39.58 38.32 5.10
N ARG G 38 -40.58 37.88 5.86
CA ARG G 38 -41.83 37.43 5.26
C ARG G 38 -42.53 38.55 4.52
N ASP G 39 -42.51 39.77 5.07
CA ASP G 39 -43.23 40.87 4.46
C ASP G 39 -42.65 41.23 3.10
N GLN G 40 -41.32 41.22 2.97
CA GLN G 40 -40.70 41.64 1.73
C GLN G 40 -40.71 40.55 0.67
N LEU G 41 -40.69 39.27 1.06
CA LEU G 41 -40.72 38.19 0.08
C LEU G 41 -42.08 38.15 -0.63
N VAL G 42 -43.16 38.38 0.11
CA VAL G 42 -44.48 38.41 -0.50
C VAL G 42 -44.56 39.56 -1.51
N GLU G 43 -44.04 40.73 -1.15
CA GLU G 43 -43.99 41.84 -2.08
C GLU G 43 -43.12 41.52 -3.28
N SER G 44 -41.98 40.86 -3.05
CA SER G 44 -41.12 40.46 -4.15
C SER G 44 -41.82 39.48 -5.08
N ILE G 45 -42.56 38.53 -4.50
CA ILE G 45 -43.35 37.60 -5.31
C ILE G 45 -44.42 38.35 -6.10
N ARG G 46 -45.10 39.29 -5.44
CA ARG G 46 -46.18 40.02 -6.10
C ARG G 46 -45.65 40.97 -7.17
N ASN G 47 -44.48 41.56 -6.93
CA ASN G 47 -43.92 42.50 -7.89
C ASN G 47 -43.56 41.81 -9.21
N SER G 48 -43.00 40.60 -9.14
CA SER G 48 -42.53 39.91 -10.33
C SER G 48 -43.67 39.44 -11.23
N ILE G 49 -44.92 39.46 -10.76
CA ILE G 49 -46.05 38.98 -11.54
C ILE G 49 -46.76 40.16 -12.17
N ALA G 50 -46.71 41.32 -11.50
CA ALA G 50 -47.38 42.51 -12.02
C ALA G 50 -46.84 42.91 -13.39
N TYR G 51 -45.59 42.58 -13.68
CA TYR G 51 -45.02 42.88 -14.99
C TYR G 51 -45.30 41.75 -15.97
N ARG G 69 -37.56 32.65 -15.63
CA ARG G 69 -37.13 31.99 -14.41
C ARG G 69 -37.63 32.74 -13.17
N ASN G 70 -38.87 32.44 -12.78
CA ASN G 70 -39.47 33.04 -11.60
C ASN G 70 -39.39 32.09 -10.41
N VAL G 71 -38.16 31.80 -9.99
CA VAL G 71 -37.89 30.85 -8.93
C VAL G 71 -37.22 31.59 -7.78
N PHE G 72 -37.90 31.64 -6.63
CA PHE G 72 -37.35 32.19 -5.40
C PHE G 72 -36.77 31.08 -4.55
N PHE G 73 -35.71 31.40 -3.82
CA PHE G 73 -35.04 30.44 -2.95
C PHE G 73 -34.87 31.05 -1.57
N VAL G 74 -35.54 30.45 -0.58
CA VAL G 74 -35.43 30.91 0.81
C VAL G 74 -34.25 30.15 1.42
N ASP G 75 -33.05 30.69 1.18
CA ASP G 75 -31.84 30.06 1.71
C ASP G 75 -31.81 30.17 3.23
N GLY G 76 -31.33 29.12 3.87
CA GLY G 76 -31.25 29.09 5.32
C GLY G 76 -30.58 27.84 5.83
N THR G 77 -29.74 27.98 6.86
CA THR G 77 -29.08 26.84 7.45
C THR G 77 -30.11 25.93 8.13
N ARG G 78 -29.64 24.82 8.67
CA ARG G 78 -30.52 23.87 9.34
C ARG G 78 -31.15 24.52 10.57
N GLY G 79 -32.39 24.14 10.86
CA GLY G 79 -33.08 24.63 12.03
C GLY G 79 -33.38 26.11 12.03
N ALA G 80 -33.26 26.79 10.89
CA ALA G 80 -33.46 28.23 10.83
C ALA G 80 -34.92 28.64 10.74
N GLY G 81 -35.83 27.68 10.58
CA GLY G 81 -37.24 27.99 10.46
C GLY G 81 -37.78 28.05 9.06
N LYS G 82 -37.17 27.33 8.11
CA LYS G 82 -37.59 27.41 6.72
C LYS G 82 -39.02 26.91 6.53
N THR G 83 -39.37 25.79 7.17
CA THR G 83 -40.72 25.26 7.04
C THR G 83 -41.75 26.22 7.62
N THR G 84 -41.46 26.77 8.81
CA THR G 84 -42.37 27.75 9.41
C THR G 84 -42.46 29.02 8.57
N PHE G 85 -41.32 29.49 8.06
CA PHE G 85 -41.31 30.69 7.25
C PHE G 85 -42.06 30.48 5.94
N ILE G 86 -41.81 29.36 5.27
CA ILE G 86 -42.43 29.14 3.95
C ILE G 86 -43.93 28.91 4.08
N ASN G 87 -44.39 28.35 5.20
CA ASN G 87 -45.81 28.14 5.38
C ASN G 87 -46.53 29.45 5.69
N SER G 88 -45.85 30.38 6.37
CA SER G 88 -46.45 31.70 6.60
C SER G 88 -46.61 32.47 5.30
N VAL G 89 -45.63 32.35 4.40
CA VAL G 89 -45.70 33.07 3.12
C VAL G 89 -46.90 32.60 2.32
N VAL G 90 -47.12 31.29 2.25
CA VAL G 90 -48.29 30.76 1.56
C VAL G 90 -49.57 31.23 2.25
N LYS G 91 -49.60 31.20 3.58
CA LYS G 91 -50.76 31.68 4.31
C LYS G 91 -50.99 33.17 4.07
N SER G 92 -49.91 33.96 4.05
CA SER G 92 -50.04 35.40 3.80
C SER G 92 -50.59 35.67 2.41
N LEU G 93 -50.10 34.95 1.40
CA LEU G 93 -50.55 35.15 0.04
C LEU G 93 -51.93 34.57 -0.22
N ASN G 94 -52.43 33.71 0.67
CA ASN G 94 -53.77 33.14 0.55
C ASN G 94 -54.84 33.99 1.22
N SER G 95 -54.45 35.07 1.89
CA SER G 95 -55.37 35.93 2.61
C SER G 95 -55.41 37.30 1.96
N ASP G 96 -56.61 37.90 1.94
CA ASP G 96 -56.81 39.24 1.40
C ASP G 96 -56.36 39.36 -0.05
N GLN G 97 -56.67 38.32 -0.83
CA GLN G 97 -56.33 38.35 -2.25
C GLN G 97 -57.16 39.36 -3.02
N ASP G 98 -58.39 39.63 -2.56
CA ASP G 98 -59.26 40.57 -3.26
C ASP G 98 -58.73 41.99 -3.17
N ASP G 99 -58.14 42.36 -2.03
CA ASP G 99 -57.58 43.71 -1.88
C ASP G 99 -56.44 43.95 -2.87
N VAL G 100 -55.57 42.96 -3.05
CA VAL G 100 -54.45 43.09 -3.98
C VAL G 100 -54.98 42.91 -5.40
N LYS G 101 -54.63 43.86 -6.28
CA LYS G 101 -55.12 43.81 -7.65
C LYS G 101 -54.62 42.56 -8.37
N VAL G 102 -53.36 42.21 -8.19
CA VAL G 102 -52.79 41.02 -8.81
C VAL G 102 -53.11 39.81 -7.94
N ASN G 103 -53.80 38.83 -8.52
CA ASN G 103 -54.20 37.63 -7.80
C ASN G 103 -53.22 36.51 -8.09
N ILE G 104 -52.74 35.86 -7.03
CA ILE G 104 -51.82 34.74 -7.14
C ILE G 104 -52.35 33.61 -6.27
N LYS G 105 -52.64 32.47 -6.89
CA LYS G 105 -53.13 31.32 -6.15
C LYS G 105 -51.95 30.44 -5.72
N CYS G 106 -52.04 29.89 -4.52
CA CYS G 106 -50.96 29.12 -3.92
C CYS G 106 -51.37 27.67 -3.78
N LEU G 107 -50.59 26.77 -4.36
CA LEU G 107 -50.77 25.36 -4.11
C LEU G 107 -50.36 25.03 -2.67
N PRO G 108 -50.92 23.98 -2.08
CA PRO G 108 -50.42 23.53 -0.78
C PRO G 108 -48.95 23.18 -0.87
N THR G 109 -48.22 23.52 0.20
CA THR G 109 -46.77 23.34 0.19
C THR G 109 -46.41 21.87 -0.01
N ILE G 110 -45.48 21.63 -0.93
CA ILE G 110 -45.06 20.27 -1.29
C ILE G 110 -43.86 19.90 -0.45
N ASP G 111 -43.90 18.72 0.16
CA ASP G 111 -42.76 18.20 0.91
C ASP G 111 -42.10 17.12 0.06
N PRO G 112 -40.96 17.38 -0.57
CA PRO G 112 -40.37 16.38 -1.47
C PRO G 112 -39.95 15.10 -0.76
N THR G 113 -39.74 15.14 0.55
CA THR G 113 -39.31 13.96 1.30
C THR G 113 -40.47 13.17 1.89
N LYS G 114 -41.70 13.67 1.78
CA LYS G 114 -42.88 12.95 2.24
C LYS G 114 -43.70 12.37 1.09
N LEU G 115 -43.27 12.56 -0.14
CA LEU G 115 -43.97 12.02 -1.30
C LEU G 115 -43.56 10.57 -1.53
N PRO G 116 -44.34 9.84 -2.32
CA PRO G 116 -43.91 8.49 -2.73
C PRO G 116 -42.55 8.55 -3.43
N ARG G 117 -41.71 7.55 -3.14
CA ARG G 117 -40.32 7.60 -3.55
C ARG G 117 -40.15 7.63 -5.06
N HIS G 118 -41.15 7.19 -5.83
CA HIS G 118 -41.07 7.18 -7.28
C HIS G 118 -42.10 8.06 -7.96
N GLU G 119 -42.94 8.76 -7.21
CA GLU G 119 -43.94 9.64 -7.82
C GLU G 119 -43.25 10.90 -8.34
N PRO G 120 -43.36 11.21 -9.62
CA PRO G 120 -42.72 12.43 -10.14
C PRO G 120 -43.35 13.68 -9.54
N ILE G 121 -42.53 14.74 -9.44
CA ILE G 121 -43.02 16.01 -8.91
C ILE G 121 -44.12 16.56 -9.81
N LEU G 122 -43.97 16.42 -11.12
CA LEU G 122 -44.99 16.90 -12.04
C LEU G 122 -46.34 16.23 -11.78
N VAL G 123 -46.32 14.97 -11.35
CA VAL G 123 -47.57 14.30 -10.98
C VAL G 123 -48.16 14.93 -9.73
N THR G 124 -47.32 15.28 -8.76
CA THR G 124 -47.81 15.88 -7.52
C THR G 124 -48.36 17.27 -7.77
N VAL G 125 -47.66 18.08 -8.56
CA VAL G 125 -48.13 19.44 -8.86
C VAL G 125 -49.41 19.40 -9.67
N THR G 126 -49.49 18.53 -10.66
CA THR G 126 -50.69 18.42 -11.48
C THR G 126 -51.88 17.97 -10.64
N ALA G 127 -51.68 16.99 -9.76
CA ALA G 127 -52.77 16.52 -8.91
C ALA G 127 -53.26 17.62 -7.99
N ARG G 128 -52.34 18.39 -7.40
CA ARG G 128 -52.74 19.48 -6.52
C ARG G 128 -53.41 20.61 -7.29
N LEU G 129 -53.00 20.82 -8.54
CA LEU G 129 -53.71 21.79 -9.39
C LEU G 129 -55.12 21.32 -9.72
N ASN G 130 -55.28 20.01 -9.95
CA ASN G 130 -56.60 19.48 -10.29
C ASN G 130 -57.61 19.73 -9.16
N LYS G 131 -57.17 19.60 -7.91
CA LYS G 131 -58.08 19.80 -6.79
C LYS G 131 -58.56 21.25 -6.73
N MET G 132 -57.63 22.21 -6.86
CA MET G 132 -58.01 23.61 -6.85
C MET G 132 -58.89 23.95 -8.04
N VAL G 133 -58.56 23.41 -9.22
CA VAL G 133 -59.38 23.67 -10.41
C VAL G 133 -60.76 23.05 -10.25
N SER G 134 -60.81 21.79 -9.79
CA SER G 134 -62.10 21.12 -9.65
C SER G 134 -62.98 21.82 -8.62
N ASP G 135 -62.42 22.18 -7.46
CA ASP G 135 -63.22 22.86 -6.45
C ASP G 135 -63.72 24.20 -6.95
N LYS G 136 -62.87 24.94 -7.67
CA LYS G 136 -63.32 26.20 -8.28
C LYS G 136 -64.38 25.94 -9.33
N LEU G 137 -64.27 24.83 -10.06
CA LEU G 137 -65.27 24.48 -11.06
C LEU G 137 -66.62 24.22 -10.41
N LYS G 138 -66.63 23.49 -9.29
CA LYS G 138 -67.89 23.12 -8.65
C LYS G 138 -68.69 24.33 -8.18
N GLY G 139 -68.03 25.45 -7.90
CA GLY G 139 -68.71 26.63 -7.39
C GLY G 139 -69.27 27.58 -8.43
N TYR G 140 -69.00 27.34 -9.72
CA TYR G 140 -69.49 28.24 -10.75
C TYR G 140 -71.02 28.20 -10.83
N TRP G 141 -71.62 29.39 -10.92
CA TRP G 141 -73.05 29.49 -11.18
C TRP G 141 -73.38 29.23 -12.65
N ALA G 142 -72.49 29.59 -13.56
CA ALA G 142 -72.71 29.43 -15.00
C ALA G 142 -72.52 27.97 -15.36
N SER G 143 -73.62 27.20 -15.28
CA SER G 143 -73.56 25.78 -15.62
C SER G 143 -73.26 25.56 -17.09
N ASN G 144 -73.64 26.51 -17.96
CA ASN G 144 -73.31 26.38 -19.37
C ASN G 144 -71.82 26.57 -19.60
N ASP G 145 -71.23 27.61 -19.00
CA ASP G 145 -69.80 27.80 -19.09
C ASP G 145 -69.04 26.73 -18.31
N TYR G 146 -69.71 26.09 -17.34
CA TYR G 146 -69.11 24.97 -16.62
C TYR G 146 -68.77 23.83 -17.57
N ARG G 147 -69.70 23.48 -18.45
CA ARG G 147 -69.51 22.30 -19.29
C ARG G 147 -68.33 22.45 -20.23
N LYS G 148 -68.19 23.63 -20.85
CA LYS G 148 -67.10 23.83 -21.80
C LYS G 148 -65.75 23.87 -21.10
N GLN G 149 -65.65 24.65 -20.02
CA GLN G 149 -64.36 24.80 -19.33
C GLN G 149 -63.92 23.50 -18.67
N LYS G 150 -64.85 22.75 -18.08
CA LYS G 150 -64.49 21.49 -17.44
C LYS G 150 -63.92 20.50 -18.46
N GLU G 151 -64.53 20.41 -19.64
CA GLU G 151 -64.00 19.55 -20.69
C GLU G 151 -62.63 20.05 -21.14
N GLN G 152 -62.46 21.38 -21.21
CA GLN G 152 -61.16 21.94 -21.56
C GLN G 152 -60.11 21.53 -20.54
N TRP G 153 -60.44 21.57 -19.25
CA TRP G 153 -59.52 21.10 -18.23
C TRP G 153 -59.29 19.60 -18.36
N GLN G 154 -60.35 18.82 -18.59
CA GLN G 154 -60.23 17.38 -18.67
C GLN G 154 -59.39 16.95 -19.87
N ASN G 155 -59.54 17.64 -21.00
CA ASN G 155 -58.80 17.26 -22.20
C ASN G 155 -57.29 17.39 -21.99
N HIS G 156 -56.85 18.48 -21.35
CA HIS G 156 -55.43 18.66 -21.08
C HIS G 156 -54.92 17.68 -20.04
N LEU G 157 -55.76 17.28 -19.08
CA LEU G 157 -55.34 16.31 -18.08
C LEU G 157 -55.02 14.97 -18.72
N ALA G 158 -55.85 14.54 -19.69
CA ALA G 158 -55.58 13.29 -20.39
C ALA G 158 -54.31 13.36 -21.21
N GLN G 159 -53.91 14.56 -21.65
CA GLN G 159 -52.69 14.71 -22.41
C GLN G 159 -51.47 14.36 -21.56
N LEU G 160 -51.46 14.79 -20.30
CA LEU G 160 -50.34 14.46 -19.42
C LEU G 160 -50.32 12.97 -19.11
N GLN G 161 -51.47 12.39 -18.77
CA GLN G 161 -51.53 10.97 -18.45
C GLN G 161 -51.06 10.13 -19.63
N ARG G 162 -51.36 10.58 -20.85
CA ARG G 162 -50.82 9.91 -22.03
C ARG G 162 -49.30 10.04 -22.09
N GLY G 163 -48.78 11.24 -21.79
CA GLY G 163 -47.37 11.53 -21.89
C GLY G 163 -46.56 11.33 -20.63
N LEU G 164 -47.14 10.80 -19.55
CA LEU G 164 -46.39 10.62 -18.33
C LEU G 164 -45.42 9.44 -18.39
N HIS G 165 -45.53 8.57 -19.39
CA HIS G 165 -44.59 7.46 -19.49
C HIS G 165 -43.17 7.97 -19.75
N LEU G 166 -43.04 9.16 -20.34
CA LEU G 166 -41.72 9.71 -20.60
C LEU G 166 -40.94 9.90 -19.30
N LEU G 167 -41.63 10.28 -18.22
CA LEU G 167 -40.97 10.44 -16.94
C LEU G 167 -40.66 9.12 -16.27
N THR G 168 -41.49 8.10 -16.47
CA THR G 168 -41.38 6.84 -15.77
C THR G 168 -40.83 5.70 -16.62
N ASP G 169 -40.52 5.99 -17.88
CA ASP G 169 -40.00 4.96 -18.82
C ASP G 169 -38.60 4.52 -18.38
N LYS G 170 -38.34 3.20 -18.44
CA LYS G 170 -37.00 2.65 -18.07
C LYS G 170 -36.16 2.58 -19.35
N GLU G 171 -36.75 2.02 -20.42
CA GLU G 171 -36.08 1.93 -21.75
C GLU G 171 -37.03 2.55 -22.78
N TYR G 172 -36.48 3.23 -23.78
CA TYR G 172 -37.32 3.90 -24.82
C TYR G 172 -38.24 2.87 -25.48
N LYS G 173 -39.52 3.20 -25.59
CA LYS G 173 -40.51 2.31 -26.25
C LYS G 173 -40.70 2.79 -27.68
N PRO G 174 -40.39 1.96 -28.70
CA PRO G 174 -40.49 2.38 -30.10
C PRO G 174 -41.93 2.42 -30.63
N GLU G 175 -42.89 1.86 -29.87
CA GLU G 175 -44.27 1.89 -30.34
C GLU G 175 -44.90 3.27 -30.20
N TYR G 176 -44.42 4.06 -29.23
CA TYR G 176 -44.94 5.40 -29.04
C TYR G 176 -44.47 6.38 -30.12
N PHE G 177 -43.55 5.98 -30.99
CA PHE G 177 -43.09 6.86 -32.05
C PHE G 177 -44.25 7.33 -32.92
N SER G 178 -45.01 6.38 -33.46
CA SER G 178 -46.19 6.74 -34.23
C SER G 178 -47.25 7.40 -33.34
N ASP G 179 -47.41 6.88 -32.12
CA ASP G 179 -48.39 7.43 -31.18
C ASP G 179 -48.03 8.84 -30.73
N ALA G 180 -46.80 9.29 -30.96
CA ALA G 180 -46.40 10.66 -30.69
C ALA G 180 -46.05 11.41 -31.97
N LEU G 181 -46.58 10.97 -33.10
CA LEU G 181 -46.30 11.60 -34.39
C LEU G 181 -47.54 11.93 -35.21
N LYS G 182 -48.69 11.33 -34.94
CA LYS G 182 -49.86 11.55 -35.77
C LYS G 182 -50.51 12.90 -35.55
N LEU G 183 -50.12 13.64 -34.50
CA LEU G 183 -50.77 14.90 -34.14
C LEU G 183 -52.27 14.70 -33.99
N ASP G 184 -52.66 13.61 -33.30
CA ASP G 184 -54.06 13.28 -33.13
C ASP G 184 -54.82 14.31 -32.32
N ALA G 185 -54.13 15.12 -31.52
CA ALA G 185 -54.78 16.13 -30.71
C ALA G 185 -55.11 17.36 -31.53
N GLN G 186 -56.30 17.91 -31.31
CA GLN G 186 -56.71 19.15 -31.96
C GLN G 186 -56.04 20.38 -31.36
N LEU G 187 -55.33 20.21 -30.24
CA LEU G 187 -54.69 21.35 -29.59
C LEU G 187 -53.55 21.91 -30.43
N ASP G 188 -52.90 21.06 -31.24
CA ASP G 188 -51.84 21.48 -32.17
C ASP G 188 -50.67 22.14 -31.41
N TYR G 189 -50.00 21.31 -30.60
CA TYR G 189 -48.83 21.76 -29.88
C TYR G 189 -47.76 22.27 -30.84
N SER G 190 -47.16 23.41 -30.49
CA SER G 190 -46.35 24.15 -31.46
C SER G 190 -45.02 23.45 -31.75
N ILE G 191 -44.33 22.97 -30.72
CA ILE G 191 -42.96 22.48 -30.85
C ILE G 191 -42.94 20.99 -30.58
N GLY G 192 -42.46 20.22 -31.56
CA GLY G 192 -42.22 18.80 -31.37
C GLY G 192 -43.49 18.00 -31.11
N GLY G 193 -43.27 16.85 -30.47
CA GLY G 193 -44.37 15.97 -30.12
C GLY G 193 -44.21 15.36 -28.73
N GLN G 194 -45.26 15.46 -27.92
CA GLN G 194 -45.26 14.94 -26.55
C GLN G 194 -44.13 15.56 -25.72
N ASP G 195 -44.20 16.87 -25.56
CA ASP G 195 -43.30 17.62 -24.69
C ASP G 195 -44.09 18.11 -23.49
N LEU G 196 -43.84 17.52 -22.32
CA LEU G 196 -44.57 17.91 -21.12
C LEU G 196 -44.29 19.34 -20.70
N SER G 197 -43.17 19.92 -21.16
CA SER G 197 -42.90 21.32 -20.88
C SER G 197 -43.95 22.22 -21.51
N GLU G 198 -44.53 21.79 -22.63
CA GLU G 198 -45.58 22.55 -23.30
C GLU G 198 -46.97 22.11 -22.87
N ILE G 199 -47.18 20.81 -22.66
CA ILE G 199 -48.47 20.31 -22.22
C ILE G 199 -48.82 20.89 -20.85
N PHE G 200 -47.85 20.89 -19.93
CA PHE G 200 -48.10 21.43 -18.60
C PHE G 200 -48.25 22.95 -18.65
N GLU G 201 -47.51 23.62 -19.55
CA GLU G 201 -47.62 25.06 -19.65
C GLU G 201 -49.02 25.46 -20.10
N GLU G 202 -49.59 24.73 -21.06
CA GLU G 202 -50.99 24.97 -21.43
C GLU G 202 -51.93 24.58 -20.30
N LEU G 203 -51.59 23.54 -19.55
CA LEU G 203 -52.39 23.16 -18.39
C LEU G 203 -52.42 24.27 -17.34
N VAL G 204 -51.27 24.90 -17.09
CA VAL G 204 -51.24 26.03 -16.17
C VAL G 204 -52.00 27.21 -16.75
N LYS G 205 -51.85 27.46 -18.05
CA LYS G 205 -52.55 28.57 -18.68
C LYS G 205 -54.06 28.40 -18.58
N ARG G 206 -54.56 27.19 -18.82
CA ARG G 206 -55.98 26.93 -18.67
C ARG G 206 -56.41 27.02 -17.21
N ALA G 207 -55.57 26.53 -16.30
CA ALA G 207 -55.92 26.56 -14.88
C ALA G 207 -56.00 27.99 -14.34
N CYS G 208 -55.16 28.89 -14.86
CA CYS G 208 -55.18 30.27 -14.38
C CYS G 208 -56.51 30.94 -14.70
N GLU G 209 -57.05 30.71 -15.90
CA GLU G 209 -58.36 31.27 -16.24
C GLU G 209 -59.46 30.69 -15.36
N ILE G 210 -59.41 29.38 -15.10
CA ILE G 210 -60.41 28.76 -14.25
C ILE G 210 -60.34 29.33 -12.84
N LEU G 211 -59.13 29.42 -12.28
CA LEU G 211 -58.96 29.98 -10.95
C LEU G 211 -58.99 31.50 -10.93
N ASP G 212 -58.96 32.16 -12.10
CA ASP G 212 -59.01 33.61 -12.21
C ASP G 212 -57.86 34.25 -11.43
N CYS G 213 -56.64 33.95 -11.88
CA CYS G 213 -55.44 34.50 -11.25
C CYS G 213 -54.39 34.78 -12.32
N LYS G 214 -53.49 35.70 -12.01
CA LYS G 214 -52.41 36.03 -12.94
C LYS G 214 -51.35 34.95 -12.97
N ALA G 215 -51.04 34.35 -11.82
CA ALA G 215 -50.00 33.34 -11.74
C ALA G 215 -50.31 32.38 -10.60
N ILE G 216 -49.63 31.24 -10.62
CA ILE G 216 -49.84 30.16 -9.65
C ILE G 216 -48.54 29.95 -8.89
N LEU G 217 -48.63 29.89 -7.57
CA LEU G 217 -47.47 29.77 -6.70
C LEU G 217 -47.25 28.31 -6.34
N ILE G 218 -46.19 27.71 -6.87
CA ILE G 218 -45.77 26.38 -6.49
C ILE G 218 -44.75 26.49 -5.37
N THR G 219 -45.05 25.87 -4.22
CA THR G 219 -44.23 25.99 -3.04
C THR G 219 -43.59 24.65 -2.72
N PHE G 220 -42.27 24.64 -2.63
CA PHE G 220 -41.50 23.45 -2.26
C PHE G 220 -40.89 23.65 -0.89
N ASP G 221 -41.06 22.67 -0.02
CA ASP G 221 -40.46 22.70 1.30
C ASP G 221 -38.97 22.32 1.19
N ASP G 222 -38.30 22.15 2.31
CA ASP G 222 -36.89 21.80 2.30
C ASP G 222 -36.73 20.28 2.15
N ILE G 223 -35.51 19.88 1.80
CA ILE G 223 -35.18 18.49 1.52
C ILE G 223 -34.12 17.96 2.50
N ASP G 224 -34.08 18.51 3.71
CA ASP G 224 -32.99 18.22 4.62
C ASP G 224 -33.08 16.81 5.22
N THR G 225 -34.28 16.24 5.32
CA THR G 225 -34.40 14.87 5.83
C THR G 225 -33.95 13.85 4.79
N GLN G 226 -34.11 14.16 3.51
CA GLN G 226 -33.67 13.28 2.44
C GLN G 226 -33.42 14.17 1.22
N PHE G 227 -32.14 14.49 0.96
CA PHE G 227 -31.79 15.44 -0.08
C PHE G 227 -31.56 14.78 -1.43
N ASP G 228 -31.69 13.47 -1.54
CA ASP G 228 -31.73 12.85 -2.86
C ASP G 228 -33.07 13.07 -3.54
N ALA G 229 -34.14 13.21 -2.75
CA ALA G 229 -35.47 13.49 -3.28
C ALA G 229 -35.59 14.92 -3.80
N GLY G 230 -34.61 15.79 -3.52
CA GLY G 230 -34.64 17.14 -4.03
C GLY G 230 -34.11 17.30 -5.43
N TRP G 231 -33.47 16.26 -5.98
CA TRP G 231 -33.02 16.33 -7.37
C TRP G 231 -34.19 16.36 -8.33
N ASP G 232 -35.24 15.58 -8.05
CA ASP G 232 -36.43 15.62 -8.88
C ASP G 232 -37.12 16.98 -8.80
N VAL G 233 -36.95 17.69 -7.69
CA VAL G 233 -37.49 19.04 -7.58
C VAL G 233 -36.74 19.99 -8.51
N LEU G 234 -35.41 19.92 -8.51
CA LEU G 234 -34.62 20.79 -9.37
C LEU G 234 -34.86 20.49 -10.84
N GLU G 235 -34.91 19.21 -11.21
CA GLU G 235 -35.14 18.85 -12.61
C GLU G 235 -36.52 19.30 -13.07
N SER G 236 -37.53 19.14 -12.23
CA SER G 236 -38.88 19.56 -12.60
C SER G 236 -38.96 21.08 -12.75
N ILE G 237 -38.26 21.82 -11.88
CA ILE G 237 -38.35 23.28 -11.91
C ILE G 237 -37.80 23.82 -13.23
N ARG G 238 -36.64 23.31 -13.66
CA ARG G 238 -36.01 23.83 -14.87
C ARG G 238 -36.68 23.30 -16.14
N LYS G 239 -37.28 22.12 -16.09
CA LYS G 239 -37.87 21.54 -17.28
C LYS G 239 -39.35 21.88 -17.44
N PHE G 240 -40.11 21.93 -16.35
CA PHE G 240 -41.55 22.08 -16.42
C PHE G 240 -42.07 23.37 -15.79
N PHE G 241 -41.38 23.94 -14.81
CA PHE G 241 -41.87 25.09 -14.07
C PHE G 241 -41.22 26.40 -14.50
N ASN G 242 -40.78 26.49 -15.76
CA ASN G 242 -40.24 27.72 -16.31
C ASN G 242 -41.31 28.37 -17.17
N SER G 243 -42.11 29.24 -16.54
CA SER G 243 -43.20 29.90 -17.22
C SER G 243 -43.47 31.24 -16.56
N ARG G 244 -44.13 32.12 -17.30
CA ARG G 244 -44.52 33.42 -16.75
C ARG G 244 -45.74 33.34 -15.86
N LYS G 245 -46.49 32.22 -15.92
CA LYS G 245 -47.66 32.01 -15.09
C LYS G 245 -47.36 31.20 -13.85
N LEU G 246 -46.11 30.83 -13.60
CA LEU G 246 -45.75 29.97 -12.50
C LEU G 246 -44.70 30.65 -11.63
N VAL G 247 -44.93 30.66 -10.33
CA VAL G 247 -43.96 31.16 -9.35
C VAL G 247 -43.54 30.00 -8.47
N VAL G 248 -42.23 29.80 -8.35
CA VAL G 248 -41.67 28.71 -7.56
C VAL G 248 -40.87 29.30 -6.42
N VAL G 249 -41.15 28.87 -5.20
CA VAL G 249 -40.40 29.27 -4.02
C VAL G 249 -39.93 28.01 -3.32
N ALA G 250 -38.61 27.86 -3.18
CA ALA G 250 -38.02 26.69 -2.56
C ALA G 250 -37.21 27.10 -1.35
N THR G 251 -37.07 26.17 -0.41
CA THR G 251 -36.28 26.38 0.80
C THR G 251 -35.27 25.25 0.93
N GLY G 252 -34.36 25.42 1.87
CA GLY G 252 -33.35 24.42 2.16
C GLY G 252 -31.95 25.03 2.21
N ASP G 253 -31.03 24.23 2.73
CA ASP G 253 -29.63 24.63 2.77
C ASP G 253 -29.08 24.67 1.35
N LEU G 254 -28.55 25.83 0.95
CA LEU G 254 -27.99 25.95 -0.39
C LEU G 254 -26.75 25.09 -0.57
N ARG G 255 -25.96 24.92 0.49
CA ARG G 255 -24.82 24.02 0.44
C ARG G 255 -25.23 22.56 0.28
N LEU G 256 -26.47 22.21 0.64
CA LEU G 256 -26.98 20.88 0.36
C LEU G 256 -27.41 20.73 -1.09
N TYR G 257 -28.11 21.73 -1.63
CA TYR G 257 -28.46 21.72 -3.04
C TYR G 257 -27.21 21.78 -3.92
N SER G 258 -26.23 22.61 -3.54
CA SER G 258 -25.04 22.77 -4.37
C SER G 258 -24.27 21.45 -4.48
N GLN G 259 -24.09 20.75 -3.37
CA GLN G 259 -23.37 19.49 -3.41
C GLN G 259 -24.25 18.33 -3.87
N LEU G 260 -25.56 18.50 -3.84
CA LEU G 260 -26.45 17.57 -4.53
C LEU G 260 -26.26 17.67 -6.05
N ILE G 261 -26.16 18.88 -6.57
CA ILE G 261 -25.92 19.08 -7.99
C ILE G 261 -24.50 18.64 -8.34
N ARG G 262 -23.53 18.94 -7.47
CA ARG G 262 -22.15 18.56 -7.74
C ARG G 262 -22.00 17.05 -7.87
N GLY G 263 -22.72 16.29 -7.05
CA GLY G 263 -22.69 14.85 -7.18
C GLY G 263 -23.30 14.37 -8.49
N LYS G 264 -24.34 15.07 -8.97
CA LYS G 264 -24.97 14.68 -10.22
C LYS G 264 -24.15 15.08 -11.43
N GLN G 265 -23.45 16.22 -11.38
CA GLN G 265 -22.56 16.59 -12.47
C GLN G 265 -21.38 15.63 -12.58
N TYR G 266 -20.95 15.04 -11.46
CA TYR G 266 -19.92 14.02 -11.51
C TYR G 266 -20.44 12.71 -12.08
N GLU G 267 -21.76 12.50 -12.07
CA GLU G 267 -22.33 11.28 -12.62
C GLU G 267 -22.36 11.27 -14.13
N ASN G 268 -22.33 12.44 -14.77
CA ASN G 268 -22.28 12.48 -16.23
C ASN G 268 -20.93 12.00 -16.75
N TYR G 269 -19.87 12.17 -15.96
CA TYR G 269 -18.56 11.64 -16.33
C TYR G 269 -18.60 10.13 -16.38
N SER G 270 -17.95 9.56 -17.39
CA SER G 270 -17.86 8.10 -17.50
C SER G 270 -17.11 7.53 -16.31
N LYS G 271 -17.66 6.47 -15.72
CA LYS G 271 -17.03 5.86 -14.55
C LYS G 271 -15.66 5.29 -14.89
N THR G 272 -15.48 4.78 -16.10
CA THR G 272 -14.17 4.32 -16.52
C THR G 272 -13.20 5.48 -16.71
N LEU G 273 -13.70 6.64 -17.12
CA LEU G 273 -12.84 7.82 -17.27
C LEU G 273 -12.26 8.25 -15.93
N LEU G 274 -13.08 8.20 -14.87
CA LEU G 274 -12.61 8.65 -13.56
C LEU G 274 -11.63 7.66 -12.95
N GLU G 275 -11.77 6.36 -13.25
CA GLU G 275 -10.93 5.34 -12.64
C GLU G 275 -9.57 5.20 -13.33
N GLN G 276 -9.40 5.77 -14.53
CA GLN G 276 -8.14 5.68 -15.26
C GLN G 276 -7.29 6.93 -15.10
N GLU G 277 -7.85 8.10 -15.40
CA GLU G 277 -7.11 9.36 -15.31
C GLU G 277 -7.16 9.85 -13.86
N LYS G 278 -6.24 9.35 -13.04
CA LYS G 278 -6.14 9.75 -11.64
C LYS G 278 -4.95 10.66 -11.39
N GLU G 279 -4.28 11.12 -12.44
CA GLU G 279 -3.14 12.02 -12.27
C GLU G 279 -3.61 13.39 -11.79
N SER G 280 -2.67 14.15 -11.24
CA SER G 280 -3.01 15.43 -10.62
C SER G 280 -3.56 16.42 -11.65
N VAL G 281 -2.95 16.47 -12.84
CA VAL G 281 -3.35 17.46 -13.84
C VAL G 281 -4.76 17.15 -14.37
N ARG G 282 -5.07 15.87 -14.60
CA ARG G 282 -6.38 15.53 -15.12
C ARG G 282 -7.46 15.60 -14.03
N LEU G 283 -7.13 15.21 -12.81
CA LEU G 283 -8.11 15.26 -11.73
C LEU G 283 -8.45 16.70 -11.37
N ALA G 284 -7.46 17.59 -11.39
CA ALA G 284 -7.71 18.99 -11.05
C ALA G 284 -8.56 19.67 -12.11
N GLU G 285 -8.31 19.38 -13.39
CA GLU G 285 -9.09 20.01 -14.45
C GLU G 285 -10.52 19.50 -14.50
N ARG G 286 -10.78 18.30 -13.98
CA ARG G 286 -12.15 17.81 -13.89
C ARG G 286 -12.92 18.56 -12.81
N GLY G 287 -12.29 18.77 -11.65
CA GLY G 287 -12.97 19.47 -10.57
C GLY G 287 -13.33 20.90 -10.95
N TYR G 288 -12.47 21.56 -11.73
CA TYR G 288 -12.77 22.91 -12.19
C TYR G 288 -14.00 22.92 -13.09
N MET G 289 -14.11 21.92 -13.97
CA MET G 289 -15.28 21.85 -14.84
C MET G 289 -16.54 21.58 -14.04
N VAL G 290 -16.48 20.66 -13.08
CA VAL G 290 -17.65 20.35 -12.26
C VAL G 290 -18.02 21.54 -11.39
N GLU G 291 -17.04 22.22 -10.81
CA GLU G 291 -17.32 23.39 -9.99
C GLU G 291 -17.99 24.48 -10.80
N HIS G 292 -17.54 24.68 -12.04
CA HIS G 292 -18.21 25.64 -12.92
C HIS G 292 -19.58 25.11 -13.35
N LEU G 293 -19.69 23.80 -13.57
CA LEU G 293 -20.95 23.23 -14.04
C LEU G 293 -22.04 23.34 -12.98
N GLU G 294 -21.71 23.07 -11.71
CA GLU G 294 -22.73 23.08 -10.67
C GLU G 294 -23.02 24.46 -10.12
N GLN G 295 -22.20 25.45 -10.45
CA GLN G 295 -22.52 26.84 -10.09
C GLN G 295 -23.28 27.56 -11.19
N GLN G 296 -23.03 27.20 -12.45
CA GLN G 296 -23.90 27.68 -13.52
C GLN G 296 -25.28 27.04 -13.44
N TYR G 297 -25.36 25.82 -12.93
CA TYR G 297 -26.65 25.16 -12.74
C TYR G 297 -27.48 25.87 -11.67
N LEU G 298 -26.84 26.30 -10.58
CA LEU G 298 -27.56 26.99 -9.52
C LEU G 298 -28.00 28.37 -9.97
N LEU G 299 -27.15 29.07 -10.73
CA LEU G 299 -27.54 30.39 -11.24
C LEU G 299 -28.72 30.28 -12.19
N LYS G 300 -28.76 29.24 -13.01
CA LYS G 300 -29.88 29.05 -13.91
C LYS G 300 -31.18 28.81 -13.14
N LEU G 301 -31.12 28.00 -12.08
CA LEU G 301 -32.32 27.70 -11.30
C LEU G 301 -32.67 28.85 -10.36
N PHE G 302 -31.77 29.17 -9.44
CA PHE G 302 -32.01 30.19 -8.42
C PHE G 302 -31.17 31.43 -8.72
N PRO G 303 -31.71 32.43 -9.41
CA PRO G 303 -30.97 33.67 -9.59
C PRO G 303 -30.69 34.34 -8.25
N VAL G 304 -29.52 34.97 -8.16
CA VAL G 304 -29.09 35.54 -6.88
C VAL G 304 -30.02 36.65 -6.42
N GLN G 305 -30.70 37.32 -7.35
CA GLN G 305 -31.63 38.37 -6.98
C GLN G 305 -32.79 37.82 -6.15
N LYS G 306 -33.31 36.66 -6.52
CA LYS G 306 -34.45 36.07 -5.82
C LYS G 306 -34.06 35.32 -4.56
N ARG G 307 -32.77 35.01 -4.36
CA ARG G 307 -32.35 34.29 -3.17
C ARG G 307 -32.55 35.14 -1.93
N ILE G 308 -33.04 34.50 -0.87
CA ILE G 308 -33.25 35.16 0.42
C ILE G 308 -32.58 34.33 1.50
N GLN G 309 -31.73 34.96 2.29
CA GLN G 309 -31.03 34.29 3.37
C GLN G 309 -31.78 34.52 4.67
N LEU G 310 -32.17 33.43 5.33
CA LEU G 310 -32.92 33.53 6.58
C LEU G 310 -31.99 34.01 7.69
N LYS G 311 -32.37 35.09 8.36
CA LYS G 311 -31.54 35.68 9.39
C LYS G 311 -31.39 34.73 10.58
N THR G 312 -30.17 34.62 11.09
CA THR G 312 -29.94 33.90 12.33
C THR G 312 -30.21 34.83 13.52
N MET G 313 -30.16 34.25 14.71
CA MET G 313 -30.52 35.01 15.91
C MET G 313 -29.56 36.17 16.15
N LEU G 314 -28.26 35.95 15.94
CA LEU G 314 -27.29 37.00 16.22
C LEU G 314 -27.46 38.18 15.28
N GLN G 315 -27.73 37.92 14.00
CA GLN G 315 -27.93 39.02 13.05
C GLN G 315 -29.26 39.71 13.26
N LEU G 316 -30.29 38.95 13.67
CA LEU G 316 -31.62 39.54 13.76
C LEU G 316 -31.75 40.46 14.96
N VAL G 317 -31.03 40.20 16.04
CA VAL G 317 -31.12 41.01 17.24
C VAL G 317 -29.90 41.91 17.43
N GLY G 318 -28.76 41.57 16.84
CA GLY G 318 -27.55 42.37 16.97
C GLY G 318 -26.57 41.76 17.95
N GLU G 319 -25.50 42.52 18.21
CA GLU G 319 -24.46 42.08 19.13
C GLU G 319 -24.86 42.45 20.56
N LYS G 320 -23.92 42.28 21.50
CA LYS G 320 -24.19 42.59 22.89
C LYS G 320 -24.13 44.10 23.12
N GLY G 321 -25.14 44.63 23.79
CA GLY G 321 -25.19 46.06 24.06
C GLY G 321 -25.21 46.91 22.80
N LYS G 322 -25.98 46.50 21.80
CA LYS G 322 -26.04 47.21 20.54
C LYS G 322 -27.46 47.15 19.99
N ALA G 323 -27.81 48.15 19.18
CA ALA G 323 -29.09 48.15 18.49
C ALA G 323 -29.05 47.16 17.33
N GLY G 324 -30.18 46.48 17.10
CA GLY G 324 -30.28 45.49 16.05
C GLY G 324 -31.46 45.77 15.14
N LYS G 325 -32.19 44.72 14.80
CA LYS G 325 -33.35 44.81 13.93
C LYS G 325 -34.66 44.66 14.69
N GLU G 326 -34.80 43.59 15.48
CA GLU G 326 -36.02 43.32 16.23
C GLU G 326 -35.70 43.26 17.72
N GLU G 327 -36.73 42.94 18.51
CA GLU G 327 -36.65 42.94 19.97
C GLU G 327 -37.27 41.67 20.55
N ILE G 328 -36.84 40.51 20.04
CA ILE G 328 -37.40 39.24 20.50
C ILE G 328 -37.14 39.07 21.99
N LYS G 329 -38.22 38.82 22.73
CA LYS G 329 -38.16 38.56 24.17
C LYS G 329 -38.65 37.14 24.44
N VAL G 330 -37.91 36.40 25.26
CA VAL G 330 -38.17 35.00 25.51
C VAL G 330 -38.99 34.85 26.79
N LYS G 331 -40.06 34.06 26.72
CA LYS G 331 -40.85 33.77 27.90
C LYS G 331 -40.11 32.81 28.81
N THR G 332 -40.23 33.04 30.13
CA THR G 332 -39.49 32.27 31.12
C THR G 332 -40.36 31.24 31.84
N GLU G 333 -41.66 31.45 31.92
CA GLU G 333 -42.54 30.60 32.70
C GLU G 333 -43.95 30.71 32.14
N PRO G 334 -44.82 29.75 32.41
CA PRO G 334 -46.20 29.87 31.94
C PRO G 334 -46.93 31.01 32.65
N GLY G 335 -47.86 31.63 31.93
CA GLY G 335 -48.66 32.70 32.47
C GLY G 335 -48.03 34.08 32.44
N MET G 336 -46.84 34.23 31.85
CA MET G 336 -46.23 35.54 31.74
C MET G 336 -47.07 36.46 30.87
N GLN G 337 -47.23 37.70 31.33
CA GLN G 337 -47.88 38.72 30.52
C GLN G 337 -46.92 39.20 29.43
N ASP G 338 -47.46 39.97 28.49
CA ASP G 338 -46.67 40.53 27.41
C ASP G 338 -46.21 41.96 27.69
N ILE G 339 -46.00 42.30 28.96
CA ILE G 339 -45.65 43.66 29.35
C ILE G 339 -44.41 43.63 30.23
N ASP G 340 -43.94 42.44 30.58
CA ASP G 340 -42.74 42.27 31.39
C ASP G 340 -42.01 41.02 30.91
N ALA G 341 -40.94 41.22 30.15
CA ALA G 341 -40.13 40.11 29.65
C ALA G 341 -38.72 40.62 29.40
N ILE G 342 -37.79 39.66 29.30
CA ILE G 342 -36.39 39.96 29.09
C ILE G 342 -35.98 39.52 27.69
N ASP G 343 -34.99 40.20 27.13
CA ASP G 343 -34.58 39.95 25.75
C ASP G 343 -33.92 38.58 25.62
N VAL G 344 -33.84 38.11 24.37
CA VAL G 344 -33.28 36.78 24.11
C VAL G 344 -31.82 36.72 24.52
N ARG G 345 -31.08 37.81 24.27
CA ARG G 345 -29.67 37.84 24.68
C ARG G 345 -29.54 37.83 26.20
N GLN G 346 -30.38 38.63 26.88
CA GLN G 346 -30.37 38.63 28.34
C GLN G 346 -30.78 37.27 28.90
N ALA G 347 -31.81 36.66 28.31
CA ALA G 347 -32.26 35.35 28.80
C ALA G 347 -31.20 34.27 28.58
N ILE G 348 -30.57 34.27 27.41
CA ILE G 348 -29.50 33.31 27.16
C ILE G 348 -28.28 33.64 28.02
N GLY G 349 -28.03 34.92 28.28
CA GLY G 349 -26.95 35.29 29.18
C GLY G 349 -27.11 34.68 30.57
N ASP G 350 -28.32 34.76 31.12
CA ASP G 350 -28.59 34.14 32.41
C ASP G 350 -28.56 32.61 32.33
N ALA G 351 -28.67 32.04 31.13
CA ALA G 351 -28.55 30.59 31.00
C ALA G 351 -27.11 30.14 31.13
N VAL G 352 -26.15 31.03 30.87
CA VAL G 352 -24.74 30.69 30.98
C VAL G 352 -24.06 31.41 32.15
N ARG G 353 -24.45 32.65 32.45
CA ARG G 353 -23.86 33.32 33.61
C ARG G 353 -24.19 32.58 34.90
N GLU G 354 -25.41 32.07 35.00
CA GLU G 354 -25.79 31.20 36.11
C GLU G 354 -25.52 29.74 35.82
N GLY G 355 -25.50 29.36 34.54
CA GLY G 355 -25.29 27.98 34.15
C GLY G 355 -23.83 27.57 34.08
N LEU G 356 -23.02 28.38 33.43
CA LEU G 356 -21.58 28.09 33.31
C LEU G 356 -20.78 28.65 34.46
N ASN G 357 -21.43 29.29 35.43
CA ASN G 357 -20.75 29.91 36.58
C ASN G 357 -19.74 30.96 36.12
N LEU G 358 -20.19 31.85 35.24
CA LEU G 358 -19.36 32.89 34.66
C LEU G 358 -19.73 34.24 35.22
N ARG G 359 -18.71 35.06 35.49
CA ARG G 359 -18.94 36.43 35.88
C ARG G 359 -19.52 37.23 34.70
N GLU G 360 -20.24 38.29 35.02
CA GLU G 360 -20.82 39.15 33.98
C GLU G 360 -19.71 39.94 33.30
N GLY G 361 -19.18 39.41 32.21
CA GLY G 361 -18.07 40.03 31.53
C GLY G 361 -17.98 39.63 30.08
N SER G 362 -16.76 39.73 29.54
CA SER G 362 -16.55 39.48 28.13
C SER G 362 -16.69 38.00 27.76
N ASP G 363 -16.22 37.10 28.63
CA ASP G 363 -16.25 35.68 28.30
C ASP G 363 -17.67 35.14 28.26
N ALA G 364 -18.59 35.76 29.00
CA ALA G 364 -19.99 35.37 28.90
C ALA G 364 -20.57 35.78 27.54
N ASP G 365 -20.13 36.92 27.00
CA ASP G 365 -20.58 37.34 25.68
C ASP G 365 -20.13 36.35 24.61
N MET G 366 -18.90 35.84 24.73
CA MET G 366 -18.39 34.89 23.75
C MET G 366 -19.15 33.58 23.80
N TYR G 367 -19.84 33.31 24.90
CA TYR G 367 -20.60 32.07 25.00
C TYR G 367 -22.03 32.24 24.49
N VAL G 368 -22.65 33.40 24.76
CA VAL G 368 -24.00 33.63 24.25
C VAL G 368 -23.97 33.82 22.74
N ASN G 369 -22.95 34.50 22.22
CA ASN G 369 -22.83 34.69 20.79
C ASN G 369 -22.67 33.36 20.07
N GLU G 370 -21.94 32.44 20.69
CA GLU G 370 -21.81 31.10 20.13
C GLU G 370 -23.17 30.40 20.07
N LEU G 371 -23.97 30.55 21.12
CA LEU G 371 -25.30 29.93 21.13
C LEU G 371 -26.22 30.56 20.08
N LEU G 372 -26.09 31.87 19.87
CA LEU G 372 -26.90 32.53 18.85
C LEU G 372 -26.57 32.01 17.45
N LYS G 373 -25.30 31.67 17.21
CA LYS G 373 -24.91 31.11 15.92
C LYS G 373 -25.53 29.74 15.67
N GLN G 374 -25.98 29.07 16.72
CA GLN G 374 -26.56 27.74 16.57
C GLN G 374 -27.92 27.81 15.89
N PRO G 375 -28.39 26.70 15.33
CA PRO G 375 -29.72 26.68 14.72
C PRO G 375 -30.81 27.04 15.73
N VAL G 376 -31.85 27.71 15.23
CA VAL G 376 -32.95 28.12 16.08
C VAL G 376 -33.64 26.90 16.68
N ARG G 377 -33.73 25.81 15.92
CA ARG G 377 -34.29 24.57 16.46
C ARG G 377 -33.49 24.08 17.65
N LEU G 378 -32.16 24.10 17.54
CA LEU G 378 -31.33 23.77 18.69
C LEU G 378 -31.49 24.80 19.80
N LEU G 379 -31.55 26.08 19.43
CA LEU G 379 -31.65 27.14 20.43
C LEU G 379 -32.96 27.06 21.20
N MET G 380 -34.06 26.81 20.48
CA MET G 380 -35.36 26.67 21.15
C MET G 380 -35.39 25.43 22.03
N GLN G 381 -34.78 24.33 21.58
CA GLN G 381 -34.86 23.09 22.31
C GLN G 381 -34.08 23.16 23.63
N VAL G 382 -32.95 23.87 23.63
CA VAL G 382 -32.21 24.08 24.88
C VAL G 382 -33.05 24.89 25.86
N LEU G 383 -33.67 25.97 25.37
CA LEU G 383 -34.48 26.82 26.24
C LEU G 383 -35.80 26.14 26.59
N GLN G 384 -36.32 25.29 25.71
CA GLN G 384 -37.49 24.48 26.06
C GLN G 384 -37.17 23.42 27.10
N ASP G 385 -35.89 23.16 27.36
CA ASP G 385 -35.48 22.25 28.40
C ASP G 385 -34.80 22.93 29.58
N PHE G 386 -34.26 24.14 29.39
CA PHE G 386 -33.63 24.85 30.49
C PHE G 386 -34.65 25.61 31.32
N TYR G 387 -35.37 26.55 30.70
CA TYR G 387 -36.29 27.40 31.45
C TYR G 387 -37.50 26.61 31.95
N THR G 388 -37.97 25.63 31.19
CA THR G 388 -39.09 24.81 31.66
C THR G 388 -38.70 24.00 32.89
N LYS G 389 -37.50 23.43 32.89
CA LYS G 389 -37.03 22.67 34.04
C LYS G 389 -36.50 23.56 35.15
N LYS G 390 -36.23 24.84 34.87
CA LYS G 390 -35.90 25.79 35.92
C LYS G 390 -37.15 26.31 36.62
N TYR G 391 -38.33 26.03 36.08
CA TYR G 391 -39.61 26.36 36.70
C TYR G 391 -40.34 25.14 37.23
N HIS G 392 -40.35 24.04 36.49
CA HIS G 392 -41.00 22.82 36.96
C HIS G 392 -40.33 22.25 38.20
N ALA G 393 -39.06 22.55 38.44
CA ALA G 393 -38.37 22.07 39.61
C ALA G 393 -38.73 22.85 40.87
N THR G 394 -39.36 24.01 40.73
CA THR G 394 -39.77 24.81 41.88
C THR G 394 -41.29 24.82 42.03
N LEU G 411 -30.24 24.56 42.73
CA LEU G 411 -31.14 23.77 41.92
C LEU G 411 -30.35 23.11 40.78
N SER G 412 -29.03 23.22 40.86
CA SER G 412 -28.11 22.64 39.88
C SER G 412 -28.35 23.24 38.49
N VAL G 413 -28.26 24.56 38.42
CA VAL G 413 -28.37 25.24 37.13
C VAL G 413 -27.34 24.73 36.13
N PRO G 414 -26.07 24.52 36.49
CA PRO G 414 -25.15 23.89 35.52
C PRO G 414 -25.62 22.54 35.04
N ASN G 415 -26.25 21.75 35.91
CA ASN G 415 -26.79 20.46 35.49
C ASN G 415 -27.93 20.64 34.50
N LEU G 416 -28.77 21.66 34.71
CA LEU G 416 -29.85 21.93 33.77
C LEU G 416 -29.31 22.27 32.39
N LEU G 417 -28.28 23.11 32.33
CA LEU G 417 -27.68 23.45 31.04
C LEU G 417 -27.02 22.23 30.40
N ARG G 418 -26.32 21.42 31.19
CA ARG G 418 -25.72 20.20 30.65
C ARG G 418 -26.78 19.24 30.13
N ASN G 419 -27.86 19.06 30.89
CA ASN G 419 -28.94 18.19 30.43
C ASN G 419 -29.58 18.72 29.17
N ALA G 420 -29.77 20.04 29.09
CA ALA G 420 -30.34 20.64 27.88
C ALA G 420 -29.35 20.57 26.73
N LEU G 421 -28.09 20.89 26.98
CA LEU G 421 -27.11 20.94 25.89
C LEU G 421 -26.73 19.55 25.39
N TYR G 422 -26.83 18.53 26.25
CA TYR G 422 -26.38 17.19 25.86
C TYR G 422 -27.17 16.68 24.66
N GLY G 423 -28.50 16.71 24.76
CA GLY G 423 -29.31 16.22 23.65
C GLY G 423 -29.21 17.08 22.41
N SER G 424 -29.17 18.40 22.60
CA SER G 424 -29.11 19.31 21.46
C SER G 424 -27.80 19.16 20.70
N MET G 425 -26.68 19.05 21.43
CA MET G 425 -25.36 18.93 20.84
C MET G 425 -24.91 17.47 20.75
N LEU G 426 -25.87 16.54 20.71
CA LEU G 426 -25.57 15.12 20.90
C LEU G 426 -24.79 14.54 19.72
N SER G 427 -25.24 14.81 18.49
CA SER G 427 -24.57 14.21 17.34
C SER G 427 -23.20 14.82 17.08
N SER G 428 -22.95 16.03 17.59
CA SER G 428 -21.61 16.59 17.50
C SER G 428 -20.66 15.95 18.49
N ILE G 429 -21.18 15.43 19.60
CA ILE G 429 -20.34 14.74 20.59
C ILE G 429 -19.69 13.52 19.97
N TYR G 430 -20.47 12.74 19.21
CA TYR G 430 -19.98 11.46 18.71
C TYR G 430 -18.81 11.64 17.74
N ARG G 431 -18.90 12.62 16.84
CA ARG G 431 -17.82 12.82 15.87
C ARG G 431 -16.57 13.36 16.54
N ALA G 432 -16.72 14.18 17.59
CA ALA G 432 -15.57 14.67 18.33
C ALA G 432 -14.85 13.55 19.07
N GLY G 433 -15.53 12.42 19.31
CA GLY G 433 -14.91 11.31 20.01
C GLY G 433 -15.04 11.33 21.51
N LEU G 434 -15.98 12.09 22.06
CA LEU G 434 -16.17 12.15 23.50
C LEU G 434 -16.97 10.96 24.00
N ASN G 435 -17.26 10.95 25.29
CA ASN G 435 -18.08 9.90 25.88
C ASN G 435 -19.55 10.14 25.53
N TYR G 436 -20.28 9.04 25.32
CA TYR G 436 -21.69 9.11 24.96
C TYR G 436 -22.63 8.52 26.01
N GLU G 437 -22.15 7.62 26.86
CA GLU G 437 -23.01 6.98 27.84
C GLU G 437 -23.28 7.93 29.02
N GLN G 438 -24.54 8.06 29.40
CA GLN G 438 -24.91 8.94 30.50
C GLN G 438 -24.75 8.30 31.86
N HIS G 439 -24.59 6.98 31.95
CA HIS G 439 -24.51 6.34 33.25
C HIS G 439 -23.15 6.61 33.88
N ARG G 440 -23.17 7.10 35.12
CA ARG G 440 -21.97 7.39 35.90
C ARG G 440 -21.08 8.41 35.17
N PHE G 441 -21.58 9.64 35.10
CA PHE G 441 -20.75 10.74 34.61
C PHE G 441 -19.68 11.04 35.65
N GLY G 442 -18.71 10.14 35.78
CA GLY G 442 -17.74 10.23 36.84
C GLY G 442 -16.69 11.29 36.59
N MET G 443 -15.90 11.54 37.64
CA MET G 443 -14.83 12.52 37.55
C MET G 443 -13.79 12.10 36.51
N ASP G 444 -13.65 10.80 36.28
CA ASP G 444 -12.64 10.30 35.36
C ASP G 444 -12.91 10.74 33.92
N SER G 445 -14.17 10.62 33.46
CA SER G 445 -14.48 10.94 32.07
C SER G 445 -14.35 12.42 31.78
N LEU G 446 -14.32 13.27 32.80
CA LEU G 446 -14.20 14.71 32.61
C LEU G 446 -12.84 15.14 32.10
N CYS G 447 -11.85 14.24 32.07
CA CYS G 447 -10.50 14.58 31.67
C CYS G 447 -10.10 14.01 30.32
N LYS G 448 -10.51 12.76 30.01
CA LYS G 448 -10.21 12.18 28.71
C LYS G 448 -10.81 12.99 27.58
N ASP G 449 -11.96 13.61 27.83
CA ASP G 449 -12.67 14.37 26.79
C ASP G 449 -11.98 15.69 26.48
N ILE G 450 -11.51 16.39 27.52
CA ILE G 450 -10.83 17.67 27.28
C ILE G 450 -9.48 17.44 26.62
N PHE G 451 -8.76 16.38 27.02
CA PHE G 451 -7.54 16.02 26.33
C PHE G 451 -7.82 15.70 24.86
N THR G 452 -8.92 14.98 24.60
CA THR G 452 -9.32 14.72 23.22
C THR G 452 -9.74 16.00 22.51
N TYR G 453 -10.44 16.89 23.23
CA TYR G 453 -10.93 18.11 22.61
C TYR G 453 -9.78 18.98 22.08
N VAL G 454 -8.72 19.12 22.88
CA VAL G 454 -7.58 19.92 22.44
C VAL G 454 -6.85 19.23 21.29
N LYS G 455 -6.79 17.90 21.32
CA LYS G 455 -6.15 17.16 20.25
C LYS G 455 -6.81 17.44 18.90
N GLN G 456 -8.14 17.44 18.87
CA GLN G 456 -8.84 17.79 17.64
C GLN G 456 -8.75 19.28 17.34
N ASP G 457 -8.83 20.12 18.38
CA ASP G 457 -8.77 21.57 18.18
C ASP G 457 -7.37 22.01 17.72
N ARG G 458 -6.32 21.30 18.16
CA ARG G 458 -4.94 21.62 17.82
C ARG G 458 -4.55 23.01 18.31
N ASP G 459 -4.80 23.26 19.60
CA ASP G 459 -4.35 24.49 20.24
C ASP G 459 -4.19 24.18 21.73
N PHE G 460 -2.95 23.90 22.15
CA PHE G 460 -2.68 23.42 23.49
C PHE G 460 -2.48 24.53 24.51
N ASN G 461 -2.08 25.72 24.06
CA ASN G 461 -1.83 26.81 25.00
C ASN G 461 -3.12 27.43 25.53
N THR G 462 -4.24 27.18 24.88
CA THR G 462 -5.52 27.75 25.30
C THR G 462 -6.66 26.74 25.24
N GLY G 463 -6.43 25.53 24.75
CA GLY G 463 -7.50 24.57 24.57
C GLY G 463 -8.23 24.21 25.84
N PHE G 464 -7.52 24.12 26.97
CA PHE G 464 -8.16 23.76 28.23
C PHE G 464 -9.10 24.85 28.74
N TYR G 465 -9.06 26.05 28.16
CA TYR G 465 -10.03 27.08 28.51
C TYR G 465 -11.46 26.67 28.17
N LEU G 466 -11.62 25.74 27.23
CA LEU G 466 -12.94 25.32 26.74
C LEU G 466 -13.70 26.52 26.15
N ARG G 467 -12.96 27.43 25.54
CA ARG G 467 -13.58 28.54 24.83
C ARG G 467 -14.28 28.02 23.57
N PRO G 468 -15.32 28.73 23.11
CA PRO G 468 -16.03 28.31 21.89
C PRO G 468 -15.38 28.74 20.59
N GLN G 469 -14.10 29.12 20.61
CA GLN G 469 -13.41 29.59 19.41
C GLN G 469 -12.65 28.43 18.75
N SER G 470 -13.42 27.54 18.15
CA SER G 470 -12.89 26.43 17.38
C SER G 470 -13.48 26.47 15.98
N GLU G 471 -12.67 26.16 14.97
CA GLU G 471 -13.17 26.18 13.59
C GLU G 471 -14.18 25.08 13.35
N SER G 472 -13.97 23.90 13.94
CA SER G 472 -14.91 22.80 13.80
C SER G 472 -16.16 23.08 14.61
N GLU G 473 -17.32 23.03 13.96
CA GLU G 473 -18.57 23.31 14.66
C GLU G 473 -18.87 22.25 15.71
N ALA G 474 -18.58 20.98 15.40
CA ALA G 474 -18.85 19.91 16.36
C ALA G 474 -18.03 20.10 17.63
N LEU G 475 -16.76 20.46 17.50
CA LEU G 475 -15.95 20.79 18.68
C LEU G 475 -16.50 22.02 19.38
N ARG G 476 -16.94 23.02 18.61
CA ARG G 476 -17.59 24.19 19.20
C ARG G 476 -18.83 23.80 19.99
N ASN G 477 -19.60 22.85 19.48
CA ASN G 477 -20.75 22.33 20.23
C ASN G 477 -20.29 21.64 21.50
N CYS G 478 -19.19 20.91 21.44
CA CYS G 478 -18.72 20.17 22.61
C CYS G 478 -18.11 21.11 23.64
N SER G 479 -17.45 22.19 23.20
CA SER G 479 -16.75 23.07 24.13
C SER G 479 -17.72 23.69 25.13
N ILE G 480 -18.80 24.29 24.65
CA ILE G 480 -19.80 24.84 25.55
C ILE G 480 -20.50 23.71 26.31
N TYR G 481 -20.66 22.55 25.67
CA TYR G 481 -21.16 21.38 26.37
C TYR G 481 -20.17 20.92 27.44
N LEU G 482 -18.88 20.96 27.12
CA LEU G 482 -17.88 20.57 28.11
C LEU G 482 -17.83 21.56 29.27
N ALA G 483 -17.93 22.86 28.98
CA ALA G 483 -17.88 23.86 30.05
C ALA G 483 -18.99 23.63 31.06
N SER G 484 -20.21 23.37 30.58
CA SER G 484 -21.29 23.01 31.49
C SER G 484 -21.01 21.66 32.17
N GLN G 485 -20.42 20.72 31.43
CA GLN G 485 -20.07 19.43 32.01
C GLN G 485 -19.01 19.58 33.09
N VAL G 486 -18.05 20.49 32.91
CA VAL G 486 -17.09 20.77 33.96
C VAL G 486 -17.75 21.50 35.12
N SER G 487 -18.63 22.45 34.83
CA SER G 487 -19.24 23.25 35.88
C SER G 487 -20.11 22.40 36.80
N GLU G 488 -20.85 21.44 36.24
CA GLU G 488 -21.73 20.63 37.07
C GLU G 488 -20.93 19.77 38.06
N ASN G 489 -19.80 19.21 37.61
CA ASN G 489 -18.97 18.42 38.50
C ASN G 489 -18.17 19.31 39.44
N CYS G 490 -17.43 20.27 38.87
CA CYS G 490 -16.71 21.25 39.67
C CYS G 490 -17.70 22.27 40.20
N GLN G 491 -18.43 21.86 41.24
CA GLN G 491 -19.35 22.73 41.95
C GLN G 491 -19.72 22.04 43.26
N GLY G 492 -19.60 22.75 44.37
CA GLY G 492 -19.79 22.14 45.67
C GLY G 492 -18.79 21.04 45.96
N SER G 493 -17.56 21.18 45.46
CA SER G 493 -16.55 20.16 45.64
C SER G 493 -15.18 20.76 45.34
N LEU G 494 -14.21 20.49 46.20
CA LEU G 494 -12.84 20.95 45.99
C LEU G 494 -11.97 19.89 45.32
N SER G 495 -12.22 18.61 45.61
CA SER G 495 -11.43 17.55 45.00
C SER G 495 -11.58 17.52 43.49
N LYS G 496 -12.81 17.71 43.00
CA LYS G 496 -13.05 17.70 41.56
C LYS G 496 -12.39 18.88 40.87
N PHE G 497 -12.33 20.04 41.54
CA PHE G 497 -11.66 21.20 40.95
C PHE G 497 -10.18 20.93 40.74
N LEU G 498 -9.52 20.33 41.73
CA LEU G 498 -8.08 20.09 41.62
C LEU G 498 -7.77 18.99 40.62
N GLN G 499 -8.60 17.95 40.57
CA GLN G 499 -8.38 16.88 39.59
C GLN G 499 -8.59 17.39 38.17
N MET G 500 -9.55 18.31 37.99
CA MET G 500 -9.64 19.04 36.73
C MET G 500 -8.39 19.85 36.47
N LEU G 501 -7.79 20.42 37.52
CA LEU G 501 -6.61 21.25 37.34
C LEU G 501 -5.42 20.42 36.87
N LEU G 502 -5.18 19.27 37.50
CA LEU G 502 -4.02 18.46 37.17
C LEU G 502 -4.27 17.55 35.98
N VAL G 503 -5.22 16.62 36.11
CA VAL G 503 -5.40 15.61 35.08
C VAL G 503 -6.01 16.22 33.83
N GLY G 504 -7.04 17.06 33.99
CA GLY G 504 -7.70 17.65 32.85
C GLY G 504 -6.92 18.75 32.17
N CYS G 505 -6.67 19.84 32.90
CA CYS G 505 -5.98 20.98 32.30
C CYS G 505 -4.49 20.71 32.15
N GLY G 506 -3.89 20.00 33.10
CA GLY G 506 -2.44 19.83 33.09
C GLY G 506 -1.94 19.00 31.94
N SER G 507 -2.63 17.90 31.62
CA SER G 507 -2.15 16.99 30.59
C SER G 507 -2.02 17.67 29.24
N VAL G 508 -2.84 18.68 28.97
CA VAL G 508 -2.69 19.47 27.75
C VAL G 508 -1.38 20.24 27.77
N SER G 509 -1.09 20.90 28.90
CA SER G 509 0.14 21.68 29.00
C SER G 509 1.38 20.80 29.08
N ILE G 510 1.26 19.62 29.70
CA ILE G 510 2.39 18.69 29.73
C ILE G 510 2.72 18.23 28.32
N PHE G 511 1.72 18.08 27.47
CA PHE G 511 1.94 17.54 26.13
C PHE G 511 2.65 18.54 25.23
N ASN G 512 2.28 19.81 25.30
CA ASN G 512 2.72 20.77 24.28
C ASN G 512 4.20 21.11 24.38
N GLN G 513 4.86 20.85 25.51
CA GLN G 513 6.27 21.15 25.65
C GLN G 513 7.14 19.94 25.96
N PHE G 514 6.59 18.86 26.48
CA PHE G 514 7.38 17.69 26.84
C PHE G 514 7.19 16.52 25.88
N VAL G 515 6.27 16.61 24.93
CA VAL G 515 6.08 15.56 23.94
C VAL G 515 6.15 16.19 22.55
N THR G 516 5.84 17.48 22.47
CA THR G 516 5.90 18.22 21.21
C THR G 516 7.28 18.81 20.95
N GLU G 517 8.20 18.72 21.92
CA GLU G 517 9.53 19.28 21.79
C GLU G 517 10.41 18.50 20.81
N LEU G 518 9.87 17.51 20.10
CA LEU G 518 10.67 16.72 19.18
C LEU G 518 11.23 17.59 18.06
N ALA G 519 10.42 18.48 17.53
CA ALA G 519 10.85 19.37 16.45
C ALA G 519 10.09 20.69 16.47
N GLU G 526 2.24 9.57 10.57
CA GLU G 526 1.38 9.78 11.73
C GLU G 526 2.17 9.72 13.03
N LYS G 527 3.06 10.69 13.22
CA LYS G 527 3.86 10.74 14.44
C LYS G 527 2.98 11.00 15.66
N PHE G 528 1.97 11.86 15.52
CA PHE G 528 1.15 12.23 16.67
C PHE G 528 0.35 11.04 17.19
N GLU G 529 -0.24 10.25 16.29
CA GLU G 529 -1.17 9.20 16.72
C GLU G 529 -0.47 8.13 17.52
N GLN G 530 0.75 7.76 17.13
CA GLN G 530 1.51 6.77 17.90
C GLN G 530 1.82 7.28 19.29
N LEU G 531 2.16 8.56 19.42
CA LEU G 531 2.54 9.12 20.72
C LEU G 531 1.32 9.38 21.59
N ILE G 532 0.29 10.04 21.04
CA ILE G 532 -0.88 10.40 21.84
C ILE G 532 -1.58 9.15 22.37
N SER G 533 -1.75 8.14 21.52
CA SER G 533 -2.36 6.89 21.97
C SER G 533 -1.52 6.23 23.04
N GLU G 534 -0.20 6.23 22.87
CA GLU G 534 0.69 5.73 23.91
C GLU G 534 0.66 6.63 25.14
N TYR G 535 0.61 7.95 24.94
CA TYR G 535 0.62 8.87 26.07
C TYR G 535 -0.59 8.67 26.96
N VAL G 536 -1.79 8.66 26.37
CA VAL G 536 -3.01 8.50 27.17
C VAL G 536 -3.06 7.11 27.79
N ALA G 537 -2.58 6.09 27.06
CA ALA G 537 -2.49 4.76 27.65
C ALA G 537 -1.51 4.74 28.82
N TYR G 538 -0.35 5.38 28.65
CA TYR G 538 0.61 5.47 29.75
C TYR G 538 0.05 6.34 30.87
N MET G 539 -0.44 7.53 30.55
CA MET G 539 -0.97 8.43 31.57
C MET G 539 -2.18 7.84 32.28
N SER G 540 -2.98 7.05 31.58
CA SER G 540 -4.26 6.55 32.10
C SER G 540 -5.12 7.71 32.57
N VAL G 541 -5.45 8.60 31.62
CA VAL G 541 -6.10 9.85 31.94
C VAL G 541 -7.48 9.59 32.53
N GLY G 542 -7.79 10.30 33.61
CA GLY G 542 -9.10 10.21 34.23
C GLY G 542 -9.26 9.06 35.20
N ARG G 543 -9.41 7.85 34.66
CA ARG G 543 -9.63 6.68 35.53
C ARG G 543 -8.33 6.32 36.22
N ILE G 544 -8.16 6.81 37.45
CA ILE G 544 -6.97 6.54 38.25
C ILE G 544 -7.39 6.52 39.70
N GLU G 545 -6.74 5.66 40.49
CA GLU G 545 -7.16 5.43 41.86
C GLU G 545 -6.96 6.66 42.74
N SER G 546 -6.06 7.56 42.37
CA SER G 546 -5.81 8.76 43.15
C SER G 546 -5.24 9.85 42.25
N ALA G 547 -5.57 11.10 42.57
CA ALA G 547 -5.01 12.22 41.82
C ALA G 547 -3.51 12.28 41.96
N SER G 548 -2.99 11.96 43.16
CA SER G 548 -1.55 11.93 43.37
C SER G 548 -0.87 10.86 42.53
N HIS G 549 -1.61 9.85 42.08
CA HIS G 549 -1.02 8.83 41.22
C HIS G 549 -0.74 9.37 39.83
N TRP G 550 -1.61 10.25 39.32
CA TRP G 550 -1.31 10.93 38.06
C TRP G 550 -0.07 11.81 38.21
N ALA G 551 0.02 12.55 39.32
CA ALA G 551 1.20 13.36 39.60
C ALA G 551 2.43 12.47 39.78
N ASN G 552 2.25 11.31 40.41
CA ASN G 552 3.36 10.37 40.54
C ASN G 552 3.86 9.91 39.16
N ARG G 553 2.94 9.64 38.25
CA ARG G 553 3.31 9.26 36.89
C ARG G 553 3.74 10.45 36.06
N CYS G 554 3.26 11.66 36.38
CA CYS G 554 3.67 12.85 35.64
C CYS G 554 5.12 13.24 35.91
N CYS G 555 5.70 12.76 37.02
CA CYS G 555 7.11 13.04 37.29
C CYS G 555 8.01 12.44 36.22
N ALA G 556 7.70 11.23 35.78
CA ALA G 556 8.51 10.57 34.76
C ALA G 556 8.39 11.25 33.41
N VAL G 557 7.22 11.81 33.10
CA VAL G 557 7.00 12.39 31.77
C VAL G 557 7.97 13.55 31.53
N VAL G 558 8.12 14.43 32.52
CA VAL G 558 9.08 15.52 32.40
C VAL G 558 10.51 15.05 32.62
N ALA G 559 10.70 13.88 33.25
CA ALA G 559 12.04 13.37 33.48
C ALA G 559 12.67 12.81 32.23
N ASN G 560 11.87 12.43 31.23
CA ASN G 560 12.40 11.93 29.97
C ASN G 560 12.72 13.04 28.97
N SER G 561 12.57 14.29 29.37
CA SER G 561 13.01 15.44 28.58
C SER G 561 13.94 16.26 29.46
N PRO G 562 15.18 15.80 29.64
CA PRO G 562 16.10 16.49 30.55
C PRO G 562 16.43 17.88 30.03
N ASN G 563 16.68 18.79 30.97
CA ASN G 563 17.06 20.16 30.65
C ASN G 563 18.55 20.21 30.32
N ASP G 564 19.08 21.42 30.18
CA ASP G 564 20.50 21.57 29.95
C ASP G 564 21.29 21.21 31.21
N GLU G 565 22.57 20.90 31.01
CA GLU G 565 23.55 20.57 32.05
C GLU G 565 23.13 19.39 32.92
N LYS G 566 22.06 18.67 32.55
CA LYS G 566 21.62 17.47 33.25
C LYS G 566 21.38 17.74 34.73
N ILE G 567 20.83 18.90 35.03
CA ILE G 567 20.49 19.27 36.40
C ILE G 567 19.09 18.75 36.72
N GLY G 568 18.87 18.40 37.98
CA GLY G 568 17.63 17.78 38.39
C GLY G 568 16.53 18.74 38.80
N VAL G 569 16.47 19.91 38.17
CA VAL G 569 15.41 20.87 38.41
C VAL G 569 14.49 20.86 37.20
N PHE G 570 13.24 20.47 37.42
CA PHE G 570 12.28 20.29 36.33
C PHE G 570 11.00 21.07 36.59
N LEU G 571 9.96 20.79 35.82
CA LEU G 571 8.68 21.49 35.95
C LEU G 571 8.04 21.11 37.28
N GLY G 572 8.18 21.97 38.28
CA GLY G 572 7.54 21.75 39.55
C GLY G 572 8.12 20.64 40.39
N MET G 573 9.38 20.26 40.17
CA MET G 573 10.01 19.22 40.97
C MET G 573 11.51 19.40 40.96
N VAL G 574 12.15 18.81 41.97
CA VAL G 574 13.60 18.75 42.08
C VAL G 574 14.02 17.31 42.24
N GLN G 575 14.98 16.88 41.42
CA GLN G 575 15.43 15.49 41.44
C GLN G 575 16.47 15.33 42.55
N LEU G 576 16.00 14.91 43.71
CA LEU G 576 16.90 14.67 44.83
C LEU G 576 17.79 13.47 44.57
N ASN G 577 19.01 13.54 45.09
CA ASN G 577 20.02 12.51 44.87
C ASN G 577 20.00 11.52 46.02
N ARG G 578 19.93 10.23 45.68
CA ARG G 578 19.93 9.15 46.67
C ARG G 578 21.19 8.30 46.60
N LYS G 579 22.06 8.53 45.63
CA LYS G 579 23.28 7.76 45.49
C LYS G 579 24.32 8.21 46.49
N SER G 580 25.39 7.43 46.62
CA SER G 580 26.48 7.72 47.54
C SER G 580 27.37 8.79 46.91
N ARG G 581 27.08 10.05 47.23
CA ARG G 581 27.84 11.19 46.71
C ARG G 581 28.43 11.93 47.91
N GLN G 582 29.63 11.51 48.33
CA GLN G 582 30.29 12.10 49.48
C GLN G 582 31.02 13.38 49.07
N HIS G 583 31.76 13.95 50.03
CA HIS G 583 32.60 15.13 49.80
C HIS G 583 31.77 16.34 49.35
N MET G 584 30.50 16.36 49.71
CA MET G 584 29.67 17.52 49.40
C MET G 584 29.99 18.66 50.37
N PRO G 585 30.15 19.89 49.87
CA PRO G 585 30.52 21.00 50.74
C PRO G 585 29.40 21.35 51.71
N GLY G 586 29.80 21.82 52.89
CA GLY G 586 28.85 22.21 53.90
C GLY G 586 28.00 21.04 54.38
N GLY G 587 26.75 21.34 54.71
CA GLY G 587 25.82 20.34 55.17
C GLY G 587 25.12 19.56 54.09
N TYR G 588 25.55 19.69 52.84
CA TYR G 588 24.93 18.98 51.73
C TYR G 588 25.06 17.47 51.92
N LYS G 589 23.92 16.79 52.00
CA LYS G 589 23.88 15.34 52.16
C LYS G 589 22.70 14.79 51.37
N LYS G 590 22.79 13.51 51.02
CA LYS G 590 21.67 12.86 50.33
C LYS G 590 20.44 12.85 51.22
N PHE G 591 19.28 13.03 50.62
CA PHE G 591 18.06 13.26 51.37
C PHE G 591 17.66 12.02 52.17
N ASN G 592 17.20 12.23 53.39
CA ASN G 592 16.58 11.20 54.21
C ASN G 592 15.35 11.77 54.89
N ILE G 593 14.43 10.88 55.26
CA ILE G 593 13.11 11.29 55.75
C ILE G 593 13.10 11.24 57.28
N ASP G 594 13.96 10.42 57.86
CA ASP G 594 13.94 10.22 59.31
C ASP G 594 14.22 11.52 60.06
N THR G 595 15.02 12.42 59.49
CA THR G 595 15.36 13.66 60.17
C THR G 595 14.18 14.62 60.29
N GLU G 596 13.08 14.36 59.59
CA GLU G 596 11.90 15.21 59.67
C GLU G 596 11.08 14.81 60.90
N ASN G 597 9.91 15.44 61.06
CA ASN G 597 8.99 15.12 62.14
C ASN G 597 7.63 14.75 61.54
N GLY G 598 6.64 14.55 62.41
CA GLY G 598 5.35 13.98 62.04
C GLY G 598 4.65 14.57 60.83
N LEU G 599 4.18 15.81 60.94
CA LEU G 599 3.46 16.42 59.82
C LEU G 599 4.39 16.68 58.65
N ALA G 600 5.63 17.08 58.93
CA ALA G 600 6.60 17.33 57.86
C ALA G 600 6.89 16.05 57.08
N LYS G 601 6.97 14.91 57.77
CA LYS G 601 7.14 13.64 57.08
C LYS G 601 5.95 13.36 56.17
N ALA G 602 4.73 13.53 56.68
CA ALA G 602 3.54 13.31 55.86
C ALA G 602 3.48 14.29 54.71
N ALA G 603 3.81 15.56 54.96
CA ALA G 603 3.80 16.56 53.90
C ALA G 603 4.80 16.20 52.81
N MET G 604 6.02 15.80 53.18
CA MET G 604 7.03 15.48 52.19
C MET G 604 6.73 14.16 51.50
N ALA G 605 6.36 13.13 52.26
CA ALA G 605 6.12 11.83 51.67
C ALA G 605 4.96 11.87 50.68
N SER G 606 3.99 12.76 50.92
CA SER G 606 2.96 13.01 49.91
C SER G 606 3.58 13.61 48.66
N SER G 607 4.51 14.53 48.82
CA SER G 607 5.16 15.18 47.67
C SER G 607 6.19 14.28 47.01
N LEU G 608 6.84 13.41 47.77
CA LEU G 608 7.89 12.56 47.22
C LEU G 608 7.32 11.54 46.26
N SER G 609 7.88 11.48 45.06
CA SER G 609 7.53 10.48 44.05
C SER G 609 8.80 9.90 43.46
N THR G 610 8.83 8.59 43.30
CA THR G 610 10.01 7.89 42.80
C THR G 610 9.69 7.21 41.48
N VAL G 611 10.61 7.30 40.53
CA VAL G 611 10.49 6.67 39.22
C VAL G 611 11.79 5.95 38.91
N ALA G 612 11.72 4.65 38.68
CA ALA G 612 12.89 3.86 38.29
C ALA G 612 12.92 3.68 36.78
N SER G 613 13.23 4.79 36.09
CA SER G 613 13.27 4.76 34.63
C SER G 613 14.37 3.82 34.14
N ASN G 614 15.59 4.01 34.60
CA ASN G 614 16.69 3.10 34.33
C ASN G 614 17.34 2.77 35.66
N ASN G 615 17.30 3.74 36.57
CA ASN G 615 17.71 3.58 37.95
C ASN G 615 16.73 4.36 38.82
N LEU G 616 16.76 4.08 40.12
CA LEU G 616 15.83 4.70 41.04
C LEU G 616 16.10 6.21 41.11
N MET G 617 15.17 7.00 40.59
CA MET G 617 15.21 8.45 40.69
C MET G 617 14.12 8.92 41.63
N ASP G 618 14.48 9.77 42.58
CA ASP G 618 13.55 10.29 43.58
C ASP G 618 13.23 11.74 43.25
N PHE G 619 11.93 12.06 43.24
CA PHE G 619 11.45 13.39 42.90
C PHE G 619 10.66 13.96 44.08
N CYS G 620 10.76 15.28 44.26
CA CYS G 620 9.94 16.02 45.22
C CYS G 620 9.14 17.02 44.40
N SER G 621 7.97 16.60 43.93
CA SER G 621 7.18 17.36 42.99
C SER G 621 6.03 18.08 43.69
N VAL G 622 5.76 19.31 43.28
CA VAL G 622 4.60 20.03 43.79
C VAL G 622 3.31 19.35 43.34
N PHE G 623 3.31 18.78 42.13
CA PHE G 623 2.10 18.15 41.61
C PHE G 623 1.60 17.05 42.55
N ASN G 624 2.52 16.34 43.20
CA ASN G 624 2.11 15.35 44.19
C ASN G 624 1.41 15.99 45.37
N LEU G 625 1.80 17.21 45.75
CA LEU G 625 1.15 17.88 46.85
C LEU G 625 -0.31 18.19 46.54
N ILE G 626 -0.58 18.71 45.34
CA ILE G 626 -1.97 18.93 44.95
C ILE G 626 -2.72 17.60 44.89
N GLY G 627 -2.05 16.55 44.42
CA GLY G 627 -2.66 15.23 44.45
C GLY G 627 -3.04 14.80 45.85
N ALA G 628 -2.19 15.10 46.83
CA ALA G 628 -2.55 14.85 48.22
C ALA G 628 -3.75 15.68 48.64
N ILE G 629 -3.78 16.95 48.23
CA ILE G 629 -4.92 17.81 48.54
C ILE G 629 -6.17 17.32 47.82
N ALA G 630 -6.02 16.87 46.58
CA ALA G 630 -7.17 16.44 45.79
C ALA G 630 -7.70 15.08 46.24
N ASP G 631 -6.93 14.33 47.02
CA ASP G 631 -7.36 13.01 47.50
C ASP G 631 -7.80 13.04 48.96
N ILE G 632 -7.11 13.81 49.80
CA ILE G 632 -7.51 13.92 51.20
C ILE G 632 -8.85 14.63 51.32
N SER G 633 -9.07 15.65 50.48
CA SER G 633 -10.33 16.40 50.55
C SER G 633 -11.52 15.53 50.18
N ALA G 634 -11.30 14.48 49.41
CA ALA G 634 -12.38 13.55 49.03
C ALA G 634 -12.51 12.48 50.11
N CYS G 635 -13.01 12.91 51.27
CA CYS G 635 -13.13 12.02 52.42
C CYS G 635 -14.38 12.40 53.20
N ARG G 636 -14.65 11.65 54.26
CA ARG G 636 -15.80 11.89 55.12
C ARG G 636 -15.44 12.83 56.26
N CYS G 637 -16.47 13.24 57.01
CA CYS G 637 -16.25 14.17 58.12
C CYS G 637 -15.65 13.48 59.33
N GLU G 638 -15.92 12.18 59.50
CA GLU G 638 -15.43 11.47 60.68
C GLU G 638 -13.92 11.28 60.62
N ARG G 639 -13.30 11.24 61.81
CA ARG G 639 -11.85 11.14 61.90
C ARG G 639 -11.34 9.80 61.38
N SER G 640 -12.03 8.71 61.70
CA SER G 640 -11.52 7.38 61.36
C SER G 640 -11.45 7.19 59.85
N ALA G 641 -12.43 7.71 59.12
CA ALA G 641 -12.47 7.51 57.67
C ALA G 641 -11.27 8.16 56.98
N ILE G 642 -10.88 9.36 57.41
CA ILE G 642 -9.79 10.06 56.73
C ILE G 642 -8.45 9.44 57.06
N THR G 643 -8.35 8.73 58.19
CA THR G 643 -7.09 8.08 58.54
C THR G 643 -6.74 6.98 57.55
N ASN G 644 -7.75 6.24 57.10
CA ASN G 644 -7.51 5.20 56.08
C ASN G 644 -6.99 5.82 54.80
N ALA G 645 -7.61 6.92 54.36
CA ALA G 645 -7.18 7.57 53.12
C ALA G 645 -5.98 8.47 53.30
N PHE G 646 -5.64 8.86 54.53
CA PHE G 646 -4.43 9.64 54.74
C PHE G 646 -3.18 8.82 54.44
N ASN G 647 -3.09 7.62 55.02
CA ASN G 647 -1.92 6.78 54.78
C ASN G 647 -1.86 6.26 53.35
N LYS G 648 -2.98 6.28 52.63
CA LYS G 648 -2.98 5.81 51.24
C LYS G 648 -2.15 6.73 50.35
N VAL G 649 -2.21 8.03 50.58
CA VAL G 649 -1.47 8.98 49.74
C VAL G 649 -0.07 9.27 50.27
N ILE G 650 0.23 8.93 51.53
CA ILE G 650 1.57 9.15 52.05
C ILE G 650 2.56 8.18 51.41
N ALA G 651 2.13 6.94 51.17
CA ALA G 651 3.02 5.93 50.61
C ALA G 651 3.40 6.27 49.18
N GLN G 652 4.60 5.82 48.78
CA GLN G 652 5.14 6.05 47.44
C GLN G 652 4.92 4.79 46.61
N THR G 653 4.14 4.91 45.54
CA THR G 653 3.84 3.77 44.68
C THR G 653 4.87 3.67 43.56
N THR G 654 5.04 2.44 43.07
CA THR G 654 6.01 2.19 42.01
C THR G 654 5.52 2.78 40.69
N CYS G 655 6.46 3.30 39.90
CA CYS G 655 6.19 3.81 38.57
C CYS G 655 7.35 3.46 37.65
N ILE G 656 7.06 3.31 36.36
CA ILE G 656 8.04 2.90 35.38
C ILE G 656 8.03 3.93 34.24
N VAL G 657 9.16 4.03 33.56
CA VAL G 657 9.37 4.98 32.48
C VAL G 657 8.42 4.69 31.32
N PRO G 658 7.88 5.71 30.64
CA PRO G 658 7.18 5.45 29.39
C PRO G 658 8.15 4.96 28.32
N PRO G 659 7.69 4.12 27.40
CA PRO G 659 8.61 3.48 26.46
C PRO G 659 8.95 4.33 25.23
N TRP G 660 8.68 5.63 25.29
CA TRP G 660 8.97 6.51 24.15
C TRP G 660 10.28 7.27 24.31
N SER G 661 11.09 6.93 25.31
CA SER G 661 12.36 7.60 25.57
C SER G 661 13.52 6.65 25.28
N GLU G 662 14.73 7.13 25.55
CA GLU G 662 15.94 6.36 25.31
C GLU G 662 16.23 5.34 26.41
N ALA G 663 15.52 5.41 27.53
CA ALA G 663 15.75 4.48 28.64
C ALA G 663 15.38 3.06 28.27
N THR G 704 1.49 7.87 68.44
CA THR G 704 2.53 8.32 67.52
C THR G 704 2.33 9.78 67.14
N GLU G 705 3.25 10.30 66.31
CA GLU G 705 3.15 11.70 65.88
C GLU G 705 2.05 11.88 64.84
N PHE G 706 1.78 10.86 64.02
CA PHE G 706 0.73 10.97 63.02
C PHE G 706 -0.66 11.06 63.63
N SER G 707 -0.81 10.72 64.91
CA SER G 707 -2.09 10.89 65.59
C SER G 707 -2.41 12.37 65.82
N ASP G 708 -1.45 13.27 65.62
CA ASP G 708 -1.66 14.70 65.76
C ASP G 708 -1.86 15.40 64.43
N ALA G 709 -1.16 14.96 63.38
CA ALA G 709 -1.30 15.59 62.07
C ALA G 709 -2.70 15.42 61.52
N ILE G 710 -3.29 14.22 61.67
CA ILE G 710 -4.61 13.96 61.13
C ILE G 710 -5.66 14.79 61.85
N THR G 711 -5.47 15.04 63.14
CA THR G 711 -6.38 15.91 63.87
C THR G 711 -6.41 17.31 63.25
N LYS G 712 -5.24 17.83 62.87
CA LYS G 712 -5.20 19.09 62.13
C LYS G 712 -5.85 18.93 60.76
N VAL G 713 -5.63 17.78 60.11
CA VAL G 713 -6.31 17.52 58.84
C VAL G 713 -7.81 17.44 59.05
N GLU G 714 -8.24 16.89 60.18
CA GLU G 714 -9.67 16.90 60.50
C GLU G 714 -10.19 18.32 60.68
N GLN G 715 -9.37 19.19 61.27
CA GLN G 715 -9.76 20.60 61.36
C GLN G 715 -9.88 21.23 59.98
N TRP G 716 -9.13 20.72 59.00
CA TRP G 716 -9.26 21.20 57.63
C TRP G 716 -10.59 20.76 57.02
N LEU G 717 -10.94 19.48 57.16
CA LEU G 717 -12.10 18.94 56.47
C LEU G 717 -13.42 19.38 57.09
N LYS G 718 -13.42 19.79 58.36
CA LYS G 718 -14.62 20.37 58.93
C LYS G 718 -14.92 21.75 58.34
N ASN G 719 -13.93 22.36 57.68
CA ASN G 719 -14.12 23.60 56.94
C ASN G 719 -14.32 23.37 55.45
N VAL G 720 -13.56 22.46 54.84
CA VAL G 720 -13.70 22.20 53.41
C VAL G 720 -15.10 21.69 53.09
N ASN G 721 -15.57 20.70 53.86
CA ASN G 721 -16.91 20.17 53.65
C ASN G 721 -17.99 21.20 53.95
N GLU G 722 -17.64 22.30 54.61
CA GLU G 722 -18.58 23.38 54.91
C GLU G 722 -18.44 24.56 53.95
N ILE G 723 -17.25 24.80 53.43
CA ILE G 723 -16.99 25.95 52.56
C ILE G 723 -17.09 25.57 51.09
N GLU G 724 -16.61 24.39 50.71
CA GLU G 724 -16.57 24.00 49.30
C GLU G 724 -17.97 23.93 48.68
N ILE G 725 -19.01 23.79 49.50
CA ILE G 725 -20.37 23.72 48.96
C ILE G 725 -20.77 25.08 48.36
N GLY G 726 -20.20 26.17 48.87
CA GLY G 726 -20.53 27.49 48.40
C GLY G 726 -19.73 27.99 47.22
N ILE G 727 -18.82 27.18 46.68
CA ILE G 727 -18.00 27.60 45.55
C ILE G 727 -18.76 27.29 44.26
N ARG G 728 -18.57 28.16 43.26
CA ARG G 728 -19.17 27.99 41.94
C ARG G 728 -18.07 28.20 40.89
N PRO G 729 -17.15 27.25 40.77
CA PRO G 729 -16.00 27.47 39.88
C PRO G 729 -16.36 27.25 38.41
N SER G 730 -15.91 28.18 37.58
CA SER G 730 -16.12 28.11 36.15
C SER G 730 -15.13 27.15 35.50
N ALA G 731 -15.38 26.83 34.22
CA ALA G 731 -14.37 26.16 33.42
C ALA G 731 -13.27 27.12 33.00
N LEU G 732 -13.60 28.41 32.88
CA LEU G 732 -12.57 29.42 32.66
C LEU G 732 -11.65 29.54 33.86
N LEU G 733 -12.21 29.47 35.07
CA LEU G 733 -11.41 29.63 36.28
C LEU G 733 -10.35 28.54 36.39
N ILE G 734 -10.74 27.29 36.18
CA ILE G 734 -9.78 26.19 36.25
C ILE G 734 -8.71 26.34 35.17
N GLY G 735 -9.13 26.76 33.97
CA GLY G 735 -8.15 27.00 32.92
C GLY G 735 -7.24 28.18 33.22
N LYS G 736 -7.80 29.24 33.82
CA LYS G 736 -7.01 30.41 34.13
C LYS G 736 -6.04 30.14 35.28
N VAL G 737 -6.46 29.37 36.28
CA VAL G 737 -5.57 29.04 37.39
C VAL G 737 -4.38 28.24 36.90
N TRP G 738 -4.63 27.22 36.08
CA TRP G 738 -3.53 26.41 35.57
C TRP G 738 -2.66 27.19 34.59
N SER G 739 -3.25 28.13 33.86
CA SER G 739 -2.47 28.94 32.93
C SER G 739 -1.41 29.75 33.67
N ARG G 740 -1.78 30.34 34.80
CA ARG G 740 -0.79 31.05 35.62
C ARG G 740 0.13 30.08 36.34
N PHE G 741 -0.42 28.97 36.87
CA PHE G 741 0.38 28.03 37.63
C PHE G 741 1.44 27.36 36.76
N TYR G 742 1.04 26.88 35.59
CA TYR G 742 2.00 26.23 34.69
C TYR G 742 3.03 27.23 34.19
N PHE G 743 2.61 28.45 33.88
CA PHE G 743 3.54 29.49 33.45
C PHE G 743 4.49 29.89 34.57
N ASN G 744 3.99 29.94 35.81
CA ASN G 744 4.82 30.39 36.92
C ASN G 744 5.89 29.36 37.28
N LEU G 745 5.54 28.07 37.18
CA LEU G 745 6.50 27.02 37.51
C LEU G 745 7.70 27.01 36.57
N ASN G 746 7.48 27.35 35.29
CA ASN G 746 8.59 27.37 34.34
C ASN G 746 9.61 28.43 34.73
N ASN G 747 9.16 29.58 35.23
CA ASN G 747 10.08 30.60 35.71
C ASN G 747 10.87 30.11 36.92
N VAL G 748 10.20 29.44 37.86
CA VAL G 748 10.88 28.91 39.04
C VAL G 748 11.90 27.86 38.63
N ALA G 749 11.55 27.03 37.66
CA ALA G 749 12.47 26.01 37.17
C ALA G 749 13.60 26.59 36.31
N ASP G 750 13.53 27.87 35.96
CA ASP G 750 14.54 28.51 35.12
C ASP G 750 15.46 29.44 35.92
N GLN G 751 14.89 30.32 36.75
CA GLN G 751 15.72 31.24 37.52
C GLN G 751 16.43 30.54 38.66
N HIS G 752 15.76 29.60 39.34
CA HIS G 752 16.40 28.84 40.41
C HIS G 752 17.30 27.74 39.89
N LYS G 753 17.27 27.45 38.59
CA LYS G 753 18.15 26.42 38.03
C LYS G 753 19.61 26.84 38.05
N THR G 754 19.89 28.14 38.09
CA THR G 754 21.25 28.66 38.08
C THR G 754 21.68 29.23 39.43
N ARG G 755 21.03 28.79 40.51
CA ARG G 755 21.30 29.29 41.85
C ARG G 755 21.48 28.14 42.83
N LEU G 756 22.29 27.17 42.46
CA LEU G 756 22.54 26.01 43.29
C LEU G 756 24.00 25.96 43.73
N TYR G 757 24.52 27.09 44.19
CA TYR G 757 25.92 27.20 44.55
C TYR G 757 26.25 26.29 45.74
N ARG G 758 27.55 26.18 46.03
CA ARG G 758 28.00 25.28 47.09
C ARG G 758 27.56 25.76 48.46
N ASN G 759 27.53 27.08 48.69
CA ASN G 759 27.10 27.63 49.96
C ASN G 759 25.65 28.10 49.94
N ALA G 760 24.88 27.68 48.93
CA ALA G 760 23.49 28.08 48.81
C ALA G 760 22.61 27.50 49.90
N GLU G 761 23.08 26.51 50.64
CA GLU G 761 22.29 25.96 51.74
C GLU G 761 22.01 27.05 52.77
N HIS G 762 20.82 26.99 53.37
CA HIS G 762 20.30 28.06 54.20
C HIS G 762 20.34 29.37 53.41
N GLY G 763 19.52 29.39 52.37
CA GLY G 763 19.54 30.48 51.41
C GLY G 763 19.00 31.77 51.98
N ARG G 764 19.73 32.36 52.94
CA ARG G 764 19.33 33.59 53.57
C ARG G 764 19.38 34.79 52.62
N MET G 765 20.02 34.64 51.45
CA MET G 765 20.08 35.68 50.44
C MET G 765 19.30 35.22 49.22
N ALA G 766 18.57 36.16 48.61
CA ALA G 766 17.67 35.82 47.51
C ALA G 766 18.40 35.34 46.26
N SER G 767 19.72 35.55 46.16
CA SER G 767 20.46 35.07 45.02
C SER G 767 20.82 33.59 45.11
N GLN G 768 20.69 32.99 46.28
CA GLN G 768 20.96 31.57 46.46
C GLN G 768 19.65 30.79 46.52
N SER G 769 19.72 29.51 46.14
CA SER G 769 18.55 28.65 46.16
C SER G 769 18.97 27.23 46.48
N ASN G 770 18.02 26.46 47.01
CA ASN G 770 18.24 25.08 47.36
C ASN G 770 16.98 24.28 47.04
N ALA G 771 16.98 23.00 47.42
CA ALA G 771 15.80 22.17 47.20
C ALA G 771 14.61 22.66 48.02
N ALA G 772 14.87 23.24 49.20
CA ALA G 772 13.78 23.77 50.02
C ALA G 772 13.25 25.08 49.46
N LYS G 773 14.13 25.91 48.90
CA LYS G 773 13.68 27.20 48.36
C LYS G 773 12.91 27.02 47.06
N ILE G 774 13.36 26.10 46.21
CA ILE G 774 12.64 25.84 44.97
C ILE G 774 11.26 25.28 45.27
N MET G 775 11.17 24.32 46.19
CA MET G 775 9.89 23.73 46.53
C MET G 775 9.01 24.70 47.32
N ARG G 776 9.59 25.74 47.92
CA ARG G 776 8.77 26.77 48.55
C ARG G 776 8.02 27.58 47.50
N PHE G 777 8.73 28.04 46.47
CA PHE G 777 8.10 28.85 45.44
C PHE G 777 7.26 28.01 44.49
N ASN G 778 7.61 26.72 44.31
CA ASN G 778 6.75 25.83 43.56
C ASN G 778 5.39 25.68 44.22
N VAL G 779 5.33 25.82 45.54
CA VAL G 779 4.06 25.79 46.25
C VAL G 779 3.40 27.17 46.22
N LEU G 780 4.18 28.23 46.46
CA LEU G 780 3.63 29.58 46.41
C LEU G 780 3.13 29.92 45.01
N ALA G 781 3.71 29.32 43.97
CA ALA G 781 3.18 29.48 42.63
C ALA G 781 1.77 28.92 42.52
N PHE G 782 1.53 27.77 43.14
CA PHE G 782 0.19 27.19 43.14
C PHE G 782 -0.80 28.09 43.89
N LEU G 783 -0.38 28.62 45.03
CA LEU G 783 -1.27 29.45 45.83
C LEU G 783 -1.44 30.83 45.21
N HIS G 784 -0.46 31.28 44.43
CA HIS G 784 -0.57 32.59 43.78
C HIS G 784 -1.55 32.53 42.61
N ALA G 785 -1.48 31.47 41.81
CA ALA G 785 -2.40 31.33 40.67
C ALA G 785 -3.84 31.27 41.14
N VAL G 786 -4.11 30.53 42.22
CA VAL G 786 -5.45 30.48 42.78
C VAL G 786 -5.86 31.85 43.31
N LEU G 787 -4.95 32.55 43.97
CA LEU G 787 -5.28 33.83 44.57
C LEU G 787 -5.66 34.86 43.51
N VAL G 788 -4.90 34.91 42.42
CA VAL G 788 -5.13 35.94 41.40
C VAL G 788 -6.36 35.62 40.58
N GLU G 789 -6.37 34.46 39.92
CA GLU G 789 -7.44 34.14 38.98
C GLU G 789 -8.79 34.05 39.65
N GLU G 790 -8.86 33.45 40.85
CA GLU G 790 -10.14 33.30 41.52
C GLU G 790 -10.71 34.65 41.93
N SER G 791 -9.85 35.63 42.20
CA SER G 791 -10.34 36.98 42.45
C SER G 791 -10.85 37.66 41.18
N LEU G 792 -10.64 37.05 40.02
CA LEU G 792 -11.12 37.59 38.75
C LEU G 792 -12.18 36.75 38.08
N TYR G 793 -12.17 35.42 38.26
CA TYR G 793 -13.03 34.52 37.50
C TYR G 793 -13.75 33.53 38.40
N HIS G 794 -14.22 34.00 39.56
CA HIS G 794 -15.11 33.22 40.41
C HIS G 794 -16.43 33.97 40.53
N SER G 795 -17.53 33.26 40.27
CA SER G 795 -18.83 33.91 40.15
C SER G 795 -19.38 34.39 41.49
N VAL G 796 -18.92 33.82 42.61
CA VAL G 796 -19.42 34.26 43.91
C VAL G 796 -18.99 35.69 44.20
N SER G 797 -17.78 36.06 43.79
CA SER G 797 -17.28 37.42 43.96
C SER G 797 -17.66 38.22 42.71
N ASP G 798 -18.70 39.04 42.82
CA ASP G 798 -19.15 39.84 41.69
C ASP G 798 -18.21 41.00 41.38
N ARG G 799 -17.27 41.31 42.28
CA ARG G 799 -16.29 42.37 42.06
C ARG G 799 -14.89 41.82 42.34
N GLU G 800 -13.90 42.42 41.70
CA GLU G 800 -12.51 42.01 41.85
C GLU G 800 -11.83 42.92 42.87
N TYR G 801 -11.26 42.30 43.91
CA TYR G 801 -10.53 43.02 44.94
C TYR G 801 -9.02 42.94 44.74
N ILE G 802 -8.57 42.42 43.59
CA ILE G 802 -7.14 42.26 43.36
C ILE G 802 -6.44 43.61 43.31
N GLY G 803 -7.10 44.62 42.78
CA GLY G 803 -6.53 45.95 42.68
C GLY G 803 -5.90 46.20 41.33
N GLU G 804 -5.95 47.45 40.89
CA GLU G 804 -5.38 47.82 39.60
C GLU G 804 -3.87 47.73 39.63
N GLY G 805 -3.29 47.32 38.51
CA GLY G 805 -1.87 47.17 38.36
C GLY G 805 -1.50 45.86 37.71
N LEU G 806 -0.20 45.63 37.58
CA LEU G 806 0.29 44.40 36.98
C LEU G 806 0.07 43.23 37.91
N ARG G 807 0.15 42.02 37.34
CA ARG G 807 0.03 40.78 38.09
C ARG G 807 1.32 39.99 37.88
N LEU G 808 2.33 40.29 38.70
CA LEU G 808 3.60 39.60 38.61
C LEU G 808 3.56 38.29 39.38
N ASN G 809 4.51 37.41 39.06
CA ASN G 809 4.53 36.09 39.69
C ASN G 809 5.66 35.99 40.71
N PRO G 810 5.40 35.41 41.88
CA PRO G 810 6.41 35.33 42.95
C PRO G 810 7.49 34.28 42.69
N VAL G 811 8.50 34.67 41.93
CA VAL G 811 9.66 33.84 41.66
C VAL G 811 10.86 34.47 42.36
N THR G 812 11.61 33.63 43.09
CA THR G 812 12.79 34.05 43.83
C THR G 812 12.46 35.06 44.94
N SER G 813 11.18 35.35 45.13
CA SER G 813 10.75 36.27 46.17
C SER G 813 9.26 36.10 46.40
N VAL G 814 8.80 36.59 47.54
CA VAL G 814 7.39 36.55 47.91
C VAL G 814 6.76 37.93 47.88
N ASP G 815 7.51 38.94 47.43
CA ASP G 815 7.00 40.32 47.48
C ASP G 815 5.76 40.49 46.62
N GLU G 816 5.76 39.90 45.42
CA GLU G 816 4.58 39.99 44.56
C GLU G 816 3.39 39.26 45.17
N PHE G 817 3.63 38.11 45.80
CA PHE G 817 2.53 37.35 46.38
C PHE G 817 2.01 37.99 47.66
N GLU G 818 2.91 38.50 48.50
CA GLU G 818 2.47 39.14 49.74
C GLU G 818 1.85 40.51 49.48
N LYS G 819 2.15 41.15 48.35
CA LYS G 819 1.56 42.44 48.04
C LYS G 819 0.07 42.30 47.74
N LYS G 820 -0.29 41.31 46.94
CA LYS G 820 -1.69 41.15 46.53
C LYS G 820 -2.58 40.82 47.73
N ILE G 821 -2.09 40.01 48.65
CA ILE G 821 -2.88 39.65 49.83
C ILE G 821 -3.17 40.90 50.66
N LYS G 822 -2.18 41.77 50.84
CA LYS G 822 -2.38 42.98 51.62
C LYS G 822 -3.40 43.89 50.95
N ILE G 823 -3.28 44.07 49.63
CA ILE G 823 -4.23 44.91 48.91
C ILE G 823 -5.63 44.30 48.97
N ILE G 824 -5.74 42.99 48.76
CA ILE G 824 -7.03 42.32 48.83
C ILE G 824 -7.58 42.38 50.24
N GLY G 825 -6.73 42.13 51.24
CA GLY G 825 -7.21 42.13 52.62
C GLY G 825 -7.81 43.44 53.06
N GLU G 826 -7.20 44.56 52.65
CA GLU G 826 -7.73 45.86 53.04
C GLU G 826 -9.11 46.09 52.43
N LYS G 827 -9.30 45.73 51.17
CA LYS G 827 -10.60 45.91 50.54
C LYS G 827 -11.67 44.99 51.12
N LEU G 828 -11.27 43.81 51.60
CA LEU G 828 -12.23 42.91 52.23
C LEU G 828 -12.81 43.52 53.50
N LYS G 829 -11.97 44.21 54.29
CA LYS G 829 -12.45 44.83 55.51
C LYS G 829 -13.47 45.93 55.22
N ALA G 830 -13.21 46.75 54.19
CA ALA G 830 -14.08 47.88 53.90
C ALA G 830 -15.43 47.44 53.37
N ASP G 831 -15.46 46.35 52.61
CA ASP G 831 -16.67 45.92 51.92
C ASP G 831 -17.55 44.98 52.75
N ASN G 832 -17.22 44.79 54.03
CA ASN G 832 -17.98 43.91 54.92
C ASN G 832 -18.03 42.48 54.41
N LYS G 833 -16.98 42.05 53.74
CA LYS G 833 -16.86 40.69 53.23
C LYS G 833 -15.69 40.00 53.93
N THR G 834 -15.80 38.69 54.13
CA THR G 834 -14.77 37.93 54.80
C THR G 834 -13.90 37.18 53.78
N TRP G 835 -12.78 36.66 54.27
CA TRP G 835 -11.82 35.98 53.41
C TRP G 835 -12.35 34.66 52.85
N LYS G 836 -13.48 34.17 53.35
CA LYS G 836 -13.99 32.86 52.96
C LYS G 836 -15.28 32.89 52.17
N ASN G 837 -15.97 34.02 52.08
CA ASN G 837 -17.19 34.09 51.28
C ASN G 837 -16.96 34.66 49.88
N THR G 838 -15.99 35.55 49.72
CA THR G 838 -15.61 36.04 48.40
C THR G 838 -14.33 35.42 47.88
N HIS G 839 -13.55 34.78 48.74
CA HIS G 839 -12.38 34.00 48.33
C HIS G 839 -12.43 32.61 48.98
N PRO G 840 -13.46 31.82 48.68
CA PRO G 840 -13.56 30.50 49.32
C PRO G 840 -12.52 29.51 48.83
N LEU G 841 -12.13 29.58 47.56
CA LEU G 841 -11.21 28.59 47.01
C LEU G 841 -9.79 28.81 47.50
N PHE G 842 -9.38 30.08 47.63
CA PHE G 842 -8.05 30.37 48.13
C PHE G 842 -7.96 30.12 49.63
N PHE G 843 -9.03 30.39 50.38
CA PHE G 843 -9.02 30.18 51.82
C PHE G 843 -8.80 28.71 52.17
N LEU G 844 -9.48 27.80 51.48
CA LEU G 844 -9.33 26.38 51.75
C LEU G 844 -7.91 25.91 51.43
N LEU G 845 -7.39 26.33 50.27
CA LEU G 845 -6.06 25.89 49.85
C LEU G 845 -4.98 26.45 50.77
N ILE G 846 -5.10 27.73 51.16
CA ILE G 846 -4.11 28.32 52.05
C ILE G 846 -4.21 27.75 53.45
N SER G 847 -5.38 27.23 53.84
CA SER G 847 -5.56 26.61 55.15
C SER G 847 -5.30 25.12 55.15
N CYS G 848 -5.03 24.53 53.99
CA CYS G 848 -4.74 23.10 53.93
C CYS G 848 -3.42 22.81 54.62
N PRO G 849 -3.38 21.86 55.56
CA PRO G 849 -2.17 21.65 56.35
C PRO G 849 -1.11 20.75 55.72
N ILE G 850 -1.43 20.06 54.62
CA ILE G 850 -0.45 19.17 54.01
C ILE G 850 0.60 19.91 53.19
N LEU G 851 0.39 21.21 52.93
CA LEU G 851 1.37 22.02 52.23
C LEU G 851 1.79 23.26 53.00
N HIS G 852 1.22 23.48 54.19
CA HIS G 852 1.75 24.50 55.08
C HIS G 852 3.23 24.34 55.42
N PRO G 853 3.76 23.14 55.68
CA PRO G 853 5.20 23.02 55.91
C PRO G 853 6.04 23.49 54.73
N PHE G 854 5.55 23.34 53.50
CA PHE G 854 6.28 23.82 52.34
C PHE G 854 6.26 25.33 52.20
N ILE G 855 5.37 26.02 52.93
CA ILE G 855 5.30 27.46 52.84
C ILE G 855 6.53 28.11 53.44
N PHE G 856 7.00 27.59 54.58
CA PHE G 856 8.16 28.12 55.28
C PHE G 856 9.15 27.01 55.58
N PRO G 857 9.90 26.54 54.58
CA PRO G 857 10.98 25.59 54.84
C PRO G 857 12.17 26.31 55.49
N VAL G 858 13.15 25.52 55.93
CA VAL G 858 14.29 26.10 56.63
C VAL G 858 15.11 26.97 55.69
N GLY G 859 15.39 26.47 54.49
CA GLY G 859 16.18 27.23 53.54
C GLY G 859 15.38 27.86 52.42
N GLY G 860 14.17 28.32 52.73
CA GLY G 860 13.31 28.91 51.72
C GLY G 860 13.08 30.39 51.92
N ILE G 861 13.12 30.85 53.17
CA ILE G 861 12.93 32.27 53.48
C ILE G 861 14.23 33.01 53.22
N ASN G 862 14.15 34.08 52.43
CA ASN G 862 15.29 34.96 52.20
C ASN G 862 15.47 35.85 53.42
N CYS G 863 16.58 35.67 54.13
CA CYS G 863 16.79 36.33 55.41
C CYS G 863 17.60 37.62 55.29
N SER G 864 17.57 38.26 54.13
CA SER G 864 18.12 39.59 54.01
C SER G 864 17.23 40.59 54.75
N VAL G 865 17.86 41.58 55.39
CA VAL G 865 17.14 42.47 56.28
C VAL G 865 16.02 43.20 55.54
N LYS G 866 16.26 43.54 54.27
CA LYS G 866 15.21 44.15 53.46
C LYS G 866 14.04 43.19 53.21
N ALA G 867 14.24 41.89 53.40
CA ALA G 867 13.20 40.90 53.17
C ALA G 867 12.50 40.42 54.43
N LEU G 868 13.10 40.65 55.62
CA LEU G 868 12.45 40.22 56.86
C LEU G 868 11.11 40.91 57.05
N ASN G 869 11.05 42.21 56.79
CA ASN G 869 9.81 42.95 57.03
C ASN G 869 8.67 42.44 56.15
N LYS G 870 8.95 42.20 54.87
CA LYS G 870 7.91 41.71 53.97
C LYS G 870 7.46 40.30 54.35
N GLU G 871 8.42 39.41 54.62
CA GLU G 871 8.08 38.04 55.00
C GLU G 871 7.36 38.00 56.35
N THR G 872 7.81 38.83 57.30
CA THR G 872 7.08 38.94 58.55
C THR G 872 5.67 39.49 58.31
N SER G 873 5.56 40.50 57.44
CA SER G 873 4.24 40.94 57.01
C SER G 873 3.50 39.83 56.26
N PHE G 874 4.22 39.09 55.42
CA PHE G 874 3.62 37.95 54.72
C PHE G 874 3.17 36.89 55.71
N ASN G 875 4.03 36.52 56.66
CA ASN G 875 3.67 35.50 57.63
C ASN G 875 2.53 35.96 58.52
N LYS G 876 2.56 37.22 58.96
CA LYS G 876 1.48 37.72 59.81
C LYS G 876 0.17 37.86 59.04
N LEU G 877 0.25 38.02 57.72
CA LEU G 877 -0.97 38.09 56.92
C LEU G 877 -1.69 36.75 56.89
N ILE G 878 -0.95 35.67 56.62
CA ILE G 878 -1.55 34.34 56.55
C ILE G 878 -2.23 33.97 57.86
N ASP G 879 -1.67 34.42 58.98
CA ASP G 879 -2.31 34.17 60.27
C ASP G 879 -3.69 34.79 60.37
N GLU G 880 -3.97 35.84 59.60
CA GLU G 880 -5.28 36.46 59.60
C GLU G 880 -6.30 35.74 58.72
N ILE G 881 -5.85 34.83 57.85
CA ILE G 881 -6.76 34.05 57.02
C ILE G 881 -6.99 32.68 57.66
N VAL G 882 -5.91 31.95 57.91
CA VAL G 882 -6.03 30.60 58.44
C VAL G 882 -6.69 30.62 59.82
N GLY G 883 -6.35 31.61 60.64
CA GLY G 883 -6.95 31.77 61.94
C GLY G 883 -6.09 31.34 63.11
N ASP G 884 -4.98 30.64 62.87
CA ASP G 884 -4.09 30.22 63.93
C ASP G 884 -2.65 30.43 63.47
N LYS G 885 -1.76 30.56 64.45
CA LYS G 885 -0.34 30.76 64.16
C LYS G 885 0.24 29.49 63.54
N LEU G 886 0.83 29.64 62.34
CA LEU G 886 1.41 28.48 61.67
C LEU G 886 2.60 27.93 62.44
N LEU G 887 3.53 28.81 62.81
CA LEU G 887 4.71 28.42 63.58
C LEU G 887 4.92 29.42 64.71
N SER G 888 5.47 28.93 65.82
CA SER G 888 5.62 29.75 67.02
C SER G 888 6.71 30.79 66.83
N ASP G 889 6.62 31.86 67.63
CA ASP G 889 7.59 32.95 67.53
C ASP G 889 9.00 32.48 67.88
N GLU G 890 9.14 31.67 68.93
CA GLU G 890 10.45 31.14 69.29
C GLU G 890 10.96 30.17 68.23
N GLU G 891 10.06 29.66 67.38
CA GLU G 891 10.46 28.84 66.24
C GLU G 891 10.70 29.70 65.01
N TRP G 892 9.92 30.77 64.85
CA TRP G 892 10.01 31.61 63.66
C TRP G 892 11.35 32.34 63.61
N ASP G 893 11.84 32.83 64.75
CA ASP G 893 13.07 33.62 64.74
C ASP G 893 14.27 32.78 64.30
N TYR G 894 14.35 31.53 64.77
CA TYR G 894 15.44 30.65 64.34
C TYR G 894 15.35 30.36 62.86
N LEU G 895 14.13 30.32 62.31
CA LEU G 895 13.95 30.05 60.89
C LEU G 895 14.56 31.15 60.03
N THR G 896 14.64 32.37 60.56
CA THR G 896 15.11 33.53 59.81
C THR G 896 16.44 34.07 60.31
N LYS G 897 16.55 34.39 61.60
CA LYS G 897 17.74 35.03 62.14
C LYS G 897 18.80 33.98 62.43
N ASN G 898 19.49 33.58 61.38
CA ASN G 898 20.58 32.61 61.46
C ASN G 898 20.16 31.30 62.14
N GLN G 907 17.51 25.92 69.06
CA GLN G 907 17.38 24.52 68.64
C GLN G 907 15.98 23.99 68.97
N GLN G 908 15.15 23.83 67.94
CA GLN G 908 13.80 23.33 68.10
C GLN G 908 13.51 22.31 67.02
N ILE G 909 12.57 21.42 67.30
CA ILE G 909 12.12 20.43 66.34
C ILE G 909 10.95 21.01 65.56
N PHE G 910 11.04 20.93 64.24
CA PHE G 910 10.05 21.55 63.34
C PHE G 910 9.14 20.46 62.79
N GLN G 911 8.02 20.22 63.49
CA GLN G 911 7.02 19.29 62.98
C GLN G 911 6.04 19.94 62.02
N ASN G 912 5.96 21.27 61.98
CA ASN G 912 5.04 21.97 61.11
C ASN G 912 5.73 22.63 59.92
N THR G 913 7.06 22.57 59.84
CA THR G 913 7.81 23.10 58.71
C THR G 913 8.87 22.10 58.29
N ILE G 914 9.22 22.14 57.01
CA ILE G 914 10.24 21.24 56.48
C ILE G 914 11.62 21.64 57.02
N THR G 915 12.48 20.65 57.21
CA THR G 915 13.78 20.86 57.84
C THR G 915 14.95 20.50 56.92
N SER G 916 14.90 19.36 56.25
CA SER G 916 16.09 18.76 55.67
C SER G 916 16.21 18.95 54.15
N LEU G 917 15.29 19.66 53.51
CA LEU G 917 15.44 19.89 52.07
C LEU G 917 16.57 20.88 51.78
N ASN G 918 16.77 21.87 52.66
CA ASN G 918 17.76 22.89 52.39
C ASN G 918 19.15 22.30 52.20
N SER G 919 19.52 21.32 53.04
CA SER G 919 20.80 20.65 52.90
C SER G 919 20.74 19.46 51.95
N SER G 920 19.56 19.08 51.48
CA SER G 920 19.45 17.94 50.57
C SER G 920 20.07 18.28 49.21
N THR G 921 20.68 17.28 48.59
CA THR G 921 21.33 17.44 47.31
C THR G 921 20.38 17.14 46.15
N ILE G 922 20.69 17.72 45.00
CA ILE G 922 19.87 17.60 43.79
C ILE G 922 20.70 16.94 42.70
N VAL G 923 20.10 15.98 42.00
CA VAL G 923 20.80 15.24 40.96
C VAL G 923 21.31 16.20 39.89
N GLY G 924 22.58 16.08 39.53
CA GLY G 924 23.17 16.88 38.49
C GLY G 924 23.67 18.24 38.93
N ALA G 925 23.42 18.65 40.16
CA ALA G 925 23.88 19.93 40.67
C ALA G 925 25.24 19.73 41.32
N SER G 926 26.29 20.09 40.59
CA SER G 926 27.66 19.98 41.10
C SER G 926 27.94 21.23 41.93
N TYR G 927 27.79 21.12 43.25
CA TYR G 927 27.98 22.25 44.15
C TYR G 927 29.47 22.52 44.30
N ASP G 928 30.00 23.30 43.35
CA ASP G 928 31.40 23.66 43.34
C ASP G 928 31.62 25.16 43.49
N LYS G 929 30.92 25.98 42.70
CA LYS G 929 31.08 27.42 42.76
C LYS G 929 30.24 28.00 43.88
N ASP G 930 30.78 29.01 44.55
CA ASP G 930 30.06 29.72 45.60
C ASP G 930 29.20 30.83 45.01
N THR G 931 28.38 31.44 45.85
CA THR G 931 27.48 32.49 45.38
C THR G 931 28.26 33.73 45.00
N PRO G 932 28.05 34.28 43.81
CA PRO G 932 28.72 35.54 43.45
C PRO G 932 28.23 36.69 44.30
N ALA G 933 29.15 37.64 44.54
CA ALA G 933 28.87 38.84 45.33
C ALA G 933 28.29 38.50 46.70
PG ATP H . -13.10 7.22 -41.20
O1G ATP H . -14.04 8.17 -41.87
O2G ATP H . -13.51 5.76 -41.36
O3G ATP H . -12.88 7.52 -39.72
PB ATP H . -10.21 7.92 -41.54
O1B ATP H . -9.18 6.87 -41.34
O2B ATP H . -10.38 8.89 -40.38
O3B ATP H . -11.64 7.31 -41.85
PA ATP H . -10.78 9.60 -43.91
O1A ATP H . -10.29 9.38 -45.29
O2A ATP H . -12.25 9.26 -43.68
O3A ATP H . -9.93 8.78 -42.85
O5' ATP H . -10.55 11.10 -43.46
C5' ATP H . -9.23 11.67 -43.41
C4' ATP H . -9.30 13.06 -43.98
O4' ATP H . -8.08 13.37 -44.68
C3' ATP H . -10.42 13.30 -44.99
O3' ATP H . -11.61 13.73 -44.35
C2' ATP H . -9.83 14.39 -45.89
O2' ATP H . -9.98 15.67 -45.31
C1' ATP H . -8.36 13.98 -45.93
N9 ATP H . -8.04 13.04 -46.99
C8 ATP H . -7.80 11.69 -46.85
N7 ATP H . -7.53 11.08 -47.99
C5 ATP H . -7.58 12.10 -48.93
C6 ATP H . -7.39 12.11 -50.33
N6 ATP H . -7.09 11.03 -51.04
N1 ATP H . -7.52 13.29 -50.97
C2 ATP H . -7.83 14.38 -50.26
N3 ATP H . -8.03 14.49 -48.94
C4 ATP H . -7.89 13.30 -48.33
PG ATP I . -4.20 -22.93 -36.01
O1G ATP I . -4.29 -22.18 -37.30
O2G ATP I . -4.17 -22.04 -34.77
O3G ATP I . -5.32 -23.97 -35.83
PB ATP I . -1.27 -23.55 -35.98
O1B ATP I . -0.58 -24.21 -34.86
O2B ATP I . -1.03 -22.05 -36.11
O3B ATP I . -2.85 -23.78 -35.94
PA ATP I . -0.92 -23.80 -38.91
O1A ATP I . -1.36 -24.91 -39.77
O2A ATP I . -1.76 -22.52 -39.01
O3A ATP I . -0.88 -24.22 -37.37
O5' ATP I . 0.59 -23.41 -39.19
C5' ATP I . 1.05 -22.05 -39.09
C4' ATP I . 1.76 -21.68 -40.36
O4' ATP I . 3.01 -22.38 -40.43
C3' ATP I . 1.03 -22.02 -41.65
O3' ATP I . 0.13 -20.99 -42.02
C2' ATP I . 2.17 -22.16 -42.65
O2' ATP I . 2.57 -20.89 -43.16
C1' ATP I . 3.28 -22.76 -41.78
N9 ATP I . 3.37 -24.21 -41.83
C8 ATP I . 3.16 -25.10 -40.80
N7 ATP I . 3.30 -26.36 -41.14
C5 ATP I . 3.62 -26.31 -42.48
C6 ATP I . 3.89 -27.30 -43.44
N6 ATP I . 3.89 -28.61 -43.17
N1 ATP I . 4.17 -26.90 -44.70
C2 ATP I . 4.18 -25.60 -44.98
N3 ATP I . 3.94 -24.57 -44.17
C4 ATP I . 3.66 -24.99 -42.93
PG ATP J . -23.58 -33.91 16.41
O1G ATP J . -22.70 -32.91 15.75
O2G ATP J . -25.05 -33.50 16.47
O3G ATP J . -23.47 -35.31 15.81
PB ATP J . -21.88 -34.01 18.87
O1B ATP J . -22.03 -33.04 19.96
O2B ATP J . -20.68 -33.80 17.95
O3B ATP J . -23.16 -34.09 17.95
PA ATP J . -22.66 -36.83 19.34
O1A ATP J . -23.06 -37.13 17.95
O2A ATP J . -23.80 -36.67 20.33
O3A ATP J . -21.77 -35.51 19.42
O5' ATP J . -21.67 -37.94 19.90
C5' ATP J . -20.25 -37.83 19.72
C4' ATP J . -19.64 -39.20 19.86
O4' ATP J . -19.18 -39.38 21.22
C3' ATP J . -20.59 -40.37 19.60
O3' ATP J . -20.59 -40.71 18.22
C2' ATP J . -19.97 -41.47 20.46
O2' ATP J . -18.88 -42.11 19.80
C1' ATP J . -19.47 -40.69 21.67
N9 ATP J . -20.44 -40.59 22.75
C8 ATP J . -21.07 -39.46 23.20
N7 ATP J . -21.90 -39.66 24.20
C5 ATP J . -21.81 -41.03 24.42
C6 ATP J . -22.43 -41.87 25.35
N6 ATP J . -23.32 -41.46 26.26
N1 ATP J . -22.12 -43.19 25.31
C2 ATP J . -21.23 -43.61 24.40
N3 ATP J . -20.58 -42.90 23.48
C4 ATP J . -20.91 -41.61 23.54
PG ATP K . -35.75 -5.68 24.21
O1G ATP K . -35.96 -7.02 24.83
O2G ATP K . -37.06 -4.92 23.98
O3G ATP K . -34.95 -5.71 22.92
PB ATP K . -34.65 -4.51 26.74
O1B ATP K . -35.21 -3.23 27.22
O2B ATP K . -33.15 -4.71 26.97
O3B ATP K . -34.91 -4.73 25.19
PA ATP K . -35.79 -6.27 28.83
O1A ATP K . -36.53 -5.23 29.58
O2A ATP K . -36.53 -7.59 28.66
O3A ATP K . -35.40 -5.76 27.37
O5' ATP K . -34.39 -6.57 29.48
C5' ATP K . -34.08 -6.11 30.82
C4' ATP K . -34.06 -7.28 31.76
O4' ATP K . -33.74 -6.82 33.09
C3' ATP K . -35.39 -8.04 31.88
O3' ATP K . -35.43 -9.15 30.99
C2' ATP K . -35.39 -8.48 33.34
O2' ATP K . -34.62 -9.67 33.52
C1' ATP K . -34.70 -7.30 34.02
N9 ATP K . -35.61 -6.21 34.35
C8 ATP K . -35.76 -5.02 33.67
N7 ATP K . -36.65 -4.22 34.21
C5 ATP K . -37.11 -4.92 35.31
C6 ATP K . -38.06 -4.62 36.30
N6 ATP K . -38.76 -3.48 36.34
N1 ATP K . -38.29 -5.53 37.26
C2 ATP K . -37.60 -6.68 37.24
N3 ATP K . -36.67 -7.07 36.36
C4 ATP K . -36.47 -6.15 35.41
PG ATP L . -37.91 21.10 8.52
O1G ATP L . -36.68 20.30 8.30
O2G ATP L . -38.72 20.68 9.75
O3G ATP L . -38.84 21.16 7.31
PB ATP L . -36.35 23.49 9.45
O1B ATP L . -35.55 24.20 8.43
O2B ATP L . -35.57 22.57 10.38
O3B ATP L . -37.52 22.64 8.81
PA ATP L . -38.49 24.50 11.23
O1A ATP L . -39.38 25.62 10.90
O2A ATP L . -39.11 23.12 11.07
O3A ATP L . -37.16 24.52 10.37
O5' ATP L . -37.95 24.63 12.72
C5' ATP L . -38.42 23.75 13.76
C4' ATP L . -37.84 24.20 15.08
O4' ATP L . -37.48 25.59 15.00
C3' ATP L . -38.78 24.09 16.27
O3' ATP L . -38.06 23.90 17.48
C2' ATP L . -39.48 25.45 16.24
O2' ATP L . -39.94 25.82 17.53
C1' ATP L . -38.36 26.37 15.78
N9 ATP L . -38.81 27.50 14.96
C8 ATP L . -38.47 27.77 13.67
N7 ATP L . -39.02 28.85 13.18
C5 ATP L . -39.78 29.33 14.23
C6 ATP L . -40.61 30.45 14.36
N6 ATP L . -40.83 31.35 13.39
N1 ATP L . -41.23 30.65 15.56
C2 ATP L . -41.02 29.77 16.54
N3 ATP L . -40.26 28.67 16.53
C4 ATP L . -39.66 28.51 15.34
#